data_8K2R
#
_entry.id   8K2R
#
loop_
_entity.id
_entity.type
_entity.pdbx_description
1 polymer 'Molecular chaperone HtpG (Fragment)'
2 polymer 'Disordered protein(D131D)'
#
loop_
_entity_poly.entity_id
_entity_poly.type
_entity_poly.pdbx_seq_one_letter_code
_entity_poly.pdbx_strand_id
1 'polypeptide(L)'
;GHMAQALWTRNKSEITDEEYKEFYKHIAHDFNDPLTWSHNRVEGKQEYTSLLYIPSQAPWDMWNRDHKHGLKLYVQRVFI
MDDAEQFMPNYLRFVRGLIDSSDLPLNVSREILQDSTVTRNLRNALTKRVLQMLEKLAKDDAEKYQTFWQQFGLVLKEGP
AEDFANQEAIAKLLRFASTHTDSSAQTVSLEDYVSRMKEGQEKIYYITADSYAAAKSSPHLELLRKKGIEVLLLSDRIDE
WMMNYLTEFDGKPFQSVSKVDESLEKLA
;
A
2 'polypeptide(L)' LEHMKKIEVEFDKGQRTDKYGRGLAYIYADGKMVNEALVRQGLAKVAYVYKPNNTHEQHLRKSEAQAKKEKLNIW B
#
# COMPACT_ATOMS: atom_id res chain seq x y z
N ALA A 4 17.22 13.78 31.54
CA ALA A 4 15.97 14.50 31.90
C ALA A 4 15.80 15.71 30.97
N GLN A 5 15.29 15.43 29.76
CA GLN A 5 15.00 16.45 28.75
C GLN A 5 13.94 15.91 27.79
N ALA A 6 13.06 16.81 27.30
CA ALA A 6 12.07 16.49 26.26
C ALA A 6 12.79 15.87 25.05
N LEU A 7 12.49 14.59 24.79
CA LEU A 7 13.22 13.79 23.80
C LEU A 7 13.17 14.45 22.41
N TRP A 8 11.95 14.74 21.92
CA TRP A 8 11.72 15.28 20.57
C TRP A 8 12.48 16.60 20.32
N THR A 9 12.61 17.43 21.38
CA THR A 9 13.16 18.80 21.27
C THR A 9 14.69 18.77 21.01
N ARG A 10 15.33 17.62 21.33
CA ARG A 10 16.75 17.40 21.05
C ARG A 10 16.95 17.22 19.54
N ASN A 11 18.21 17.30 19.10
CA ASN A 11 18.57 17.02 17.70
C ASN A 11 18.40 15.51 17.39
N LYS A 12 18.47 15.19 16.09
CA LYS A 12 18.42 13.79 15.61
C LYS A 12 19.61 12.98 16.16
N SER A 13 20.74 13.67 16.38
CA SER A 13 22.00 13.05 16.84
C SER A 13 22.02 12.89 18.37
N GLU A 14 21.28 13.78 19.09
CA GLU A 14 21.30 13.83 20.57
C GLU A 14 20.38 12.76 21.19
N ILE A 15 19.61 12.07 20.34
CA ILE A 15 18.76 10.94 20.73
C ILE A 15 19.33 9.67 20.10
N THR A 16 19.58 8.63 20.90
CA THR A 16 20.07 7.35 20.39
C THR A 16 18.88 6.44 19.98
N ASP A 17 19.21 5.38 19.22
CA ASP A 17 18.27 4.40 18.64
C ASP A 17 17.29 3.83 19.68
N GLU A 18 17.87 3.41 20.82
CA GLU A 18 17.13 2.82 21.95
C GLU A 18 16.04 3.77 22.47
N GLU A 19 16.42 5.06 22.63
CA GLU A 19 15.53 6.10 23.18
C GLU A 19 14.31 6.35 22.26
N TYR A 20 14.51 6.28 20.93
CA TYR A 20 13.40 6.41 19.96
C TYR A 20 12.33 5.33 20.17
N LYS A 21 12.79 4.07 20.18
CA LYS A 21 11.92 2.89 20.33
C LYS A 21 11.24 2.83 21.70
N GLU A 22 11.96 3.33 22.72
CA GLU A 22 11.46 3.43 24.10
C GLU A 22 10.35 4.50 24.16
N PHE A 23 10.59 5.62 23.46
CA PHE A 23 9.72 6.80 23.46
C PHE A 23 8.38 6.51 22.75
N TYR A 24 8.45 5.63 21.72
CA TYR A 24 7.27 5.19 20.96
C TYR A 24 6.23 4.51 21.88
N LYS A 25 6.72 3.82 22.91
CA LYS A 25 5.87 3.11 23.88
C LYS A 25 5.00 4.09 24.70
N HIS A 26 5.50 5.32 24.89
CA HIS A 26 4.77 6.39 25.62
C HIS A 26 3.62 6.93 24.76
N ILE A 27 3.97 7.34 23.53
CA ILE A 27 3.04 8.04 22.61
C ILE A 27 1.93 7.09 22.09
N ALA A 28 2.23 5.78 22.01
CA ALA A 28 1.29 4.76 21.52
C ALA A 28 0.46 4.17 22.66
N HIS A 29 0.89 4.43 23.92
CA HIS A 29 0.26 3.90 25.17
C HIS A 29 0.37 2.37 25.19
N ASP A 30 1.52 1.89 24.70
CA ASP A 30 1.76 0.47 24.39
C ASP A 30 3.17 0.08 24.88
N PHE A 31 3.64 -1.10 24.50
CA PHE A 31 5.02 -1.57 24.75
C PHE A 31 5.63 -2.05 23.43
N ASN A 32 4.99 -1.64 22.31
CA ASN A 32 5.39 -2.01 20.96
C ASN A 32 6.68 -1.29 20.56
N ASP A 33 7.62 -2.03 19.96
CA ASP A 33 8.81 -1.46 19.32
C ASP A 33 8.49 -1.13 17.85
N PRO A 34 8.85 0.10 17.37
CA PRO A 34 8.68 0.47 15.95
C PRO A 34 9.75 -0.20 15.07
N LEU A 35 9.32 -0.67 13.89
CA LEU A 35 10.19 -1.28 12.89
C LEU A 35 11.22 -0.27 12.38
N THR A 36 10.78 1.01 12.29
CA THR A 36 11.65 2.14 11.96
C THR A 36 10.91 3.48 12.22
N TRP A 37 11.61 4.61 12.00
CA TRP A 37 11.09 5.98 12.23
C TRP A 37 11.83 7.00 11.35
N SER A 38 11.42 8.26 11.45
CA SER A 38 12.13 9.41 10.87
C SER A 38 11.96 10.61 11.81
N HIS A 39 13.09 11.16 12.30
CA HIS A 39 13.06 12.38 13.12
C HIS A 39 13.21 13.60 12.20
N ASN A 40 12.22 14.48 12.25
CA ASN A 40 12.18 15.73 11.47
C ASN A 40 12.19 16.90 12.43
N ARG A 41 13.03 17.90 12.15
CA ARG A 41 12.99 19.20 12.80
C ARG A 41 13.16 20.25 11.72
N VAL A 42 12.26 21.22 11.68
CA VAL A 42 12.16 22.19 10.59
C VAL A 42 12.45 23.58 11.15
N GLU A 43 13.10 24.41 10.33
CA GLU A 43 13.63 25.71 10.72
C GLU A 43 13.26 26.78 9.69
N GLY A 44 13.45 28.05 10.08
CA GLY A 44 13.18 29.20 9.21
C GLY A 44 11.95 29.97 9.68
N LYS A 45 10.94 30.08 8.82
CA LYS A 45 9.65 30.73 9.13
C LYS A 45 8.88 29.91 10.21
N GLN A 46 8.42 28.70 9.81
CA GLN A 46 7.66 27.82 10.71
C GLN A 46 8.57 26.70 11.26
N GLU A 47 8.97 26.87 12.52
CA GLU A 47 9.77 25.89 13.25
C GLU A 47 8.85 24.88 13.96
N TYR A 48 9.02 23.59 13.61
CA TYR A 48 8.28 22.50 14.25
C TYR A 48 9.11 21.21 14.21
N THR A 49 9.05 20.42 15.29
CA THR A 49 9.66 19.09 15.35
C THR A 49 8.57 18.01 15.18
N SER A 50 8.65 17.26 14.08
CA SER A 50 7.77 16.11 13.84
C SER A 50 8.59 14.82 14.04
N LEU A 51 8.05 13.87 14.80
CA LEU A 51 8.74 12.61 15.11
C LEU A 51 7.74 11.46 14.96
N LEU A 52 7.84 10.75 13.82
CA LEU A 52 6.86 9.74 13.38
C LEU A 52 7.49 8.34 13.35
N TYR A 53 6.73 7.33 13.79
CA TYR A 53 7.20 5.94 13.91
C TYR A 53 6.29 4.99 13.11
N ILE A 54 6.85 3.82 12.74
CA ILE A 54 6.12 2.73 12.07
C ILE A 54 6.02 1.53 13.06
N PRO A 55 4.81 1.26 13.65
CA PRO A 55 4.59 0.09 14.56
C PRO A 55 4.93 -1.29 13.94
N SER A 56 5.27 -2.25 14.81
CA SER A 56 5.55 -3.64 14.43
C SER A 56 4.26 -4.41 14.14
N GLN A 57 3.19 -4.09 14.89
CA GLN A 57 1.89 -4.78 14.77
C GLN A 57 0.73 -3.80 14.96
N ALA A 58 -0.45 -4.22 14.46
CA ALA A 58 -1.68 -3.44 14.53
C ALA A 58 -2.38 -3.67 15.86
N PRO A 59 -2.64 -2.59 16.68
CA PRO A 59 -3.51 -2.69 17.86
C PRO A 59 -4.93 -3.16 17.46
N TRP A 60 -5.66 -3.79 18.39
CA TRP A 60 -7.04 -4.27 18.14
C TRP A 60 -7.95 -3.07 17.82
N ASP A 61 -7.75 -1.97 18.58
CA ASP A 61 -8.59 -0.77 18.48
C ASP A 61 -8.18 0.15 17.30
N MET A 62 -7.29 -0.36 16.42
CA MET A 62 -6.87 0.31 15.18
C MET A 62 -8.03 0.37 14.16
N TRP A 63 -8.82 -0.74 14.10
CA TRP A 63 -9.94 -0.91 13.15
C TRP A 63 -11.29 -0.80 13.89
N ASN A 64 -11.26 -0.30 15.13
CA ASN A 64 -12.42 -0.21 16.03
C ASN A 64 -13.35 0.97 15.65
N ARG A 65 -14.53 1.02 16.27
CA ARG A 65 -15.51 2.12 16.13
C ARG A 65 -15.02 3.41 16.81
N ASP A 66 -13.94 3.30 17.60
CA ASP A 66 -13.25 4.43 18.21
C ASP A 66 -11.98 4.74 17.41
N HIS A 67 -11.58 6.02 17.42
CA HIS A 67 -10.38 6.50 16.70
C HIS A 67 -9.10 6.07 17.43
N LYS A 68 -8.07 5.69 16.67
CA LYS A 68 -6.73 5.40 17.22
C LYS A 68 -5.65 6.04 16.33
N HIS A 69 -6.04 6.47 15.12
CA HIS A 69 -5.17 7.24 14.24
C HIS A 69 -4.94 8.65 14.78
N GLY A 70 -3.71 9.14 14.65
CA GLY A 70 -3.37 10.50 15.03
C GLY A 70 -2.09 10.62 15.81
N LEU A 71 -1.59 11.86 15.90
CA LEU A 71 -0.33 12.19 16.58
C LEU A 71 -0.62 12.90 17.90
N LYS A 72 0.42 13.09 18.72
CA LYS A 72 0.34 13.91 19.92
C LYS A 72 0.70 15.36 19.56
N LEU A 73 -0.28 16.25 19.62
CA LEU A 73 -0.07 17.68 19.41
C LEU A 73 0.63 18.29 20.63
N TYR A 74 1.83 18.81 20.40
CA TYR A 74 2.55 19.68 21.32
C TYR A 74 2.63 21.07 20.68
N VAL A 75 2.58 22.10 21.52
CA VAL A 75 2.82 23.49 21.11
C VAL A 75 3.70 24.14 22.17
N GLN A 76 4.85 24.71 21.70
CA GLN A 76 5.83 25.40 22.56
C GLN A 76 6.45 24.43 23.60
N ARG A 77 6.55 23.15 23.17
CA ARG A 77 7.13 22.03 23.94
C ARG A 77 6.23 21.67 25.16
N VAL A 78 4.95 22.06 25.05
CA VAL A 78 3.91 21.75 26.04
C VAL A 78 2.87 20.84 25.38
N PHE A 79 2.54 19.71 26.03
CA PHE A 79 1.49 18.81 25.56
C PHE A 79 0.13 19.52 25.51
N ILE A 80 -0.60 19.36 24.41
CA ILE A 80 -1.94 19.93 24.25
C ILE A 80 -2.98 18.79 24.29
N MET A 81 -2.91 17.91 23.30
CA MET A 81 -3.83 16.77 23.14
C MET A 81 -3.20 15.73 22.22
N ASP A 82 -3.74 14.51 22.25
CA ASP A 82 -3.25 13.38 21.44
C ASP A 82 -4.35 12.88 20.49
N ASP A 83 -3.99 11.93 19.60
CA ASP A 83 -4.89 11.37 18.55
C ASP A 83 -5.34 12.46 17.55
N ALA A 84 -4.47 13.46 17.35
CA ALA A 84 -4.66 14.54 16.38
C ALA A 84 -4.44 13.99 14.96
N GLU A 85 -5.54 13.54 14.35
CA GLU A 85 -5.53 12.78 13.07
C GLU A 85 -5.52 13.71 11.84
N GLN A 86 -5.62 15.02 12.08
CA GLN A 86 -5.64 16.04 11.01
C GLN A 86 -4.25 16.18 10.34
N PHE A 87 -3.22 15.63 11.01
CA PHE A 87 -1.83 15.59 10.51
C PHE A 87 -1.58 14.33 9.65
N MET A 88 -2.47 13.32 9.77
CA MET A 88 -2.31 12.01 9.10
C MET A 88 -3.44 11.77 8.07
N PRO A 89 -3.10 11.40 6.79
CA PRO A 89 -4.09 10.86 5.81
C PRO A 89 -4.74 9.52 6.26
N ASN A 90 -5.71 9.03 5.45
CA ASN A 90 -6.43 7.77 5.72
C ASN A 90 -5.52 6.55 5.46
N TYR A 91 -4.73 6.60 4.36
CA TYR A 91 -3.82 5.50 3.98
C TYR A 91 -2.55 5.51 4.85
N LEU A 92 -2.39 6.57 5.68
CA LEU A 92 -1.27 6.70 6.63
C LEU A 92 -1.82 6.85 8.06
N ARG A 93 -3.03 6.32 8.30
CA ARG A 93 -3.70 6.41 9.63
C ARG A 93 -2.99 5.53 10.69
N PHE A 94 -2.17 4.57 10.21
CA PHE A 94 -1.44 3.61 11.07
C PHE A 94 -0.31 4.27 11.88
N VAL A 95 0.11 5.47 11.46
CA VAL A 95 1.23 6.18 12.07
C VAL A 95 0.85 6.72 13.46
N ARG A 96 1.72 6.45 14.42
CA ARG A 96 1.70 7.08 15.74
C ARG A 96 2.99 7.88 15.87
N GLY A 97 2.89 9.01 16.55
CA GLY A 97 3.97 9.98 16.61
C GLY A 97 3.52 11.21 17.34
N LEU A 98 4.24 12.31 17.11
CA LEU A 98 3.97 13.58 17.75
C LEU A 98 4.52 14.71 16.87
N ILE A 99 4.07 15.93 17.16
CA ILE A 99 4.50 17.12 16.45
C ILE A 99 4.40 18.35 17.37
N ASP A 100 5.55 18.97 17.63
CA ASP A 100 5.65 20.19 18.42
C ASP A 100 5.70 21.40 17.49
N SER A 101 4.66 22.23 17.55
CA SER A 101 4.51 23.41 16.69
C SER A 101 4.75 24.69 17.53
N SER A 102 5.76 25.48 17.16
CA SER A 102 6.10 26.73 17.87
C SER A 102 5.19 27.91 17.44
N ASP A 103 4.52 27.74 16.29
CA ASP A 103 3.76 28.79 15.60
C ASP A 103 2.32 28.90 16.13
N LEU A 104 1.69 27.71 16.30
CA LEU A 104 0.29 27.61 16.74
C LEU A 104 0.11 28.22 18.16
N PRO A 105 -1.11 28.75 18.50
CA PRO A 105 -1.42 29.22 19.88
C PRO A 105 -1.30 28.07 20.91
N LEU A 106 -1.00 28.40 22.16
CA LEU A 106 -0.95 27.41 23.26
C LEU A 106 -2.38 26.92 23.59
N ASN A 107 -3.37 27.80 23.33
CA ASN A 107 -4.80 27.55 23.57
C ASN A 107 -5.47 26.85 22.36
N VAL A 108 -4.64 26.26 21.46
CA VAL A 108 -5.10 25.48 20.28
C VAL A 108 -5.92 24.25 20.72
N SER A 109 -6.96 23.93 19.93
CA SER A 109 -7.79 22.73 20.13
C SER A 109 -7.95 21.97 18.80
N ARG A 110 -8.77 20.90 18.83
CA ARG A 110 -8.89 19.93 17.71
C ARG A 110 -9.48 20.56 16.43
N GLU A 111 -10.48 21.46 16.58
CA GLU A 111 -11.16 22.09 15.42
C GLU A 111 -10.21 23.06 14.69
N ILE A 112 -9.29 23.72 15.46
CA ILE A 112 -8.25 24.59 14.87
C ILE A 112 -7.43 23.80 13.85
N LEU A 113 -6.93 22.64 14.28
CA LEU A 113 -6.08 21.77 13.45
C LEU A 113 -6.76 21.37 12.12
N GLN A 114 -8.08 21.16 12.21
CA GLN A 114 -8.91 20.78 11.06
C GLN A 114 -8.95 21.92 10.01
N ASP A 115 -9.37 23.11 10.46
CA ASP A 115 -9.70 24.23 9.57
C ASP A 115 -8.49 25.08 9.17
N SER A 116 -7.41 25.05 9.98
CA SER A 116 -6.22 25.92 9.74
C SER A 116 -5.52 25.51 8.44
N THR A 117 -5.06 26.53 7.68
CA THR A 117 -4.37 26.34 6.40
C THR A 117 -2.93 25.85 6.65
N VAL A 118 -2.28 26.41 7.70
CA VAL A 118 -0.93 25.98 8.08
C VAL A 118 -0.90 24.49 8.46
N THR A 119 -1.89 24.06 9.28
CA THR A 119 -1.98 22.67 9.75
C THR A 119 -2.41 21.73 8.61
N ARG A 120 -3.16 22.29 7.63
CA ARG A 120 -3.55 21.58 6.40
C ARG A 120 -2.30 21.27 5.55
N ASN A 121 -1.35 22.24 5.55
CA ASN A 121 -0.03 22.11 4.90
C ASN A 121 0.86 21.14 5.68
N LEU A 122 0.68 21.11 7.02
CA LEU A 122 1.44 20.23 7.91
C LEU A 122 1.20 18.76 7.56
N ARG A 123 -0.10 18.39 7.44
CA ARG A 123 -0.52 17.03 7.02
C ARG A 123 0.09 16.68 5.66
N ASN A 124 -0.08 17.61 4.71
CA ASN A 124 0.34 17.46 3.31
C ASN A 124 1.88 17.28 3.21
N ALA A 125 2.61 17.90 4.16
CA ALA A 125 4.07 17.75 4.26
C ALA A 125 4.44 16.35 4.78
N LEU A 126 3.77 15.95 5.89
CA LEU A 126 4.02 14.68 6.60
C LEU A 126 3.67 13.46 5.73
N THR A 127 2.72 13.66 4.78
CA THR A 127 2.28 12.62 3.83
C THR A 127 3.49 12.03 3.06
N LYS A 128 4.38 12.92 2.62
CA LYS A 128 5.58 12.56 1.84
C LYS A 128 6.60 11.83 2.72
N ARG A 129 6.80 12.34 3.94
CA ARG A 129 7.83 11.81 4.87
C ARG A 129 7.49 10.40 5.34
N VAL A 130 6.19 10.14 5.56
CA VAL A 130 5.72 8.80 5.96
C VAL A 130 5.85 7.83 4.77
N LEU A 131 5.36 8.25 3.59
CA LEU A 131 5.31 7.40 2.39
C LEU A 131 6.73 6.97 1.96
N GLN A 132 7.65 7.93 1.95
CA GLN A 132 9.07 7.69 1.65
C GLN A 132 9.73 6.86 2.77
N MET A 133 9.19 6.96 4.00
CA MET A 133 9.61 6.13 5.16
C MET A 133 9.06 4.68 5.06
N LEU A 134 7.97 4.50 4.29
CA LEU A 134 7.37 3.16 4.02
C LEU A 134 8.25 2.38 3.03
N GLU A 135 8.65 3.06 1.93
CA GLU A 135 9.58 2.48 0.94
C GLU A 135 10.99 2.32 1.56
N LYS A 136 11.34 3.26 2.45
CA LYS A 136 12.55 3.20 3.29
C LYS A 136 12.59 1.87 4.03
N LEU A 137 11.46 1.53 4.71
CA LEU A 137 11.32 0.26 5.46
C LEU A 137 11.34 -0.95 4.51
N ALA A 138 10.75 -0.77 3.32
CA ALA A 138 10.68 -1.82 2.28
C ALA A 138 12.08 -2.19 1.75
N LYS A 139 13.02 -1.22 1.80
CA LYS A 139 14.41 -1.41 1.33
C LYS A 139 15.35 -1.67 2.52
N ASP A 140 14.95 -1.20 3.71
CA ASP A 140 15.73 -1.33 4.96
C ASP A 140 15.70 -2.77 5.44
N ASP A 141 14.48 -3.30 5.61
CA ASP A 141 14.24 -4.67 6.06
C ASP A 141 12.90 -5.16 5.48
N ALA A 142 12.99 -6.05 4.47
CA ALA A 142 11.83 -6.59 3.74
C ALA A 142 10.92 -7.43 4.66
N GLU A 143 11.51 -8.09 5.68
CA GLU A 143 10.79 -8.99 6.61
C GLU A 143 9.97 -8.17 7.63
N LYS A 144 10.54 -7.04 8.08
CA LYS A 144 9.82 -6.08 8.93
C LYS A 144 8.64 -5.48 8.15
N TYR A 145 8.91 -5.11 6.88
CA TYR A 145 7.89 -4.53 5.99
C TYR A 145 6.80 -5.58 5.63
N GLN A 146 7.18 -6.87 5.62
CA GLN A 146 6.26 -7.99 5.36
C GLN A 146 5.25 -8.12 6.52
N THR A 147 5.78 -8.00 7.77
CA THR A 147 4.98 -8.00 9.01
C THR A 147 4.03 -6.78 9.01
N PHE A 148 4.63 -5.61 8.69
CA PHE A 148 3.93 -4.31 8.60
C PHE A 148 2.75 -4.37 7.61
N TRP A 149 3.00 -4.97 6.43
CA TRP A 149 2.00 -5.06 5.35
C TRP A 149 0.88 -6.05 5.73
N GLN A 150 1.19 -7.06 6.54
CA GLN A 150 0.20 -8.04 7.01
C GLN A 150 -0.71 -7.39 8.10
N GLN A 151 -0.17 -6.36 8.78
CA GLN A 151 -0.86 -5.67 9.88
C GLN A 151 -1.60 -4.40 9.41
N PHE A 152 -1.06 -3.71 8.38
CA PHE A 152 -1.54 -2.36 7.95
C PHE A 152 -1.67 -2.24 6.41
N GLY A 153 -1.50 -3.35 5.69
CA GLY A 153 -1.49 -3.35 4.22
C GLY A 153 -2.80 -2.90 3.60
N LEU A 154 -3.90 -3.32 4.25
CA LEU A 154 -5.28 -2.96 3.83
C LEU A 154 -5.45 -1.41 3.77
N VAL A 155 -4.84 -0.75 4.77
CA VAL A 155 -4.87 0.72 4.91
C VAL A 155 -4.09 1.40 3.77
N LEU A 156 -2.90 0.86 3.48
CA LEU A 156 -1.96 1.45 2.51
C LEU A 156 -2.50 1.33 1.05
N LYS A 157 -3.42 0.36 0.83
CA LYS A 157 -4.08 0.14 -0.49
C LYS A 157 -5.07 1.26 -0.85
N GLU A 158 -5.48 2.03 0.17
CA GLU A 158 -6.31 3.26 0.02
C GLU A 158 -5.48 4.42 -0.58
N GLY A 159 -4.14 4.21 -0.64
CA GLY A 159 -3.15 5.17 -1.15
C GLY A 159 -3.52 5.85 -2.47
N PRO A 160 -3.53 5.10 -3.63
CA PRO A 160 -3.69 5.70 -4.98
C PRO A 160 -4.93 6.63 -5.09
N ALA A 161 -5.97 6.28 -4.32
CA ALA A 161 -7.23 7.01 -4.28
C ALA A 161 -7.04 8.45 -3.73
N GLU A 162 -6.28 8.57 -2.61
CA GLU A 162 -6.04 9.86 -1.95
C GLU A 162 -5.05 10.70 -2.76
N ASP A 163 -3.79 10.27 -2.76
CA ASP A 163 -2.73 10.94 -3.52
C ASP A 163 -2.73 10.39 -4.96
N PHE A 164 -3.70 10.94 -5.73
CA PHE A 164 -4.02 10.55 -7.11
C PHE A 164 -2.76 10.51 -8.01
N ALA A 165 -2.09 11.67 -8.11
CA ALA A 165 -0.91 11.86 -8.98
C ALA A 165 0.31 11.04 -8.50
N ASN A 166 0.26 10.58 -7.24
CA ASN A 166 1.38 9.87 -6.58
C ASN A 166 1.11 8.34 -6.50
N GLN A 167 0.05 7.87 -7.22
CA GLN A 167 -0.35 6.43 -7.33
C GLN A 167 0.86 5.47 -7.53
N GLU A 168 1.81 5.89 -8.38
CA GLU A 168 3.00 5.11 -8.75
C GLU A 168 3.84 4.69 -7.53
N ALA A 169 3.99 5.62 -6.56
CA ALA A 169 4.78 5.39 -5.34
C ALA A 169 4.16 4.29 -4.47
N ILE A 170 2.82 4.31 -4.34
CA ILE A 170 2.08 3.29 -3.57
C ILE A 170 2.06 1.96 -4.35
N ALA A 171 2.05 2.04 -5.69
CA ALA A 171 2.05 0.85 -6.57
C ALA A 171 3.30 -0.02 -6.36
N LYS A 172 4.41 0.64 -5.98
CA LYS A 172 5.67 -0.02 -5.59
C LYS A 172 5.51 -0.68 -4.20
N LEU A 173 4.80 0.03 -3.30
CA LEU A 173 4.55 -0.41 -1.92
C LEU A 173 3.55 -1.57 -1.86
N LEU A 174 2.68 -1.69 -2.90
CA LEU A 174 1.66 -2.74 -2.96
C LEU A 174 2.30 -4.12 -3.04
N ARG A 175 1.97 -4.98 -2.07
CA ARG A 175 2.45 -6.37 -1.98
C ARG A 175 1.22 -7.27 -2.05
N PHE A 176 1.28 -8.30 -2.88
CA PHE A 176 0.18 -9.26 -3.06
C PHE A 176 0.74 -10.67 -3.22
N ALA A 177 -0.15 -11.66 -3.17
CA ALA A 177 0.17 -13.04 -3.55
C ALA A 177 0.04 -13.16 -5.07
N SER A 178 0.38 -14.33 -5.63
CA SER A 178 0.29 -14.57 -7.09
C SER A 178 0.31 -16.08 -7.37
N THR A 179 0.26 -16.45 -8.65
CA THR A 179 0.43 -17.84 -9.08
C THR A 179 1.91 -18.26 -9.04
N HIS A 180 2.80 -17.31 -8.67
CA HIS A 180 4.23 -17.57 -8.41
C HIS A 180 4.36 -18.52 -7.21
N THR A 181 3.75 -18.10 -6.09
CA THR A 181 3.80 -18.83 -4.83
C THR A 181 2.39 -18.93 -4.24
N ASP A 182 2.05 -20.12 -3.74
CA ASP A 182 0.70 -20.43 -3.21
C ASP A 182 0.43 -19.78 -1.83
N SER A 183 1.42 -19.03 -1.32
CA SER A 183 1.33 -18.32 -0.03
C SER A 183 0.22 -17.25 -0.05
N SER A 184 -0.64 -17.26 0.99
CA SER A 184 -1.57 -16.16 1.28
C SER A 184 -0.81 -14.91 1.77
N ALA A 185 0.48 -15.11 2.11
CA ALA A 185 1.43 -14.05 2.40
C ALA A 185 1.61 -13.13 1.18
N GLN A 186 1.31 -11.85 1.38
CA GLN A 186 1.42 -10.81 0.35
C GLN A 186 2.90 -10.44 0.12
N THR A 187 3.53 -11.15 -0.82
CA THR A 187 4.98 -11.09 -1.06
C THR A 187 5.32 -10.24 -2.30
N VAL A 188 4.80 -10.66 -3.47
CA VAL A 188 5.16 -10.09 -4.79
C VAL A 188 4.54 -8.70 -4.99
N SER A 189 5.40 -7.70 -5.20
CA SER A 189 4.98 -6.33 -5.55
C SER A 189 4.94 -6.17 -7.08
N LEU A 190 4.50 -4.98 -7.52
CA LEU A 190 4.57 -4.58 -8.93
C LEU A 190 6.03 -4.35 -9.37
N GLU A 191 6.93 -4.08 -8.39
CA GLU A 191 8.38 -3.98 -8.62
C GLU A 191 8.93 -5.35 -9.08
N ASP A 192 8.58 -6.39 -8.29
CA ASP A 192 8.95 -7.79 -8.57
C ASP A 192 8.35 -8.25 -9.90
N TYR A 193 7.07 -7.88 -10.12
CA TYR A 193 6.30 -8.34 -11.28
C TYR A 193 6.90 -7.84 -12.61
N VAL A 194 7.24 -6.54 -12.66
CA VAL A 194 7.88 -5.91 -13.84
C VAL A 194 9.25 -6.57 -14.15
N SER A 195 9.98 -6.93 -13.09
CA SER A 195 11.27 -7.63 -13.19
C SER A 195 11.08 -9.10 -13.65
N ARG A 196 9.92 -9.66 -13.32
CA ARG A 196 9.58 -11.09 -13.55
C ARG A 196 8.92 -11.26 -14.95
N MET A 197 8.39 -10.14 -15.51
CA MET A 197 7.70 -10.14 -16.83
C MET A 197 8.59 -10.68 -17.96
N LYS A 198 7.96 -11.43 -18.85
CA LYS A 198 8.60 -12.09 -20.01
C LYS A 198 7.92 -11.63 -21.33
N GLU A 199 8.32 -12.28 -22.45
CA GLU A 199 7.76 -12.00 -23.81
C GLU A 199 6.20 -12.05 -23.82
N GLY A 200 5.58 -10.93 -24.24
CA GLY A 200 4.12 -10.85 -24.42
C GLY A 200 3.34 -10.59 -23.13
N GLN A 201 3.98 -10.82 -21.96
CA GLN A 201 3.38 -10.48 -20.65
C GLN A 201 3.75 -9.03 -20.31
N GLU A 202 3.17 -8.10 -21.07
CA GLU A 202 3.32 -6.64 -20.88
C GLU A 202 2.08 -6.09 -20.16
N LYS A 203 1.03 -6.92 -20.11
CA LYS A 203 -0.25 -6.58 -19.49
C LYS A 203 -0.26 -7.22 -18.09
N ILE A 204 -0.50 -6.41 -17.05
CA ILE A 204 -0.44 -6.84 -15.66
C ILE A 204 -1.70 -7.66 -15.26
N TYR A 205 -1.54 -8.98 -15.13
CA TYR A 205 -2.65 -9.89 -14.79
C TYR A 205 -2.89 -9.96 -13.27
N TYR A 206 -4.09 -9.54 -12.86
CA TYR A 206 -4.61 -9.65 -11.48
C TYR A 206 -5.93 -10.45 -11.50
N ILE A 207 -6.39 -10.86 -10.31
CA ILE A 207 -7.77 -11.32 -10.10
C ILE A 207 -8.40 -10.49 -8.97
N THR A 208 -9.56 -9.89 -9.26
CA THR A 208 -10.38 -9.22 -8.26
C THR A 208 -11.40 -10.22 -7.72
N ALA A 209 -11.26 -10.56 -6.44
CA ALA A 209 -12.10 -11.56 -5.78
C ALA A 209 -12.27 -11.20 -4.29
N ASP A 210 -13.43 -11.57 -3.74
CA ASP A 210 -13.82 -11.24 -2.36
C ASP A 210 -13.05 -12.09 -1.33
N SER A 211 -12.66 -13.31 -1.73
CA SER A 211 -11.95 -14.26 -0.83
C SER A 211 -10.80 -14.94 -1.58
N TYR A 212 -9.71 -15.26 -0.82
CA TYR A 212 -8.50 -15.90 -1.38
C TYR A 212 -8.80 -17.35 -1.80
N ALA A 213 -9.71 -17.98 -1.05
CA ALA A 213 -10.16 -19.34 -1.33
C ALA A 213 -10.80 -19.42 -2.73
N ALA A 214 -11.81 -18.57 -2.98
CA ALA A 214 -12.54 -18.52 -4.26
C ALA A 214 -11.68 -17.93 -5.40
N ALA A 215 -10.75 -17.02 -5.02
CA ALA A 215 -9.81 -16.40 -5.98
C ALA A 215 -8.89 -17.45 -6.59
N LYS A 216 -8.28 -18.25 -5.71
CA LYS A 216 -7.26 -19.23 -6.09
C LYS A 216 -7.90 -20.54 -6.58
N SER A 217 -9.22 -20.70 -6.31
CA SER A 217 -10.01 -21.84 -6.81
C SER A 217 -10.60 -21.56 -8.20
N SER A 218 -10.47 -20.29 -8.68
CA SER A 218 -11.00 -19.88 -9.98
C SER A 218 -10.20 -20.53 -11.15
N PRO A 219 -10.92 -21.06 -12.19
CA PRO A 219 -10.27 -21.69 -13.38
C PRO A 219 -9.52 -20.68 -14.26
N HIS A 220 -9.84 -19.37 -14.09
CA HIS A 220 -9.23 -18.25 -14.84
C HIS A 220 -7.70 -18.23 -14.67
N LEU A 221 -7.24 -18.64 -13.47
CA LEU A 221 -5.82 -18.74 -13.12
C LEU A 221 -5.13 -19.80 -13.97
N GLU A 222 -5.69 -21.03 -13.97
CA GLU A 222 -5.10 -22.19 -14.68
C GLU A 222 -5.11 -22.01 -16.21
N LEU A 223 -6.05 -21.18 -16.70
CA LEU A 223 -6.15 -20.79 -18.12
C LEU A 223 -4.83 -20.11 -18.58
N LEU A 224 -4.25 -19.32 -17.67
CA LEU A 224 -3.02 -18.55 -17.92
C LEU A 224 -1.77 -19.26 -17.36
N ARG A 225 -1.96 -19.99 -16.25
CA ARG A 225 -0.87 -20.62 -15.47
C ARG A 225 -0.17 -21.70 -16.32
N LYS A 226 -0.99 -22.44 -17.09
CA LYS A 226 -0.52 -23.52 -17.98
C LYS A 226 0.31 -22.92 -19.14
N LYS A 227 -0.04 -21.69 -19.56
CA LYS A 227 0.69 -20.96 -20.62
C LYS A 227 1.96 -20.28 -20.07
N GLY A 228 2.13 -20.28 -18.72
CA GLY A 228 3.30 -19.68 -18.06
C GLY A 228 3.13 -18.20 -17.77
N ILE A 229 1.87 -17.80 -17.53
CA ILE A 229 1.50 -16.41 -17.16
C ILE A 229 1.23 -16.36 -15.64
N GLU A 230 1.57 -15.22 -15.03
CA GLU A 230 1.52 -15.03 -13.58
C GLU A 230 0.41 -14.02 -13.21
N VAL A 231 -0.54 -14.46 -12.37
CA VAL A 231 -1.73 -13.68 -11.97
C VAL A 231 -1.67 -13.37 -10.46
N LEU A 232 -1.76 -12.08 -10.09
CA LEU A 232 -1.71 -11.67 -8.67
C LEU A 232 -3.08 -11.84 -8.01
N LEU A 233 -3.07 -12.49 -6.82
CA LEU A 233 -4.28 -12.91 -6.11
C LEU A 233 -4.70 -11.84 -5.08
N LEU A 234 -5.79 -11.11 -5.39
CA LEU A 234 -6.40 -10.13 -4.47
C LEU A 234 -7.64 -10.73 -3.83
N SER A 235 -7.64 -10.73 -2.49
CA SER A 235 -8.75 -11.24 -1.67
C SER A 235 -9.34 -10.12 -0.82
N ASP A 236 -9.15 -8.88 -1.27
CA ASP A 236 -9.58 -7.68 -0.53
C ASP A 236 -11.08 -7.45 -0.69
N ARG A 237 -11.63 -6.68 0.25
CA ARG A 237 -12.97 -6.12 0.16
C ARG A 237 -12.94 -4.80 -0.65
N ILE A 238 -11.75 -4.15 -0.65
CA ILE A 238 -11.50 -2.86 -1.36
C ILE A 238 -10.88 -3.11 -2.75
N ASP A 239 -10.63 -4.41 -3.08
CA ASP A 239 -9.90 -4.86 -4.28
C ASP A 239 -10.30 -4.12 -5.57
N GLU A 240 -11.60 -4.18 -5.92
CA GLU A 240 -12.11 -3.61 -7.18
C GLU A 240 -12.01 -2.09 -7.17
N TRP A 241 -12.27 -1.48 -6.00
CA TRP A 241 -12.25 -0.01 -5.83
C TRP A 241 -10.86 0.56 -6.15
N MET A 242 -9.84 -0.05 -5.52
CA MET A 242 -8.43 0.30 -5.70
C MET A 242 -7.99 0.02 -7.16
N MET A 243 -8.43 -1.13 -7.68
CA MET A 243 -8.05 -1.64 -9.02
C MET A 243 -8.77 -0.89 -10.16
N ASN A 244 -9.83 -0.15 -9.83
CA ASN A 244 -10.52 0.71 -10.81
C ASN A 244 -9.73 2.00 -11.03
N TYR A 245 -8.82 2.35 -10.10
CA TYR A 245 -7.85 3.42 -10.35
C TYR A 245 -6.52 2.81 -10.85
N LEU A 246 -6.20 1.56 -10.42
CA LEU A 246 -5.05 0.80 -10.96
C LEU A 246 -5.45 0.18 -12.33
N THR A 247 -5.64 1.05 -13.33
CA THR A 247 -5.93 0.64 -14.71
C THR A 247 -4.63 0.50 -15.52
N GLU A 248 -3.56 1.20 -15.06
CA GLU A 248 -2.24 1.20 -15.71
C GLU A 248 -1.12 1.62 -14.72
N PHE A 249 0.07 1.04 -14.92
CA PHE A 249 1.29 1.31 -14.13
C PHE A 249 2.51 1.08 -15.04
N ASP A 250 3.34 2.13 -15.22
CA ASP A 250 4.62 2.09 -15.99
C ASP A 250 4.37 2.03 -17.53
N GLY A 251 3.10 2.17 -17.92
CA GLY A 251 2.66 1.94 -19.31
C GLY A 251 2.10 0.54 -19.50
N LYS A 252 2.27 -0.29 -18.47
CA LYS A 252 1.77 -1.66 -18.41
C LYS A 252 0.34 -1.67 -17.85
N PRO A 253 -0.69 -1.96 -18.70
CA PRO A 253 -2.10 -1.90 -18.30
C PRO A 253 -2.54 -3.15 -17.52
N PHE A 254 -3.41 -2.98 -16.55
CA PHE A 254 -3.91 -4.10 -15.73
C PHE A 254 -5.07 -4.83 -16.45
N GLN A 255 -5.25 -6.10 -16.06
CA GLN A 255 -6.31 -6.99 -16.56
C GLN A 255 -6.86 -7.80 -15.39
N SER A 256 -8.17 -7.68 -15.13
CA SER A 256 -8.85 -8.60 -14.24
C SER A 256 -9.18 -9.87 -15.04
N VAL A 257 -8.71 -11.03 -14.58
CA VAL A 257 -8.96 -12.32 -15.25
C VAL A 257 -10.43 -12.76 -15.09
N SER A 258 -11.12 -12.12 -14.10
CA SER A 258 -12.58 -12.24 -13.90
C SER A 258 -13.37 -11.67 -15.10
N LYS A 259 -12.67 -10.84 -15.92
CA LYS A 259 -13.19 -10.31 -17.20
C LYS A 259 -12.32 -10.80 -18.36
N VAL A 260 -12.93 -10.82 -19.57
CA VAL A 260 -12.29 -11.30 -20.81
C VAL A 260 -12.31 -10.19 -21.88
N ASP A 261 -11.20 -10.05 -22.61
CA ASP A 261 -11.08 -9.15 -23.78
C ASP A 261 -10.25 -9.87 -24.88
N GLU A 262 -9.70 -9.10 -25.85
CA GLU A 262 -8.90 -9.66 -26.96
C GLU A 262 -7.61 -10.34 -26.46
N SER A 263 -7.16 -9.98 -25.24
CA SER A 263 -5.94 -10.52 -24.64
C SER A 263 -6.10 -12.03 -24.37
N LEU A 264 -7.31 -12.42 -23.94
CA LEU A 264 -7.63 -13.82 -23.60
C LEU A 264 -8.06 -14.59 -24.86
N GLU A 265 -8.29 -13.84 -25.96
CA GLU A 265 -8.55 -14.41 -27.28
C GLU A 265 -7.23 -14.86 -27.91
N LYS A 266 -6.23 -13.96 -27.89
CA LYS A 266 -4.92 -14.19 -28.52
C LYS A 266 -4.06 -15.18 -27.70
N LEU A 267 -4.25 -15.15 -26.37
CA LEU A 267 -3.44 -15.97 -25.43
C LEU A 267 -3.91 -17.44 -25.43
N ALA A 268 -5.23 -17.65 -25.61
CA ALA A 268 -5.84 -19.00 -25.60
C ALA A 268 -5.81 -19.62 -27.01
N LYS B 5 1.49 -7.25 20.93
CA LYS B 5 2.81 -7.65 21.36
C LYS B 5 3.76 -7.72 20.14
N LYS B 6 4.64 -6.70 20.03
CA LYS B 6 5.67 -6.58 18.97
C LYS B 6 6.46 -7.90 18.81
N ILE B 7 6.78 -8.25 17.55
CA ILE B 7 7.51 -9.49 17.23
C ILE B 7 9.02 -9.31 17.52
N GLU B 8 9.58 -8.15 17.05
CA GLU B 8 11.02 -7.78 17.18
C GLU B 8 11.91 -8.54 16.16
N VAL B 9 11.52 -9.80 15.82
CA VAL B 9 12.12 -10.64 14.79
C VAL B 9 13.41 -11.32 15.31
N GLU B 10 14.46 -10.53 15.62
CA GLU B 10 15.76 -11.08 16.07
C GLU B 10 16.49 -10.06 16.97
N PHE B 11 16.65 -8.83 16.45
CA PHE B 11 17.26 -7.70 17.20
C PHE B 11 16.30 -6.51 17.22
N ASP B 12 16.00 -5.97 16.01
CA ASP B 12 15.16 -4.76 15.82
C ASP B 12 15.93 -3.46 16.19
N LYS B 13 16.55 -3.44 17.38
CA LYS B 13 17.40 -2.33 17.86
C LYS B 13 18.60 -2.11 16.90
N GLY B 14 18.51 -1.03 16.08
CA GLY B 14 19.57 -0.65 15.16
C GLY B 14 19.08 -0.43 13.73
N GLN B 15 18.48 0.75 13.48
CA GLN B 15 18.18 1.24 12.11
C GLN B 15 19.15 2.38 11.76
N ARG B 16 18.91 3.58 12.37
CA ARG B 16 19.63 4.85 12.08
C ARG B 16 19.65 5.17 10.55
N THR B 17 18.63 4.67 9.85
CA THR B 17 18.56 4.71 8.38
C THR B 17 17.94 6.04 7.91
N ASP B 18 16.91 6.51 8.67
CA ASP B 18 16.22 7.80 8.49
C ASP B 18 15.58 7.95 7.08
N LYS B 19 16.39 8.35 6.09
CA LYS B 19 15.95 8.70 4.72
C LYS B 19 14.93 9.85 4.75
N TYR B 20 15.42 11.06 4.47
CA TYR B 20 14.63 12.29 4.51
C TYR B 20 14.37 12.80 3.08
N GLY B 21 13.19 13.45 2.89
CA GLY B 21 12.85 14.09 1.62
C GLY B 21 11.37 14.46 1.53
N ARG B 22 11.00 15.11 0.43
CA ARG B 22 9.62 15.56 0.14
C ARG B 22 9.55 16.01 -1.33
N GLY B 23 8.94 15.18 -2.18
CA GLY B 23 8.79 15.49 -3.61
C GLY B 23 7.75 14.61 -4.27
N LEU B 24 6.58 14.51 -3.61
CA LEU B 24 5.45 13.67 -4.08
C LEU B 24 4.17 14.52 -4.17
N ALA B 25 3.02 13.88 -4.44
CA ALA B 25 1.71 14.56 -4.50
C ALA B 25 0.79 14.06 -3.37
N TYR B 26 -0.33 14.78 -3.15
CA TYR B 26 -1.42 14.37 -2.22
C TYR B 26 -2.66 15.26 -2.43
N ILE B 27 -3.84 14.61 -2.56
CA ILE B 27 -5.15 15.30 -2.62
C ILE B 27 -6.07 14.70 -1.53
N TYR B 28 -6.95 13.72 -1.91
CA TYR B 28 -7.90 13.04 -1.01
C TYR B 28 -8.73 12.01 -1.82
N ALA B 29 -9.21 10.95 -1.11
CA ALA B 29 -9.92 9.79 -1.72
C ALA B 29 -11.22 10.17 -2.43
N ASP B 30 -11.82 11.30 -2.03
CA ASP B 30 -13.08 11.81 -2.61
C ASP B 30 -12.82 12.39 -4.01
N GLY B 31 -13.01 11.54 -5.03
CA GLY B 31 -12.77 11.92 -6.43
C GLY B 31 -13.10 10.78 -7.37
N LYS B 32 -12.08 10.29 -8.11
CA LYS B 32 -12.25 9.12 -9.00
C LYS B 32 -11.34 7.98 -8.52
N MET B 33 -11.98 6.87 -8.15
CA MET B 33 -11.32 5.68 -7.63
C MET B 33 -12.05 4.44 -8.15
N VAL B 34 -13.37 4.40 -7.90
CA VAL B 34 -14.21 3.23 -8.17
C VAL B 34 -14.86 3.34 -9.58
N ASN B 35 -15.27 2.19 -10.13
CA ASN B 35 -16.05 2.05 -11.38
C ASN B 35 -15.24 2.45 -12.62
N GLU B 36 -14.51 1.46 -13.18
CA GLU B 36 -13.72 1.59 -14.42
C GLU B 36 -13.64 0.21 -15.11
N ALA B 37 -13.59 0.22 -16.46
CA ALA B 37 -13.41 -1.01 -17.26
C ALA B 37 -11.97 -1.50 -17.13
N LEU B 38 -11.77 -2.53 -16.28
CA LEU B 38 -10.46 -3.10 -15.94
C LEU B 38 -10.03 -4.15 -17.01
N VAL B 39 -9.90 -3.69 -18.26
CA VAL B 39 -9.49 -4.51 -19.43
C VAL B 39 -8.59 -3.67 -20.37
N ARG B 40 -8.00 -2.59 -19.80
CA ARG B 40 -7.28 -1.53 -20.54
C ARG B 40 -6.17 -2.11 -21.45
N GLN B 41 -6.16 -1.67 -22.74
CA GLN B 41 -5.14 -2.03 -23.75
C GLN B 41 -4.97 -3.56 -23.92
N GLY B 42 -5.64 -4.11 -24.94
CA GLY B 42 -5.57 -5.54 -25.23
C GLY B 42 -4.17 -5.98 -25.66
N LEU B 43 -3.44 -6.62 -24.74
CA LEU B 43 -2.06 -7.05 -24.98
C LEU B 43 -1.84 -8.42 -24.32
N ALA B 44 -1.42 -9.41 -25.13
CA ALA B 44 -1.08 -10.77 -24.65
C ALA B 44 -0.37 -11.53 -25.76
N LYS B 45 0.65 -12.34 -25.40
CA LYS B 45 1.36 -13.19 -26.36
C LYS B 45 2.16 -14.27 -25.61
N VAL B 46 1.89 -15.53 -25.94
CA VAL B 46 2.56 -16.71 -25.36
C VAL B 46 3.11 -17.62 -26.48
N ALA B 47 3.73 -18.74 -26.08
CA ALA B 47 4.22 -19.77 -27.02
C ALA B 47 3.05 -20.49 -27.72
N TYR B 48 3.33 -21.07 -28.91
CA TYR B 48 2.32 -21.75 -29.74
C TYR B 48 1.71 -22.94 -28.99
N VAL B 49 0.40 -22.87 -28.76
CA VAL B 49 -0.38 -23.94 -28.10
C VAL B 49 -0.70 -25.06 -29.13
N TYR B 50 -0.66 -24.69 -30.43
CA TYR B 50 -0.83 -25.59 -31.58
C TYR B 50 -2.28 -26.11 -31.69
N LYS B 51 -3.01 -25.58 -32.67
CA LYS B 51 -4.38 -25.97 -32.98
C LYS B 51 -4.44 -26.73 -34.33
N PRO B 52 -5.48 -27.60 -34.58
CA PRO B 52 -5.61 -28.37 -35.85
C PRO B 52 -5.72 -27.44 -37.09
N ASN B 53 -4.85 -27.70 -38.08
CA ASN B 53 -4.77 -26.93 -39.33
C ASN B 53 -4.41 -27.89 -40.46
N ASN B 54 -5.08 -27.72 -41.62
CA ASN B 54 -5.05 -28.67 -42.75
C ASN B 54 -5.72 -30.00 -42.35
N THR B 55 -6.94 -30.21 -42.85
CA THR B 55 -7.63 -31.50 -42.73
C THR B 55 -6.86 -32.55 -43.56
N HIS B 56 -6.75 -32.28 -44.89
CA HIS B 56 -6.04 -33.16 -45.87
C HIS B 56 -6.25 -32.61 -47.31
N GLU B 57 -7.41 -31.95 -47.55
CA GLU B 57 -7.93 -31.65 -48.92
C GLU B 57 -7.00 -30.72 -49.73
N GLN B 58 -6.09 -30.01 -49.01
CA GLN B 58 -5.05 -29.12 -49.59
C GLN B 58 -5.65 -27.76 -50.08
N HIS B 59 -7.00 -27.65 -50.15
CA HIS B 59 -7.67 -26.53 -50.87
C HIS B 59 -8.84 -25.94 -50.03
N LEU B 60 -8.72 -25.99 -48.69
CA LEU B 60 -9.63 -25.27 -47.77
C LEU B 60 -9.38 -23.76 -47.93
N ARG B 61 -10.43 -23.02 -48.33
CA ARG B 61 -10.37 -21.60 -48.72
C ARG B 61 -9.63 -21.44 -50.07
N LYS B 62 -8.33 -21.71 -50.05
CA LYS B 62 -7.45 -21.64 -51.22
C LYS B 62 -6.41 -22.75 -51.12
N SER B 63 -5.66 -22.74 -50.00
CA SER B 63 -4.61 -23.72 -49.74
C SER B 63 -4.31 -23.82 -48.22
N GLU B 64 -5.02 -24.76 -47.56
CA GLU B 64 -4.83 -25.09 -46.12
C GLU B 64 -3.41 -25.67 -45.87
N ALA B 65 -2.87 -26.35 -46.90
CA ALA B 65 -1.54 -27.00 -46.85
C ALA B 65 -0.41 -26.01 -47.18
N GLN B 66 -0.75 -24.70 -47.25
CA GLN B 66 0.21 -23.61 -47.56
C GLN B 66 0.83 -23.80 -48.96
N ALA B 67 0.01 -24.38 -49.88
CA ALA B 67 0.36 -24.58 -51.28
C ALA B 67 0.50 -23.20 -51.96
N LYS B 68 1.74 -22.72 -51.98
CA LYS B 68 2.12 -21.35 -52.35
C LYS B 68 3.65 -21.29 -52.20
N LYS B 69 4.11 -21.88 -51.07
CA LYS B 69 5.53 -22.11 -50.78
C LYS B 69 6.02 -23.38 -51.52
N GLU B 70 7.04 -24.06 -50.98
CA GLU B 70 7.49 -25.38 -51.47
C GLU B 70 6.39 -26.44 -51.30
N LYS B 71 5.49 -26.20 -50.29
CA LYS B 71 4.30 -27.04 -50.02
C LYS B 71 4.69 -28.44 -49.48
N LEU B 72 6.01 -28.64 -49.26
CA LEU B 72 6.63 -29.94 -48.95
C LEU B 72 6.42 -30.92 -50.11
N ASN B 73 7.15 -30.67 -51.22
CA ASN B 73 7.12 -31.52 -52.44
C ASN B 73 7.79 -32.90 -52.18
N ILE B 74 8.45 -33.03 -51.01
CA ILE B 74 9.25 -34.19 -50.61
C ILE B 74 10.51 -34.24 -51.51
N TRP B 75 11.57 -33.59 -51.02
CA TRP B 75 12.84 -33.43 -51.73
C TRP B 75 13.94 -33.20 -50.68
N ALA A 4 18.15 15.07 29.81
CA ALA A 4 17.14 16.10 30.11
C ALA A 4 16.89 16.96 28.86
N GLN A 5 16.22 16.34 27.86
CA GLN A 5 15.88 16.99 26.58
C GLN A 5 14.85 16.13 25.83
N ALA A 6 13.90 16.82 25.16
CA ALA A 6 12.87 16.19 24.33
C ALA A 6 13.50 15.50 23.11
N LEU A 7 13.08 14.26 22.82
CA LEU A 7 13.68 13.39 21.79
C LEU A 7 13.65 14.04 20.39
N TRP A 8 12.51 14.65 20.06
CA TRP A 8 12.30 15.31 18.76
C TRP A 8 13.16 16.60 18.65
N THR A 9 13.24 17.38 19.75
CA THR A 9 14.01 18.64 19.76
C THR A 9 15.54 18.35 19.72
N ARG A 10 15.91 17.21 20.31
CA ARG A 10 17.31 16.76 20.46
C ARG A 10 17.96 16.46 19.09
N ASN A 11 19.27 16.71 18.99
CA ASN A 11 20.05 16.51 17.74
C ASN A 11 20.17 15.00 17.42
N LYS A 12 19.85 14.67 16.15
CA LYS A 12 19.77 13.27 15.62
C LYS A 12 21.11 12.52 15.77
N SER A 13 22.22 13.27 15.63
CA SER A 13 23.58 12.72 15.59
C SER A 13 23.99 12.01 16.91
N GLU A 14 23.41 12.45 18.04
CA GLU A 14 23.69 11.88 19.38
C GLU A 14 22.66 10.76 19.72
N ILE A 15 21.50 10.78 19.05
CA ILE A 15 20.37 9.89 19.37
C ILE A 15 20.58 8.47 18.80
N THR A 16 20.65 7.48 19.70
CA THR A 16 20.77 6.06 19.33
C THR A 16 19.35 5.46 19.07
N ASP A 17 19.32 4.21 18.56
CA ASP A 17 18.06 3.53 18.19
C ASP A 17 17.20 3.22 19.44
N GLU A 18 17.87 2.96 20.59
CA GLU A 18 17.23 2.65 21.88
C GLU A 18 16.27 3.77 22.31
N GLU A 19 16.69 5.03 22.06
CA GLU A 19 15.89 6.22 22.35
C GLU A 19 14.53 6.16 21.63
N TYR A 20 14.59 5.91 20.31
CA TYR A 20 13.41 5.85 19.44
C TYR A 20 12.44 4.72 19.87
N LYS A 21 13.01 3.52 20.09
CA LYS A 21 12.24 2.30 20.39
C LYS A 21 11.49 2.42 21.74
N GLU A 22 12.22 2.89 22.76
CA GLU A 22 11.72 2.94 24.14
C GLU A 22 10.64 4.05 24.26
N PHE A 23 10.95 5.24 23.71
CA PHE A 23 10.09 6.44 23.79
C PHE A 23 8.78 6.25 22.99
N TYR A 24 8.89 5.51 21.86
CA TYR A 24 7.73 5.14 21.02
C TYR A 24 6.64 4.45 21.85
N LYS A 25 7.04 3.46 22.65
CA LYS A 25 6.12 2.62 23.44
C LYS A 25 5.23 3.48 24.36
N HIS A 26 5.85 4.51 24.96
CA HIS A 26 5.17 5.46 25.87
C HIS A 26 4.09 6.25 25.11
N ILE A 27 4.48 6.83 23.94
CA ILE A 27 3.59 7.71 23.16
C ILE A 27 2.48 6.91 22.43
N ALA A 28 2.76 5.63 22.16
CA ALA A 28 1.83 4.70 21.46
C ALA A 28 0.94 3.94 22.46
N HIS A 29 1.27 4.08 23.76
CA HIS A 29 0.50 3.51 24.91
C HIS A 29 0.63 1.97 24.98
N ASP A 30 1.62 1.41 24.25
CA ASP A 30 1.81 -0.05 24.12
C ASP A 30 3.26 -0.40 24.53
N PHE A 31 3.72 -1.63 24.22
CA PHE A 31 5.11 -2.06 24.51
C PHE A 31 5.77 -2.65 23.25
N ASN A 32 5.05 -2.65 22.10
CA ASN A 32 5.64 -3.10 20.82
C ASN A 32 6.71 -2.10 20.37
N ASP A 33 7.79 -2.61 19.79
CA ASP A 33 8.88 -1.77 19.23
C ASP A 33 8.52 -1.36 17.79
N PRO A 34 8.99 -0.17 17.30
CA PRO A 34 8.68 0.29 15.94
C PRO A 34 9.56 -0.44 14.88
N LEU A 35 8.94 -0.84 13.77
CA LEU A 35 9.62 -1.50 12.63
C LEU A 35 10.68 -0.57 12.04
N THR A 36 10.29 0.70 11.87
CA THR A 36 11.20 1.79 11.52
C THR A 36 10.57 3.13 11.98
N TRP A 37 11.33 4.21 11.86
CA TRP A 37 10.96 5.53 12.39
C TRP A 37 11.52 6.64 11.50
N SER A 38 10.93 7.84 11.62
CA SER A 38 11.40 9.07 10.99
C SER A 38 11.57 10.16 12.06
N HIS A 39 12.71 10.83 12.05
CA HIS A 39 12.99 12.00 12.89
C HIS A 39 13.60 13.08 12.00
N ASN A 40 12.79 14.09 11.67
CA ASN A 40 13.17 15.17 10.75
C ASN A 40 12.72 16.51 11.33
N ARG A 41 13.64 17.49 11.41
CA ARG A 41 13.34 18.83 11.94
C ARG A 41 13.32 19.85 10.79
N VAL A 42 12.27 20.67 10.76
CA VAL A 42 12.08 21.74 9.78
C VAL A 42 12.03 23.08 10.53
N GLU A 43 12.59 24.14 9.93
CA GLU A 43 12.58 25.50 10.49
C GLU A 43 12.56 26.54 9.35
N GLY A 44 12.57 27.82 9.72
CA GLY A 44 12.60 28.93 8.78
C GLY A 44 11.36 29.80 8.93
N LYS A 45 10.36 29.60 8.04
CA LYS A 45 9.02 30.19 8.19
C LYS A 45 8.31 29.50 9.37
N GLN A 46 8.08 28.19 9.21
CA GLN A 46 7.40 27.33 10.19
C GLN A 46 8.39 26.31 10.75
N GLU A 47 8.74 26.46 12.03
CA GLU A 47 9.56 25.49 12.75
C GLU A 47 8.65 24.39 13.32
N TYR A 48 8.91 23.15 12.87
CA TYR A 48 8.23 21.96 13.36
C TYR A 48 9.13 20.73 13.21
N THR A 49 9.29 19.97 14.29
CA THR A 49 9.96 18.67 14.24
C THR A 49 8.90 17.56 14.22
N SER A 50 9.01 16.67 13.24
CA SER A 50 8.13 15.51 13.12
C SER A 50 8.87 14.25 13.57
N LEU A 51 8.32 13.56 14.58
CA LEU A 51 8.87 12.31 15.11
C LEU A 51 7.81 11.20 14.95
N LEU A 52 7.90 10.49 13.82
CA LEU A 52 6.90 9.47 13.40
C LEU A 52 7.49 8.07 13.56
N TYR A 53 6.60 7.06 13.68
CA TYR A 53 6.99 5.65 13.85
C TYR A 53 6.00 4.75 13.08
N ILE A 54 6.45 3.51 12.79
CA ILE A 54 5.61 2.44 12.22
C ILE A 54 5.46 1.32 13.26
N PRO A 55 4.21 1.04 13.76
CA PRO A 55 3.96 -0.06 14.74
C PRO A 55 4.18 -1.47 14.14
N SER A 56 4.65 -2.40 14.99
CA SER A 56 4.85 -3.82 14.63
C SER A 56 3.58 -4.64 14.89
N GLN A 57 2.66 -4.08 15.69
CA GLN A 57 1.45 -4.76 16.17
C GLN A 57 0.22 -3.89 15.84
N ALA A 58 -0.83 -4.50 15.27
CA ALA A 58 -2.12 -3.83 15.07
C ALA A 58 -2.88 -3.75 16.40
N PRO A 59 -3.19 -2.51 16.92
CA PRO A 59 -4.02 -2.34 18.14
C PRO A 59 -5.48 -2.81 17.90
N TRP A 60 -6.19 -3.17 18.98
CA TRP A 60 -7.60 -3.58 18.89
C TRP A 60 -8.46 -2.35 18.58
N ASP A 61 -8.13 -1.24 19.25
CA ASP A 61 -8.84 0.06 19.12
C ASP A 61 -8.48 0.80 17.82
N MET A 62 -7.78 0.09 16.91
CA MET A 62 -7.49 0.56 15.54
C MET A 62 -8.78 0.83 14.77
N TRP A 63 -9.71 -0.13 14.80
CA TRP A 63 -10.93 -0.08 13.97
C TRP A 63 -12.13 0.49 14.76
N ASN A 64 -11.84 1.04 15.96
CA ASN A 64 -12.84 1.73 16.78
C ASN A 64 -13.17 3.11 16.18
N ARG A 65 -14.43 3.53 16.38
CA ARG A 65 -14.97 4.79 15.84
C ARG A 65 -14.51 5.98 16.72
N ASP A 66 -14.06 5.67 17.95
CA ASP A 66 -13.39 6.64 18.84
C ASP A 66 -11.92 6.80 18.41
N HIS A 67 -11.32 7.96 18.75
CA HIS A 67 -9.94 8.27 18.38
C HIS A 67 -8.96 7.39 19.16
N LYS A 68 -7.93 6.91 18.47
CA LYS A 68 -6.81 6.14 19.05
C LYS A 68 -5.59 6.33 18.15
N HIS A 69 -5.89 6.32 16.86
CA HIS A 69 -4.96 6.69 15.80
C HIS A 69 -4.68 8.21 15.81
N GLY A 70 -3.52 8.59 15.27
CA GLY A 70 -3.12 10.00 15.18
C GLY A 70 -1.81 10.27 15.89
N LEU A 71 -1.50 11.55 16.08
CA LEU A 71 -0.20 11.99 16.66
C LEU A 71 -0.42 12.76 17.97
N LYS A 72 0.67 12.94 18.73
CA LYS A 72 0.69 13.82 19.90
C LYS A 72 1.09 15.23 19.46
N LEU A 73 0.16 16.16 19.52
CA LEU A 73 0.43 17.57 19.24
C LEU A 73 1.14 18.23 20.44
N TYR A 74 2.28 18.82 20.16
CA TYR A 74 3.01 19.72 21.06
C TYR A 74 3.13 21.08 20.36
N VAL A 75 2.89 22.16 21.10
CA VAL A 75 3.17 23.53 20.65
C VAL A 75 4.22 24.14 21.57
N GLN A 76 5.44 24.34 21.03
CA GLN A 76 6.58 24.90 21.76
C GLN A 76 7.00 23.98 22.92
N ARG A 77 6.89 22.65 22.65
CA ARG A 77 7.28 21.55 23.56
C ARG A 77 6.30 21.45 24.77
N VAL A 78 5.15 22.14 24.63
CA VAL A 78 4.03 22.09 25.58
C VAL A 78 2.95 21.17 24.97
N PHE A 79 2.68 20.03 25.63
CA PHE A 79 1.69 19.05 25.16
C PHE A 79 0.27 19.65 25.15
N ILE A 80 -0.46 19.41 24.04
CA ILE A 80 -1.82 19.93 23.84
C ILE A 80 -2.82 18.76 23.92
N MET A 81 -2.73 17.83 22.96
CA MET A 81 -3.65 16.68 22.82
C MET A 81 -3.05 15.65 21.86
N ASP A 82 -3.22 14.36 22.19
CA ASP A 82 -2.78 13.25 21.32
C ASP A 82 -3.98 12.61 20.61
N ASP A 83 -3.66 11.67 19.68
CA ASP A 83 -4.64 11.02 18.77
C ASP A 83 -5.26 12.04 17.78
N ALA A 84 -4.47 13.09 17.47
CA ALA A 84 -4.84 14.12 16.49
C ALA A 84 -4.42 13.67 15.08
N GLU A 85 -5.40 13.21 14.29
CA GLU A 85 -5.18 12.66 12.94
C GLU A 85 -5.28 13.74 11.84
N GLN A 86 -5.40 15.02 12.25
CA GLN A 86 -5.50 16.17 11.31
C GLN A 86 -4.16 16.51 10.65
N PHE A 87 -3.08 15.87 11.13
CA PHE A 87 -1.73 15.98 10.52
C PHE A 87 -1.51 14.90 9.43
N MET A 88 -2.48 13.97 9.33
CA MET A 88 -2.48 12.89 8.34
C MET A 88 -3.80 12.89 7.53
N PRO A 89 -3.79 12.33 6.29
CA PRO A 89 -5.03 11.99 5.55
C PRO A 89 -5.70 10.71 6.09
N ASN A 90 -6.79 10.30 5.42
CA ASN A 90 -7.62 9.15 5.82
C ASN A 90 -6.90 7.82 5.52
N TYR A 91 -5.93 7.83 4.57
CA TYR A 91 -5.17 6.61 4.23
C TYR A 91 -3.91 6.43 5.09
N LEU A 92 -3.43 7.53 5.71
CA LEU A 92 -2.26 7.49 6.62
C LEU A 92 -2.69 7.61 8.08
N ARG A 93 -3.94 7.27 8.37
CA ARG A 93 -4.47 7.31 9.75
C ARG A 93 -3.98 6.10 10.57
N PHE A 94 -3.18 5.19 9.97
CA PHE A 94 -2.55 4.07 10.70
C PHE A 94 -1.30 4.55 11.48
N VAL A 95 -0.74 5.71 11.06
CA VAL A 95 0.54 6.24 11.60
C VAL A 95 0.37 6.71 13.05
N ARG A 96 1.39 6.41 13.88
CA ARG A 96 1.45 6.85 15.27
C ARG A 96 2.83 7.49 15.50
N GLY A 97 2.81 8.62 16.22
CA GLY A 97 4.03 9.35 16.57
C GLY A 97 3.66 10.68 17.22
N LEU A 98 4.32 11.77 16.81
CA LEU A 98 4.05 13.11 17.32
C LEU A 98 4.60 14.16 16.38
N ILE A 99 4.31 15.42 16.72
CA ILE A 99 4.83 16.60 16.05
C ILE A 99 4.83 17.76 17.06
N ASP A 100 5.89 18.56 17.04
CA ASP A 100 6.00 19.81 17.82
C ASP A 100 6.25 20.98 16.87
N SER A 101 5.38 21.99 16.92
CA SER A 101 5.53 23.22 16.13
C SER A 101 5.43 24.43 17.06
N SER A 102 6.34 25.39 16.87
CA SER A 102 6.33 26.66 17.61
C SER A 102 5.37 27.68 16.97
N ASP A 103 4.92 27.37 15.73
CA ASP A 103 4.16 28.29 14.87
C ASP A 103 2.65 27.99 14.88
N LEU A 104 2.26 26.81 15.40
CA LEU A 104 0.83 26.46 15.60
C LEU A 104 0.32 27.11 16.89
N PRO A 105 -1.00 27.47 16.98
CA PRO A 105 -1.61 28.00 18.22
C PRO A 105 -1.59 26.97 19.37
N LEU A 106 -1.25 27.42 20.60
CA LEU A 106 -1.24 26.58 21.82
C LEU A 106 -2.69 26.34 22.30
N ASN A 107 -3.59 27.31 22.01
CA ASN A 107 -5.02 27.25 22.40
C ASN A 107 -5.89 26.60 21.29
N VAL A 108 -5.25 25.80 20.42
CA VAL A 108 -5.92 25.14 19.29
C VAL A 108 -6.82 23.97 19.75
N SER A 109 -7.82 23.63 18.93
CA SER A 109 -8.71 22.48 19.15
C SER A 109 -8.59 21.50 17.96
N ARG A 110 -9.17 20.30 18.12
CA ARG A 110 -9.12 19.21 17.12
C ARG A 110 -9.76 19.65 15.79
N GLU A 111 -10.92 20.31 15.91
CA GLU A 111 -11.69 20.83 14.76
C GLU A 111 -10.96 22.01 14.09
N ILE A 112 -10.24 22.82 14.90
CA ILE A 112 -9.42 23.94 14.39
C ILE A 112 -8.21 23.37 13.62
N LEU A 113 -7.63 22.25 14.10
CA LEU A 113 -6.51 21.55 13.42
C LEU A 113 -6.89 21.13 11.99
N GLN A 114 -8.17 20.73 11.81
CA GLN A 114 -8.72 20.35 10.51
C GLN A 114 -8.86 21.60 9.59
N ASP A 115 -9.22 22.75 10.19
CA ASP A 115 -9.54 23.99 9.45
C ASP A 115 -8.29 24.88 9.21
N SER A 116 -7.32 24.81 10.14
CA SER A 116 -6.22 25.79 10.23
C SER A 116 -5.28 25.69 9.03
N THR A 117 -4.80 26.87 8.56
CA THR A 117 -3.91 26.99 7.40
C THR A 117 -2.46 26.60 7.76
N VAL A 118 -2.01 27.00 8.96
CA VAL A 118 -0.67 26.64 9.48
C VAL A 118 -0.57 25.11 9.69
N THR A 119 -1.68 24.54 10.18
CA THR A 119 -1.82 23.08 10.41
C THR A 119 -2.11 22.34 9.08
N ARG A 120 -2.62 23.06 8.08
CA ARG A 120 -2.88 22.52 6.73
C ARG A 120 -1.55 22.24 6.01
N ASN A 121 -0.60 23.20 6.17
CA ASN A 121 0.79 23.07 5.70
C ASN A 121 1.47 21.90 6.44
N LEU A 122 1.22 21.83 7.76
CA LEU A 122 1.73 20.77 8.64
C LEU A 122 1.23 19.38 8.23
N ARG A 123 -0.04 19.31 7.78
CA ARG A 123 -0.66 18.06 7.34
C ARG A 123 0.11 17.49 6.16
N ASN A 124 0.20 18.32 5.09
CA ASN A 124 0.85 17.93 3.82
C ASN A 124 2.32 17.55 4.06
N ALA A 125 3.02 18.35 4.90
CA ALA A 125 4.46 18.17 5.20
C ALA A 125 4.74 16.75 5.74
N LEU A 126 4.04 16.39 6.83
CA LEU A 126 4.20 15.10 7.52
C LEU A 126 3.74 13.92 6.64
N THR A 127 2.70 14.17 5.82
CA THR A 127 2.13 13.18 4.90
C THR A 127 3.19 12.64 3.90
N LYS A 128 4.02 13.56 3.34
CA LYS A 128 5.12 13.18 2.43
C LYS A 128 6.17 12.35 3.21
N ARG A 129 6.52 12.81 4.45
CA ARG A 129 7.55 12.16 5.30
C ARG A 129 7.21 10.67 5.60
N VAL A 130 5.90 10.37 5.67
CA VAL A 130 5.42 8.99 5.87
C VAL A 130 5.73 8.14 4.62
N LEU A 131 5.47 8.71 3.43
CA LEU A 131 5.64 7.99 2.12
C LEU A 131 7.08 7.50 1.93
N GLN A 132 8.07 8.37 2.26
CA GLN A 132 9.50 7.99 2.23
C GLN A 132 9.75 6.79 3.16
N MET A 133 9.19 6.86 4.38
CA MET A 133 9.38 5.86 5.45
C MET A 133 8.73 4.49 5.09
N LEU A 134 7.59 4.54 4.35
CA LEU A 134 6.84 3.34 3.94
C LEU A 134 7.61 2.58 2.84
N GLU A 135 7.97 3.31 1.77
CA GLU A 135 8.71 2.78 0.62
C GLU A 135 10.08 2.23 1.07
N LYS A 136 10.68 2.94 2.03
CA LYS A 136 11.98 2.60 2.58
C LYS A 136 11.89 1.30 3.38
N LEU A 137 10.80 1.13 4.19
CA LEU A 137 10.60 -0.08 5.02
C LEU A 137 10.47 -1.35 4.14
N ALA A 138 9.87 -1.16 2.93
CA ALA A 138 9.71 -2.21 1.92
C ALA A 138 11.07 -2.77 1.45
N LYS A 139 12.10 -1.92 1.52
CA LYS A 139 13.48 -2.26 1.11
C LYS A 139 14.39 -2.51 2.33
N ASP A 140 14.01 -1.91 3.48
CA ASP A 140 14.76 -1.97 4.76
C ASP A 140 14.80 -3.40 5.28
N ASP A 141 13.62 -4.03 5.26
CA ASP A 141 13.43 -5.42 5.65
C ASP A 141 12.05 -5.86 5.18
N ALA A 142 12.03 -6.72 4.15
CA ALA A 142 10.81 -7.28 3.55
C ALA A 142 9.86 -7.88 4.62
N GLU A 143 10.45 -8.65 5.56
CA GLU A 143 9.70 -9.41 6.59
C GLU A 143 8.92 -8.46 7.53
N LYS A 144 9.56 -7.37 7.97
CA LYS A 144 8.90 -6.35 8.83
C LYS A 144 7.77 -5.66 8.06
N TYR A 145 7.97 -5.47 6.74
CA TYR A 145 6.98 -4.81 5.87
C TYR A 145 5.81 -5.77 5.54
N GLN A 146 6.08 -7.10 5.57
CA GLN A 146 5.04 -8.14 5.36
C GLN A 146 4.05 -8.12 6.52
N THR A 147 4.60 -8.04 7.75
CA THR A 147 3.80 -7.90 8.97
C THR A 147 2.99 -6.60 8.91
N PHE A 148 3.69 -5.49 8.62
CA PHE A 148 3.09 -4.14 8.51
C PHE A 148 1.89 -4.11 7.54
N TRP A 149 2.05 -4.77 6.39
CA TRP A 149 0.99 -4.86 5.36
C TRP A 149 -0.23 -5.65 5.90
N GLN A 150 0.05 -6.69 6.68
CA GLN A 150 -0.99 -7.57 7.24
C GLN A 150 -1.48 -7.08 8.63
N GLN A 151 -1.01 -5.88 9.07
CA GLN A 151 -1.52 -5.22 10.29
C GLN A 151 -2.27 -3.91 9.94
N PHE A 152 -1.71 -3.14 8.96
CA PHE A 152 -2.15 -1.74 8.66
C PHE A 152 -2.41 -1.51 7.17
N GLY A 153 -2.17 -2.55 6.34
CA GLY A 153 -2.23 -2.43 4.88
C GLY A 153 -3.62 -2.19 4.31
N LEU A 154 -4.66 -2.45 5.11
CA LEU A 154 -6.07 -2.18 4.70
C LEU A 154 -6.34 -0.66 4.67
N VAL A 155 -5.68 0.06 5.60
CA VAL A 155 -5.78 1.53 5.71
C VAL A 155 -4.92 2.20 4.62
N LEU A 156 -3.71 1.65 4.43
CA LEU A 156 -2.75 2.13 3.41
C LEU A 156 -3.32 1.95 1.98
N LYS A 157 -4.20 0.92 1.82
CA LYS A 157 -4.82 0.54 0.53
C LYS A 157 -5.80 1.63 0.01
N GLU A 158 -6.22 2.52 0.92
CA GLU A 158 -7.02 3.71 0.59
C GLU A 158 -6.18 4.81 -0.08
N GLY A 159 -4.84 4.60 -0.11
CA GLY A 159 -3.87 5.52 -0.70
C GLY A 159 -4.14 5.94 -2.13
N PRO A 160 -4.09 5.00 -3.13
CA PRO A 160 -4.40 5.32 -4.55
C PRO A 160 -5.89 5.70 -4.76
N ALA A 161 -6.70 5.53 -3.71
CA ALA A 161 -8.14 5.82 -3.71
C ALA A 161 -8.43 7.30 -3.37
N GLU A 162 -7.77 7.80 -2.32
CA GLU A 162 -7.91 9.18 -1.84
C GLU A 162 -6.96 10.09 -2.63
N ASP A 163 -5.66 9.74 -2.60
CA ASP A 163 -4.60 10.49 -3.28
C ASP A 163 -4.26 9.85 -4.64
N PHE A 164 -4.66 10.55 -5.71
CA PHE A 164 -4.28 10.20 -7.09
C PHE A 164 -2.90 10.82 -7.45
N ALA A 165 -2.45 11.85 -6.69
CA ALA A 165 -1.24 12.62 -7.03
C ALA A 165 0.05 11.77 -6.98
N ASN A 166 0.11 10.83 -6.01
CA ASN A 166 1.23 9.89 -5.86
C ASN A 166 0.71 8.46 -5.97
N GLN A 167 -0.35 8.28 -6.79
CA GLN A 167 -1.01 6.96 -7.03
C GLN A 167 0.02 5.84 -7.29
N GLU A 168 1.05 6.16 -8.13
CA GLU A 168 2.15 5.22 -8.47
C GLU A 168 2.98 4.87 -7.22
N ALA A 169 3.42 5.92 -6.48
CA ALA A 169 4.29 5.77 -5.30
C ALA A 169 3.62 4.90 -4.20
N ILE A 170 2.30 5.06 -4.05
CA ILE A 170 1.50 4.31 -3.07
C ILE A 170 1.14 2.90 -3.63
N ALA A 171 1.05 2.79 -4.96
CA ALA A 171 0.80 1.49 -5.65
C ALA A 171 2.02 0.55 -5.51
N LYS A 172 3.20 1.15 -5.33
CA LYS A 172 4.45 0.44 -5.04
C LYS A 172 4.40 -0.20 -3.64
N LEU A 173 3.67 0.46 -2.73
CA LEU A 173 3.53 0.04 -1.32
C LEU A 173 2.60 -1.19 -1.20
N LEU A 174 1.59 -1.25 -2.10
CA LEU A 174 0.55 -2.30 -2.07
C LEU A 174 1.17 -3.67 -2.39
N ARG A 175 1.02 -4.65 -1.47
CA ARG A 175 1.65 -6.00 -1.61
C ARG A 175 0.53 -7.04 -1.84
N PHE A 176 0.63 -7.77 -2.96
CA PHE A 176 -0.36 -8.79 -3.35
C PHE A 176 0.30 -10.18 -3.37
N ALA A 177 -0.52 -11.23 -3.39
CA ALA A 177 -0.03 -12.60 -3.64
C ALA A 177 0.14 -12.80 -5.15
N SER A 178 0.76 -13.90 -5.58
CA SER A 178 1.00 -14.16 -7.02
C SER A 178 1.16 -15.66 -7.30
N THR A 179 1.00 -16.04 -8.59
CA THR A 179 1.06 -17.45 -9.04
C THR A 179 2.52 -17.98 -9.15
N HIS A 180 3.49 -17.29 -8.52
CA HIS A 180 4.86 -17.83 -8.36
C HIS A 180 4.87 -19.03 -7.40
N THR A 181 3.92 -19.03 -6.46
CA THR A 181 3.77 -20.08 -5.44
C THR A 181 2.29 -20.16 -5.02
N ASP A 182 1.87 -21.34 -4.56
CA ASP A 182 0.48 -21.62 -4.11
C ASP A 182 0.20 -21.04 -2.69
N SER A 183 1.16 -20.27 -2.17
CA SER A 183 1.05 -19.55 -0.89
C SER A 183 0.12 -18.31 -1.03
N SER A 184 -0.59 -17.99 0.05
CA SER A 184 -1.46 -16.79 0.13
C SER A 184 -0.66 -15.57 0.62
N ALA A 185 0.69 -15.69 0.65
CA ALA A 185 1.60 -14.63 1.09
C ALA A 185 1.50 -13.41 0.17
N GLN A 186 0.89 -12.32 0.71
CA GLN A 186 0.75 -11.04 0.00
C GLN A 186 2.09 -10.28 0.04
N THR A 187 3.04 -10.72 -0.82
CA THR A 187 4.44 -10.24 -0.81
C THR A 187 4.81 -9.45 -2.09
N VAL A 188 4.36 -9.92 -3.26
CA VAL A 188 4.72 -9.31 -4.55
C VAL A 188 3.78 -8.13 -4.86
N SER A 189 4.35 -6.92 -4.94
CA SER A 189 3.62 -5.69 -5.22
C SER A 189 3.49 -5.46 -6.73
N LEU A 190 2.88 -4.32 -7.11
CA LEU A 190 2.94 -3.79 -8.48
C LEU A 190 4.39 -3.43 -8.83
N GLU A 191 5.10 -2.88 -7.83
CA GLU A 191 6.53 -2.53 -7.90
C GLU A 191 7.40 -3.77 -8.15
N ASP A 192 7.14 -4.84 -7.38
CA ASP A 192 7.85 -6.13 -7.53
C ASP A 192 7.48 -6.75 -8.88
N TYR A 193 6.21 -6.61 -9.28
CA TYR A 193 5.65 -7.20 -10.52
C TYR A 193 6.40 -6.67 -11.77
N VAL A 194 6.80 -5.39 -11.75
CA VAL A 194 7.61 -4.76 -12.82
C VAL A 194 9.05 -5.30 -12.79
N SER A 195 9.58 -5.53 -11.59
CA SER A 195 10.95 -6.09 -11.40
C SER A 195 10.95 -7.64 -11.60
N ARG A 196 9.75 -8.23 -11.55
CA ARG A 196 9.48 -9.68 -11.67
C ARG A 196 8.68 -9.91 -12.98
N MET A 197 8.76 -8.94 -13.90
CA MET A 197 7.98 -8.93 -15.14
C MET A 197 8.34 -10.15 -16.01
N LYS A 198 7.32 -10.97 -16.27
CA LYS A 198 7.47 -12.29 -16.90
C LYS A 198 7.59 -12.17 -18.43
N GLU A 199 8.07 -13.24 -19.07
CA GLU A 199 8.21 -13.35 -20.54
C GLU A 199 6.86 -13.11 -21.24
N GLY A 200 6.85 -12.14 -22.19
CA GLY A 200 5.65 -11.79 -23.00
C GLY A 200 4.59 -11.01 -22.23
N GLN A 201 4.77 -10.90 -20.91
CA GLN A 201 3.85 -10.23 -19.99
C GLN A 201 4.15 -8.72 -20.01
N GLU A 202 3.54 -8.03 -20.97
CA GLU A 202 3.57 -6.54 -21.05
C GLU A 202 2.48 -5.94 -20.14
N LYS A 203 1.46 -6.75 -19.89
CA LYS A 203 0.21 -6.33 -19.26
C LYS A 203 0.14 -6.90 -17.83
N ILE A 204 -0.37 -6.09 -16.87
CA ILE A 204 -0.54 -6.51 -15.47
C ILE A 204 -1.81 -7.37 -15.35
N TYR A 205 -1.61 -8.68 -15.23
CA TYR A 205 -2.68 -9.64 -14.98
C TYR A 205 -2.93 -9.71 -13.47
N TYR A 206 -4.20 -9.59 -13.07
CA TYR A 206 -4.63 -9.69 -11.67
C TYR A 206 -6.01 -10.37 -11.60
N ILE A 207 -6.39 -10.84 -10.41
CA ILE A 207 -7.72 -11.41 -10.16
C ILE A 207 -8.27 -10.86 -8.83
N THR A 208 -9.54 -10.44 -8.85
CA THR A 208 -10.24 -9.95 -7.65
C THR A 208 -11.28 -10.99 -7.22
N ALA A 209 -11.15 -11.50 -5.97
CA ALA A 209 -12.01 -12.58 -5.46
C ALA A 209 -12.34 -12.36 -3.99
N ASP A 210 -13.27 -13.20 -3.49
CA ASP A 210 -13.78 -13.12 -2.11
C ASP A 210 -12.79 -13.75 -1.11
N SER A 211 -12.04 -14.75 -1.60
CA SER A 211 -11.04 -15.49 -0.80
C SER A 211 -9.86 -15.89 -1.71
N TYR A 212 -8.78 -16.39 -1.09
CA TYR A 212 -7.62 -16.90 -1.84
C TYR A 212 -7.98 -18.21 -2.57
N ALA A 213 -8.82 -19.03 -1.90
CA ALA A 213 -9.28 -20.31 -2.44
C ALA A 213 -10.14 -20.09 -3.72
N ALA A 214 -11.00 -19.06 -3.67
CA ALA A 214 -11.85 -18.66 -4.81
C ALA A 214 -11.02 -18.09 -5.97
N ALA A 215 -9.95 -17.34 -5.60
CA ALA A 215 -9.03 -16.73 -6.57
C ALA A 215 -8.25 -17.82 -7.34
N LYS A 216 -7.47 -18.61 -6.58
CA LYS A 216 -6.47 -19.57 -7.13
C LYS A 216 -7.15 -20.69 -7.96
N SER A 217 -8.35 -21.14 -7.50
CA SER A 217 -9.08 -22.26 -8.13
C SER A 217 -9.64 -21.88 -9.54
N SER A 218 -9.58 -20.58 -9.88
CA SER A 218 -10.01 -20.08 -11.20
C SER A 218 -9.16 -20.71 -12.34
N PRO A 219 -9.81 -21.38 -13.36
CA PRO A 219 -9.11 -21.94 -14.54
C PRO A 219 -8.37 -20.87 -15.37
N HIS A 220 -8.75 -19.59 -15.16
CA HIS A 220 -8.11 -18.43 -15.81
C HIS A 220 -6.63 -18.32 -15.40
N LEU A 221 -6.35 -18.50 -14.10
CA LEU A 221 -4.98 -18.40 -13.54
C LEU A 221 -4.13 -19.56 -14.01
N GLU A 222 -4.69 -20.77 -13.93
CA GLU A 222 -4.02 -22.02 -14.30
C GLU A 222 -3.70 -22.08 -15.80
N LEU A 223 -4.54 -21.40 -16.59
CA LEU A 223 -4.36 -21.23 -18.03
C LEU A 223 -3.05 -20.46 -18.32
N LEU A 224 -2.87 -19.32 -17.60
CA LEU A 224 -1.73 -18.40 -17.82
C LEU A 224 -0.46 -18.95 -17.18
N ARG A 225 -0.66 -19.68 -16.07
CA ARG A 225 0.40 -20.33 -15.26
C ARG A 225 1.20 -21.30 -16.15
N LYS A 226 0.45 -22.05 -16.98
CA LYS A 226 1.02 -23.05 -17.90
C LYS A 226 1.58 -22.38 -19.16
N LYS A 227 0.99 -21.24 -19.58
CA LYS A 227 1.55 -20.42 -20.69
C LYS A 227 2.86 -19.72 -20.26
N GLY A 228 3.12 -19.68 -18.94
CA GLY A 228 4.33 -19.07 -18.38
C GLY A 228 4.19 -17.57 -18.22
N ILE A 229 3.08 -17.16 -17.57
CA ILE A 229 2.84 -15.77 -17.13
C ILE A 229 2.40 -15.80 -15.65
N GLU A 230 2.88 -14.80 -14.87
CA GLU A 230 2.56 -14.69 -13.44
C GLU A 230 1.44 -13.66 -13.24
N VAL A 231 0.47 -13.99 -12.35
CA VAL A 231 -0.74 -13.19 -12.11
C VAL A 231 -0.83 -12.81 -10.62
N LEU A 232 -1.20 -11.55 -10.33
CA LEU A 232 -1.43 -11.06 -8.95
C LEU A 232 -2.78 -11.59 -8.42
N LEU A 233 -2.82 -11.94 -7.13
CA LEU A 233 -3.95 -12.62 -6.48
C LEU A 233 -4.52 -11.71 -5.38
N LEU A 234 -5.51 -10.89 -5.77
CA LEU A 234 -6.20 -9.95 -4.87
C LEU A 234 -7.39 -10.69 -4.23
N SER A 235 -7.17 -11.20 -3.01
CA SER A 235 -8.13 -12.08 -2.31
C SER A 235 -9.04 -11.29 -1.34
N ASP A 236 -8.94 -9.95 -1.39
CA ASP A 236 -9.65 -9.03 -0.49
C ASP A 236 -10.58 -8.08 -1.30
N ARG A 237 -11.63 -7.58 -0.63
CA ARG A 237 -12.75 -6.84 -1.24
C ARG A 237 -12.35 -5.43 -1.72
N ILE A 238 -11.70 -4.68 -0.82
CA ILE A 238 -11.37 -3.24 -1.02
C ILE A 238 -10.43 -3.01 -2.23
N ASP A 239 -9.63 -4.03 -2.54
CA ASP A 239 -8.67 -4.01 -3.68
C ASP A 239 -9.39 -3.70 -4.99
N GLU A 240 -10.54 -4.39 -5.20
CA GLU A 240 -11.34 -4.29 -6.43
C GLU A 240 -11.85 -2.85 -6.66
N TRP A 241 -12.13 -2.14 -5.56
CA TRP A 241 -12.56 -0.73 -5.59
C TRP A 241 -11.38 0.15 -6.03
N MET A 242 -10.26 -0.03 -5.32
CA MET A 242 -8.99 0.71 -5.49
C MET A 242 -8.45 0.64 -6.94
N MET A 243 -8.81 -0.45 -7.65
CA MET A 243 -8.40 -0.69 -9.05
C MET A 243 -8.89 0.44 -10.01
N ASN A 244 -9.92 1.20 -9.57
CA ASN A 244 -10.53 2.28 -10.37
C ASN A 244 -9.50 3.33 -10.85
N TYR A 245 -8.53 3.66 -9.99
CA TYR A 245 -7.45 4.60 -10.34
C TYR A 245 -6.22 3.84 -10.86
N LEU A 246 -6.10 2.55 -10.48
CA LEU A 246 -4.99 1.66 -10.93
C LEU A 246 -5.29 1.09 -12.35
N THR A 247 -5.55 1.98 -13.32
CA THR A 247 -5.85 1.60 -14.72
C THR A 247 -4.56 1.25 -15.47
N GLU A 248 -3.45 1.93 -15.08
CA GLU A 248 -2.10 1.68 -15.60
C GLU A 248 -1.06 2.07 -14.53
N PHE A 249 0.02 1.27 -14.44
CA PHE A 249 1.12 1.48 -13.47
C PHE A 249 2.47 1.37 -14.19
N ASP A 250 3.25 2.48 -14.20
CA ASP A 250 4.64 2.52 -14.75
C ASP A 250 4.65 2.23 -16.28
N GLY A 251 3.49 2.45 -16.95
CA GLY A 251 3.33 2.19 -18.39
C GLY A 251 2.73 0.82 -18.68
N LYS A 252 2.54 0.01 -17.63
CA LYS A 252 2.02 -1.35 -17.71
C LYS A 252 0.47 -1.33 -17.58
N PRO A 253 -0.31 -1.65 -18.67
CA PRO A 253 -1.79 -1.66 -18.64
C PRO A 253 -2.33 -2.84 -17.81
N PHE A 254 -3.42 -2.63 -17.06
CA PHE A 254 -4.03 -3.70 -16.23
C PHE A 254 -5.00 -4.59 -17.02
N GLN A 255 -5.24 -5.80 -16.47
CA GLN A 255 -6.11 -6.82 -17.07
C GLN A 255 -6.73 -7.67 -15.95
N SER A 256 -8.05 -7.55 -15.76
CA SER A 256 -8.80 -8.47 -14.89
C SER A 256 -8.99 -9.80 -15.64
N VAL A 257 -8.43 -10.90 -15.08
CA VAL A 257 -8.54 -12.24 -15.71
C VAL A 257 -9.97 -12.80 -15.56
N SER A 258 -10.76 -12.14 -14.70
CA SER A 258 -12.19 -12.40 -14.49
C SER A 258 -12.99 -12.29 -15.83
N LYS A 259 -12.46 -11.48 -16.77
CA LYS A 259 -13.04 -11.26 -18.11
C LYS A 259 -11.96 -11.40 -19.17
N VAL A 260 -12.39 -11.54 -20.44
CA VAL A 260 -11.49 -11.81 -21.58
C VAL A 260 -11.47 -10.61 -22.55
N ASP A 261 -10.27 -10.16 -22.90
CA ASP A 261 -10.01 -9.22 -24.01
C ASP A 261 -8.93 -9.89 -24.92
N GLU A 262 -8.14 -9.10 -25.67
CA GLU A 262 -7.13 -9.64 -26.62
C GLU A 262 -6.02 -10.44 -25.91
N SER A 263 -5.82 -10.19 -24.61
CA SER A 263 -4.82 -10.89 -23.79
C SER A 263 -5.20 -12.38 -23.63
N LEU A 264 -6.42 -12.62 -23.11
CA LEU A 264 -6.90 -13.98 -22.79
C LEU A 264 -7.52 -14.66 -24.01
N GLU A 265 -7.76 -13.88 -25.08
CA GLU A 265 -8.10 -14.43 -26.41
C GLU A 265 -6.86 -15.18 -26.93
N LYS A 266 -5.70 -14.51 -26.81
CA LYS A 266 -4.42 -15.05 -27.26
C LYS A 266 -3.97 -16.19 -26.31
N LEU A 267 -4.23 -16.02 -24.99
CA LEU A 267 -3.80 -16.97 -23.92
C LEU A 267 -4.71 -18.21 -23.84
N ALA A 268 -5.80 -18.25 -24.63
CA ALA A 268 -6.75 -19.38 -24.65
C ALA A 268 -6.11 -20.65 -25.25
N LYS B 5 19.84 -1.29 14.05
CA LYS B 5 20.08 0.15 14.15
C LYS B 5 19.80 0.85 12.80
N LYS B 6 18.99 0.19 11.95
CA LYS B 6 18.72 0.66 10.59
C LYS B 6 17.73 1.86 10.60
N ILE B 7 18.31 3.07 10.71
CA ILE B 7 17.56 4.34 10.64
C ILE B 7 17.02 4.51 9.20
N GLU B 8 17.92 4.26 8.24
CA GLU B 8 17.62 4.25 6.80
C GLU B 8 18.08 2.90 6.22
N VAL B 9 19.40 2.76 6.00
CA VAL B 9 20.02 1.52 5.50
C VAL B 9 20.73 0.80 6.66
N GLU B 10 21.54 -0.24 6.34
CA GLU B 10 22.24 -1.10 7.35
C GLU B 10 23.06 -0.29 8.38
N PHE B 11 23.63 0.85 7.91
CA PHE B 11 24.43 1.76 8.75
C PHE B 11 24.48 3.16 8.10
N ASP B 12 23.52 4.04 8.48
CA ASP B 12 23.50 5.45 8.04
C ASP B 12 22.43 6.27 8.80
N LYS B 13 22.65 7.60 8.85
CA LYS B 13 21.80 8.60 9.53
C LYS B 13 20.46 8.83 8.79
N GLY B 14 20.48 8.74 7.44
CA GLY B 14 19.28 8.86 6.60
C GLY B 14 19.47 9.80 5.40
N GLN B 15 18.92 9.40 4.23
CA GLN B 15 18.81 10.26 3.04
C GLN B 15 17.59 11.20 3.21
N ARG B 16 16.38 10.58 3.25
CA ARG B 16 15.08 11.29 3.29
C ARG B 16 14.93 12.27 2.10
N THR B 17 15.48 11.86 0.95
CA THR B 17 15.47 12.64 -0.29
C THR B 17 14.04 12.73 -0.88
N ASP B 18 13.31 13.74 -0.40
CA ASP B 18 11.94 14.05 -0.82
C ASP B 18 11.94 15.19 -1.84
N LYS B 19 10.73 15.65 -2.21
CA LYS B 19 10.53 16.82 -3.08
C LYS B 19 9.49 17.77 -2.46
N TYR B 20 8.90 17.34 -1.31
CA TYR B 20 7.59 17.81 -0.83
C TYR B 20 6.57 17.72 -1.98
N GLY B 21 6.45 18.79 -2.80
CA GLY B 21 5.65 18.78 -4.03
C GLY B 21 4.14 18.66 -3.79
N ARG B 22 3.38 19.70 -4.20
CA ARG B 22 1.90 19.68 -4.25
C ARG B 22 1.25 19.57 -2.85
N GLY B 23 -0.10 19.49 -2.84
CA GLY B 23 -0.87 19.37 -1.61
C GLY B 23 -0.97 17.94 -1.12
N LEU B 24 -1.34 17.01 -2.05
CA LEU B 24 -1.51 15.56 -1.79
C LEU B 24 -2.80 15.31 -0.96
N ALA B 25 -3.42 14.12 -1.13
CA ALA B 25 -4.56 13.65 -0.30
C ALA B 25 -5.85 14.40 -0.65
N TYR B 26 -6.82 14.43 0.31
CA TYR B 26 -8.15 15.07 0.14
C TYR B 26 -8.97 14.30 -0.91
N ILE B 27 -10.18 14.81 -1.24
CA ILE B 27 -11.10 14.21 -2.26
C ILE B 27 -11.85 12.95 -1.71
N TYR B 28 -11.19 12.20 -0.80
CA TYR B 28 -11.71 10.99 -0.11
C TYR B 28 -11.62 9.73 -1.00
N ALA B 29 -11.71 8.56 -0.35
CA ALA B 29 -11.55 7.23 -1.00
C ALA B 29 -12.88 6.72 -1.62
N ASP B 30 -13.76 7.66 -1.95
CA ASP B 30 -15.04 7.43 -2.65
C ASP B 30 -15.27 8.61 -3.61
N GLY B 31 -16.37 8.56 -4.38
CA GLY B 31 -16.71 9.64 -5.34
C GLY B 31 -15.89 9.55 -6.62
N LYS B 32 -14.56 9.74 -6.49
CA LYS B 32 -13.59 9.57 -7.58
C LYS B 32 -12.92 8.17 -7.49
N MET B 33 -13.61 7.25 -6.78
CA MET B 33 -13.12 5.88 -6.54
C MET B 33 -14.32 4.90 -6.50
N VAL B 34 -14.02 3.58 -6.60
CA VAL B 34 -14.98 2.47 -6.55
C VAL B 34 -15.68 2.35 -7.92
N ASN B 35 -15.00 1.65 -8.84
CA ASN B 35 -15.49 1.35 -10.21
C ASN B 35 -14.48 0.42 -10.89
N GLU B 36 -14.93 -0.33 -11.91
CA GLU B 36 -14.07 -1.24 -12.67
C GLU B 36 -14.25 -0.93 -14.17
N ALA B 37 -13.17 -0.47 -14.81
CA ALA B 37 -13.11 -0.17 -16.25
C ALA B 37 -11.67 -0.39 -16.78
N LEU B 38 -11.00 -1.43 -16.24
CA LEU B 38 -9.57 -1.72 -16.47
C LEU B 38 -9.33 -2.65 -17.67
N VAL B 39 -10.33 -2.81 -18.55
CA VAL B 39 -10.18 -3.58 -19.81
C VAL B 39 -9.44 -2.74 -20.88
N ARG B 40 -8.15 -2.49 -20.60
CA ARG B 40 -7.26 -1.64 -21.39
C ARG B 40 -6.51 -2.51 -22.42
N GLN B 41 -5.82 -1.91 -23.40
CA GLN B 41 -5.09 -2.67 -24.44
C GLN B 41 -3.69 -3.10 -23.94
N GLY B 42 -3.31 -4.34 -24.26
CA GLY B 42 -1.97 -4.87 -23.99
C GLY B 42 -1.74 -6.16 -24.78
N LEU B 43 -0.76 -6.98 -24.37
CA LEU B 43 -0.47 -8.25 -25.07
C LEU B 43 0.03 -9.34 -24.11
N ALA B 44 0.31 -10.53 -24.69
CA ALA B 44 0.59 -11.76 -23.94
C ALA B 44 1.68 -12.61 -24.64
N LYS B 45 2.30 -13.52 -23.84
CA LYS B 45 3.31 -14.49 -24.30
C LYS B 45 2.67 -15.52 -25.25
N VAL B 46 1.97 -16.51 -24.63
CA VAL B 46 1.21 -17.62 -25.28
C VAL B 46 2.06 -18.64 -26.07
N ALA B 47 3.18 -18.21 -26.69
CA ALA B 47 3.99 -19.05 -27.59
C ALA B 47 4.74 -20.18 -26.84
N TYR B 48 3.94 -21.20 -26.46
CA TYR B 48 4.32 -22.40 -25.67
C TYR B 48 2.97 -22.95 -25.12
N VAL B 49 2.02 -23.11 -26.04
CA VAL B 49 0.60 -23.34 -25.73
C VAL B 49 0.34 -24.71 -25.03
N TYR B 50 0.15 -24.65 -23.69
CA TYR B 50 -0.36 -25.78 -22.90
C TYR B 50 -1.89 -25.68 -22.78
N LYS B 51 -2.54 -26.82 -22.96
CA LYS B 51 -4.00 -26.98 -22.80
C LYS B 51 -4.28 -28.04 -21.72
N PRO B 52 -5.54 -28.08 -21.14
CA PRO B 52 -5.96 -29.18 -20.21
C PRO B 52 -5.98 -30.57 -20.91
N ASN B 53 -6.48 -31.59 -20.18
CA ASN B 53 -6.55 -32.98 -20.68
C ASN B 53 -7.52 -33.05 -21.89
N ASN B 54 -6.97 -32.83 -23.10
CA ASN B 54 -7.75 -32.82 -24.35
C ASN B 54 -8.01 -34.23 -24.88
N THR B 55 -7.29 -35.22 -24.29
CA THR B 55 -7.47 -36.67 -24.52
C THR B 55 -7.48 -37.04 -26.04
N HIS B 56 -8.05 -38.23 -26.39
CA HIS B 56 -8.20 -38.72 -27.77
C HIS B 56 -6.85 -39.21 -28.34
N GLU B 57 -5.96 -38.24 -28.71
CA GLU B 57 -4.58 -38.48 -29.21
C GLU B 57 -4.55 -39.04 -30.67
N GLN B 58 -5.12 -40.26 -30.86
CA GLN B 58 -5.17 -40.97 -32.17
C GLN B 58 -5.69 -40.05 -33.29
N HIS B 59 -4.79 -39.68 -34.21
CA HIS B 59 -5.05 -38.68 -35.27
C HIS B 59 -5.82 -39.29 -36.44
N LEU B 60 -5.54 -40.59 -36.73
CA LEU B 60 -6.08 -41.34 -37.88
C LEU B 60 -5.58 -40.72 -39.21
N ARG B 61 -6.16 -39.58 -39.62
CA ARG B 61 -5.71 -38.78 -40.78
C ARG B 61 -4.86 -37.61 -40.28
N LYS B 62 -3.78 -37.28 -41.03
CA LYS B 62 -2.90 -36.11 -40.79
C LYS B 62 -2.11 -36.25 -39.47
N SER B 63 -0.97 -35.55 -39.38
CA SER B 63 -0.04 -35.64 -38.25
C SER B 63 0.61 -37.06 -38.21
N GLU B 64 1.33 -37.40 -37.11
CA GLU B 64 2.09 -38.66 -36.95
C GLU B 64 3.31 -38.66 -37.91
N ALA B 65 3.02 -38.84 -39.22
CA ALA B 65 4.04 -38.80 -40.30
C ALA B 65 4.64 -37.39 -40.52
N GLN B 66 4.11 -36.40 -39.77
CA GLN B 66 4.59 -34.99 -39.76
C GLN B 66 6.00 -34.83 -39.13
N ALA B 67 6.55 -35.94 -38.58
CA ALA B 67 7.88 -35.98 -37.93
C ALA B 67 8.95 -35.29 -38.81
N LYS B 68 9.28 -34.05 -38.40
CA LYS B 68 10.15 -33.15 -39.19
C LYS B 68 11.58 -33.70 -39.29
N LYS B 69 11.96 -34.07 -40.53
CA LYS B 69 13.31 -34.54 -40.85
C LYS B 69 13.61 -34.17 -42.30
N GLU B 70 14.67 -33.35 -42.47
CA GLU B 70 15.08 -32.72 -43.75
C GLU B 70 14.11 -31.57 -44.09
N LYS B 71 12.80 -31.90 -44.27
CA LYS B 71 11.73 -30.93 -44.51
C LYS B 71 11.98 -30.18 -45.85
N LEU B 72 12.72 -29.06 -45.77
CA LEU B 72 13.02 -28.15 -46.88
C LEU B 72 14.34 -27.44 -46.52
N ASN B 73 15.28 -27.41 -47.48
CA ASN B 73 16.65 -26.84 -47.33
C ASN B 73 17.58 -27.81 -46.55
N ILE B 74 17.05 -29.02 -46.22
CA ILE B 74 17.72 -30.03 -45.35
C ILE B 74 17.74 -29.55 -43.88
N TRP B 75 18.40 -28.41 -43.62
CA TRP B 75 18.29 -27.68 -42.35
C TRP B 75 17.17 -26.61 -42.51
N ALA A 4 16.81 13.23 31.55
CA ALA A 4 16.02 14.39 32.00
C ALA A 4 16.10 15.52 30.95
N GLN A 5 15.43 15.29 29.80
CA GLN A 5 15.35 16.25 28.68
C GLN A 5 14.27 15.78 27.69
N ALA A 6 13.51 16.74 27.12
CA ALA A 6 12.53 16.48 26.06
C ALA A 6 13.21 15.85 24.83
N LEU A 7 12.90 14.57 24.58
CA LEU A 7 13.57 13.75 23.55
C LEU A 7 13.43 14.36 22.14
N TRP A 8 12.19 14.70 21.77
CA TRP A 8 11.85 15.13 20.40
C TRP A 8 12.59 16.42 19.97
N THR A 9 12.88 17.33 20.92
CA THR A 9 13.49 18.64 20.60
C THR A 9 15.02 18.56 20.49
N ARG A 10 15.62 17.42 20.89
CA ARG A 10 17.08 17.22 20.79
C ARG A 10 17.48 16.92 19.33
N ASN A 11 18.78 17.08 19.04
CA ASN A 11 19.34 16.71 17.73
C ASN A 11 19.38 15.17 17.58
N LYS A 12 19.45 14.73 16.32
CA LYS A 12 19.36 13.30 15.95
C LYS A 12 20.56 12.49 16.48
N SER A 13 21.72 13.17 16.59
CA SER A 13 22.98 12.57 17.08
C SER A 13 22.90 12.22 18.59
N GLU A 14 22.08 12.98 19.33
CA GLU A 14 21.96 12.83 20.80
C GLU A 14 21.11 11.60 21.19
N ILE A 15 20.27 11.16 20.25
CA ILE A 15 19.22 10.16 20.52
C ILE A 15 19.58 8.82 19.83
N THR A 16 19.74 7.74 20.61
CA THR A 16 19.98 6.40 20.06
C THR A 16 18.64 5.72 19.69
N ASP A 17 18.74 4.56 19.04
CA ASP A 17 17.57 3.77 18.59
C ASP A 17 16.73 3.26 19.77
N GLU A 18 17.41 2.92 20.89
CA GLU A 18 16.78 2.50 22.14
C GLU A 18 15.87 3.62 22.69
N GLU A 19 16.40 4.86 22.63
CA GLU A 19 15.70 6.06 23.08
C GLU A 19 14.38 6.26 22.30
N TYR A 20 14.44 6.11 20.96
CA TYR A 20 13.25 6.22 20.10
C TYR A 20 12.18 5.17 20.45
N LYS A 21 12.63 3.92 20.66
CA LYS A 21 11.74 2.78 20.96
C LYS A 21 11.00 2.97 22.31
N GLU A 22 11.74 3.40 23.35
CA GLU A 22 11.18 3.62 24.70
C GLU A 22 10.24 4.84 24.73
N PHE A 23 10.58 5.85 23.90
CA PHE A 23 9.80 7.08 23.79
C PHE A 23 8.45 6.82 23.11
N TYR A 24 8.46 5.93 22.09
CA TYR A 24 7.24 5.49 21.40
C TYR A 24 6.27 4.83 22.40
N LYS A 25 6.81 3.92 23.22
CA LYS A 25 6.04 3.21 24.25
C LYS A 25 5.37 4.20 25.22
N HIS A 26 6.14 5.22 25.62
CA HIS A 26 5.68 6.28 26.54
C HIS A 26 4.49 7.06 25.96
N ILE A 27 4.66 7.56 24.73
CA ILE A 27 3.70 8.48 24.09
C ILE A 27 2.44 7.74 23.56
N ALA A 28 2.58 6.42 23.29
CA ALA A 28 1.46 5.59 22.81
C ALA A 28 0.69 4.99 23.99
N HIS A 29 1.26 5.12 25.22
CA HIS A 29 0.70 4.57 26.47
C HIS A 29 0.60 3.03 26.39
N ASP A 30 1.59 2.45 25.68
CA ASP A 30 1.67 1.02 25.40
C ASP A 30 3.13 0.56 25.65
N PHE A 31 3.47 -0.68 25.29
CA PHE A 31 4.85 -1.19 25.38
C PHE A 31 5.25 -1.81 24.04
N ASN A 32 4.66 -1.28 22.96
CA ASN A 32 4.87 -1.77 21.59
C ASN A 32 6.26 -1.34 21.08
N ASP A 33 7.01 -2.27 20.50
CA ASP A 33 8.30 -1.97 19.87
C ASP A 33 8.06 -1.52 18.41
N PRO A 34 8.53 -0.29 18.01
CA PRO A 34 8.38 0.19 16.63
C PRO A 34 9.37 -0.50 15.65
N LEU A 35 8.85 -0.84 14.46
CA LEU A 35 9.63 -1.48 13.37
C LEU A 35 10.65 -0.49 12.79
N THR A 36 10.20 0.74 12.56
CA THR A 36 11.04 1.83 12.02
C THR A 36 10.43 3.20 12.38
N TRP A 37 11.17 4.27 12.10
CA TRP A 37 10.79 5.65 12.47
C TRP A 37 11.52 6.69 11.61
N SER A 38 11.17 7.96 11.82
CA SER A 38 11.84 9.12 11.23
C SER A 38 11.75 10.29 12.22
N HIS A 39 12.89 10.96 12.48
CA HIS A 39 12.94 12.14 13.32
C HIS A 39 13.45 13.29 12.45
N ASN A 40 12.51 14.07 11.93
CA ASN A 40 12.81 15.11 10.94
C ASN A 40 12.43 16.47 11.54
N ARG A 41 13.39 17.40 11.60
CA ARG A 41 13.16 18.77 12.08
C ARG A 41 13.27 19.73 10.90
N VAL A 42 12.26 20.59 10.78
CA VAL A 42 12.16 21.59 9.72
C VAL A 42 12.15 22.97 10.37
N GLU A 43 12.90 23.89 9.77
CA GLU A 43 13.07 25.25 10.29
C GLU A 43 13.27 26.18 9.06
N GLY A 44 12.68 27.38 9.11
CA GLY A 44 12.75 28.34 8.01
C GLY A 44 11.44 29.07 7.89
N LYS A 45 10.60 28.62 6.96
CA LYS A 45 9.25 29.17 6.75
C LYS A 45 8.29 28.57 7.80
N GLN A 46 8.12 27.23 7.74
CA GLN A 46 7.32 26.48 8.75
C GLN A 46 8.30 25.74 9.69
N GLU A 47 8.39 26.19 10.96
CA GLU A 47 9.28 25.58 11.96
C GLU A 47 8.48 24.60 12.83
N TYR A 48 8.72 23.30 12.60
CA TYR A 48 8.10 22.20 13.36
C TYR A 48 9.10 21.05 13.50
N THR A 49 8.84 20.18 14.47
CA THR A 49 9.69 19.01 14.75
C THR A 49 8.81 17.75 14.70
N SER A 50 8.99 16.91 13.69
CA SER A 50 8.21 15.69 13.52
C SER A 50 9.04 14.48 13.95
N LEU A 51 8.35 13.50 14.56
CA LEU A 51 8.95 12.25 15.04
C LEU A 51 7.86 11.17 15.00
N LEU A 52 7.89 10.39 13.91
CA LEU A 52 6.84 9.40 13.58
C LEU A 52 7.39 7.97 13.78
N TYR A 53 6.49 7.01 14.05
CA TYR A 53 6.85 5.60 14.32
C TYR A 53 5.87 4.67 13.60
N ILE A 54 6.35 3.46 13.25
CA ILE A 54 5.55 2.38 12.66
C ILE A 54 5.38 1.26 13.70
N PRO A 55 4.12 0.94 14.15
CA PRO A 55 3.85 -0.16 15.11
C PRO A 55 4.10 -1.57 14.50
N SER A 56 4.47 -2.52 15.35
CA SER A 56 4.65 -3.95 14.96
C SER A 56 3.31 -4.71 14.99
N GLN A 57 2.28 -4.10 15.59
CA GLN A 57 0.98 -4.74 15.82
C GLN A 57 -0.17 -3.74 15.60
N ALA A 58 -1.27 -4.23 14.98
CA ALA A 58 -2.53 -3.50 14.87
C ALA A 58 -3.29 -3.57 16.21
N PRO A 59 -3.58 -2.41 16.87
CA PRO A 59 -4.46 -2.39 18.06
C PRO A 59 -5.95 -2.57 17.68
N TRP A 60 -6.82 -2.73 18.69
CA TRP A 60 -8.28 -2.76 18.51
C TRP A 60 -8.77 -1.39 17.96
N ASP A 61 -8.06 -0.33 18.38
CA ASP A 61 -8.37 1.06 18.01
C ASP A 61 -7.99 1.39 16.55
N MET A 62 -7.46 0.41 15.82
CA MET A 62 -7.17 0.57 14.38
C MET A 62 -8.46 0.40 13.55
N TRP A 63 -9.48 -0.23 14.17
CA TRP A 63 -10.75 -0.59 13.51
C TRP A 63 -11.95 -0.12 14.34
N ASN A 64 -11.70 0.72 15.37
CA ASN A 64 -12.75 1.24 16.26
C ASN A 64 -13.60 2.32 15.56
N ARG A 65 -14.81 2.57 16.07
CA ARG A 65 -15.80 3.45 15.41
C ARG A 65 -15.57 4.93 15.76
N ASP A 66 -14.80 5.18 16.84
CA ASP A 66 -14.40 6.53 17.27
C ASP A 66 -13.02 6.85 16.72
N HIS A 67 -12.63 8.12 16.68
CA HIS A 67 -11.29 8.51 16.18
C HIS A 67 -10.25 8.10 17.23
N LYS A 68 -9.13 7.57 16.77
CA LYS A 68 -8.01 7.23 17.66
C LYS A 68 -6.68 7.43 16.93
N HIS A 69 -6.69 7.17 15.62
CA HIS A 69 -5.52 7.38 14.78
C HIS A 69 -5.13 8.87 14.73
N GLY A 70 -3.81 9.15 14.75
CA GLY A 70 -3.29 10.51 14.65
C GLY A 70 -2.04 10.76 15.47
N LEU A 71 -1.56 12.02 15.41
CA LEU A 71 -0.27 12.43 16.02
C LEU A 71 -0.51 13.32 17.25
N LYS A 72 0.51 13.42 18.10
CA LYS A 72 0.43 14.20 19.34
C LYS A 72 1.00 15.62 19.11
N LEU A 73 0.12 16.61 19.15
CA LEU A 73 0.49 18.01 18.89
C LEU A 73 1.06 18.68 20.16
N TYR A 74 2.26 19.24 19.98
CA TYR A 74 2.95 20.10 20.96
C TYR A 74 3.23 21.44 20.30
N VAL A 75 3.19 22.52 21.08
CA VAL A 75 3.63 23.86 20.66
C VAL A 75 4.58 24.39 21.74
N GLN A 76 5.86 24.57 21.37
CA GLN A 76 6.92 25.10 22.26
C GLN A 76 7.23 24.10 23.38
N ARG A 77 7.30 22.80 22.99
CA ARG A 77 7.54 21.63 23.88
C ARG A 77 6.38 21.40 24.89
N VAL A 78 5.30 22.20 24.76
CA VAL A 78 4.14 22.14 25.65
C VAL A 78 3.05 21.32 24.98
N PHE A 79 2.57 20.28 25.68
CA PHE A 79 1.49 19.42 25.21
C PHE A 79 0.19 20.23 25.03
N ILE A 80 -0.34 20.21 23.80
CA ILE A 80 -1.59 20.92 23.45
C ILE A 80 -2.74 19.90 23.42
N MET A 81 -2.64 18.94 22.49
CA MET A 81 -3.66 17.92 22.26
C MET A 81 -3.04 16.76 21.49
N ASP A 82 -3.21 15.53 21.99
CA ASP A 82 -2.73 14.33 21.30
C ASP A 82 -3.82 13.79 20.36
N ASP A 83 -3.49 12.70 19.65
CA ASP A 83 -4.47 11.82 18.97
C ASP A 83 -5.18 12.56 17.80
N ALA A 84 -4.50 13.56 17.22
CA ALA A 84 -5.06 14.43 16.18
C ALA A 84 -4.76 13.85 14.78
N GLU A 85 -5.81 13.29 14.15
CA GLU A 85 -5.74 12.71 12.77
C GLU A 85 -5.64 13.80 11.70
N GLN A 86 -5.80 15.05 12.11
CA GLN A 86 -5.75 16.21 11.20
C GLN A 86 -4.33 16.46 10.64
N PHE A 87 -3.34 15.76 11.19
CA PHE A 87 -1.94 15.78 10.71
C PHE A 87 -1.64 14.65 9.71
N MET A 88 -2.54 13.66 9.63
CA MET A 88 -2.25 12.40 8.91
C MET A 88 -3.49 11.92 8.13
N PRO A 89 -3.38 11.58 6.80
CA PRO A 89 -4.53 11.02 6.03
C PRO A 89 -4.98 9.65 6.60
N ASN A 90 -6.22 9.24 6.28
CA ASN A 90 -6.90 8.09 6.91
C ASN A 90 -6.27 6.74 6.48
N TYR A 91 -5.63 6.71 5.29
CA TYR A 91 -4.91 5.50 4.81
C TYR A 91 -3.58 5.30 5.55
N LEU A 92 -3.15 6.33 6.29
CA LEU A 92 -1.98 6.27 7.17
C LEU A 92 -2.44 6.34 8.63
N ARG A 93 -3.56 5.67 8.94
CA ARG A 93 -4.16 5.68 10.30
C ARG A 93 -3.23 4.97 11.33
N PHE A 94 -2.34 4.10 10.82
CA PHE A 94 -1.39 3.32 11.64
C PHE A 94 -0.28 4.19 12.27
N VAL A 95 -0.02 5.37 11.69
CA VAL A 95 1.09 6.24 12.12
C VAL A 95 0.82 6.80 13.53
N ARG A 96 1.73 6.47 14.46
CA ARG A 96 1.75 7.02 15.81
C ARG A 96 3.07 7.77 16.01
N GLY A 97 2.97 8.95 16.61
CA GLY A 97 4.11 9.80 16.85
C GLY A 97 3.66 11.15 17.37
N LEU A 98 4.45 12.20 17.09
CA LEU A 98 4.19 13.55 17.60
C LEU A 98 4.80 14.60 16.67
N ILE A 99 4.43 15.86 16.93
CA ILE A 99 4.89 17.01 16.18
C ILE A 99 4.88 18.27 17.07
N ASP A 100 6.09 18.81 17.37
CA ASP A 100 6.26 20.06 18.12
C ASP A 100 6.45 21.23 17.15
N SER A 101 5.36 21.95 16.91
CA SER A 101 5.32 23.09 16.01
C SER A 101 5.47 24.39 16.79
N SER A 102 6.52 25.17 16.47
CA SER A 102 6.71 26.53 17.02
C SER A 102 5.97 27.55 16.12
N ASP A 103 5.43 27.05 15.00
CA ASP A 103 4.64 27.82 14.03
C ASP A 103 3.17 27.90 14.44
N LEU A 104 2.57 26.73 14.72
CA LEU A 104 1.15 26.62 15.11
C LEU A 104 0.90 27.37 16.44
N PRO A 105 -0.24 28.15 16.56
CA PRO A 105 -0.59 28.91 17.80
C PRO A 105 -0.65 28.04 19.07
N LEU A 106 -0.61 28.66 20.26
CA LEU A 106 -0.74 27.92 21.54
C LEU A 106 -2.22 27.49 21.75
N ASN A 107 -3.14 28.21 21.08
CA ASN A 107 -4.62 27.97 21.16
C ASN A 107 -5.09 26.99 20.07
N VAL A 108 -4.15 26.35 19.35
CA VAL A 108 -4.47 25.49 18.20
C VAL A 108 -5.31 24.25 18.64
N SER A 109 -6.51 24.14 18.08
CA SER A 109 -7.47 23.05 18.38
C SER A 109 -7.68 22.20 17.11
N ARG A 110 -8.48 21.12 17.22
CA ARG A 110 -8.85 20.26 16.07
C ARG A 110 -9.61 21.08 15.00
N GLU A 111 -10.30 22.13 15.47
CA GLU A 111 -11.05 23.07 14.63
C GLU A 111 -10.08 23.90 13.77
N ILE A 112 -8.97 24.35 14.37
CA ILE A 112 -7.89 25.06 13.64
C ILE A 112 -7.20 24.09 12.68
N LEU A 113 -6.96 22.86 13.15
CA LEU A 113 -6.29 21.82 12.37
C LEU A 113 -7.14 21.37 11.15
N GLN A 114 -8.47 21.54 11.26
CA GLN A 114 -9.43 21.19 10.20
C GLN A 114 -9.60 22.36 9.20
N ASP A 115 -9.86 23.55 9.75
CA ASP A 115 -10.34 24.70 8.97
C ASP A 115 -9.19 25.52 8.33
N SER A 116 -7.99 25.45 8.92
CA SER A 116 -6.83 26.24 8.45
C SER A 116 -6.06 25.49 7.35
N THR A 117 -5.57 26.27 6.37
CA THR A 117 -4.81 25.76 5.23
C THR A 117 -3.38 25.34 5.65
N VAL A 118 -2.87 25.93 6.76
CA VAL A 118 -1.48 25.72 7.20
C VAL A 118 -1.25 24.26 7.68
N THR A 119 -2.28 23.67 8.31
CA THR A 119 -2.23 22.28 8.80
C THR A 119 -2.46 21.29 7.64
N ARG A 120 -3.23 21.72 6.63
CA ARG A 120 -3.46 20.95 5.39
C ARG A 120 -2.14 20.83 4.59
N ASN A 121 -1.40 21.94 4.56
CA ASN A 121 -0.08 22.06 3.91
C ASN A 121 0.97 21.26 4.72
N LEU A 122 0.83 21.30 6.05
CA LEU A 122 1.71 20.59 7.00
C LEU A 122 1.54 19.06 6.85
N ARG A 123 0.27 18.64 6.69
CA ARG A 123 -0.11 17.21 6.53
C ARG A 123 0.58 16.62 5.29
N ASN A 124 0.61 17.42 4.22
CA ASN A 124 1.20 17.05 2.92
C ASN A 124 2.68 16.67 3.08
N ALA A 125 3.39 17.45 3.92
CA ALA A 125 4.81 17.24 4.23
C ALA A 125 5.03 16.02 5.14
N LEU A 126 4.15 15.84 6.13
CA LEU A 126 4.21 14.74 7.13
C LEU A 126 4.03 13.37 6.45
N THR A 127 3.13 13.32 5.46
CA THR A 127 2.81 12.10 4.68
C THR A 127 4.03 11.60 3.90
N LYS A 128 4.93 12.53 3.50
CA LYS A 128 6.19 12.19 2.80
C LYS A 128 7.12 11.38 3.70
N ARG A 129 7.20 11.78 4.98
CA ARG A 129 8.02 11.07 5.99
C ARG A 129 7.54 9.62 6.14
N VAL A 130 6.21 9.43 6.05
CA VAL A 130 5.61 8.10 6.23
C VAL A 130 5.82 7.21 4.99
N LEU A 131 5.46 7.70 3.79
CA LEU A 131 5.46 6.88 2.54
C LEU A 131 6.88 6.41 2.16
N GLN A 132 7.88 7.28 2.42
CA GLN A 132 9.30 6.96 2.19
C GLN A 132 9.84 6.04 3.31
N MET A 133 9.22 6.12 4.51
CA MET A 133 9.51 5.23 5.66
C MET A 133 8.87 3.84 5.43
N LEU A 134 7.74 3.82 4.70
CA LEU A 134 7.00 2.59 4.38
C LEU A 134 7.75 1.79 3.32
N GLU A 135 8.36 2.51 2.35
CA GLU A 135 9.18 1.88 1.31
C GLU A 135 10.61 1.63 1.82
N LYS A 136 11.02 2.37 2.88
CA LYS A 136 12.21 1.98 3.66
C LYS A 136 11.92 0.64 4.34
N LEU A 137 10.71 0.50 4.87
CA LEU A 137 10.25 -0.74 5.51
C LEU A 137 10.12 -1.85 4.44
N ALA A 138 9.73 -1.47 3.21
CA ALA A 138 9.53 -2.41 2.08
C ALA A 138 10.86 -2.86 1.44
N LYS A 139 11.91 -2.00 1.52
CA LYS A 139 13.23 -2.29 0.93
C LYS A 139 14.20 -2.79 2.01
N ASP A 140 14.45 -1.92 2.99
CA ASP A 140 15.48 -2.09 4.02
C ASP A 140 15.06 -3.18 5.02
N ASP A 141 13.76 -3.19 5.38
CA ASP A 141 13.27 -4.00 6.51
C ASP A 141 12.19 -4.99 6.02
N ALA A 142 12.59 -5.90 5.12
CA ALA A 142 11.65 -6.82 4.42
C ALA A 142 10.87 -7.74 5.39
N GLU A 143 11.57 -8.22 6.44
CA GLU A 143 11.01 -9.10 7.48
C GLU A 143 9.90 -8.34 8.26
N LYS A 144 10.20 -7.07 8.59
CA LYS A 144 9.30 -6.19 9.34
C LYS A 144 8.07 -5.79 8.50
N TYR A 145 8.25 -5.68 7.17
CA TYR A 145 7.17 -5.28 6.25
C TYR A 145 6.21 -6.45 6.00
N GLN A 146 6.74 -7.68 6.09
CA GLN A 146 5.92 -8.90 6.00
C GLN A 146 5.06 -9.07 7.28
N THR A 147 5.50 -8.46 8.38
CA THR A 147 4.69 -8.33 9.61
C THR A 147 3.67 -7.18 9.44
N PHE A 148 4.14 -6.07 8.87
CA PHE A 148 3.37 -4.82 8.71
C PHE A 148 2.13 -5.01 7.82
N TRP A 149 2.30 -5.71 6.69
CA TRP A 149 1.22 -5.94 5.72
C TRP A 149 0.14 -6.88 6.30
N GLN A 150 0.56 -7.71 7.26
CA GLN A 150 -0.34 -8.63 7.98
C GLN A 150 -1.13 -7.90 9.09
N GLN A 151 -0.65 -6.70 9.51
CA GLN A 151 -1.30 -5.90 10.56
C GLN A 151 -2.13 -4.74 9.97
N PHE A 152 -1.58 -4.10 8.93
CA PHE A 152 -2.08 -2.80 8.40
C PHE A 152 -2.23 -2.84 6.87
N GLY A 153 -2.20 -4.05 6.29
CA GLY A 153 -2.27 -4.22 4.83
C GLY A 153 -3.57 -3.75 4.22
N LEU A 154 -4.66 -3.96 4.97
CA LEU A 154 -6.03 -3.59 4.53
C LEU A 154 -6.20 -2.05 4.50
N VAL A 155 -5.43 -1.38 5.37
CA VAL A 155 -5.47 0.08 5.57
C VAL A 155 -4.80 0.82 4.39
N LEU A 156 -3.64 0.29 3.93
CA LEU A 156 -2.82 0.91 2.87
C LEU A 156 -3.56 0.87 1.49
N LYS A 157 -4.64 0.07 1.42
CA LYS A 157 -5.46 -0.11 0.20
C LYS A 157 -6.44 1.06 -0.03
N GLU A 158 -6.64 1.88 1.01
CA GLU A 158 -7.37 3.17 0.90
C GLU A 158 -6.47 4.21 0.19
N GLY A 159 -5.14 3.91 0.13
CA GLY A 159 -4.10 4.80 -0.38
C GLY A 159 -4.34 5.40 -1.77
N PRO A 160 -4.40 4.55 -2.85
CA PRO A 160 -4.61 5.05 -4.24
C PRO A 160 -5.85 5.95 -4.39
N ALA A 161 -6.96 5.52 -3.75
CA ALA A 161 -8.26 6.21 -3.82
C ALA A 161 -8.24 7.57 -3.11
N GLU A 162 -7.41 7.69 -2.05
CA GLU A 162 -7.31 8.92 -1.25
C GLU A 162 -6.35 9.91 -1.92
N ASP A 163 -5.12 9.46 -2.16
CA ASP A 163 -4.07 10.28 -2.79
C ASP A 163 -3.67 9.66 -4.13
N PHE A 164 -4.07 10.31 -5.23
CA PHE A 164 -3.82 9.82 -6.60
C PHE A 164 -2.42 10.23 -7.09
N ALA A 165 -1.86 11.29 -6.49
CA ALA A 165 -0.57 11.87 -6.96
C ALA A 165 0.61 10.94 -6.65
N ASN A 166 0.64 10.43 -5.41
CA ASN A 166 1.72 9.55 -4.91
C ASN A 166 1.30 8.06 -5.00
N GLN A 167 0.21 7.81 -5.77
CA GLN A 167 -0.35 6.46 -6.01
C GLN A 167 0.70 5.46 -6.56
N GLU A 168 1.71 6.00 -7.28
CA GLU A 168 2.83 5.22 -7.83
C GLU A 168 3.67 4.58 -6.70
N ALA A 169 4.02 5.39 -5.68
CA ALA A 169 4.77 4.94 -4.50
C ALA A 169 3.97 3.91 -3.71
N ILE A 170 2.67 4.22 -3.53
CA ILE A 170 1.70 3.37 -2.84
C ILE A 170 1.51 2.02 -3.59
N ALA A 171 1.63 2.05 -4.93
CA ALA A 171 1.55 0.85 -5.78
C ALA A 171 2.72 -0.12 -5.52
N LYS A 172 3.91 0.47 -5.26
CA LYS A 172 5.14 -0.27 -4.91
C LYS A 172 5.06 -0.83 -3.47
N LEU A 173 4.15 -0.24 -2.66
CA LEU A 173 3.87 -0.70 -1.28
C LEU A 173 2.85 -1.85 -1.29
N LEU A 174 1.89 -1.81 -2.22
CA LEU A 174 0.80 -2.81 -2.30
C LEU A 174 1.36 -4.21 -2.58
N ARG A 175 1.04 -5.16 -1.69
CA ARG A 175 1.56 -6.53 -1.72
C ARG A 175 0.43 -7.51 -2.00
N PHE A 176 0.56 -8.21 -3.11
CA PHE A 176 -0.34 -9.28 -3.52
C PHE A 176 0.50 -10.57 -3.65
N ALA A 177 -0.16 -11.72 -3.65
CA ALA A 177 0.52 -13.01 -3.92
C ALA A 177 0.65 -13.19 -5.44
N SER A 178 1.31 -14.26 -5.89
CA SER A 178 1.50 -14.51 -7.32
C SER A 178 1.51 -16.03 -7.62
N THR A 179 1.37 -16.37 -8.91
CA THR A 179 1.40 -17.78 -9.39
C THR A 179 2.85 -18.29 -9.54
N HIS A 180 3.83 -17.43 -9.18
CA HIS A 180 5.25 -17.79 -9.07
C HIS A 180 5.46 -18.80 -7.92
N THR A 181 4.70 -18.58 -6.84
CA THR A 181 4.83 -19.35 -5.59
C THR A 181 3.43 -19.65 -5.01
N ASP A 182 3.24 -20.88 -4.48
CA ASP A 182 1.97 -21.30 -3.83
C ASP A 182 1.92 -20.85 -2.35
N SER A 183 2.49 -19.66 -2.06
CA SER A 183 2.54 -19.06 -0.72
C SER A 183 1.38 -18.07 -0.54
N SER A 184 0.63 -18.21 0.58
CA SER A 184 -0.45 -17.29 0.95
C SER A 184 0.09 -15.92 1.38
N ALA A 185 1.39 -15.89 1.76
CA ALA A 185 2.09 -14.66 2.11
C ALA A 185 2.16 -13.73 0.89
N GLN A 186 1.38 -12.64 0.94
CA GLN A 186 1.39 -11.58 -0.08
C GLN A 186 2.67 -10.73 0.08
N THR A 187 3.72 -11.09 -0.68
CA THR A 187 5.04 -10.44 -0.59
C THR A 187 5.40 -9.66 -1.88
N VAL A 188 4.79 -10.04 -3.02
CA VAL A 188 5.13 -9.45 -4.33
C VAL A 188 4.41 -8.10 -4.53
N SER A 189 5.21 -7.04 -4.77
CA SER A 189 4.67 -5.71 -5.12
C SER A 189 4.47 -5.60 -6.64
N LEU A 190 3.85 -4.49 -7.07
CA LEU A 190 3.70 -4.18 -8.50
C LEU A 190 5.07 -3.85 -9.13
N GLU A 191 5.98 -3.33 -8.29
CA GLU A 191 7.38 -3.09 -8.66
C GLU A 191 8.12 -4.42 -8.93
N ASP A 192 7.92 -5.40 -8.00
CA ASP A 192 8.52 -6.75 -8.05
C ASP A 192 7.92 -7.56 -9.21
N TYR A 193 6.70 -7.17 -9.61
CA TYR A 193 6.02 -7.74 -10.78
C TYR A 193 6.63 -7.22 -12.11
N VAL A 194 6.75 -5.88 -12.24
CA VAL A 194 7.24 -5.23 -13.48
C VAL A 194 8.71 -5.61 -13.76
N SER A 195 9.49 -5.80 -12.69
CA SER A 195 10.90 -6.26 -12.76
C SER A 195 10.97 -7.77 -13.14
N ARG A 196 9.84 -8.47 -13.04
CA ARG A 196 9.73 -9.93 -13.31
C ARG A 196 8.80 -10.18 -14.54
N MET A 197 8.34 -9.09 -15.19
CA MET A 197 7.33 -9.14 -16.27
C MET A 197 7.85 -9.81 -17.55
N LYS A 198 6.92 -10.47 -18.28
CA LYS A 198 7.23 -11.22 -19.51
C LYS A 198 7.21 -10.31 -20.76
N GLU A 199 7.80 -10.84 -21.85
CA GLU A 199 7.71 -10.25 -23.19
C GLU A 199 6.27 -10.38 -23.76
N GLY A 200 5.79 -9.31 -24.42
CA GLY A 200 4.44 -9.26 -24.98
C GLY A 200 3.34 -9.12 -23.92
N GLN A 201 3.76 -8.94 -22.66
CA GLN A 201 2.86 -8.81 -21.51
C GLN A 201 2.86 -7.34 -21.05
N GLU A 202 2.28 -6.45 -21.88
CA GLU A 202 2.20 -4.99 -21.57
C GLU A 202 1.12 -4.67 -20.52
N LYS A 203 0.32 -5.68 -20.15
CA LYS A 203 -0.75 -5.53 -19.17
C LYS A 203 -0.49 -6.43 -17.96
N ILE A 204 -0.95 -5.99 -16.78
CA ILE A 204 -0.79 -6.72 -15.51
C ILE A 204 -2.11 -7.44 -15.16
N TYR A 205 -2.05 -8.75 -14.91
CA TYR A 205 -3.23 -9.61 -14.74
C TYR A 205 -3.49 -9.93 -13.25
N TYR A 206 -4.72 -9.61 -12.76
CA TYR A 206 -5.12 -9.78 -11.35
C TYR A 206 -6.38 -10.64 -11.23
N ILE A 207 -6.51 -11.34 -10.09
CA ILE A 207 -7.74 -12.06 -9.72
C ILE A 207 -8.06 -11.80 -8.23
N THR A 208 -9.25 -11.23 -7.98
CA THR A 208 -9.73 -10.91 -6.63
C THR A 208 -10.83 -11.89 -6.21
N ALA A 209 -10.77 -12.32 -4.95
CA ALA A 209 -11.72 -13.29 -4.37
C ALA A 209 -12.00 -12.97 -2.90
N ASP A 210 -12.87 -13.77 -2.28
CA ASP A 210 -13.18 -13.68 -0.84
C ASP A 210 -12.09 -14.42 -0.02
N SER A 211 -11.26 -15.23 -0.72
CA SER A 211 -10.19 -16.06 -0.12
C SER A 211 -9.04 -16.23 -1.12
N TYR A 212 -7.80 -16.42 -0.58
CA TYR A 212 -6.60 -16.67 -1.39
C TYR A 212 -6.75 -17.98 -2.19
N ALA A 213 -7.13 -19.05 -1.48
CA ALA A 213 -7.29 -20.39 -2.07
C ALA A 213 -8.39 -20.42 -3.14
N ALA A 214 -9.44 -19.60 -2.95
CA ALA A 214 -10.55 -19.47 -3.91
C ALA A 214 -10.05 -18.92 -5.26
N ALA A 215 -9.29 -17.81 -5.17
CA ALA A 215 -8.64 -17.19 -6.35
C ALA A 215 -7.70 -18.19 -7.02
N LYS A 216 -6.85 -18.81 -6.19
CA LYS A 216 -5.76 -19.73 -6.59
C LYS A 216 -6.28 -20.98 -7.35
N SER A 217 -7.46 -21.48 -6.95
CA SER A 217 -8.04 -22.72 -7.53
C SER A 217 -8.81 -22.44 -8.85
N SER A 218 -8.87 -21.17 -9.26
CA SER A 218 -9.53 -20.76 -10.51
C SER A 218 -8.66 -21.12 -11.75
N PRO A 219 -9.22 -21.86 -12.77
CA PRO A 219 -8.47 -22.23 -14.00
C PRO A 219 -8.32 -21.07 -15.03
N HIS A 220 -8.94 -19.89 -14.76
CA HIS A 220 -8.83 -18.72 -15.68
C HIS A 220 -7.42 -18.11 -15.61
N LEU A 221 -6.85 -18.04 -14.40
CA LEU A 221 -5.48 -17.57 -14.19
C LEU A 221 -4.47 -18.62 -14.66
N GLU A 222 -4.89 -19.89 -14.60
CA GLU A 222 -4.06 -21.03 -14.98
C GLU A 222 -3.94 -21.14 -16.52
N LEU A 223 -4.96 -20.58 -17.22
CA LEU A 223 -4.91 -20.35 -18.67
C LEU A 223 -3.74 -19.41 -19.01
N LEU A 224 -3.68 -18.27 -18.28
CA LEU A 224 -2.63 -17.25 -18.45
C LEU A 224 -1.25 -17.87 -18.13
N ARG A 225 -1.21 -18.55 -16.97
CA ARG A 225 0.00 -19.17 -16.40
C ARG A 225 0.56 -20.25 -17.33
N LYS A 226 -0.34 -20.90 -18.11
CA LYS A 226 0.02 -21.92 -19.11
C LYS A 226 0.81 -21.25 -20.28
N LYS A 227 0.33 -20.06 -20.72
CA LYS A 227 1.04 -19.23 -21.73
C LYS A 227 2.37 -18.68 -21.20
N GLY A 228 2.56 -18.75 -19.87
CA GLY A 228 3.77 -18.27 -19.20
C GLY A 228 3.58 -16.84 -18.70
N ILE A 229 2.35 -16.52 -18.28
CA ILE A 229 2.00 -15.20 -17.70
C ILE A 229 2.04 -15.30 -16.18
N GLU A 230 2.51 -14.23 -15.53
CA GLU A 230 2.53 -14.11 -14.08
C GLU A 230 1.20 -13.46 -13.63
N VAL A 231 0.46 -14.11 -12.72
CA VAL A 231 -0.85 -13.62 -12.24
C VAL A 231 -0.79 -13.37 -10.74
N LEU A 232 -1.32 -12.22 -10.29
CA LEU A 232 -1.34 -11.88 -8.87
C LEU A 232 -2.62 -12.46 -8.23
N LEU A 233 -2.47 -13.07 -7.05
CA LEU A 233 -3.56 -13.70 -6.29
C LEU A 233 -3.97 -12.75 -5.14
N LEU A 234 -5.06 -12.00 -5.36
CA LEU A 234 -5.58 -10.99 -4.41
C LEU A 234 -6.72 -11.64 -3.61
N SER A 235 -6.57 -11.67 -2.28
CA SER A 235 -7.46 -12.44 -1.39
C SER A 235 -8.58 -11.59 -0.77
N ASP A 236 -8.54 -10.27 -1.01
CA ASP A 236 -9.42 -9.30 -0.33
C ASP A 236 -10.34 -8.61 -1.36
N ARG A 237 -11.56 -8.25 -0.91
CA ARG A 237 -12.60 -7.61 -1.76
C ARG A 237 -12.42 -6.09 -1.90
N ILE A 238 -11.63 -5.44 -1.01
CA ILE A 238 -11.30 -3.99 -1.19
C ILE A 238 -10.16 -3.84 -2.22
N ASP A 239 -9.43 -4.95 -2.49
CA ASP A 239 -8.35 -5.00 -3.50
C ASP A 239 -8.87 -4.50 -4.86
N GLU A 240 -9.91 -5.17 -5.39
CA GLU A 240 -10.47 -4.87 -6.74
C GLU A 240 -10.91 -3.41 -6.91
N TRP A 241 -11.42 -2.79 -5.84
CA TRP A 241 -11.90 -1.39 -5.86
C TRP A 241 -10.70 -0.43 -6.00
N MET A 242 -9.67 -0.74 -5.19
CA MET A 242 -8.37 -0.04 -5.19
C MET A 242 -7.67 -0.17 -6.57
N MET A 243 -7.75 -1.38 -7.14
CA MET A 243 -7.07 -1.73 -8.41
C MET A 243 -7.84 -1.17 -9.63
N ASN A 244 -9.14 -0.93 -9.45
CA ASN A 244 -10.02 -0.38 -10.51
C ASN A 244 -9.87 1.16 -10.59
N TYR A 245 -9.34 1.75 -9.51
CA TYR A 245 -8.98 3.18 -9.50
C TYR A 245 -7.49 3.35 -9.87
N LEU A 246 -6.67 2.36 -9.47
CA LEU A 246 -5.26 2.25 -9.89
C LEU A 246 -5.28 1.66 -11.32
N THR A 247 -5.67 2.48 -12.30
CA THR A 247 -5.97 2.04 -13.67
C THR A 247 -4.70 1.60 -14.44
N GLU A 248 -3.53 2.10 -14.00
CA GLU A 248 -2.26 1.91 -14.70
C GLU A 248 -1.06 2.24 -13.79
N PHE A 249 0.04 1.49 -13.96
CA PHE A 249 1.33 1.69 -13.26
C PHE A 249 2.48 1.45 -14.27
N ASP A 250 3.38 2.45 -14.39
CA ASP A 250 4.61 2.39 -15.24
C ASP A 250 4.27 2.40 -16.76
N GLY A 251 3.04 2.84 -17.09
CA GLY A 251 2.56 2.85 -18.50
C GLY A 251 2.00 1.51 -18.93
N LYS A 252 1.76 0.63 -17.95
CA LYS A 252 1.25 -0.73 -18.16
C LYS A 252 -0.19 -0.84 -17.60
N PRO A 253 -1.25 -0.82 -18.48
CA PRO A 253 -2.66 -0.85 -18.06
C PRO A 253 -3.07 -2.21 -17.43
N PHE A 254 -3.84 -2.15 -16.35
CA PHE A 254 -4.22 -3.33 -15.53
C PHE A 254 -5.35 -4.14 -16.17
N GLN A 255 -5.50 -5.41 -15.75
CA GLN A 255 -6.45 -6.37 -16.34
C GLN A 255 -7.14 -7.21 -15.25
N SER A 256 -8.49 -7.27 -15.31
CA SER A 256 -9.27 -8.24 -14.53
C SER A 256 -9.39 -9.53 -15.37
N VAL A 257 -8.97 -10.67 -14.80
CA VAL A 257 -9.13 -11.99 -15.45
C VAL A 257 -10.59 -12.47 -15.36
N SER A 258 -11.36 -11.82 -14.46
CA SER A 258 -12.77 -12.12 -14.17
C SER A 258 -13.68 -11.85 -15.40
N LYS A 259 -13.16 -11.07 -16.38
CA LYS A 259 -13.87 -10.80 -17.64
C LYS A 259 -12.87 -10.89 -18.81
N VAL A 260 -13.40 -11.08 -20.03
CA VAL A 260 -12.59 -11.17 -21.25
C VAL A 260 -12.85 -9.94 -22.14
N ASP A 261 -11.78 -9.28 -22.55
CA ASP A 261 -11.80 -8.15 -23.49
C ASP A 261 -10.84 -8.49 -24.65
N GLU A 262 -10.41 -7.49 -25.44
CA GLU A 262 -9.47 -7.71 -26.57
C GLU A 262 -8.08 -8.17 -26.08
N SER A 263 -7.76 -7.96 -24.78
CA SER A 263 -6.50 -8.46 -24.18
C SER A 263 -6.56 -9.99 -24.13
N LEU A 264 -7.63 -10.51 -23.52
CA LEU A 264 -7.81 -11.96 -23.33
C LEU A 264 -8.47 -12.63 -24.54
N GLU A 265 -8.86 -11.82 -25.54
CA GLU A 265 -9.41 -12.32 -26.83
C GLU A 265 -8.26 -12.75 -27.75
N LYS A 266 -7.17 -11.95 -27.78
CA LYS A 266 -5.96 -12.28 -28.54
C LYS A 266 -5.28 -13.52 -27.93
N LEU A 267 -5.47 -13.70 -26.62
CA LEU A 267 -4.97 -14.88 -25.89
C LEU A 267 -5.77 -16.14 -26.29
N ALA A 268 -7.08 -15.94 -26.55
CA ALA A 268 -8.00 -17.03 -26.95
C ALA A 268 -8.02 -17.24 -28.47
N LYS B 5 19.90 -15.45 13.36
CA LYS B 5 19.49 -15.52 11.96
C LYS B 5 18.26 -16.46 11.79
N LYS B 6 17.27 -16.01 10.98
CA LYS B 6 16.02 -16.77 10.76
C LYS B 6 15.34 -16.31 9.44
N ILE B 7 14.80 -17.31 8.70
CA ILE B 7 14.06 -17.13 7.42
C ILE B 7 14.95 -16.53 6.31
N GLU B 8 14.97 -15.18 6.21
CA GLU B 8 15.68 -14.44 5.15
C GLU B 8 16.99 -13.87 5.75
N VAL B 9 17.63 -14.74 6.55
CA VAL B 9 18.75 -14.45 7.49
C VAL B 9 18.38 -13.42 8.59
N GLU B 10 17.83 -12.25 8.21
CA GLU B 10 17.48 -11.17 9.13
C GLU B 10 16.78 -10.07 8.31
N PHE B 11 17.58 -9.43 7.44
CA PHE B 11 17.13 -8.47 6.42
C PHE B 11 16.25 -7.34 7.01
N ASP B 12 16.89 -6.39 7.74
CA ASP B 12 16.20 -5.19 8.25
C ASP B 12 17.16 -3.98 8.38
N LYS B 13 18.34 -4.18 8.99
CA LYS B 13 19.31 -3.10 9.23
C LYS B 13 20.26 -2.92 8.02
N GLY B 14 20.16 -1.73 7.36
CA GLY B 14 21.14 -1.27 6.37
C GLY B 14 21.28 -2.19 5.17
N GLN B 15 20.16 -2.74 4.73
CA GLN B 15 20.09 -3.58 3.54
C GLN B 15 19.93 -2.71 2.27
N ARG B 16 18.98 -1.75 2.33
CA ARG B 16 18.57 -0.93 1.17
C ARG B 16 17.77 0.31 1.64
N THR B 17 18.34 1.04 2.64
CA THR B 17 17.74 2.26 3.24
C THR B 17 18.02 3.51 2.36
N ASP B 18 17.36 3.55 1.19
CA ASP B 18 17.44 4.69 0.26
C ASP B 18 16.37 4.58 -0.85
N LYS B 19 15.27 5.34 -0.70
CA LYS B 19 14.19 5.48 -1.71
C LYS B 19 13.47 6.83 -1.54
N TYR B 20 12.67 7.19 -2.55
CA TYR B 20 11.92 8.48 -2.59
C TYR B 20 10.43 8.19 -2.88
N GLY B 21 9.54 9.03 -2.34
CA GLY B 21 8.09 8.88 -2.48
C GLY B 21 7.38 10.17 -2.08
N ARG B 22 7.37 11.15 -2.99
CA ARG B 22 6.89 12.52 -2.74
C ARG B 22 5.83 12.92 -3.80
N GLY B 23 5.24 14.12 -3.64
CA GLY B 23 4.18 14.60 -4.55
C GLY B 23 2.81 14.09 -4.13
N LEU B 24 2.13 14.86 -3.24
CA LEU B 24 0.85 14.47 -2.62
C LEU B 24 -0.31 15.37 -3.11
N ALA B 25 -1.47 14.74 -3.42
CA ALA B 25 -2.73 15.42 -3.76
C ALA B 25 -3.92 14.55 -3.30
N TYR B 26 -4.52 14.95 -2.17
CA TYR B 26 -5.60 14.18 -1.50
C TYR B 26 -6.98 14.60 -2.07
N ILE B 27 -7.64 13.67 -2.76
CA ILE B 27 -9.05 13.83 -3.18
C ILE B 27 -9.96 13.16 -2.11
N TYR B 28 -9.31 12.40 -1.18
CA TYR B 28 -9.96 11.68 -0.04
C TYR B 28 -10.65 10.41 -0.55
N ALA B 29 -10.40 9.26 0.12
CA ALA B 29 -10.89 7.93 -0.31
C ALA B 29 -12.42 7.85 -0.19
N ASP B 30 -13.09 8.31 -1.25
CA ASP B 30 -14.55 8.51 -1.30
C ASP B 30 -14.98 8.65 -2.76
N GLY B 31 -16.17 8.13 -3.09
CA GLY B 31 -16.69 8.16 -4.44
C GLY B 31 -15.99 7.19 -5.39
N LYS B 32 -14.83 7.62 -5.92
CA LYS B 32 -14.05 6.86 -6.92
C LYS B 32 -13.39 5.61 -6.29
N MET B 33 -13.98 4.44 -6.58
CA MET B 33 -13.49 3.11 -6.16
C MET B 33 -13.96 2.09 -7.20
N VAL B 34 -15.28 1.81 -7.20
CA VAL B 34 -15.91 0.85 -8.11
C VAL B 34 -16.43 1.59 -9.34
N ASN B 35 -15.61 1.66 -10.40
CA ASN B 35 -16.04 2.16 -11.71
C ASN B 35 -16.76 1.03 -12.49
N GLU B 36 -16.00 -0.05 -12.80
CA GLU B 36 -16.54 -1.26 -13.46
C GLU B 36 -15.59 -2.46 -13.26
N ALA B 37 -14.35 -2.34 -13.79
CA ALA B 37 -13.33 -3.41 -13.79
C ALA B 37 -12.04 -2.88 -14.42
N LEU B 38 -10.96 -3.65 -14.26
CA LEU B 38 -9.61 -3.29 -14.75
C LEU B 38 -9.50 -3.52 -16.27
N VAL B 39 -10.40 -4.37 -16.82
CA VAL B 39 -10.49 -4.64 -18.28
C VAL B 39 -10.66 -3.32 -19.06
N ARG B 40 -9.94 -3.18 -20.18
CA ARG B 40 -9.88 -1.91 -20.95
C ARG B 40 -9.71 -2.17 -22.45
N GLN B 41 -8.58 -2.81 -22.80
CA GLN B 41 -8.01 -2.75 -24.15
C GLN B 41 -6.77 -3.66 -24.23
N GLY B 42 -5.91 -3.43 -25.22
CA GLY B 42 -4.59 -4.04 -25.29
C GLY B 42 -4.58 -5.41 -25.92
N LEU B 43 -3.58 -6.22 -25.53
CA LEU B 43 -3.34 -7.56 -26.09
C LEU B 43 -2.74 -8.50 -25.04
N ALA B 44 -2.44 -9.73 -25.46
CA ALA B 44 -1.80 -10.73 -24.60
C ALA B 44 -0.79 -11.56 -25.40
N LYS B 45 0.17 -12.14 -24.67
CA LYS B 45 1.33 -12.84 -25.23
C LYS B 45 0.99 -14.30 -25.68
N VAL B 46 0.70 -14.45 -26.98
CA VAL B 46 0.59 -15.76 -27.66
C VAL B 46 1.71 -15.94 -28.70
N ALA B 47 2.24 -14.80 -29.20
CA ALA B 47 3.41 -14.77 -30.09
C ALA B 47 4.63 -15.38 -29.38
N TYR B 48 4.92 -14.81 -28.19
CA TYR B 48 6.01 -15.24 -27.30
C TYR B 48 7.39 -15.06 -28.00
N VAL B 49 7.78 -16.04 -28.83
CA VAL B 49 9.05 -16.03 -29.60
C VAL B 49 8.78 -16.12 -31.11
N TYR B 50 7.55 -15.73 -31.53
CA TYR B 50 7.16 -15.69 -32.95
C TYR B 50 7.75 -14.45 -33.64
N LYS B 51 7.91 -14.54 -34.98
CA LYS B 51 8.49 -13.51 -35.86
C LYS B 51 7.93 -12.10 -35.55
N PRO B 52 8.72 -11.25 -34.81
CA PRO B 52 8.19 -10.05 -34.12
C PRO B 52 8.09 -8.79 -35.01
N ASN B 53 7.13 -7.93 -34.63
CA ASN B 53 6.98 -6.56 -35.17
C ASN B 53 6.21 -5.74 -34.09
N ASN B 54 6.35 -6.19 -32.83
CA ASN B 54 5.49 -5.79 -31.70
C ASN B 54 5.74 -4.35 -31.22
N THR B 55 6.89 -3.76 -31.63
CA THR B 55 7.36 -2.44 -31.21
C THR B 55 7.74 -2.43 -29.71
N HIS B 56 6.72 -2.53 -28.80
CA HIS B 56 6.88 -2.66 -27.32
C HIS B 56 7.35 -1.33 -26.65
N GLU B 57 8.01 -0.48 -27.41
CA GLU B 57 8.77 0.64 -26.91
C GLU B 57 8.92 1.66 -28.07
N GLN B 58 8.42 2.87 -27.88
CA GLN B 58 8.53 3.96 -28.87
C GLN B 58 8.63 5.30 -28.14
N HIS B 59 9.84 5.91 -28.20
CA HIS B 59 10.13 7.26 -27.63
C HIS B 59 10.02 7.26 -26.07
N LEU B 60 10.04 6.05 -25.48
CA LEU B 60 9.90 5.83 -24.03
C LEU B 60 11.27 5.90 -23.30
N ARG B 61 12.34 6.35 -24.01
CA ARG B 61 13.70 6.50 -23.42
C ARG B 61 13.83 7.76 -22.54
N LYS B 62 12.67 8.41 -22.27
CA LYS B 62 12.52 9.51 -21.30
C LYS B 62 13.06 10.84 -21.85
N SER B 63 12.22 11.90 -21.79
CA SER B 63 12.59 13.26 -22.15
C SER B 63 13.75 13.77 -21.27
N GLU B 64 14.84 14.17 -21.95
CA GLU B 64 16.13 14.51 -21.32
C GLU B 64 16.19 15.97 -20.85
N ALA B 65 15.14 16.76 -21.19
CA ALA B 65 15.04 18.18 -20.82
C ALA B 65 14.90 18.34 -19.29
N GLN B 66 16.07 18.59 -18.62
CA GLN B 66 16.21 18.75 -17.15
C GLN B 66 16.10 17.42 -16.38
N ALA B 67 15.26 16.48 -16.88
CA ALA B 67 14.99 15.21 -16.22
C ALA B 67 16.10 14.17 -16.52
N LYS B 68 17.26 14.38 -15.88
CA LYS B 68 18.47 13.56 -16.06
C LYS B 68 19.50 13.96 -14.98
N LYS B 69 19.69 13.12 -13.96
CA LYS B 69 20.69 13.35 -12.89
C LYS B 69 20.90 12.05 -12.11
N GLU B 70 19.82 11.59 -11.46
CA GLU B 70 19.76 10.27 -10.81
C GLU B 70 19.23 9.24 -11.80
N LYS B 71 20.13 8.40 -12.31
CA LYS B 71 19.78 7.30 -13.21
C LYS B 71 20.80 6.17 -12.99
N LEU B 72 22.06 6.44 -13.38
CA LEU B 72 23.17 5.47 -13.25
C LEU B 72 24.53 6.18 -13.30
N ASN B 73 24.63 7.21 -14.19
CA ASN B 73 25.87 7.99 -14.46
C ASN B 73 26.93 7.10 -15.16
N ILE B 74 27.55 6.19 -14.38
CA ILE B 74 28.57 5.24 -14.85
C ILE B 74 28.01 4.33 -15.97
N TRP B 75 28.88 3.93 -16.91
CA TRP B 75 28.48 3.05 -18.04
C TRP B 75 28.28 1.59 -17.56
N ALA A 4 15.41 15.73 33.01
CA ALA A 4 14.02 16.21 33.18
C ALA A 4 13.71 17.33 32.17
N GLN A 5 13.55 16.93 30.89
CA GLN A 5 13.20 17.86 29.79
C GLN A 5 12.73 17.04 28.56
N ALA A 6 11.93 17.70 27.71
CA ALA A 6 11.33 17.12 26.49
C ALA A 6 12.37 16.47 25.56
N LEU A 7 12.18 15.15 25.31
CA LEU A 7 13.04 14.34 24.43
C LEU A 7 12.97 14.85 22.98
N TRP A 8 11.76 15.25 22.54
CA TRP A 8 11.55 15.76 21.19
C TRP A 8 12.27 17.12 21.00
N THR A 9 12.19 18.01 22.01
CA THR A 9 12.81 19.35 21.98
C THR A 9 14.36 19.26 22.06
N ARG A 10 14.88 18.12 22.58
CA ARG A 10 16.31 17.79 22.55
C ARG A 10 16.77 17.50 21.09
N ASN A 11 18.06 17.72 20.81
CA ASN A 11 18.64 17.50 19.47
C ASN A 11 19.01 16.02 19.29
N LYS A 12 19.05 15.58 18.01
CA LYS A 12 19.32 14.18 17.64
C LYS A 12 20.68 13.70 18.16
N SER A 13 21.68 14.61 18.14
CA SER A 13 23.08 14.31 18.51
C SER A 13 23.21 13.70 19.92
N GLU A 14 22.35 14.17 20.86
CA GLU A 14 22.43 13.75 22.27
C GLU A 14 21.62 12.46 22.52
N ILE A 15 20.64 12.17 21.64
CA ILE A 15 19.68 11.06 21.83
C ILE A 15 20.13 9.82 21.03
N THR A 16 20.23 8.66 21.69
CA THR A 16 20.57 7.38 21.04
C THR A 16 19.29 6.67 20.56
N ASP A 17 19.47 5.66 19.68
CA ASP A 17 18.37 4.92 19.04
C ASP A 17 17.54 4.13 20.06
N GLU A 18 18.15 3.81 21.22
CA GLU A 18 17.50 3.06 22.31
C GLU A 18 16.40 3.88 22.99
N GLU A 19 16.64 5.20 23.10
CA GLU A 19 15.69 6.16 23.73
C GLU A 19 14.37 6.19 22.96
N TYR A 20 14.48 6.22 21.62
CA TYR A 20 13.33 6.32 20.70
C TYR A 20 12.40 5.08 20.80
N LYS A 21 13.03 3.90 20.98
CA LYS A 21 12.29 2.62 21.07
C LYS A 21 11.29 2.65 22.24
N GLU A 22 11.82 3.02 23.42
CA GLU A 22 11.07 3.04 24.68
C GLU A 22 10.10 4.24 24.72
N PHE A 23 10.57 5.39 24.17
CA PHE A 23 9.79 6.65 24.17
C PHE A 23 8.48 6.47 23.40
N TYR A 24 8.55 5.71 22.27
CA TYR A 24 7.36 5.32 21.50
C TYR A 24 6.37 4.57 22.39
N LYS A 25 6.87 3.56 23.12
CA LYS A 25 6.04 2.69 23.97
C LYS A 25 5.30 3.48 25.07
N HIS A 26 6.00 4.48 25.66
CA HIS A 26 5.41 5.38 26.68
C HIS A 26 4.27 6.21 26.08
N ILE A 27 4.53 6.87 24.95
CA ILE A 27 3.62 7.86 24.35
C ILE A 27 2.44 7.18 23.60
N ALA A 28 2.66 5.94 23.14
CA ALA A 28 1.69 5.18 22.31
C ALA A 28 0.81 4.25 23.15
N HIS A 29 1.28 3.95 24.39
CA HIS A 29 0.68 2.94 25.30
C HIS A 29 0.94 1.51 24.78
N ASP A 30 2.04 1.36 24.00
CA ASP A 30 2.40 0.11 23.32
C ASP A 30 3.58 -0.57 24.04
N PHE A 31 3.98 -1.71 23.48
CA PHE A 31 5.19 -2.47 23.85
C PHE A 31 6.00 -2.79 22.59
N ASN A 32 5.50 -2.31 21.43
CA ASN A 32 6.06 -2.58 20.10
C ASN A 32 7.32 -1.74 19.88
N ASP A 33 8.42 -2.40 19.49
CA ASP A 33 9.65 -1.72 19.05
C ASP A 33 9.45 -1.22 17.61
N PRO A 34 9.65 0.11 17.32
CA PRO A 34 9.49 0.66 15.96
C PRO A 34 10.52 0.08 14.97
N LEU A 35 10.05 -0.23 13.75
CA LEU A 35 10.88 -0.77 12.66
C LEU A 35 11.88 0.30 12.19
N THR A 36 11.40 1.55 12.20
CA THR A 36 12.21 2.76 12.02
C THR A 36 11.39 3.99 12.46
N TRP A 37 12.04 5.15 12.50
CA TRP A 37 11.43 6.42 12.96
C TRP A 37 12.07 7.61 12.23
N SER A 38 11.60 8.82 12.56
CA SER A 38 12.09 10.07 11.97
C SER A 38 11.95 11.21 13.00
N HIS A 39 13.08 11.62 13.60
CA HIS A 39 13.15 12.78 14.50
C HIS A 39 13.80 13.93 13.74
N ASN A 40 13.01 14.96 13.42
CA ASN A 40 13.49 16.17 12.75
C ASN A 40 12.77 17.37 13.37
N ARG A 41 13.53 18.39 13.75
CA ARG A 41 12.98 19.65 14.26
C ARG A 41 13.19 20.73 13.20
N VAL A 42 12.12 21.43 12.87
CA VAL A 42 12.09 22.48 11.84
C VAL A 42 11.75 23.81 12.51
N GLU A 43 12.39 24.90 12.06
CA GLU A 43 12.07 26.27 12.52
C GLU A 43 12.18 27.26 11.36
N GLY A 44 11.44 28.38 11.50
CA GLY A 44 11.34 29.40 10.46
C GLY A 44 9.94 29.99 10.44
N LYS A 45 9.24 29.87 9.28
CA LYS A 45 7.84 30.29 9.14
C LYS A 45 6.95 29.45 10.08
N GLN A 46 6.96 28.14 9.84
CA GLN A 46 6.24 27.16 10.66
C GLN A 46 7.28 26.28 11.36
N GLU A 47 7.49 26.54 12.66
CA GLU A 47 8.37 25.73 13.50
C GLU A 47 7.57 24.58 14.10
N TYR A 48 8.03 23.34 13.84
CA TYR A 48 7.42 22.11 14.35
C TYR A 48 8.49 21.04 14.55
N THR A 49 8.58 20.52 15.77
CA THR A 49 9.40 19.37 16.09
C THR A 49 8.59 18.11 15.83
N SER A 50 8.93 17.38 14.77
CA SER A 50 8.22 16.16 14.37
C SER A 50 9.04 14.92 14.78
N LEU A 51 8.41 14.02 15.53
CA LEU A 51 9.01 12.76 15.97
C LEU A 51 7.99 11.63 15.72
N LEU A 52 8.14 11.01 14.54
CA LEU A 52 7.24 9.97 14.03
C LEU A 52 7.87 8.59 14.23
N TYR A 53 7.03 7.54 14.29
CA TYR A 53 7.45 6.14 14.48
C TYR A 53 6.62 5.23 13.57
N ILE A 54 7.21 4.07 13.18
CA ILE A 54 6.51 3.00 12.46
C ILE A 54 6.39 1.77 13.40
N PRO A 55 5.17 1.49 13.98
CA PRO A 55 4.93 0.29 14.82
C PRO A 55 5.18 -1.04 14.07
N SER A 56 5.75 -2.03 14.78
CA SER A 56 6.02 -3.37 14.25
C SER A 56 4.74 -4.20 14.11
N GLN A 57 3.76 -3.94 15.02
CA GLN A 57 2.48 -4.65 15.06
C GLN A 57 1.33 -3.65 15.00
N ALA A 58 0.20 -4.12 14.46
CA ALA A 58 -1.04 -3.34 14.40
C ALA A 58 -1.84 -3.55 15.69
N PRO A 59 -2.14 -2.46 16.47
CA PRO A 59 -3.17 -2.54 17.52
C PRO A 59 -4.55 -2.76 16.85
N TRP A 60 -5.42 -3.53 17.54
CA TRP A 60 -6.71 -4.02 16.99
C TRP A 60 -7.60 -2.84 16.51
N ASP A 61 -7.53 -1.72 17.23
CA ASP A 61 -8.40 -0.54 17.02
C ASP A 61 -7.86 0.42 15.94
N MET A 62 -6.93 -0.06 15.11
CA MET A 62 -6.67 0.51 13.76
C MET A 62 -7.82 0.12 12.82
N TRP A 63 -8.43 -1.05 13.11
CA TRP A 63 -9.49 -1.68 12.29
C TRP A 63 -10.87 -1.50 12.96
N ASN A 64 -10.98 -0.52 13.88
CA ASN A 64 -12.20 -0.30 14.70
C ASN A 64 -12.84 1.06 14.34
N ARG A 65 -14.11 1.26 14.77
CA ARG A 65 -14.82 2.56 14.60
C ARG A 65 -14.30 3.60 15.63
N ASP A 66 -13.61 3.11 16.68
CA ASP A 66 -12.84 3.97 17.61
C ASP A 66 -11.42 4.12 17.06
N HIS A 67 -10.90 5.37 17.03
CA HIS A 67 -9.60 5.68 16.40
C HIS A 67 -8.43 5.51 17.38
N LYS A 68 -7.29 5.04 16.84
CA LYS A 68 -5.99 5.00 17.55
C LYS A 68 -4.87 5.57 16.64
N HIS A 69 -5.23 5.85 15.38
CA HIS A 69 -4.33 6.51 14.41
C HIS A 69 -4.18 8.01 14.71
N GLY A 70 -2.94 8.53 14.59
CA GLY A 70 -2.66 9.95 14.77
C GLY A 70 -1.46 10.23 15.67
N LEU A 71 -1.18 11.53 15.86
CA LEU A 71 -0.01 12.01 16.65
C LEU A 71 -0.48 12.71 17.92
N LYS A 72 0.43 12.87 18.88
CA LYS A 72 0.19 13.66 20.09
C LYS A 72 0.62 15.10 19.80
N LEU A 73 -0.37 15.96 19.54
CA LEU A 73 -0.12 17.38 19.27
C LEU A 73 0.21 18.12 20.59
N TYR A 74 1.38 18.75 20.57
CA TYR A 74 1.86 19.70 21.57
C TYR A 74 2.03 21.05 20.88
N VAL A 75 1.69 22.13 21.56
CA VAL A 75 1.99 23.49 21.13
C VAL A 75 2.82 24.15 22.21
N GLN A 76 4.11 24.41 21.90
CA GLN A 76 5.08 25.03 22.82
C GLN A 76 5.37 24.10 24.03
N ARG A 77 5.37 22.77 23.76
CA ARG A 77 5.58 21.67 24.75
C ARG A 77 4.35 21.45 25.65
N VAL A 78 3.24 22.15 25.36
CA VAL A 78 1.98 22.05 26.12
C VAL A 78 1.09 21.02 25.42
N PHE A 79 0.65 20.00 26.17
CA PHE A 79 -0.22 18.95 25.62
C PHE A 79 -1.57 19.55 25.21
N ILE A 80 -1.96 19.36 23.95
CA ILE A 80 -3.21 19.90 23.38
C ILE A 80 -4.20 18.76 23.12
N MET A 81 -3.84 17.88 22.18
CA MET A 81 -4.73 16.78 21.74
C MET A 81 -3.87 15.62 21.26
N ASP A 82 -4.12 14.43 21.81
CA ASP A 82 -3.46 13.18 21.36
C ASP A 82 -4.38 12.46 20.37
N ASP A 83 -3.84 11.44 19.66
CA ASP A 83 -4.58 10.61 18.68
C ASP A 83 -5.11 11.51 17.52
N ALA A 84 -4.38 12.62 17.28
CA ALA A 84 -4.70 13.65 16.28
C ALA A 84 -4.32 13.14 14.87
N GLU A 85 -5.29 12.48 14.22
CA GLU A 85 -5.17 11.88 12.87
C GLU A 85 -5.20 12.94 11.75
N GLN A 86 -5.23 14.21 12.13
CA GLN A 86 -5.35 15.36 11.22
C GLN A 86 -3.99 15.76 10.61
N PHE A 87 -2.90 15.16 11.14
CA PHE A 87 -1.52 15.38 10.66
C PHE A 87 -1.10 14.30 9.65
N MET A 88 -1.87 13.21 9.61
CA MET A 88 -1.59 12.05 8.75
C MET A 88 -2.85 11.68 7.96
N PRO A 89 -2.77 11.55 6.59
CA PRO A 89 -3.88 11.02 5.76
C PRO A 89 -4.26 9.58 6.19
N ASN A 90 -5.41 9.08 5.70
CA ASN A 90 -6.01 7.83 6.20
C ASN A 90 -5.15 6.59 5.81
N TYR A 91 -4.36 6.73 4.71
CA TYR A 91 -3.44 5.66 4.25
C TYR A 91 -2.13 5.65 5.08
N LEU A 92 -1.92 6.68 5.91
CA LEU A 92 -0.79 6.77 6.85
C LEU A 92 -1.31 6.70 8.30
N ARG A 93 -2.36 5.88 8.50
CA ARG A 93 -3.01 5.72 9.83
C ARG A 93 -2.04 5.06 10.85
N PHE A 94 -1.12 4.24 10.34
CA PHE A 94 -0.13 3.51 11.17
C PHE A 94 0.86 4.45 11.86
N VAL A 95 1.12 5.63 11.25
CA VAL A 95 2.11 6.59 11.75
C VAL A 95 1.63 7.15 13.09
N ARG A 96 2.41 6.90 14.14
CA ARG A 96 2.13 7.40 15.47
C ARG A 96 3.41 7.97 16.07
N GLY A 97 3.25 8.83 17.06
CA GLY A 97 4.33 9.58 17.65
C GLY A 97 3.78 10.85 18.23
N LEU A 98 4.42 11.97 17.92
CA LEU A 98 4.04 13.30 18.43
C LEU A 98 4.67 14.40 17.58
N ILE A 99 4.14 15.61 17.74
CA ILE A 99 4.62 16.80 17.04
C ILE A 99 4.37 18.05 17.90
N ASP A 100 5.39 18.91 18.02
CA ASP A 100 5.32 20.14 18.81
C ASP A 100 5.47 21.37 17.89
N SER A 101 4.34 22.00 17.57
CA SER A 101 4.30 23.19 16.69
C SER A 101 4.04 24.45 17.53
N SER A 102 4.82 25.52 17.28
CA SER A 102 4.55 26.86 17.88
C SER A 102 3.87 27.78 16.83
N ASP A 103 3.59 27.21 15.64
CA ASP A 103 2.86 27.89 14.55
C ASP A 103 1.36 27.75 14.79
N LEU A 104 0.94 26.49 14.98
CA LEU A 104 -0.45 26.13 15.26
C LEU A 104 -0.89 26.75 16.61
N PRO A 105 -2.12 27.38 16.71
CA PRO A 105 -2.59 28.01 17.96
C PRO A 105 -2.59 27.03 19.16
N LEU A 106 -2.41 27.57 20.37
CA LEU A 106 -2.49 26.79 21.63
C LEU A 106 -3.92 26.24 21.78
N ASN A 107 -4.88 27.08 21.38
CA ASN A 107 -6.33 26.79 21.44
C ASN A 107 -6.84 26.08 20.15
N VAL A 108 -5.95 25.31 19.48
CA VAL A 108 -6.27 24.59 18.24
C VAL A 108 -7.12 23.33 18.54
N SER A 109 -8.06 23.01 17.63
CA SER A 109 -8.96 21.86 17.75
C SER A 109 -8.93 21.05 16.44
N ARG A 110 -9.59 19.87 16.44
CA ARG A 110 -9.61 18.90 15.32
C ARG A 110 -10.10 19.55 14.00
N GLU A 111 -11.10 20.43 14.13
CA GLU A 111 -11.76 21.08 12.97
C GLU A 111 -10.76 22.02 12.27
N ILE A 112 -10.03 22.81 13.09
CA ILE A 112 -8.95 23.72 12.61
C ILE A 112 -7.88 22.90 11.88
N LEU A 113 -7.48 21.79 12.52
CA LEU A 113 -6.46 20.87 12.01
C LEU A 113 -6.89 20.21 10.67
N GLN A 114 -8.20 20.13 10.43
CA GLN A 114 -8.75 19.49 9.23
C GLN A 114 -8.74 20.45 8.02
N ASP A 115 -9.22 21.70 8.21
CA ASP A 115 -9.45 22.65 7.10
C ASP A 115 -8.18 23.46 6.75
N SER A 116 -7.44 23.91 7.80
CA SER A 116 -6.46 25.01 7.68
C SER A 116 -5.32 24.69 6.70
N THR A 117 -4.93 25.73 5.93
CA THR A 117 -3.90 25.64 4.88
C THR A 117 -2.51 25.45 5.50
N VAL A 118 -2.27 26.11 6.64
CA VAL A 118 -1.00 25.98 7.37
C VAL A 118 -0.80 24.52 7.86
N THR A 119 -1.90 23.92 8.36
CA THR A 119 -1.91 22.51 8.83
C THR A 119 -1.97 21.53 7.64
N ARG A 120 -2.45 22.02 6.46
CA ARG A 120 -2.46 21.24 5.22
C ARG A 120 -1.02 21.04 4.74
N ASN A 121 -0.29 22.15 4.53
CA ASN A 121 1.14 22.14 4.11
C ASN A 121 2.00 21.42 5.16
N LEU A 122 1.57 21.51 6.43
CA LEU A 122 2.20 20.79 7.56
C LEU A 122 2.06 19.26 7.31
N ARG A 123 0.82 18.85 6.98
CA ARG A 123 0.47 17.44 6.71
C ARG A 123 1.25 16.94 5.47
N ASN A 124 1.39 17.83 4.44
CA ASN A 124 2.11 17.53 3.19
C ASN A 124 3.57 17.17 3.50
N ALA A 125 4.20 17.98 4.36
CA ALA A 125 5.59 17.81 4.79
C ALA A 125 5.79 16.43 5.47
N LEU A 126 4.89 16.11 6.41
CA LEU A 126 4.91 14.85 7.17
C LEU A 126 4.67 13.62 6.25
N THR A 127 3.69 13.76 5.32
CA THR A 127 3.23 12.67 4.41
C THR A 127 4.40 12.16 3.54
N LYS A 128 5.21 13.11 3.05
CA LYS A 128 6.36 12.82 2.18
C LYS A 128 7.49 12.18 2.97
N ARG A 129 7.79 12.72 4.18
CA ARG A 129 8.83 12.15 5.09
C ARG A 129 8.50 10.68 5.45
N VAL A 130 7.20 10.39 5.63
CA VAL A 130 6.73 9.03 5.94
C VAL A 130 6.89 8.11 4.71
N LEU A 131 6.44 8.59 3.54
CA LEU A 131 6.42 7.79 2.29
C LEU A 131 7.84 7.33 1.91
N GLN A 132 8.81 8.26 2.06
CA GLN A 132 10.25 7.98 1.85
C GLN A 132 10.76 6.95 2.87
N MET A 133 10.31 7.10 4.12
CA MET A 133 10.70 6.24 5.27
C MET A 133 10.11 4.81 5.14
N LEU A 134 8.93 4.71 4.46
CA LEU A 134 8.26 3.43 4.17
C LEU A 134 9.03 2.67 3.09
N GLU A 135 9.35 3.41 2.01
CA GLU A 135 10.10 2.90 0.87
C GLU A 135 11.45 2.33 1.34
N LYS A 136 12.19 3.19 2.07
CA LYS A 136 13.52 2.85 2.60
C LYS A 136 13.47 1.74 3.66
N LEU A 137 12.32 1.60 4.36
CA LEU A 137 12.11 0.50 5.34
C LEU A 137 12.18 -0.89 4.66
N ALA A 138 11.70 -0.97 3.39
CA ALA A 138 11.79 -2.19 2.58
C ALA A 138 13.26 -2.53 2.23
N LYS A 139 14.02 -1.48 1.88
CA LYS A 139 15.45 -1.60 1.50
C LYS A 139 16.32 -1.83 2.75
N ASP A 140 15.82 -1.36 3.90
CA ASP A 140 16.47 -1.51 5.21
C ASP A 140 16.42 -2.97 5.64
N ASP A 141 15.22 -3.54 5.52
CA ASP A 141 14.94 -4.93 5.85
C ASP A 141 13.57 -5.28 5.28
N ALA A 142 13.57 -6.13 4.22
CA ALA A 142 12.35 -6.54 3.51
C ALA A 142 11.29 -7.11 4.47
N GLU A 143 11.74 -7.92 5.46
CA GLU A 143 10.85 -8.62 6.40
C GLU A 143 10.20 -7.65 7.41
N LYS A 144 10.90 -6.55 7.78
CA LYS A 144 10.32 -5.49 8.65
C LYS A 144 9.11 -4.86 7.94
N TYR A 145 9.35 -4.37 6.72
CA TYR A 145 8.32 -3.70 5.91
C TYR A 145 7.21 -4.69 5.49
N GLN A 146 7.59 -5.97 5.33
CA GLN A 146 6.65 -7.02 4.93
C GLN A 146 5.71 -7.35 6.09
N THR A 147 6.27 -7.46 7.32
CA THR A 147 5.47 -7.67 8.55
C THR A 147 4.53 -6.48 8.76
N PHE A 148 5.08 -5.28 8.51
CA PHE A 148 4.34 -4.01 8.50
C PHE A 148 3.14 -4.08 7.53
N TRP A 149 3.35 -4.70 6.35
CA TRP A 149 2.28 -4.90 5.35
C TRP A 149 1.25 -5.93 5.85
N GLN A 150 1.73 -6.97 6.54
CA GLN A 150 0.86 -8.03 7.10
C GLN A 150 0.01 -7.49 8.27
N GLN A 151 0.42 -6.31 8.81
CA GLN A 151 -0.31 -5.60 9.88
C GLN A 151 -1.20 -4.46 9.32
N PHE A 152 -0.69 -3.75 8.27
CA PHE A 152 -1.27 -2.46 7.80
C PHE A 152 -1.48 -2.44 6.26
N GLY A 153 -1.61 -3.63 5.65
CA GLY A 153 -1.72 -3.77 4.19
C GLY A 153 -2.93 -3.09 3.58
N LEU A 154 -4.08 -3.20 4.28
CA LEU A 154 -5.36 -2.60 3.84
C LEU A 154 -5.26 -1.06 3.85
N VAL A 155 -4.45 -0.54 4.80
CA VAL A 155 -4.28 0.91 5.02
C VAL A 155 -3.57 1.56 3.81
N LEU A 156 -2.48 0.94 3.38
CA LEU A 156 -1.61 1.50 2.32
C LEU A 156 -2.28 1.32 0.92
N LYS A 157 -3.28 0.40 0.83
CA LYS A 157 -4.13 0.23 -0.39
C LYS A 157 -5.10 1.42 -0.59
N GLU A 158 -5.26 2.26 0.44
CA GLU A 158 -6.00 3.54 0.36
C GLU A 158 -5.12 4.62 -0.31
N GLY A 159 -3.80 4.32 -0.44
CA GLY A 159 -2.79 5.24 -0.92
C GLY A 159 -2.99 5.81 -2.32
N PRO A 160 -3.16 4.95 -3.39
CA PRO A 160 -3.44 5.45 -4.77
C PRO A 160 -4.72 6.32 -4.85
N ALA A 161 -5.66 6.08 -3.92
CA ALA A 161 -6.94 6.80 -3.83
C ALA A 161 -6.78 8.14 -3.11
N GLU A 162 -5.88 8.16 -2.11
CA GLU A 162 -5.61 9.34 -1.29
C GLU A 162 -4.78 10.36 -2.08
N ASP A 163 -3.72 9.88 -2.70
CA ASP A 163 -2.73 10.73 -3.36
C ASP A 163 -2.67 10.37 -4.84
N PHE A 164 -3.44 11.11 -5.64
CA PHE A 164 -3.56 10.90 -7.10
C PHE A 164 -2.26 11.29 -7.85
N ALA A 165 -1.50 12.26 -7.30
CA ALA A 165 -0.26 12.76 -7.93
C ALA A 165 0.91 11.81 -7.68
N ASN A 166 0.95 11.21 -6.48
CA ASN A 166 2.09 10.38 -6.00
C ASN A 166 1.80 8.88 -6.20
N GLN A 167 0.86 8.58 -7.13
CA GLN A 167 0.32 7.22 -7.37
C GLN A 167 1.43 6.16 -7.57
N GLU A 168 2.48 6.54 -8.35
CA GLU A 168 3.58 5.64 -8.74
C GLU A 168 4.36 5.12 -7.51
N ALA A 169 4.80 6.04 -6.65
CA ALA A 169 5.63 5.72 -5.46
C ALA A 169 4.89 4.78 -4.50
N ILE A 170 3.58 4.99 -4.37
CA ILE A 170 2.70 4.20 -3.52
C ILE A 170 2.40 2.82 -4.17
N ALA A 171 2.31 2.81 -5.52
CA ALA A 171 2.05 1.58 -6.31
C ALA A 171 3.22 0.60 -6.23
N LYS A 172 4.43 1.15 -6.03
CA LYS A 172 5.65 0.36 -5.72
C LYS A 172 5.46 -0.34 -4.36
N LEU A 173 5.06 0.46 -3.36
CA LEU A 173 4.93 0.05 -1.94
C LEU A 173 3.88 -1.06 -1.72
N LEU A 174 2.93 -1.15 -2.66
CA LEU A 174 1.88 -2.18 -2.63
C LEU A 174 2.48 -3.60 -2.81
N ARG A 175 2.19 -4.48 -1.84
CA ARG A 175 2.61 -5.90 -1.86
C ARG A 175 1.34 -6.78 -2.03
N PHE A 176 1.41 -7.82 -2.86
CA PHE A 176 0.23 -8.68 -3.16
C PHE A 176 0.66 -10.14 -3.33
N ALA A 177 -0.35 -11.01 -3.41
CA ALA A 177 -0.13 -12.44 -3.66
C ALA A 177 -0.13 -12.66 -5.16
N SER A 178 0.43 -13.79 -5.61
CA SER A 178 0.46 -14.14 -7.03
C SER A 178 0.67 -15.66 -7.19
N THR A 179 0.29 -16.20 -8.35
CA THR A 179 0.25 -17.66 -8.59
C THR A 179 1.64 -18.33 -8.71
N HIS A 180 2.74 -17.55 -8.58
CA HIS A 180 4.14 -18.10 -8.46
C HIS A 180 4.20 -19.17 -7.33
N THR A 181 3.38 -18.95 -6.30
CA THR A 181 3.19 -19.85 -5.16
C THR A 181 1.71 -19.75 -4.73
N ASP A 182 1.09 -20.89 -4.41
CA ASP A 182 -0.36 -20.97 -4.10
C ASP A 182 -0.67 -20.56 -2.63
N SER A 183 0.30 -19.89 -1.96
CA SER A 183 0.12 -19.27 -0.65
C SER A 183 -0.55 -17.88 -0.78
N SER A 184 -1.29 -17.49 0.28
CA SER A 184 -1.99 -16.20 0.37
C SER A 184 -1.02 -15.03 0.67
N ALA A 185 0.23 -15.36 1.09
CA ALA A 185 1.27 -14.40 1.49
C ALA A 185 1.43 -13.25 0.46
N GLN A 186 0.98 -12.04 0.86
CA GLN A 186 0.96 -10.84 -0.01
C GLN A 186 2.34 -10.17 -0.07
N THR A 187 3.24 -10.74 -0.89
CA THR A 187 4.68 -10.38 -0.95
C THR A 187 5.04 -9.69 -2.29
N VAL A 188 4.62 -10.29 -3.42
CA VAL A 188 4.95 -9.82 -4.79
C VAL A 188 4.30 -8.46 -5.09
N SER A 189 5.13 -7.46 -5.38
CA SER A 189 4.69 -6.10 -5.72
C SER A 189 4.28 -6.03 -7.20
N LEU A 190 3.73 -4.88 -7.60
CA LEU A 190 3.45 -4.57 -9.02
C LEU A 190 4.78 -4.54 -9.82
N GLU A 191 5.86 -4.14 -9.12
CA GLU A 191 7.24 -4.13 -9.64
C GLU A 191 7.75 -5.57 -9.85
N ASP A 192 7.53 -6.44 -8.84
CA ASP A 192 7.94 -7.86 -8.91
C ASP A 192 7.18 -8.62 -10.01
N TYR A 193 5.96 -8.14 -10.33
CA TYR A 193 5.15 -8.68 -11.44
C TYR A 193 5.85 -8.40 -12.78
N VAL A 194 6.47 -7.20 -12.92
CA VAL A 194 7.19 -6.80 -14.16
C VAL A 194 8.33 -7.80 -14.48
N SER A 195 8.95 -8.35 -13.42
CA SER A 195 9.98 -9.43 -13.53
C SER A 195 9.33 -10.77 -13.98
N ARG A 196 8.08 -11.00 -13.53
CA ARG A 196 7.31 -12.23 -13.83
C ARG A 196 6.62 -12.16 -15.22
N MET A 197 6.69 -10.99 -15.88
CA MET A 197 6.19 -10.81 -17.25
C MET A 197 7.08 -11.58 -18.25
N LYS A 198 6.45 -12.36 -19.14
CA LYS A 198 7.14 -13.06 -20.23
C LYS A 198 6.98 -12.28 -21.55
N GLU A 199 7.56 -12.84 -22.63
CA GLU A 199 7.42 -12.30 -23.99
C GLU A 199 5.93 -12.33 -24.42
N GLY A 200 5.36 -11.14 -24.65
CA GLY A 200 3.94 -11.00 -25.04
C GLY A 200 3.01 -10.72 -23.85
N GLN A 201 3.53 -10.88 -22.60
CA GLN A 201 2.79 -10.51 -21.37
C GLN A 201 3.20 -9.08 -20.99
N GLU A 202 2.70 -8.09 -21.75
CA GLU A 202 2.97 -6.66 -21.52
C GLU A 202 1.76 -6.00 -20.81
N LYS A 203 0.87 -6.84 -20.30
CA LYS A 203 -0.33 -6.42 -19.56
C LYS A 203 -0.37 -7.18 -18.25
N ILE A 204 -0.70 -6.46 -17.18
CA ILE A 204 -0.70 -6.99 -15.82
C ILE A 204 -2.09 -7.61 -15.54
N TYR A 205 -2.12 -8.94 -15.39
CA TYR A 205 -3.36 -9.70 -15.11
C TYR A 205 -3.62 -9.73 -13.59
N TYR A 206 -4.86 -9.40 -13.21
CA TYR A 206 -5.33 -9.33 -11.82
C TYR A 206 -6.56 -10.22 -11.65
N ILE A 207 -6.89 -10.52 -10.39
CA ILE A 207 -8.17 -11.12 -10.02
C ILE A 207 -8.58 -10.61 -8.63
N THR A 208 -9.64 -9.82 -8.60
CA THR A 208 -10.17 -9.23 -7.36
C THR A 208 -11.18 -10.18 -6.73
N ALA A 209 -11.08 -10.35 -5.41
CA ALA A 209 -11.97 -11.22 -4.64
C ALA A 209 -11.96 -10.80 -3.17
N ASP A 210 -13.12 -10.97 -2.52
CA ASP A 210 -13.31 -10.68 -1.09
C ASP A 210 -12.32 -11.48 -0.20
N SER A 211 -12.04 -12.73 -0.62
CA SER A 211 -11.19 -13.68 0.12
C SER A 211 -10.25 -14.43 -0.85
N TYR A 212 -9.17 -15.04 -0.29
CA TYR A 212 -8.18 -15.78 -1.09
C TYR A 212 -8.78 -17.06 -1.69
N ALA A 213 -9.62 -17.74 -0.90
CA ALA A 213 -10.26 -19.02 -1.30
C ALA A 213 -11.08 -18.84 -2.60
N ALA A 214 -11.78 -17.70 -2.69
CA ALA A 214 -12.61 -17.34 -3.85
C ALA A 214 -11.75 -17.10 -5.10
N ALA A 215 -10.66 -16.33 -4.93
CA ALA A 215 -9.71 -16.00 -6.00
C ALA A 215 -9.02 -17.27 -6.55
N LYS A 216 -8.74 -18.21 -5.62
CA LYS A 216 -7.96 -19.43 -5.91
C LYS A 216 -8.82 -20.51 -6.61
N SER A 217 -10.11 -20.57 -6.26
CA SER A 217 -11.06 -21.57 -6.82
C SER A 217 -11.54 -21.18 -8.23
N SER A 218 -11.27 -19.93 -8.64
CA SER A 218 -11.69 -19.39 -9.95
C SER A 218 -11.04 -20.17 -11.12
N PRO A 219 -11.87 -20.69 -12.10
CA PRO A 219 -11.36 -21.43 -13.28
C PRO A 219 -10.53 -20.56 -14.24
N HIS A 220 -10.65 -19.21 -14.09
CA HIS A 220 -9.93 -18.22 -14.89
C HIS A 220 -8.41 -18.40 -14.75
N LEU A 221 -7.96 -18.75 -13.51
CA LEU A 221 -6.53 -18.99 -13.20
C LEU A 221 -5.95 -20.11 -14.10
N GLU A 222 -6.76 -21.16 -14.31
CA GLU A 222 -6.35 -22.38 -15.04
C GLU A 222 -6.01 -22.08 -16.52
N LEU A 223 -6.76 -21.13 -17.11
CA LEU A 223 -6.57 -20.69 -18.52
C LEU A 223 -5.23 -19.94 -18.69
N LEU A 224 -4.85 -19.19 -17.63
CA LEU A 224 -3.61 -18.40 -17.57
C LEU A 224 -2.39 -19.31 -17.31
N ARG A 225 -2.54 -20.18 -16.30
CA ARG A 225 -1.48 -21.10 -15.82
C ARG A 225 -1.12 -22.17 -16.86
N LYS A 226 -2.07 -22.42 -17.78
CA LYS A 226 -1.88 -23.35 -18.92
C LYS A 226 -0.82 -22.81 -19.90
N LYS A 227 -0.74 -21.47 -20.02
CA LYS A 227 0.29 -20.76 -20.82
C LYS A 227 1.47 -20.34 -19.94
N GLY A 228 1.35 -20.54 -18.61
CA GLY A 228 2.39 -20.19 -17.65
C GLY A 228 2.46 -18.70 -17.42
N ILE A 229 1.29 -18.08 -17.28
CA ILE A 229 1.15 -16.65 -17.06
C ILE A 229 1.04 -16.42 -15.54
N GLU A 230 1.65 -15.31 -15.06
CA GLU A 230 1.56 -14.90 -13.66
C GLU A 230 0.23 -14.17 -13.46
N VAL A 231 -0.42 -14.42 -12.32
CA VAL A 231 -1.71 -13.80 -12.00
C VAL A 231 -1.60 -13.14 -10.63
N LEU A 232 -1.84 -11.83 -10.58
CA LEU A 232 -1.80 -11.05 -9.35
C LEU A 232 -3.11 -11.34 -8.58
N LEU A 233 -2.99 -12.03 -7.45
CA LEU A 233 -4.13 -12.47 -6.61
C LEU A 233 -4.46 -11.36 -5.58
N LEU A 234 -5.63 -10.73 -5.74
CA LEU A 234 -6.17 -9.75 -4.78
C LEU A 234 -7.20 -10.45 -3.89
N SER A 235 -6.81 -10.70 -2.64
CA SER A 235 -7.59 -11.47 -1.66
C SER A 235 -8.29 -10.56 -0.64
N ASP A 236 -8.38 -9.26 -0.96
CA ASP A 236 -8.87 -8.23 -0.05
C ASP A 236 -10.13 -7.58 -0.66
N ARG A 237 -10.95 -6.95 0.19
CA ARG A 237 -12.18 -6.28 -0.24
C ARG A 237 -11.87 -4.86 -0.80
N ILE A 238 -10.84 -4.22 -0.21
CA ILE A 238 -10.57 -2.79 -0.48
C ILE A 238 -9.83 -2.57 -1.82
N ASP A 239 -8.90 -3.50 -2.17
CA ASP A 239 -8.06 -3.37 -3.40
C ASP A 239 -8.89 -3.47 -4.70
N GLU A 240 -10.11 -4.01 -4.57
CA GLU A 240 -11.09 -4.12 -5.66
C GLU A 240 -11.46 -2.74 -6.24
N TRP A 241 -11.72 -1.77 -5.33
CA TRP A 241 -12.07 -0.38 -5.70
C TRP A 241 -10.81 0.40 -6.10
N MET A 242 -9.66 0.00 -5.53
CA MET A 242 -8.35 0.63 -5.82
C MET A 242 -7.93 0.42 -7.30
N MET A 243 -8.38 -0.71 -7.86
CA MET A 243 -8.12 -1.09 -9.28
C MET A 243 -8.79 -0.14 -10.30
N ASN A 244 -9.69 0.74 -9.85
CA ASN A 244 -10.40 1.69 -10.74
C ASN A 244 -9.49 2.84 -11.18
N TYR A 245 -8.65 3.34 -10.26
CA TYR A 245 -7.69 4.44 -10.60
C TYR A 245 -6.34 3.85 -10.98
N LEU A 246 -6.02 2.66 -10.44
CA LEU A 246 -4.88 1.87 -10.92
C LEU A 246 -5.26 1.24 -12.28
N THR A 247 -5.16 2.05 -13.33
CA THR A 247 -5.41 1.64 -14.72
C THR A 247 -4.12 1.20 -15.43
N GLU A 248 -2.97 1.75 -14.98
CA GLU A 248 -1.65 1.49 -15.61
C GLU A 248 -0.49 1.76 -14.62
N PHE A 249 0.57 0.93 -14.74
CA PHE A 249 1.83 1.05 -13.98
C PHE A 249 2.99 0.61 -14.88
N ASP A 250 4.05 1.46 -14.96
CA ASP A 250 5.31 1.19 -15.70
C ASP A 250 5.11 1.23 -17.25
N GLY A 251 3.93 1.69 -17.69
CA GLY A 251 3.54 1.70 -19.11
C GLY A 251 2.74 0.48 -19.50
N LYS A 252 2.58 -0.45 -18.54
CA LYS A 252 1.83 -1.72 -18.73
C LYS A 252 0.42 -1.55 -18.12
N PRO A 253 -0.66 -1.43 -18.97
CA PRO A 253 -2.06 -1.31 -18.52
C PRO A 253 -2.56 -2.58 -17.81
N PHE A 254 -3.64 -2.41 -17.03
CA PHE A 254 -4.18 -3.46 -16.16
C PHE A 254 -5.38 -4.15 -16.83
N GLN A 255 -5.63 -5.39 -16.39
CA GLN A 255 -6.75 -6.20 -16.86
C GLN A 255 -7.15 -7.19 -15.76
N SER A 256 -8.46 -7.25 -15.48
CA SER A 256 -9.04 -8.29 -14.60
C SER A 256 -9.36 -9.55 -15.42
N VAL A 257 -9.03 -10.72 -14.85
CA VAL A 257 -9.37 -12.03 -15.43
C VAL A 257 -10.76 -12.48 -14.93
N SER A 258 -11.23 -11.82 -13.84
CA SER A 258 -12.62 -11.94 -13.34
C SER A 258 -13.63 -11.44 -14.39
N LYS A 259 -13.12 -10.64 -15.33
CA LYS A 259 -13.82 -10.17 -16.52
C LYS A 259 -13.15 -10.77 -17.77
N VAL A 260 -13.93 -10.90 -18.85
CA VAL A 260 -13.45 -11.49 -20.12
C VAL A 260 -13.42 -10.39 -21.19
N ASP A 261 -12.29 -10.26 -21.89
CA ASP A 261 -12.08 -9.21 -22.90
C ASP A 261 -11.21 -9.81 -24.04
N GLU A 262 -10.65 -8.95 -24.91
CA GLU A 262 -9.68 -9.35 -25.95
C GLU A 262 -8.43 -10.05 -25.34
N SER A 263 -8.20 -9.81 -24.03
CA SER A 263 -7.17 -10.48 -23.23
C SER A 263 -7.37 -12.01 -23.22
N LEU A 264 -8.60 -12.45 -22.89
CA LEU A 264 -8.95 -13.88 -22.78
C LEU A 264 -9.45 -14.45 -24.12
N GLU A 265 -9.72 -13.55 -25.10
CA GLU A 265 -10.09 -13.91 -26.49
C GLU A 265 -8.94 -14.68 -27.15
N LYS A 266 -7.76 -14.03 -27.22
CA LYS A 266 -6.56 -14.59 -27.86
C LYS A 266 -5.98 -15.74 -27.00
N LEU A 267 -6.13 -15.61 -25.66
CA LEU A 267 -5.66 -16.62 -24.70
C LEU A 267 -6.43 -17.95 -24.87
N ALA A 268 -7.68 -17.87 -25.34
CA ALA A 268 -8.50 -19.05 -25.67
C ALA A 268 -8.26 -19.50 -27.12
N LYS B 5 -9.50 -14.98 6.25
CA LYS B 5 -9.62 -13.79 7.12
C LYS B 5 -8.81 -13.98 8.43
N LYS B 6 -8.06 -15.09 8.53
CA LYS B 6 -7.35 -15.49 9.76
C LYS B 6 -5.82 -15.40 9.58
N ILE B 7 -5.24 -14.23 9.98
CA ILE B 7 -3.78 -13.99 10.14
C ILE B 7 -3.03 -13.79 8.79
N GLU B 8 -3.09 -14.83 7.93
CA GLU B 8 -2.26 -14.97 6.72
C GLU B 8 -0.79 -15.23 7.18
N VAL B 9 0.15 -14.28 6.92
CA VAL B 9 1.57 -14.35 7.37
C VAL B 9 2.20 -15.75 7.09
N GLU B 10 2.71 -15.96 5.87
CA GLU B 10 3.20 -17.30 5.43
C GLU B 10 4.60 -17.19 4.80
N PHE B 11 5.63 -17.24 5.68
CA PHE B 11 7.08 -17.28 5.28
C PHE B 11 7.45 -16.11 4.37
N ASP B 12 6.82 -14.95 4.65
CA ASP B 12 6.71 -13.82 3.74
C ASP B 12 8.10 -13.26 3.35
N LYS B 13 8.72 -12.50 4.31
CA LYS B 13 10.05 -11.86 4.15
C LYS B 13 10.09 -10.87 2.95
N GLY B 14 10.17 -11.42 1.74
CA GLY B 14 10.23 -10.65 0.50
C GLY B 14 10.90 -11.48 -0.59
N GLN B 15 11.23 -10.84 -1.71
CA GLN B 15 11.99 -11.47 -2.80
C GLN B 15 12.81 -10.40 -3.53
N ARG B 16 12.27 -9.17 -3.59
CA ARG B 16 12.95 -7.97 -4.08
C ARG B 16 12.13 -6.75 -3.66
N THR B 17 12.78 -5.57 -3.53
CA THR B 17 12.15 -4.35 -3.01
C THR B 17 11.85 -3.35 -4.15
N ASP B 18 11.49 -2.11 -3.76
CA ASP B 18 11.06 -1.04 -4.69
C ASP B 18 12.26 -0.42 -5.45
N LYS B 19 13.50 -0.83 -5.09
CA LYS B 19 14.77 -0.23 -5.58
C LYS B 19 14.89 1.26 -5.12
N TYR B 20 14.12 2.17 -5.77
CA TYR B 20 13.94 3.58 -5.32
C TYR B 20 12.86 4.26 -6.18
N GLY B 21 12.30 5.38 -5.66
CA GLY B 21 11.30 6.18 -6.40
C GLY B 21 11.24 7.62 -5.90
N ARG B 22 11.17 7.78 -4.55
CA ARG B 22 11.13 9.10 -3.85
C ARG B 22 9.86 9.89 -4.23
N GLY B 23 8.78 9.69 -3.46
CA GLY B 23 7.49 10.31 -3.73
C GLY B 23 7.27 11.62 -2.98
N LEU B 24 7.29 12.76 -3.71
CA LEU B 24 7.01 14.09 -3.14
C LEU B 24 5.68 14.62 -3.71
N ALA B 25 4.58 14.38 -2.98
CA ALA B 25 3.24 14.94 -3.30
C ALA B 25 2.26 14.66 -2.15
N TYR B 26 1.10 15.34 -2.21
CA TYR B 26 -0.09 15.02 -1.40
C TYR B 26 -1.28 15.74 -2.03
N ILE B 27 -2.27 14.98 -2.55
CA ILE B 27 -3.55 15.55 -3.02
C ILE B 27 -4.60 15.42 -1.90
N TYR B 28 -5.49 14.39 -1.98
CA TYR B 28 -6.65 14.20 -1.06
C TYR B 28 -7.56 13.09 -1.64
N ALA B 29 -8.15 12.28 -0.75
CA ALA B 29 -8.99 11.10 -1.13
C ALA B 29 -10.32 11.47 -1.83
N ASP B 30 -10.64 12.79 -1.88
CA ASP B 30 -11.85 13.29 -2.56
C ASP B 30 -11.74 13.10 -4.08
N GLY B 31 -12.38 12.05 -4.62
CA GLY B 31 -12.38 11.77 -6.06
C GLY B 31 -13.13 10.49 -6.39
N LYS B 32 -13.64 10.39 -7.63
CA LYS B 32 -14.34 9.21 -8.13
C LYS B 32 -13.34 8.06 -8.37
N MET B 33 -13.46 6.98 -7.58
CA MET B 33 -12.56 5.82 -7.64
C MET B 33 -13.25 4.55 -7.10
N VAL B 34 -14.28 4.70 -6.24
CA VAL B 34 -15.07 3.56 -5.77
C VAL B 34 -16.06 3.14 -6.87
N ASN B 35 -15.55 2.34 -7.83
CA ASN B 35 -16.30 1.89 -9.01
C ASN B 35 -15.57 0.70 -9.64
N GLU B 36 -16.33 -0.24 -10.20
CA GLU B 36 -15.80 -1.44 -10.87
C GLU B 36 -15.48 -1.12 -12.35
N ALA B 37 -14.21 -0.77 -12.62
CA ALA B 37 -13.67 -0.57 -13.98
C ALA B 37 -12.21 -1.06 -13.98
N LEU B 38 -12.04 -2.36 -14.27
CA LEU B 38 -10.76 -3.09 -14.16
C LEU B 38 -10.25 -3.57 -15.54
N VAL B 39 -11.04 -3.30 -16.61
CA VAL B 39 -10.72 -3.74 -17.98
C VAL B 39 -10.10 -2.59 -18.78
N ARG B 40 -9.06 -2.92 -19.58
CA ARG B 40 -8.44 -2.01 -20.54
C ARG B 40 -7.49 -2.83 -21.43
N GLN B 41 -7.95 -3.10 -22.66
CA GLN B 41 -7.18 -3.77 -23.74
C GLN B 41 -6.82 -5.24 -23.36
N GLY B 42 -6.05 -5.92 -24.23
CA GLY B 42 -5.54 -7.25 -23.94
C GLY B 42 -4.54 -7.73 -24.99
N LEU B 43 -3.88 -8.85 -24.69
CA LEU B 43 -2.91 -9.47 -25.60
C LEU B 43 -2.95 -11.02 -25.40
N ALA B 44 -2.01 -11.57 -24.58
CA ALA B 44 -1.97 -12.98 -24.18
C ALA B 44 -1.36 -13.84 -25.31
N LYS B 45 -0.06 -13.62 -25.54
CA LYS B 45 0.72 -14.39 -26.51
C LYS B 45 1.12 -15.74 -25.85
N VAL B 46 0.66 -16.86 -26.44
CA VAL B 46 0.89 -18.21 -25.92
C VAL B 46 2.39 -18.59 -26.02
N ALA B 47 2.90 -19.24 -24.98
CA ALA B 47 4.31 -19.68 -24.89
C ALA B 47 4.34 -21.06 -24.23
N TYR B 48 5.20 -21.97 -24.76
CA TYR B 48 5.32 -23.33 -24.22
C TYR B 48 5.82 -23.32 -22.77
N VAL B 49 5.06 -24.00 -21.90
CA VAL B 49 5.41 -24.21 -20.49
C VAL B 49 5.06 -25.66 -20.10
N TYR B 50 5.20 -25.96 -18.81
CA TYR B 50 4.74 -27.20 -18.19
C TYR B 50 4.12 -26.84 -16.85
N LYS B 51 2.84 -27.21 -16.65
CA LYS B 51 2.11 -26.94 -15.40
C LYS B 51 2.43 -28.03 -14.36
N PRO B 52 3.03 -27.65 -13.18
CA PRO B 52 3.15 -28.58 -12.03
C PRO B 52 1.77 -29.00 -11.49
N ASN B 53 1.61 -30.29 -11.15
CA ASN B 53 0.37 -30.80 -10.52
C ASN B 53 0.22 -30.19 -9.11
N ASN B 54 -1.04 -29.92 -8.69
CA ASN B 54 -1.34 -29.29 -7.39
C ASN B 54 -0.81 -30.14 -6.21
N THR B 55 -0.46 -29.43 -5.13
CA THR B 55 0.21 -29.99 -3.95
C THR B 55 -0.66 -29.66 -2.70
N HIS B 56 -0.10 -29.82 -1.47
CA HIS B 56 -0.75 -29.43 -0.19
C HIS B 56 -1.98 -30.29 0.13
N GLU B 57 -2.02 -31.51 -0.48
CA GLU B 57 -3.13 -32.49 -0.39
C GLU B 57 -4.41 -31.97 -1.10
N GLN B 58 -5.06 -30.95 -0.49
CA GLN B 58 -6.37 -30.38 -0.91
C GLN B 58 -7.52 -31.32 -0.47
N HIS B 59 -8.47 -30.78 0.34
CA HIS B 59 -9.63 -31.51 0.91
C HIS B 59 -9.17 -32.55 1.97
N LEU B 60 -8.49 -33.61 1.49
CA LEU B 60 -7.84 -34.66 2.32
C LEU B 60 -6.83 -34.06 3.32
N ARG B 61 -6.41 -32.78 3.10
CA ARG B 61 -5.44 -32.04 3.94
C ARG B 61 -5.76 -32.14 5.45
N LYS B 62 -7.05 -32.21 5.80
CA LYS B 62 -7.51 -32.34 7.20
C LYS B 62 -7.48 -33.80 7.71
N SER B 63 -6.59 -34.63 7.15
CA SER B 63 -6.23 -35.93 7.76
C SER B 63 -5.16 -35.66 8.84
N GLU B 64 -5.63 -35.11 9.99
CA GLU B 64 -4.82 -34.74 11.18
C GLU B 64 -4.04 -33.40 10.99
N ALA B 65 -3.52 -33.15 9.77
CA ALA B 65 -2.70 -31.98 9.47
C ALA B 65 -3.46 -30.66 9.73
N GLN B 66 -3.16 -30.05 10.89
CA GLN B 66 -3.72 -28.76 11.34
C GLN B 66 -3.24 -27.62 10.41
N ALA B 67 -1.95 -27.73 10.01
CA ALA B 67 -1.28 -26.91 8.96
C ALA B 67 -1.35 -25.39 9.24
N LYS B 68 -2.51 -24.78 8.96
CA LYS B 68 -2.72 -23.32 9.06
C LYS B 68 -3.35 -22.96 10.43
N LYS B 69 -2.64 -23.32 11.53
CA LYS B 69 -2.96 -22.93 12.94
C LYS B 69 -4.10 -23.79 13.55
N GLU B 70 -5.20 -23.97 12.79
CA GLU B 70 -6.41 -24.77 13.17
C GLU B 70 -7.28 -24.04 14.21
N LYS B 71 -8.60 -24.21 14.08
CA LYS B 71 -9.62 -23.57 14.96
C LYS B 71 -9.85 -24.38 16.27
N LEU B 72 -8.72 -24.90 16.84
CA LEU B 72 -8.68 -25.78 18.03
C LEU B 72 -9.10 -27.22 17.66
N ASN B 73 -10.36 -27.36 17.19
CA ASN B 73 -10.99 -28.65 16.79
C ASN B 73 -11.35 -29.51 18.02
N ILE B 74 -12.51 -30.18 17.97
CA ILE B 74 -13.01 -31.04 19.08
C ILE B 74 -12.13 -32.29 19.22
N TRP B 75 -11.63 -32.80 18.10
CA TRP B 75 -10.68 -33.93 18.06
C TRP B 75 -9.23 -33.40 18.19
N ALA A 4 15.72 17.62 32.30
CA ALA A 4 14.41 18.31 32.36
C ALA A 4 14.23 19.24 31.14
N GLN A 5 13.92 18.63 29.98
CA GLN A 5 13.58 19.34 28.74
C GLN A 5 12.97 18.33 27.76
N ALA A 6 11.98 18.79 26.97
CA ALA A 6 11.20 17.95 26.05
C ALA A 6 12.11 17.19 25.07
N LEU A 7 12.10 15.84 25.18
CA LEU A 7 12.93 14.93 24.35
C LEU A 7 12.71 15.23 22.85
N TRP A 8 11.44 15.26 22.44
CA TRP A 8 11.04 15.45 21.03
C TRP A 8 11.48 16.82 20.48
N THR A 9 11.53 17.84 21.35
CA THR A 9 11.88 19.22 20.97
C THR A 9 13.40 19.37 20.77
N ARG A 10 14.19 18.59 21.53
CA ARG A 10 15.65 18.56 21.41
C ARG A 10 16.09 18.10 20.01
N ASN A 11 17.34 18.41 19.66
CA ASN A 11 17.93 18.06 18.36
C ASN A 11 18.03 16.52 18.21
N LYS A 12 17.76 16.03 16.99
CA LYS A 12 17.75 14.60 16.64
C LYS A 12 19.11 13.93 16.90
N SER A 13 20.21 14.69 16.70
CA SER A 13 21.58 14.19 16.85
C SER A 13 21.96 13.96 18.32
N GLU A 14 21.20 14.58 19.24
CA GLU A 14 21.44 14.45 20.70
C GLU A 14 20.81 13.17 21.24
N ILE A 15 19.81 12.65 20.52
CA ILE A 15 18.98 11.54 20.98
C ILE A 15 19.43 10.24 20.30
N THR A 16 19.82 9.23 21.10
CA THR A 16 20.21 7.92 20.59
C THR A 16 18.96 7.08 20.26
N ASP A 17 19.16 6.00 19.49
CA ASP A 17 18.08 5.11 19.01
C ASP A 17 17.31 4.47 20.17
N GLU A 18 18.03 4.23 21.29
CA GLU A 18 17.46 3.69 22.54
C GLU A 18 16.31 4.58 23.05
N GLU A 19 16.61 5.88 23.19
CA GLU A 19 15.67 6.88 23.74
C GLU A 19 14.38 6.98 22.90
N TYR A 20 14.54 6.86 21.57
CA TYR A 20 13.41 6.87 20.64
C TYR A 20 12.47 5.66 20.90
N LYS A 21 13.09 4.46 20.96
CA LYS A 21 12.36 3.18 21.17
C LYS A 21 11.54 3.19 22.46
N GLU A 22 12.11 3.79 23.52
CA GLU A 22 11.46 3.87 24.83
C GLU A 22 10.28 4.86 24.76
N PHE A 23 10.53 6.02 24.14
CA PHE A 23 9.54 7.11 24.00
C PHE A 23 8.30 6.65 23.18
N TYR A 24 8.55 5.71 22.25
CA TYR A 24 7.52 5.11 21.40
C TYR A 24 6.36 4.54 22.22
N LYS A 25 6.68 3.77 23.29
CA LYS A 25 5.67 3.06 24.12
C LYS A 25 4.60 4.05 24.66
N HIS A 26 5.08 5.19 25.14
CA HIS A 26 4.23 6.24 25.74
C HIS A 26 3.26 6.85 24.69
N ILE A 27 3.84 7.29 23.57
CA ILE A 27 3.13 8.13 22.58
C ILE A 27 2.27 7.29 21.61
N ALA A 28 2.62 6.00 21.46
CA ALA A 28 1.93 5.07 20.56
C ALA A 28 0.82 4.31 21.29
N HIS A 29 0.83 4.41 22.65
CA HIS A 29 -0.07 3.63 23.56
C HIS A 29 0.24 2.13 23.48
N ASP A 30 1.42 1.80 22.93
CA ASP A 30 1.83 0.42 22.58
C ASP A 30 3.01 0.00 23.46
N PHE A 31 3.43 -1.28 23.40
CA PHE A 31 4.53 -1.81 24.25
C PHE A 31 5.57 -2.59 23.44
N ASN A 32 5.39 -2.69 22.11
CA ASN A 32 6.36 -3.32 21.19
C ASN A 32 7.44 -2.31 20.80
N ASP A 33 8.49 -2.77 20.12
CA ASP A 33 9.53 -1.89 19.53
C ASP A 33 9.11 -1.41 18.13
N PRO A 34 9.44 -0.13 17.75
CA PRO A 34 9.16 0.41 16.40
C PRO A 34 10.14 -0.17 15.34
N LEU A 35 9.60 -0.42 14.14
CA LEU A 35 10.39 -0.94 13.00
C LEU A 35 11.38 0.12 12.48
N THR A 36 10.90 1.36 12.42
CA THR A 36 11.72 2.53 12.04
C THR A 36 11.03 3.81 12.53
N TRP A 37 11.74 4.94 12.41
CA TRP A 37 11.24 6.26 12.85
C TRP A 37 12.03 7.36 12.15
N SER A 38 11.53 8.59 12.30
CA SER A 38 12.21 9.79 11.83
C SER A 38 11.97 10.94 12.80
N HIS A 39 13.03 11.69 13.07
CA HIS A 39 13.00 12.87 13.92
C HIS A 39 13.70 13.98 13.17
N ASN A 40 12.94 14.90 12.60
CA ASN A 40 13.47 16.08 11.89
C ASN A 40 12.79 17.32 12.45
N ARG A 41 13.41 18.49 12.24
CA ARG A 41 12.85 19.78 12.67
C ARG A 41 12.75 20.73 11.47
N VAL A 42 11.60 21.39 11.36
CA VAL A 42 11.27 22.31 10.27
C VAL A 42 11.07 23.70 10.88
N GLU A 43 11.57 24.74 10.20
CA GLU A 43 11.50 26.13 10.66
C GLU A 43 11.45 27.10 9.46
N GLY A 44 11.38 28.41 9.75
CA GLY A 44 11.26 29.43 8.70
C GLY A 44 9.94 30.19 8.85
N LYS A 45 8.92 29.78 8.07
CA LYS A 45 7.54 30.28 8.26
C LYS A 45 6.83 29.38 9.29
N GLN A 46 6.65 28.10 8.92
CA GLN A 46 5.94 27.12 9.77
C GLN A 46 6.96 26.25 10.52
N GLU A 47 7.20 26.63 11.78
CA GLU A 47 8.15 25.94 12.65
C GLU A 47 7.45 24.83 13.44
N TYR A 48 7.95 23.60 13.29
CA TYR A 48 7.48 22.43 14.03
C TYR A 48 8.55 21.32 14.02
N THR A 49 8.68 20.62 15.16
CA THR A 49 9.56 19.47 15.29
C THR A 49 8.73 18.19 15.15
N SER A 50 9.06 17.37 14.14
CA SER A 50 8.32 16.14 13.81
C SER A 50 9.07 14.89 14.32
N LEU A 51 8.34 14.00 15.00
CA LEU A 51 8.87 12.72 15.52
C LEU A 51 7.82 11.62 15.32
N LEU A 52 7.96 10.86 14.21
CA LEU A 52 7.00 9.83 13.77
C LEU A 52 7.64 8.44 13.89
N TYR A 53 6.83 7.43 14.25
CA TYR A 53 7.30 6.03 14.36
C TYR A 53 6.40 5.11 13.52
N ILE A 54 6.99 4.01 13.06
CA ILE A 54 6.31 2.96 12.31
C ILE A 54 6.16 1.72 13.22
N PRO A 55 4.90 1.34 13.62
CA PRO A 55 4.64 0.20 14.53
C PRO A 55 4.95 -1.18 13.89
N SER A 56 5.22 -2.17 14.76
CA SER A 56 5.55 -3.55 14.35
C SER A 56 4.28 -4.41 14.17
N GLN A 57 3.26 -4.12 14.98
CA GLN A 57 1.96 -4.82 14.94
C GLN A 57 0.83 -3.80 14.90
N ALA A 58 -0.33 -4.26 14.39
CA ALA A 58 -1.54 -3.42 14.28
C ALA A 58 -2.32 -3.45 15.59
N PRO A 59 -2.78 -2.26 16.12
CA PRO A 59 -3.74 -2.21 17.24
C PRO A 59 -5.12 -2.74 16.77
N TRP A 60 -5.89 -3.36 17.68
CA TRP A 60 -7.20 -3.97 17.33
C TRP A 60 -8.21 -2.90 16.91
N ASP A 61 -8.16 -1.74 17.59
CA ASP A 61 -9.10 -0.61 17.35
C ASP A 61 -8.75 0.21 16.09
N MET A 62 -7.81 -0.30 15.30
CA MET A 62 -7.42 0.30 14.02
C MET A 62 -8.57 0.24 12.99
N TRP A 63 -9.37 -0.85 13.08
CA TRP A 63 -10.52 -1.09 12.17
C TRP A 63 -11.85 -0.98 12.93
N ASN A 64 -11.80 -0.43 14.16
CA ASN A 64 -12.97 -0.36 15.05
C ASN A 64 -13.57 1.06 15.05
N ARG A 65 -14.76 1.22 15.69
CA ARG A 65 -15.39 2.55 15.91
C ARG A 65 -14.65 3.32 17.02
N ASP A 66 -13.88 2.59 17.85
CA ASP A 66 -12.95 3.19 18.81
C ASP A 66 -11.62 3.43 18.10
N HIS A 67 -10.97 4.56 18.40
CA HIS A 67 -9.79 5.04 17.67
C HIS A 67 -8.49 4.85 18.47
N LYS A 68 -7.42 4.44 17.77
CA LYS A 68 -6.04 4.38 18.30
C LYS A 68 -5.04 5.05 17.32
N HIS A 69 -5.50 5.33 16.09
CA HIS A 69 -4.68 5.92 15.00
C HIS A 69 -4.35 7.40 15.26
N GLY A 70 -3.36 7.95 14.52
CA GLY A 70 -3.11 9.41 14.53
C GLY A 70 -1.91 9.79 15.37
N LEU A 71 -1.75 11.11 15.62
CA LEU A 71 -0.62 11.64 16.42
C LEU A 71 -1.15 12.43 17.63
N LYS A 72 -0.29 12.62 18.64
CA LYS A 72 -0.58 13.55 19.75
C LYS A 72 0.08 14.91 19.45
N LEU A 73 -0.78 15.90 19.20
CA LEU A 73 -0.35 17.27 18.89
C LEU A 73 0.14 17.99 20.16
N TYR A 74 1.32 18.61 20.03
CA TYR A 74 1.88 19.55 21.00
C TYR A 74 2.10 20.88 20.28
N VAL A 75 1.60 21.98 20.87
CA VAL A 75 1.95 23.34 20.43
C VAL A 75 2.76 24.00 21.55
N GLN A 76 4.05 24.27 21.26
CA GLN A 76 4.99 24.90 22.21
C GLN A 76 5.14 24.03 23.47
N ARG A 77 5.24 22.70 23.24
CA ARG A 77 5.41 21.65 24.27
C ARG A 77 4.11 21.38 25.04
N VAL A 78 3.03 22.10 24.71
CA VAL A 78 1.74 21.97 25.40
C VAL A 78 0.87 20.96 24.66
N PHE A 79 0.54 19.86 25.33
CA PHE A 79 -0.33 18.82 24.79
C PHE A 79 -1.73 19.39 24.50
N ILE A 80 -2.15 19.33 23.24
CA ILE A 80 -3.42 19.90 22.78
C ILE A 80 -4.46 18.79 22.67
N MET A 81 -4.10 17.71 21.96
CA MET A 81 -4.99 16.56 21.73
C MET A 81 -4.21 15.36 21.19
N ASP A 82 -4.68 14.17 21.57
CA ASP A 82 -4.15 12.88 21.07
C ASP A 82 -5.01 12.42 19.88
N ASP A 83 -4.47 11.48 19.08
CA ASP A 83 -5.23 10.73 18.03
C ASP A 83 -5.67 11.66 16.86
N ALA A 84 -4.96 12.78 16.69
CA ALA A 84 -5.22 13.75 15.62
C ALA A 84 -4.69 13.19 14.28
N GLU A 85 -5.61 12.67 13.45
CA GLU A 85 -5.29 12.01 12.17
C GLU A 85 -5.35 13.01 10.98
N GLN A 86 -5.36 14.31 11.28
CA GLN A 86 -5.24 15.38 10.26
C GLN A 86 -3.76 15.66 9.93
N PHE A 87 -2.86 15.06 10.73
CA PHE A 87 -1.40 15.15 10.52
C PHE A 87 -0.86 13.95 9.73
N MET A 88 -1.65 12.87 9.68
CA MET A 88 -1.31 11.65 8.94
C MET A 88 -2.53 11.20 8.12
N PRO A 89 -2.39 11.01 6.75
CA PRO A 89 -3.52 10.54 5.91
C PRO A 89 -4.00 9.16 6.36
N ASN A 90 -5.24 8.81 6.00
CA ASN A 90 -5.93 7.63 6.55
C ASN A 90 -5.28 6.31 6.09
N TYR A 91 -4.55 6.32 4.95
CA TYR A 91 -3.78 5.14 4.49
C TYR A 91 -2.45 4.99 5.27
N LEU A 92 -2.06 6.07 5.98
CA LEU A 92 -0.91 6.06 6.91
C LEU A 92 -1.41 6.19 8.36
N ARG A 93 -2.63 5.66 8.64
CA ARG A 93 -3.26 5.76 9.98
C ARG A 93 -2.47 4.97 11.05
N PHE A 94 -1.59 4.05 10.60
CA PHE A 94 -0.75 3.24 11.49
C PHE A 94 0.32 4.08 12.22
N VAL A 95 0.76 5.18 11.57
CA VAL A 95 1.86 6.01 12.08
C VAL A 95 1.47 6.63 13.43
N ARG A 96 2.27 6.31 14.44
CA ARG A 96 2.06 6.79 15.81
C ARG A 96 3.30 7.55 16.27
N GLY A 97 3.05 8.73 16.86
CA GLY A 97 4.11 9.62 17.28
C GLY A 97 3.52 10.95 17.71
N LEU A 98 4.21 12.05 17.40
CA LEU A 98 3.81 13.39 17.83
C LEU A 98 4.46 14.46 16.96
N ILE A 99 4.04 15.71 17.18
CA ILE A 99 4.55 16.87 16.47
C ILE A 99 4.41 18.12 17.37
N ASP A 100 5.54 18.83 17.57
CA ASP A 100 5.63 20.06 18.39
C ASP A 100 5.66 21.28 17.48
N SER A 101 4.50 21.89 17.21
CA SER A 101 4.42 23.09 16.37
C SER A 101 4.53 24.36 17.22
N SER A 102 5.54 25.18 16.91
CA SER A 102 5.73 26.49 17.55
C SER A 102 4.96 27.58 16.77
N ASP A 103 4.58 27.27 15.52
CA ASP A 103 3.90 28.22 14.61
C ASP A 103 2.37 28.09 14.68
N LEU A 104 1.88 26.85 14.61
CA LEU A 104 0.43 26.51 14.69
C LEU A 104 -0.14 27.03 16.03
N PRO A 105 -1.28 27.82 16.02
CA PRO A 105 -1.88 28.38 17.27
C PRO A 105 -2.13 27.32 18.37
N LEU A 106 -1.99 27.74 19.65
CA LEU A 106 -2.21 26.85 20.81
C LEU A 106 -3.72 26.54 20.97
N ASN A 107 -4.58 27.42 20.45
CA ASN A 107 -6.06 27.27 20.51
C ASN A 107 -6.58 26.36 19.37
N VAL A 108 -5.67 25.72 18.62
CA VAL A 108 -6.03 24.87 17.48
C VAL A 108 -6.87 23.65 17.94
N SER A 109 -7.90 23.32 17.15
CA SER A 109 -8.82 22.20 17.41
C SER A 109 -8.83 21.27 16.19
N ARG A 110 -9.37 20.04 16.38
CA ARG A 110 -9.43 19.01 15.31
C ARG A 110 -10.27 19.48 14.10
N GLU A 111 -11.23 20.37 14.38
CA GLU A 111 -12.09 20.99 13.37
C GLU A 111 -11.28 21.98 12.52
N ILE A 112 -10.36 22.72 13.19
CA ILE A 112 -9.42 23.63 12.51
C ILE A 112 -8.43 22.80 11.68
N LEU A 113 -7.94 21.69 12.28
CA LEU A 113 -6.96 20.80 11.66
C LEU A 113 -7.50 20.18 10.35
N GLN A 114 -8.82 19.99 10.30
CA GLN A 114 -9.52 19.49 9.10
C GLN A 114 -9.47 20.53 7.95
N ASP A 115 -9.78 21.79 8.29
CA ASP A 115 -9.97 22.87 7.30
C ASP A 115 -8.65 23.56 6.91
N SER A 116 -7.97 24.14 7.93
CA SER A 116 -6.83 25.05 7.76
C SER A 116 -5.74 24.50 6.83
N THR A 117 -5.21 25.41 5.99
CA THR A 117 -4.19 25.08 5.00
C THR A 117 -2.84 24.77 5.66
N VAL A 118 -2.57 25.44 6.80
CA VAL A 118 -1.33 25.22 7.59
C VAL A 118 -1.18 23.76 8.03
N THR A 119 -2.31 23.10 8.37
CA THR A 119 -2.31 21.69 8.80
C THR A 119 -2.17 20.73 7.60
N ARG A 120 -2.59 21.19 6.41
CA ARG A 120 -2.34 20.45 5.15
C ARG A 120 -0.85 20.53 4.78
N ASN A 121 -0.25 21.70 5.03
CA ASN A 121 1.20 21.96 4.81
C ASN A 121 2.04 21.20 5.86
N LEU A 122 1.46 21.06 7.06
CA LEU A 122 2.03 20.30 8.18
C LEU A 122 2.12 18.82 7.76
N ARG A 123 0.95 18.28 7.37
CA ARG A 123 0.78 16.89 6.95
C ARG A 123 1.54 16.58 5.65
N ASN A 124 1.71 17.60 4.79
CA ASN A 124 2.43 17.48 3.50
C ASN A 124 3.83 16.85 3.70
N ALA A 125 4.63 17.46 4.60
CA ALA A 125 5.98 16.98 4.92
C ALA A 125 5.95 15.65 5.71
N LEU A 126 4.94 15.50 6.59
CA LEU A 126 4.79 14.30 7.43
C LEU A 126 4.48 13.04 6.60
N THR A 127 3.65 13.21 5.56
CA THR A 127 3.21 12.11 4.68
C THR A 127 4.41 11.56 3.90
N LYS A 128 5.13 12.48 3.24
CA LYS A 128 6.34 12.16 2.46
C LYS A 128 7.43 11.59 3.37
N ARG A 129 7.46 12.07 4.62
CA ARG A 129 8.40 11.59 5.65
C ARG A 129 8.23 10.07 5.85
N VAL A 130 6.96 9.66 6.00
CA VAL A 130 6.59 8.26 6.22
C VAL A 130 6.81 7.42 4.95
N LEU A 131 6.33 7.93 3.79
CA LEU A 131 6.37 7.21 2.49
C LEU A 131 7.80 6.78 2.12
N GLN A 132 8.76 7.70 2.33
CA GLN A 132 10.19 7.41 2.10
C GLN A 132 10.73 6.45 3.18
N MET A 133 10.24 6.56 4.44
CA MET A 133 10.63 5.64 5.55
C MET A 133 10.15 4.20 5.29
N LEU A 134 8.99 4.05 4.63
CA LEU A 134 8.37 2.73 4.37
C LEU A 134 9.22 1.92 3.39
N GLU A 135 9.60 2.56 2.27
CA GLU A 135 10.42 1.93 1.24
C GLU A 135 11.83 1.67 1.77
N LYS A 136 12.36 2.65 2.52
CA LYS A 136 13.72 2.61 3.09
C LYS A 136 13.79 1.54 4.20
N LEU A 137 12.64 1.27 4.85
CA LEU A 137 12.49 0.17 5.85
C LEU A 137 12.63 -1.19 5.14
N ALA A 138 12.08 -1.29 3.92
CA ALA A 138 12.18 -2.50 3.08
C ALA A 138 13.63 -2.80 2.66
N LYS A 139 14.44 -1.72 2.60
CA LYS A 139 15.85 -1.80 2.18
C LYS A 139 16.74 -2.17 3.38
N ASP A 140 16.49 -1.53 4.54
CA ASP A 140 17.25 -1.76 5.78
C ASP A 140 16.96 -3.16 6.33
N ASP A 141 15.68 -3.51 6.39
CA ASP A 141 15.23 -4.78 6.97
C ASP A 141 13.94 -5.24 6.28
N ALA A 142 14.09 -6.06 5.22
CA ALA A 142 12.97 -6.59 4.43
C ALA A 142 12.08 -7.56 5.24
N GLU A 143 12.69 -8.21 6.26
CA GLU A 143 11.99 -9.16 7.15
C GLU A 143 10.95 -8.42 8.02
N LYS A 144 11.38 -7.28 8.60
CA LYS A 144 10.51 -6.41 9.41
C LYS A 144 9.46 -5.71 8.55
N TYR A 145 9.82 -5.42 7.28
CA TYR A 145 8.87 -4.84 6.31
C TYR A 145 7.84 -5.91 5.86
N GLN A 146 8.24 -7.18 5.87
CA GLN A 146 7.33 -8.30 5.52
C GLN A 146 6.29 -8.49 6.63
N THR A 147 6.73 -8.33 7.90
CA THR A 147 5.83 -8.33 9.07
C THR A 147 4.88 -7.12 9.03
N PHE A 148 5.48 -5.97 8.64
CA PHE A 148 4.76 -4.70 8.47
C PHE A 148 3.58 -4.85 7.49
N TRP A 149 3.89 -5.28 6.26
CA TRP A 149 2.89 -5.43 5.19
C TRP A 149 1.82 -6.49 5.56
N GLN A 150 2.21 -7.48 6.37
CA GLN A 150 1.31 -8.55 6.80
C GLN A 150 0.21 -7.98 7.75
N GLN A 151 0.58 -6.96 8.54
CA GLN A 151 -0.32 -6.33 9.53
C GLN A 151 -1.03 -5.09 8.95
N PHE A 152 -0.35 -4.37 8.03
CA PHE A 152 -0.77 -3.01 7.58
C PHE A 152 -1.01 -2.95 6.07
N GLY A 153 -0.96 -4.11 5.41
CA GLY A 153 -1.07 -4.19 3.95
C GLY A 153 -2.41 -3.80 3.40
N LEU A 154 -3.45 -3.96 4.22
CA LEU A 154 -4.83 -3.59 3.88
C LEU A 154 -4.95 -2.04 3.83
N VAL A 155 -4.24 -1.40 4.76
CA VAL A 155 -4.28 0.05 5.00
C VAL A 155 -3.45 0.83 3.98
N LEU A 156 -2.20 0.37 3.76
CA LEU A 156 -1.27 0.99 2.80
C LEU A 156 -1.82 0.83 1.36
N LYS A 157 -2.65 -0.23 1.15
CA LYS A 157 -3.29 -0.50 -0.15
C LYS A 157 -4.27 0.62 -0.52
N GLU A 158 -4.80 1.31 0.50
CA GLU A 158 -5.70 2.47 0.35
C GLU A 158 -4.93 3.72 -0.20
N GLY A 159 -3.59 3.61 -0.24
CA GLY A 159 -2.67 4.62 -0.79
C GLY A 159 -3.07 5.21 -2.15
N PRO A 160 -3.11 4.41 -3.26
CA PRO A 160 -3.55 4.89 -4.62
C PRO A 160 -4.97 5.50 -4.66
N ALA A 161 -5.77 5.22 -3.61
CA ALA A 161 -7.17 5.70 -3.51
C ALA A 161 -7.26 7.11 -2.89
N GLU A 162 -6.37 7.39 -1.91
CA GLU A 162 -6.38 8.69 -1.19
C GLU A 162 -5.34 9.66 -1.78
N ASP A 163 -4.19 9.12 -2.19
CA ASP A 163 -3.05 9.90 -2.72
C ASP A 163 -2.82 9.62 -4.22
N PHE A 164 -3.04 10.66 -5.02
CA PHE A 164 -2.82 10.66 -6.48
C PHE A 164 -1.33 10.75 -6.83
N ALA A 165 -0.61 11.58 -6.08
CA ALA A 165 0.70 12.10 -6.52
C ALA A 165 1.85 11.09 -6.29
N ASN A 166 2.03 10.63 -5.04
CA ASN A 166 3.16 9.71 -4.69
C ASN A 166 2.70 8.24 -4.85
N GLN A 167 1.51 8.05 -5.48
CA GLN A 167 0.94 6.73 -5.89
C GLN A 167 2.00 5.81 -6.57
N GLU A 168 2.93 6.46 -7.30
CA GLU A 168 4.03 5.81 -8.01
C GLU A 168 4.92 4.99 -7.04
N ALA A 169 5.40 5.64 -5.96
CA ALA A 169 6.26 4.99 -4.95
C ALA A 169 5.46 4.03 -4.06
N ILE A 170 4.16 4.34 -3.85
CA ILE A 170 3.22 3.46 -3.12
C ILE A 170 3.05 2.11 -3.84
N ALA A 171 3.09 2.15 -5.19
CA ALA A 171 2.99 0.94 -6.04
C ALA A 171 4.19 -0.01 -5.86
N LYS A 172 5.34 0.56 -5.44
CA LYS A 172 6.55 -0.21 -5.07
C LYS A 172 6.35 -0.87 -3.69
N LEU A 173 5.65 -0.15 -2.81
CA LEU A 173 5.34 -0.60 -1.44
C LEU A 173 4.35 -1.78 -1.47
N LEU A 174 3.46 -1.79 -2.48
CA LEU A 174 2.42 -2.82 -2.61
C LEU A 174 3.04 -4.20 -2.90
N ARG A 175 2.72 -5.16 -2.03
CA ARG A 175 3.16 -6.57 -2.15
C ARG A 175 1.89 -7.44 -2.24
N PHE A 176 1.92 -8.47 -3.08
CA PHE A 176 0.75 -9.30 -3.37
C PHE A 176 1.15 -10.78 -3.38
N ALA A 177 0.18 -11.64 -3.05
CA ALA A 177 0.26 -13.08 -3.35
C ALA A 177 -0.20 -13.28 -4.81
N SER A 178 0.24 -14.35 -5.47
CA SER A 178 -0.01 -14.57 -6.89
C SER A 178 0.07 -16.05 -7.27
N THR A 179 -0.02 -16.33 -8.58
CA THR A 179 0.11 -17.68 -9.14
C THR A 179 1.61 -18.13 -9.16
N HIS A 180 2.50 -17.24 -8.66
CA HIS A 180 3.95 -17.48 -8.49
C HIS A 180 4.21 -18.72 -7.63
N THR A 181 3.55 -18.73 -6.48
CA THR A 181 3.63 -19.80 -5.48
C THR A 181 2.25 -19.89 -4.81
N ASP A 182 1.85 -21.08 -4.38
CA ASP A 182 0.51 -21.31 -3.79
C ASP A 182 0.46 -20.90 -2.29
N SER A 183 1.34 -19.98 -1.88
CA SER A 183 1.36 -19.39 -0.54
C SER A 183 0.57 -18.07 -0.55
N SER A 184 -0.17 -17.81 0.54
CA SER A 184 -0.90 -16.54 0.74
C SER A 184 0.03 -15.40 1.24
N ALA A 185 1.33 -15.70 1.35
CA ALA A 185 2.37 -14.72 1.71
C ALA A 185 2.47 -13.64 0.63
N GLN A 186 2.05 -12.40 0.99
CA GLN A 186 2.09 -11.24 0.09
C GLN A 186 3.53 -10.74 -0.05
N THR A 187 4.25 -11.36 -1.01
CA THR A 187 5.70 -11.16 -1.19
C THR A 187 5.99 -10.45 -2.53
N VAL A 188 5.37 -10.96 -3.62
CA VAL A 188 5.62 -10.49 -4.99
C VAL A 188 5.03 -9.08 -5.18
N SER A 189 5.91 -8.13 -5.45
CA SER A 189 5.53 -6.75 -5.75
C SER A 189 5.19 -6.61 -7.24
N LEU A 190 4.60 -5.47 -7.60
CA LEU A 190 4.39 -5.09 -9.02
C LEU A 190 5.75 -5.03 -9.75
N GLU A 191 6.76 -4.59 -8.98
CA GLU A 191 8.19 -4.58 -9.37
C GLU A 191 8.68 -5.99 -9.78
N ASP A 192 8.46 -7.00 -8.90
CA ASP A 192 8.86 -8.40 -9.15
C ASP A 192 8.05 -8.97 -10.34
N TYR A 193 6.80 -8.51 -10.45
CA TYR A 193 5.87 -8.92 -11.51
C TYR A 193 6.37 -8.48 -12.90
N VAL A 194 7.00 -7.29 -13.00
CA VAL A 194 7.57 -6.78 -14.28
C VAL A 194 8.67 -7.73 -14.79
N SER A 195 9.52 -8.19 -13.87
CA SER A 195 10.59 -9.16 -14.17
C SER A 195 10.02 -10.57 -14.43
N ARG A 196 8.77 -10.80 -14.00
CA ARG A 196 8.02 -12.06 -14.21
C ARG A 196 7.06 -11.97 -15.40
N MET A 197 7.13 -10.87 -16.19
CA MET A 197 6.28 -10.68 -17.37
C MET A 197 6.75 -11.55 -18.53
N LYS A 198 5.82 -12.40 -19.02
CA LYS A 198 6.06 -13.30 -20.17
C LYS A 198 5.83 -12.54 -21.49
N GLU A 199 6.03 -13.24 -22.62
CA GLU A 199 5.79 -12.66 -23.96
C GLU A 199 4.29 -12.35 -24.15
N GLY A 200 3.99 -11.08 -24.45
CA GLY A 200 2.61 -10.60 -24.58
C GLY A 200 1.96 -10.21 -23.25
N GLN A 201 2.55 -10.66 -22.11
CA GLN A 201 2.03 -10.35 -20.76
C GLN A 201 2.54 -8.96 -20.32
N GLU A 202 2.01 -7.92 -20.97
CA GLU A 202 2.35 -6.52 -20.67
C GLU A 202 1.27 -5.91 -19.75
N LYS A 203 0.19 -6.65 -19.49
CA LYS A 203 -0.84 -6.25 -18.52
C LYS A 203 -0.64 -6.98 -17.20
N ILE A 204 -0.96 -6.26 -16.11
CA ILE A 204 -0.98 -6.83 -14.77
C ILE A 204 -2.33 -7.52 -14.59
N TYR A 205 -2.32 -8.85 -14.69
CA TYR A 205 -3.51 -9.67 -14.52
C TYR A 205 -3.69 -9.98 -13.03
N TYR A 206 -4.89 -9.69 -12.52
CA TYR A 206 -5.24 -9.90 -11.11
C TYR A 206 -6.71 -10.31 -11.00
N ILE A 207 -7.04 -11.11 -10.00
CA ILE A 207 -8.40 -11.53 -9.70
C ILE A 207 -8.78 -11.00 -8.30
N THR A 208 -9.88 -10.25 -8.23
CA THR A 208 -10.41 -9.71 -6.97
C THR A 208 -11.56 -10.60 -6.48
N ALA A 209 -11.55 -10.99 -5.20
CA ALA A 209 -12.60 -11.82 -4.58
C ALA A 209 -12.72 -11.53 -3.08
N ASP A 210 -13.74 -12.13 -2.45
CA ASP A 210 -14.04 -11.96 -1.02
C ASP A 210 -12.99 -12.70 -0.14
N SER A 211 -12.48 -13.82 -0.67
CA SER A 211 -11.56 -14.70 0.07
C SER A 211 -10.44 -15.16 -0.87
N TYR A 212 -9.23 -15.40 -0.30
CA TYR A 212 -8.05 -15.89 -1.05
C TYR A 212 -8.35 -17.28 -1.64
N ALA A 213 -9.08 -18.09 -0.87
CA ALA A 213 -9.53 -19.43 -1.27
C ALA A 213 -10.39 -19.37 -2.55
N ALA A 214 -11.33 -18.41 -2.59
CA ALA A 214 -12.23 -18.18 -3.75
C ALA A 214 -11.47 -17.57 -4.94
N ALA A 215 -10.53 -16.66 -4.63
CA ALA A 215 -9.69 -15.96 -5.62
C ALA A 215 -8.81 -16.94 -6.40
N LYS A 216 -8.32 -17.94 -5.67
CA LYS A 216 -7.37 -18.95 -6.18
C LYS A 216 -8.13 -20.12 -6.86
N SER A 217 -9.34 -20.43 -6.35
CA SER A 217 -10.16 -21.55 -6.86
C SER A 217 -10.90 -21.19 -8.17
N SER A 218 -10.93 -19.90 -8.53
CA SER A 218 -11.62 -19.44 -9.74
C SER A 218 -10.83 -19.85 -11.03
N PRO A 219 -11.53 -20.29 -12.12
CA PRO A 219 -10.87 -20.64 -13.41
C PRO A 219 -10.26 -19.42 -14.16
N HIS A 220 -10.45 -18.21 -13.58
CA HIS A 220 -9.92 -16.94 -14.13
C HIS A 220 -8.41 -16.98 -14.33
N LEU A 221 -7.67 -17.31 -13.25
CA LEU A 221 -6.20 -17.42 -13.32
C LEU A 221 -5.78 -18.72 -14.03
N GLU A 222 -6.67 -19.73 -14.04
CA GLU A 222 -6.37 -21.08 -14.58
C GLU A 222 -6.17 -21.01 -16.11
N LEU A 223 -7.07 -20.24 -16.79
CA LEU A 223 -7.00 -20.01 -18.25
C LEU A 223 -5.62 -19.44 -18.63
N LEU A 224 -5.18 -18.46 -17.84
CA LEU A 224 -3.90 -17.77 -18.08
C LEU A 224 -2.72 -18.60 -17.57
N ARG A 225 -2.96 -19.49 -16.59
CA ARG A 225 -1.91 -20.34 -16.00
C ARG A 225 -1.45 -21.38 -17.04
N LYS A 226 -2.41 -21.81 -17.87
CA LYS A 226 -2.14 -22.70 -19.02
C LYS A 226 -1.25 -22.00 -20.07
N LYS A 227 -1.47 -20.69 -20.24
CA LYS A 227 -0.62 -19.84 -21.10
C LYS A 227 0.77 -19.61 -20.44
N GLY A 228 0.81 -19.68 -19.10
CA GLY A 228 2.05 -19.45 -18.34
C GLY A 228 2.15 -18.03 -17.82
N ILE A 229 0.99 -17.41 -17.62
CA ILE A 229 0.86 -16.04 -17.08
C ILE A 229 0.66 -16.11 -15.56
N GLU A 230 1.28 -15.16 -14.85
CA GLU A 230 1.14 -15.01 -13.41
C GLU A 230 0.00 -14.03 -13.12
N VAL A 231 -0.96 -14.46 -12.30
CA VAL A 231 -2.13 -13.67 -11.92
C VAL A 231 -2.09 -13.39 -10.41
N LEU A 232 -2.09 -12.10 -10.04
CA LEU A 232 -2.08 -11.66 -8.63
C LEU A 232 -3.42 -12.05 -7.96
N LEU A 233 -3.35 -12.75 -6.83
CA LEU A 233 -4.53 -13.19 -6.07
C LEU A 233 -4.91 -12.12 -5.01
N LEU A 234 -5.80 -11.20 -5.43
CA LEU A 234 -6.32 -10.11 -4.57
C LEU A 234 -7.64 -10.57 -3.90
N SER A 235 -7.67 -10.50 -2.57
CA SER A 235 -8.82 -10.94 -1.76
C SER A 235 -9.17 -9.89 -0.70
N ASP A 236 -8.84 -8.63 -1.00
CA ASP A 236 -8.88 -7.52 -0.04
C ASP A 236 -10.25 -6.78 -0.12
N ARG A 237 -10.47 -5.80 0.76
CA ARG A 237 -11.73 -5.04 0.83
C ARG A 237 -11.77 -3.88 -0.20
N ILE A 238 -10.69 -3.10 -0.27
CA ILE A 238 -10.63 -1.88 -1.13
C ILE A 238 -9.98 -2.17 -2.52
N ASP A 239 -9.34 -3.34 -2.62
CA ASP A 239 -8.52 -3.76 -3.80
C ASP A 239 -9.13 -3.44 -5.17
N GLU A 240 -10.46 -3.62 -5.28
CA GLU A 240 -11.22 -3.41 -6.52
C GLU A 240 -11.01 -1.96 -7.01
N TRP A 241 -11.51 -1.00 -6.22
CA TRP A 241 -11.48 0.44 -6.57
C TRP A 241 -10.04 0.94 -6.71
N MET A 242 -9.17 0.44 -5.80
CA MET A 242 -7.74 0.78 -5.76
C MET A 242 -7.03 0.47 -7.10
N MET A 243 -7.42 -0.64 -7.74
CA MET A 243 -6.86 -1.06 -9.04
C MET A 243 -7.41 -0.21 -10.20
N ASN A 244 -8.62 0.35 -10.04
CA ASN A 244 -9.21 1.29 -11.03
C ASN A 244 -8.56 2.68 -10.92
N TYR A 245 -7.84 2.92 -9.82
CA TYR A 245 -7.05 4.15 -9.63
C TYR A 245 -5.62 3.91 -10.08
N LEU A 246 -5.07 2.74 -9.74
CA LEU A 246 -3.72 2.32 -10.15
C LEU A 246 -3.86 1.61 -11.51
N THR A 247 -4.11 2.43 -12.54
CA THR A 247 -4.37 1.96 -13.91
C THR A 247 -3.07 1.56 -14.64
N GLU A 248 -1.92 2.08 -14.18
CA GLU A 248 -0.62 1.84 -14.84
C GLU A 248 0.55 1.89 -13.84
N PHE A 249 1.49 0.94 -14.00
CA PHE A 249 2.77 0.88 -13.28
C PHE A 249 3.87 0.48 -14.29
N ASP A 250 4.97 1.29 -14.33
CA ASP A 250 6.18 0.99 -15.14
C ASP A 250 5.88 1.10 -16.68
N GLY A 251 4.73 1.73 -17.02
CA GLY A 251 4.29 1.87 -18.41
C GLY A 251 3.30 0.78 -18.82
N LYS A 252 3.12 -0.21 -17.94
CA LYS A 252 2.26 -1.38 -18.17
C LYS A 252 0.87 -1.17 -17.53
N PRO A 253 -0.25 -1.35 -18.30
CA PRO A 253 -1.61 -1.16 -17.77
C PRO A 253 -2.13 -2.40 -16.98
N PHE A 254 -3.17 -2.18 -16.17
CA PHE A 254 -3.79 -3.23 -15.31
C PHE A 254 -5.06 -3.78 -15.97
N GLN A 255 -5.41 -5.03 -15.62
CA GLN A 255 -6.60 -5.74 -16.16
C GLN A 255 -7.11 -6.76 -15.14
N SER A 256 -8.35 -6.55 -14.66
CA SER A 256 -9.02 -7.51 -13.79
C SER A 256 -9.57 -8.66 -14.65
N VAL A 257 -9.13 -9.88 -14.37
CA VAL A 257 -9.60 -11.09 -15.07
C VAL A 257 -10.99 -11.50 -14.55
N SER A 258 -11.40 -10.93 -13.40
CA SER A 258 -12.77 -11.03 -12.87
C SER A 258 -13.77 -10.35 -13.82
N LYS A 259 -13.26 -9.36 -14.58
CA LYS A 259 -14.00 -8.65 -15.64
C LYS A 259 -13.31 -8.89 -17.00
N VAL A 260 -13.89 -8.35 -18.08
CA VAL A 260 -13.42 -8.62 -19.46
C VAL A 260 -13.10 -7.30 -20.17
N ASP A 261 -12.05 -7.30 -21.00
CA ASP A 261 -11.68 -6.18 -21.86
C ASP A 261 -11.07 -6.74 -23.17
N GLU A 262 -10.56 -5.86 -24.05
CA GLU A 262 -9.93 -6.22 -25.34
C GLU A 262 -8.82 -7.29 -25.20
N SER A 263 -8.26 -7.43 -23.97
CA SER A 263 -7.19 -8.40 -23.71
C SER A 263 -7.75 -9.82 -23.84
N LEU A 264 -8.95 -10.05 -23.27
CA LEU A 264 -9.59 -11.39 -23.25
C LEU A 264 -10.38 -11.63 -24.55
N GLU A 265 -10.60 -10.55 -25.31
CA GLU A 265 -11.11 -10.62 -26.68
C GLU A 265 -10.03 -11.15 -27.64
N LYS A 266 -8.79 -10.70 -27.40
CA LYS A 266 -7.65 -11.00 -28.27
C LYS A 266 -6.95 -12.30 -27.85
N LEU A 267 -7.01 -12.65 -26.55
CA LEU A 267 -6.37 -13.88 -26.02
C LEU A 267 -7.16 -15.13 -26.44
N ALA A 268 -8.48 -15.03 -26.46
CA ALA A 268 -9.38 -16.19 -26.67
C ALA A 268 -9.87 -16.23 -28.12
N LYS B 5 17.64 -23.70 0.72
CA LYS B 5 18.16 -25.00 0.30
C LYS B 5 19.70 -25.00 0.37
N LYS B 6 20.31 -23.96 -0.24
CA LYS B 6 21.78 -23.74 -0.25
C LYS B 6 22.11 -22.42 0.44
N ILE B 7 21.09 -21.83 1.09
CA ILE B 7 21.18 -20.54 1.79
C ILE B 7 20.92 -20.72 3.29
N GLU B 8 20.90 -19.60 4.02
CA GLU B 8 20.84 -19.61 5.49
C GLU B 8 19.38 -19.64 5.98
N VAL B 9 18.54 -18.73 5.46
CA VAL B 9 17.15 -18.58 5.93
C VAL B 9 16.20 -19.49 5.11
N GLU B 10 15.64 -18.98 3.97
CA GLU B 10 14.58 -19.69 3.21
C GLU B 10 14.69 -19.40 1.69
N PHE B 11 14.48 -18.13 1.31
CA PHE B 11 14.51 -17.68 -0.11
C PHE B 11 15.37 -16.42 -0.25
N ASP B 12 16.42 -16.36 0.60
CA ASP B 12 17.34 -15.21 0.69
C ASP B 12 18.48 -15.28 -0.34
N LYS B 13 18.33 -16.13 -1.38
CA LYS B 13 19.32 -16.26 -2.46
C LYS B 13 19.35 -14.96 -3.31
N GLY B 14 20.30 -14.07 -2.97
CA GLY B 14 20.40 -12.74 -3.58
C GLY B 14 20.47 -11.65 -2.51
N GLN B 15 20.37 -10.39 -2.93
CA GLN B 15 20.46 -9.22 -2.02
C GLN B 15 19.29 -8.25 -2.26
N ARG B 16 19.01 -7.41 -1.25
CA ARG B 16 18.04 -6.29 -1.38
C ARG B 16 18.27 -5.32 -0.21
N THR B 17 19.12 -4.31 -0.47
CA THR B 17 19.42 -3.24 0.49
C THR B 17 19.96 -2.01 -0.24
N ASP B 18 19.50 -0.83 0.20
CA ASP B 18 19.95 0.49 -0.30
C ASP B 18 19.30 1.59 0.58
N LYS B 19 19.31 2.83 0.08
CA LYS B 19 18.63 3.98 0.71
C LYS B 19 18.56 5.14 -0.30
N TYR B 20 17.35 5.44 -0.75
CA TYR B 20 17.07 6.59 -1.60
C TYR B 20 15.63 7.06 -1.37
N GLY B 21 15.44 8.37 -1.46
CA GLY B 21 14.16 9.00 -1.21
C GLY B 21 14.35 10.45 -0.86
N ARG B 22 13.89 11.35 -1.75
CA ARG B 22 14.00 12.81 -1.59
C ARG B 22 12.59 13.40 -1.45
N GLY B 23 12.44 14.70 -1.74
CA GLY B 23 11.13 15.37 -1.70
C GLY B 23 10.24 14.95 -2.86
N LEU B 24 9.58 13.78 -2.70
CA LEU B 24 8.56 13.28 -3.65
C LEU B 24 7.26 14.09 -3.51
N ALA B 25 6.20 13.66 -4.20
CA ALA B 25 4.93 14.41 -4.26
C ALA B 25 3.92 13.90 -3.22
N TYR B 26 2.75 14.58 -3.14
CA TYR B 26 1.58 14.19 -2.30
C TYR B 26 0.40 15.14 -2.59
N ILE B 27 -0.78 14.54 -2.85
CA ILE B 27 -2.06 15.26 -2.99
C ILE B 27 -3.22 14.25 -2.99
N TYR B 28 -4.42 14.69 -2.62
CA TYR B 28 -5.64 13.86 -2.67
C TYR B 28 -5.98 13.44 -4.12
N ALA B 29 -6.38 12.16 -4.26
CA ALA B 29 -6.77 11.55 -5.54
C ALA B 29 -8.20 11.94 -5.95
N ASP B 30 -9.00 12.37 -4.96
CA ASP B 30 -10.39 12.77 -5.20
C ASP B 30 -10.44 14.05 -6.07
N GLY B 31 -11.09 13.95 -7.24
CA GLY B 31 -11.20 15.07 -8.18
C GLY B 31 -10.12 15.04 -9.27
N LYS B 32 -8.99 14.35 -9.01
CA LYS B 32 -7.88 14.22 -9.97
C LYS B 32 -7.94 12.84 -10.64
N MET B 33 -7.77 11.80 -9.82
CA MET B 33 -7.86 10.41 -10.25
C MET B 33 -9.35 10.01 -10.35
N VAL B 34 -9.98 10.40 -11.47
CA VAL B 34 -11.36 10.04 -11.80
C VAL B 34 -11.33 9.27 -13.13
N ASN B 35 -11.05 7.97 -13.06
CA ASN B 35 -10.91 7.10 -14.24
C ASN B 35 -11.31 5.68 -13.84
N GLU B 36 -12.28 5.11 -14.57
CA GLU B 36 -12.76 3.72 -14.36
C GLU B 36 -12.77 2.96 -15.70
N ALA B 37 -12.19 3.57 -16.75
CA ALA B 37 -12.10 2.97 -18.09
C ALA B 37 -10.95 1.94 -18.14
N LEU B 38 -11.17 0.85 -18.89
CA LEU B 38 -10.21 -0.27 -19.00
C LEU B 38 -10.34 -0.92 -20.40
N VAL B 39 -11.60 -1.16 -20.85
CA VAL B 39 -11.89 -1.81 -22.14
C VAL B 39 -11.36 -0.97 -23.33
N ARG B 40 -10.10 -1.24 -23.74
CA ARG B 40 -9.43 -0.44 -24.79
C ARG B 40 -8.20 -1.19 -25.35
N GLN B 41 -7.18 -1.39 -24.50
CA GLN B 41 -5.88 -1.96 -24.91
C GLN B 41 -5.97 -3.50 -24.98
N GLY B 42 -5.31 -4.09 -26.00
CA GLY B 42 -5.31 -5.54 -26.22
C GLY B 42 -3.95 -6.03 -26.67
N LEU B 43 -3.59 -7.26 -26.28
CA LEU B 43 -2.25 -7.83 -26.51
C LEU B 43 -2.29 -9.37 -26.41
N ALA B 44 -1.28 -10.01 -27.05
CA ALA B 44 -1.01 -11.46 -26.98
C ALA B 44 -2.16 -12.32 -27.54
N LYS B 45 -2.02 -13.64 -27.36
CA LYS B 45 -3.10 -14.62 -27.55
C LYS B 45 -2.69 -15.97 -26.91
N VAL B 46 -3.69 -16.82 -26.69
CA VAL B 46 -3.47 -18.24 -26.32
C VAL B 46 -3.88 -19.11 -27.54
N ALA B 47 -4.95 -18.65 -28.25
CA ALA B 47 -5.48 -19.26 -29.48
C ALA B 47 -6.76 -18.50 -29.87
N TYR B 48 -6.91 -18.21 -31.19
CA TYR B 48 -8.10 -17.51 -31.78
C TYR B 48 -8.14 -16.01 -31.37
N VAL B 49 -9.07 -15.25 -32.00
CA VAL B 49 -9.28 -13.82 -31.71
C VAL B 49 -10.73 -13.43 -32.10
N TYR B 50 -11.32 -12.48 -31.36
CA TYR B 50 -12.62 -11.85 -31.66
C TYR B 50 -12.62 -10.44 -31.04
N LYS B 51 -12.54 -9.41 -31.89
CA LYS B 51 -12.48 -8.01 -31.42
C LYS B 51 -13.91 -7.43 -31.26
N PRO B 52 -14.14 -6.51 -30.26
CA PRO B 52 -15.46 -5.88 -30.03
C PRO B 52 -15.67 -4.64 -30.94
N ASN B 53 -16.46 -3.66 -30.47
CA ASN B 53 -16.62 -2.35 -31.14
C ASN B 53 -15.34 -1.48 -30.98
N ASN B 54 -15.43 -0.19 -31.35
CA ASN B 54 -14.34 0.78 -31.16
C ASN B 54 -14.67 1.68 -29.95
N THR B 55 -14.88 1.01 -28.79
CA THR B 55 -15.17 1.63 -27.47
C THR B 55 -16.53 2.39 -27.47
N HIS B 56 -16.60 3.53 -28.20
CA HIS B 56 -17.82 4.34 -28.39
C HIS B 56 -18.28 4.94 -27.05
N GLU B 57 -17.70 6.10 -26.70
CA GLU B 57 -18.00 6.79 -25.43
C GLU B 57 -19.13 7.81 -25.66
N GLN B 58 -18.95 8.63 -26.71
CA GLN B 58 -19.88 9.71 -27.11
C GLN B 58 -20.00 10.74 -25.96
N HIS B 59 -18.99 11.61 -25.85
CA HIS B 59 -18.94 12.69 -24.84
C HIS B 59 -18.45 13.98 -25.52
N LEU B 60 -19.37 14.69 -26.19
CA LEU B 60 -19.09 16.00 -26.80
C LEU B 60 -19.10 17.07 -25.70
N ARG B 61 -17.98 17.11 -24.93
CA ARG B 61 -17.77 18.02 -23.78
C ARG B 61 -18.76 17.80 -22.62
N LYS B 62 -19.63 16.77 -22.74
CA LYS B 62 -20.61 16.44 -21.70
C LYS B 62 -19.97 15.49 -20.70
N SER B 63 -19.60 16.05 -19.53
CA SER B 63 -18.77 15.38 -18.50
C SER B 63 -17.35 15.15 -19.06
N GLU B 64 -16.38 15.96 -18.55
CA GLU B 64 -14.97 16.02 -19.00
C GLU B 64 -14.87 16.72 -20.37
N ALA B 65 -14.21 17.88 -20.39
CA ALA B 65 -14.08 18.74 -21.58
C ALA B 65 -12.71 19.42 -21.60
N GLN B 66 -12.55 20.42 -20.69
CA GLN B 66 -11.30 21.22 -20.51
C GLN B 66 -11.10 22.30 -21.61
N ALA B 67 -11.81 22.15 -22.76
CA ALA B 67 -11.74 23.08 -23.93
C ALA B 67 -10.31 23.14 -24.50
N LYS B 68 -9.46 23.99 -23.89
CA LYS B 68 -8.06 24.16 -24.27
C LYS B 68 -7.33 24.83 -23.08
N LYS B 69 -6.88 24.00 -22.12
CA LYS B 69 -6.07 24.44 -20.95
C LYS B 69 -6.70 25.64 -20.19
N GLU B 70 -6.39 26.86 -20.67
CA GLU B 70 -6.75 28.15 -20.09
C GLU B 70 -6.08 29.22 -20.94
N LYS B 71 -6.87 30.07 -21.58
CA LYS B 71 -6.36 31.21 -22.34
C LYS B 71 -6.11 32.38 -21.35
N LEU B 72 -5.04 32.20 -20.54
CA LEU B 72 -4.50 33.11 -19.49
C LEU B 72 -5.50 34.18 -18.97
N ASN B 73 -5.73 35.25 -19.78
CA ASN B 73 -6.67 36.35 -19.50
C ASN B 73 -6.26 37.13 -18.24
N ILE B 74 -6.73 36.69 -17.06
CA ILE B 74 -6.39 37.32 -15.77
C ILE B 74 -5.17 36.64 -15.14
N TRP B 75 -5.16 35.29 -15.22
CA TRP B 75 -4.13 34.37 -14.66
C TRP B 75 -3.42 34.91 -13.37
N ALA A 4 16.36 14.23 31.71
CA ALA A 4 15.02 14.82 31.97
C ALA A 4 14.85 16.11 31.14
N GLN A 5 14.61 15.93 29.83
CA GLN A 5 14.42 17.03 28.87
C GLN A 5 13.52 16.52 27.73
N ALA A 6 12.88 17.44 26.97
CA ALA A 6 12.08 17.07 25.79
C ALA A 6 12.94 16.25 24.81
N LEU A 7 12.63 14.94 24.72
CA LEU A 7 13.36 13.98 23.89
C LEU A 7 13.37 14.45 22.43
N TRP A 8 12.17 14.74 21.92
CA TRP A 8 11.92 15.01 20.51
C TRP A 8 12.64 16.27 19.98
N THR A 9 12.97 17.25 20.86
CA THR A 9 13.56 18.53 20.41
C THR A 9 15.06 18.37 20.03
N ARG A 10 15.71 17.32 20.54
CA ARG A 10 17.16 17.08 20.28
C ARG A 10 17.37 16.42 18.91
N ASN A 11 18.65 16.21 18.54
CA ASN A 11 19.04 15.62 17.24
C ASN A 11 18.95 14.08 17.27
N LYS A 12 18.89 13.48 16.06
CA LYS A 12 18.94 12.00 15.89
C LYS A 12 20.28 11.44 16.39
N SER A 13 21.34 12.25 16.24
CA SER A 13 22.69 11.92 16.71
C SER A 13 22.74 11.78 18.25
N GLU A 14 21.88 12.54 18.94
CA GLU A 14 21.87 12.63 20.42
C GLU A 14 21.01 11.53 21.07
N ILE A 15 20.10 10.97 20.28
CA ILE A 15 19.06 10.03 20.77
C ILE A 15 19.29 8.65 20.15
N THR A 16 19.41 7.61 20.98
CA THR A 16 19.60 6.22 20.51
C THR A 16 18.25 5.60 20.13
N ASP A 17 18.31 4.50 19.35
CA ASP A 17 17.15 3.71 18.87
C ASP A 17 16.20 3.35 20.03
N GLU A 18 16.81 3.01 21.17
CA GLU A 18 16.11 2.49 22.35
C GLU A 18 15.24 3.58 23.02
N GLU A 19 15.70 4.85 22.93
CA GLU A 19 14.95 6.01 23.44
C GLU A 19 13.69 6.27 22.60
N TYR A 20 13.80 6.06 21.27
CA TYR A 20 12.65 6.22 20.35
C TYR A 20 11.57 5.17 20.62
N LYS A 21 12.02 3.91 20.71
CA LYS A 21 11.14 2.75 20.95
C LYS A 21 10.42 2.89 22.30
N GLU A 22 11.17 3.30 23.33
CA GLU A 22 10.63 3.49 24.69
C GLU A 22 9.64 4.68 24.73
N PHE A 23 9.95 5.73 23.95
CA PHE A 23 9.11 6.95 23.86
C PHE A 23 7.78 6.64 23.18
N TYR A 24 7.84 5.78 22.13
CA TYR A 24 6.64 5.31 21.41
C TYR A 24 5.68 4.61 22.36
N LYS A 25 6.24 3.68 23.16
CA LYS A 25 5.48 2.89 24.13
C LYS A 25 4.76 3.81 25.14
N HIS A 26 5.48 4.87 25.57
CA HIS A 26 4.99 5.88 26.54
C HIS A 26 3.79 6.66 25.95
N ILE A 27 3.89 7.07 24.68
CA ILE A 27 2.95 8.01 24.05
C ILE A 27 1.75 7.31 23.37
N ALA A 28 1.90 6.01 23.06
CA ALA A 28 0.83 5.19 22.45
C ALA A 28 0.06 4.42 23.52
N HIS A 29 0.68 4.30 24.72
CA HIS A 29 0.19 3.48 25.85
C HIS A 29 0.19 1.97 25.48
N ASP A 30 1.06 1.62 24.53
CA ASP A 30 1.28 0.24 24.07
C ASP A 30 2.72 -0.17 24.45
N PHE A 31 3.15 -1.40 24.11
CA PHE A 31 4.52 -1.89 24.43
C PHE A 31 5.19 -2.59 23.23
N ASN A 32 4.65 -2.40 22.00
CA ASN A 32 5.31 -2.90 20.77
C ASN A 32 6.44 -1.94 20.40
N ASP A 33 7.52 -2.49 19.84
CA ASP A 33 8.65 -1.70 19.32
C ASP A 33 8.34 -1.29 17.88
N PRO A 34 8.46 0.03 17.51
CA PRO A 34 8.20 0.49 16.13
C PRO A 34 9.21 -0.12 15.14
N LEU A 35 8.70 -0.54 13.97
CA LEU A 35 9.53 -1.15 12.91
C LEU A 35 10.52 -0.12 12.35
N THR A 36 10.03 1.12 12.20
CA THR A 36 10.85 2.27 11.79
C THR A 36 10.14 3.58 12.23
N TRP A 37 10.93 4.67 12.34
CA TRP A 37 10.46 5.98 12.80
C TRP A 37 11.09 7.11 11.98
N SER A 38 10.37 8.24 11.85
CA SER A 38 10.82 9.44 11.14
C SER A 38 10.93 10.60 12.12
N HIS A 39 12.13 10.78 12.66
CA HIS A 39 12.47 11.94 13.49
C HIS A 39 13.14 12.99 12.61
N ASN A 40 12.35 13.89 12.02
CA ASN A 40 12.86 14.98 11.19
C ASN A 40 12.48 16.32 11.81
N ARG A 41 13.46 17.20 12.01
CA ARG A 41 13.23 18.56 12.49
C ARG A 41 13.45 19.52 11.32
N VAL A 42 12.44 20.36 11.08
CA VAL A 42 12.40 21.31 9.96
C VAL A 42 12.15 22.73 10.52
N GLU A 43 12.72 23.74 9.86
CA GLU A 43 12.58 25.16 10.23
C GLU A 43 12.58 26.03 8.95
N GLY A 44 12.47 27.36 9.13
CA GLY A 44 12.46 28.32 8.01
C GLY A 44 11.25 29.20 8.10
N LYS A 45 10.20 28.87 7.33
CA LYS A 45 8.86 29.48 7.50
C LYS A 45 8.20 28.89 8.74
N GLN A 46 8.09 27.55 8.75
CA GLN A 46 7.47 26.78 9.82
C GLN A 46 8.53 25.93 10.53
N GLU A 47 8.76 26.19 11.83
CA GLU A 47 9.66 25.42 12.67
C GLU A 47 8.86 24.32 13.38
N TYR A 48 8.91 23.11 12.82
CA TYR A 48 8.21 21.94 13.36
C TYR A 48 9.17 20.74 13.43
N THR A 49 9.28 20.15 14.64
CA THR A 49 10.00 18.90 14.86
C THR A 49 8.98 17.75 14.89
N SER A 50 8.99 16.90 13.85
CA SER A 50 8.06 15.77 13.74
C SER A 50 8.77 14.46 14.11
N LEU A 51 8.11 13.66 14.94
CA LEU A 51 8.61 12.34 15.39
C LEU A 51 7.46 11.33 15.25
N LEU A 52 7.46 10.65 14.10
CA LEU A 52 6.42 9.68 13.71
C LEU A 52 6.93 8.27 13.95
N TYR A 53 6.01 7.32 14.21
CA TYR A 53 6.36 5.90 14.41
C TYR A 53 5.41 5.01 13.59
N ILE A 54 5.99 3.96 12.99
CA ILE A 54 5.25 2.87 12.34
C ILE A 54 5.12 1.70 13.33
N PRO A 55 3.88 1.40 13.83
CA PRO A 55 3.64 0.29 14.79
C PRO A 55 3.92 -1.10 14.17
N SER A 56 4.48 -2.00 14.98
CA SER A 56 4.67 -3.42 14.64
C SER A 56 3.35 -4.22 14.84
N GLN A 57 2.40 -3.60 15.56
CA GLN A 57 1.12 -4.21 15.94
C GLN A 57 -0.02 -3.31 15.49
N ALA A 58 -1.00 -3.90 14.78
CA ALA A 58 -2.27 -3.22 14.47
C ALA A 58 -3.12 -3.13 15.74
N PRO A 59 -3.55 -1.89 16.17
CA PRO A 59 -4.46 -1.73 17.33
C PRO A 59 -5.79 -2.48 17.12
N TRP A 60 -6.44 -2.89 18.22
CA TRP A 60 -7.79 -3.49 18.15
C TRP A 60 -8.79 -2.42 17.67
N ASP A 61 -8.55 -1.19 18.14
CA ASP A 61 -9.37 -0.01 17.85
C ASP A 61 -9.00 0.66 16.50
N MET A 62 -8.28 -0.08 15.65
CA MET A 62 -7.86 0.39 14.31
C MET A 62 -9.07 0.48 13.35
N TRP A 63 -10.02 -0.46 13.51
CA TRP A 63 -11.20 -0.60 12.61
C TRP A 63 -12.50 -0.37 13.39
N ASN A 64 -12.40 0.34 14.52
CA ASN A 64 -13.55 0.76 15.34
C ASN A 64 -14.10 2.11 14.86
N ARG A 65 -15.29 2.47 15.39
CA ARG A 65 -15.83 3.84 15.27
C ARG A 65 -15.07 4.78 16.22
N ASP A 66 -14.35 4.18 17.18
CA ASP A 66 -13.41 4.87 18.07
C ASP A 66 -12.04 4.96 17.38
N HIS A 67 -11.45 6.17 17.32
CA HIS A 67 -10.10 6.36 16.76
C HIS A 67 -9.06 6.39 17.89
N LYS A 68 -7.91 5.75 17.65
CA LYS A 68 -6.73 5.82 18.55
C LYS A 68 -5.46 6.18 17.77
N HIS A 69 -5.55 6.13 16.44
CA HIS A 69 -4.50 6.58 15.53
C HIS A 69 -4.41 8.13 15.53
N GLY A 70 -3.20 8.67 15.24
CA GLY A 70 -2.97 10.11 15.31
C GLY A 70 -1.72 10.46 16.11
N LEU A 71 -1.56 11.75 16.42
CA LEU A 71 -0.34 12.29 17.07
C LEU A 71 -0.70 13.01 18.38
N LYS A 72 0.35 13.31 19.17
CA LYS A 72 0.25 14.28 20.27
C LYS A 72 0.66 15.65 19.74
N LEU A 73 -0.29 16.58 19.73
CA LEU A 73 -0.03 17.96 19.33
C LEU A 73 0.69 18.71 20.46
N TYR A 74 1.99 18.97 20.25
CA TYR A 74 2.79 19.88 21.08
C TYR A 74 2.98 21.18 20.30
N VAL A 75 2.56 22.29 20.87
CA VAL A 75 2.91 23.62 20.38
C VAL A 75 3.95 24.22 21.33
N GLN A 76 5.20 24.37 20.82
CA GLN A 76 6.35 24.92 21.56
C GLN A 76 6.73 23.98 22.75
N ARG A 77 6.66 22.66 22.46
CA ARG A 77 6.95 21.54 23.40
C ARG A 77 5.90 21.44 24.53
N VAL A 78 4.81 22.21 24.43
CA VAL A 78 3.70 22.20 25.40
C VAL A 78 2.55 21.37 24.84
N PHE A 79 2.13 20.35 25.58
CA PHE A 79 1.03 19.45 25.19
C PHE A 79 -0.30 20.22 25.13
N ILE A 80 -0.93 20.17 23.95
CA ILE A 80 -2.23 20.80 23.68
C ILE A 80 -3.34 19.73 23.73
N MET A 81 -3.27 18.75 22.81
CA MET A 81 -4.35 17.77 22.60
C MET A 81 -3.79 16.47 21.96
N ASP A 82 -4.26 15.31 22.49
CA ASP A 82 -3.84 13.97 22.03
C ASP A 82 -4.77 13.46 20.90
N ASP A 83 -4.27 12.47 20.11
CA ASP A 83 -5.03 11.75 19.06
C ASP A 83 -5.37 12.68 17.86
N ALA A 84 -4.49 13.68 17.64
CA ALA A 84 -4.58 14.61 16.52
C ALA A 84 -4.15 13.91 15.21
N GLU A 85 -5.13 13.29 14.54
CA GLU A 85 -4.95 12.61 13.24
C GLU A 85 -5.11 13.59 12.06
N GLN A 86 -5.11 14.89 12.39
CA GLN A 86 -5.28 16.00 11.41
C GLN A 86 -4.00 16.24 10.61
N PHE A 87 -2.90 15.59 11.05
CA PHE A 87 -1.58 15.62 10.38
C PHE A 87 -1.37 14.33 9.56
N MET A 88 -2.25 13.35 9.78
CA MET A 88 -2.26 12.06 9.07
C MET A 88 -3.31 12.09 7.95
N PRO A 89 -2.90 11.80 6.66
CA PRO A 89 -3.88 11.47 5.58
C PRO A 89 -4.55 10.10 5.83
N ASN A 90 -5.56 9.78 5.01
CA ASN A 90 -6.46 8.63 5.22
C ASN A 90 -5.70 7.28 5.12
N TYR A 91 -4.76 7.18 4.15
CA TYR A 91 -3.97 5.93 3.92
C TYR A 91 -2.76 5.84 4.85
N LEU A 92 -2.40 6.95 5.50
CA LEU A 92 -1.32 6.97 6.51
C LEU A 92 -1.92 7.24 7.89
N ARG A 93 -3.17 6.77 8.08
CA ARG A 93 -3.90 6.91 9.34
C ARG A 93 -3.19 6.14 10.48
N PHE A 94 -2.52 5.02 10.11
CA PHE A 94 -1.91 4.06 11.07
C PHE A 94 -0.81 4.69 11.97
N VAL A 95 -0.24 5.80 11.49
CA VAL A 95 0.88 6.49 12.15
C VAL A 95 0.46 7.01 13.52
N ARG A 96 1.21 6.59 14.55
CA ARG A 96 1.00 7.02 15.95
C ARG A 96 2.33 7.57 16.47
N GLY A 97 2.28 8.75 17.07
CA GLY A 97 3.47 9.45 17.52
C GLY A 97 3.14 10.84 18.04
N LEU A 98 3.87 11.86 17.57
CA LEU A 98 3.69 13.26 17.99
C LEU A 98 4.24 14.22 16.93
N ILE A 99 3.91 15.50 17.12
CA ILE A 99 4.43 16.61 16.32
C ILE A 99 4.57 17.86 17.22
N ASP A 100 5.77 18.43 17.23
CA ASP A 100 6.08 19.72 17.85
C ASP A 100 6.07 20.80 16.75
N SER A 101 5.23 21.82 16.89
CA SER A 101 5.17 22.98 15.98
C SER A 101 5.20 24.27 16.82
N SER A 102 5.89 25.31 16.33
CA SER A 102 5.97 26.62 17.04
C SER A 102 5.16 27.70 16.29
N ASP A 103 4.31 27.24 15.36
CA ASP A 103 3.59 28.10 14.39
C ASP A 103 2.07 28.10 14.65
N LEU A 104 1.58 27.00 15.22
CA LEU A 104 0.15 26.85 15.58
C LEU A 104 -0.15 27.65 16.87
N PRO A 105 -1.42 28.13 17.08
CA PRO A 105 -1.84 28.76 18.37
C PRO A 105 -1.66 27.82 19.59
N LEU A 106 -1.48 28.42 20.77
CA LEU A 106 -1.37 27.68 22.05
C LEU A 106 -2.75 27.17 22.53
N ASN A 107 -3.83 27.70 21.92
CA ASN A 107 -5.22 27.29 22.19
C ASN A 107 -5.87 26.78 20.88
N VAL A 108 -5.05 26.18 20.00
CA VAL A 108 -5.51 25.65 18.68
C VAL A 108 -6.45 24.43 18.87
N SER A 109 -7.49 24.35 18.03
CA SER A 109 -8.53 23.31 18.09
C SER A 109 -8.36 22.35 16.92
N ARG A 110 -8.90 21.13 17.10
CA ARG A 110 -8.96 20.09 16.04
C ARG A 110 -9.76 20.57 14.82
N GLU A 111 -10.73 21.46 15.08
CA GLU A 111 -11.55 22.13 14.04
C GLU A 111 -10.65 23.03 13.15
N ILE A 112 -9.78 23.80 13.82
CA ILE A 112 -8.81 24.70 13.15
C ILE A 112 -7.78 23.86 12.37
N LEU A 113 -7.39 22.71 12.95
CA LEU A 113 -6.43 21.78 12.35
C LEU A 113 -6.97 21.14 11.04
N GLN A 114 -8.29 20.94 11.00
CA GLN A 114 -8.96 20.38 9.81
C GLN A 114 -9.09 21.45 8.71
N ASP A 115 -9.44 22.67 9.13
CA ASP A 115 -9.85 23.77 8.23
C ASP A 115 -8.64 24.50 7.61
N SER A 116 -7.59 24.71 8.42
CA SER A 116 -6.47 25.61 8.07
C SER A 116 -5.52 24.98 7.03
N THR A 117 -5.05 25.83 6.10
CA THR A 117 -4.15 25.45 5.01
C THR A 117 -2.71 25.21 5.53
N VAL A 118 -2.34 25.89 6.66
CA VAL A 118 -1.00 25.70 7.28
C VAL A 118 -0.88 24.29 7.88
N THR A 119 -1.95 23.81 8.53
CA THR A 119 -1.99 22.48 9.14
C THR A 119 -2.08 21.39 8.06
N ARG A 120 -2.67 21.75 6.91
CA ARG A 120 -2.68 20.90 5.71
C ARG A 120 -1.25 20.79 5.12
N ASN A 121 -0.46 21.87 5.26
CA ASN A 121 0.97 21.89 4.87
C ASN A 121 1.77 20.96 5.79
N LEU A 122 1.42 20.98 7.10
CA LEU A 122 1.97 20.06 8.11
C LEU A 122 1.59 18.61 7.79
N ARG A 123 0.36 18.40 7.28
CA ARG A 123 -0.16 17.07 6.95
C ARG A 123 0.67 16.45 5.82
N ASN A 124 0.82 17.19 4.70
CA ASN A 124 1.48 16.67 3.48
C ASN A 124 3.01 16.59 3.64
N ALA A 125 3.57 17.41 4.56
CA ALA A 125 4.98 17.33 4.93
C ALA A 125 5.25 15.98 5.60
N LEU A 126 4.46 15.70 6.65
CA LEU A 126 4.55 14.46 7.44
C LEU A 126 4.16 13.21 6.61
N THR A 127 3.35 13.41 5.55
CA THR A 127 3.02 12.35 4.59
C THR A 127 4.29 11.80 3.92
N LYS A 128 5.16 12.71 3.48
CA LYS A 128 6.44 12.39 2.81
C LYS A 128 7.46 11.80 3.81
N ARG A 129 7.27 12.13 5.11
CA ARG A 129 8.06 11.53 6.21
C ARG A 129 7.71 10.03 6.39
N VAL A 130 6.40 9.70 6.26
CA VAL A 130 5.92 8.31 6.41
C VAL A 130 6.28 7.49 5.17
N LEU A 131 6.05 8.05 3.97
CA LEU A 131 6.41 7.42 2.67
C LEU A 131 7.91 7.13 2.60
N GLN A 132 8.70 8.00 3.25
CA GLN A 132 10.16 7.84 3.37
C GLN A 132 10.49 6.61 4.23
N MET A 133 9.67 6.37 5.28
CA MET A 133 9.81 5.19 6.19
C MET A 133 9.30 3.90 5.54
N LEU A 134 8.24 4.03 4.72
CA LEU A 134 7.55 2.88 4.10
C LEU A 134 8.42 2.23 3.03
N GLU A 135 8.92 3.07 2.11
CA GLU A 135 9.79 2.60 1.02
C GLU A 135 11.16 2.15 1.55
N LYS A 136 11.61 2.82 2.63
CA LYS A 136 12.78 2.42 3.42
C LYS A 136 12.60 0.98 3.90
N LEU A 137 11.48 0.73 4.62
CA LEU A 137 11.19 -0.54 5.29
C LEU A 137 10.96 -1.66 4.26
N ALA A 138 10.40 -1.27 3.11
CA ALA A 138 10.06 -2.16 1.99
C ALA A 138 11.32 -2.76 1.34
N LYS A 139 12.47 -2.08 1.51
CA LYS A 139 13.78 -2.54 1.00
C LYS A 139 14.75 -2.90 2.15
N ASP A 140 14.48 -2.38 3.36
CA ASP A 140 15.34 -2.54 4.55
C ASP A 140 15.30 -3.99 5.05
N ASP A 141 14.09 -4.47 5.31
CA ASP A 141 13.86 -5.81 5.85
C ASP A 141 12.49 -6.30 5.38
N ALA A 142 12.52 -7.28 4.44
CA ALA A 142 11.31 -7.86 3.82
C ALA A 142 10.31 -8.40 4.87
N GLU A 143 10.84 -9.00 5.96
CA GLU A 143 10.01 -9.60 7.02
C GLU A 143 9.26 -8.50 7.80
N LYS A 144 9.95 -7.40 8.16
CA LYS A 144 9.34 -6.26 8.91
C LYS A 144 8.15 -5.69 8.12
N TYR A 145 8.37 -5.46 6.81
CA TYR A 145 7.36 -4.83 5.94
C TYR A 145 6.22 -5.82 5.58
N GLN A 146 6.53 -7.13 5.57
CA GLN A 146 5.52 -8.20 5.35
C GLN A 146 4.58 -8.29 6.56
N THR A 147 5.17 -8.15 7.77
CA THR A 147 4.43 -8.10 9.05
C THR A 147 3.56 -6.84 9.08
N PHE A 148 4.18 -5.72 8.67
CA PHE A 148 3.52 -4.42 8.58
C PHE A 148 2.33 -4.47 7.60
N TRP A 149 2.52 -5.17 6.48
CA TRP A 149 1.48 -5.33 5.45
C TRP A 149 0.35 -6.25 5.96
N GLN A 150 0.71 -7.15 6.88
CA GLN A 150 -0.26 -8.07 7.50
C GLN A 150 -1.02 -7.36 8.66
N GLN A 151 -0.54 -6.17 9.07
CA GLN A 151 -1.17 -5.34 10.14
C GLN A 151 -1.96 -4.15 9.55
N PHE A 152 -1.40 -3.50 8.51
CA PHE A 152 -1.86 -2.18 8.01
C PHE A 152 -1.88 -2.15 6.47
N GLY A 153 -1.81 -3.32 5.83
CA GLY A 153 -1.75 -3.43 4.37
C GLY A 153 -3.01 -2.95 3.67
N LEU A 154 -4.14 -3.08 4.37
CA LEU A 154 -5.48 -2.64 3.89
C LEU A 154 -5.52 -1.11 3.73
N VAL A 155 -4.73 -0.42 4.58
CA VAL A 155 -4.77 1.05 4.74
C VAL A 155 -4.06 1.75 3.55
N LEU A 156 -2.89 1.19 3.13
CA LEU A 156 -2.07 1.76 2.02
C LEU A 156 -2.77 1.63 0.65
N LYS A 157 -3.84 0.81 0.58
CA LYS A 157 -4.64 0.61 -0.65
C LYS A 157 -5.59 1.81 -0.91
N GLU A 158 -5.73 2.68 0.10
CA GLU A 158 -6.41 3.98 -0.05
C GLU A 158 -5.43 5.01 -0.70
N GLY A 159 -4.13 4.63 -0.77
CA GLY A 159 -3.03 5.49 -1.22
C GLY A 159 -3.10 6.01 -2.64
N PRO A 160 -3.07 5.12 -3.70
CA PRO A 160 -3.12 5.57 -5.14
C PRO A 160 -4.47 6.24 -5.49
N ALA A 161 -5.45 6.11 -4.58
CA ALA A 161 -6.80 6.67 -4.73
C ALA A 161 -6.91 8.06 -4.10
N GLU A 162 -6.25 8.26 -2.94
CA GLU A 162 -6.28 9.54 -2.20
C GLU A 162 -5.25 10.52 -2.77
N ASP A 163 -4.06 10.00 -3.06
CA ASP A 163 -2.95 10.81 -3.58
C ASP A 163 -2.56 10.29 -4.98
N PHE A 164 -2.88 11.10 -6.01
CA PHE A 164 -2.67 10.73 -7.41
C PHE A 164 -1.21 10.95 -7.85
N ALA A 165 -0.49 11.89 -7.20
CA ALA A 165 0.90 12.20 -7.55
C ALA A 165 1.82 11.04 -7.12
N ASN A 166 1.62 10.56 -5.88
CA ASN A 166 2.39 9.45 -5.30
C ASN A 166 1.81 8.09 -5.73
N GLN A 167 0.91 8.07 -6.74
CA GLN A 167 0.22 6.83 -7.22
C GLN A 167 1.22 5.67 -7.49
N GLU A 168 2.35 5.99 -8.15
CA GLU A 168 3.43 5.02 -8.44
C GLU A 168 4.24 4.71 -7.17
N ALA A 169 4.56 5.75 -6.38
CA ALA A 169 5.37 5.61 -5.14
C ALA A 169 4.73 4.61 -4.15
N ILE A 170 3.39 4.69 -4.06
CA ILE A 170 2.55 3.85 -3.20
C ILE A 170 2.28 2.50 -3.89
N ALA A 171 2.34 2.47 -5.25
CA ALA A 171 2.21 1.22 -6.05
C ALA A 171 3.36 0.23 -5.75
N LYS A 172 4.53 0.82 -5.41
CA LYS A 172 5.74 0.07 -4.98
C LYS A 172 5.54 -0.48 -3.54
N LEU A 173 4.77 0.28 -2.75
CA LEU A 173 4.41 -0.08 -1.37
C LEU A 173 3.30 -1.14 -1.37
N LEU A 174 2.48 -1.16 -2.44
CA LEU A 174 1.41 -2.15 -2.61
C LEU A 174 2.04 -3.51 -2.89
N ARG A 175 1.68 -4.49 -2.04
CA ARG A 175 2.28 -5.81 -2.02
C ARG A 175 1.17 -6.85 -2.18
N PHE A 176 1.38 -7.76 -3.13
CA PHE A 176 0.41 -8.79 -3.52
C PHE A 176 1.13 -10.15 -3.50
N ALA A 177 0.35 -11.22 -3.43
CA ALA A 177 0.85 -12.57 -3.69
C ALA A 177 0.84 -12.83 -5.21
N SER A 178 1.36 -13.98 -5.66
CA SER A 178 1.56 -14.25 -7.11
C SER A 178 1.67 -15.77 -7.36
N THR A 179 1.52 -16.21 -8.64
CA THR A 179 1.70 -17.63 -9.04
C THR A 179 3.19 -18.05 -8.93
N HIS A 180 4.07 -17.03 -8.79
CA HIS A 180 5.47 -17.16 -8.38
C HIS A 180 5.59 -17.91 -7.03
N THR A 181 4.69 -17.58 -6.09
CA THR A 181 4.69 -18.14 -4.72
C THR A 181 3.32 -18.71 -4.34
N ASP A 182 3.29 -20.00 -3.97
CA ASP A 182 2.07 -20.66 -3.46
C ASP A 182 1.81 -20.24 -1.98
N SER A 183 2.75 -19.47 -1.40
CA SER A 183 2.59 -18.83 -0.08
C SER A 183 1.66 -17.60 -0.20
N SER A 184 0.82 -17.39 0.83
CA SER A 184 -0.17 -16.28 0.87
C SER A 184 0.51 -14.92 1.11
N ALA A 185 1.78 -14.96 1.55
CA ALA A 185 2.59 -13.79 1.87
C ALA A 185 2.59 -12.76 0.72
N GLN A 186 1.90 -11.63 0.96
CA GLN A 186 1.77 -10.53 0.01
C GLN A 186 3.06 -9.70 0.06
N THR A 187 4.06 -10.17 -0.70
CA THR A 187 5.43 -9.62 -0.68
C THR A 187 5.81 -9.01 -2.05
N VAL A 188 5.22 -9.54 -3.13
CA VAL A 188 5.55 -9.18 -4.51
C VAL A 188 4.88 -7.85 -4.88
N SER A 189 5.69 -6.84 -5.17
CA SER A 189 5.20 -5.52 -5.59
C SER A 189 5.02 -5.51 -7.11
N LEU A 190 4.51 -4.38 -7.62
CA LEU A 190 4.41 -4.13 -9.05
C LEU A 190 5.80 -3.95 -9.69
N GLU A 191 6.82 -3.66 -8.84
CA GLU A 191 8.24 -3.68 -9.23
C GLU A 191 8.64 -5.10 -9.65
N ASP A 192 8.42 -6.08 -8.74
CA ASP A 192 8.72 -7.51 -8.96
C ASP A 192 7.93 -8.07 -10.15
N TYR A 193 6.68 -7.61 -10.29
CA TYR A 193 5.78 -8.06 -11.36
C TYR A 193 6.35 -7.69 -12.74
N VAL A 194 6.75 -6.42 -12.90
CA VAL A 194 7.32 -5.91 -14.17
C VAL A 194 8.73 -6.47 -14.41
N SER A 195 9.47 -6.75 -13.31
CA SER A 195 10.82 -7.38 -13.38
C SER A 195 10.74 -8.88 -13.72
N ARG A 196 9.56 -9.49 -13.54
CA ARG A 196 9.30 -10.91 -13.87
C ARG A 196 8.16 -11.01 -14.91
N MET A 197 7.89 -9.89 -15.61
CA MET A 197 6.86 -9.84 -16.65
C MET A 197 7.36 -10.47 -17.96
N LYS A 198 6.52 -11.33 -18.54
CA LYS A 198 6.74 -11.90 -19.89
C LYS A 198 6.38 -10.84 -20.93
N GLU A 199 7.09 -10.86 -22.08
CA GLU A 199 6.75 -10.01 -23.23
C GLU A 199 5.37 -10.41 -23.79
N GLY A 200 4.71 -9.48 -24.47
CA GLY A 200 3.34 -9.68 -24.95
C GLY A 200 2.30 -9.26 -23.91
N GLN A 201 2.69 -9.22 -22.61
CA GLN A 201 1.80 -8.73 -21.55
C GLN A 201 1.64 -7.22 -21.65
N GLU A 202 0.59 -6.82 -22.38
CA GLU A 202 0.18 -5.42 -22.55
C GLU A 202 -0.83 -5.02 -21.43
N LYS A 203 -1.00 -5.93 -20.44
CA LYS A 203 -1.79 -5.71 -19.19
C LYS A 203 -1.03 -6.30 -17.99
N ILE A 204 -1.37 -5.79 -16.79
CA ILE A 204 -0.97 -6.39 -15.50
C ILE A 204 -2.13 -7.25 -14.98
N TYR A 205 -1.92 -8.57 -14.97
CA TYR A 205 -2.94 -9.54 -14.54
C TYR A 205 -2.86 -9.84 -13.04
N TYR A 206 -4.05 -9.84 -12.45
CA TYR A 206 -4.30 -10.20 -11.06
C TYR A 206 -5.67 -10.87 -10.98
N ILE A 207 -5.99 -11.49 -9.84
CA ILE A 207 -7.32 -12.07 -9.57
C ILE A 207 -7.83 -11.50 -8.25
N THR A 208 -9.10 -11.04 -8.23
CA THR A 208 -9.75 -10.53 -7.02
C THR A 208 -10.81 -11.53 -6.53
N ALA A 209 -10.63 -12.03 -5.31
CA ALA A 209 -11.50 -13.04 -4.69
C ALA A 209 -11.66 -12.74 -3.19
N ASP A 210 -12.54 -13.51 -2.52
CA ASP A 210 -12.79 -13.40 -1.07
C ASP A 210 -11.69 -14.10 -0.26
N SER A 211 -11.08 -15.15 -0.85
CA SER A 211 -10.08 -16.00 -0.17
C SER A 211 -8.93 -16.38 -1.13
N TYR A 212 -7.71 -16.51 -0.56
CA TYR A 212 -6.48 -16.85 -1.30
C TYR A 212 -6.55 -18.26 -1.89
N ALA A 213 -7.05 -19.22 -1.08
CA ALA A 213 -7.17 -20.64 -1.48
C ALA A 213 -8.08 -20.80 -2.72
N ALA A 214 -9.24 -20.12 -2.66
CA ALA A 214 -10.23 -20.13 -3.76
C ALA A 214 -9.66 -19.46 -5.01
N ALA A 215 -8.95 -18.34 -4.81
CA ALA A 215 -8.33 -17.56 -5.90
C ALA A 215 -7.26 -18.38 -6.63
N LYS A 216 -6.41 -19.08 -5.85
CA LYS A 216 -5.27 -19.85 -6.38
C LYS A 216 -5.75 -21.14 -7.06
N SER A 217 -6.96 -21.60 -6.70
CA SER A 217 -7.58 -22.81 -7.26
C SER A 217 -8.54 -22.48 -8.42
N SER A 218 -8.64 -21.18 -8.80
CA SER A 218 -9.46 -20.74 -9.94
C SER A 218 -8.79 -21.08 -11.29
N PRO A 219 -9.54 -21.68 -12.27
CA PRO A 219 -9.05 -21.93 -13.67
C PRO A 219 -8.68 -20.64 -14.45
N HIS A 220 -9.10 -19.46 -13.90
CA HIS A 220 -8.69 -18.12 -14.39
C HIS A 220 -7.15 -18.01 -14.47
N LEU A 221 -6.49 -18.55 -13.43
CA LEU A 221 -5.03 -18.63 -13.36
C LEU A 221 -4.51 -19.63 -14.40
N GLU A 222 -5.06 -20.87 -14.34
CA GLU A 222 -4.56 -22.04 -15.13
C GLU A 222 -4.51 -21.78 -16.64
N LEU A 223 -5.42 -20.93 -17.13
CA LEU A 223 -5.44 -20.47 -18.53
C LEU A 223 -4.11 -19.76 -18.90
N LEU A 224 -3.73 -18.82 -18.05
CA LEU A 224 -2.54 -17.98 -18.23
C LEU A 224 -1.27 -18.66 -17.69
N ARG A 225 -1.46 -19.54 -16.71
CA ARG A 225 -0.38 -20.16 -15.92
C ARG A 225 0.31 -21.24 -16.76
N LYS A 226 -0.50 -21.95 -17.56
CA LYS A 226 -0.02 -22.92 -18.57
C LYS A 226 0.71 -22.17 -19.70
N LYS A 227 0.27 -20.93 -19.97
CA LYS A 227 0.91 -20.01 -20.95
C LYS A 227 2.24 -19.44 -20.40
N GLY A 228 2.48 -19.61 -19.08
CA GLY A 228 3.71 -19.13 -18.42
C GLY A 228 3.63 -17.64 -18.06
N ILE A 229 2.41 -17.18 -17.76
CA ILE A 229 2.11 -15.78 -17.38
C ILE A 229 2.01 -15.67 -15.85
N GLU A 230 2.48 -14.53 -15.31
CA GLU A 230 2.47 -14.22 -13.89
C GLU A 230 1.09 -13.65 -13.52
N VAL A 231 0.40 -14.28 -12.56
CA VAL A 231 -0.92 -13.82 -12.07
C VAL A 231 -0.80 -13.47 -10.57
N LEU A 232 -1.11 -12.21 -10.22
CA LEU A 232 -1.10 -11.75 -8.82
C LEU A 232 -2.36 -12.25 -8.08
N LEU A 233 -2.15 -12.86 -6.91
CA LEU A 233 -3.23 -13.34 -6.03
C LEU A 233 -3.66 -12.21 -5.05
N LEU A 234 -4.80 -11.56 -5.36
CA LEU A 234 -5.45 -10.54 -4.50
C LEU A 234 -6.70 -11.17 -3.86
N SER A 235 -6.71 -11.27 -2.53
CA SER A 235 -7.77 -11.98 -1.78
C SER A 235 -8.54 -11.03 -0.84
N ASP A 236 -8.40 -9.71 -1.07
CA ASP A 236 -9.01 -8.66 -0.22
C ASP A 236 -10.05 -7.84 -1.02
N ARG A 237 -10.94 -7.17 -0.27
CA ARG A 237 -12.18 -6.53 -0.76
C ARG A 237 -11.88 -5.22 -1.51
N ILE A 238 -11.03 -4.35 -0.92
CA ILE A 238 -10.75 -3.02 -1.51
C ILE A 238 -9.71 -3.13 -2.65
N ASP A 239 -9.01 -4.28 -2.72
CA ASP A 239 -8.00 -4.59 -3.78
C ASP A 239 -8.51 -4.26 -5.19
N GLU A 240 -9.77 -4.66 -5.49
CA GLU A 240 -10.37 -4.50 -6.83
C GLU A 240 -10.53 -3.02 -7.21
N TRP A 241 -11.10 -2.23 -6.28
CA TRP A 241 -11.41 -0.81 -6.50
C TRP A 241 -10.12 0.03 -6.53
N MET A 242 -9.12 -0.40 -5.73
CA MET A 242 -7.80 0.25 -5.62
C MET A 242 -7.04 0.13 -6.94
N MET A 243 -7.04 -1.09 -7.50
CA MET A 243 -6.45 -1.37 -8.82
C MET A 243 -7.27 -0.69 -9.93
N ASN A 244 -8.58 -0.52 -9.68
CA ASN A 244 -9.51 0.14 -10.63
C ASN A 244 -9.23 1.65 -10.75
N TYR A 245 -8.59 2.23 -9.72
CA TYR A 245 -8.17 3.65 -9.75
C TYR A 245 -6.71 3.74 -10.23
N LEU A 246 -5.90 2.75 -9.85
CA LEU A 246 -4.52 2.57 -10.36
C LEU A 246 -4.64 1.85 -11.71
N THR A 247 -5.18 2.58 -12.71
CA THR A 247 -5.66 2.00 -13.97
C THR A 247 -4.51 1.47 -14.85
N GLU A 248 -3.30 2.02 -14.67
CA GLU A 248 -2.14 1.70 -15.51
C GLU A 248 -0.82 2.00 -14.78
N PHE A 249 0.13 1.05 -14.82
CA PHE A 249 1.47 1.17 -14.23
C PHE A 249 2.52 0.74 -15.26
N ASP A 250 3.45 1.68 -15.55
CA ASP A 250 4.62 1.45 -16.43
C ASP A 250 4.19 1.13 -17.89
N GLY A 251 3.00 1.62 -18.27
CA GLY A 251 2.44 1.44 -19.63
C GLY A 251 1.49 0.27 -19.76
N LYS A 252 1.38 -0.57 -18.71
CA LYS A 252 0.49 -1.76 -18.70
C LYS A 252 -0.77 -1.49 -17.86
N PRO A 253 -1.98 -1.35 -18.49
CA PRO A 253 -3.27 -1.25 -17.77
C PRO A 253 -3.62 -2.56 -17.03
N PHE A 254 -4.24 -2.43 -15.86
CA PHE A 254 -4.59 -3.58 -14.99
C PHE A 254 -5.91 -4.24 -15.46
N GLN A 255 -6.09 -5.53 -15.16
CA GLN A 255 -7.40 -6.21 -15.27
C GLN A 255 -7.44 -7.47 -14.39
N SER A 256 -8.52 -7.59 -13.60
CA SER A 256 -8.83 -8.83 -12.87
C SER A 256 -9.27 -9.92 -13.86
N VAL A 257 -8.57 -11.06 -13.84
CA VAL A 257 -8.88 -12.25 -14.64
C VAL A 257 -10.17 -12.93 -14.14
N SER A 258 -10.63 -12.52 -12.94
CA SER A 258 -11.96 -12.87 -12.38
C SER A 258 -13.10 -12.42 -13.33
N LYS A 259 -12.80 -11.43 -14.17
CA LYS A 259 -13.72 -10.84 -15.15
C LYS A 259 -13.22 -11.17 -16.56
N VAL A 260 -14.14 -11.27 -17.52
CA VAL A 260 -13.80 -11.51 -18.94
C VAL A 260 -14.23 -10.29 -19.76
N ASP A 261 -13.28 -9.71 -20.52
CA ASP A 261 -13.52 -8.55 -21.37
C ASP A 261 -12.32 -8.37 -22.34
N GLU A 262 -11.71 -7.16 -22.40
CA GLU A 262 -10.67 -6.77 -23.37
C GLU A 262 -9.39 -7.65 -23.26
N SER A 263 -9.21 -8.29 -22.09
CA SER A 263 -8.13 -9.25 -21.83
C SER A 263 -8.26 -10.48 -22.75
N LEU A 264 -9.40 -11.18 -22.62
CA LEU A 264 -9.68 -12.43 -23.34
C LEU A 264 -10.35 -12.16 -24.70
N GLU A 265 -10.40 -10.86 -25.09
CA GLU A 265 -10.74 -10.46 -26.46
C GLU A 265 -9.58 -10.85 -27.41
N LYS A 266 -8.35 -10.47 -27.00
CA LYS A 266 -7.13 -10.70 -27.81
C LYS A 266 -6.51 -12.08 -27.52
N LEU A 267 -6.71 -12.58 -26.28
CA LEU A 267 -6.17 -13.88 -25.84
C LEU A 267 -6.97 -15.07 -26.38
N ALA A 268 -8.27 -14.87 -26.65
CA ALA A 268 -9.12 -15.90 -27.29
C ALA A 268 -9.11 -15.74 -28.81
N LYS B 5 3.54 -25.94 -1.78
CA LYS B 5 4.76 -26.39 -1.12
C LYS B 5 5.14 -25.45 0.02
N LYS B 6 5.53 -24.18 -0.33
CA LYS B 6 6.16 -23.16 0.57
C LYS B 6 7.63 -23.51 0.92
N ILE B 7 7.96 -24.82 0.95
CA ILE B 7 9.29 -25.38 1.21
C ILE B 7 9.77 -25.07 2.64
N GLU B 8 10.38 -23.88 2.84
CA GLU B 8 11.04 -23.48 4.11
C GLU B 8 10.79 -21.98 4.38
N VAL B 9 9.53 -21.54 4.20
CA VAL B 9 9.05 -20.16 4.48
C VAL B 9 9.50 -19.14 3.39
N GLU B 10 10.84 -19.01 3.19
CA GLU B 10 11.47 -18.05 2.25
C GLU B 10 10.88 -18.20 0.82
N PHE B 11 11.27 -19.27 0.10
CA PHE B 11 10.65 -19.68 -1.19
C PHE B 11 10.67 -18.54 -2.25
N ASP B 12 11.68 -17.65 -2.17
CA ASP B 12 11.85 -16.44 -3.02
C ASP B 12 10.69 -15.44 -2.78
N LYS B 13 10.99 -14.31 -2.13
CA LYS B 13 9.99 -13.26 -1.80
C LYS B 13 10.25 -12.00 -2.64
N GLY B 14 9.30 -11.06 -2.59
CA GLY B 14 9.30 -9.86 -3.40
C GLY B 14 10.26 -8.78 -2.87
N GLN B 15 11.51 -8.82 -3.35
CA GLN B 15 12.58 -7.92 -2.91
C GLN B 15 13.33 -7.35 -4.14
N ARG B 16 12.87 -6.20 -4.64
CA ARG B 16 13.59 -5.44 -5.69
C ARG B 16 14.55 -4.41 -5.05
N THR B 17 15.02 -3.40 -5.82
CA THR B 17 16.07 -2.45 -5.36
C THR B 17 15.64 -0.97 -5.43
N ASP B 18 14.71 -0.61 -6.35
CA ASP B 18 14.33 0.81 -6.60
C ASP B 18 13.47 1.37 -5.43
N LYS B 19 13.52 2.70 -5.24
CA LYS B 19 12.92 3.36 -4.08
C LYS B 19 12.43 4.79 -4.45
N TYR B 20 11.13 5.08 -4.24
CA TYR B 20 10.53 6.43 -4.47
C TYR B 20 9.34 6.69 -3.53
N GLY B 21 9.24 7.94 -3.09
CA GLY B 21 8.17 8.46 -2.24
C GLY B 21 8.08 9.96 -2.41
N ARG B 22 7.80 10.38 -3.66
CA ARG B 22 7.97 11.78 -4.11
C ARG B 22 6.65 12.30 -4.70
N GLY B 23 6.42 13.62 -4.60
CA GLY B 23 5.20 14.27 -5.09
C GLY B 23 4.15 14.42 -4.01
N LEU B 24 2.98 14.98 -4.39
CA LEU B 24 1.82 15.15 -3.49
C LEU B 24 0.63 15.72 -4.30
N ALA B 25 -0.57 15.10 -4.16
CA ALA B 25 -1.81 15.57 -4.79
C ALA B 25 -3.03 14.93 -4.10
N TYR B 26 -3.50 15.57 -3.01
CA TYR B 26 -4.73 15.16 -2.30
C TYR B 26 -5.96 15.39 -3.19
N ILE B 27 -6.66 14.30 -3.50
CA ILE B 27 -7.94 14.30 -4.24
C ILE B 27 -8.99 13.52 -3.41
N TYR B 28 -8.50 12.55 -2.59
CA TYR B 28 -9.31 11.64 -1.75
C TYR B 28 -10.15 10.66 -2.60
N ALA B 29 -10.85 9.75 -1.91
CA ALA B 29 -11.55 8.60 -2.55
C ALA B 29 -12.88 8.32 -1.83
N ASP B 30 -13.32 7.04 -1.85
CA ASP B 30 -14.55 6.53 -1.17
C ASP B 30 -15.83 6.88 -1.98
N GLY B 31 -16.74 5.89 -2.07
CA GLY B 31 -18.01 6.04 -2.77
C GLY B 31 -17.85 5.98 -4.29
N LYS B 32 -17.49 7.12 -4.89
CA LYS B 32 -17.34 7.27 -6.35
C LYS B 32 -15.95 6.78 -6.76
N MET B 33 -15.85 5.48 -7.11
CA MET B 33 -14.56 4.81 -7.33
C MET B 33 -14.78 3.45 -8.03
N VAL B 34 -15.88 2.78 -7.66
CA VAL B 34 -16.24 1.44 -8.16
C VAL B 34 -16.67 1.49 -9.64
N ASN B 35 -15.81 0.98 -10.54
CA ASN B 35 -16.13 0.80 -11.98
C ASN B 35 -16.21 -0.70 -12.32
N GLU B 36 -16.50 -0.97 -13.59
CA GLU B 36 -16.50 -2.31 -14.19
C GLU B 36 -15.57 -2.31 -15.42
N ALA B 37 -14.57 -3.23 -15.42
CA ALA B 37 -13.55 -3.39 -16.48
C ALA B 37 -12.60 -2.16 -16.61
N LEU B 38 -11.29 -2.43 -16.67
CA LEU B 38 -10.24 -1.43 -16.90
C LEU B 38 -9.76 -1.61 -18.34
N VAL B 39 -10.11 -0.67 -19.23
CA VAL B 39 -9.85 -0.80 -20.68
C VAL B 39 -9.02 0.36 -21.20
N ARG B 40 -8.13 0.03 -22.16
CA ARG B 40 -7.15 0.97 -22.73
C ARG B 40 -6.35 0.21 -23.80
N GLN B 41 -5.62 -0.81 -23.34
CA GLN B 41 -4.72 -1.64 -24.18
C GLN B 41 -5.03 -3.12 -23.92
N GLY B 42 -4.92 -3.97 -24.97
CA GLY B 42 -5.27 -5.40 -24.87
C GLY B 42 -4.15 -6.24 -24.24
N LEU B 43 -3.82 -7.40 -24.83
CA LEU B 43 -2.72 -8.26 -24.34
C LEU B 43 -1.83 -8.71 -25.52
N ALA B 44 -2.05 -9.94 -26.03
CA ALA B 44 -1.22 -10.53 -27.09
C ALA B 44 -1.98 -11.67 -27.76
N LYS B 45 -1.66 -11.90 -29.04
CA LYS B 45 -2.14 -13.06 -29.79
C LYS B 45 -1.23 -14.25 -29.45
N VAL B 46 -1.65 -15.05 -28.48
CA VAL B 46 -0.93 -16.27 -28.05
C VAL B 46 -1.57 -17.50 -28.75
N ALA B 47 -0.99 -18.71 -28.59
CA ALA B 47 -1.56 -19.94 -29.17
C ALA B 47 -2.87 -20.35 -28.44
N TYR B 48 -4.01 -19.82 -28.92
CA TYR B 48 -5.34 -20.05 -28.34
C TYR B 48 -6.10 -21.15 -29.10
N VAL B 49 -7.17 -21.69 -28.48
CA VAL B 49 -8.03 -22.73 -29.07
C VAL B 49 -9.21 -22.08 -29.81
N TYR B 50 -10.03 -21.32 -29.06
CA TYR B 50 -11.27 -20.70 -29.58
C TYR B 50 -11.08 -19.18 -29.77
N LYS B 51 -11.78 -18.62 -30.77
CA LYS B 51 -11.71 -17.18 -31.14
C LYS B 51 -12.61 -16.30 -30.22
N PRO B 52 -12.38 -14.93 -30.14
CA PRO B 52 -13.12 -14.02 -29.20
C PRO B 52 -14.66 -14.10 -29.35
N ASN B 53 -15.36 -14.25 -28.22
CA ASN B 53 -16.82 -14.49 -28.17
C ASN B 53 -17.51 -13.45 -27.27
N ASN B 54 -16.92 -13.17 -26.09
CA ASN B 54 -17.53 -12.35 -25.04
C ASN B 54 -17.68 -10.88 -25.49
N THR B 55 -16.54 -10.17 -25.56
CA THR B 55 -16.51 -8.75 -25.97
C THR B 55 -16.91 -8.63 -27.47
N HIS B 56 -16.15 -9.31 -28.36
CA HIS B 56 -16.51 -9.53 -29.78
C HIS B 56 -16.68 -8.19 -30.56
N GLU B 57 -15.53 -7.59 -30.95
CA GLU B 57 -15.45 -6.33 -31.73
C GLU B 57 -16.12 -5.16 -30.95
N GLN B 58 -17.47 -5.08 -31.06
CA GLN B 58 -18.28 -4.07 -30.36
C GLN B 58 -18.14 -4.26 -28.84
N HIS B 59 -17.30 -3.43 -28.24
CA HIS B 59 -16.88 -3.54 -26.83
C HIS B 59 -18.04 -3.22 -25.88
N LEU B 60 -18.84 -2.19 -26.26
CA LEU B 60 -19.87 -1.59 -25.41
C LEU B 60 -19.29 -1.23 -24.02
N ARG B 61 -19.67 -2.00 -22.96
CA ARG B 61 -19.40 -1.71 -21.52
C ARG B 61 -20.10 -0.42 -21.00
N LYS B 62 -20.45 0.53 -21.90
CA LYS B 62 -21.05 1.83 -21.57
C LYS B 62 -20.12 2.66 -20.67
N SER B 63 -20.17 2.38 -19.35
CA SER B 63 -19.50 3.18 -18.29
C SER B 63 -20.16 4.58 -18.18
N GLU B 64 -20.01 5.39 -19.26
CA GLU B 64 -20.81 6.62 -19.50
C GLU B 64 -20.62 7.67 -18.37
N ALA B 65 -19.42 7.63 -17.75
CA ALA B 65 -19.00 8.52 -16.65
C ALA B 65 -19.82 8.31 -15.35
N GLN B 66 -20.69 7.26 -15.33
CA GLN B 66 -21.58 6.95 -14.20
C GLN B 66 -20.81 6.39 -13.00
N ALA B 67 -19.61 5.85 -13.27
CA ALA B 67 -18.72 5.27 -12.25
C ALA B 67 -17.52 6.21 -12.02
N LYS B 68 -16.69 6.39 -13.06
CA LYS B 68 -15.70 7.49 -13.16
C LYS B 68 -15.43 7.80 -14.64
N LYS B 69 -14.50 8.75 -14.93
CA LYS B 69 -14.15 9.17 -16.31
C LYS B 69 -13.77 7.96 -17.20
N GLU B 70 -12.76 7.20 -16.71
CA GLU B 70 -12.14 6.05 -17.42
C GLU B 70 -11.51 6.46 -18.78
N LYS B 71 -10.82 5.48 -19.44
CA LYS B 71 -10.22 5.66 -20.80
C LYS B 71 -9.21 6.85 -20.81
N LEU B 72 -8.64 7.16 -19.62
CA LEU B 72 -7.78 8.35 -19.43
C LEU B 72 -6.31 7.98 -19.67
N ASN B 73 -5.87 8.21 -20.91
CA ASN B 73 -4.46 8.03 -21.34
C ASN B 73 -3.60 9.22 -20.86
N ILE B 74 -4.29 10.33 -20.49
CA ILE B 74 -3.75 11.62 -19.98
C ILE B 74 -2.60 12.25 -20.83
N TRP B 75 -1.40 11.63 -20.80
CA TRP B 75 -0.18 12.09 -21.51
C TRP B 75 0.29 13.48 -20.97
N ALA A 4 15.54 15.04 32.64
CA ALA A 4 14.14 15.44 32.39
C ALA A 4 14.10 16.57 31.33
N GLN A 5 14.18 16.19 30.05
CA GLN A 5 14.13 17.11 28.90
C GLN A 5 13.15 16.56 27.86
N ALA A 6 12.58 17.47 27.05
CA ALA A 6 11.69 17.15 25.94
C ALA A 6 12.43 16.32 24.86
N LEU A 7 12.25 14.98 24.94
CA LEU A 7 12.87 13.98 24.04
C LEU A 7 12.58 14.30 22.56
N TRP A 8 11.35 14.79 22.30
CA TRP A 8 10.87 15.05 20.94
C TRP A 8 11.68 16.15 20.24
N THR A 9 12.15 17.15 20.99
CA THR A 9 12.92 18.29 20.45
C THR A 9 14.44 18.10 20.68
N ARG A 10 14.77 17.17 21.60
CA ARG A 10 16.17 16.86 22.01
C ARG A 10 17.01 16.37 20.81
N ASN A 11 18.32 16.71 20.85
CA ASN A 11 19.29 16.33 19.80
C ASN A 11 19.47 14.79 19.73
N LYS A 12 19.35 14.25 18.50
CA LYS A 12 19.34 12.79 18.22
C LYS A 12 20.67 12.14 18.59
N SER A 13 21.75 12.92 18.44
CA SER A 13 23.14 12.49 18.70
C SER A 13 23.29 12.04 20.18
N GLU A 14 22.52 12.69 21.06
CA GLU A 14 22.53 12.44 22.52
C GLU A 14 21.42 11.42 22.91
N ILE A 15 20.51 11.11 21.97
CA ILE A 15 19.40 10.15 22.22
C ILE A 15 19.80 8.73 21.74
N THR A 16 19.68 7.74 22.64
CA THR A 16 19.86 6.32 22.28
C THR A 16 18.56 5.76 21.65
N ASP A 17 18.68 4.63 20.93
CA ASP A 17 17.54 3.96 20.26
C ASP A 17 16.49 3.47 21.28
N GLU A 18 16.95 3.18 22.52
CA GLU A 18 16.09 2.74 23.65
C GLU A 18 15.03 3.79 23.97
N GLU A 19 15.47 5.08 23.94
CA GLU A 19 14.61 6.24 24.17
C GLU A 19 13.46 6.28 23.16
N TYR A 20 13.79 6.06 21.87
CA TYR A 20 12.81 6.09 20.78
C TYR A 20 11.75 4.98 20.92
N LYS A 21 12.22 3.75 21.18
CA LYS A 21 11.35 2.56 21.29
C LYS A 21 10.37 2.67 22.46
N GLU A 22 10.86 3.20 23.59
CA GLU A 22 10.09 3.41 24.81
C GLU A 22 9.12 4.60 24.64
N PHE A 23 9.59 5.66 23.95
CA PHE A 23 8.84 6.91 23.77
C PHE A 23 7.68 6.69 22.81
N TYR A 24 7.82 5.71 21.89
CA TYR A 24 6.71 5.23 21.05
C TYR A 24 5.60 4.66 21.93
N LYS A 25 5.99 3.78 22.86
CA LYS A 25 5.06 3.08 23.76
C LYS A 25 4.41 4.06 24.76
N HIS A 26 5.09 5.19 24.98
CA HIS A 26 4.58 6.32 25.78
C HIS A 26 3.47 7.07 25.00
N ILE A 27 3.77 7.42 23.74
CA ILE A 27 2.91 8.30 22.92
C ILE A 27 1.71 7.56 22.28
N ALA A 28 1.86 6.24 22.08
CA ALA A 28 0.88 5.39 21.36
C ALA A 28 0.04 4.56 22.34
N HIS A 29 0.64 4.25 23.52
CA HIS A 29 0.07 3.36 24.56
C HIS A 29 0.05 1.88 24.10
N ASP A 30 0.83 1.60 23.03
CA ASP A 30 1.01 0.26 22.46
C ASP A 30 2.41 -0.24 22.82
N PHE A 31 2.63 -1.56 22.87
CA PHE A 31 3.88 -2.15 23.43
C PHE A 31 4.56 -3.11 22.43
N ASN A 32 4.29 -2.90 21.15
CA ASN A 32 5.10 -3.48 20.07
C ASN A 32 6.21 -2.47 19.75
N ASP A 33 7.48 -2.93 19.73
CA ASP A 33 8.64 -2.05 19.40
C ASP A 33 8.53 -1.53 17.96
N PRO A 34 8.77 -0.18 17.71
CA PRO A 34 8.69 0.40 16.36
C PRO A 34 9.80 -0.16 15.45
N LEU A 35 9.42 -0.49 14.21
CA LEU A 35 10.33 -1.02 13.18
C LEU A 35 11.42 0.00 12.87
N THR A 36 10.98 1.24 12.65
CA THR A 36 11.86 2.38 12.40
C THR A 36 11.16 3.68 12.83
N TRP A 37 11.94 4.78 12.80
CA TRP A 37 11.48 6.11 13.25
C TRP A 37 12.20 7.22 12.45
N SER A 38 11.62 8.42 12.45
CA SER A 38 12.18 9.60 11.79
C SER A 38 12.08 10.81 12.70
N HIS A 39 13.22 11.24 13.25
CA HIS A 39 13.31 12.44 14.12
C HIS A 39 13.92 13.58 13.27
N ASN A 40 13.07 14.52 12.84
CA ASN A 40 13.50 15.69 12.04
C ASN A 40 12.76 16.93 12.50
N ARG A 41 13.48 18.06 12.57
CA ARG A 41 12.88 19.37 12.86
C ARG A 41 12.91 20.20 11.58
N VAL A 42 11.89 21.03 11.41
CA VAL A 42 11.77 22.01 10.32
C VAL A 42 11.74 23.39 10.97
N GLU A 43 12.45 24.35 10.37
CA GLU A 43 12.71 25.66 11.00
C GLU A 43 12.84 26.76 9.93
N GLY A 44 12.88 28.01 10.42
CA GLY A 44 12.93 29.20 9.59
C GLY A 44 11.70 30.05 9.84
N LYS A 45 10.69 29.91 8.98
CA LYS A 45 9.36 30.49 9.17
C LYS A 45 8.53 29.53 10.04
N GLN A 46 8.21 28.34 9.48
CA GLN A 46 7.53 27.27 10.21
C GLN A 46 8.55 26.46 11.03
N GLU A 47 8.51 26.63 12.37
CA GLU A 47 9.37 25.86 13.28
C GLU A 47 8.53 24.83 14.05
N TYR A 48 8.68 23.55 13.66
CA TYR A 48 8.00 22.42 14.29
C TYR A 48 8.91 21.18 14.24
N THR A 49 9.02 20.47 15.37
CA THR A 49 9.80 19.22 15.44
C THR A 49 8.86 18.03 15.25
N SER A 50 9.05 17.27 14.16
CA SER A 50 8.24 16.08 13.86
C SER A 50 9.04 14.80 14.20
N LEU A 51 8.50 14.01 15.11
CA LEU A 51 9.08 12.72 15.55
C LEU A 51 8.03 11.63 15.27
N LEU A 52 8.35 10.80 14.27
CA LEU A 52 7.43 9.79 13.70
C LEU A 52 7.91 8.38 14.08
N TYR A 53 6.97 7.43 14.24
CA TYR A 53 7.29 6.01 14.51
C TYR A 53 6.40 5.11 13.64
N ILE A 54 6.98 4.00 13.14
CA ILE A 54 6.26 2.98 12.37
C ILE A 54 6.07 1.70 13.25
N PRO A 55 4.81 1.38 13.68
CA PRO A 55 4.49 0.15 14.49
C PRO A 55 4.79 -1.17 13.75
N SER A 56 5.06 -2.23 14.54
CA SER A 56 5.37 -3.58 14.01
C SER A 56 4.11 -4.43 13.86
N GLN A 57 3.14 -4.22 14.77
CA GLN A 57 1.83 -4.90 14.75
C GLN A 57 0.71 -3.89 14.93
N ALA A 58 -0.47 -4.28 14.41
CA ALA A 58 -1.69 -3.47 14.50
C ALA A 58 -2.25 -3.50 15.94
N PRO A 59 -2.47 -2.31 16.59
CA PRO A 59 -3.29 -2.22 17.83
C PRO A 59 -4.71 -2.82 17.63
N TRP A 60 -5.37 -3.18 18.74
CA TRP A 60 -6.70 -3.80 18.69
C TRP A 60 -7.74 -2.74 18.27
N ASP A 61 -7.60 -1.53 18.86
CA ASP A 61 -8.52 -0.40 18.62
C ASP A 61 -8.24 0.29 17.26
N MET A 62 -7.16 -0.15 16.58
CA MET A 62 -6.78 0.30 15.23
C MET A 62 -7.83 -0.15 14.18
N TRP A 63 -8.52 -1.26 14.46
CA TRP A 63 -9.53 -1.82 13.54
C TRP A 63 -10.93 -1.83 14.20
N ASN A 64 -11.04 -1.12 15.33
CA ASN A 64 -12.28 -0.95 16.08
C ASN A 64 -12.91 0.42 15.72
N ARG A 65 -13.99 0.81 16.43
CA ARG A 65 -14.64 2.12 16.27
C ARG A 65 -13.77 3.26 16.88
N ASP A 66 -12.79 2.89 17.71
CA ASP A 66 -11.95 3.87 18.45
C ASP A 66 -10.97 4.58 17.54
N HIS A 67 -10.39 5.66 18.09
CA HIS A 67 -9.44 6.52 17.38
C HIS A 67 -8.02 6.32 17.96
N LYS A 68 -7.01 6.29 17.08
CA LYS A 68 -5.58 6.21 17.48
C LYS A 68 -4.68 6.87 16.42
N HIS A 69 -5.23 7.10 15.22
CA HIS A 69 -4.45 7.54 14.06
C HIS A 69 -3.97 9.00 14.15
N GLY A 70 -2.71 9.24 13.75
CA GLY A 70 -2.13 10.59 13.75
C GLY A 70 -1.13 10.80 14.87
N LEU A 71 -0.71 12.06 15.05
CA LEU A 71 0.36 12.45 15.98
C LEU A 71 -0.21 13.07 17.26
N LYS A 72 0.66 13.34 18.23
CA LYS A 72 0.31 14.16 19.40
C LYS A 72 0.71 15.60 19.12
N LEU A 73 -0.29 16.48 18.99
CA LEU A 73 -0.06 17.91 18.74
C LEU A 73 0.41 18.58 20.04
N TYR A 74 1.62 19.16 19.97
CA TYR A 74 2.20 20.05 20.99
C TYR A 74 2.34 21.44 20.37
N VAL A 75 2.07 22.46 21.18
CA VAL A 75 2.31 23.87 20.85
C VAL A 75 3.18 24.48 21.96
N GLN A 76 4.44 24.79 21.60
CA GLN A 76 5.43 25.45 22.48
C GLN A 76 5.69 24.58 23.74
N ARG A 77 6.10 23.33 23.47
CA ARG A 77 6.37 22.25 24.47
C ARG A 77 5.08 21.72 25.17
N VAL A 78 3.93 22.38 24.96
CA VAL A 78 2.67 22.09 25.70
C VAL A 78 1.78 21.14 24.88
N PHE A 79 1.45 19.97 25.46
CA PHE A 79 0.53 19.02 24.83
C PHE A 79 -0.89 19.61 24.72
N ILE A 80 -1.52 19.40 23.56
CA ILE A 80 -2.85 19.94 23.23
C ILE A 80 -3.85 18.78 23.06
N MET A 81 -3.57 17.92 22.07
CA MET A 81 -4.49 16.87 21.63
C MET A 81 -3.72 15.79 20.84
N ASP A 82 -3.92 14.51 21.20
CA ASP A 82 -3.36 13.37 20.42
C ASP A 82 -4.36 12.96 19.33
N ASP A 83 -3.97 11.96 18.50
CA ASP A 83 -4.81 11.43 17.41
C ASP A 83 -5.03 12.53 16.33
N ALA A 84 -4.05 13.44 16.22
CA ALA A 84 -4.09 14.55 15.27
C ALA A 84 -3.86 14.02 13.84
N GLU A 85 -4.98 13.60 13.23
CA GLU A 85 -5.07 13.06 11.85
C GLU A 85 -5.07 14.20 10.81
N GLN A 86 -5.05 15.45 11.30
CA GLN A 86 -5.02 16.64 10.45
C GLN A 86 -3.60 16.84 9.88
N PHE A 87 -2.63 16.10 10.44
CA PHE A 87 -1.22 16.09 10.03
C PHE A 87 -0.87 14.80 9.27
N MET A 88 -1.80 13.83 9.22
CA MET A 88 -1.57 12.50 8.57
C MET A 88 -2.83 12.03 7.80
N PRO A 89 -2.70 11.64 6.49
CA PRO A 89 -3.82 11.04 5.71
C PRO A 89 -4.23 9.66 6.29
N ASN A 90 -5.36 9.10 5.84
CA ASN A 90 -5.90 7.85 6.43
C ASN A 90 -5.18 6.62 5.82
N TYR A 91 -4.36 6.84 4.76
CA TYR A 91 -3.43 5.79 4.28
C TYR A 91 -2.11 5.80 5.05
N LEU A 92 -1.92 6.82 5.90
CA LEU A 92 -0.80 6.89 6.85
C LEU A 92 -1.37 6.96 8.28
N ARG A 93 -2.50 6.28 8.49
CA ARG A 93 -3.18 6.26 9.80
C ARG A 93 -2.48 5.33 10.82
N PHE A 94 -1.46 4.57 10.36
CA PHE A 94 -0.63 3.73 11.24
C PHE A 94 0.38 4.59 12.04
N VAL A 95 0.75 5.75 11.47
CA VAL A 95 1.81 6.62 12.01
C VAL A 95 1.41 7.17 13.37
N ARG A 96 2.22 6.85 14.39
CA ARG A 96 2.08 7.40 15.73
C ARG A 96 3.39 8.09 16.09
N GLY A 97 3.26 9.21 16.78
CA GLY A 97 4.38 10.04 17.17
C GLY A 97 3.86 11.32 17.76
N LEU A 98 4.52 12.44 17.43
CA LEU A 98 4.17 13.75 17.94
C LEU A 98 4.85 14.84 17.12
N ILE A 99 4.33 16.06 17.23
CA ILE A 99 4.80 17.23 16.50
C ILE A 99 4.65 18.47 17.39
N ASP A 100 5.79 19.09 17.75
CA ASP A 100 5.79 20.31 18.58
C ASP A 100 6.01 21.53 17.70
N SER A 101 4.90 22.20 17.37
CA SER A 101 4.90 23.43 16.59
C SER A 101 4.97 24.65 17.51
N SER A 102 5.79 25.62 17.13
CA SER A 102 5.85 26.94 17.78
C SER A 102 5.15 27.97 16.87
N ASP A 103 4.33 27.47 15.92
CA ASP A 103 3.59 28.28 14.94
C ASP A 103 2.11 28.36 15.36
N LEU A 104 1.51 27.19 15.61
CA LEU A 104 0.08 27.03 15.94
C LEU A 104 -0.25 27.73 17.29
N PRO A 105 -1.53 28.22 17.50
CA PRO A 105 -1.94 28.82 18.80
C PRO A 105 -2.07 27.79 19.94
N LEU A 106 -2.09 28.26 21.18
CA LEU A 106 -2.27 27.41 22.39
C LEU A 106 -3.73 26.89 22.48
N ASN A 107 -4.68 27.68 21.93
CA ASN A 107 -6.12 27.35 21.94
C ASN A 107 -6.53 26.58 20.67
N VAL A 108 -5.53 26.04 19.94
CA VAL A 108 -5.74 25.35 18.65
C VAL A 108 -6.65 24.10 18.82
N SER A 109 -7.65 24.01 17.93
CA SER A 109 -8.63 22.91 17.90
C SER A 109 -8.42 22.09 16.62
N ARG A 110 -8.92 20.85 16.64
CA ARG A 110 -8.96 19.97 15.45
C ARG A 110 -9.85 20.61 14.35
N GLU A 111 -10.83 21.43 14.80
CA GLU A 111 -11.72 22.23 13.91
C GLU A 111 -10.90 23.29 13.15
N ILE A 112 -10.00 23.98 13.89
CA ILE A 112 -9.09 24.98 13.33
C ILE A 112 -8.14 24.31 12.31
N LEU A 113 -7.60 23.14 12.72
CA LEU A 113 -6.66 22.35 11.91
C LEU A 113 -7.29 21.89 10.57
N GLN A 114 -8.60 21.54 10.65
CA GLN A 114 -9.40 21.12 9.49
C GLN A 114 -9.55 22.29 8.51
N ASP A 115 -10.00 23.42 9.06
CA ASP A 115 -10.29 24.67 8.34
C ASP A 115 -8.99 25.28 7.74
N SER A 116 -7.87 25.07 8.44
CA SER A 116 -6.57 25.68 8.10
C SER A 116 -5.95 25.04 6.85
N THR A 117 -5.37 25.90 5.99
CA THR A 117 -4.66 25.47 4.79
C THR A 117 -3.15 25.30 5.10
N VAL A 118 -2.65 25.98 6.15
CA VAL A 118 -1.23 25.85 6.57
C VAL A 118 -1.00 24.52 7.33
N THR A 119 -2.07 24.00 7.96
CA THR A 119 -2.09 22.65 8.57
C THR A 119 -2.25 21.57 7.48
N ARG A 120 -2.93 21.95 6.37
CA ARG A 120 -3.04 21.12 5.16
C ARG A 120 -1.67 21.00 4.47
N ASN A 121 -0.88 22.11 4.50
CA ASN A 121 0.51 22.13 3.98
C ASN A 121 1.42 21.29 4.89
N LEU A 122 1.11 21.31 6.19
CA LEU A 122 1.83 20.56 7.22
C LEU A 122 1.67 19.05 6.97
N ARG A 123 0.40 18.64 6.73
CA ARG A 123 0.04 17.25 6.40
C ARG A 123 0.80 16.80 5.15
N ASN A 124 0.72 17.65 4.11
CA ASN A 124 1.35 17.43 2.78
C ASN A 124 2.86 17.12 2.91
N ALA A 125 3.55 17.90 3.78
CA ALA A 125 4.98 17.74 4.05
C ALA A 125 5.30 16.41 4.76
N LEU A 126 4.54 16.13 5.84
CA LEU A 126 4.73 14.93 6.70
C LEU A 126 4.50 13.62 5.94
N THR A 127 3.54 13.66 4.99
CA THR A 127 3.12 12.51 4.19
C THR A 127 4.29 11.88 3.41
N LYS A 128 5.11 12.77 2.82
CA LYS A 128 6.24 12.37 1.98
C LYS A 128 7.37 11.79 2.84
N ARG A 129 7.56 12.37 4.05
CA ARG A 129 8.60 11.94 5.02
C ARG A 129 8.36 10.48 5.46
N VAL A 130 7.07 10.15 5.70
CA VAL A 130 6.66 8.81 6.11
C VAL A 130 6.80 7.81 4.95
N LEU A 131 6.33 8.22 3.76
CA LEU A 131 6.21 7.33 2.60
C LEU A 131 7.60 6.89 2.08
N GLN A 132 8.56 7.83 2.14
CA GLN A 132 9.97 7.56 1.78
C GLN A 132 10.65 6.72 2.88
N MET A 133 10.17 6.86 4.13
CA MET A 133 10.62 6.04 5.29
C MET A 133 10.06 4.60 5.20
N LEU A 134 8.92 4.44 4.49
CA LEU A 134 8.30 3.12 4.21
C LEU A 134 9.13 2.34 3.17
N GLU A 135 9.50 3.04 2.08
CA GLU A 135 10.38 2.48 1.04
C GLU A 135 11.79 2.25 1.59
N LYS A 136 12.24 3.15 2.49
CA LYS A 136 13.52 3.04 3.19
C LYS A 136 13.56 1.75 4.03
N LEU A 137 12.48 1.54 4.82
CA LEU A 137 12.31 0.34 5.67
C LEU A 137 12.25 -0.92 4.80
N ALA A 138 11.57 -0.82 3.65
CA ALA A 138 11.42 -1.93 2.69
C ALA A 138 12.74 -2.28 1.99
N LYS A 139 13.75 -1.38 2.09
CA LYS A 139 15.10 -1.60 1.55
C LYS A 139 16.10 -1.97 2.67
N ASP A 140 15.88 -1.44 3.88
CA ASP A 140 16.79 -1.60 5.03
C ASP A 140 16.49 -2.92 5.76
N ASP A 141 15.26 -3.04 6.28
CA ASP A 141 14.77 -4.23 6.97
C ASP A 141 13.41 -4.62 6.37
N ALA A 142 13.49 -5.33 5.25
CA ALA A 142 12.32 -5.67 4.42
C ALA A 142 11.44 -6.75 5.07
N GLU A 143 12.05 -7.53 5.99
CA GLU A 143 11.36 -8.56 6.80
C GLU A 143 10.37 -7.88 7.77
N LYS A 144 10.84 -6.75 8.34
CA LYS A 144 10.02 -5.87 9.19
C LYS A 144 8.83 -5.33 8.41
N TYR A 145 9.11 -4.85 7.18
CA TYR A 145 8.09 -4.23 6.32
C TYR A 145 7.08 -5.29 5.80
N GLN A 146 7.53 -6.54 5.67
CA GLN A 146 6.67 -7.69 5.30
C GLN A 146 5.64 -7.95 6.43
N THR A 147 6.12 -7.94 7.69
CA THR A 147 5.29 -8.07 8.90
C THR A 147 4.27 -6.91 8.98
N PHE A 148 4.80 -5.70 8.69
CA PHE A 148 4.04 -4.44 8.69
C PHE A 148 2.81 -4.53 7.75
N TRP A 149 3.04 -5.01 6.52
CA TRP A 149 1.98 -5.11 5.49
C TRP A 149 0.89 -6.14 5.92
N GLN A 150 1.31 -7.24 6.54
CA GLN A 150 0.38 -8.30 7.00
C GLN A 150 -0.43 -7.87 8.25
N GLN A 151 -0.14 -6.64 8.75
CA GLN A 151 -0.85 -6.00 9.89
C GLN A 151 -1.57 -4.71 9.44
N PHE A 152 -1.02 -4.01 8.41
CA PHE A 152 -1.45 -2.64 7.99
C PHE A 152 -1.66 -2.56 6.47
N GLY A 153 -1.92 -3.71 5.82
CA GLY A 153 -2.09 -3.79 4.38
C GLY A 153 -3.27 -3.01 3.85
N LEU A 154 -4.35 -2.97 4.66
CA LEU A 154 -5.57 -2.23 4.33
C LEU A 154 -5.36 -0.70 4.40
N VAL A 155 -4.39 -0.27 5.25
CA VAL A 155 -4.07 1.15 5.47
C VAL A 155 -3.47 1.77 4.18
N LEU A 156 -2.33 1.22 3.71
CA LEU A 156 -1.63 1.70 2.49
C LEU A 156 -2.41 1.39 1.20
N LYS A 157 -3.42 0.53 1.30
CA LYS A 157 -4.32 0.16 0.19
C LYS A 157 -5.25 1.36 -0.18
N GLU A 158 -5.43 2.26 0.80
CA GLU A 158 -6.12 3.56 0.63
C GLU A 158 -5.19 4.59 -0.06
N GLY A 159 -3.88 4.23 -0.13
CA GLY A 159 -2.81 5.06 -0.68
C GLY A 159 -3.09 5.63 -2.08
N PRO A 160 -3.21 4.76 -3.14
CA PRO A 160 -3.49 5.23 -4.52
C PRO A 160 -4.87 5.88 -4.65
N ALA A 161 -5.79 5.55 -3.71
CA ALA A 161 -7.16 6.07 -3.69
C ALA A 161 -7.17 7.56 -3.33
N GLU A 162 -6.44 7.97 -2.28
CA GLU A 162 -6.37 9.38 -1.84
C GLU A 162 -5.38 10.18 -2.71
N ASP A 163 -4.22 9.58 -3.00
CA ASP A 163 -3.12 10.26 -3.72
C ASP A 163 -2.79 9.51 -5.03
N PHE A 164 -3.22 10.08 -6.17
CA PHE A 164 -3.04 9.46 -7.51
C PHE A 164 -1.65 9.77 -8.11
N ALA A 165 -0.99 10.82 -7.62
CA ALA A 165 0.31 11.27 -8.18
C ALA A 165 1.46 10.39 -7.68
N ASN A 166 1.50 10.19 -6.35
CA ASN A 166 2.55 9.38 -5.69
C ASN A 166 2.14 7.88 -5.67
N GLN A 167 1.03 7.56 -6.37
CA GLN A 167 0.50 6.20 -6.61
C GLN A 167 1.59 5.21 -7.11
N GLU A 168 2.56 5.72 -7.90
CA GLU A 168 3.68 4.94 -8.46
C GLU A 168 4.60 4.39 -7.34
N ALA A 169 4.82 5.24 -6.32
CA ALA A 169 5.62 4.89 -5.13
C ALA A 169 4.85 3.94 -4.21
N ILE A 170 3.54 4.22 -4.07
CA ILE A 170 2.63 3.43 -3.23
C ILE A 170 2.42 2.03 -3.84
N ALA A 171 2.54 1.95 -5.17
CA ALA A 171 2.45 0.69 -5.94
C ALA A 171 3.55 -0.30 -5.53
N LYS A 172 4.69 0.26 -5.09
CA LYS A 172 5.83 -0.50 -4.56
C LYS A 172 5.48 -1.03 -3.16
N LEU A 173 4.84 -0.14 -2.36
CA LEU A 173 4.40 -0.42 -0.98
C LEU A 173 3.33 -1.53 -0.96
N LEU A 174 2.48 -1.55 -2.02
CA LEU A 174 1.40 -2.53 -2.18
C LEU A 174 1.99 -3.92 -2.46
N ARG A 175 1.63 -4.90 -1.62
CA ARG A 175 2.09 -6.29 -1.74
C ARG A 175 0.88 -7.20 -2.00
N PHE A 176 1.08 -8.18 -2.87
CA PHE A 176 0.04 -9.12 -3.32
C PHE A 176 0.63 -10.54 -3.31
N ALA A 177 -0.24 -11.54 -3.31
CA ALA A 177 0.13 -12.91 -3.69
C ALA A 177 0.01 -12.99 -5.24
N SER A 178 0.44 -14.10 -5.83
CA SER A 178 0.40 -14.27 -7.30
C SER A 178 0.55 -15.74 -7.69
N THR A 179 0.53 -16.02 -9.00
CA THR A 179 0.80 -17.36 -9.54
C THR A 179 2.30 -17.73 -9.40
N HIS A 180 3.13 -16.73 -9.04
CA HIS A 180 4.53 -16.93 -8.65
C HIS A 180 4.63 -17.58 -7.24
N THR A 181 3.76 -17.14 -6.31
CA THR A 181 3.82 -17.59 -4.91
C THR A 181 2.49 -18.25 -4.50
N ASP A 182 2.55 -19.54 -4.10
CA ASP A 182 1.37 -20.32 -3.67
C ASP A 182 1.09 -20.14 -2.16
N SER A 183 1.95 -19.38 -1.47
CA SER A 183 1.73 -19.01 -0.06
C SER A 183 0.80 -17.79 0.01
N SER A 184 0.00 -17.71 1.10
CA SER A 184 -0.90 -16.58 1.37
C SER A 184 -0.12 -15.29 1.74
N ALA A 185 1.21 -15.45 1.97
CA ALA A 185 2.14 -14.34 2.17
C ALA A 185 2.12 -13.41 0.95
N GLN A 186 1.60 -12.19 1.16
CA GLN A 186 1.58 -11.12 0.15
C GLN A 186 3.00 -10.59 -0.06
N THR A 187 3.72 -11.22 -1.02
CA THR A 187 5.11 -10.86 -1.35
C THR A 187 5.14 -9.92 -2.56
N VAL A 188 4.59 -10.40 -3.69
CA VAL A 188 4.78 -9.79 -5.02
C VAL A 188 4.11 -8.40 -5.09
N SER A 189 4.95 -7.36 -5.29
CA SER A 189 4.49 -5.99 -5.52
C SER A 189 4.22 -5.80 -7.03
N LEU A 190 3.78 -4.59 -7.41
CA LEU A 190 3.63 -4.23 -8.82
C LEU A 190 5.01 -4.10 -9.51
N GLU A 191 6.07 -3.88 -8.70
CA GLU A 191 7.47 -3.94 -9.16
C GLU A 191 7.84 -5.38 -9.52
N ASP A 192 7.56 -6.29 -8.56
CA ASP A 192 7.96 -7.70 -8.64
C ASP A 192 7.21 -8.43 -9.77
N TYR A 193 6.02 -7.89 -10.10
CA TYR A 193 5.20 -8.32 -11.23
C TYR A 193 5.94 -8.04 -12.56
N VAL A 194 6.30 -6.76 -12.79
CA VAL A 194 6.96 -6.29 -14.04
C VAL A 194 8.41 -6.86 -14.13
N SER A 195 8.96 -7.26 -12.98
CA SER A 195 10.31 -7.87 -12.88
C SER A 195 10.42 -9.21 -13.67
N ARG A 196 9.28 -9.87 -13.86
CA ARG A 196 9.20 -11.19 -14.54
C ARG A 196 8.27 -11.12 -15.76
N MET A 197 8.09 -9.88 -16.30
CA MET A 197 7.11 -9.55 -17.37
C MET A 197 7.09 -10.62 -18.50
N LYS A 198 5.92 -11.23 -18.71
CA LYS A 198 5.76 -12.43 -19.56
C LYS A 198 5.51 -12.08 -21.05
N GLU A 199 5.69 -13.11 -21.90
CA GLU A 199 5.59 -13.04 -23.37
C GLU A 199 4.22 -12.47 -23.84
N GLY A 200 4.27 -11.32 -24.54
CA GLY A 200 3.08 -10.66 -25.10
C GLY A 200 2.27 -9.89 -24.07
N GLN A 201 2.45 -10.22 -22.78
CA GLN A 201 1.74 -9.62 -21.66
C GLN A 201 2.37 -8.23 -21.37
N GLU A 202 1.72 -7.20 -21.93
CA GLU A 202 2.13 -5.78 -21.79
C GLU A 202 1.06 -5.00 -20.95
N LYS A 203 0.06 -5.74 -20.42
CA LYS A 203 -0.98 -5.22 -19.52
C LYS A 203 -1.13 -6.17 -18.33
N ILE A 204 -1.46 -5.62 -17.14
CA ILE A 204 -1.43 -6.38 -15.87
C ILE A 204 -2.72 -7.19 -15.66
N TYR A 205 -2.55 -8.52 -15.54
CA TYR A 205 -3.62 -9.49 -15.26
C TYR A 205 -3.62 -9.85 -13.76
N TYR A 206 -4.82 -9.92 -13.18
CA TYR A 206 -5.01 -10.26 -11.75
C TYR A 206 -6.43 -10.83 -11.55
N ILE A 207 -6.58 -11.65 -10.52
CA ILE A 207 -7.87 -12.27 -10.16
C ILE A 207 -8.44 -11.56 -8.92
N THR A 208 -9.74 -11.28 -8.91
CA THR A 208 -10.43 -10.66 -7.77
C THR A 208 -11.39 -11.69 -7.15
N ALA A 209 -11.18 -12.03 -5.87
CA ALA A 209 -12.02 -12.99 -5.13
C ALA A 209 -12.10 -12.60 -3.64
N ASP A 210 -13.08 -13.21 -2.95
CA ASP A 210 -13.34 -12.99 -1.51
C ASP A 210 -12.30 -13.73 -0.64
N SER A 211 -11.74 -14.82 -1.19
CA SER A 211 -10.84 -15.72 -0.43
C SER A 211 -9.63 -16.12 -1.27
N TYR A 212 -8.55 -16.60 -0.60
CA TYR A 212 -7.27 -16.94 -1.25
C TYR A 212 -7.39 -18.22 -2.07
N ALA A 213 -7.99 -19.26 -1.48
CA ALA A 213 -8.17 -20.56 -2.15
C ALA A 213 -9.18 -20.43 -3.30
N ALA A 214 -10.21 -19.58 -3.11
CA ALA A 214 -11.21 -19.26 -4.15
C ALA A 214 -10.56 -18.48 -5.32
N ALA A 215 -9.57 -17.63 -4.97
CA ALA A 215 -8.80 -16.85 -5.94
C ALA A 215 -8.00 -17.79 -6.86
N LYS A 216 -7.16 -18.64 -6.25
CA LYS A 216 -6.27 -19.57 -6.96
C LYS A 216 -7.05 -20.65 -7.75
N SER A 217 -8.23 -21.05 -7.20
CA SER A 217 -9.09 -22.09 -7.81
C SER A 217 -9.86 -21.58 -9.05
N SER A 218 -9.72 -20.28 -9.37
CA SER A 218 -10.32 -19.69 -10.56
C SER A 218 -9.66 -20.25 -11.86
N PRO A 219 -10.49 -20.85 -12.80
CA PRO A 219 -10.01 -21.37 -14.10
C PRO A 219 -9.41 -20.27 -15.01
N HIS A 220 -9.77 -19.00 -14.69
CA HIS A 220 -9.33 -17.81 -15.44
C HIS A 220 -7.80 -17.67 -15.43
N LEU A 221 -7.21 -17.76 -14.21
CA LEU A 221 -5.75 -17.62 -14.03
C LEU A 221 -5.03 -18.92 -14.35
N GLU A 222 -5.75 -20.05 -14.17
CA GLU A 222 -5.23 -21.42 -14.43
C GLU A 222 -4.80 -21.55 -15.90
N LEU A 223 -5.64 -20.99 -16.78
CA LEU A 223 -5.38 -20.89 -18.22
C LEU A 223 -4.08 -20.10 -18.49
N LEU A 224 -3.97 -18.92 -17.85
CA LEU A 224 -2.87 -17.97 -18.07
C LEU A 224 -1.53 -18.48 -17.51
N ARG A 225 -1.60 -19.16 -16.34
CA ARG A 225 -0.43 -19.67 -15.61
C ARG A 225 0.19 -20.84 -16.38
N LYS A 226 -0.69 -21.67 -16.94
CA LYS A 226 -0.32 -22.84 -17.77
C LYS A 226 0.21 -22.38 -19.15
N LYS A 227 -0.23 -21.18 -19.59
CA LYS A 227 0.30 -20.52 -20.79
C LYS A 227 1.65 -19.82 -20.49
N GLY A 228 1.85 -19.48 -19.21
CA GLY A 228 3.05 -18.75 -18.79
C GLY A 228 2.77 -17.26 -18.69
N ILE A 229 1.83 -16.88 -17.82
CA ILE A 229 1.51 -15.48 -17.50
C ILE A 229 1.42 -15.34 -15.96
N GLU A 230 1.93 -14.21 -15.43
CA GLU A 230 1.87 -13.86 -14.00
C GLU A 230 0.51 -13.20 -13.71
N VAL A 231 -0.20 -13.71 -12.71
CA VAL A 231 -1.55 -13.23 -12.30
C VAL A 231 -1.58 -13.02 -10.78
N LEU A 232 -1.82 -11.78 -10.33
CA LEU A 232 -1.88 -11.43 -8.89
C LEU A 232 -3.14 -12.03 -8.23
N LEU A 233 -2.96 -12.74 -7.09
CA LEU A 233 -4.08 -13.34 -6.34
C LEU A 233 -4.60 -12.33 -5.29
N LEU A 234 -5.67 -11.59 -5.66
CA LEU A 234 -6.37 -10.67 -4.74
C LEU A 234 -7.38 -11.49 -3.92
N SER A 235 -7.03 -11.72 -2.66
CA SER A 235 -7.84 -12.49 -1.70
C SER A 235 -8.72 -11.56 -0.83
N ASP A 236 -8.58 -10.24 -1.07
CA ASP A 236 -9.27 -9.18 -0.31
C ASP A 236 -10.15 -8.33 -1.26
N ARG A 237 -11.16 -7.68 -0.66
CA ARG A 237 -12.24 -6.96 -1.35
C ARG A 237 -11.79 -5.54 -1.78
N ILE A 238 -11.12 -4.81 -0.86
CA ILE A 238 -10.69 -3.41 -1.12
C ILE A 238 -9.42 -3.40 -2.02
N ASP A 239 -8.80 -4.59 -2.19
CA ASP A 239 -7.77 -4.83 -3.23
C ASP A 239 -8.33 -4.51 -4.63
N GLU A 240 -9.55 -5.01 -4.93
CA GLU A 240 -10.24 -4.78 -6.22
C GLU A 240 -10.49 -3.29 -6.46
N TRP A 241 -11.08 -2.62 -5.46
CA TRP A 241 -11.51 -1.20 -5.56
C TRP A 241 -10.28 -0.28 -5.76
N MET A 242 -9.17 -0.68 -5.13
CA MET A 242 -7.86 -0.04 -5.28
C MET A 242 -7.36 -0.15 -6.73
N MET A 243 -7.40 -1.38 -7.29
CA MET A 243 -6.96 -1.68 -8.67
C MET A 243 -7.89 -1.03 -9.73
N ASN A 244 -9.12 -0.68 -9.29
CA ASN A 244 -10.14 -0.04 -10.15
C ASN A 244 -9.78 1.44 -10.40
N TYR A 245 -9.10 2.06 -9.42
CA TYR A 245 -8.61 3.45 -9.54
C TYR A 245 -7.15 3.47 -10.02
N LEU A 246 -6.41 2.40 -9.69
CA LEU A 246 -5.05 2.18 -10.17
C LEU A 246 -5.20 1.57 -11.58
N THR A 247 -5.59 2.45 -12.53
CA THR A 247 -6.00 2.07 -13.89
C THR A 247 -4.81 1.63 -14.73
N GLU A 248 -3.63 2.16 -14.38
CA GLU A 248 -2.41 1.95 -15.17
C GLU A 248 -1.16 2.23 -14.32
N PHE A 249 -0.24 1.27 -14.31
CA PHE A 249 1.07 1.37 -13.64
C PHE A 249 2.19 1.06 -14.65
N ASP A 250 3.14 2.02 -14.80
CA ASP A 250 4.34 1.87 -15.68
C ASP A 250 3.93 1.83 -17.19
N GLY A 251 2.69 2.29 -17.47
CA GLY A 251 2.12 2.24 -18.82
C GLY A 251 1.39 0.92 -19.11
N LYS A 252 1.14 0.12 -18.05
CA LYS A 252 0.44 -1.18 -18.14
C LYS A 252 -1.00 -1.03 -17.60
N PRO A 253 -2.07 -1.07 -18.47
CA PRO A 253 -3.47 -1.02 -18.01
C PRO A 253 -3.88 -2.34 -17.31
N PHE A 254 -4.62 -2.22 -16.21
CA PHE A 254 -5.03 -3.37 -15.38
C PHE A 254 -6.25 -4.08 -15.99
N GLN A 255 -6.37 -5.39 -15.72
CA GLN A 255 -7.44 -6.24 -16.27
C GLN A 255 -7.78 -7.32 -15.26
N SER A 256 -9.06 -7.34 -14.80
CA SER A 256 -9.57 -8.41 -13.93
C SER A 256 -9.91 -9.62 -14.81
N VAL A 257 -9.22 -10.75 -14.57
CA VAL A 257 -9.37 -12.00 -15.36
C VAL A 257 -10.72 -12.68 -15.05
N SER A 258 -11.32 -12.27 -13.92
CA SER A 258 -12.69 -12.63 -13.52
C SER A 258 -13.73 -12.31 -14.62
N LYS A 259 -13.41 -11.30 -15.45
CA LYS A 259 -14.22 -10.86 -16.59
C LYS A 259 -13.43 -11.06 -17.90
N VAL A 260 -14.16 -11.15 -19.02
CA VAL A 260 -13.57 -11.36 -20.37
C VAL A 260 -13.80 -10.12 -21.25
N ASP A 261 -12.72 -9.66 -21.89
CA ASP A 261 -12.76 -8.61 -22.93
C ASP A 261 -11.79 -9.03 -24.08
N GLU A 262 -11.26 -8.04 -24.84
CA GLU A 262 -10.29 -8.28 -25.93
C GLU A 262 -9.01 -8.96 -25.40
N SER A 263 -8.72 -8.79 -24.09
CA SER A 263 -7.55 -9.41 -23.42
C SER A 263 -7.64 -10.95 -23.47
N LEU A 264 -8.84 -11.48 -23.17
CA LEU A 264 -9.09 -12.93 -23.14
C LEU A 264 -9.81 -13.42 -24.43
N GLU A 265 -10.02 -12.49 -25.39
CA GLU A 265 -10.53 -12.80 -26.74
C GLU A 265 -9.37 -13.32 -27.62
N LYS A 266 -8.22 -12.65 -27.51
CA LYS A 266 -6.98 -13.08 -28.21
C LYS A 266 -6.38 -14.33 -27.52
N LEU A 267 -6.70 -14.46 -26.22
CA LEU A 267 -6.30 -15.60 -25.38
C LEU A 267 -7.40 -16.70 -25.34
N ALA A 268 -8.43 -16.56 -26.21
CA ALA A 268 -9.39 -17.64 -26.49
C ALA A 268 -8.70 -18.79 -27.23
N LYS B 5 1.83 -13.63 10.91
CA LYS B 5 0.46 -13.62 10.39
C LYS B 5 -0.32 -14.82 10.98
N LYS B 6 -1.34 -14.50 11.80
CA LYS B 6 -2.23 -15.53 12.40
C LYS B 6 -3.21 -16.02 11.33
N ILE B 7 -2.78 -17.02 10.54
CA ILE B 7 -3.62 -17.71 9.55
C ILE B 7 -3.55 -19.24 9.81
N GLU B 8 -2.45 -19.91 9.42
CA GLU B 8 -2.27 -21.38 9.55
C GLU B 8 -0.80 -21.68 9.88
N VAL B 9 -0.50 -21.71 11.19
CA VAL B 9 0.87 -21.93 11.75
C VAL B 9 1.84 -20.80 11.32
N GLU B 10 2.25 -20.82 10.04
CA GLU B 10 3.15 -19.81 9.45
C GLU B 10 2.47 -19.12 8.24
N PHE B 11 2.57 -19.76 7.04
CA PHE B 11 2.13 -19.19 5.74
C PHE B 11 2.79 -17.82 5.45
N ASP B 12 3.96 -17.61 6.07
CA ASP B 12 4.74 -16.37 5.99
C ASP B 12 5.95 -16.59 5.07
N LYS B 13 6.20 -15.62 4.17
CA LYS B 13 7.38 -15.56 3.31
C LYS B 13 7.76 -14.09 3.12
N GLY B 14 9.06 -13.77 3.32
CA GLY B 14 9.54 -12.39 3.23
C GLY B 14 9.67 -11.87 1.80
N GLN B 15 9.66 -10.54 1.65
CA GLN B 15 9.90 -9.85 0.37
C GLN B 15 10.83 -8.66 0.60
N ARG B 16 11.68 -8.36 -0.40
CA ARG B 16 12.63 -7.22 -0.36
C ARG B 16 12.26 -6.21 -1.46
N THR B 17 12.60 -4.94 -1.21
CA THR B 17 12.35 -3.83 -2.15
C THR B 17 13.66 -3.08 -2.40
N ASP B 18 13.87 -2.62 -3.63
CA ASP B 18 15.06 -1.84 -4.03
C ASP B 18 14.67 -0.77 -5.05
N LYS B 19 13.37 -0.40 -5.04
CA LYS B 19 12.77 0.62 -5.91
C LYS B 19 12.16 1.73 -5.05
N TYR B 20 12.17 2.97 -5.57
CA TYR B 20 11.70 4.18 -4.84
C TYR B 20 10.95 5.13 -5.80
N GLY B 21 10.00 5.88 -5.24
CA GLY B 21 9.27 6.90 -5.97
C GLY B 21 8.91 8.06 -5.05
N ARG B 22 9.02 9.30 -5.55
CA ARG B 22 8.70 10.52 -4.77
C ARG B 22 7.70 11.38 -5.55
N GLY B 23 6.71 11.91 -4.83
CA GLY B 23 5.68 12.77 -5.40
C GLY B 23 4.63 13.14 -4.36
N LEU B 24 3.59 13.89 -4.79
CA LEU B 24 2.43 14.23 -3.92
C LEU B 24 1.38 15.01 -4.75
N ALA B 25 0.10 14.59 -4.64
CA ALA B 25 -1.08 15.36 -5.09
C ALA B 25 -2.34 14.61 -4.62
N TYR B 26 -2.96 15.10 -3.54
CA TYR B 26 -4.23 14.55 -3.04
C TYR B 26 -5.33 14.78 -4.09
N ILE B 27 -5.60 13.76 -4.88
CA ILE B 27 -6.62 13.80 -5.95
C ILE B 27 -7.95 13.25 -5.43
N TYR B 28 -7.86 12.05 -4.80
CA TYR B 28 -9.00 11.25 -4.31
C TYR B 28 -9.77 10.55 -5.45
N ALA B 29 -10.15 9.28 -5.18
CA ALA B 29 -10.74 8.35 -6.15
C ALA B 29 -12.25 8.57 -6.34
N ASP B 30 -12.81 9.48 -5.53
CA ASP B 30 -14.26 9.74 -5.49
C ASP B 30 -14.76 10.25 -6.87
N GLY B 31 -15.49 9.38 -7.58
CA GLY B 31 -16.08 9.70 -8.88
C GLY B 31 -15.39 9.03 -10.05
N LYS B 32 -14.36 8.20 -9.77
CA LYS B 32 -13.58 7.51 -10.83
C LYS B 32 -13.67 5.98 -10.68
N MET B 33 -13.65 5.46 -9.42
CA MET B 33 -13.79 4.01 -9.14
C MET B 33 -15.10 3.48 -9.75
N VAL B 34 -14.96 2.44 -10.63
CA VAL B 34 -16.07 1.77 -11.36
C VAL B 34 -16.55 2.61 -12.59
N ASN B 35 -16.37 3.94 -12.53
CA ASN B 35 -16.71 4.87 -13.64
C ASN B 35 -15.73 4.69 -14.81
N GLU B 36 -14.45 4.40 -14.46
CA GLU B 36 -13.39 4.11 -15.44
C GLU B 36 -13.41 2.61 -15.80
N ALA B 37 -13.13 2.29 -17.08
CA ALA B 37 -13.09 0.91 -17.60
C ALA B 37 -11.63 0.46 -17.76
N LEU B 38 -11.20 -0.45 -16.86
CA LEU B 38 -9.84 -1.05 -16.87
C LEU B 38 -9.62 -1.88 -18.15
N VAL B 39 -10.69 -2.56 -18.56
CA VAL B 39 -10.73 -3.43 -19.75
C VAL B 39 -11.04 -2.61 -21.02
N ARG B 40 -10.46 -3.06 -22.16
CA ARG B 40 -10.59 -2.40 -23.48
C ARG B 40 -9.74 -3.16 -24.52
N GLN B 41 -8.43 -3.07 -24.31
CA GLN B 41 -7.42 -3.58 -25.25
C GLN B 41 -7.02 -5.02 -24.86
N GLY B 42 -6.40 -5.73 -25.81
CA GLY B 42 -5.92 -7.10 -25.59
C GLY B 42 -4.61 -7.37 -26.29
N LEU B 43 -3.98 -8.49 -25.92
CA LEU B 43 -2.61 -8.85 -26.36
C LEU B 43 -2.29 -10.31 -25.99
N ALA B 44 -0.97 -10.65 -26.03
CA ALA B 44 -0.46 -12.02 -25.87
C ALA B 44 -1.01 -12.92 -27.01
N LYS B 45 -0.93 -14.26 -26.86
CA LYS B 45 -1.40 -15.21 -27.90
C LYS B 45 -1.44 -16.63 -27.34
N VAL B 46 -2.29 -17.47 -27.96
CA VAL B 46 -2.42 -18.92 -27.68
C VAL B 46 -3.36 -19.52 -28.75
N ALA B 47 -3.32 -20.86 -28.92
CA ALA B 47 -4.27 -21.62 -29.75
C ALA B 47 -5.68 -21.60 -29.12
N TYR B 48 -6.68 -22.10 -29.88
CA TYR B 48 -8.08 -22.15 -29.42
C TYR B 48 -8.25 -23.24 -28.36
N VAL B 49 -8.08 -22.82 -27.09
CA VAL B 49 -8.27 -23.65 -25.90
C VAL B 49 -9.79 -23.86 -25.64
N TYR B 50 -10.14 -24.81 -24.74
CA TYR B 50 -11.54 -25.02 -24.31
C TYR B 50 -12.06 -23.73 -23.60
N LYS B 51 -12.71 -22.87 -24.40
CA LYS B 51 -13.23 -21.57 -23.94
C LYS B 51 -14.27 -21.07 -24.94
N PRO B 52 -15.59 -21.28 -24.68
CA PRO B 52 -16.67 -20.69 -25.51
C PRO B 52 -16.66 -19.14 -25.40
N ASN B 53 -15.90 -18.51 -26.30
CA ASN B 53 -15.68 -17.05 -26.29
C ASN B 53 -16.45 -16.42 -27.47
N ASN B 54 -17.73 -16.08 -27.20
CA ASN B 54 -18.69 -15.52 -28.18
C ASN B 54 -18.95 -16.54 -29.32
N THR B 55 -19.91 -17.45 -29.11
CA THR B 55 -20.25 -18.51 -30.09
C THR B 55 -21.11 -17.96 -31.25
N HIS B 56 -21.70 -16.76 -31.05
CA HIS B 56 -22.56 -16.11 -32.06
C HIS B 56 -21.74 -15.51 -33.22
N GLU B 57 -20.49 -15.09 -32.95
CA GLU B 57 -19.65 -14.45 -33.98
C GLU B 57 -18.20 -14.94 -33.91
N GLN B 58 -17.60 -14.92 -32.69
CA GLN B 58 -16.16 -15.26 -32.41
C GLN B 58 -15.19 -14.56 -33.40
N HIS B 59 -13.95 -15.13 -33.54
CA HIS B 59 -12.90 -14.68 -34.48
C HIS B 59 -12.24 -13.36 -34.00
N LEU B 60 -10.91 -13.39 -33.83
CA LEU B 60 -10.10 -12.17 -33.60
C LEU B 60 -10.35 -11.20 -34.78
N ARG B 61 -9.92 -11.62 -35.98
CA ARG B 61 -10.29 -11.01 -37.25
C ARG B 61 -11.32 -11.92 -37.91
N LYS B 62 -12.35 -11.34 -38.55
CA LYS B 62 -13.58 -12.06 -38.91
C LYS B 62 -13.41 -12.99 -40.14
N SER B 63 -12.24 -12.92 -40.80
CA SER B 63 -11.88 -13.83 -41.91
C SER B 63 -10.50 -14.47 -41.65
N GLU B 64 -9.60 -13.71 -40.99
CA GLU B 64 -8.16 -14.05 -40.86
C GLU B 64 -7.77 -13.97 -39.37
N ALA B 65 -8.51 -14.72 -38.52
CA ALA B 65 -8.42 -14.65 -37.05
C ALA B 65 -7.02 -14.97 -36.50
N GLN B 66 -6.71 -16.27 -36.36
CA GLN B 66 -5.42 -16.77 -35.80
C GLN B 66 -4.96 -18.02 -36.58
N ALA B 67 -5.56 -18.24 -37.77
CA ALA B 67 -5.37 -19.46 -38.58
C ALA B 67 -4.56 -19.13 -39.85
N LYS B 68 -3.52 -19.94 -40.13
CA LYS B 68 -2.74 -19.86 -41.38
C LYS B 68 -3.21 -20.95 -42.34
N LYS B 69 -4.34 -20.68 -43.01
CA LYS B 69 -4.82 -21.51 -44.12
C LYS B 69 -5.59 -20.61 -45.09
N GLU B 70 -4.96 -20.34 -46.23
CA GLU B 70 -5.52 -19.54 -47.30
C GLU B 70 -5.19 -20.27 -48.61
N LYS B 71 -6.11 -21.18 -49.00
CA LYS B 71 -6.01 -21.98 -50.24
C LYS B 71 -4.90 -23.06 -50.16
N LEU B 72 -5.13 -24.22 -50.84
CA LEU B 72 -4.14 -25.30 -50.92
C LEU B 72 -2.85 -24.80 -51.61
N ASN B 73 -1.70 -25.01 -50.94
CA ASN B 73 -0.39 -24.51 -51.41
C ASN B 73 0.69 -25.56 -51.07
N ILE B 74 0.75 -25.94 -49.79
CA ILE B 74 1.56 -27.08 -49.29
C ILE B 74 0.60 -28.18 -48.75
N TRP B 75 -0.71 -27.99 -49.01
CA TRP B 75 -1.83 -28.79 -48.44
C TRP B 75 -1.89 -28.64 -46.88
N ALA A 4 13.48 15.46 32.68
CA ALA A 4 12.34 16.40 32.57
C ALA A 4 12.54 17.33 31.36
N GLN A 5 13.10 16.79 30.27
CA GLN A 5 13.30 17.52 29.01
C GLN A 5 12.61 16.76 27.87
N ALA A 6 12.09 17.52 26.91
CA ALA A 6 11.43 16.99 25.73
C ALA A 6 12.43 16.24 24.83
N LEU A 7 12.11 14.98 24.49
CA LEU A 7 13.00 14.10 23.71
C LEU A 7 13.22 14.66 22.30
N TRP A 8 12.16 15.19 21.68
CA TRP A 8 12.18 15.67 20.29
C TRP A 8 13.09 16.93 20.13
N THR A 9 13.17 17.77 21.18
CA THR A 9 13.99 19.01 21.13
C THR A 9 15.46 18.72 21.48
N ARG A 10 15.73 17.50 22.01
CA ARG A 10 17.09 17.01 22.26
C ARG A 10 17.80 16.69 20.93
N ASN A 11 19.14 16.84 20.95
CA ASN A 11 20.00 16.55 19.79
C ASN A 11 20.01 15.03 19.52
N LYS A 12 19.90 14.65 18.23
CA LYS A 12 19.85 13.25 17.76
C LYS A 12 21.07 12.43 18.26
N SER A 13 22.22 13.11 18.39
CA SER A 13 23.48 12.50 18.85
C SER A 13 23.37 12.02 20.32
N GLU A 14 22.55 12.73 21.12
CA GLU A 14 22.33 12.41 22.56
C GLU A 14 21.30 11.28 22.73
N ILE A 15 20.43 11.12 21.71
CA ILE A 15 19.27 10.23 21.78
C ILE A 15 19.63 8.85 21.19
N THR A 16 19.64 7.82 22.05
CA THR A 16 19.91 6.43 21.64
C THR A 16 18.59 5.72 21.27
N ASP A 17 18.69 4.45 20.85
CA ASP A 17 17.54 3.63 20.43
C ASP A 17 16.54 3.41 21.57
N GLU A 18 17.08 3.18 22.79
CA GLU A 18 16.28 2.95 24.02
C GLU A 18 15.30 4.11 24.30
N GLU A 19 15.76 5.33 23.98
CA GLU A 19 14.97 6.56 24.11
C GLU A 19 13.73 6.52 23.20
N TYR A 20 13.99 6.33 21.88
CA TYR A 20 12.93 6.31 20.85
C TYR A 20 11.91 5.18 21.09
N LYS A 21 12.42 3.95 21.23
CA LYS A 21 11.61 2.74 21.31
C LYS A 21 10.67 2.74 22.52
N GLU A 22 11.16 3.22 23.68
CA GLU A 22 10.37 3.26 24.93
C GLU A 22 9.38 4.44 24.91
N PHE A 23 9.85 5.59 24.37
CA PHE A 23 9.02 6.82 24.22
C PHE A 23 7.78 6.51 23.37
N TYR A 24 7.96 5.63 22.35
CA TYR A 24 6.88 5.10 21.52
C TYR A 24 5.82 4.37 22.37
N LYS A 25 6.30 3.48 23.26
CA LYS A 25 5.42 2.66 24.14
C LYS A 25 4.50 3.56 25.01
N HIS A 26 5.05 4.71 25.43
CA HIS A 26 4.34 5.66 26.31
C HIS A 26 3.29 6.48 25.52
N ILE A 27 3.68 6.97 24.32
CA ILE A 27 2.84 7.88 23.50
C ILE A 27 1.74 7.14 22.72
N ALA A 28 1.99 5.86 22.41
CA ALA A 28 1.03 4.97 21.75
C ALA A 28 0.20 4.20 22.78
N HIS A 29 0.70 4.19 24.04
CA HIS A 29 0.10 3.47 25.19
C HIS A 29 0.19 1.94 24.99
N ASP A 30 1.22 1.55 24.24
CA ASP A 30 1.52 0.15 23.89
C ASP A 30 2.77 -0.31 24.68
N PHE A 31 3.27 -1.52 24.39
CA PHE A 31 4.46 -2.07 25.07
C PHE A 31 5.50 -2.59 24.05
N ASN A 32 5.11 -2.63 22.77
CA ASN A 32 5.97 -3.17 21.69
C ASN A 32 6.89 -2.07 21.14
N ASP A 33 8.00 -2.51 20.51
CA ASP A 33 8.99 -1.63 19.87
C ASP A 33 8.54 -1.32 18.43
N PRO A 34 8.87 -0.11 17.88
CA PRO A 34 8.57 0.23 16.48
C PRO A 34 9.54 -0.45 15.49
N LEU A 35 9.04 -0.78 14.27
CA LEU A 35 9.86 -1.37 13.19
C LEU A 35 10.95 -0.39 12.74
N THR A 36 10.55 0.88 12.67
CA THR A 36 11.44 2.01 12.38
C THR A 36 10.73 3.31 12.78
N TRP A 37 11.44 4.44 12.65
CA TRP A 37 10.95 5.77 13.04
C TRP A 37 11.66 6.85 12.24
N SER A 38 11.29 8.10 12.53
CA SER A 38 11.93 9.29 11.95
C SER A 38 11.94 10.40 13.01
N HIS A 39 13.14 10.94 13.29
CA HIS A 39 13.30 12.12 14.13
C HIS A 39 13.82 13.23 13.21
N ASN A 40 12.88 13.98 12.65
CA ASN A 40 13.17 14.96 11.61
C ASN A 40 12.79 16.36 12.12
N ARG A 41 13.33 17.38 11.45
CA ARG A 41 13.11 18.78 11.82
C ARG A 41 12.88 19.58 10.53
N VAL A 42 11.94 20.52 10.61
CA VAL A 42 11.59 21.46 9.53
C VAL A 42 11.89 22.88 10.04
N GLU A 43 12.31 23.76 9.11
CA GLU A 43 12.75 25.14 9.44
C GLU A 43 12.45 26.09 8.27
N GLY A 44 12.81 27.38 8.46
CA GLY A 44 12.63 28.42 7.45
C GLY A 44 11.48 29.34 7.84
N LYS A 45 10.31 29.14 7.21
CA LYS A 45 9.07 29.83 7.62
C LYS A 45 8.48 29.09 8.84
N GLN A 46 8.13 27.81 8.63
CA GLN A 46 7.59 26.94 9.69
C GLN A 46 8.73 26.11 10.27
N GLU A 47 8.99 26.32 11.58
CA GLU A 47 10.07 25.62 12.30
C GLU A 47 9.46 24.78 13.41
N TYR A 48 9.45 23.47 13.16
CA TYR A 48 8.83 22.49 14.07
C TYR A 48 9.57 21.15 13.98
N THR A 49 9.46 20.36 15.05
CA THR A 49 10.11 19.04 15.13
C THR A 49 9.05 17.94 15.01
N SER A 50 9.26 17.04 14.05
CA SER A 50 8.41 15.86 13.83
C SER A 50 9.13 14.61 14.33
N LEU A 51 8.40 13.77 15.10
CA LEU A 51 8.92 12.52 15.65
C LEU A 51 7.83 11.43 15.50
N LEU A 52 7.93 10.67 14.40
CA LEU A 52 6.90 9.67 14.00
C LEU A 52 7.50 8.26 14.14
N TYR A 53 6.63 7.28 14.44
CA TYR A 53 7.02 5.86 14.63
C TYR A 53 6.08 4.96 13.83
N ILE A 54 6.62 3.83 13.33
CA ILE A 54 5.85 2.79 12.63
C ILE A 54 5.58 1.61 13.60
N PRO A 55 4.26 1.27 13.87
CA PRO A 55 3.89 0.11 14.72
C PRO A 55 4.38 -1.23 14.14
N SER A 56 4.80 -2.13 15.04
CA SER A 56 5.28 -3.49 14.68
C SER A 56 4.12 -4.47 14.53
N GLN A 57 3.07 -4.23 15.34
CA GLN A 57 1.84 -5.04 15.36
C GLN A 57 0.63 -4.10 15.19
N ALA A 58 -0.43 -4.65 14.57
CA ALA A 58 -1.68 -3.92 14.30
C ALA A 58 -2.58 -3.89 15.55
N PRO A 59 -2.89 -2.69 16.14
CA PRO A 59 -3.93 -2.57 17.19
C PRO A 59 -5.34 -2.80 16.58
N TRP A 60 -6.27 -3.31 17.41
CA TRP A 60 -7.63 -3.65 16.95
C TRP A 60 -8.40 -2.38 16.53
N ASP A 61 -8.06 -1.24 17.16
CA ASP A 61 -8.72 0.07 16.91
C ASP A 61 -8.45 0.62 15.49
N MET A 62 -7.58 -0.07 14.72
CA MET A 62 -7.19 0.30 13.35
C MET A 62 -8.41 0.34 12.40
N TRP A 63 -9.31 -0.66 12.57
CA TRP A 63 -10.52 -0.82 11.71
C TRP A 63 -11.81 -0.75 12.55
N ASN A 64 -11.70 -0.12 13.74
CA ASN A 64 -12.87 0.19 14.61
C ASN A 64 -13.58 1.45 14.07
N ARG A 65 -14.87 1.66 14.43
CA ARG A 65 -15.61 2.87 13.98
C ARG A 65 -15.10 4.13 14.73
N ASP A 66 -14.40 3.90 15.85
CA ASP A 66 -13.68 4.95 16.59
C ASP A 66 -12.23 4.98 16.12
N HIS A 67 -11.62 6.17 16.13
CA HIS A 67 -10.25 6.38 15.63
C HIS A 67 -9.21 6.11 16.73
N LYS A 68 -8.10 5.49 16.32
CA LYS A 68 -6.84 5.45 17.09
C LYS A 68 -5.75 6.18 16.27
N HIS A 69 -6.14 6.52 15.04
CA HIS A 69 -5.39 7.39 14.14
C HIS A 69 -5.20 8.77 14.80
N GLY A 70 -3.98 9.31 14.68
CA GLY A 70 -3.65 10.61 15.22
C GLY A 70 -2.28 10.66 15.87
N LEU A 71 -1.78 11.89 16.04
CA LEU A 71 -0.49 12.19 16.68
C LEU A 71 -0.73 12.98 17.97
N LYS A 72 0.31 13.16 18.78
CA LYS A 72 0.25 14.03 19.95
C LYS A 72 0.73 15.43 19.55
N LEU A 73 -0.21 16.37 19.45
CA LEU A 73 0.08 17.78 19.16
C LEU A 73 0.65 18.46 20.41
N TYR A 74 1.84 19.02 20.23
CA TYR A 74 2.47 19.96 21.16
C TYR A 74 2.62 21.29 20.41
N VAL A 75 2.37 22.40 21.09
CA VAL A 75 2.63 23.75 20.58
C VAL A 75 3.49 24.49 21.59
N GLN A 76 4.66 24.99 21.11
CA GLN A 76 5.63 25.76 21.91
C GLN A 76 6.20 24.91 23.07
N ARG A 77 6.28 23.59 22.79
CA ARG A 77 6.79 22.53 23.70
C ARG A 77 5.83 22.35 24.92
N VAL A 78 4.54 22.66 24.68
CA VAL A 78 3.44 22.47 25.64
C VAL A 78 2.38 21.57 24.98
N PHE A 79 2.06 20.44 25.62
CA PHE A 79 1.07 19.47 25.12
C PHE A 79 -0.32 20.12 25.00
N ILE A 80 -0.98 19.92 23.84
CA ILE A 80 -2.32 20.46 23.58
C ILE A 80 -3.35 19.31 23.50
N MET A 81 -3.20 18.42 22.49
CA MET A 81 -4.20 17.37 22.21
C MET A 81 -3.53 16.15 21.56
N ASP A 82 -3.80 14.94 22.13
CA ASP A 82 -3.41 13.65 21.53
C ASP A 82 -4.53 13.15 20.63
N ASP A 83 -4.22 12.15 19.77
CA ASP A 83 -5.13 11.65 18.70
C ASP A 83 -5.50 12.78 17.72
N ALA A 84 -4.57 13.75 17.58
CA ALA A 84 -4.70 14.86 16.61
C ALA A 84 -4.40 14.32 15.20
N GLU A 85 -5.47 13.85 14.55
CA GLU A 85 -5.42 13.17 13.24
C GLU A 85 -5.60 14.13 12.07
N GLN A 86 -5.63 15.44 12.38
CA GLN A 86 -5.64 16.52 11.38
C GLN A 86 -4.26 16.64 10.71
N PHE A 87 -3.24 16.02 11.36
CA PHE A 87 -1.85 16.02 10.92
C PHE A 87 -1.50 14.77 10.10
N MET A 88 -2.46 13.84 9.94
CA MET A 88 -2.23 12.57 9.22
C MET A 88 -3.49 12.20 8.39
N PRO A 89 -3.35 11.72 7.10
CA PRO A 89 -4.49 11.17 6.31
C PRO A 89 -4.87 9.73 6.71
N ASN A 90 -5.88 9.17 6.01
CA ASN A 90 -6.59 7.93 6.40
C ASN A 90 -5.80 6.66 6.02
N TYR A 91 -5.09 6.71 4.88
CA TYR A 91 -4.25 5.58 4.43
C TYR A 91 -2.94 5.49 5.25
N LEU A 92 -2.71 6.50 6.09
CA LEU A 92 -1.60 6.52 7.05
C LEU A 92 -2.18 6.52 8.48
N ARG A 93 -3.30 5.80 8.67
CA ARG A 93 -4.00 5.70 9.97
C ARG A 93 -3.15 5.00 11.05
N PHE A 94 -2.14 4.22 10.60
CA PHE A 94 -1.23 3.45 11.47
C PHE A 94 -0.25 4.37 12.21
N VAL A 95 0.13 5.50 11.58
CA VAL A 95 1.22 6.37 12.06
C VAL A 95 0.93 6.89 13.47
N ARG A 96 1.80 6.53 14.41
CA ARG A 96 1.73 6.94 15.81
C ARG A 96 3.03 7.62 16.20
N GLY A 97 2.89 8.79 16.82
CA GLY A 97 4.01 9.62 17.19
C GLY A 97 3.51 10.95 17.70
N LEU A 98 4.23 12.02 17.34
CA LEU A 98 3.96 13.36 17.83
C LEU A 98 4.61 14.40 16.93
N ILE A 99 4.22 15.66 17.13
CA ILE A 99 4.75 16.82 16.43
C ILE A 99 4.61 18.05 17.35
N ASP A 100 5.69 18.82 17.48
CA ASP A 100 5.71 20.09 18.22
C ASP A 100 5.97 21.25 17.27
N SER A 101 5.07 22.23 17.25
CA SER A 101 5.13 23.41 16.39
C SER A 101 4.95 24.68 17.23
N SER A 102 5.90 25.63 17.13
CA SER A 102 5.75 26.97 17.73
C SER A 102 5.13 27.95 16.71
N ASP A 103 4.69 27.40 15.55
CA ASP A 103 4.06 28.16 14.45
C ASP A 103 2.57 28.31 14.72
N LEU A 104 1.95 27.20 15.15
CA LEU A 104 0.53 27.17 15.57
C LEU A 104 0.32 28.04 16.83
N PRO A 105 -0.89 28.70 17.00
CA PRO A 105 -1.24 29.40 18.25
C PRO A 105 -1.34 28.42 19.43
N LEU A 106 -1.04 28.90 20.65
CA LEU A 106 -1.05 28.06 21.86
C LEU A 106 -2.51 27.65 22.23
N ASN A 107 -3.50 28.45 21.78
CA ASN A 107 -4.94 28.23 22.05
C ASN A 107 -5.58 27.31 20.99
N VAL A 108 -4.73 26.61 20.21
CA VAL A 108 -5.16 25.78 19.07
C VAL A 108 -6.08 24.60 19.54
N SER A 109 -7.13 24.38 18.77
CA SER A 109 -8.11 23.30 18.98
C SER A 109 -8.44 22.67 17.62
N ARG A 110 -9.30 21.62 17.58
CA ARG A 110 -9.65 20.88 16.34
C ARG A 110 -10.23 21.81 15.25
N GLU A 111 -10.93 22.88 15.70
CA GLU A 111 -11.52 23.90 14.82
C GLU A 111 -10.39 24.67 14.13
N ILE A 112 -9.41 25.13 14.94
CA ILE A 112 -8.23 25.89 14.46
C ILE A 112 -7.34 25.00 13.56
N LEU A 113 -7.29 23.68 13.86
CA LEU A 113 -6.51 22.69 13.08
C LEU A 113 -7.06 22.57 11.64
N GLN A 114 -8.39 22.65 11.52
CA GLN A 114 -9.11 22.59 10.24
C GLN A 114 -9.07 23.96 9.53
N ASP A 115 -9.11 25.04 10.34
CA ASP A 115 -9.25 26.44 9.87
C ASP A 115 -7.92 27.00 9.32
N SER A 116 -6.80 26.52 9.89
CA SER A 116 -5.45 27.05 9.63
C SER A 116 -4.85 26.48 8.33
N THR A 117 -4.15 27.36 7.60
CA THR A 117 -3.42 27.02 6.37
C THR A 117 -2.11 26.30 6.73
N VAL A 118 -1.40 26.83 7.76
CA VAL A 118 -0.08 26.30 8.18
C VAL A 118 -0.20 24.92 8.84
N THR A 119 -1.38 24.65 9.43
CA THR A 119 -1.69 23.35 10.06
C THR A 119 -2.07 22.30 8.99
N ARG A 120 -2.80 22.75 7.95
CA ARG A 120 -3.15 21.89 6.80
C ARG A 120 -1.88 21.55 5.98
N ASN A 121 -0.97 22.54 5.90
CA ASN A 121 0.34 22.40 5.23
C ASN A 121 1.32 21.58 6.10
N LEU A 122 1.09 21.61 7.43
CA LEU A 122 1.85 20.82 8.42
C LEU A 122 1.74 19.31 8.05
N ARG A 123 0.47 18.90 7.77
CA ARG A 123 0.13 17.52 7.40
C ARG A 123 0.87 17.07 6.13
N ASN A 124 1.01 17.98 5.14
CA ASN A 124 1.65 17.69 3.83
C ASN A 124 3.10 17.19 4.01
N ALA A 125 3.83 17.84 4.93
CA ALA A 125 5.23 17.52 5.20
C ALA A 125 5.37 16.17 5.92
N LEU A 126 4.43 15.89 6.85
CA LEU A 126 4.42 14.65 7.64
C LEU A 126 4.09 13.43 6.75
N THR A 127 2.99 13.54 5.99
CA THR A 127 2.47 12.52 5.06
C THR A 127 3.55 12.05 4.07
N LYS A 128 4.24 13.05 3.49
CA LYS A 128 5.29 12.86 2.50
C LYS A 128 6.49 12.09 3.10
N ARG A 129 6.85 12.46 4.35
CA ARG A 129 7.93 11.79 5.11
C ARG A 129 7.60 10.32 5.39
N VAL A 130 6.30 10.02 5.68
CA VAL A 130 5.85 8.66 5.98
C VAL A 130 5.98 7.76 4.73
N LEU A 131 5.54 8.28 3.57
CA LEU A 131 5.62 7.55 2.28
C LEU A 131 7.07 7.16 1.94
N GLN A 132 7.97 8.13 2.15
CA GLN A 132 9.42 7.93 1.93
C GLN A 132 10.00 6.97 2.99
N MET A 133 9.46 7.01 4.23
CA MET A 133 9.89 6.14 5.36
C MET A 133 9.55 4.65 5.06
N LEU A 134 8.36 4.45 4.47
CA LEU A 134 7.83 3.12 4.09
C LEU A 134 8.62 2.52 2.92
N GLU A 135 8.89 3.37 1.91
CA GLU A 135 9.63 3.01 0.72
C GLU A 135 11.09 2.67 1.07
N LYS A 136 11.69 3.48 1.95
CA LYS A 136 13.05 3.25 2.49
C LYS A 136 13.10 1.92 3.25
N LEU A 137 12.08 1.67 4.09
CA LEU A 137 11.98 0.43 4.91
C LEU A 137 11.89 -0.82 4.00
N ALA A 138 11.21 -0.66 2.84
CA ALA A 138 11.06 -1.73 1.82
C ALA A 138 12.42 -2.10 1.19
N LYS A 139 13.32 -1.10 1.08
CA LYS A 139 14.66 -1.26 0.47
C LYS A 139 15.74 -1.54 1.53
N ASP A 140 15.44 -1.14 2.77
CA ASP A 140 16.37 -1.20 3.92
C ASP A 140 16.35 -2.60 4.53
N ASP A 141 15.15 -3.05 4.91
CA ASP A 141 14.94 -4.34 5.57
C ASP A 141 13.57 -4.89 5.13
N ALA A 142 13.59 -5.83 4.16
CA ALA A 142 12.38 -6.43 3.58
C ALA A 142 11.61 -7.32 4.59
N GLU A 143 12.29 -7.75 5.68
CA GLU A 143 11.70 -8.63 6.72
C GLU A 143 10.73 -7.82 7.61
N LYS A 144 11.19 -6.64 8.07
CA LYS A 144 10.39 -5.70 8.89
C LYS A 144 9.19 -5.21 8.08
N TYR A 145 9.43 -4.91 6.78
CA TYR A 145 8.38 -4.43 5.88
C TYR A 145 7.39 -5.55 5.49
N GLN A 146 7.86 -6.81 5.43
CA GLN A 146 7.00 -7.98 5.14
C GLN A 146 6.02 -8.22 6.30
N THR A 147 6.52 -8.07 7.54
CA THR A 147 5.73 -8.14 8.77
C THR A 147 4.71 -6.97 8.82
N PHE A 148 5.20 -5.78 8.41
CA PHE A 148 4.39 -4.55 8.34
C PHE A 148 3.19 -4.73 7.40
N TRP A 149 3.47 -5.21 6.18
CA TRP A 149 2.48 -5.27 5.10
C TRP A 149 1.39 -6.34 5.39
N GLN A 150 1.75 -7.40 6.12
CA GLN A 150 0.79 -8.46 6.47
C GLN A 150 -0.10 -8.04 7.67
N GLN A 151 0.10 -6.81 8.19
CA GLN A 151 -0.72 -6.21 9.26
C GLN A 151 -1.43 -4.92 8.79
N PHE A 152 -0.71 -4.13 7.96
CA PHE A 152 -1.14 -2.76 7.55
C PHE A 152 -1.23 -2.66 6.01
N GLY A 153 -1.34 -3.82 5.33
CA GLY A 153 -1.39 -3.86 3.87
C GLY A 153 -2.64 -3.25 3.29
N LEU A 154 -3.75 -3.42 4.03
CA LEU A 154 -5.06 -2.89 3.64
C LEU A 154 -5.12 -1.36 3.89
N VAL A 155 -4.30 -0.90 4.87
CA VAL A 155 -4.18 0.52 5.25
C VAL A 155 -3.57 1.35 4.09
N LEU A 156 -2.40 0.92 3.59
CA LEU A 156 -1.72 1.61 2.46
C LEU A 156 -2.44 1.37 1.12
N LYS A 157 -3.37 0.40 1.10
CA LYS A 157 -4.13 0.03 -0.11
C LYS A 157 -5.31 1.02 -0.34
N GLU A 158 -5.56 1.90 0.64
CA GLU A 158 -6.44 3.07 0.49
C GLU A 158 -5.70 4.20 -0.28
N GLY A 159 -4.35 4.09 -0.28
CA GLY A 159 -3.42 5.10 -0.80
C GLY A 159 -3.64 5.55 -2.25
N PRO A 160 -3.78 4.62 -3.27
CA PRO A 160 -4.08 5.02 -4.68
C PRO A 160 -5.33 5.94 -4.83
N ALA A 161 -6.28 5.82 -3.89
CA ALA A 161 -7.54 6.61 -3.88
C ALA A 161 -7.43 7.83 -2.96
N GLU A 162 -6.44 7.85 -2.06
CA GLU A 162 -6.21 8.96 -1.10
C GLU A 162 -5.28 10.04 -1.67
N ASP A 163 -4.11 9.60 -2.18
CA ASP A 163 -3.05 10.46 -2.73
C ASP A 163 -2.77 10.13 -4.21
N PHE A 164 -3.09 11.09 -5.08
CA PHE A 164 -2.87 10.98 -6.54
C PHE A 164 -1.40 11.28 -6.91
N ALA A 165 -0.74 12.20 -6.17
CA ALA A 165 0.60 12.71 -6.53
C ALA A 165 1.66 11.60 -6.47
N ASN A 166 1.55 10.74 -5.46
CA ASN A 166 2.46 9.58 -5.28
C ASN A 166 1.71 8.27 -5.50
N GLN A 167 0.66 8.28 -6.39
CA GLN A 167 -0.11 7.06 -6.77
C GLN A 167 0.85 5.89 -7.14
N GLU A 168 1.86 6.23 -7.96
CA GLU A 168 2.90 5.29 -8.43
C GLU A 168 3.74 4.76 -7.27
N ALA A 169 4.16 5.67 -6.37
CA ALA A 169 5.02 5.34 -5.22
C ALA A 169 4.30 4.41 -4.22
N ILE A 170 2.98 4.61 -4.07
CA ILE A 170 2.12 3.80 -3.19
C ILE A 170 1.78 2.46 -3.87
N ALA A 171 1.66 2.49 -5.22
CA ALA A 171 1.47 1.28 -6.05
C ALA A 171 2.72 0.39 -5.98
N LYS A 172 3.88 1.05 -5.89
CA LYS A 172 5.18 0.41 -5.64
C LYS A 172 5.19 -0.23 -4.23
N LEU A 173 4.54 0.43 -3.26
CA LEU A 173 4.39 -0.07 -1.88
C LEU A 173 3.38 -1.24 -1.81
N LEU A 174 2.51 -1.37 -2.84
CA LEU A 174 1.53 -2.48 -2.89
C LEU A 174 2.25 -3.81 -3.19
N ARG A 175 2.06 -4.78 -2.29
CA ARG A 175 2.58 -6.15 -2.42
C ARG A 175 1.36 -7.08 -2.47
N PHE A 176 1.41 -8.08 -3.37
CA PHE A 176 0.33 -9.06 -3.54
C PHE A 176 0.92 -10.47 -3.63
N ALA A 177 0.03 -11.48 -3.55
CA ALA A 177 0.40 -12.87 -3.80
C ALA A 177 0.39 -13.12 -5.32
N SER A 178 0.82 -14.30 -5.75
CA SER A 178 1.02 -14.61 -7.18
C SER A 178 0.87 -16.12 -7.43
N THR A 179 0.78 -16.51 -8.72
CA THR A 179 0.77 -17.93 -9.13
C THR A 179 2.18 -18.55 -9.01
N HIS A 180 3.20 -17.67 -8.86
CA HIS A 180 4.59 -18.03 -8.50
C HIS A 180 4.63 -18.87 -7.19
N THR A 181 3.75 -18.51 -6.25
CA THR A 181 3.67 -19.15 -4.93
C THR A 181 2.26 -19.72 -4.69
N ASP A 182 2.15 -20.66 -3.75
CA ASP A 182 0.86 -21.22 -3.30
C ASP A 182 0.47 -20.63 -1.92
N SER A 183 1.24 -19.62 -1.48
CA SER A 183 1.02 -18.92 -0.19
C SER A 183 0.18 -17.67 -0.40
N SER A 184 -0.69 -17.36 0.59
CA SER A 184 -1.51 -16.14 0.61
C SER A 184 -0.67 -14.90 0.98
N ALA A 185 0.60 -15.11 1.39
CA ALA A 185 1.53 -14.04 1.76
C ALA A 185 1.74 -13.06 0.60
N GLN A 186 1.36 -11.79 0.86
CA GLN A 186 1.52 -10.70 -0.10
C GLN A 186 3.03 -10.33 -0.23
N THR A 187 3.70 -10.99 -1.19
CA THR A 187 5.17 -10.95 -1.35
C THR A 187 5.58 -10.17 -2.62
N VAL A 188 5.13 -10.64 -3.80
CA VAL A 188 5.47 -10.04 -5.10
C VAL A 188 4.85 -8.65 -5.23
N SER A 189 5.71 -7.65 -5.42
CA SER A 189 5.33 -6.24 -5.50
C SER A 189 4.85 -5.92 -6.92
N LEU A 190 4.16 -4.77 -7.10
CA LEU A 190 3.88 -4.24 -8.45
C LEU A 190 5.20 -3.83 -9.14
N GLU A 191 6.21 -3.46 -8.32
CA GLU A 191 7.60 -3.20 -8.77
C GLU A 191 8.16 -4.45 -9.47
N ASP A 192 8.04 -5.60 -8.76
CA ASP A 192 8.59 -6.87 -9.22
C ASP A 192 7.78 -7.42 -10.38
N TYR A 193 6.44 -7.22 -10.33
CA TYR A 193 5.52 -7.75 -11.36
C TYR A 193 5.83 -7.15 -12.74
N VAL A 194 6.04 -5.81 -12.78
CA VAL A 194 6.43 -5.10 -14.00
C VAL A 194 7.78 -5.65 -14.54
N SER A 195 8.69 -5.99 -13.62
CA SER A 195 10.00 -6.59 -13.94
C SER A 195 9.87 -8.09 -14.35
N ARG A 196 8.73 -8.69 -13.97
CA ARG A 196 8.48 -10.15 -14.09
C ARG A 196 7.43 -10.46 -15.17
N MET A 197 7.01 -9.43 -15.95
CA MET A 197 5.98 -9.62 -17.00
C MET A 197 6.50 -10.55 -18.11
N LYS A 198 5.66 -11.54 -18.47
CA LYS A 198 6.04 -12.63 -19.40
C LYS A 198 6.07 -12.11 -20.85
N GLU A 199 6.74 -12.87 -21.71
CA GLU A 199 6.86 -12.61 -23.13
C GLU A 199 5.46 -12.66 -23.79
N GLY A 200 5.04 -11.51 -24.35
CA GLY A 200 3.68 -11.32 -24.86
C GLY A 200 2.74 -10.64 -23.86
N GLN A 201 3.09 -10.68 -22.56
CA GLN A 201 2.31 -10.05 -21.48
C GLN A 201 2.61 -8.53 -21.45
N GLU A 202 1.87 -7.78 -22.27
CA GLU A 202 1.94 -6.29 -22.37
C GLU A 202 0.79 -5.64 -21.54
N LYS A 203 -0.05 -6.49 -20.94
CA LYS A 203 -1.18 -6.08 -20.07
C LYS A 203 -1.12 -6.89 -18.77
N ILE A 204 -1.35 -6.21 -17.62
CA ILE A 204 -1.29 -6.83 -16.28
C ILE A 204 -2.50 -7.75 -16.07
N TYR A 205 -2.21 -9.01 -15.68
CA TYR A 205 -3.24 -10.03 -15.42
C TYR A 205 -3.27 -10.39 -13.92
N TYR A 206 -4.46 -10.28 -13.31
CA TYR A 206 -4.69 -10.52 -11.87
C TYR A 206 -6.15 -10.96 -11.65
N ILE A 207 -6.49 -11.38 -10.42
CA ILE A 207 -7.88 -11.71 -10.04
C ILE A 207 -8.19 -11.14 -8.64
N THR A 208 -9.43 -10.65 -8.46
CA THR A 208 -9.92 -10.15 -7.17
C THR A 208 -11.01 -11.09 -6.61
N ALA A 209 -10.81 -11.54 -5.36
CA ALA A 209 -11.78 -12.34 -4.60
C ALA A 209 -11.60 -12.05 -3.10
N ASP A 210 -12.54 -12.54 -2.28
CA ASP A 210 -12.51 -12.37 -0.82
C ASP A 210 -11.70 -13.48 -0.13
N SER A 211 -11.29 -14.50 -0.92
CA SER A 211 -10.50 -15.63 -0.43
C SER A 211 -9.40 -15.99 -1.46
N TYR A 212 -8.24 -16.46 -0.95
CA TYR A 212 -7.07 -16.81 -1.76
C TYR A 212 -7.32 -18.09 -2.58
N ALA A 213 -7.68 -19.19 -1.87
CA ALA A 213 -7.79 -20.53 -2.47
C ALA A 213 -8.93 -20.59 -3.50
N ALA A 214 -10.01 -19.84 -3.26
CA ALA A 214 -11.17 -19.73 -4.17
C ALA A 214 -10.74 -19.08 -5.50
N ALA A 215 -9.97 -17.97 -5.38
CA ALA A 215 -9.44 -17.23 -6.52
C ALA A 215 -8.40 -18.06 -7.29
N LYS A 216 -7.63 -18.88 -6.56
CA LYS A 216 -6.51 -19.64 -7.11
C LYS A 216 -6.99 -20.90 -7.88
N SER A 217 -8.06 -21.53 -7.35
CA SER A 217 -8.67 -22.74 -7.96
C SER A 217 -9.52 -22.39 -9.20
N SER A 218 -9.69 -21.08 -9.47
CA SER A 218 -10.37 -20.57 -10.65
C SER A 218 -9.55 -20.90 -11.94
N PRO A 219 -10.17 -21.61 -12.95
CA PRO A 219 -9.50 -21.93 -14.24
C PRO A 219 -9.20 -20.69 -15.10
N HIS A 220 -9.68 -19.50 -14.65
CA HIS A 220 -9.38 -18.21 -15.27
C HIS A 220 -7.87 -17.89 -15.21
N LEU A 221 -7.24 -18.28 -14.08
CA LEU A 221 -5.80 -18.10 -13.86
C LEU A 221 -5.03 -19.12 -14.68
N GLU A 222 -5.42 -20.41 -14.53
CA GLU A 222 -4.76 -21.57 -15.15
C GLU A 222 -4.92 -21.53 -16.70
N LEU A 223 -5.91 -20.75 -17.19
CA LEU A 223 -6.09 -20.49 -18.63
C LEU A 223 -4.84 -19.83 -19.22
N LEU A 224 -4.30 -18.84 -18.47
CA LEU A 224 -3.15 -18.03 -18.89
C LEU A 224 -1.84 -18.64 -18.35
N ARG A 225 -1.91 -19.21 -17.14
CA ARG A 225 -0.75 -19.75 -16.38
C ARG A 225 -0.16 -20.96 -17.11
N LYS A 226 -1.03 -21.70 -17.83
CA LYS A 226 -0.63 -22.81 -18.71
C LYS A 226 0.26 -22.32 -19.87
N LYS A 227 -0.06 -21.11 -20.37
CA LYS A 227 0.72 -20.43 -21.44
C LYS A 227 1.92 -19.65 -20.83
N GLY A 228 2.09 -19.77 -19.49
CA GLY A 228 3.27 -19.26 -18.79
C GLY A 228 3.10 -17.84 -18.27
N ILE A 229 1.84 -17.43 -18.02
CA ILE A 229 1.54 -16.05 -17.58
C ILE A 229 1.49 -16.01 -16.04
N GLU A 230 2.06 -14.92 -15.49
CA GLU A 230 2.09 -14.66 -14.06
C GLU A 230 0.82 -13.88 -13.68
N VAL A 231 0.02 -14.43 -12.75
CA VAL A 231 -1.27 -13.82 -12.33
C VAL A 231 -1.18 -13.47 -10.82
N LEU A 232 -1.54 -12.21 -10.48
CA LEU A 232 -1.56 -11.73 -9.10
C LEU A 232 -2.86 -12.15 -8.38
N LEU A 233 -2.71 -12.64 -7.14
CA LEU A 233 -3.81 -13.06 -6.28
C LEU A 233 -4.15 -11.94 -5.29
N LEU A 234 -5.19 -11.16 -5.62
CA LEU A 234 -5.76 -10.13 -4.74
C LEU A 234 -6.92 -10.78 -3.96
N SER A 235 -6.69 -11.06 -2.66
CA SER A 235 -7.52 -11.99 -1.89
C SER A 235 -8.26 -11.32 -0.72
N ASP A 236 -8.32 -9.97 -0.70
CA ASP A 236 -9.10 -9.22 0.31
C ASP A 236 -10.20 -8.37 -0.36
N ARG A 237 -11.08 -7.79 0.47
CA ARG A 237 -12.29 -7.06 0.03
C ARG A 237 -11.94 -5.65 -0.47
N ILE A 238 -10.89 -5.05 0.10
CA ILE A 238 -10.48 -3.67 -0.24
C ILE A 238 -9.74 -3.60 -1.59
N ASP A 239 -9.13 -4.74 -1.97
CA ASP A 239 -8.31 -4.88 -3.19
C ASP A 239 -9.10 -4.49 -4.45
N GLU A 240 -10.32 -5.05 -4.59
CA GLU A 240 -11.18 -4.82 -5.76
C GLU A 240 -11.56 -3.32 -5.93
N TRP A 241 -11.82 -2.61 -4.81
CA TRP A 241 -12.25 -1.19 -4.84
C TRP A 241 -11.07 -0.26 -5.15
N MET A 242 -9.88 -0.66 -4.67
CA MET A 242 -8.61 0.05 -4.92
C MET A 242 -8.22 -0.01 -6.41
N MET A 243 -8.49 -1.18 -7.04
CA MET A 243 -8.18 -1.42 -8.46
C MET A 243 -8.95 -0.47 -9.38
N ASN A 244 -10.13 0.01 -8.92
CA ASN A 244 -10.99 0.90 -9.71
C ASN A 244 -10.33 2.25 -9.99
N TYR A 245 -9.34 2.63 -9.14
CA TYR A 245 -8.55 3.85 -9.35
C TYR A 245 -7.25 3.50 -10.10
N LEU A 246 -6.65 2.33 -9.76
CA LEU A 246 -5.46 1.80 -10.48
C LEU A 246 -5.89 1.16 -11.81
N THR A 247 -6.13 2.01 -12.79
CA THR A 247 -6.53 1.61 -14.14
C THR A 247 -5.27 1.34 -15.00
N GLU A 248 -4.13 1.93 -14.58
CA GLU A 248 -2.83 1.79 -15.25
C GLU A 248 -1.68 2.06 -14.26
N PHE A 249 -0.55 1.34 -14.45
CA PHE A 249 0.69 1.52 -13.67
C PHE A 249 1.89 1.23 -14.58
N ASP A 250 2.79 2.22 -14.71
CA ASP A 250 4.04 2.14 -15.52
C ASP A 250 3.72 1.97 -17.02
N GLY A 251 2.60 2.57 -17.45
CA GLY A 251 2.13 2.46 -18.84
C GLY A 251 1.49 1.11 -19.15
N LYS A 252 1.32 0.27 -18.11
CA LYS A 252 0.77 -1.10 -18.22
C LYS A 252 -0.69 -1.09 -17.70
N PRO A 253 -1.71 -1.21 -18.60
CA PRO A 253 -3.14 -1.27 -18.17
C PRO A 253 -3.45 -2.60 -17.45
N PHE A 254 -4.38 -2.53 -16.50
CA PHE A 254 -4.80 -3.69 -15.69
C PHE A 254 -5.95 -4.46 -16.38
N GLN A 255 -5.99 -5.78 -16.11
CA GLN A 255 -6.99 -6.70 -16.66
C GLN A 255 -7.30 -7.79 -15.63
N SER A 256 -8.52 -7.80 -15.11
CA SER A 256 -8.99 -8.88 -14.24
C SER A 256 -9.34 -10.10 -15.11
N VAL A 257 -8.65 -11.23 -14.83
CA VAL A 257 -8.84 -12.52 -15.53
C VAL A 257 -10.19 -13.17 -15.15
N SER A 258 -10.91 -12.53 -14.19
CA SER A 258 -12.25 -12.93 -13.73
C SER A 258 -13.23 -13.14 -14.90
N LYS A 259 -12.98 -12.44 -16.03
CA LYS A 259 -13.71 -12.65 -17.29
C LYS A 259 -12.72 -12.78 -18.46
N VAL A 260 -13.25 -13.17 -19.63
CA VAL A 260 -12.49 -13.35 -20.88
C VAL A 260 -13.04 -12.42 -21.95
N ASP A 261 -12.14 -11.75 -22.69
CA ASP A 261 -12.50 -10.86 -23.82
C ASP A 261 -11.32 -10.81 -24.81
N GLU A 262 -11.21 -9.72 -25.61
CA GLU A 262 -10.14 -9.55 -26.62
C GLU A 262 -8.71 -9.54 -26.01
N SER A 263 -8.61 -9.42 -24.66
CA SER A 263 -7.36 -9.58 -23.93
C SER A 263 -6.97 -11.07 -23.85
N LEU A 264 -7.90 -11.88 -23.31
CA LEU A 264 -7.72 -13.35 -23.15
C LEU A 264 -8.20 -14.13 -24.39
N GLU A 265 -8.30 -13.46 -25.55
CA GLU A 265 -8.91 -14.02 -26.78
C GLU A 265 -8.01 -15.13 -27.36
N LYS A 266 -6.78 -14.74 -27.78
CA LYS A 266 -5.76 -15.70 -28.25
C LYS A 266 -5.19 -16.49 -27.07
N LEU A 267 -5.20 -15.88 -25.86
CA LEU A 267 -4.68 -16.50 -24.63
C LEU A 267 -5.57 -17.70 -24.19
N ALA A 268 -6.78 -17.80 -24.77
CA ALA A 268 -7.70 -18.94 -24.57
C ALA A 268 -7.47 -20.04 -25.63
N LYS B 5 9.79 -18.30 3.61
CA LYS B 5 9.40 -16.89 3.68
C LYS B 5 9.02 -16.38 2.27
N LYS B 6 9.21 -17.26 1.25
CA LYS B 6 8.94 -16.98 -0.19
C LYS B 6 9.90 -15.91 -0.76
N ILE B 7 10.96 -15.60 0.01
CA ILE B 7 12.03 -14.69 -0.41
C ILE B 7 13.21 -15.50 -1.01
N GLU B 8 13.04 -16.85 -1.05
CA GLU B 8 14.04 -17.79 -1.57
C GLU B 8 13.98 -17.79 -3.11
N VAL B 9 14.66 -16.82 -3.74
CA VAL B 9 14.67 -16.65 -5.20
C VAL B 9 15.64 -17.66 -5.83
N GLU B 10 15.16 -18.91 -5.96
CA GLU B 10 15.95 -20.05 -6.43
C GLU B 10 16.05 -19.96 -7.98
N PHE B 11 17.01 -19.13 -8.45
CA PHE B 11 17.25 -18.85 -9.90
C PHE B 11 15.96 -18.43 -10.62
N ASP B 12 15.08 -17.78 -9.84
CA ASP B 12 13.72 -17.38 -10.25
C ASP B 12 13.70 -16.03 -10.98
N LYS B 13 14.82 -15.28 -10.85
CA LYS B 13 14.98 -13.89 -11.38
C LYS B 13 13.99 -12.92 -10.70
N GLY B 14 13.93 -11.68 -11.22
CA GLY B 14 13.16 -10.59 -10.64
C GLY B 14 14.08 -9.44 -10.26
N GLN B 15 13.53 -8.36 -9.71
CA GLN B 15 14.32 -7.16 -9.35
C GLN B 15 13.95 -6.68 -7.94
N ARG B 16 12.64 -6.43 -7.70
CA ARG B 16 12.12 -5.88 -6.42
C ARG B 16 12.84 -4.54 -6.05
N THR B 17 13.03 -3.68 -7.07
CA THR B 17 13.89 -2.48 -6.98
C THR B 17 13.06 -1.19 -7.23
N ASP B 18 13.78 -0.05 -7.47
CA ASP B 18 13.19 1.27 -7.81
C ASP B 18 12.62 1.96 -6.56
N LYS B 19 13.07 3.21 -6.31
CA LYS B 19 12.62 4.01 -5.16
C LYS B 19 12.65 5.51 -5.51
N TYR B 20 11.47 6.16 -5.48
CA TYR B 20 11.33 7.60 -5.74
C TYR B 20 9.87 8.05 -5.47
N GLY B 21 9.71 9.25 -4.87
CA GLY B 21 8.41 9.85 -4.60
C GLY B 21 8.54 11.34 -4.28
N ARG B 22 7.53 12.14 -4.70
CA ARG B 22 7.55 13.61 -4.52
C ARG B 22 6.12 14.18 -4.58
N GLY B 23 5.94 15.38 -3.99
CA GLY B 23 4.65 16.07 -3.95
C GLY B 23 3.67 15.45 -2.96
N LEU B 24 2.39 15.90 -3.01
CA LEU B 24 1.28 15.32 -2.23
C LEU B 24 -0.05 15.98 -2.72
N ALA B 25 -1.00 15.15 -3.18
CA ALA B 25 -2.31 15.62 -3.68
C ALA B 25 -3.44 14.80 -3.04
N TYR B 26 -4.06 15.39 -1.99
CA TYR B 26 -5.17 14.75 -1.27
C TYR B 26 -6.44 14.78 -2.14
N ILE B 27 -6.70 13.67 -2.84
CA ILE B 27 -7.95 13.44 -3.58
C ILE B 27 -8.98 12.77 -2.67
N TYR B 28 -8.48 12.13 -1.57
CA TYR B 28 -9.29 11.50 -0.50
C TYR B 28 -10.00 10.21 -1.00
N ALA B 29 -10.11 9.21 -0.09
CA ALA B 29 -10.60 7.82 -0.39
C ALA B 29 -11.96 7.79 -1.11
N ASP B 30 -12.78 8.84 -0.87
CA ASP B 30 -14.02 9.08 -1.62
C ASP B 30 -13.66 9.62 -3.02
N GLY B 31 -13.34 8.69 -3.93
CA GLY B 31 -12.95 9.00 -5.30
C GLY B 31 -13.43 7.92 -6.26
N LYS B 32 -12.59 7.56 -7.24
CA LYS B 32 -12.94 6.52 -8.23
C LYS B 32 -12.76 5.12 -7.62
N MET B 33 -13.83 4.65 -6.98
CA MET B 33 -13.99 3.26 -6.50
C MET B 33 -15.28 2.69 -7.08
N VAL B 34 -15.41 1.34 -7.05
CA VAL B 34 -16.62 0.61 -7.52
C VAL B 34 -16.76 0.71 -9.08
N ASN B 35 -17.64 -0.13 -9.68
CA ASN B 35 -17.96 -0.15 -11.13
C ASN B 35 -16.84 -0.88 -11.91
N GLU B 36 -17.23 -1.81 -12.78
CA GLU B 36 -16.30 -2.80 -13.41
C GLU B 36 -15.62 -2.23 -14.68
N ALA B 37 -15.14 -0.97 -14.60
CA ALA B 37 -14.52 -0.24 -15.73
C ALA B 37 -13.01 -0.54 -15.87
N LEU B 38 -12.61 -1.76 -15.47
CA LEU B 38 -11.20 -2.20 -15.48
C LEU B 38 -10.86 -2.89 -16.82
N VAL B 39 -11.68 -3.89 -17.17
CA VAL B 39 -11.56 -4.62 -18.43
C VAL B 39 -12.11 -3.74 -19.59
N ARG B 40 -11.21 -3.32 -20.49
CA ARG B 40 -11.53 -2.30 -21.52
C ARG B 40 -10.93 -2.66 -22.88
N GLN B 41 -9.60 -2.63 -22.95
CA GLN B 41 -8.83 -2.85 -24.18
C GLN B 41 -8.22 -4.26 -24.13
N GLY B 42 -7.92 -4.83 -25.30
CA GLY B 42 -7.45 -6.21 -25.40
C GLY B 42 -5.94 -6.34 -25.44
N LEU B 43 -5.47 -7.51 -25.90
CA LEU B 43 -4.04 -7.83 -25.96
C LEU B 43 -3.87 -9.03 -26.89
N ALA B 44 -4.10 -10.24 -26.32
CA ALA B 44 -4.11 -11.53 -27.04
C ALA B 44 -2.77 -11.79 -27.80
N LYS B 45 -1.76 -12.32 -27.07
CA LYS B 45 -0.40 -12.49 -27.62
C LYS B 45 0.25 -13.76 -27.04
N VAL B 46 0.50 -14.78 -27.90
CA VAL B 46 1.16 -16.06 -27.51
C VAL B 46 2.20 -16.44 -28.60
N ALA B 47 3.30 -15.66 -28.68
CA ALA B 47 4.42 -15.93 -29.61
C ALA B 47 5.55 -14.92 -29.36
N TYR B 48 6.76 -15.46 -29.09
CA TYR B 48 7.98 -14.66 -28.83
C TYR B 48 9.17 -15.64 -28.69
N VAL B 49 10.41 -15.10 -28.59
CA VAL B 49 11.58 -15.91 -28.28
C VAL B 49 11.59 -16.28 -26.76
N TYR B 50 11.04 -17.46 -26.46
CA TYR B 50 11.04 -18.05 -25.12
C TYR B 50 11.20 -19.57 -25.24
N LYS B 51 11.84 -20.20 -24.24
CA LYS B 51 12.04 -21.66 -24.23
C LYS B 51 10.89 -22.37 -23.44
N PRO B 52 10.09 -23.25 -24.12
CA PRO B 52 9.02 -24.02 -23.46
C PRO B 52 9.49 -25.42 -22.99
N ASN B 53 9.85 -25.52 -21.70
CA ASN B 53 10.26 -26.79 -21.08
C ASN B 53 9.00 -27.55 -20.59
N ASN B 54 8.70 -27.49 -19.27
CA ASN B 54 7.61 -28.25 -18.60
C ASN B 54 7.71 -29.77 -18.88
N THR B 55 7.24 -30.20 -20.06
CA THR B 55 7.37 -31.57 -20.59
C THR B 55 7.78 -31.48 -22.07
N HIS B 56 7.24 -30.42 -22.76
CA HIS B 56 7.46 -30.13 -24.20
C HIS B 56 6.77 -31.20 -25.08
N GLU B 57 7.34 -32.41 -25.07
CA GLU B 57 6.73 -33.61 -25.65
C GLU B 57 5.68 -34.18 -24.64
N GLN B 58 5.16 -35.40 -24.93
CA GLN B 58 4.16 -36.09 -24.08
C GLN B 58 2.85 -35.27 -23.98
N HIS B 59 2.49 -34.62 -25.12
CA HIS B 59 1.22 -33.87 -25.32
C HIS B 59 1.06 -32.71 -24.31
N LEU B 60 2.19 -32.28 -23.71
CA LEU B 60 2.22 -31.35 -22.56
C LEU B 60 1.46 -31.99 -21.37
N ARG B 61 2.18 -32.88 -20.65
CA ARG B 61 1.66 -33.65 -19.49
C ARG B 61 0.59 -34.68 -19.91
N LYS B 62 1.09 -35.77 -20.53
CA LYS B 62 0.33 -36.98 -20.92
C LYS B 62 -0.90 -36.71 -21.82
N SER B 63 -2.05 -36.32 -21.21
CA SER B 63 -3.31 -36.05 -21.93
C SER B 63 -4.24 -35.17 -21.09
N GLU B 64 -4.55 -35.66 -19.87
CA GLU B 64 -5.62 -35.11 -19.01
C GLU B 64 -5.12 -33.92 -18.16
N ALA B 65 -6.01 -32.93 -17.99
CA ALA B 65 -5.80 -31.78 -17.09
C ALA B 65 -6.48 -32.07 -15.73
N GLN B 66 -6.01 -31.41 -14.66
CA GLN B 66 -6.61 -31.55 -13.31
C GLN B 66 -7.28 -30.23 -12.87
N ALA B 67 -7.43 -29.29 -13.82
CA ALA B 67 -7.99 -27.95 -13.56
C ALA B 67 -9.44 -27.86 -14.08
N LYS B 68 -10.40 -27.82 -13.13
CA LYS B 68 -11.85 -27.66 -13.39
C LYS B 68 -12.41 -28.82 -14.24
N LYS B 69 -12.94 -29.85 -13.57
CA LYS B 69 -13.67 -30.95 -14.19
C LYS B 69 -14.88 -31.27 -13.30
N GLU B 70 -14.60 -31.97 -12.17
CA GLU B 70 -15.58 -32.29 -11.14
C GLU B 70 -14.79 -32.85 -9.95
N LYS B 71 -13.94 -33.85 -10.23
CA LYS B 71 -13.21 -34.61 -9.21
C LYS B 71 -12.14 -33.71 -8.54
N LEU B 72 -12.51 -33.21 -7.37
CA LEU B 72 -11.58 -32.55 -6.43
C LEU B 72 -11.62 -33.31 -5.09
N ASN B 73 -12.69 -34.13 -4.92
CA ASN B 73 -12.87 -35.08 -3.80
C ASN B 73 -12.96 -34.35 -2.44
N ILE B 74 -14.17 -33.89 -2.10
CA ILE B 74 -14.42 -33.12 -0.85
C ILE B 74 -15.92 -33.19 -0.50
N TRP B 75 -16.23 -33.08 0.80
CA TRP B 75 -17.60 -33.11 1.31
C TRP B 75 -18.20 -31.68 1.29
N ALA A 4 16.54 14.82 32.29
CA ALA A 4 15.09 14.51 32.36
C ALA A 4 14.28 15.64 31.72
N GLN A 5 14.22 15.62 30.39
CA GLN A 5 13.50 16.62 29.57
C GLN A 5 13.01 15.96 28.28
N ALA A 6 12.04 16.64 27.63
CA ALA A 6 11.39 16.21 26.38
C ALA A 6 12.37 15.63 25.35
N LEU A 7 12.08 14.39 24.87
CA LEU A 7 12.94 13.67 23.93
C LEU A 7 13.12 14.48 22.64
N TRP A 8 11.98 14.86 22.04
CA TRP A 8 11.94 15.46 20.70
C TRP A 8 12.75 16.80 20.61
N THR A 9 12.77 17.57 21.71
CA THR A 9 13.44 18.89 21.74
C THR A 9 14.97 18.75 21.86
N ARG A 10 15.43 17.61 22.41
CA ARG A 10 16.85 17.29 22.50
C ARG A 10 17.42 17.00 21.09
N ASN A 11 18.72 17.26 20.90
CA ASN A 11 19.38 17.13 19.61
C ASN A 11 19.38 15.65 19.16
N LYS A 12 19.10 15.45 17.85
CA LYS A 12 18.97 14.13 17.20
C LYS A 12 20.16 13.19 17.53
N SER A 13 21.38 13.76 17.49
CA SER A 13 22.64 13.04 17.73
C SER A 13 22.76 12.51 19.18
N GLU A 14 22.22 13.28 20.14
CA GLU A 14 22.33 12.97 21.59
C GLU A 14 21.40 11.81 22.01
N ILE A 15 20.34 11.59 21.22
CA ILE A 15 19.29 10.62 21.55
C ILE A 15 19.64 9.23 20.99
N THR A 16 19.77 8.25 21.90
CA THR A 16 20.11 6.86 21.56
C THR A 16 18.87 6.07 21.08
N ASP A 17 19.14 4.96 20.38
CA ASP A 17 18.13 4.02 19.81
C ASP A 17 17.12 3.56 20.89
N GLU A 18 17.66 3.30 22.09
CA GLU A 18 16.90 2.82 23.27
C GLU A 18 15.74 3.76 23.62
N GLU A 19 16.03 5.07 23.56
CA GLU A 19 15.09 6.15 23.92
C GLU A 19 13.84 6.12 23.04
N TYR A 20 14.05 6.03 21.72
CA TYR A 20 12.97 6.09 20.73
C TYR A 20 11.96 4.94 20.92
N LYS A 21 12.47 3.73 21.15
CA LYS A 21 11.63 2.53 21.31
C LYS A 21 10.74 2.61 22.55
N GLU A 22 11.31 3.10 23.66
CA GLU A 22 10.58 3.25 24.93
C GLU A 22 9.56 4.40 24.86
N PHE A 23 9.93 5.46 24.12
CA PHE A 23 9.10 6.67 23.97
C PHE A 23 7.88 6.37 23.09
N TYR A 24 8.07 5.48 22.08
CA TYR A 24 6.99 4.98 21.21
C TYR A 24 5.91 4.30 22.06
N LYS A 25 6.35 3.38 22.93
CA LYS A 25 5.46 2.57 23.79
C LYS A 25 4.64 3.46 24.73
N HIS A 26 5.24 4.60 25.13
CA HIS A 26 4.57 5.60 25.96
C HIS A 26 3.49 6.35 25.15
N ILE A 27 3.89 6.93 24.01
CA ILE A 27 3.03 7.86 23.23
C ILE A 27 1.92 7.15 22.42
N ALA A 28 2.15 5.88 22.08
CA ALA A 28 1.18 5.07 21.34
C ALA A 28 0.27 4.28 22.30
N HIS A 29 0.59 4.38 23.63
CA HIS A 29 -0.09 3.62 24.71
C HIS A 29 0.08 2.10 24.46
N ASP A 30 1.22 1.73 23.85
CA ASP A 30 1.48 0.38 23.32
C ASP A 30 2.68 -0.27 24.04
N PHE A 31 3.01 -1.52 23.66
CA PHE A 31 4.10 -2.30 24.29
C PHE A 31 5.04 -2.89 23.22
N ASN A 32 4.65 -2.80 21.94
CA ASN A 32 5.47 -3.31 20.82
C ASN A 32 6.66 -2.38 20.53
N ASP A 33 7.73 -2.93 19.93
CA ASP A 33 8.89 -2.14 19.48
C ASP A 33 8.61 -1.61 18.06
N PRO A 34 8.99 -0.32 17.76
CA PRO A 34 8.88 0.24 16.39
C PRO A 34 9.98 -0.31 15.46
N LEU A 35 9.59 -0.60 14.22
CA LEU A 35 10.48 -1.18 13.18
C LEU A 35 11.52 -0.14 12.73
N THR A 36 11.07 1.11 12.61
CA THR A 36 11.93 2.28 12.31
C THR A 36 11.19 3.58 12.71
N TRP A 37 11.88 4.73 12.61
CA TRP A 37 11.31 6.05 12.97
C TRP A 37 11.93 7.17 12.14
N SER A 38 11.46 8.41 12.40
CA SER A 38 11.92 9.62 11.71
C SER A 38 11.86 10.81 12.67
N HIS A 39 12.99 11.11 13.35
CA HIS A 39 13.12 12.33 14.16
C HIS A 39 13.71 13.44 13.28
N ASN A 40 12.83 14.31 12.78
CA ASN A 40 13.18 15.44 11.93
C ASN A 40 12.63 16.71 12.58
N ARG A 41 13.48 17.73 12.76
CA ARG A 41 13.02 19.05 13.18
C ARG A 41 13.12 20.00 11.98
N VAL A 42 12.05 20.76 11.75
CA VAL A 42 11.92 21.68 10.62
C VAL A 42 11.80 23.11 11.17
N GLU A 43 12.32 24.07 10.41
CA GLU A 43 12.36 25.50 10.78
C GLU A 43 12.23 26.37 9.52
N GLY A 44 12.26 27.69 9.69
CA GLY A 44 12.06 28.66 8.61
C GLY A 44 10.77 29.41 8.84
N LYS A 45 9.79 29.26 7.95
CA LYS A 45 8.46 29.86 8.13
C LYS A 45 7.64 29.01 9.12
N GLN A 46 7.50 27.71 8.81
CA GLN A 46 6.86 26.74 9.71
C GLN A 46 7.93 25.98 10.48
N GLU A 47 8.03 26.22 11.78
CA GLU A 47 8.91 25.47 12.68
C GLU A 47 8.08 24.41 13.42
N TYR A 48 8.50 23.14 13.33
CA TYR A 48 7.87 22.04 14.05
C TYR A 48 8.84 20.86 14.20
N THR A 49 8.86 20.24 15.37
CA THR A 49 9.64 19.03 15.62
C THR A 49 8.75 17.80 15.41
N SER A 50 8.98 17.05 14.34
CA SER A 50 8.20 15.84 14.02
C SER A 50 9.01 14.58 14.36
N LEU A 51 8.39 13.67 15.10
CA LEU A 51 8.98 12.37 15.46
C LEU A 51 7.92 11.31 15.24
N LEU A 52 8.04 10.59 14.12
CA LEU A 52 7.06 9.61 13.65
C LEU A 52 7.64 8.20 13.77
N TYR A 53 6.80 7.22 14.11
CA TYR A 53 7.24 5.81 14.29
C TYR A 53 6.42 4.88 13.37
N ILE A 54 7.03 3.72 13.05
CA ILE A 54 6.37 2.63 12.34
C ILE A 54 6.04 1.50 13.32
N PRO A 55 4.73 1.23 13.61
CA PRO A 55 4.31 0.09 14.46
C PRO A 55 4.65 -1.26 13.81
N SER A 56 4.97 -2.26 14.65
CA SER A 56 5.26 -3.62 14.19
C SER A 56 3.96 -4.41 13.96
N GLN A 57 2.91 -4.09 14.77
CA GLN A 57 1.63 -4.82 14.76
C GLN A 57 0.40 -3.88 14.81
N ALA A 58 -0.70 -4.34 14.17
CA ALA A 58 -2.00 -3.65 14.14
C ALA A 58 -2.87 -4.10 15.33
N PRO A 59 -3.36 -3.16 16.21
CA PRO A 59 -4.37 -3.50 17.25
C PRO A 59 -5.79 -3.65 16.65
N TRP A 60 -6.79 -3.98 17.50
CA TRP A 60 -8.19 -4.15 17.08
C TRP A 60 -8.75 -2.81 16.58
N ASP A 61 -8.50 -1.75 17.36
CA ASP A 61 -9.05 -0.40 17.11
C ASP A 61 -8.28 0.35 16.01
N MET A 62 -7.45 -0.39 15.24
CA MET A 62 -6.85 0.12 14.01
C MET A 62 -7.86 0.05 12.84
N TRP A 63 -8.91 -0.79 13.01
CA TRP A 63 -9.86 -1.15 11.93
C TRP A 63 -11.27 -0.59 12.15
N ASN A 64 -11.46 0.12 13.27
CA ASN A 64 -12.78 0.66 13.66
C ASN A 64 -13.05 2.02 12.99
N ARG A 65 -14.32 2.47 13.08
CA ARG A 65 -14.72 3.81 12.61
C ARG A 65 -14.26 4.91 13.61
N ASP A 66 -13.91 4.48 14.85
CA ASP A 66 -13.45 5.40 15.92
C ASP A 66 -11.99 5.80 15.68
N HIS A 67 -11.52 6.85 16.35
CA HIS A 67 -10.18 7.40 16.07
C HIS A 67 -9.06 6.62 16.80
N LYS A 68 -7.96 6.40 16.08
CA LYS A 68 -6.72 5.76 16.58
C LYS A 68 -5.57 6.45 15.84
N HIS A 69 -5.84 6.65 14.56
CA HIS A 69 -5.11 7.52 13.64
C HIS A 69 -4.81 8.89 14.28
N GLY A 70 -3.58 9.36 14.08
CA GLY A 70 -3.18 10.69 14.55
C GLY A 70 -1.92 10.71 15.38
N LEU A 71 -1.48 11.92 15.71
CA LEU A 71 -0.22 12.18 16.42
C LEU A 71 -0.51 12.98 17.70
N LYS A 72 0.50 13.07 18.58
CA LYS A 72 0.44 13.95 19.75
C LYS A 72 0.92 15.36 19.36
N LEU A 73 -0.03 16.26 19.18
CA LEU A 73 0.26 17.67 18.92
C LEU A 73 0.70 18.37 20.21
N TYR A 74 1.91 18.92 20.17
CA TYR A 74 2.44 19.84 21.17
C TYR A 74 2.60 21.22 20.50
N VAL A 75 2.46 22.30 21.27
CA VAL A 75 2.78 23.67 20.82
C VAL A 75 3.68 24.28 21.88
N GLN A 76 4.97 24.51 21.51
CA GLN A 76 6.00 25.05 22.41
C GLN A 76 6.22 24.08 23.59
N ARG A 77 6.23 22.77 23.22
CA ARG A 77 6.44 21.62 24.12
C ARG A 77 5.30 21.44 25.15
N VAL A 78 4.15 22.08 24.90
CA VAL A 78 2.94 21.94 25.74
C VAL A 78 1.97 20.99 25.04
N PHE A 79 1.60 19.88 25.70
CA PHE A 79 0.66 18.88 25.13
C PHE A 79 -0.73 19.51 24.93
N ILE A 80 -1.24 19.43 23.69
CA ILE A 80 -2.53 20.00 23.32
C ILE A 80 -3.55 18.87 23.08
N MET A 81 -3.30 18.03 22.06
CA MET A 81 -4.27 17.02 21.58
C MET A 81 -3.55 15.81 20.97
N ASP A 82 -3.92 14.60 21.40
CA ASP A 82 -3.48 13.34 20.75
C ASP A 82 -4.64 12.73 19.96
N ASP A 83 -4.33 11.73 19.11
CA ASP A 83 -5.26 11.18 18.09
C ASP A 83 -5.71 12.28 17.11
N ALA A 84 -4.85 13.29 16.94
CA ALA A 84 -5.10 14.39 16.00
C ALA A 84 -4.77 13.88 14.59
N GLU A 85 -5.79 13.29 13.94
CA GLU A 85 -5.64 12.58 12.65
C GLU A 85 -5.62 13.55 11.45
N GLN A 86 -5.58 14.84 11.76
CA GLN A 86 -5.63 15.93 10.79
C GLN A 86 -4.22 16.21 10.21
N PHE A 87 -3.20 15.59 10.85
CA PHE A 87 -1.77 15.68 10.45
C PHE A 87 -1.37 14.54 9.51
N MET A 88 -2.28 13.56 9.29
CA MET A 88 -2.02 12.37 8.46
C MET A 88 -3.25 12.05 7.60
N PRO A 89 -3.07 11.67 6.29
CA PRO A 89 -4.16 11.07 5.49
C PRO A 89 -4.53 9.66 6.04
N ASN A 90 -5.65 9.10 5.57
CA ASN A 90 -6.31 7.95 6.21
C ASN A 90 -5.56 6.63 5.98
N TYR A 91 -4.80 6.52 4.87
CA TYR A 91 -3.96 5.34 4.59
C TYR A 91 -2.72 5.31 5.48
N LEU A 92 -2.42 6.47 6.08
CA LEU A 92 -1.39 6.62 7.10
C LEU A 92 -2.04 6.68 8.49
N ARG A 93 -3.07 5.82 8.71
CA ARG A 93 -3.75 5.74 10.02
C ARG A 93 -2.90 4.96 11.03
N PHE A 94 -2.00 4.11 10.54
CA PHE A 94 -1.07 3.33 11.38
C PHE A 94 -0.06 4.24 12.10
N VAL A 95 0.26 5.40 11.47
CA VAL A 95 1.33 6.30 11.92
C VAL A 95 1.05 6.82 13.34
N ARG A 96 1.95 6.48 14.26
CA ARG A 96 1.91 6.94 15.64
C ARG A 96 3.20 7.63 15.98
N GLY A 97 3.08 8.79 16.63
CA GLY A 97 4.20 9.64 16.94
C GLY A 97 3.71 10.95 17.52
N LEU A 98 4.38 12.05 17.14
CA LEU A 98 4.08 13.38 17.68
C LEU A 98 4.60 14.47 16.75
N ILE A 99 4.15 15.71 17.01
CA ILE A 99 4.51 16.90 16.25
C ILE A 99 4.41 18.15 17.17
N ASP A 100 5.55 18.75 17.49
CA ASP A 100 5.62 19.97 18.30
C ASP A 100 5.72 21.19 17.39
N SER A 101 4.56 21.78 17.09
CA SER A 101 4.45 22.91 16.16
C SER A 101 4.60 24.24 16.90
N SER A 102 5.66 24.99 16.56
CA SER A 102 5.83 26.40 16.97
C SER A 102 4.99 27.32 16.04
N ASP A 103 4.49 26.74 14.94
CA ASP A 103 3.70 27.43 13.90
C ASP A 103 2.22 27.50 14.30
N LEU A 104 1.71 26.41 14.90
CA LEU A 104 0.28 26.30 15.29
C LEU A 104 0.01 27.07 16.60
N PRO A 105 -1.25 27.64 16.78
CA PRO A 105 -1.65 28.33 18.04
C PRO A 105 -1.60 27.38 19.26
N LEU A 106 -1.38 27.94 20.46
CA LEU A 106 -1.40 27.15 21.71
C LEU A 106 -2.82 26.62 21.99
N ASN A 107 -3.82 27.46 21.69
CA ASN A 107 -5.25 27.16 21.95
C ASN A 107 -5.91 26.45 20.74
N VAL A 108 -5.09 25.82 19.88
CA VAL A 108 -5.57 25.11 18.68
C VAL A 108 -6.36 23.82 19.07
N SER A 109 -7.31 23.41 18.21
CA SER A 109 -8.20 22.26 18.47
C SER A 109 -8.44 21.47 17.17
N ARG A 110 -9.03 20.25 17.30
CA ARG A 110 -9.25 19.32 16.17
C ARG A 110 -10.13 19.96 15.06
N GLU A 111 -11.05 20.84 15.48
CA GLU A 111 -11.89 21.63 14.58
C GLU A 111 -11.04 22.50 13.66
N ILE A 112 -10.11 23.26 14.27
CA ILE A 112 -9.17 24.17 13.59
C ILE A 112 -8.20 23.37 12.69
N LEU A 113 -7.78 22.21 13.19
CA LEU A 113 -6.81 21.33 12.51
C LEU A 113 -7.41 20.76 11.20
N GLN A 114 -8.73 20.54 11.19
CA GLN A 114 -9.46 20.06 10.00
C GLN A 114 -9.88 21.25 9.10
N ASP A 115 -10.17 22.41 9.74
CA ASP A 115 -10.72 23.60 9.07
C ASP A 115 -9.65 24.36 8.27
N SER A 116 -8.60 24.77 8.98
CA SER A 116 -7.55 25.65 8.46
C SER A 116 -6.58 24.89 7.53
N THR A 117 -6.14 25.60 6.48
CA THR A 117 -5.21 25.10 5.47
C THR A 117 -3.76 25.07 6.01
N VAL A 118 -3.52 25.70 7.17
CA VAL A 118 -2.20 25.72 7.81
C VAL A 118 -1.78 24.29 8.21
N THR A 119 -2.72 23.52 8.78
CA THR A 119 -2.49 22.14 9.24
C THR A 119 -2.38 21.17 8.03
N ARG A 120 -2.95 21.60 6.87
CA ARG A 120 -2.79 20.89 5.58
C ARG A 120 -1.34 20.97 5.08
N ASN A 121 -0.66 22.10 5.35
CA ASN A 121 0.78 22.29 5.04
C ASN A 121 1.62 21.30 5.87
N LEU A 122 1.28 21.21 7.18
CA LEU A 122 1.92 20.29 8.12
C LEU A 122 1.70 18.83 7.68
N ARG A 123 0.43 18.49 7.33
CA ARG A 123 0.03 17.13 6.96
C ARG A 123 0.76 16.65 5.71
N ASN A 124 0.82 17.53 4.70
CA ASN A 124 1.41 17.24 3.37
C ASN A 124 2.93 16.99 3.49
N ALA A 125 3.59 17.76 4.39
CA ALA A 125 5.02 17.60 4.69
C ALA A 125 5.29 16.31 5.49
N LEU A 126 4.30 15.91 6.32
CA LEU A 126 4.37 14.67 7.11
C LEU A 126 4.02 13.43 6.25
N THR A 127 3.18 13.60 5.21
CA THR A 127 2.74 12.51 4.32
C THR A 127 3.95 11.97 3.56
N LYS A 128 4.75 12.92 3.02
CA LYS A 128 5.98 12.60 2.30
C LYS A 128 7.06 12.10 3.27
N ARG A 129 7.03 12.62 4.53
CA ARG A 129 7.98 12.21 5.58
C ARG A 129 7.81 10.71 5.91
N VAL A 130 6.54 10.27 6.00
CA VAL A 130 6.18 8.87 6.28
C VAL A 130 6.45 8.00 5.06
N LEU A 131 6.05 8.46 3.86
CA LEU A 131 6.13 7.66 2.62
C LEU A 131 7.60 7.28 2.32
N GLN A 132 8.52 8.25 2.54
CA GLN A 132 9.97 8.02 2.41
C GLN A 132 10.51 7.11 3.54
N MET A 133 9.86 7.15 4.73
CA MET A 133 10.19 6.29 5.90
C MET A 133 9.74 4.83 5.66
N LEU A 134 8.65 4.66 4.88
CA LEU A 134 8.11 3.33 4.51
C LEU A 134 9.05 2.66 3.53
N GLU A 135 9.49 3.46 2.53
CA GLU A 135 10.53 3.07 1.58
C GLU A 135 11.83 2.78 2.33
N LYS A 136 12.19 3.67 3.28
CA LYS A 136 13.40 3.57 4.09
C LYS A 136 13.42 2.29 4.93
N LEU A 137 12.22 1.81 5.32
CA LEU A 137 12.05 0.54 6.05
C LEU A 137 12.35 -0.65 5.13
N ALA A 138 11.92 -0.55 3.86
CA ALA A 138 12.22 -1.56 2.82
C ALA A 138 13.72 -1.59 2.47
N LYS A 139 14.39 -0.43 2.63
CA LYS A 139 15.84 -0.31 2.39
C LYS A 139 16.62 -0.86 3.60
N ASP A 140 16.12 -0.48 4.80
CA ASP A 140 16.72 -0.80 6.11
C ASP A 140 16.81 -2.31 6.30
N ASP A 141 15.65 -2.95 6.14
CA ASP A 141 15.49 -4.40 6.31
C ASP A 141 14.15 -4.82 5.74
N ALA A 142 14.19 -5.53 4.60
CA ALA A 142 13.00 -5.96 3.85
C ALA A 142 12.06 -6.88 4.67
N GLU A 143 12.61 -7.56 5.70
CA GLU A 143 11.85 -8.47 6.58
C GLU A 143 11.01 -7.66 7.59
N LYS A 144 11.60 -6.57 8.14
CA LYS A 144 10.87 -5.61 9.00
C LYS A 144 9.72 -4.99 8.21
N TYR A 145 10.03 -4.61 6.95
CA TYR A 145 9.06 -4.02 6.04
C TYR A 145 7.92 -4.99 5.72
N GLN A 146 8.27 -6.28 5.58
CA GLN A 146 7.29 -7.33 5.30
C GLN A 146 6.39 -7.59 6.54
N THR A 147 6.97 -7.39 7.75
CA THR A 147 6.23 -7.47 9.03
C THR A 147 5.19 -6.32 9.11
N PHE A 148 5.64 -5.11 8.73
CA PHE A 148 4.79 -3.92 8.60
C PHE A 148 3.61 -4.21 7.67
N TRP A 149 3.95 -4.67 6.45
CA TRP A 149 2.99 -4.88 5.37
C TRP A 149 2.03 -6.05 5.68
N GLN A 150 2.48 -7.01 6.49
CA GLN A 150 1.68 -8.20 6.85
C GLN A 150 0.62 -7.84 7.92
N GLN A 151 0.80 -6.67 8.57
CA GLN A 151 -0.14 -6.15 9.58
C GLN A 151 -0.99 -5.00 9.02
N PHE A 152 -0.41 -4.23 8.08
CA PHE A 152 -1.00 -2.96 7.56
C PHE A 152 -1.20 -3.01 6.03
N GLY A 153 -1.29 -4.23 5.47
CA GLY A 153 -1.45 -4.46 4.03
C GLY A 153 -2.74 -3.88 3.45
N LEU A 154 -3.79 -3.85 4.28
CA LEU A 154 -5.08 -3.24 3.94
C LEU A 154 -5.04 -1.71 4.17
N VAL A 155 -4.35 -1.28 5.27
CA VAL A 155 -4.26 0.15 5.68
C VAL A 155 -3.62 1.03 4.58
N LEU A 156 -2.38 0.70 4.22
CA LEU A 156 -1.54 1.49 3.29
C LEU A 156 -2.11 1.43 1.84
N LYS A 157 -2.96 0.42 1.59
CA LYS A 157 -3.57 0.15 0.27
C LYS A 157 -4.77 1.10 -0.03
N GLU A 158 -5.14 1.91 0.98
CA GLU A 158 -6.09 3.03 0.81
C GLU A 158 -5.41 4.22 0.08
N GLY A 159 -4.07 4.14 -0.05
CA GLY A 159 -3.23 5.17 -0.65
C GLY A 159 -3.66 5.64 -2.03
N PRO A 160 -3.72 4.74 -3.06
CA PRO A 160 -4.19 5.12 -4.43
C PRO A 160 -5.65 5.61 -4.39
N ALA A 161 -6.43 5.05 -3.44
CA ALA A 161 -7.85 5.35 -3.28
C ALA A 161 -8.10 6.80 -2.83
N GLU A 162 -7.08 7.42 -2.23
CA GLU A 162 -7.12 8.83 -1.81
C GLU A 162 -6.39 9.71 -2.84
N ASP A 163 -5.08 9.46 -2.98
CA ASP A 163 -4.19 10.27 -3.84
C ASP A 163 -3.87 9.53 -5.15
N PHE A 164 -4.42 10.05 -6.26
CA PHE A 164 -4.18 9.56 -7.61
C PHE A 164 -2.88 10.13 -8.21
N ALA A 165 -2.33 11.21 -7.60
CA ALA A 165 -1.13 11.90 -8.12
C ALA A 165 0.12 11.02 -7.95
N ASN A 166 0.31 10.49 -6.74
CA ASN A 166 1.50 9.69 -6.37
C ASN A 166 1.10 8.23 -6.12
N GLN A 167 0.05 7.75 -6.85
CA GLN A 167 -0.37 6.34 -6.81
C GLN A 167 0.77 5.38 -7.23
N GLU A 168 1.78 5.90 -7.96
CA GLU A 168 2.96 5.14 -8.42
C GLU A 168 3.84 4.68 -7.24
N ALA A 169 4.27 5.64 -6.38
CA ALA A 169 5.14 5.34 -5.23
C ALA A 169 4.41 4.46 -4.19
N ILE A 170 3.10 4.70 -4.04
CA ILE A 170 2.26 3.93 -3.13
C ILE A 170 2.02 2.52 -3.70
N ALA A 171 1.77 2.41 -5.03
CA ALA A 171 1.62 1.11 -5.73
C ALA A 171 2.90 0.26 -5.67
N LYS A 172 4.04 0.96 -5.68
CA LYS A 172 5.37 0.34 -5.51
C LYS A 172 5.47 -0.29 -4.10
N LEU A 173 4.94 0.44 -3.10
CA LEU A 173 4.89 -0.02 -1.70
C LEU A 173 3.86 -1.15 -1.54
N LEU A 174 2.85 -1.21 -2.43
CA LEU A 174 1.87 -2.32 -2.40
C LEU A 174 2.57 -3.59 -2.88
N ARG A 175 2.56 -4.60 -2.01
CA ARG A 175 3.12 -5.93 -2.29
C ARG A 175 1.92 -6.90 -2.34
N PHE A 176 1.98 -7.89 -3.22
CA PHE A 176 0.87 -8.84 -3.46
C PHE A 176 1.40 -10.27 -3.47
N ALA A 177 0.48 -11.23 -3.40
CA ALA A 177 0.79 -12.63 -3.74
C ALA A 177 0.59 -12.80 -5.25
N SER A 178 1.13 -13.89 -5.81
CA SER A 178 1.08 -14.15 -7.26
C SER A 178 0.88 -15.66 -7.50
N THR A 179 0.67 -16.07 -8.76
CA THR A 179 0.40 -17.49 -9.11
C THR A 179 1.68 -18.37 -8.88
N HIS A 180 2.86 -17.72 -8.78
CA HIS A 180 4.13 -18.40 -8.43
C HIS A 180 4.13 -18.86 -6.96
N THR A 181 3.42 -18.13 -6.09
CA THR A 181 3.42 -18.36 -4.64
C THR A 181 1.99 -18.70 -4.17
N ASP A 182 1.82 -19.88 -3.56
CA ASP A 182 0.49 -20.38 -3.11
C ASP A 182 0.18 -19.92 -1.66
N SER A 183 1.07 -19.09 -1.08
CA SER A 183 0.87 -18.49 0.25
C SER A 183 0.16 -17.12 0.14
N SER A 184 -0.61 -16.77 1.18
CA SER A 184 -1.32 -15.47 1.29
C SER A 184 -0.37 -14.33 1.69
N ALA A 185 0.91 -14.67 1.94
CA ALA A 185 1.95 -13.67 2.22
C ALA A 185 2.12 -12.74 1.00
N GLN A 186 1.66 -11.49 1.15
CA GLN A 186 1.70 -10.48 0.09
C GLN A 186 3.13 -9.92 -0.04
N THR A 187 3.93 -10.60 -0.88
CA THR A 187 5.38 -10.41 -0.98
C THR A 187 5.81 -9.88 -2.37
N VAL A 188 5.37 -10.58 -3.44
CA VAL A 188 5.69 -10.22 -4.83
C VAL A 188 5.09 -8.84 -5.17
N SER A 189 5.98 -7.88 -5.46
CA SER A 189 5.58 -6.50 -5.76
C SER A 189 5.32 -6.35 -7.27
N LEU A 190 4.95 -5.12 -7.68
CA LEU A 190 4.85 -4.76 -9.08
C LEU A 190 6.24 -4.83 -9.75
N GLU A 191 7.30 -4.60 -8.95
CA GLU A 191 8.70 -4.71 -9.41
C GLU A 191 9.05 -6.15 -9.82
N ASP A 192 8.67 -7.13 -8.97
CA ASP A 192 8.90 -8.56 -9.25
C ASP A 192 8.08 -9.00 -10.47
N TYR A 193 6.82 -8.49 -10.60
CA TYR A 193 5.94 -8.83 -11.73
C TYR A 193 6.53 -8.35 -13.08
N VAL A 194 6.98 -7.07 -13.13
CA VAL A 194 7.55 -6.48 -14.37
C VAL A 194 8.84 -7.21 -14.78
N SER A 195 9.66 -7.56 -13.78
CA SER A 195 10.89 -8.33 -14.00
C SER A 195 10.60 -9.78 -14.44
N ARG A 196 9.43 -10.32 -14.04
CA ARG A 196 9.03 -11.71 -14.36
C ARG A 196 7.92 -11.73 -15.44
N MET A 197 7.70 -10.59 -16.14
CA MET A 197 6.75 -10.52 -17.26
C MET A 197 7.22 -11.42 -18.41
N LYS A 198 6.36 -12.35 -18.82
CA LYS A 198 6.66 -13.30 -19.90
C LYS A 198 6.51 -12.61 -21.26
N GLU A 199 6.92 -13.33 -22.31
CA GLU A 199 6.71 -12.89 -23.70
C GLU A 199 5.19 -12.92 -23.99
N GLY A 200 4.65 -11.81 -24.50
CA GLY A 200 3.19 -11.65 -24.70
C GLY A 200 2.42 -11.34 -23.41
N GLN A 201 3.15 -11.18 -22.28
CA GLN A 201 2.56 -10.75 -21.00
C GLN A 201 2.96 -9.28 -20.74
N GLU A 202 2.43 -8.38 -21.57
CA GLU A 202 2.69 -6.92 -21.54
C GLU A 202 1.48 -6.18 -20.92
N LYS A 203 0.54 -6.97 -20.37
CA LYS A 203 -0.63 -6.46 -19.66
C LYS A 203 -0.62 -7.08 -18.27
N ILE A 204 -0.75 -6.26 -17.21
CA ILE A 204 -0.69 -6.73 -15.83
C ILE A 204 -1.98 -7.50 -15.49
N TYR A 205 -1.88 -8.82 -15.53
CA TYR A 205 -3.01 -9.70 -15.23
C TYR A 205 -3.10 -9.90 -13.71
N TYR A 206 -4.29 -9.62 -13.16
CA TYR A 206 -4.58 -9.73 -11.73
C TYR A 206 -5.96 -10.38 -11.54
N ILE A 207 -6.30 -10.74 -10.30
CA ILE A 207 -7.64 -11.24 -9.95
C ILE A 207 -8.10 -10.59 -8.64
N THR A 208 -9.28 -9.98 -8.69
CA THR A 208 -9.93 -9.37 -7.51
C THR A 208 -10.80 -10.41 -6.80
N ALA A 209 -10.52 -10.61 -5.50
CA ALA A 209 -11.25 -11.54 -4.65
C ALA A 209 -11.27 -11.02 -3.20
N ASP A 210 -12.38 -11.31 -2.50
CA ASP A 210 -12.61 -10.91 -1.09
C ASP A 210 -11.69 -11.67 -0.12
N SER A 211 -11.14 -12.79 -0.60
CA SER A 211 -10.23 -13.63 0.18
C SER A 211 -9.17 -14.26 -0.74
N TYR A 212 -8.01 -14.65 -0.16
CA TYR A 212 -6.95 -15.32 -0.91
C TYR A 212 -7.39 -16.72 -1.32
N ALA A 213 -8.11 -17.41 -0.41
CA ALA A 213 -8.63 -18.75 -0.64
C ALA A 213 -9.55 -18.76 -1.88
N ALA A 214 -10.29 -17.67 -2.06
CA ALA A 214 -11.17 -17.45 -3.20
C ALA A 214 -10.36 -17.23 -4.49
N ALA A 215 -9.33 -16.35 -4.40
CA ALA A 215 -8.48 -15.96 -5.55
C ALA A 215 -7.70 -17.16 -6.11
N LYS A 216 -7.15 -17.98 -5.19
CA LYS A 216 -6.28 -19.12 -5.51
C LYS A 216 -7.11 -20.30 -6.07
N SER A 217 -8.32 -20.51 -5.51
CA SER A 217 -9.21 -21.63 -5.88
C SER A 217 -10.14 -21.26 -7.07
N SER A 218 -10.03 -20.01 -7.55
CA SER A 218 -10.80 -19.50 -8.69
C SER A 218 -10.25 -20.07 -10.04
N PRO A 219 -11.08 -20.85 -10.81
CA PRO A 219 -10.69 -21.43 -12.16
C PRO A 219 -10.12 -20.40 -13.18
N HIS A 220 -10.32 -19.10 -12.90
CA HIS A 220 -9.80 -17.98 -13.73
C HIS A 220 -8.27 -18.05 -13.89
N LEU A 221 -7.57 -18.59 -12.84
CA LEU A 221 -6.11 -18.75 -12.86
C LEU A 221 -5.70 -19.78 -13.91
N GLU A 222 -6.44 -20.91 -13.94
CA GLU A 222 -6.10 -22.09 -14.76
C GLU A 222 -6.12 -21.80 -16.27
N LEU A 223 -6.82 -20.72 -16.67
CA LEU A 223 -6.82 -20.23 -18.07
C LEU A 223 -5.40 -19.78 -18.48
N LEU A 224 -4.85 -18.80 -17.73
CA LEU A 224 -3.53 -18.19 -18.05
C LEU A 224 -2.37 -19.11 -17.65
N ARG A 225 -2.59 -19.88 -16.57
CA ARG A 225 -1.61 -20.84 -16.04
C ARG A 225 -1.26 -21.90 -17.09
N LYS A 226 -2.29 -22.27 -17.90
CA LYS A 226 -2.15 -23.25 -18.99
C LYS A 226 -1.29 -22.68 -20.14
N LYS A 227 -1.32 -21.33 -20.30
CA LYS A 227 -0.45 -20.60 -21.25
C LYS A 227 0.98 -20.44 -20.70
N GLY A 228 1.11 -20.44 -19.35
CA GLY A 228 2.39 -20.16 -18.67
C GLY A 228 2.52 -18.69 -18.24
N ILE A 229 1.36 -18.00 -18.19
CA ILE A 229 1.25 -16.60 -17.75
C ILE A 229 0.84 -16.53 -16.26
N GLU A 230 1.40 -15.53 -15.54
CA GLU A 230 1.18 -15.32 -14.11
C GLU A 230 0.08 -14.27 -13.85
N VAL A 231 -0.70 -14.51 -12.78
CA VAL A 231 -1.77 -13.64 -12.30
C VAL A 231 -1.41 -13.14 -10.87
N LEU A 232 -1.59 -11.84 -10.61
CA LEU A 232 -1.46 -11.27 -9.25
C LEU A 232 -2.72 -11.60 -8.43
N LEU A 233 -2.53 -12.24 -7.27
CA LEU A 233 -3.64 -12.71 -6.42
C LEU A 233 -3.98 -11.63 -5.36
N LEU A 234 -4.95 -10.77 -5.69
CA LEU A 234 -5.48 -9.73 -4.79
C LEU A 234 -6.49 -10.39 -3.83
N SER A 235 -6.22 -10.28 -2.52
CA SER A 235 -6.98 -10.99 -1.48
C SER A 235 -7.74 -10.02 -0.58
N ASP A 236 -7.65 -8.73 -0.93
CA ASP A 236 -8.12 -7.63 -0.08
C ASP A 236 -9.62 -7.38 -0.31
N ARG A 237 -10.23 -6.54 0.53
CA ARG A 237 -11.62 -6.09 0.37
C ARG A 237 -11.67 -4.85 -0.53
N ILE A 238 -10.72 -3.93 -0.29
CA ILE A 238 -10.60 -2.65 -1.00
C ILE A 238 -9.86 -2.82 -2.36
N ASP A 239 -9.42 -4.06 -2.66
CA ASP A 239 -8.58 -4.37 -3.84
C ASP A 239 -9.20 -3.86 -5.16
N GLU A 240 -10.48 -4.21 -5.40
CA GLU A 240 -11.22 -3.84 -6.62
C GLU A 240 -11.43 -2.32 -6.72
N TRP A 241 -11.65 -1.67 -5.56
CA TRP A 241 -11.80 -0.21 -5.48
C TRP A 241 -10.50 0.48 -5.90
N MET A 242 -9.39 -0.01 -5.31
CA MET A 242 -8.02 0.48 -5.53
C MET A 242 -7.63 0.43 -7.01
N MET A 243 -8.11 -0.62 -7.72
CA MET A 243 -7.78 -0.85 -9.13
C MET A 243 -8.33 0.25 -10.05
N ASN A 244 -9.44 0.90 -9.65
CA ASN A 244 -10.04 2.00 -10.45
C ASN A 244 -9.15 3.26 -10.40
N TYR A 245 -8.16 3.26 -9.50
CA TYR A 245 -7.13 4.30 -9.39
C TYR A 245 -5.84 3.83 -10.06
N LEU A 246 -5.53 2.52 -9.90
CA LEU A 246 -4.39 1.88 -10.56
C LEU A 246 -4.84 1.32 -11.92
N THR A 247 -5.05 2.25 -12.87
CA THR A 247 -5.56 1.95 -14.21
C THR A 247 -4.43 1.48 -15.14
N GLU A 248 -3.21 2.01 -14.91
CA GLU A 248 -2.00 1.67 -15.68
C GLU A 248 -0.74 1.89 -14.82
N PHE A 249 0.26 1.00 -14.99
CA PHE A 249 1.58 1.10 -14.32
C PHE A 249 2.69 0.73 -15.32
N ASP A 250 3.71 1.63 -15.43
CA ASP A 250 4.91 1.44 -16.28
C ASP A 250 4.55 1.43 -17.79
N GLY A 251 3.33 1.89 -18.12
CA GLY A 251 2.80 1.83 -19.49
C GLY A 251 1.98 0.58 -19.77
N LYS A 252 2.05 -0.38 -18.84
CA LYS A 252 1.33 -1.67 -18.94
C LYS A 252 -0.07 -1.53 -18.30
N PRO A 253 -1.18 -1.72 -19.09
CA PRO A 253 -2.56 -1.63 -18.55
C PRO A 253 -2.90 -2.86 -17.69
N PHE A 254 -3.88 -2.73 -16.81
CA PHE A 254 -4.33 -3.84 -15.94
C PHE A 254 -5.53 -4.60 -16.57
N GLN A 255 -5.63 -5.92 -16.26
CA GLN A 255 -6.76 -6.78 -16.69
C GLN A 255 -7.16 -7.74 -15.57
N SER A 256 -8.43 -7.68 -15.14
CA SER A 256 -8.99 -8.67 -14.20
C SER A 256 -9.34 -9.95 -14.98
N VAL A 257 -8.71 -11.06 -14.59
CA VAL A 257 -8.92 -12.38 -15.21
C VAL A 257 -10.27 -12.99 -14.76
N SER A 258 -10.91 -12.31 -13.77
CA SER A 258 -12.23 -12.66 -13.27
C SER A 258 -13.34 -12.42 -14.34
N LYS A 259 -13.00 -11.64 -15.38
CA LYS A 259 -13.93 -11.28 -16.47
C LYS A 259 -13.19 -11.20 -17.81
N VAL A 260 -13.96 -11.08 -18.89
CA VAL A 260 -13.46 -11.14 -20.28
C VAL A 260 -13.56 -9.75 -20.91
N ASP A 261 -12.49 -9.34 -21.58
CA ASP A 261 -12.35 -8.00 -22.18
C ASP A 261 -11.75 -8.16 -23.61
N GLU A 262 -11.41 -7.04 -24.26
CA GLU A 262 -10.61 -6.99 -25.48
C GLU A 262 -9.25 -7.74 -25.30
N SER A 263 -8.81 -7.88 -24.02
CA SER A 263 -7.59 -8.63 -23.65
C SER A 263 -7.78 -10.12 -23.96
N LEU A 264 -8.87 -10.68 -23.39
CA LEU A 264 -9.20 -12.11 -23.52
C LEU A 264 -10.05 -12.37 -24.78
N GLU A 265 -10.32 -11.31 -25.56
CA GLU A 265 -10.88 -11.42 -26.92
C GLU A 265 -9.84 -12.04 -27.86
N LYS A 266 -8.55 -11.74 -27.55
CA LYS A 266 -7.41 -12.31 -28.27
C LYS A 266 -6.97 -13.65 -27.66
N LEU A 267 -6.88 -13.72 -26.31
CA LEU A 267 -6.27 -14.88 -25.62
C LEU A 267 -7.28 -16.04 -25.43
N ALA A 268 -8.54 -15.72 -25.16
CA ALA A 268 -9.61 -16.74 -25.01
C ALA A 268 -10.48 -16.82 -26.28
N LYS B 5 8.30 -16.06 2.01
CA LYS B 5 8.06 -14.63 2.13
C LYS B 5 9.19 -13.84 1.42
N LYS B 6 9.55 -14.36 0.22
CA LYS B 6 10.74 -13.98 -0.56
C LYS B 6 12.01 -14.57 0.09
N ILE B 7 12.95 -15.02 -0.75
CA ILE B 7 14.11 -15.82 -0.32
C ILE B 7 15.18 -14.88 0.27
N GLU B 8 15.15 -14.71 1.61
CA GLU B 8 16.15 -13.91 2.33
C GLU B 8 17.18 -14.85 3.00
N VAL B 9 18.17 -15.28 2.19
CA VAL B 9 19.28 -16.16 2.63
C VAL B 9 20.40 -16.12 1.56
N GLU B 10 20.66 -14.87 1.10
CA GLU B 10 21.51 -14.56 -0.06
C GLU B 10 20.85 -15.15 -1.34
N PHE B 11 20.04 -14.31 -1.98
CA PHE B 11 19.30 -14.64 -3.21
C PHE B 11 19.69 -13.65 -4.32
N ASP B 12 19.88 -12.39 -3.89
CA ASP B 12 20.35 -11.26 -4.71
C ASP B 12 19.30 -10.83 -5.76
N LYS B 13 19.13 -11.63 -6.82
CA LYS B 13 18.17 -11.31 -7.90
C LYS B 13 16.71 -11.34 -7.36
N GLY B 14 16.07 -10.16 -7.31
CA GLY B 14 14.68 -10.03 -6.83
C GLY B 14 14.61 -9.64 -5.35
N GLN B 15 15.58 -10.13 -4.55
CA GLN B 15 15.65 -9.90 -3.10
C GLN B 15 17.07 -9.47 -2.69
N ARG B 16 17.27 -8.14 -2.63
CA ARG B 16 18.54 -7.52 -2.20
C ARG B 16 18.25 -6.08 -1.73
N THR B 17 17.57 -5.31 -2.62
CA THR B 17 17.25 -3.89 -2.39
C THR B 17 15.81 -3.57 -2.89
N ASP B 18 15.36 -2.32 -2.68
CA ASP B 18 14.03 -1.81 -3.14
C ASP B 18 14.23 -0.45 -3.87
N LYS B 19 13.22 0.01 -4.62
CA LYS B 19 13.24 1.30 -5.34
C LYS B 19 12.69 2.44 -4.44
N TYR B 20 13.05 3.70 -4.75
CA TYR B 20 12.47 4.90 -4.11
C TYR B 20 11.36 5.50 -5.00
N GLY B 21 10.50 6.32 -4.38
CA GLY B 21 9.48 7.07 -5.08
C GLY B 21 9.99 8.42 -5.53
N ARG B 22 10.53 8.47 -6.76
CA ARG B 22 11.08 9.70 -7.34
C ARG B 22 9.96 10.70 -7.67
N GLY B 23 8.76 10.17 -7.98
CA GLY B 23 7.59 10.99 -8.26
C GLY B 23 6.76 11.26 -7.01
N LEU B 24 7.43 11.60 -5.90
CA LEU B 24 6.81 11.77 -4.59
C LEU B 24 5.90 13.04 -4.59
N ALA B 25 4.62 12.85 -4.25
CA ALA B 25 3.58 13.88 -4.26
C ALA B 25 2.47 13.52 -3.23
N TYR B 26 1.46 14.39 -3.12
CA TYR B 26 0.25 14.17 -2.29
C TYR B 26 -0.70 15.34 -2.53
N ILE B 27 -1.94 15.05 -2.96
CA ILE B 27 -2.96 16.08 -3.20
C ILE B 27 -4.01 16.07 -2.06
N TYR B 28 -5.08 15.26 -2.19
CA TYR B 28 -6.10 15.06 -1.12
C TYR B 28 -7.08 13.95 -1.54
N ALA B 29 -7.85 13.44 -0.56
CA ALA B 29 -8.78 12.30 -0.76
C ALA B 29 -10.10 12.72 -1.43
N ASP B 30 -10.88 11.70 -1.87
CA ASP B 30 -12.28 11.85 -2.37
C ASP B 30 -12.35 12.57 -3.73
N GLY B 31 -12.23 13.92 -3.74
CA GLY B 31 -12.56 14.73 -4.90
C GLY B 31 -11.47 14.82 -5.97
N LYS B 32 -11.15 13.66 -6.58
CA LYS B 32 -10.18 13.55 -7.69
C LYS B 32 -10.61 12.44 -8.66
N MET B 33 -10.28 11.17 -8.33
CA MET B 33 -10.44 10.02 -9.24
C MET B 33 -11.73 9.23 -8.90
N VAL B 34 -12.89 9.83 -9.24
CA VAL B 34 -14.21 9.23 -8.97
C VAL B 34 -14.79 8.65 -10.29
N ASN B 35 -14.24 7.50 -10.72
CA ASN B 35 -14.69 6.80 -11.96
C ASN B 35 -14.05 5.40 -12.04
N GLU B 36 -14.65 4.51 -12.88
CA GLU B 36 -14.15 3.15 -13.12
C GLU B 36 -13.44 3.10 -14.49
N ALA B 37 -12.32 2.34 -14.57
CA ALA B 37 -11.57 2.13 -15.83
C ALA B 37 -10.62 0.92 -15.68
N LEU B 38 -11.17 -0.29 -15.90
CA LEU B 38 -10.44 -1.56 -15.73
C LEU B 38 -10.40 -2.33 -17.06
N VAL B 39 -11.59 -2.63 -17.57
CA VAL B 39 -11.77 -3.41 -18.81
C VAL B 39 -11.51 -2.51 -20.06
N ARG B 40 -10.21 -2.45 -20.43
CA ARG B 40 -9.69 -1.67 -21.57
C ARG B 40 -8.46 -2.40 -22.15
N GLN B 41 -8.19 -2.17 -23.47
CA GLN B 41 -6.97 -2.63 -24.19
C GLN B 41 -6.94 -4.14 -24.47
N GLY B 42 -6.37 -4.52 -25.63
CA GLY B 42 -6.23 -5.93 -26.03
C GLY B 42 -4.78 -6.38 -26.13
N LEU B 43 -4.42 -7.42 -25.36
CA LEU B 43 -3.03 -7.91 -25.29
C LEU B 43 -3.02 -9.44 -25.05
N ALA B 44 -2.21 -10.16 -25.86
CA ALA B 44 -1.92 -11.60 -25.74
C ALA B 44 -0.91 -11.99 -26.85
N LYS B 45 -0.87 -13.28 -27.20
CA LYS B 45 -0.05 -13.80 -28.32
C LYS B 45 -0.58 -15.16 -28.79
N VAL B 46 -1.03 -15.97 -27.82
CA VAL B 46 -1.50 -17.35 -28.04
C VAL B 46 -2.99 -17.46 -27.67
N ALA B 47 -3.82 -17.76 -28.69
CA ALA B 47 -5.28 -17.85 -28.56
C ALA B 47 -5.71 -19.16 -27.91
N TYR B 48 -7.01 -19.28 -27.65
CA TYR B 48 -7.61 -20.48 -27.06
C TYR B 48 -9.06 -20.58 -27.52
N VAL B 49 -9.45 -21.74 -28.08
CA VAL B 49 -10.82 -21.96 -28.58
C VAL B 49 -11.76 -22.41 -27.43
N TYR B 50 -11.83 -21.55 -26.38
CA TYR B 50 -12.68 -21.76 -25.19
C TYR B 50 -12.94 -20.43 -24.48
N LYS B 51 -14.22 -20.10 -24.32
CA LYS B 51 -14.73 -19.06 -23.41
C LYS B 51 -16.28 -19.15 -23.42
N PRO B 52 -16.96 -19.32 -22.24
CA PRO B 52 -18.44 -19.36 -22.21
C PRO B 52 -19.06 -18.00 -22.63
N ASN B 53 -18.83 -16.96 -21.79
CA ASN B 53 -19.38 -15.60 -22.00
C ASN B 53 -18.89 -14.70 -20.85
N ASN B 54 -19.33 -15.07 -19.63
CA ASN B 54 -18.86 -14.52 -18.33
C ASN B 54 -19.45 -13.12 -18.01
N THR B 55 -19.10 -12.11 -18.83
CA THR B 55 -19.45 -10.70 -18.55
C THR B 55 -20.94 -10.37 -18.78
N HIS B 56 -21.61 -11.14 -19.67
CA HIS B 56 -22.98 -10.84 -20.17
C HIS B 56 -23.08 -9.38 -20.67
N GLU B 57 -22.73 -9.18 -21.95
CA GLU B 57 -22.77 -7.88 -22.64
C GLU B 57 -21.84 -6.88 -21.91
N GLN B 58 -20.57 -6.79 -22.38
CA GLN B 58 -19.57 -5.89 -21.79
C GLN B 58 -20.05 -4.42 -21.98
N HIS B 59 -19.92 -3.63 -20.88
CA HIS B 59 -20.31 -2.19 -20.79
C HIS B 59 -21.81 -2.00 -20.42
N LEU B 60 -22.63 -3.08 -20.52
CA LEU B 60 -24.06 -3.05 -20.10
C LEU B 60 -24.21 -2.65 -18.62
N ARG B 61 -23.17 -2.96 -17.81
CA ARG B 61 -23.18 -2.75 -16.36
C ARG B 61 -24.27 -3.63 -15.72
N LYS B 62 -24.15 -4.95 -15.97
CA LYS B 62 -25.16 -5.99 -15.64
C LYS B 62 -25.68 -5.92 -14.19
N SER B 63 -24.79 -5.60 -13.25
CA SER B 63 -25.10 -5.55 -11.80
C SER B 63 -24.79 -4.15 -11.22
N GLU B 64 -24.23 -3.28 -12.08
CA GLU B 64 -23.64 -2.00 -11.66
C GLU B 64 -24.59 -0.83 -11.97
N ALA B 65 -25.31 -0.94 -13.11
CA ALA B 65 -26.27 0.09 -13.56
C ALA B 65 -27.52 0.06 -12.68
N GLN B 66 -27.50 0.85 -11.60
CA GLN B 66 -28.62 0.97 -10.67
C GLN B 66 -29.21 2.39 -10.79
N ALA B 67 -30.36 2.48 -11.50
CA ALA B 67 -31.08 3.74 -11.75
C ALA B 67 -31.97 4.09 -10.53
N LYS B 68 -31.35 4.03 -9.34
CA LYS B 68 -32.05 4.14 -8.05
C LYS B 68 -31.11 4.89 -7.08
N LYS B 69 -30.65 6.07 -7.51
CA LYS B 69 -29.59 6.86 -6.84
C LYS B 69 -30.15 7.71 -5.66
N GLU B 70 -31.15 7.16 -4.96
CA GLU B 70 -31.86 7.85 -3.87
C GLU B 70 -30.91 8.11 -2.68
N LYS B 71 -30.60 9.41 -2.45
CA LYS B 71 -29.70 9.88 -1.37
C LYS B 71 -28.26 9.32 -1.55
N LEU B 72 -27.87 9.04 -2.83
CA LEU B 72 -26.47 8.62 -3.16
C LEU B 72 -25.51 9.72 -2.71
N ASN B 73 -25.88 10.96 -3.04
CA ASN B 73 -25.25 12.16 -2.50
C ASN B 73 -26.07 12.62 -1.28
N ILE B 74 -25.92 11.86 -0.17
CA ILE B 74 -26.61 12.13 1.11
C ILE B 74 -26.00 13.36 1.81
N TRP B 75 -26.83 14.06 2.64
CA TRP B 75 -26.46 15.29 3.38
C TRP B 75 -26.37 16.47 2.38
N ALA A 4 16.88 14.59 31.47
CA ALA A 4 15.65 15.39 31.57
C ALA A 4 15.63 16.49 30.50
N GLN A 5 15.22 16.10 29.28
CA GLN A 5 15.05 17.02 28.14
C GLN A 5 14.08 16.36 27.12
N ALA A 6 13.36 17.19 26.35
CA ALA A 6 12.46 16.73 25.28
C ALA A 6 13.22 15.90 24.23
N LEU A 7 12.98 14.57 24.23
CA LEU A 7 13.65 13.61 23.31
C LEU A 7 13.45 14.04 21.85
N TRP A 8 12.23 14.51 21.52
CA TRP A 8 11.88 14.90 20.14
C TRP A 8 12.72 16.11 19.65
N THR A 9 12.89 17.15 20.50
CA THR A 9 13.59 18.39 20.08
C THR A 9 15.10 18.11 19.91
N ARG A 10 15.62 17.09 20.62
CA ARG A 10 17.04 16.68 20.52
C ARG A 10 17.35 16.10 19.13
N ASN A 11 18.58 16.33 18.64
CA ASN A 11 19.05 15.84 17.33
C ASN A 11 19.38 14.34 17.40
N LYS A 12 19.27 13.65 16.24
CA LYS A 12 19.37 12.18 16.13
C LYS A 12 20.74 11.65 16.53
N SER A 13 21.80 12.43 16.28
CA SER A 13 23.18 12.03 16.58
C SER A 13 23.41 11.90 18.10
N GLU A 14 22.61 12.62 18.91
CA GLU A 14 22.68 12.59 20.39
C GLU A 14 21.68 11.54 20.96
N ILE A 15 20.75 11.05 20.12
CA ILE A 15 19.74 10.05 20.53
C ILE A 15 20.13 8.65 20.00
N THR A 16 20.19 7.65 20.89
CA THR A 16 20.46 6.26 20.48
C THR A 16 19.17 5.61 19.93
N ASP A 17 19.38 4.50 19.18
CA ASP A 17 18.32 3.68 18.57
C ASP A 17 17.31 3.17 19.62
N GLU A 18 17.87 2.83 20.79
CA GLU A 18 17.12 2.22 21.90
C GLU A 18 16.06 3.17 22.49
N GLU A 19 16.38 4.48 22.51
CA GLU A 19 15.48 5.52 23.05
C GLU A 19 14.21 5.66 22.20
N TYR A 20 14.37 5.58 20.87
CA TYR A 20 13.24 5.64 19.92
C TYR A 20 12.26 4.47 20.15
N LYS A 21 12.84 3.27 20.39
CA LYS A 21 12.06 2.04 20.68
C LYS A 21 11.11 2.22 21.87
N GLU A 22 11.63 2.81 22.94
CA GLU A 22 10.94 2.96 24.22
C GLU A 22 10.02 4.20 24.23
N PHE A 23 10.40 5.23 23.45
CA PHE A 23 9.61 6.47 23.33
C PHE A 23 8.35 6.23 22.47
N TYR A 24 8.48 5.26 21.54
CA TYR A 24 7.33 4.71 20.78
C TYR A 24 6.25 4.20 21.74
N LYS A 25 6.68 3.35 22.69
CA LYS A 25 5.78 2.70 23.68
C LYS A 25 4.93 3.74 24.41
N HIS A 26 5.57 4.86 24.75
CA HIS A 26 4.92 6.02 25.38
C HIS A 26 3.81 6.59 24.46
N ILE A 27 4.21 7.03 23.26
CA ILE A 27 3.31 7.79 22.34
C ILE A 27 2.27 6.89 21.63
N ALA A 28 2.44 5.56 21.69
CA ALA A 28 1.58 4.58 20.97
C ALA A 28 0.53 3.94 21.88
N HIS A 29 0.68 4.14 23.22
CA HIS A 29 -0.11 3.45 24.27
C HIS A 29 0.18 1.93 24.24
N ASP A 30 1.43 1.57 23.90
CA ASP A 30 1.85 0.18 23.65
C ASP A 30 3.11 -0.16 24.48
N PHE A 31 3.58 -1.42 24.39
CA PHE A 31 4.74 -1.92 25.16
C PHE A 31 5.76 -2.61 24.24
N ASN A 32 5.40 -2.83 22.96
CA ASN A 32 6.28 -3.49 21.99
C ASN A 32 7.29 -2.50 21.41
N ASP A 33 8.32 -3.02 20.76
CA ASP A 33 9.30 -2.21 20.02
C ASP A 33 8.81 -2.00 18.56
N PRO A 34 9.03 -0.78 17.95
CA PRO A 34 8.53 -0.46 16.59
C PRO A 34 9.37 -1.13 15.48
N LEU A 35 8.86 -1.03 14.26
CA LEU A 35 9.56 -1.55 13.06
C LEU A 35 10.60 -0.52 12.59
N THR A 36 10.15 0.73 12.43
CA THR A 36 11.03 1.87 12.12
C THR A 36 10.34 3.18 12.56
N TRP A 37 10.98 4.33 12.26
CA TRP A 37 10.51 5.66 12.66
C TRP A 37 10.89 6.71 11.60
N SER A 38 10.54 7.98 11.87
CA SER A 38 10.87 9.12 11.00
C SER A 38 11.10 10.34 11.88
N HIS A 39 12.38 10.65 12.16
CA HIS A 39 12.72 11.78 13.04
C HIS A 39 13.37 12.86 12.19
N ASN A 40 12.57 13.84 11.79
CA ASN A 40 12.99 14.95 10.95
C ASN A 40 12.58 16.26 11.62
N ARG A 41 13.41 17.29 11.50
CA ARG A 41 13.10 18.62 12.05
C ARG A 41 13.24 19.65 10.92
N VAL A 42 12.23 20.53 10.84
CA VAL A 42 12.12 21.55 9.80
C VAL A 42 12.19 22.91 10.50
N GLU A 43 13.11 23.77 10.07
CA GLU A 43 13.35 25.08 10.72
C GLU A 43 13.37 26.19 9.65
N GLY A 44 13.47 27.46 10.10
CA GLY A 44 13.38 28.62 9.20
C GLY A 44 12.07 29.35 9.43
N LYS A 45 11.18 29.38 8.42
CA LYS A 45 9.83 29.96 8.56
C LYS A 45 8.95 29.03 9.41
N GLN A 46 8.81 27.80 8.94
CA GLN A 46 7.99 26.77 9.60
C GLN A 46 8.89 25.88 10.45
N GLU A 47 9.05 26.28 11.73
CA GLU A 47 9.81 25.50 12.70
C GLU A 47 8.87 24.51 13.40
N TYR A 48 9.08 23.22 13.11
CA TYR A 48 8.35 22.13 13.76
C TYR A 48 9.19 20.85 13.73
N THR A 49 9.22 20.13 14.85
CA THR A 49 9.83 18.80 14.95
C THR A 49 8.77 17.72 14.68
N SER A 50 9.00 16.91 13.65
CA SER A 50 8.14 15.75 13.35
C SER A 50 8.85 14.45 13.77
N LEU A 51 8.21 13.67 14.66
CA LEU A 51 8.75 12.38 15.14
C LEU A 51 7.62 11.32 15.05
N LEU A 52 7.69 10.52 13.97
CA LEU A 52 6.70 9.49 13.65
C LEU A 52 7.27 8.10 14.00
N TYR A 53 6.39 7.11 14.18
CA TYR A 53 6.77 5.71 14.48
C TYR A 53 5.81 4.75 13.75
N ILE A 54 6.35 3.61 13.29
CA ILE A 54 5.56 2.51 12.71
C ILE A 54 5.44 1.37 13.74
N PRO A 55 4.20 1.03 14.22
CA PRO A 55 3.98 -0.09 15.17
C PRO A 55 4.32 -1.46 14.56
N SER A 56 4.75 -2.39 15.43
CA SER A 56 5.13 -3.75 15.02
C SER A 56 3.91 -4.66 14.85
N GLN A 57 2.89 -4.41 15.68
CA GLN A 57 1.64 -5.18 15.68
C GLN A 57 0.45 -4.22 15.70
N ALA A 58 -0.69 -4.69 15.18
CA ALA A 58 -1.93 -3.91 15.11
C ALA A 58 -2.58 -3.83 16.49
N PRO A 59 -2.71 -2.61 17.11
CA PRO A 59 -3.44 -2.44 18.41
C PRO A 59 -4.93 -2.77 18.25
N TRP A 60 -5.62 -3.04 19.38
CA TRP A 60 -7.05 -3.38 19.37
C TRP A 60 -7.88 -2.18 18.86
N ASP A 61 -7.44 -0.97 19.27
CA ASP A 61 -8.10 0.29 18.89
C ASP A 61 -7.87 0.66 17.41
N MET A 62 -7.05 -0.13 16.69
CA MET A 62 -6.81 0.08 15.24
C MET A 62 -8.11 -0.06 14.41
N TRP A 63 -9.11 -0.76 14.97
CA TRP A 63 -10.42 -0.95 14.31
C TRP A 63 -11.58 -0.62 15.28
N ASN A 64 -11.30 0.18 16.32
CA ASN A 64 -12.33 0.61 17.30
C ASN A 64 -12.99 1.93 16.83
N ARG A 65 -14.20 2.20 17.36
CA ARG A 65 -15.00 3.41 17.01
C ARG A 65 -14.46 4.65 17.76
N ASP A 66 -13.63 4.44 18.80
CA ASP A 66 -12.85 5.51 19.45
C ASP A 66 -11.58 5.73 18.63
N HIS A 67 -11.28 7.00 18.27
CA HIS A 67 -10.11 7.31 17.46
C HIS A 67 -8.85 7.36 18.35
N LYS A 68 -7.79 6.72 17.85
CA LYS A 68 -6.46 6.69 18.47
C LYS A 68 -5.42 7.01 17.38
N HIS A 69 -5.87 6.99 16.09
CA HIS A 69 -5.02 7.37 14.96
C HIS A 69 -4.80 8.88 14.94
N GLY A 70 -3.56 9.28 14.61
CA GLY A 70 -3.13 10.67 14.66
C GLY A 70 -1.94 10.85 15.60
N LEU A 71 -1.53 12.11 15.81
CA LEU A 71 -0.30 12.43 16.58
C LEU A 71 -0.62 13.22 17.85
N LYS A 72 0.38 13.27 18.76
CA LYS A 72 0.34 14.13 19.94
C LYS A 72 0.85 15.52 19.56
N LEU A 73 -0.07 16.49 19.44
CA LEU A 73 0.28 17.88 19.10
C LEU A 73 0.89 18.58 20.32
N TYR A 74 2.14 19.00 20.17
CA TYR A 74 2.83 19.97 21.03
C TYR A 74 3.01 21.24 20.20
N VAL A 75 2.91 22.40 20.85
CA VAL A 75 3.23 23.69 20.25
C VAL A 75 4.16 24.43 21.20
N GLN A 76 5.38 24.76 20.73
CA GLN A 76 6.41 25.47 21.52
C GLN A 76 6.83 24.62 22.74
N ARG A 77 6.81 23.28 22.52
CA ARG A 77 7.15 22.20 23.47
C ARG A 77 6.01 21.96 24.51
N VAL A 78 4.94 22.75 24.43
CA VAL A 78 3.79 22.68 25.35
C VAL A 78 2.71 21.77 24.75
N PHE A 79 2.38 20.67 25.44
CA PHE A 79 1.35 19.71 24.97
C PHE A 79 -0.03 20.39 24.85
N ILE A 80 -0.67 20.19 23.70
CA ILE A 80 -2.01 20.76 23.41
C ILE A 80 -3.08 19.64 23.42
N MET A 81 -2.98 18.70 22.46
CA MET A 81 -4.04 17.69 22.22
C MET A 81 -3.49 16.53 21.36
N ASP A 82 -3.80 15.28 21.76
CA ASP A 82 -3.30 14.06 21.06
C ASP A 82 -4.40 13.31 20.31
N ASP A 83 -3.97 12.25 19.57
CA ASP A 83 -4.83 11.37 18.74
C ASP A 83 -5.50 12.17 17.61
N ALA A 84 -4.81 13.25 17.18
CA ALA A 84 -5.32 14.20 16.19
C ALA A 84 -4.93 13.74 14.77
N GLU A 85 -5.89 13.09 14.08
CA GLU A 85 -5.77 12.69 12.66
C GLU A 85 -5.94 13.91 11.71
N GLN A 86 -6.01 15.12 12.30
CA GLN A 86 -5.88 16.39 11.57
C GLN A 86 -4.43 16.63 11.08
N PHE A 87 -3.52 15.76 11.54
CA PHE A 87 -2.10 15.74 11.11
C PHE A 87 -1.82 14.56 10.19
N MET A 88 -2.71 13.56 10.17
CA MET A 88 -2.45 12.27 9.52
C MET A 88 -3.70 11.75 8.79
N PRO A 89 -3.62 11.47 7.43
CA PRO A 89 -4.77 10.92 6.65
C PRO A 89 -5.30 9.55 7.17
N ASN A 90 -6.46 9.13 6.64
CA ASN A 90 -7.14 7.89 7.07
C ASN A 90 -6.41 6.66 6.51
N TYR A 91 -5.78 6.80 5.33
CA TYR A 91 -4.97 5.71 4.74
C TYR A 91 -3.58 5.61 5.39
N LEU A 92 -3.23 6.60 6.24
CA LEU A 92 -1.98 6.58 7.03
C LEU A 92 -2.31 6.49 8.54
N ARG A 93 -3.51 5.95 8.87
CA ARG A 93 -3.98 5.91 10.28
C ARG A 93 -3.16 4.95 11.18
N PHE A 94 -2.23 4.20 10.56
CA PHE A 94 -1.29 3.31 11.27
C PHE A 94 -0.18 4.09 12.01
N VAL A 95 0.13 5.32 11.54
CA VAL A 95 1.21 6.15 12.11
C VAL A 95 0.83 6.67 13.51
N ARG A 96 1.69 6.38 14.50
CA ARG A 96 1.62 6.97 15.84
C ARG A 96 2.91 7.72 16.12
N GLY A 97 2.79 8.84 16.84
CA GLY A 97 3.93 9.68 17.17
C GLY A 97 3.48 10.99 17.77
N LEU A 98 4.20 12.05 17.42
CA LEU A 98 3.96 13.39 17.92
C LEU A 98 4.58 14.40 16.97
N ILE A 99 4.13 15.65 17.06
CA ILE A 99 4.67 16.76 16.28
C ILE A 99 4.63 18.01 17.17
N ASP A 100 5.81 18.58 17.42
CA ASP A 100 5.98 19.87 18.13
C ASP A 100 6.11 20.97 17.09
N SER A 101 5.32 22.05 17.22
CA SER A 101 5.30 23.14 16.24
C SER A 101 5.47 24.50 16.93
N SER A 102 6.54 25.22 16.60
CA SER A 102 6.67 26.64 16.93
C SER A 102 5.92 27.52 15.89
N ASP A 103 5.43 26.84 14.82
CA ASP A 103 4.77 27.46 13.66
C ASP A 103 3.28 27.70 13.92
N LEU A 104 2.59 26.67 14.46
CA LEU A 104 1.14 26.75 14.80
C LEU A 104 0.91 27.65 16.05
N PRO A 105 -0.35 28.21 16.25
CA PRO A 105 -0.70 28.98 17.47
C PRO A 105 -0.57 28.15 18.77
N LEU A 106 -0.28 28.81 19.91
CA LEU A 106 -0.20 28.15 21.23
C LEU A 106 -1.62 27.78 21.71
N ASN A 107 -2.62 28.60 21.30
CA ASN A 107 -4.04 28.39 21.64
C ASN A 107 -4.75 27.52 20.59
N VAL A 108 -3.98 26.81 19.73
CA VAL A 108 -4.52 25.99 18.65
C VAL A 108 -5.45 24.87 19.19
N SER A 109 -6.53 24.60 18.47
CA SER A 109 -7.58 23.65 18.87
C SER A 109 -7.91 22.74 17.68
N ARG A 110 -8.59 21.60 17.92
CA ARG A 110 -8.98 20.64 16.85
C ARG A 110 -9.87 21.31 15.79
N GLU A 111 -10.58 22.36 16.21
CA GLU A 111 -11.42 23.19 15.34
C GLU A 111 -10.53 23.90 14.28
N ILE A 112 -9.45 24.52 14.78
CA ILE A 112 -8.44 25.23 13.97
C ILE A 112 -7.64 24.22 13.10
N LEU A 113 -7.46 23.00 13.64
CA LEU A 113 -6.72 21.93 12.97
C LEU A 113 -7.44 21.43 11.70
N GLN A 114 -8.78 21.51 11.71
CA GLN A 114 -9.60 21.13 10.55
C GLN A 114 -9.70 22.31 9.56
N ASP A 115 -10.05 23.49 10.10
CA ASP A 115 -10.44 24.68 9.31
C ASP A 115 -9.24 25.41 8.67
N SER A 116 -8.30 25.86 9.52
CA SER A 116 -7.22 26.78 9.11
C SER A 116 -6.16 26.12 8.21
N THR A 117 -5.46 26.98 7.42
CA THR A 117 -4.46 26.55 6.43
C THR A 117 -3.07 26.32 7.10
N VAL A 118 -2.94 26.69 8.39
CA VAL A 118 -1.71 26.46 9.17
C VAL A 118 -1.49 24.94 9.38
N THR A 119 -2.56 24.21 9.71
CA THR A 119 -2.53 22.75 9.88
C THR A 119 -2.59 22.02 8.52
N ARG A 120 -3.09 22.73 7.49
CA ARG A 120 -3.15 22.22 6.10
C ARG A 120 -1.73 21.86 5.62
N ASN A 121 -0.84 22.87 5.67
CA ASN A 121 0.56 22.77 5.20
C ASN A 121 1.35 21.78 6.09
N LEU A 122 0.98 21.74 7.37
CA LEU A 122 1.62 20.88 8.38
C LEU A 122 1.31 19.39 8.08
N ARG A 123 0.02 19.09 7.84
CA ARG A 123 -0.48 17.73 7.51
C ARG A 123 0.04 17.29 6.12
N ASN A 124 0.13 18.27 5.19
CA ASN A 124 0.73 18.10 3.84
C ASN A 124 2.16 17.58 3.95
N ALA A 125 2.90 18.20 4.88
CA ALA A 125 4.28 17.84 5.17
C ALA A 125 4.38 16.40 5.69
N LEU A 126 3.65 16.13 6.79
CA LEU A 126 3.72 14.87 7.54
C LEU A 126 3.37 13.65 6.68
N THR A 127 2.36 13.80 5.79
CA THR A 127 1.92 12.74 4.86
C THR A 127 3.09 12.25 3.97
N LYS A 128 3.92 13.21 3.55
CA LYS A 128 5.08 12.95 2.68
C LYS A 128 6.26 12.37 3.48
N ARG A 129 6.40 12.79 4.76
CA ARG A 129 7.42 12.22 5.69
C ARG A 129 7.17 10.72 5.92
N VAL A 130 5.88 10.34 5.96
CA VAL A 130 5.45 8.94 6.09
C VAL A 130 5.88 8.12 4.86
N LEU A 131 5.77 8.71 3.66
CA LEU A 131 6.15 8.05 2.39
C LEU A 131 7.65 7.67 2.40
N GLN A 132 8.51 8.61 2.87
CA GLN A 132 9.96 8.34 3.03
C GLN A 132 10.21 7.30 4.15
N MET A 133 9.31 7.22 5.16
CA MET A 133 9.42 6.30 6.31
C MET A 133 9.00 4.85 5.93
N LEU A 134 7.98 4.74 5.06
CA LEU A 134 7.45 3.44 4.60
C LEU A 134 8.43 2.79 3.62
N GLU A 135 9.00 3.63 2.75
CA GLU A 135 10.07 3.21 1.83
C GLU A 135 11.35 2.89 2.63
N LYS A 136 11.58 3.64 3.73
CA LYS A 136 12.71 3.38 4.65
C LYS A 136 12.54 2.00 5.30
N LEU A 137 11.29 1.62 5.57
CA LEU A 137 10.95 0.32 6.19
C LEU A 137 11.21 -0.83 5.20
N ALA A 138 10.91 -0.58 3.90
CA ALA A 138 11.20 -1.52 2.81
C ALA A 138 12.73 -1.70 2.60
N LYS A 139 13.50 -0.66 2.98
CA LYS A 139 14.97 -0.65 2.90
C LYS A 139 15.62 -1.07 4.23
N ASP A 140 14.84 -1.01 5.32
CA ASP A 140 15.31 -1.33 6.69
C ASP A 140 15.41 -2.85 6.80
N ASP A 141 14.23 -3.49 6.80
CA ASP A 141 14.06 -4.94 6.89
C ASP A 141 12.76 -5.32 6.18
N ALA A 142 12.88 -6.02 5.04
CA ALA A 142 11.73 -6.55 4.28
C ALA A 142 10.81 -7.44 5.15
N GLU A 143 11.39 -8.01 6.24
CA GLU A 143 10.64 -8.79 7.26
C GLU A 143 9.69 -7.87 8.05
N LYS A 144 10.25 -6.76 8.57
CA LYS A 144 9.48 -5.73 9.29
C LYS A 144 8.40 -5.13 8.39
N TYR A 145 8.75 -4.95 7.10
CA TYR A 145 7.83 -4.39 6.10
C TYR A 145 6.70 -5.38 5.75
N GLN A 146 7.04 -6.68 5.73
CA GLN A 146 6.08 -7.77 5.50
C GLN A 146 5.07 -7.85 6.66
N THR A 147 5.61 -7.65 7.89
CA THR A 147 4.83 -7.62 9.14
C THR A 147 3.88 -6.41 9.14
N PHE A 148 4.42 -5.25 8.72
CA PHE A 148 3.67 -3.99 8.58
C PHE A 148 2.48 -4.17 7.64
N TRP A 149 2.73 -4.82 6.50
CA TRP A 149 1.71 -5.01 5.47
C TRP A 149 0.69 -6.10 5.90
N GLN A 150 1.12 -6.97 6.84
CA GLN A 150 0.27 -8.03 7.40
C GLN A 150 -0.65 -7.46 8.52
N GLN A 151 -0.17 -6.40 9.19
CA GLN A 151 -0.90 -5.77 10.34
C GLN A 151 -1.73 -4.55 9.89
N PHE A 152 -1.21 -3.79 8.91
CA PHE A 152 -1.72 -2.43 8.55
C PHE A 152 -1.89 -2.27 7.04
N GLY A 153 -1.64 -3.34 6.27
CA GLY A 153 -1.62 -3.28 4.80
C GLY A 153 -2.94 -2.86 4.18
N LEU A 154 -4.05 -3.33 4.79
CA LEU A 154 -5.42 -3.06 4.33
C LEU A 154 -5.71 -1.53 4.31
N VAL A 155 -5.10 -0.82 5.27
CA VAL A 155 -5.24 0.63 5.45
C VAL A 155 -4.53 1.43 4.32
N LEU A 156 -3.30 0.99 3.98
CA LEU A 156 -2.48 1.67 2.96
C LEU A 156 -3.11 1.51 1.54
N LYS A 157 -3.98 0.48 1.39
CA LYS A 157 -4.72 0.21 0.13
C LYS A 157 -5.85 1.23 -0.13
N GLU A 158 -6.20 2.02 0.91
CA GLU A 158 -7.12 3.18 0.78
C GLU A 158 -6.36 4.38 0.15
N GLY A 159 -5.01 4.27 0.11
CA GLY A 159 -4.11 5.29 -0.44
C GLY A 159 -4.39 5.71 -1.88
N PRO A 160 -4.30 4.77 -2.89
CA PRO A 160 -4.51 5.11 -4.32
C PRO A 160 -6.00 5.37 -4.64
N ALA A 161 -6.87 5.05 -3.67
CA ALA A 161 -8.30 5.28 -3.77
C ALA A 161 -8.66 6.73 -3.41
N GLU A 162 -8.12 7.21 -2.28
CA GLU A 162 -8.37 8.57 -1.76
C GLU A 162 -7.55 9.59 -2.57
N ASP A 163 -6.24 9.35 -2.61
CA ASP A 163 -5.28 10.20 -3.34
C ASP A 163 -4.59 9.42 -4.48
N PHE A 164 -5.16 9.59 -5.69
CA PHE A 164 -4.71 8.96 -6.95
C PHE A 164 -3.42 9.61 -7.52
N ALA A 165 -3.07 10.81 -7.03
CA ALA A 165 -1.98 11.65 -7.59
C ALA A 165 -0.61 10.94 -7.59
N ASN A 166 -0.19 10.39 -6.44
CA ASN A 166 1.11 9.69 -6.31
C ASN A 166 0.87 8.16 -6.33
N GLN A 167 -0.04 7.72 -7.24
CA GLN A 167 -0.48 6.31 -7.39
C GLN A 167 0.71 5.34 -7.47
N GLU A 168 1.72 5.68 -8.32
CA GLU A 168 2.91 4.82 -8.57
C GLU A 168 3.78 4.72 -7.30
N ALA A 169 3.87 5.83 -6.56
CA ALA A 169 4.65 5.89 -5.30
C ALA A 169 4.00 5.05 -4.20
N ILE A 170 2.66 4.98 -4.24
CA ILE A 170 1.86 4.14 -3.32
C ILE A 170 1.84 2.67 -3.83
N ALA A 171 1.93 2.50 -5.17
CA ALA A 171 1.91 1.15 -5.82
C ALA A 171 3.25 0.43 -5.63
N LYS A 172 4.29 1.23 -5.38
CA LYS A 172 5.59 0.77 -4.88
C LYS A 172 5.40 0.08 -3.51
N LEU A 173 4.54 0.70 -2.69
CA LEU A 173 4.23 0.24 -1.33
C LEU A 173 3.18 -0.89 -1.33
N LEU A 174 2.32 -0.95 -2.38
CA LEU A 174 1.27 -1.98 -2.49
C LEU A 174 1.91 -3.35 -2.78
N ARG A 175 1.61 -4.33 -1.90
CA ARG A 175 2.12 -5.72 -1.99
C ARG A 175 0.91 -6.67 -2.00
N PHE A 176 0.98 -7.72 -2.81
CA PHE A 176 -0.13 -8.69 -2.97
C PHE A 176 0.43 -10.11 -3.11
N ALA A 177 -0.46 -11.06 -3.46
CA ALA A 177 -0.08 -12.45 -3.77
C ALA A 177 -0.13 -12.63 -5.29
N SER A 178 0.47 -13.71 -5.80
CA SER A 178 0.41 -14.07 -7.22
C SER A 178 0.66 -15.57 -7.38
N THR A 179 0.62 -16.07 -8.62
CA THR A 179 0.95 -17.47 -8.94
C THR A 179 2.47 -17.75 -8.72
N HIS A 180 3.25 -16.67 -8.49
CA HIS A 180 4.66 -16.73 -8.04
C HIS A 180 4.79 -17.47 -6.70
N THR A 181 3.87 -17.15 -5.78
CA THR A 181 3.89 -17.63 -4.39
C THR A 181 2.57 -18.39 -4.09
N ASP A 182 2.70 -19.66 -3.65
CA ASP A 182 1.55 -20.56 -3.44
C ASP A 182 0.80 -20.28 -2.10
N SER A 183 1.35 -19.36 -1.28
CA SER A 183 0.72 -18.92 -0.02
C SER A 183 0.02 -17.55 -0.21
N SER A 184 -0.89 -17.20 0.72
CA SER A 184 -1.68 -15.95 0.68
C SER A 184 -0.89 -14.71 1.15
N ALA A 185 0.27 -14.96 1.79
CA ALA A 185 1.17 -13.90 2.30
C ALA A 185 1.59 -12.94 1.15
N GLN A 186 1.32 -11.64 1.36
CA GLN A 186 1.53 -10.60 0.33
C GLN A 186 3.04 -10.32 0.14
N THR A 187 3.67 -11.15 -0.69
CA THR A 187 5.14 -11.21 -0.85
C THR A 187 5.60 -10.50 -2.14
N VAL A 188 4.84 -10.67 -3.24
CA VAL A 188 5.15 -10.04 -4.54
C VAL A 188 4.64 -8.59 -4.54
N SER A 189 5.38 -7.69 -5.19
CA SER A 189 4.96 -6.29 -5.41
C SER A 189 4.36 -6.16 -6.82
N LEU A 190 3.67 -5.05 -7.09
CA LEU A 190 3.18 -4.70 -8.44
C LEU A 190 4.38 -4.46 -9.38
N GLU A 191 5.42 -3.81 -8.81
CA GLU A 191 6.70 -3.51 -9.49
C GLU A 191 7.50 -4.80 -9.73
N ASP A 192 7.45 -5.69 -8.73
CA ASP A 192 8.14 -6.99 -8.79
C ASP A 192 7.46 -7.92 -9.83
N TYR A 193 6.15 -7.70 -10.07
CA TYR A 193 5.43 -8.39 -11.15
C TYR A 193 5.99 -7.92 -12.51
N VAL A 194 6.37 -6.65 -12.64
CA VAL A 194 6.95 -6.12 -13.90
C VAL A 194 8.36 -6.75 -14.14
N SER A 195 9.00 -7.20 -13.06
CA SER A 195 10.23 -8.02 -13.14
C SER A 195 9.88 -9.46 -13.61
N ARG A 196 8.65 -9.92 -13.28
CA ARG A 196 8.10 -11.23 -13.72
C ARG A 196 7.45 -11.14 -15.12
N MET A 197 7.33 -9.90 -15.64
CA MET A 197 6.70 -9.58 -16.94
C MET A 197 7.50 -10.19 -18.12
N LYS A 198 6.78 -10.73 -19.11
CA LYS A 198 7.40 -11.34 -20.32
C LYS A 198 7.18 -10.45 -21.55
N GLU A 199 7.80 -10.86 -22.67
CA GLU A 199 7.61 -10.26 -24.00
C GLU A 199 6.14 -10.41 -24.48
N GLY A 200 5.65 -9.40 -25.23
CA GLY A 200 4.29 -9.41 -25.78
C GLY A 200 3.23 -8.92 -24.80
N GLN A 201 3.55 -8.90 -23.49
CA GLN A 201 2.64 -8.47 -22.44
C GLN A 201 2.80 -6.97 -22.19
N GLU A 202 1.98 -6.17 -22.89
CA GLU A 202 1.84 -4.73 -22.62
C GLU A 202 0.98 -4.53 -21.35
N LYS A 203 0.18 -5.57 -21.00
CA LYS A 203 -0.74 -5.53 -19.85
C LYS A 203 -0.23 -6.39 -18.69
N ILE A 204 -0.52 -5.93 -17.46
CA ILE A 204 -0.27 -6.67 -16.21
C ILE A 204 -1.57 -7.44 -15.86
N TYR A 205 -1.45 -8.76 -15.57
CA TYR A 205 -2.64 -9.64 -15.34
C TYR A 205 -3.04 -9.67 -13.84
N TYR A 206 -4.37 -9.60 -13.58
CA TYR A 206 -4.96 -9.50 -12.21
C TYR A 206 -6.25 -10.33 -12.12
N ILE A 207 -6.59 -10.77 -10.88
CA ILE A 207 -7.87 -11.47 -10.59
C ILE A 207 -8.33 -11.14 -9.15
N THR A 208 -9.49 -10.46 -9.01
CA THR A 208 -10.12 -10.25 -7.69
C THR A 208 -11.03 -11.43 -7.34
N ALA A 209 -11.02 -11.81 -6.06
CA ALA A 209 -11.86 -12.88 -5.54
C ALA A 209 -12.25 -12.56 -4.09
N ASP A 210 -13.11 -13.43 -3.55
CA ASP A 210 -13.63 -13.30 -2.17
C ASP A 210 -12.51 -13.57 -1.15
N SER A 211 -11.61 -14.50 -1.51
CA SER A 211 -10.48 -14.93 -0.66
C SER A 211 -9.36 -15.53 -1.54
N TYR A 212 -8.25 -15.97 -0.91
CA TYR A 212 -7.13 -16.56 -1.65
C TYR A 212 -7.48 -17.97 -2.14
N ALA A 213 -8.21 -18.74 -1.31
CA ALA A 213 -8.67 -20.09 -1.70
C ALA A 213 -9.70 -20.00 -2.84
N ALA A 214 -10.52 -18.93 -2.80
CA ALA A 214 -11.49 -18.63 -3.88
C ALA A 214 -10.76 -18.26 -5.18
N ALA A 215 -9.69 -17.46 -5.04
CA ALA A 215 -8.84 -17.05 -6.17
C ALA A 215 -8.16 -18.27 -6.80
N LYS A 216 -7.47 -19.05 -5.95
CA LYS A 216 -6.57 -20.13 -6.36
C LYS A 216 -7.33 -21.26 -7.07
N SER A 217 -8.54 -21.57 -6.55
CA SER A 217 -9.41 -22.63 -7.08
C SER A 217 -10.06 -22.22 -8.42
N SER A 218 -10.05 -20.91 -8.73
CA SER A 218 -10.55 -20.38 -10.02
C SER A 218 -9.60 -20.81 -11.17
N PRO A 219 -10.10 -21.61 -12.17
CA PRO A 219 -9.31 -22.04 -13.35
C PRO A 219 -8.74 -20.89 -14.20
N HIS A 220 -9.20 -19.65 -13.96
CA HIS A 220 -8.70 -18.44 -14.65
C HIS A 220 -7.15 -18.28 -14.55
N LEU A 221 -6.61 -18.39 -13.32
CA LEU A 221 -5.16 -18.21 -13.08
C LEU A 221 -4.37 -19.48 -13.44
N GLU A 222 -5.01 -20.65 -13.25
CA GLU A 222 -4.41 -21.95 -13.61
C GLU A 222 -4.22 -22.07 -15.12
N LEU A 223 -5.16 -21.45 -15.85
CA LEU A 223 -5.19 -21.42 -17.32
C LEU A 223 -3.95 -20.70 -17.86
N LEU A 224 -3.67 -19.53 -17.26
CA LEU A 224 -2.55 -18.67 -17.68
C LEU A 224 -1.22 -19.15 -17.08
N ARG A 225 -1.26 -19.79 -15.90
CA ARG A 225 -0.03 -20.33 -15.26
C ARG A 225 0.53 -21.50 -16.08
N LYS A 226 -0.39 -22.34 -16.59
CA LYS A 226 -0.06 -23.45 -17.51
C LYS A 226 0.37 -22.88 -18.88
N LYS A 227 -0.23 -21.74 -19.28
CA LYS A 227 0.10 -21.04 -20.54
C LYS A 227 1.54 -20.46 -20.51
N GLY A 228 2.05 -20.23 -19.28
CA GLY A 228 3.43 -19.77 -19.04
C GLY A 228 3.53 -18.33 -18.57
N ILE A 229 2.38 -17.77 -18.16
CA ILE A 229 2.25 -16.38 -17.67
C ILE A 229 1.89 -16.38 -16.18
N GLU A 230 2.37 -15.38 -15.43
CA GLU A 230 2.02 -15.18 -14.01
C GLU A 230 0.68 -14.38 -13.92
N VAL A 231 -0.07 -14.57 -12.82
CA VAL A 231 -1.30 -13.81 -12.56
C VAL A 231 -1.23 -13.25 -11.13
N LEU A 232 -1.50 -11.95 -10.97
CA LEU A 232 -1.48 -11.26 -9.67
C LEU A 232 -2.84 -11.56 -8.97
N LEU A 233 -2.78 -12.20 -7.79
CA LEU A 233 -3.99 -12.66 -7.07
C LEU A 233 -4.39 -11.63 -5.99
N LEU A 234 -5.59 -11.05 -6.17
CA LEU A 234 -6.21 -10.10 -5.22
C LEU A 234 -7.30 -10.85 -4.45
N SER A 235 -7.19 -10.86 -3.11
CA SER A 235 -7.95 -11.78 -2.25
C SER A 235 -8.64 -11.05 -1.08
N ASP A 236 -8.67 -9.72 -1.14
CA ASP A 236 -9.25 -8.85 -0.09
C ASP A 236 -10.45 -8.05 -0.65
N ARG A 237 -11.24 -7.50 0.27
CA ARG A 237 -12.50 -6.80 0.01
C ARG A 237 -12.33 -5.54 -0.90
N ILE A 238 -11.45 -4.60 -0.48
CA ILE A 238 -11.34 -3.26 -1.13
C ILE A 238 -10.77 -3.35 -2.56
N ASP A 239 -10.11 -4.50 -2.87
CA ASP A 239 -9.43 -4.74 -4.17
C ASP A 239 -10.36 -4.50 -5.38
N GLU A 240 -11.59 -5.01 -5.28
CA GLU A 240 -12.59 -4.96 -6.37
C GLU A 240 -12.86 -3.51 -6.84
N TRP A 241 -12.98 -2.61 -5.86
CA TRP A 241 -13.25 -1.17 -6.10
C TRP A 241 -11.94 -0.44 -6.48
N MET A 242 -10.84 -0.85 -5.84
CA MET A 242 -9.52 -0.21 -5.99
C MET A 242 -8.95 -0.44 -7.41
N MET A 243 -9.41 -1.52 -8.08
CA MET A 243 -9.04 -1.84 -9.48
C MET A 243 -9.55 -0.78 -10.48
N ASN A 244 -10.57 -0.01 -10.08
CA ASN A 244 -11.12 1.08 -10.91
C ASN A 244 -10.11 2.23 -11.03
N TYR A 245 -9.37 2.49 -9.94
CA TYR A 245 -8.37 3.58 -9.88
C TYR A 245 -6.97 3.07 -10.19
N LEU A 246 -6.72 1.80 -9.90
CA LEU A 246 -5.52 1.12 -10.38
C LEU A 246 -5.77 0.70 -11.84
N THR A 247 -5.69 1.70 -12.73
CA THR A 247 -5.99 1.56 -14.16
C THR A 247 -4.72 1.21 -14.96
N GLU A 248 -3.58 1.78 -14.51
CA GLU A 248 -2.29 1.68 -15.18
C GLU A 248 -1.17 1.94 -14.16
N PHE A 249 -0.10 1.14 -14.23
CA PHE A 249 1.11 1.28 -13.38
C PHE A 249 2.35 0.93 -14.21
N ASP A 250 3.39 1.80 -14.12
CA ASP A 250 4.72 1.58 -14.71
C ASP A 250 4.67 1.58 -16.27
N GLY A 251 3.64 2.23 -16.82
CA GLY A 251 3.42 2.32 -18.26
C GLY A 251 2.52 1.22 -18.79
N LYS A 252 2.32 0.15 -17.98
CA LYS A 252 1.52 -1.02 -18.38
C LYS A 252 0.08 -0.91 -17.83
N PRO A 253 -0.98 -0.95 -18.71
CA PRO A 253 -2.40 -1.01 -18.26
C PRO A 253 -2.74 -2.34 -17.53
N PHE A 254 -3.78 -2.29 -16.68
CA PHE A 254 -4.25 -3.44 -15.90
C PHE A 254 -5.21 -4.29 -16.72
N GLN A 255 -5.10 -5.62 -16.57
CA GLN A 255 -5.92 -6.59 -17.30
C GLN A 255 -6.57 -7.57 -16.31
N SER A 256 -7.91 -7.55 -16.27
CA SER A 256 -8.70 -8.56 -15.58
C SER A 256 -8.68 -9.87 -16.39
N VAL A 257 -8.22 -10.97 -15.77
CA VAL A 257 -8.14 -12.28 -16.46
C VAL A 257 -9.55 -12.92 -16.57
N SER A 258 -10.46 -12.47 -15.70
CA SER A 258 -11.86 -12.92 -15.68
C SER A 258 -12.77 -12.04 -16.57
N LYS A 259 -12.13 -11.19 -17.40
CA LYS A 259 -12.77 -10.52 -18.56
C LYS A 259 -11.83 -10.70 -19.76
N VAL A 260 -12.39 -10.74 -20.99
CA VAL A 260 -11.63 -11.18 -22.18
C VAL A 260 -11.64 -10.09 -23.28
N ASP A 261 -10.46 -9.90 -23.91
CA ASP A 261 -10.27 -9.02 -25.08
C ASP A 261 -9.13 -9.62 -25.95
N GLU A 262 -8.46 -8.78 -26.78
CA GLU A 262 -7.33 -9.21 -27.65
C GLU A 262 -6.14 -9.78 -26.84
N SER A 263 -6.04 -9.39 -25.55
CA SER A 263 -4.94 -9.83 -24.66
C SER A 263 -5.04 -11.33 -24.35
N LEU A 264 -6.27 -11.83 -24.21
CA LEU A 264 -6.56 -13.25 -23.93
C LEU A 264 -7.02 -13.99 -25.21
N GLU A 265 -7.24 -13.23 -26.29
CA GLU A 265 -7.63 -13.78 -27.62
C GLU A 265 -6.44 -14.53 -28.24
N LYS A 266 -5.25 -13.91 -28.16
CA LYS A 266 -4.00 -14.53 -28.68
C LYS A 266 -3.59 -15.76 -27.87
N LEU A 267 -4.09 -15.86 -26.63
CA LEU A 267 -3.87 -17.01 -25.75
C LEU A 267 -4.92 -18.10 -26.00
N ALA A 268 -6.10 -17.67 -26.49
CA ALA A 268 -7.26 -18.56 -26.77
C ALA A 268 -6.98 -19.47 -27.99
N LYS B 5 21.33 12.16 7.78
CA LYS B 5 20.18 12.10 8.67
C LYS B 5 19.12 11.12 8.12
N LYS B 6 18.48 10.35 9.05
CA LYS B 6 17.37 9.42 8.77
C LYS B 6 17.83 8.20 7.93
N ILE B 7 18.05 8.42 6.62
CA ILE B 7 18.54 7.38 5.69
C ILE B 7 19.56 8.02 4.73
N GLU B 8 20.86 7.85 5.06
CA GLU B 8 22.00 8.43 4.33
C GLU B 8 21.92 9.97 4.36
N VAL B 9 21.10 10.52 3.46
CA VAL B 9 20.73 11.93 3.40
C VAL B 9 19.19 12.01 3.20
N GLU B 10 18.47 12.62 4.17
CA GLU B 10 16.99 12.71 4.09
C GLU B 10 16.55 13.79 3.08
N PHE B 11 15.28 13.73 2.66
CA PHE B 11 14.70 14.65 1.66
C PHE B 11 13.35 15.17 2.16
N ASP B 12 13.20 15.18 3.49
CA ASP B 12 11.93 15.47 4.17
C ASP B 12 11.73 16.99 4.36
N LYS B 13 11.65 17.68 3.22
CA LYS B 13 11.22 19.10 3.14
C LYS B 13 9.83 19.13 2.52
N GLY B 14 9.70 18.49 1.34
CA GLY B 14 8.41 18.29 0.65
C GLY B 14 7.56 19.57 0.52
N GLN B 15 6.26 19.44 0.89
CA GLN B 15 5.29 20.56 1.00
C GLN B 15 4.95 21.20 -0.37
N ARG B 16 3.74 21.79 -0.46
CA ARG B 16 3.20 22.34 -1.72
C ARG B 16 1.99 23.22 -1.39
N THR B 17 1.42 23.91 -2.41
CA THR B 17 0.15 24.67 -2.27
C THR B 17 -1.03 23.82 -2.80
N ASP B 18 -1.92 23.43 -1.87
CA ASP B 18 -3.08 22.55 -2.15
C ASP B 18 -4.15 22.72 -1.04
N LYS B 19 -5.13 21.80 -0.98
CA LYS B 19 -6.33 21.91 -0.08
C LYS B 19 -6.10 21.15 1.25
N TYR B 20 -7.17 21.02 2.08
CA TYR B 20 -7.13 20.29 3.37
C TYR B 20 -8.15 19.13 3.38
N GLY B 21 -8.26 18.44 4.54
CA GLY B 21 -9.24 17.37 4.74
C GLY B 21 -8.64 15.98 4.54
N ARG B 22 -8.02 15.78 3.37
CA ARG B 22 -7.42 14.50 2.95
C ARG B 22 -5.92 14.47 3.34
N GLY B 23 -5.06 13.94 2.46
CA GLY B 23 -3.61 14.09 2.58
C GLY B 23 -2.95 14.23 1.23
N LEU B 24 -1.61 14.32 1.21
CA LEU B 24 -0.77 14.16 0.00
C LEU B 24 -1.02 15.28 -1.05
N ALA B 25 -2.05 15.13 -1.90
CA ALA B 25 -2.40 16.10 -2.95
C ALA B 25 -3.81 16.66 -2.74
N TYR B 26 -4.56 15.97 -1.85
CA TYR B 26 -5.87 16.38 -1.34
C TYR B 26 -6.94 16.33 -2.44
N ILE B 27 -7.25 15.10 -2.88
CA ILE B 27 -8.33 14.82 -3.87
C ILE B 27 -9.26 13.71 -3.36
N TYR B 28 -10.29 13.38 -4.16
CA TYR B 28 -11.31 12.35 -3.83
C TYR B 28 -11.45 11.34 -4.99
N ALA B 29 -12.55 10.55 -4.98
CA ALA B 29 -12.75 9.47 -5.98
C ALA B 29 -14.24 9.24 -6.30
N ASP B 30 -15.09 10.21 -5.93
CA ASP B 30 -16.57 10.09 -5.94
C ASP B 30 -17.16 9.70 -7.33
N GLY B 31 -18.09 8.72 -7.32
CA GLY B 31 -18.83 8.30 -8.50
C GLY B 31 -17.97 7.65 -9.57
N LYS B 32 -16.86 7.03 -9.15
CA LYS B 32 -15.90 6.37 -10.05
C LYS B 32 -15.36 5.07 -9.42
N MET B 33 -14.63 5.23 -8.30
CA MET B 33 -13.91 4.12 -7.61
C MET B 33 -14.87 3.00 -7.10
N VAL B 34 -16.11 3.39 -6.78
CA VAL B 34 -17.12 2.52 -6.12
C VAL B 34 -17.55 1.31 -7.00
N ASN B 35 -17.36 1.37 -8.33
CA ASN B 35 -17.92 0.35 -9.26
C ASN B 35 -16.85 -0.20 -10.22
N GLU B 36 -16.47 -1.47 -10.01
CA GLU B 36 -15.62 -2.26 -10.93
C GLU B 36 -15.71 -3.75 -10.52
N ALA B 37 -15.84 -4.65 -11.52
CA ALA B 37 -15.94 -6.11 -11.29
C ALA B 37 -15.08 -6.85 -12.32
N LEU B 38 -14.20 -7.73 -11.84
CA LEU B 38 -13.32 -8.52 -12.73
C LEU B 38 -14.02 -9.82 -13.16
N VAL B 39 -14.72 -10.47 -12.21
CA VAL B 39 -15.37 -11.78 -12.45
C VAL B 39 -16.68 -11.63 -13.28
N ARG B 40 -16.53 -11.67 -14.62
CA ARG B 40 -17.67 -11.52 -15.57
C ARG B 40 -17.60 -12.62 -16.66
N GLN B 41 -16.56 -12.55 -17.51
CA GLN B 41 -16.39 -13.51 -18.63
C GLN B 41 -15.62 -14.77 -18.16
N GLY B 42 -16.16 -15.96 -18.53
CA GLY B 42 -15.38 -17.21 -18.45
C GLY B 42 -14.29 -17.19 -19.51
N LEU B 43 -13.00 -17.31 -19.09
CA LEU B 43 -11.83 -17.04 -19.94
C LEU B 43 -11.86 -17.87 -21.25
N ALA B 44 -11.74 -17.17 -22.40
CA ALA B 44 -11.91 -17.74 -23.76
C ALA B 44 -10.99 -18.95 -24.01
N LYS B 45 -11.60 -20.17 -23.92
CA LYS B 45 -10.96 -21.51 -24.05
C LYS B 45 -9.48 -21.58 -23.59
N VAL B 46 -8.53 -21.14 -24.46
CA VAL B 46 -7.07 -21.30 -24.29
C VAL B 46 -6.66 -22.80 -24.29
N ALA B 47 -5.56 -23.12 -25.01
CA ALA B 47 -4.94 -24.45 -24.95
C ALA B 47 -4.46 -24.74 -23.51
N TYR B 48 -5.20 -25.61 -22.81
CA TYR B 48 -4.94 -25.96 -21.40
C TYR B 48 -4.60 -27.45 -21.34
N VAL B 49 -5.60 -28.31 -21.46
CA VAL B 49 -5.42 -29.79 -21.49
C VAL B 49 -6.27 -30.37 -22.62
N TYR B 50 -6.03 -31.63 -22.97
CA TYR B 50 -6.79 -32.33 -24.01
C TYR B 50 -8.18 -32.74 -23.46
N LYS B 51 -9.09 -31.74 -23.43
CA LYS B 51 -10.52 -31.91 -23.09
C LYS B 51 -10.74 -32.75 -21.80
N PRO B 52 -10.82 -32.09 -20.59
CA PRO B 52 -11.00 -32.82 -19.30
C PRO B 52 -12.45 -33.29 -19.07
N ASN B 53 -13.27 -33.24 -20.15
CA ASN B 53 -14.65 -33.75 -20.19
C ASN B 53 -15.60 -32.89 -19.34
N ASN B 54 -16.90 -33.22 -19.35
CA ASN B 54 -17.95 -32.39 -18.70
C ASN B 54 -17.96 -32.61 -17.18
N THR B 55 -17.04 -31.90 -16.49
CA THR B 55 -16.85 -31.91 -15.02
C THR B 55 -16.69 -33.33 -14.41
N HIS B 56 -17.82 -34.06 -14.21
CA HIS B 56 -17.84 -35.38 -13.53
C HIS B 56 -17.83 -36.53 -14.56
N GLU B 57 -18.02 -36.18 -15.85
CA GLU B 57 -18.15 -37.16 -16.95
C GLU B 57 -16.79 -37.54 -17.54
N GLN B 58 -15.75 -37.52 -16.68
CA GLN B 58 -14.37 -37.77 -17.09
C GLN B 58 -14.12 -39.26 -17.31
N HIS B 59 -13.29 -39.57 -18.31
CA HIS B 59 -12.86 -40.96 -18.61
C HIS B 59 -12.03 -41.58 -17.46
N LEU B 60 -11.66 -40.75 -16.45
CA LEU B 60 -10.95 -41.21 -15.24
C LEU B 60 -11.83 -41.03 -13.98
N ARG B 61 -13.17 -41.17 -14.14
CA ARG B 61 -14.14 -41.00 -13.02
C ARG B 61 -14.07 -42.15 -11.96
N LYS B 62 -13.16 -43.13 -12.19
CA LYS B 62 -12.78 -44.21 -11.22
C LYS B 62 -13.88 -45.30 -11.08
N SER B 63 -13.67 -46.19 -10.06
CA SER B 63 -14.57 -47.31 -9.67
C SER B 63 -14.24 -48.63 -10.41
N GLU B 64 -13.06 -48.67 -11.05
CA GLU B 64 -12.57 -49.88 -11.77
C GLU B 64 -12.12 -50.98 -10.80
N ALA B 65 -12.18 -52.22 -11.31
CA ALA B 65 -11.70 -53.43 -10.63
C ALA B 65 -10.77 -54.20 -11.57
N GLN B 66 -9.98 -53.42 -12.35
CA GLN B 66 -9.14 -53.93 -13.45
C GLN B 66 -7.69 -54.18 -12.97
N ALA B 67 -6.84 -54.69 -13.90
CA ALA B 67 -5.41 -54.94 -13.68
C ALA B 67 -5.18 -56.06 -12.64
N LYS B 68 -5.26 -55.71 -11.35
CA LYS B 68 -5.03 -56.65 -10.23
C LYS B 68 -6.27 -57.55 -10.00
N LYS B 69 -7.47 -57.05 -10.44
CA LYS B 69 -8.80 -57.62 -10.12
C LYS B 69 -9.19 -57.20 -8.68
N GLU B 70 -10.46 -56.77 -8.52
CA GLU B 70 -11.01 -56.19 -7.27
C GLU B 70 -10.49 -54.75 -7.10
N LYS B 71 -9.24 -54.61 -6.58
CA LYS B 71 -8.54 -53.31 -6.41
C LYS B 71 -7.11 -53.56 -5.90
N LEU B 72 -6.91 -53.45 -4.56
CA LEU B 72 -5.60 -53.54 -3.87
C LEU B 72 -4.50 -52.78 -4.65
N ASN B 73 -4.73 -51.45 -4.80
CA ASN B 73 -3.82 -50.52 -5.53
C ASN B 73 -3.72 -50.90 -7.03
N ILE B 74 -4.65 -50.39 -7.84
CA ILE B 74 -4.63 -50.54 -9.31
C ILE B 74 -3.71 -49.47 -9.94
N TRP B 75 -3.77 -48.25 -9.36
CA TRP B 75 -3.01 -47.09 -9.84
C TRP B 75 -1.55 -47.15 -9.31
N ALA A 4 14.43 9.22 28.95
CA ALA A 4 13.77 9.90 30.08
C ALA A 4 13.87 11.43 29.94
N GLN A 5 13.67 11.93 28.70
CA GLN A 5 13.82 13.36 28.38
C GLN A 5 13.00 13.71 27.13
N ALA A 6 12.68 15.02 26.96
CA ALA A 6 12.10 15.58 25.74
C ALA A 6 12.97 15.22 24.52
N LEU A 7 12.56 14.11 23.85
CA LEU A 7 13.37 13.48 22.79
C LEU A 7 13.42 14.36 21.55
N TRP A 8 12.26 14.94 21.19
CA TRP A 8 12.10 15.67 19.91
C TRP A 8 13.02 16.92 19.87
N THR A 9 13.14 17.64 21.00
CA THR A 9 13.93 18.87 21.06
C THR A 9 15.44 18.58 20.99
N ARG A 10 15.82 17.34 21.35
CA ARG A 10 17.21 16.86 21.26
C ARG A 10 17.63 16.59 19.80
N ASN A 11 18.96 16.44 19.61
CA ASN A 11 19.58 16.04 18.34
C ASN A 11 19.72 14.50 18.33
N LYS A 12 19.55 13.86 17.15
CA LYS A 12 19.57 12.37 17.00
C LYS A 12 20.89 11.77 17.53
N SER A 13 22.00 12.51 17.33
CA SER A 13 23.35 12.09 17.73
C SER A 13 23.50 11.91 19.26
N GLU A 14 22.68 12.65 20.03
CA GLU A 14 22.67 12.58 21.51
C GLU A 14 21.81 11.42 22.01
N ILE A 15 20.87 10.96 21.16
CA ILE A 15 19.81 10.02 21.55
C ILE A 15 20.17 8.58 21.12
N THR A 16 20.00 7.62 22.04
CA THR A 16 20.12 6.19 21.72
C THR A 16 18.78 5.67 21.14
N ASP A 17 18.84 4.57 20.37
CA ASP A 17 17.68 3.96 19.71
C ASP A 17 16.65 3.44 20.74
N GLU A 18 17.15 3.14 21.96
CA GLU A 18 16.32 2.60 23.05
C GLU A 18 15.40 3.69 23.66
N GLU A 19 15.87 4.97 23.60
CA GLU A 19 15.03 6.14 23.98
C GLU A 19 13.77 6.20 23.10
N TYR A 20 13.97 6.03 21.78
CA TYR A 20 12.88 6.06 20.78
C TYR A 20 11.79 5.02 21.07
N LYS A 21 12.24 3.84 21.54
CA LYS A 21 11.35 2.70 21.83
C LYS A 21 10.42 2.99 23.01
N GLU A 22 10.99 3.38 24.17
CA GLU A 22 10.20 3.71 25.37
C GLU A 22 9.37 4.99 25.17
N PHE A 23 9.89 5.94 24.37
CA PHE A 23 9.21 7.22 24.10
C PHE A 23 7.98 6.99 23.22
N TYR A 24 8.10 6.02 22.26
CA TYR A 24 6.98 5.56 21.43
C TYR A 24 5.85 5.03 22.33
N LYS A 25 6.21 4.11 23.24
CA LYS A 25 5.25 3.48 24.17
C LYS A 25 4.52 4.54 25.00
N HIS A 26 5.31 5.52 25.48
CA HIS A 26 4.87 6.59 26.39
C HIS A 26 3.80 7.48 25.71
N ILE A 27 4.09 7.92 24.47
CA ILE A 27 3.22 8.85 23.72
C ILE A 27 2.00 8.13 23.11
N ALA A 28 2.19 6.86 22.71
CA ALA A 28 1.18 6.10 21.95
C ALA A 28 0.26 5.31 22.87
N HIS A 29 0.51 5.42 24.20
CA HIS A 29 -0.27 4.73 25.27
C HIS A 29 -0.12 3.19 25.13
N ASP A 30 0.93 2.77 24.42
CA ASP A 30 1.15 1.39 23.96
C ASP A 30 2.36 0.76 24.69
N PHE A 31 2.65 -0.52 24.42
CA PHE A 31 3.75 -1.26 25.08
C PHE A 31 4.66 -1.95 24.05
N ASN A 32 4.23 -1.97 22.77
CA ASN A 32 4.99 -2.60 21.68
C ASN A 32 6.18 -1.71 21.29
N ASP A 33 7.17 -2.27 20.57
CA ASP A 33 8.30 -1.52 20.01
C ASP A 33 7.93 -0.97 18.62
N PRO A 34 8.56 0.17 18.18
CA PRO A 34 8.48 0.63 16.78
C PRO A 34 9.49 -0.16 15.89
N LEU A 35 9.03 -0.53 14.68
CA LEU A 35 9.89 -1.12 13.64
C LEU A 35 10.98 -0.11 13.23
N THR A 36 10.54 1.12 12.93
CA THR A 36 11.41 2.22 12.54
C THR A 36 10.75 3.56 12.93
N TRP A 37 11.51 4.67 12.76
CA TRP A 37 11.08 6.02 13.16
C TRP A 37 11.67 7.08 12.22
N SER A 38 11.23 8.33 12.41
CA SER A 38 11.72 9.50 11.66
C SER A 38 11.76 10.70 12.59
N HIS A 39 12.94 10.95 13.19
CA HIS A 39 13.17 12.13 14.03
C HIS A 39 13.85 13.22 13.18
N ASN A 40 13.02 14.07 12.56
CA ASN A 40 13.49 15.12 11.64
C ASN A 40 12.84 16.44 12.02
N ARG A 41 13.61 17.51 12.08
CA ARG A 41 13.09 18.86 12.38
C ARG A 41 13.15 19.71 11.10
N VAL A 42 12.11 20.50 10.90
CA VAL A 42 12.00 21.43 9.78
C VAL A 42 12.05 22.83 10.37
N GLU A 43 12.86 23.72 9.76
CA GLU A 43 13.18 25.05 10.32
C GLU A 43 13.06 26.11 9.22
N GLY A 44 13.28 27.38 9.60
CA GLY A 44 13.11 28.52 8.69
C GLY A 44 11.81 29.25 9.01
N LYS A 45 10.87 29.33 8.04
CA LYS A 45 9.53 29.89 8.29
C LYS A 45 8.68 28.82 8.99
N GLN A 46 8.54 27.65 8.31
CA GLN A 46 7.90 26.47 8.91
C GLN A 46 8.91 25.79 9.83
N GLU A 47 8.82 26.11 11.13
CA GLU A 47 9.68 25.53 12.16
C GLU A 47 8.82 24.64 13.07
N TYR A 48 8.90 23.33 12.80
CA TYR A 48 8.22 22.30 13.58
C TYR A 48 9.11 21.05 13.65
N THR A 49 9.22 20.48 14.85
CA THR A 49 9.94 19.23 15.06
C THR A 49 8.97 18.05 14.90
N SER A 50 9.20 17.22 13.89
CA SER A 50 8.35 16.05 13.60
C SER A 50 9.06 14.75 14.02
N LEU A 51 8.42 14.00 14.92
CA LEU A 51 8.93 12.70 15.41
C LEU A 51 7.84 11.64 15.19
N LEU A 52 8.07 10.77 14.20
CA LEU A 52 7.10 9.74 13.76
C LEU A 52 7.60 8.34 14.16
N TYR A 53 6.67 7.39 14.35
CA TYR A 53 7.00 5.98 14.67
C TYR A 53 6.09 5.03 13.89
N ILE A 54 6.65 3.88 13.50
CA ILE A 54 5.93 2.79 12.81
C ILE A 54 5.76 1.61 13.79
N PRO A 55 4.51 1.27 14.24
CA PRO A 55 4.27 0.14 15.20
C PRO A 55 4.67 -1.25 14.62
N SER A 56 4.97 -2.21 15.51
CA SER A 56 5.32 -3.58 15.12
C SER A 56 4.07 -4.46 14.92
N GLN A 57 3.03 -4.18 15.72
CA GLN A 57 1.75 -4.91 15.68
C GLN A 57 0.59 -3.91 15.55
N ALA A 58 -0.48 -4.37 14.89
CA ALA A 58 -1.69 -3.57 14.68
C ALA A 58 -2.45 -3.40 16.02
N PRO A 59 -2.64 -2.12 16.52
CA PRO A 59 -3.45 -1.87 17.74
C PRO A 59 -4.94 -2.26 17.52
N TRP A 60 -5.69 -2.45 18.62
CA TRP A 60 -7.14 -2.74 18.55
C TRP A 60 -7.88 -1.54 17.92
N ASP A 61 -7.40 -0.33 18.29
CA ASP A 61 -8.01 0.94 17.86
C ASP A 61 -7.65 1.32 16.41
N MET A 62 -6.89 0.45 15.72
CA MET A 62 -6.56 0.61 14.30
C MET A 62 -7.84 0.52 13.44
N TRP A 63 -8.84 -0.24 13.93
CA TRP A 63 -10.11 -0.46 13.22
C TRP A 63 -11.31 0.08 14.04
N ASN A 64 -11.02 0.89 15.07
CA ASN A 64 -12.05 1.45 15.97
C ASN A 64 -12.54 2.81 15.42
N ARG A 65 -13.79 3.18 15.80
CA ARG A 65 -14.43 4.44 15.37
C ARG A 65 -13.91 5.63 16.20
N ASP A 66 -13.27 5.32 17.33
CA ASP A 66 -12.66 6.33 18.20
C ASP A 66 -11.28 6.73 17.65
N HIS A 67 -10.85 7.95 18.00
CA HIS A 67 -9.51 8.43 17.64
C HIS A 67 -8.46 7.72 18.51
N LYS A 68 -7.38 7.29 17.87
CA LYS A 68 -6.17 6.77 18.52
C LYS A 68 -5.02 6.96 17.55
N HIS A 69 -5.36 6.68 16.29
CA HIS A 69 -4.53 6.97 15.13
C HIS A 69 -4.27 8.48 14.99
N GLY A 70 -3.04 8.84 14.56
CA GLY A 70 -2.64 10.25 14.40
C GLY A 70 -1.50 10.64 15.33
N LEU A 71 -1.15 11.94 15.34
CA LEU A 71 0.00 12.47 16.11
C LEU A 71 -0.48 13.29 17.31
N LYS A 72 0.46 13.61 18.22
CA LYS A 72 0.17 14.48 19.37
C LYS A 72 0.49 15.93 19.01
N LEU A 73 -0.50 16.80 19.22
CA LEU A 73 -0.40 18.25 18.99
C LEU A 73 0.40 18.92 20.14
N TYR A 74 1.65 19.31 19.84
CA TYR A 74 2.48 20.20 20.69
C TYR A 74 2.70 21.52 19.93
N VAL A 75 2.66 22.62 20.67
CA VAL A 75 3.04 23.95 20.18
C VAL A 75 3.93 24.59 21.24
N GLN A 76 5.20 24.91 20.85
CA GLN A 76 6.19 25.60 21.72
C GLN A 76 6.59 24.71 22.93
N ARG A 77 6.64 23.38 22.69
CA ARG A 77 6.95 22.31 23.67
C ARG A 77 5.83 22.11 24.70
N VAL A 78 4.71 22.83 24.50
CA VAL A 78 3.52 22.72 25.36
C VAL A 78 2.56 21.72 24.71
N PHE A 79 2.10 20.76 25.49
CA PHE A 79 1.11 19.77 25.02
C PHE A 79 -0.29 20.39 25.03
N ILE A 80 -0.97 20.37 23.87
CA ILE A 80 -2.36 20.83 23.74
C ILE A 80 -3.30 19.60 23.72
N MET A 81 -3.18 18.76 22.67
CA MET A 81 -4.15 17.68 22.40
C MET A 81 -3.46 16.41 21.91
N ASP A 82 -3.95 15.25 22.39
CA ASP A 82 -3.53 13.91 21.90
C ASP A 82 -4.55 13.46 20.84
N ASP A 83 -4.15 12.55 19.95
CA ASP A 83 -5.01 12.02 18.86
C ASP A 83 -5.46 13.15 17.93
N ALA A 84 -4.49 13.66 17.18
CA ALA A 84 -4.71 14.66 16.12
C ALA A 84 -4.46 13.97 14.78
N GLU A 85 -5.54 13.41 14.21
CA GLU A 85 -5.51 12.58 12.99
C GLU A 85 -5.40 13.47 11.74
N GLN A 86 -5.43 14.79 11.94
CA GLN A 86 -5.44 15.81 10.88
C GLN A 86 -4.02 16.11 10.38
N PHE A 87 -3.01 15.53 11.06
CA PHE A 87 -1.61 15.57 10.63
C PHE A 87 -1.23 14.34 9.80
N MET A 88 -2.14 13.34 9.72
CA MET A 88 -1.84 12.05 9.04
C MET A 88 -3.09 11.53 8.27
N PRO A 89 -2.97 11.12 6.96
CA PRO A 89 -4.11 10.54 6.19
C PRO A 89 -4.56 9.17 6.77
N ASN A 90 -5.77 8.73 6.35
CA ASN A 90 -6.45 7.57 7.00
C ASN A 90 -5.73 6.24 6.69
N TYR A 91 -5.07 6.15 5.53
CA TYR A 91 -4.35 4.92 5.14
C TYR A 91 -2.99 4.80 5.86
N LEU A 92 -2.48 5.92 6.37
CA LEU A 92 -1.25 5.95 7.19
C LEU A 92 -1.59 6.13 8.68
N ARG A 93 -2.80 5.72 9.07
CA ARG A 93 -3.36 5.97 10.42
C ARG A 93 -2.48 5.33 11.55
N PHE A 94 -1.71 4.28 11.20
CA PHE A 94 -0.87 3.53 12.15
C PHE A 94 0.21 4.41 12.83
N VAL A 95 0.63 5.48 12.15
CA VAL A 95 1.70 6.36 12.64
C VAL A 95 1.30 7.02 13.97
N ARG A 96 2.12 6.78 14.99
CA ARG A 96 2.03 7.46 16.28
C ARG A 96 3.30 8.25 16.46
N GLY A 97 3.16 9.43 17.06
CA GLY A 97 4.23 10.37 17.19
C GLY A 97 3.73 11.67 17.75
N LEU A 98 4.43 12.75 17.43
CA LEU A 98 4.10 14.10 17.87
C LEU A 98 4.75 15.12 16.95
N ILE A 99 4.24 16.35 17.02
CA ILE A 99 4.74 17.48 16.26
C ILE A 99 4.75 18.73 17.16
N ASP A 100 5.94 19.31 17.37
CA ASP A 100 6.11 20.56 18.09
C ASP A 100 6.25 21.71 17.08
N SER A 101 5.15 22.41 16.82
CA SER A 101 5.11 23.51 15.86
C SER A 101 5.25 24.87 16.55
N SER A 102 5.87 25.82 15.86
CA SER A 102 5.89 27.25 16.27
C SER A 102 4.96 28.06 15.33
N ASP A 103 4.43 27.41 14.29
CA ASP A 103 3.59 28.05 13.25
C ASP A 103 2.14 28.09 13.71
N LEU A 104 1.64 26.91 14.13
CA LEU A 104 0.28 26.74 14.64
C LEU A 104 0.15 27.47 16.00
N PRO A 105 -1.00 28.17 16.28
CA PRO A 105 -1.23 28.84 17.59
C PRO A 105 -1.23 27.83 18.75
N LEU A 106 -0.94 28.28 19.97
CA LEU A 106 -0.99 27.40 21.17
C LEU A 106 -2.46 27.13 21.54
N ASN A 107 -3.34 28.03 21.09
CA ASN A 107 -4.80 27.92 21.27
C ASN A 107 -5.47 27.13 20.11
N VAL A 108 -4.67 26.47 19.25
CA VAL A 108 -5.20 25.65 18.13
C VAL A 108 -5.82 24.34 18.68
N SER A 109 -6.92 23.89 18.07
CA SER A 109 -7.60 22.63 18.44
C SER A 109 -7.98 21.84 17.16
N ARG A 110 -8.61 20.66 17.36
CA ARG A 110 -8.79 19.62 16.32
C ARG A 110 -9.59 20.10 15.09
N GLU A 111 -10.63 20.94 15.31
CA GLU A 111 -11.48 21.45 14.21
C GLU A 111 -10.72 22.41 13.28
N ILE A 112 -9.79 23.20 13.86
CA ILE A 112 -8.88 24.07 13.09
C ILE A 112 -7.91 23.21 12.26
N LEU A 113 -7.43 22.12 12.87
CA LEU A 113 -6.50 21.18 12.24
C LEU A 113 -7.13 20.51 11.00
N GLN A 114 -8.45 20.23 11.06
CA GLN A 114 -9.18 19.56 9.96
C GLN A 114 -9.57 20.57 8.86
N ASP A 115 -9.91 21.80 9.28
CA ASP A 115 -10.46 22.84 8.37
C ASP A 115 -9.35 23.63 7.65
N SER A 116 -8.43 24.23 8.44
CA SER A 116 -7.40 25.15 7.93
C SER A 116 -6.42 24.45 6.94
N THR A 117 -6.05 25.18 5.89
CA THR A 117 -5.27 24.67 4.76
C THR A 117 -3.77 24.49 5.11
N VAL A 118 -3.29 25.29 6.07
CA VAL A 118 -1.89 25.20 6.56
C VAL A 118 -1.59 23.81 7.15
N THR A 119 -2.61 23.21 7.79
CA THR A 119 -2.50 21.88 8.41
C THR A 119 -2.63 20.75 7.34
N ARG A 120 -3.27 21.06 6.19
CA ARG A 120 -3.31 20.12 5.03
C ARG A 120 -1.91 20.03 4.38
N ASN A 121 -1.24 21.21 4.31
CA ASN A 121 0.13 21.33 3.76
C ASN A 121 1.17 20.79 4.75
N LEU A 122 0.84 20.86 6.04
CA LEU A 122 1.67 20.31 7.11
C LEU A 122 1.55 18.76 7.06
N ARG A 123 0.29 18.29 6.90
CA ARG A 123 -0.04 16.85 6.73
C ARG A 123 0.73 16.29 5.53
N ASN A 124 0.70 17.08 4.43
CA ASN A 124 1.37 16.76 3.16
C ASN A 124 2.85 16.44 3.38
N ALA A 125 3.53 17.30 4.15
CA ALA A 125 4.94 17.13 4.50
C ALA A 125 5.18 15.81 5.25
N LEU A 126 4.42 15.61 6.34
CA LEU A 126 4.53 14.46 7.26
C LEU A 126 4.27 13.11 6.54
N THR A 127 3.33 13.14 5.59
CA THR A 127 2.92 11.95 4.81
C THR A 127 4.06 11.46 3.89
N LYS A 128 4.83 12.41 3.34
CA LYS A 128 5.98 12.10 2.49
C LYS A 128 7.09 11.40 3.29
N ARG A 129 7.24 11.79 4.58
CA ARG A 129 8.21 11.14 5.50
C ARG A 129 7.82 9.65 5.70
N VAL A 130 6.52 9.39 5.91
CA VAL A 130 6.01 8.03 6.21
C VAL A 130 6.10 7.11 4.97
N LEU A 131 5.59 7.59 3.82
CA LEU A 131 5.56 6.81 2.56
C LEU A 131 6.98 6.43 2.11
N GLN A 132 7.92 7.39 2.24
CA GLN A 132 9.34 7.17 1.93
C GLN A 132 10.03 6.33 3.03
N MET A 133 9.51 6.39 4.28
CA MET A 133 10.05 5.59 5.42
C MET A 133 9.79 4.10 5.21
N LEU A 134 8.58 3.80 4.70
CA LEU A 134 8.13 2.43 4.39
C LEU A 134 8.81 1.92 3.12
N GLU A 135 8.96 2.83 2.14
CA GLU A 135 9.63 2.57 0.86
C GLU A 135 11.13 2.29 1.11
N LYS A 136 11.68 2.99 2.13
CA LYS A 136 13.05 2.77 2.64
C LYS A 136 13.10 1.46 3.45
N LEU A 137 12.02 1.18 4.20
CA LEU A 137 11.92 0.00 5.11
C LEU A 137 11.95 -1.32 4.32
N ALA A 138 11.40 -1.30 3.09
CA ALA A 138 11.44 -2.47 2.16
C ALA A 138 12.89 -2.88 1.86
N LYS A 139 13.77 -1.86 1.79
CA LYS A 139 15.20 -2.01 1.48
C LYS A 139 16.01 -2.31 2.76
N ASP A 140 15.67 -1.55 3.82
CA ASP A 140 16.47 -1.45 5.06
C ASP A 140 16.25 -2.68 5.94
N ASP A 141 14.97 -3.03 6.12
CA ASP A 141 14.55 -4.23 6.86
C ASP A 141 13.34 -4.84 6.14
N ALA A 142 13.61 -5.71 5.14
CA ALA A 142 12.55 -6.43 4.40
C ALA A 142 11.73 -7.32 5.36
N GLU A 143 12.39 -7.75 6.46
CA GLU A 143 11.77 -8.49 7.56
C GLU A 143 10.67 -7.66 8.27
N LYS A 144 11.01 -6.39 8.63
CA LYS A 144 10.09 -5.49 9.36
C LYS A 144 8.97 -5.03 8.45
N TYR A 145 9.28 -4.90 7.15
CA TYR A 145 8.31 -4.45 6.14
C TYR A 145 7.25 -5.54 5.88
N GLN A 146 7.66 -6.81 5.99
CA GLN A 146 6.73 -7.96 5.90
C GLN A 146 5.91 -8.11 7.19
N THR A 147 6.55 -7.87 8.34
CA THR A 147 5.87 -7.78 9.64
C THR A 147 4.84 -6.63 9.65
N PHE A 148 5.19 -5.56 8.93
CA PHE A 148 4.37 -4.36 8.76
C PHE A 148 3.12 -4.66 7.92
N TRP A 149 3.33 -5.11 6.66
CA TRP A 149 2.24 -5.23 5.66
C TRP A 149 1.19 -6.26 6.09
N GLN A 150 1.63 -7.34 6.73
CA GLN A 150 0.72 -8.40 7.22
C GLN A 150 -0.16 -7.93 8.40
N GLN A 151 0.16 -6.76 9.01
CA GLN A 151 -0.63 -6.17 10.12
C GLN A 151 -1.41 -4.91 9.68
N PHE A 152 -0.81 -4.10 8.79
CA PHE A 152 -1.30 -2.72 8.47
C PHE A 152 -1.66 -2.55 6.99
N GLY A 153 -1.40 -3.60 6.18
CA GLY A 153 -1.52 -3.53 4.73
C GLY A 153 -2.94 -3.34 4.23
N LEU A 154 -3.91 -3.89 4.97
CA LEU A 154 -5.36 -3.78 4.67
C LEU A 154 -5.80 -2.29 4.62
N VAL A 155 -5.14 -1.47 5.46
CA VAL A 155 -5.42 -0.03 5.61
C VAL A 155 -4.65 0.80 4.55
N LEU A 156 -3.40 0.39 4.23
CA LEU A 156 -2.55 1.12 3.26
C LEU A 156 -3.14 1.02 1.81
N LYS A 157 -4.06 0.06 1.61
CA LYS A 157 -4.80 -0.12 0.34
C LYS A 157 -5.85 0.99 0.09
N GLU A 158 -6.09 1.85 1.10
CA GLU A 158 -6.90 3.08 0.96
C GLU A 158 -6.07 4.21 0.30
N GLY A 159 -4.73 3.99 0.18
CA GLY A 159 -3.79 4.95 -0.38
C GLY A 159 -4.10 5.41 -1.81
N PRO A 160 -4.17 4.49 -2.82
CA PRO A 160 -4.52 4.84 -4.22
C PRO A 160 -5.91 5.49 -4.34
N ALA A 161 -6.75 5.20 -3.32
CA ALA A 161 -8.12 5.73 -3.22
C ALA A 161 -8.12 7.22 -2.82
N GLU A 162 -7.25 7.57 -1.85
CA GLU A 162 -7.18 8.92 -1.27
C GLU A 162 -6.16 9.77 -2.04
N ASP A 163 -4.87 9.46 -1.87
CA ASP A 163 -3.79 10.15 -2.55
C ASP A 163 -3.47 9.50 -3.89
N PHE A 164 -4.27 9.87 -4.91
CA PHE A 164 -4.02 9.47 -6.31
C PHE A 164 -2.86 10.31 -6.91
N ALA A 165 -2.54 11.44 -6.26
CA ALA A 165 -1.36 12.26 -6.64
C ALA A 165 -0.08 11.42 -6.55
N ASN A 166 0.13 10.77 -5.39
CA ASN A 166 1.33 9.94 -5.12
C ASN A 166 0.98 8.43 -5.17
N GLN A 167 -0.10 8.11 -5.92
CA GLN A 167 -0.58 6.70 -6.12
C GLN A 167 0.53 5.79 -6.64
N GLU A 168 1.46 6.35 -7.43
CA GLU A 168 2.58 5.62 -8.05
C GLU A 168 3.52 5.02 -6.97
N ALA A 169 3.84 5.84 -5.95
CA ALA A 169 4.72 5.41 -4.83
C ALA A 169 3.97 4.45 -3.87
N ILE A 170 2.65 4.67 -3.73
CA ILE A 170 1.78 3.86 -2.86
C ILE A 170 1.50 2.48 -3.50
N ALA A 171 1.42 2.46 -4.85
CA ALA A 171 1.20 1.23 -5.64
C ALA A 171 2.45 0.34 -5.60
N LYS A 172 3.60 1.01 -5.47
CA LYS A 172 4.90 0.39 -5.23
C LYS A 172 4.93 -0.29 -3.84
N LEU A 173 4.26 0.36 -2.86
CA LEU A 173 4.14 -0.15 -1.48
C LEU A 173 3.12 -1.30 -1.38
N LEU A 174 2.14 -1.34 -2.31
CA LEU A 174 1.10 -2.41 -2.31
C LEU A 174 1.74 -3.78 -2.57
N ARG A 175 1.52 -4.73 -1.64
CA ARG A 175 2.06 -6.10 -1.70
C ARG A 175 0.89 -7.07 -1.80
N PHE A 176 1.00 -8.06 -2.68
CA PHE A 176 -0.05 -9.06 -2.96
C PHE A 176 0.58 -10.45 -3.01
N ALA A 177 -0.23 -11.44 -3.41
CA ALA A 177 0.25 -12.78 -3.78
C ALA A 177 0.13 -12.95 -5.30
N SER A 178 0.67 -14.07 -5.82
CA SER A 178 0.59 -14.39 -7.26
C SER A 178 0.64 -15.90 -7.48
N THR A 179 0.45 -16.33 -8.75
CA THR A 179 0.51 -17.75 -9.14
C THR A 179 1.95 -18.31 -9.10
N HIS A 180 2.91 -17.41 -8.80
CA HIS A 180 4.33 -17.73 -8.56
C HIS A 180 4.46 -18.77 -7.45
N THR A 181 3.72 -18.55 -6.35
CA THR A 181 3.72 -19.44 -5.18
C THR A 181 2.37 -19.31 -4.46
N ASP A 182 1.87 -20.45 -3.94
CA ASP A 182 0.57 -20.54 -3.22
C ASP A 182 0.68 -20.03 -1.76
N SER A 183 1.80 -19.37 -1.42
CA SER A 183 2.01 -18.73 -0.13
C SER A 183 1.12 -17.48 -0.01
N SER A 184 0.36 -17.39 1.09
CA SER A 184 -0.59 -16.31 1.33
C SER A 184 0.06 -15.07 1.97
N ALA A 185 1.40 -15.13 2.12
CA ALA A 185 2.23 -13.97 2.46
C ALA A 185 2.14 -12.95 1.31
N GLN A 186 1.49 -11.79 1.57
CA GLN A 186 1.42 -10.69 0.60
C GLN A 186 2.80 -10.02 0.48
N THR A 187 3.60 -10.57 -0.44
CA THR A 187 5.01 -10.16 -0.63
C THR A 187 5.24 -9.57 -2.04
N VAL A 188 4.75 -10.27 -3.08
CA VAL A 188 4.98 -9.90 -4.48
C VAL A 188 4.14 -8.67 -4.86
N SER A 189 4.83 -7.60 -5.27
CA SER A 189 4.20 -6.34 -5.66
C SER A 189 4.24 -6.15 -7.18
N LEU A 190 3.77 -4.97 -7.59
CA LEU A 190 3.81 -4.54 -8.99
C LEU A 190 5.26 -4.38 -9.50
N GLU A 191 6.21 -4.16 -8.56
CA GLU A 191 7.66 -4.07 -8.85
C GLU A 191 8.15 -5.40 -9.47
N ASP A 192 7.89 -6.49 -8.71
CA ASP A 192 8.32 -7.85 -9.05
C ASP A 192 7.60 -8.36 -10.32
N TYR A 193 6.38 -7.84 -10.54
CA TYR A 193 5.56 -8.18 -11.71
C TYR A 193 6.19 -7.63 -13.01
N VAL A 194 6.65 -6.37 -12.97
CA VAL A 194 7.27 -5.69 -14.13
C VAL A 194 8.61 -6.36 -14.52
N SER A 195 9.33 -6.88 -13.51
CA SER A 195 10.60 -7.60 -13.72
C SER A 195 10.39 -9.06 -14.19
N ARG A 196 9.12 -9.53 -14.23
CA ARG A 196 8.74 -10.83 -14.80
C ARG A 196 7.71 -10.64 -15.94
N MET A 197 7.55 -9.39 -16.40
CA MET A 197 6.52 -9.02 -17.38
C MET A 197 6.89 -9.58 -18.76
N LYS A 198 6.00 -10.42 -19.31
CA LYS A 198 6.20 -11.07 -20.62
C LYS A 198 5.91 -10.09 -21.77
N GLU A 199 6.40 -10.44 -22.96
CA GLU A 199 6.21 -9.64 -24.17
C GLU A 199 4.77 -9.75 -24.70
N GLY A 200 4.26 -8.63 -25.26
CA GLY A 200 2.88 -8.54 -25.73
C GLY A 200 1.89 -8.15 -24.66
N GLN A 201 2.38 -8.00 -23.41
CA GLN A 201 1.54 -7.64 -22.26
C GLN A 201 1.66 -6.13 -22.00
N GLU A 202 0.78 -5.37 -22.62
CA GLU A 202 0.52 -3.97 -22.23
C GLU A 202 -0.37 -3.95 -20.98
N LYS A 203 -0.93 -5.12 -20.61
CA LYS A 203 -1.93 -5.25 -19.56
C LYS A 203 -1.43 -6.14 -18.41
N ILE A 204 -1.54 -5.60 -17.16
CA ILE A 204 -1.22 -6.33 -15.92
C ILE A 204 -2.35 -7.34 -15.61
N TYR A 205 -2.05 -8.63 -15.77
CA TYR A 205 -3.03 -9.71 -15.54
C TYR A 205 -3.11 -10.01 -14.03
N TYR A 206 -4.32 -9.83 -13.48
CA TYR A 206 -4.61 -10.05 -12.06
C TYR A 206 -6.01 -10.66 -11.91
N ILE A 207 -6.28 -11.20 -10.73
CA ILE A 207 -7.61 -11.72 -10.37
C ILE A 207 -7.99 -11.18 -8.97
N THR A 208 -9.19 -10.59 -8.87
CA THR A 208 -9.73 -10.13 -7.59
C THR A 208 -10.63 -11.24 -6.99
N ALA A 209 -10.76 -11.24 -5.65
CA ALA A 209 -11.61 -12.20 -4.92
C ALA A 209 -11.79 -11.77 -3.47
N ASP A 210 -12.61 -12.54 -2.73
CA ASP A 210 -12.85 -12.34 -1.29
C ASP A 210 -11.87 -13.19 -0.45
N SER A 211 -11.48 -14.37 -0.98
CA SER A 211 -10.63 -15.34 -0.24
C SER A 211 -9.54 -15.93 -1.16
N TYR A 212 -8.47 -16.48 -0.53
CA TYR A 212 -7.25 -16.93 -1.23
C TYR A 212 -7.48 -18.23 -2.00
N ALA A 213 -7.90 -19.29 -1.29
CA ALA A 213 -8.15 -20.61 -1.89
C ALA A 213 -9.26 -20.53 -2.94
N ALA A 214 -10.22 -19.62 -2.71
CA ALA A 214 -11.30 -19.32 -3.64
C ALA A 214 -10.76 -18.70 -4.94
N ALA A 215 -9.86 -17.71 -4.79
CA ALA A 215 -9.21 -17.02 -5.92
C ALA A 215 -8.46 -18.02 -6.80
N LYS A 216 -7.62 -18.85 -6.14
CA LYS A 216 -6.73 -19.81 -6.83
C LYS A 216 -7.54 -20.95 -7.48
N SER A 217 -8.71 -21.26 -6.90
CA SER A 217 -9.62 -22.32 -7.41
C SER A 217 -10.43 -21.85 -8.65
N SER A 218 -10.43 -20.53 -8.91
CA SER A 218 -11.16 -19.93 -10.04
C SER A 218 -10.51 -20.35 -11.40
N PRO A 219 -11.34 -20.82 -12.40
CA PRO A 219 -10.82 -21.27 -13.73
C PRO A 219 -10.35 -20.11 -14.63
N HIS A 220 -10.47 -18.87 -14.12
CA HIS A 220 -10.02 -17.66 -14.82
C HIS A 220 -8.49 -17.59 -14.92
N LEU A 221 -7.81 -17.69 -13.75
CA LEU A 221 -6.34 -17.63 -13.71
C LEU A 221 -5.71 -18.90 -14.28
N GLU A 222 -6.50 -20.01 -14.25
CA GLU A 222 -6.04 -21.35 -14.68
C GLU A 222 -5.49 -21.33 -16.12
N LEU A 223 -6.11 -20.50 -16.99
CA LEU A 223 -5.67 -20.34 -18.37
C LEU A 223 -4.22 -19.78 -18.42
N LEU A 224 -4.02 -18.64 -17.74
CA LEU A 224 -2.75 -17.88 -17.80
C LEU A 224 -1.66 -18.53 -16.93
N ARG A 225 -2.09 -19.32 -15.94
CA ARG A 225 -1.19 -20.08 -15.04
C ARG A 225 -0.49 -21.18 -15.87
N LYS A 226 -1.31 -21.84 -16.70
CA LYS A 226 -0.89 -22.92 -17.60
C LYS A 226 -0.23 -22.36 -18.89
N LYS A 227 -0.49 -21.08 -19.19
CA LYS A 227 0.04 -20.37 -20.38
C LYS A 227 1.55 -20.09 -20.23
N GLY A 228 2.01 -19.99 -18.96
CA GLY A 228 3.37 -19.57 -18.61
C GLY A 228 3.45 -18.10 -18.22
N ILE A 229 2.29 -17.54 -17.82
CA ILE A 229 2.13 -16.11 -17.44
C ILE A 229 1.95 -15.98 -15.91
N GLU A 230 2.44 -14.85 -15.36
CA GLU A 230 2.28 -14.50 -13.95
C GLU A 230 0.90 -13.80 -13.74
N VAL A 231 0.11 -14.29 -12.75
CA VAL A 231 -1.21 -13.69 -12.41
C VAL A 231 -1.20 -13.27 -10.94
N LEU A 232 -1.40 -11.97 -10.67
CA LEU A 232 -1.42 -11.43 -9.31
C LEU A 232 -2.74 -11.81 -8.59
N LEU A 233 -2.63 -12.58 -7.50
CA LEU A 233 -3.78 -12.99 -6.68
C LEU A 233 -4.14 -11.86 -5.70
N LEU A 234 -5.03 -10.96 -6.13
CA LEU A 234 -5.65 -9.96 -5.24
C LEU A 234 -6.86 -10.62 -4.57
N SER A 235 -6.57 -11.44 -3.56
CA SER A 235 -7.52 -12.39 -2.97
C SER A 235 -8.12 -11.87 -1.65
N ASP A 236 -8.04 -10.55 -1.44
CA ASP A 236 -8.58 -9.87 -0.27
C ASP A 236 -9.73 -8.96 -0.74
N ARG A 237 -10.75 -8.76 0.13
CA ARG A 237 -12.04 -8.15 -0.28
C ARG A 237 -11.91 -6.66 -0.65
N ILE A 238 -11.00 -5.94 0.06
CA ILE A 238 -10.80 -4.48 -0.17
C ILE A 238 -10.07 -4.24 -1.52
N ASP A 239 -9.39 -5.29 -2.04
CA ASP A 239 -8.73 -5.23 -3.37
C ASP A 239 -9.74 -4.94 -4.48
N GLU A 240 -10.92 -5.59 -4.40
CA GLU A 240 -12.01 -5.38 -5.39
C GLU A 240 -12.45 -3.91 -5.43
N TRP A 241 -12.38 -3.23 -4.27
CA TRP A 241 -12.78 -1.81 -4.15
C TRP A 241 -11.62 -0.89 -4.59
N MET A 242 -10.37 -1.32 -4.30
CA MET A 242 -9.14 -0.53 -4.57
C MET A 242 -8.83 -0.47 -6.08
N MET A 243 -9.20 -1.54 -6.82
CA MET A 243 -8.97 -1.64 -8.28
C MET A 243 -9.87 -0.66 -9.08
N ASN A 244 -10.77 0.04 -8.37
CA ASN A 244 -11.58 1.12 -8.95
C ASN A 244 -10.67 2.30 -9.39
N TYR A 245 -9.63 2.59 -8.59
CA TYR A 245 -8.66 3.69 -8.87
C TYR A 245 -7.40 3.15 -9.56
N LEU A 246 -7.06 1.87 -9.28
CA LEU A 246 -5.92 1.20 -9.93
C LEU A 246 -6.32 0.74 -11.35
N THR A 247 -6.39 1.72 -12.26
CA THR A 247 -6.74 1.48 -13.66
C THR A 247 -5.47 1.25 -14.53
N GLU A 248 -4.35 1.92 -14.15
CA GLU A 248 -3.05 1.77 -14.86
C GLU A 248 -1.87 1.93 -13.88
N PHE A 249 -0.75 1.24 -14.19
CA PHE A 249 0.55 1.37 -13.51
C PHE A 249 1.68 1.11 -14.51
N ASP A 250 2.63 2.08 -14.62
CA ASP A 250 3.90 1.91 -15.39
C ASP A 250 3.60 1.74 -16.91
N GLY A 251 2.56 2.47 -17.37
CA GLY A 251 2.11 2.43 -18.77
C GLY A 251 1.27 1.20 -19.10
N LYS A 252 1.07 0.33 -18.10
CA LYS A 252 0.35 -0.94 -18.25
C LYS A 252 -1.04 -0.85 -17.58
N PRO A 253 -2.15 -0.67 -18.36
CA PRO A 253 -3.52 -0.78 -17.80
C PRO A 253 -3.79 -2.18 -17.22
N PHE A 254 -4.43 -2.22 -16.06
CA PHE A 254 -4.78 -3.48 -15.37
C PHE A 254 -5.91 -4.23 -16.12
N GLN A 255 -5.68 -5.52 -16.44
CA GLN A 255 -6.67 -6.38 -17.11
C GLN A 255 -7.14 -7.48 -16.16
N SER A 256 -8.44 -7.49 -15.87
CA SER A 256 -9.08 -8.55 -15.08
C SER A 256 -9.13 -9.85 -15.91
N VAL A 257 -8.69 -10.96 -15.31
CA VAL A 257 -8.68 -12.29 -15.98
C VAL A 257 -10.10 -12.93 -15.98
N SER A 258 -11.10 -12.17 -15.55
CA SER A 258 -12.53 -12.53 -15.67
C SER A 258 -13.09 -12.11 -17.05
N LYS A 259 -12.39 -11.18 -17.72
CA LYS A 259 -12.89 -10.50 -18.93
C LYS A 259 -12.02 -10.85 -20.15
N VAL A 260 -12.54 -10.51 -21.36
CA VAL A 260 -11.86 -10.76 -22.64
C VAL A 260 -11.47 -9.41 -23.28
N ASP A 261 -10.21 -9.31 -23.69
CA ASP A 261 -9.61 -8.11 -24.28
C ASP A 261 -8.78 -8.55 -25.51
N GLU A 262 -8.02 -7.64 -26.17
CA GLU A 262 -7.11 -8.04 -27.26
C GLU A 262 -5.89 -8.81 -26.69
N SER A 263 -5.82 -8.89 -25.35
CA SER A 263 -4.90 -9.76 -24.63
C SER A 263 -5.11 -11.21 -25.07
N LEU A 264 -6.40 -11.65 -25.14
CA LEU A 264 -6.75 -13.04 -25.50
C LEU A 264 -6.80 -13.23 -27.02
N GLU A 265 -6.64 -12.13 -27.77
CA GLU A 265 -6.39 -12.18 -29.22
C GLU A 265 -4.95 -12.66 -29.46
N LYS A 266 -4.04 -12.13 -28.63
CA LYS A 266 -2.61 -12.50 -28.63
C LYS A 266 -2.40 -13.87 -27.97
N LEU A 267 -3.24 -14.15 -26.96
CA LEU A 267 -3.18 -15.38 -26.16
C LEU A 267 -4.16 -16.44 -26.70
N ALA A 268 -4.69 -16.22 -27.92
CA ALA A 268 -5.59 -17.17 -28.62
C ALA A 268 -4.93 -18.54 -28.84
N LYS B 5 -0.59 -18.44 8.06
CA LYS B 5 -0.60 -17.04 7.61
C LYS B 5 0.22 -16.89 6.31
N LYS B 6 1.54 -17.13 6.43
CA LYS B 6 2.49 -16.93 5.33
C LYS B 6 2.51 -18.19 4.45
N ILE B 7 2.56 -19.37 5.14
CA ILE B 7 2.41 -20.76 4.61
C ILE B 7 3.41 -21.19 3.51
N GLU B 8 3.77 -22.51 3.55
CA GLU B 8 4.64 -23.18 2.57
C GLU B 8 6.05 -22.56 2.49
N VAL B 9 6.44 -22.01 1.30
CA VAL B 9 7.77 -21.41 1.09
C VAL B 9 7.94 -20.18 1.99
N GLU B 10 6.86 -19.38 2.09
CA GLU B 10 6.78 -18.14 2.89
C GLU B 10 7.74 -17.06 2.33
N PHE B 11 7.30 -15.79 2.39
CA PHE B 11 8.10 -14.61 1.98
C PHE B 11 8.52 -14.66 0.47
N ASP B 12 9.40 -13.72 0.13
CA ASP B 12 9.98 -13.50 -1.21
C ASP B 12 10.96 -12.31 -1.07
N LYS B 13 11.78 -12.03 -2.10
CA LYS B 13 12.68 -10.86 -2.12
C LYS B 13 11.84 -9.55 -2.14
N GLY B 14 11.35 -9.16 -0.94
CA GLY B 14 10.61 -7.93 -0.74
C GLY B 14 11.53 -6.71 -0.74
N GLN B 15 12.84 -6.99 -0.56
CA GLN B 15 13.91 -6.01 -0.72
C GLN B 15 14.04 -5.65 -2.22
N ARG B 16 13.26 -4.66 -2.64
CA ARG B 16 13.25 -4.13 -4.01
C ARG B 16 13.42 -2.60 -3.94
N THR B 17 14.53 -2.12 -4.52
CA THR B 17 15.02 -0.75 -4.30
C THR B 17 14.83 0.14 -5.55
N ASP B 18 14.18 1.30 -5.33
CA ASP B 18 13.92 2.31 -6.38
C ASP B 18 13.43 3.61 -5.70
N LYS B 19 13.51 4.75 -6.39
CA LYS B 19 13.20 6.08 -5.82
C LYS B 19 11.78 6.55 -6.20
N TYR B 20 10.90 6.76 -5.20
CA TYR B 20 9.58 7.44 -5.35
C TYR B 20 9.14 8.11 -4.02
N GLY B 21 8.44 9.26 -4.15
CA GLY B 21 7.98 10.03 -3.00
C GLY B 21 7.45 11.39 -3.42
N ARG B 22 6.34 11.38 -4.17
CA ARG B 22 5.70 12.59 -4.72
C ARG B 22 4.77 13.28 -3.68
N GLY B 23 4.39 14.54 -3.96
CA GLY B 23 3.43 15.28 -3.15
C GLY B 23 2.01 14.73 -3.22
N LEU B 24 1.20 15.10 -2.22
CA LEU B 24 -0.14 14.54 -1.97
C LEU B 24 -1.25 15.53 -2.42
N ALA B 25 -2.51 15.04 -2.41
CA ALA B 25 -3.71 15.81 -2.81
C ALA B 25 -4.88 15.58 -1.84
N TYR B 26 -5.00 14.31 -1.39
CA TYR B 26 -5.99 13.84 -0.41
C TYR B 26 -7.41 13.81 -0.99
N ILE B 27 -8.06 14.99 -1.00
CA ILE B 27 -9.50 15.14 -1.22
C ILE B 27 -10.26 14.34 -0.12
N TYR B 28 -10.38 12.99 -0.35
CA TYR B 28 -10.86 11.95 0.60
C TYR B 28 -11.03 10.63 -0.20
N ALA B 29 -10.85 9.49 0.49
CA ALA B 29 -10.93 8.13 -0.10
C ALA B 29 -12.38 7.61 -0.31
N ASP B 30 -13.39 8.50 -0.17
CA ASP B 30 -14.81 8.10 -0.24
C ASP B 30 -15.45 8.44 -1.60
N GLY B 31 -14.79 9.34 -2.36
CA GLY B 31 -15.32 9.88 -3.61
C GLY B 31 -15.55 8.83 -4.70
N LYS B 32 -16.78 8.25 -4.72
CA LYS B 32 -17.23 7.23 -5.71
C LYS B 32 -16.34 5.97 -5.71
N MET B 33 -15.67 5.72 -4.57
CA MET B 33 -14.58 4.75 -4.51
C MET B 33 -15.12 3.34 -4.13
N VAL B 34 -15.82 2.73 -5.09
CA VAL B 34 -16.34 1.34 -5.01
C VAL B 34 -16.25 0.71 -6.42
N ASN B 35 -15.82 -0.56 -6.50
CA ASN B 35 -15.97 -1.39 -7.69
C ASN B 35 -16.73 -2.67 -7.28
N GLU B 36 -15.98 -3.72 -6.84
CA GLU B 36 -16.54 -5.03 -6.39
C GLU B 36 -17.29 -5.78 -7.53
N ALA B 37 -17.43 -7.13 -7.37
CA ALA B 37 -18.15 -8.02 -8.32
C ALA B 37 -17.46 -8.01 -9.70
N LEU B 38 -16.16 -7.66 -9.69
CA LEU B 38 -15.35 -7.48 -10.90
C LEU B 38 -15.14 -8.83 -11.62
N VAL B 39 -14.99 -9.88 -10.80
CA VAL B 39 -14.86 -11.27 -11.28
C VAL B 39 -16.22 -11.99 -11.24
N ARG B 40 -16.64 -12.52 -12.42
CA ARG B 40 -17.82 -13.38 -12.55
C ARG B 40 -17.51 -14.51 -13.55
N GLN B 41 -17.52 -14.17 -14.85
CA GLN B 41 -17.29 -15.13 -15.95
C GLN B 41 -16.93 -14.38 -17.25
N GLY B 42 -16.39 -15.14 -18.23
CA GLY B 42 -15.98 -14.59 -19.52
C GLY B 42 -14.78 -15.36 -20.07
N LEU B 43 -13.60 -15.06 -19.51
CA LEU B 43 -12.35 -15.76 -19.84
C LEU B 43 -12.42 -17.21 -19.31
N ALA B 44 -12.38 -18.20 -20.23
CA ALA B 44 -12.41 -19.65 -19.89
C ALA B 44 -12.07 -20.54 -21.12
N LYS B 45 -11.61 -19.91 -22.23
CA LYS B 45 -11.33 -20.62 -23.50
C LYS B 45 -9.93 -20.19 -24.03
N VAL B 46 -9.71 -20.16 -25.38
CA VAL B 46 -8.41 -19.95 -26.08
C VAL B 46 -7.27 -20.86 -25.51
N ALA B 47 -7.00 -21.98 -26.21
CA ALA B 47 -6.17 -23.09 -25.69
C ALA B 47 -4.74 -22.67 -25.30
N TYR B 48 -3.87 -22.43 -26.31
CA TYR B 48 -2.43 -22.08 -26.07
C TYR B 48 -1.94 -21.04 -27.08
N VAL B 49 -0.79 -20.43 -26.74
CA VAL B 49 0.01 -19.59 -27.64
C VAL B 49 1.48 -19.83 -27.28
N TYR B 50 1.73 -19.84 -25.96
CA TYR B 50 2.95 -20.32 -25.35
C TYR B 50 2.58 -21.62 -24.63
N LYS B 51 3.47 -22.61 -24.68
CA LYS B 51 3.29 -23.87 -23.98
C LYS B 51 4.68 -24.48 -23.69
N PRO B 52 5.35 -24.05 -22.58
CA PRO B 52 6.62 -24.66 -22.13
C PRO B 52 6.37 -26.10 -21.65
N ASN B 53 6.54 -27.07 -22.57
CA ASN B 53 6.39 -28.50 -22.28
C ASN B 53 7.61 -28.98 -21.47
N ASN B 54 7.58 -28.67 -20.17
CA ASN B 54 8.60 -29.10 -19.20
C ASN B 54 8.07 -30.32 -18.43
N THR B 55 6.75 -30.53 -18.50
CA THR B 55 6.05 -31.64 -17.86
C THR B 55 4.96 -32.21 -18.80
N HIS B 56 4.54 -33.44 -18.49
CA HIS B 56 3.44 -34.14 -19.17
C HIS B 56 2.15 -34.05 -18.32
N GLU B 57 2.32 -33.66 -17.03
CA GLU B 57 1.21 -33.42 -16.10
C GLU B 57 0.49 -32.11 -16.45
N GLN B 58 -0.81 -32.02 -16.07
CA GLN B 58 -1.71 -30.90 -16.43
C GLN B 58 -1.96 -30.92 -17.96
N HIS B 59 -2.51 -29.83 -18.54
CA HIS B 59 -2.70 -29.68 -20.01
C HIS B 59 -3.84 -30.62 -20.50
N LEU B 60 -5.09 -30.13 -20.41
CA LEU B 60 -6.29 -30.87 -20.88
C LEU B 60 -6.29 -30.91 -22.42
N ARG B 61 -5.78 -32.01 -22.98
CA ARG B 61 -5.54 -32.14 -24.43
C ARG B 61 -5.68 -33.60 -24.93
N LYS B 62 -5.78 -33.71 -26.26
CA LYS B 62 -5.65 -34.97 -27.04
C LYS B 62 -6.81 -35.96 -26.77
N SER B 63 -6.72 -36.75 -25.70
CA SER B 63 -7.62 -37.91 -25.47
C SER B 63 -8.22 -37.92 -24.05
N GLU B 64 -8.05 -36.82 -23.29
CA GLU B 64 -8.57 -36.72 -21.91
C GLU B 64 -10.11 -36.52 -21.93
N ALA B 65 -10.78 -37.03 -20.87
CA ALA B 65 -12.23 -36.88 -20.67
C ALA B 65 -12.62 -35.41 -20.44
N GLN B 66 -13.88 -35.06 -20.78
CA GLN B 66 -14.39 -33.68 -20.68
C GLN B 66 -14.49 -33.24 -19.20
N ALA B 67 -15.48 -33.82 -18.48
CA ALA B 67 -15.76 -33.51 -17.06
C ALA B 67 -16.96 -34.33 -16.56
N LYS B 68 -18.03 -34.36 -17.39
CA LYS B 68 -19.33 -34.95 -17.01
C LYS B 68 -19.25 -36.48 -16.93
N LYS B 69 -18.90 -36.94 -15.73
CA LYS B 69 -18.74 -38.35 -15.36
C LYS B 69 -18.31 -38.39 -13.90
N GLU B 70 -17.27 -37.58 -13.61
CA GLU B 70 -16.51 -37.58 -12.35
C GLU B 70 -15.98 -39.01 -12.04
N LYS B 71 -14.78 -39.28 -12.54
CA LYS B 71 -14.05 -40.54 -12.33
C LYS B 71 -13.90 -40.86 -10.82
N LEU B 72 -14.92 -41.60 -10.30
CA LEU B 72 -15.09 -41.94 -8.88
C LEU B 72 -15.24 -40.66 -8.02
N ASN B 73 -14.08 -40.11 -7.59
CA ASN B 73 -13.99 -38.89 -6.77
C ASN B 73 -12.55 -38.36 -6.91
N ILE B 74 -11.63 -39.31 -6.74
CA ILE B 74 -10.17 -39.10 -6.79
C ILE B 74 -9.66 -38.73 -8.20
N TRP B 75 -8.33 -38.57 -8.32
CA TRP B 75 -7.67 -38.20 -9.58
C TRP B 75 -7.81 -39.35 -10.62
N ALA A 4 16.52 13.32 30.68
CA ALA A 4 16.27 14.44 31.60
C ALA A 4 15.97 15.72 30.78
N GLN A 5 15.27 15.52 29.66
CA GLN A 5 14.86 16.60 28.73
C GLN A 5 13.80 16.04 27.77
N ALA A 6 13.05 16.94 27.13
CA ALA A 6 12.03 16.57 26.14
C ALA A 6 12.72 15.93 24.92
N LEU A 7 12.50 14.60 24.76
CA LEU A 7 13.15 13.77 23.73
C LEU A 7 12.88 14.32 22.32
N TRP A 8 11.64 14.79 22.08
CA TRP A 8 11.22 15.27 20.76
C TRP A 8 12.00 16.55 20.36
N THR A 9 12.27 17.46 21.32
CA THR A 9 12.94 18.76 21.03
C THR A 9 14.47 18.60 21.03
N ARG A 10 14.95 17.52 21.67
CA ARG A 10 16.38 17.18 21.76
C ARG A 10 16.92 16.80 20.35
N ASN A 11 18.21 17.11 20.09
CA ASN A 11 18.82 16.90 18.77
C ASN A 11 18.82 15.40 18.41
N LYS A 12 18.51 15.14 17.14
CA LYS A 12 18.17 13.80 16.61
C LYS A 12 19.31 12.79 16.81
N SER A 13 20.55 13.22 16.47
CA SER A 13 21.74 12.35 16.45
C SER A 13 22.17 11.85 17.86
N GLU A 14 21.86 12.63 18.91
CA GLU A 14 22.35 12.37 20.28
C GLU A 14 21.46 11.36 21.04
N ILE A 15 20.20 11.25 20.62
CA ILE A 15 19.23 10.35 21.27
C ILE A 15 19.53 8.91 20.89
N THR A 16 19.82 8.07 21.90
CA THR A 16 20.27 6.71 21.66
C THR A 16 19.09 5.79 21.28
N ASP A 17 19.46 4.59 20.80
CA ASP A 17 18.56 3.57 20.22
C ASP A 17 17.49 3.14 21.25
N GLU A 18 17.96 2.96 22.49
CA GLU A 18 17.17 2.51 23.66
C GLU A 18 15.98 3.45 23.95
N GLU A 19 16.22 4.76 23.77
CA GLU A 19 15.24 5.80 24.12
C GLU A 19 14.03 5.81 23.16
N TYR A 20 14.30 5.79 21.84
CA TYR A 20 13.24 5.90 20.79
C TYR A 20 12.16 4.81 20.90
N LYS A 21 12.61 3.54 20.86
CA LYS A 21 11.73 2.36 20.78
C LYS A 21 10.77 2.29 21.98
N GLU A 22 11.32 2.60 23.16
CA GLU A 22 10.59 2.55 24.42
C GLU A 22 9.67 3.79 24.58
N PHE A 23 10.13 4.94 24.06
CA PHE A 23 9.41 6.24 24.13
C PHE A 23 8.07 6.16 23.39
N TYR A 24 8.09 5.45 22.23
CA TYR A 24 6.91 5.24 21.39
C TYR A 24 5.75 4.61 22.17
N LYS A 25 6.04 3.51 22.86
CA LYS A 25 5.04 2.74 23.65
C LYS A 25 4.31 3.64 24.65
N HIS A 26 5.07 4.55 25.26
CA HIS A 26 4.60 5.48 26.29
C HIS A 26 3.63 6.52 25.70
N ILE A 27 4.10 7.24 24.65
CA ILE A 27 3.37 8.37 24.05
C ILE A 27 2.15 7.91 23.21
N ALA A 28 2.22 6.69 22.65
CA ALA A 28 1.15 6.10 21.83
C ALA A 28 0.18 5.27 22.67
N HIS A 29 0.51 5.09 23.98
CA HIS A 29 -0.27 4.30 24.95
C HIS A 29 -0.31 2.79 24.59
N ASP A 30 0.64 2.37 23.74
CA ASP A 30 0.68 1.00 23.18
C ASP A 30 1.86 0.23 23.81
N PHE A 31 2.13 -0.99 23.33
CA PHE A 31 3.22 -1.84 23.87
C PHE A 31 4.06 -2.45 22.72
N ASN A 32 3.56 -2.32 21.47
CA ASN A 32 4.23 -2.89 20.29
C ASN A 32 5.44 -2.04 19.92
N ASP A 33 6.57 -2.73 19.78
CA ASP A 33 7.85 -2.12 19.41
C ASP A 33 7.80 -1.54 17.97
N PRO A 34 8.25 -0.26 17.73
CA PRO A 34 8.22 0.34 16.39
C PRO A 34 9.11 -0.44 15.37
N LEU A 35 8.57 -0.59 14.15
CA LEU A 35 9.27 -1.24 13.03
C LEU A 35 10.41 -0.33 12.52
N THR A 36 10.12 0.97 12.52
CA THR A 36 11.03 2.03 12.07
C THR A 36 10.43 3.39 12.48
N TRP A 37 11.24 4.46 12.30
CA TRP A 37 10.82 5.83 12.66
C TRP A 37 11.60 6.88 11.84
N SER A 38 11.13 8.13 12.00
CA SER A 38 11.81 9.32 11.49
C SER A 38 11.64 10.44 12.53
N HIS A 39 12.74 10.78 13.22
CA HIS A 39 12.78 11.94 14.12
C HIS A 39 13.36 13.05 13.29
N ASN A 40 12.51 13.98 12.84
CA ASN A 40 12.91 14.94 11.84
C ASN A 40 12.25 16.30 12.10
N ARG A 41 13.08 17.34 12.04
CA ARG A 41 12.69 18.71 12.35
C ARG A 41 12.60 19.52 11.06
N VAL A 42 11.76 20.56 11.09
CA VAL A 42 11.55 21.50 9.98
C VAL A 42 11.97 22.89 10.46
N GLU A 43 12.71 23.60 9.61
CA GLU A 43 13.19 24.96 9.89
C GLU A 43 12.90 25.82 8.65
N GLY A 44 12.45 27.05 8.88
CA GLY A 44 12.02 27.95 7.82
C GLY A 44 10.86 28.80 8.29
N LYS A 45 9.83 28.99 7.45
CA LYS A 45 8.64 29.77 7.82
C LYS A 45 7.86 29.03 8.92
N GLN A 46 7.44 27.78 8.64
CA GLN A 46 6.87 26.87 9.65
C GLN A 46 8.01 26.04 10.27
N GLU A 47 8.31 26.28 11.55
CA GLU A 47 9.28 25.45 12.30
C GLU A 47 8.52 24.55 13.27
N TYR A 48 8.77 23.24 13.14
CA TYR A 48 8.17 22.21 13.99
C TYR A 48 9.04 20.95 13.96
N THR A 49 9.30 20.38 15.14
CA THR A 49 10.00 19.11 15.27
C THR A 49 8.96 17.97 15.35
N SER A 50 8.99 17.08 14.36
CA SER A 50 8.10 15.93 14.30
C SER A 50 8.87 14.66 14.69
N LEU A 51 8.15 13.71 15.27
CA LEU A 51 8.70 12.44 15.73
C LEU A 51 7.66 11.35 15.41
N LEU A 52 7.85 10.73 14.23
CA LEU A 52 6.93 9.73 13.66
C LEU A 52 7.47 8.33 13.94
N TYR A 53 6.59 7.40 14.31
CA TYR A 53 6.92 5.95 14.42
C TYR A 53 5.85 5.13 13.68
N ILE A 54 6.16 3.86 13.42
CA ILE A 54 5.21 2.86 12.89
C ILE A 54 5.14 1.68 13.89
N PRO A 55 3.94 1.30 14.43
CA PRO A 55 3.79 0.17 15.40
C PRO A 55 3.99 -1.19 14.72
N SER A 56 4.30 -2.23 15.53
CA SER A 56 4.52 -3.59 15.03
C SER A 56 3.20 -4.25 14.60
N GLN A 57 2.12 -3.89 15.30
CA GLN A 57 0.77 -4.42 15.02
C GLN A 57 -0.25 -3.29 15.07
N ALA A 58 -1.35 -3.49 14.32
CA ALA A 58 -2.49 -2.58 14.31
C ALA A 58 -3.33 -2.82 15.58
N PRO A 59 -3.50 -1.80 16.47
CA PRO A 59 -4.38 -1.94 17.65
C PRO A 59 -5.84 -2.27 17.23
N TRP A 60 -6.58 -2.98 18.10
CA TRP A 60 -7.93 -3.47 17.79
C TRP A 60 -8.88 -2.28 17.52
N ASP A 61 -8.72 -1.22 18.32
CA ASP A 61 -9.55 0.00 18.24
C ASP A 61 -9.17 0.92 17.06
N MET A 62 -8.09 0.57 16.36
CA MET A 62 -7.73 1.21 15.06
C MET A 62 -8.72 0.78 13.97
N TRP A 63 -9.32 -0.40 14.12
CA TRP A 63 -10.32 -0.93 13.17
C TRP A 63 -11.74 -0.76 13.74
N ASN A 64 -11.83 -0.20 14.95
CA ASN A 64 -13.11 0.13 15.62
C ASN A 64 -13.47 1.60 15.32
N ARG A 65 -14.50 2.15 16.00
CA ARG A 65 -14.95 3.55 15.82
C ARG A 65 -14.01 4.56 16.53
N ASP A 66 -13.02 4.03 17.30
CA ASP A 66 -12.02 4.85 18.03
C ASP A 66 -10.97 5.44 17.08
N HIS A 67 -10.30 6.49 17.54
CA HIS A 67 -9.13 7.07 16.85
C HIS A 67 -7.84 6.62 17.55
N LYS A 68 -6.83 6.30 16.74
CA LYS A 68 -5.47 6.01 17.20
C LYS A 68 -4.42 6.69 16.31
N HIS A 69 -4.78 6.97 15.04
CA HIS A 69 -3.89 7.70 14.13
C HIS A 69 -3.80 9.17 14.53
N GLY A 70 -2.61 9.73 14.35
CA GLY A 70 -2.33 11.11 14.69
C GLY A 70 -1.13 11.26 15.56
N LEU A 71 -0.82 12.51 15.89
CA LEU A 71 0.34 12.89 16.69
C LEU A 71 -0.13 13.60 17.96
N LYS A 72 0.68 13.52 19.03
CA LYS A 72 0.48 14.36 20.21
C LYS A 72 0.95 15.76 19.87
N LEU A 73 0.00 16.68 19.70
CA LEU A 73 0.32 18.07 19.37
C LEU A 73 0.84 18.79 20.63
N TYR A 74 2.02 19.39 20.49
CA TYR A 74 2.63 20.30 21.48
C TYR A 74 2.83 21.66 20.79
N VAL A 75 2.61 22.73 21.54
CA VAL A 75 2.96 24.09 21.15
C VAL A 75 3.90 24.65 22.21
N GLN A 76 5.17 24.84 21.83
CA GLN A 76 6.25 25.36 22.71
C GLN A 76 6.48 24.39 23.89
N ARG A 77 6.43 23.08 23.55
CA ARG A 77 6.61 21.92 24.46
C ARG A 77 5.44 21.77 25.46
N VAL A 78 4.37 22.55 25.25
CA VAL A 78 3.17 22.50 26.09
C VAL A 78 2.14 21.59 25.40
N PHE A 79 1.77 20.48 26.07
CA PHE A 79 0.84 19.49 25.51
C PHE A 79 -0.54 20.10 25.26
N ILE A 80 -0.98 19.99 24.00
CA ILE A 80 -2.24 20.57 23.54
C ILE A 80 -3.32 19.47 23.47
N MET A 81 -3.07 18.43 22.65
CA MET A 81 -4.04 17.36 22.41
C MET A 81 -3.34 16.08 21.92
N ASP A 82 -4.02 14.95 22.12
CA ASP A 82 -3.55 13.60 21.75
C ASP A 82 -4.38 13.08 20.54
N ASP A 83 -3.81 12.14 19.75
CA ASP A 83 -4.47 11.57 18.54
C ASP A 83 -4.90 12.65 17.53
N ALA A 84 -4.07 13.70 17.39
CA ALA A 84 -4.34 14.79 16.43
C ALA A 84 -4.06 14.27 15.00
N GLU A 85 -5.12 13.66 14.40
CA GLU A 85 -5.07 12.99 13.08
C GLU A 85 -5.15 13.99 11.92
N GLN A 86 -5.19 15.28 12.27
CA GLN A 86 -5.22 16.39 11.30
C GLN A 86 -3.86 16.53 10.58
N PHE A 87 -2.81 16.01 11.22
CA PHE A 87 -1.42 16.02 10.70
C PHE A 87 -1.13 14.79 9.83
N MET A 88 -1.98 13.76 9.92
CA MET A 88 -1.74 12.45 9.28
C MET A 88 -2.87 12.13 8.26
N PRO A 89 -2.52 11.71 7.00
CA PRO A 89 -3.52 11.22 6.01
C PRO A 89 -4.28 9.97 6.51
N ASN A 90 -5.43 9.70 5.89
CA ASN A 90 -6.30 8.57 6.25
C ASN A 90 -5.64 7.23 5.86
N TYR A 91 -4.88 7.24 4.74
CA TYR A 91 -4.18 6.04 4.23
C TYR A 91 -2.82 5.84 4.93
N LEU A 92 -2.40 6.82 5.74
CA LEU A 92 -1.20 6.71 6.59
C LEU A 92 -1.64 6.70 8.05
N ARG A 93 -2.79 6.04 8.31
CA ARG A 93 -3.38 5.98 9.65
C ARG A 93 -2.66 4.99 10.61
N PHE A 94 -1.56 4.39 10.13
CA PHE A 94 -0.67 3.57 10.96
C PHE A 94 0.37 4.44 11.68
N VAL A 95 0.71 5.60 11.08
CA VAL A 95 1.73 6.50 11.61
C VAL A 95 1.22 7.14 12.92
N ARG A 96 1.98 6.96 13.99
CA ARG A 96 1.64 7.43 15.33
C ARG A 96 2.91 7.97 15.99
N GLY A 97 2.77 9.05 16.75
CA GLY A 97 3.89 9.66 17.43
C GLY A 97 3.49 10.98 18.08
N LEU A 98 4.30 12.02 17.86
CA LEU A 98 4.09 13.34 18.44
C LEU A 98 4.79 14.42 17.59
N ILE A 99 4.50 15.68 17.92
CA ILE A 99 4.99 16.85 17.17
C ILE A 99 4.97 18.06 18.12
N ASP A 100 5.91 19.00 17.90
CA ASP A 100 5.97 20.26 18.64
C ASP A 100 6.28 21.39 17.67
N SER A 101 5.50 22.47 17.76
CA SER A 101 5.68 23.68 16.95
C SER A 101 5.68 24.92 17.86
N SER A 102 6.60 25.84 17.58
CA SER A 102 6.62 27.17 18.22
C SER A 102 5.82 28.18 17.37
N ASP A 103 5.26 27.69 16.25
CA ASP A 103 4.56 28.49 15.25
C ASP A 103 3.04 28.47 15.50
N LEU A 104 2.47 27.24 15.61
CA LEU A 104 1.02 27.02 15.83
C LEU A 104 0.54 27.69 17.14
N PRO A 105 -0.71 28.27 17.20
CA PRO A 105 -1.22 28.99 18.40
C PRO A 105 -1.33 28.05 19.63
N LEU A 106 -1.20 28.62 20.85
CA LEU A 106 -1.28 27.82 22.10
C LEU A 106 -2.71 27.29 22.32
N ASN A 107 -3.71 28.05 21.84
CA ASN A 107 -5.14 27.69 21.95
C ASN A 107 -5.63 26.95 20.67
N VAL A 108 -4.71 26.24 19.99
CA VAL A 108 -5.04 25.43 18.80
C VAL A 108 -5.87 24.18 19.19
N SER A 109 -6.72 23.70 18.28
CA SER A 109 -7.59 22.53 18.49
C SER A 109 -7.77 21.79 17.15
N ARG A 110 -8.42 20.61 17.21
CA ARG A 110 -8.75 19.77 16.03
C ARG A 110 -9.57 20.58 14.99
N GLU A 111 -10.40 21.51 15.48
CA GLU A 111 -11.27 22.38 14.66
C GLU A 111 -10.40 23.42 13.90
N ILE A 112 -9.46 24.05 14.65
CA ILE A 112 -8.49 25.01 14.08
C ILE A 112 -7.66 24.33 12.99
N LEU A 113 -7.19 23.12 13.30
CA LEU A 113 -6.35 22.30 12.43
C LEU A 113 -7.08 21.89 11.12
N GLN A 114 -8.40 21.67 11.21
CA GLN A 114 -9.25 21.34 10.04
C GLN A 114 -9.31 22.54 9.07
N ASP A 115 -9.42 23.74 9.63
CA ASP A 115 -9.66 24.98 8.87
C ASP A 115 -8.34 25.67 8.43
N SER A 116 -7.26 25.42 9.19
CA SER A 116 -5.99 26.14 9.03
C SER A 116 -5.26 25.70 7.75
N THR A 117 -4.65 26.68 7.08
CA THR A 117 -3.91 26.46 5.83
C THR A 117 -2.54 25.86 6.14
N VAL A 118 -1.93 26.31 7.25
CA VAL A 118 -0.58 25.87 7.68
C VAL A 118 -0.59 24.38 8.09
N THR A 119 -1.77 23.90 8.56
CA THR A 119 -1.97 22.51 8.99
C THR A 119 -2.12 21.56 7.78
N ARG A 120 -2.59 22.12 6.65
CA ARG A 120 -2.62 21.41 5.36
C ARG A 120 -1.18 21.21 4.84
N ASN A 121 -0.39 22.33 4.84
CA ASN A 121 1.05 22.32 4.47
C ASN A 121 1.88 21.50 5.47
N LEU A 122 1.36 21.36 6.69
CA LEU A 122 1.96 20.56 7.76
C LEU A 122 1.91 19.07 7.36
N ARG A 123 0.68 18.60 7.08
CA ARG A 123 0.38 17.19 6.73
C ARG A 123 1.16 16.76 5.45
N ASN A 124 1.25 17.70 4.47
CA ASN A 124 1.92 17.48 3.18
C ASN A 124 3.39 17.02 3.37
N ALA A 125 4.13 17.75 4.23
CA ALA A 125 5.55 17.49 4.50
C ALA A 125 5.76 16.20 5.33
N LEU A 126 4.75 15.84 6.14
CA LEU A 126 4.77 14.62 6.98
C LEU A 126 4.54 13.35 6.14
N THR A 127 3.72 13.48 5.09
CA THR A 127 3.36 12.35 4.19
C THR A 127 4.58 11.75 3.48
N LYS A 128 5.43 12.63 2.95
CA LYS A 128 6.61 12.24 2.15
C LYS A 128 7.74 11.63 3.02
N ARG A 129 7.66 11.88 4.34
CA ARG A 129 8.54 11.22 5.33
C ARG A 129 8.21 9.71 5.42
N VAL A 130 6.92 9.37 5.23
CA VAL A 130 6.40 8.03 5.45
C VAL A 130 6.62 7.11 4.23
N LEU A 131 6.31 7.58 3.00
CA LEU A 131 6.40 6.73 1.78
C LEU A 131 7.86 6.31 1.49
N GLN A 132 8.80 7.24 1.72
CA GLN A 132 10.26 6.98 1.66
C GLN A 132 10.68 6.00 2.76
N MET A 133 10.00 6.07 3.93
CA MET A 133 10.24 5.16 5.09
C MET A 133 9.79 3.73 4.76
N LEU A 134 8.67 3.61 4.00
CA LEU A 134 8.06 2.32 3.64
C LEU A 134 8.93 1.55 2.64
N GLU A 135 9.50 2.29 1.65
CA GLU A 135 10.42 1.71 0.67
C GLU A 135 11.76 1.35 1.34
N LYS A 136 12.27 2.28 2.17
CA LYS A 136 13.56 2.10 2.88
C LYS A 136 13.51 0.88 3.81
N LEU A 137 12.37 0.73 4.52
CA LEU A 137 12.11 -0.44 5.38
C LEU A 137 12.07 -1.71 4.53
N ALA A 138 11.38 -1.65 3.37
CA ALA A 138 11.16 -2.80 2.47
C ALA A 138 12.47 -3.41 1.94
N LYS A 139 13.45 -2.55 1.59
CA LYS A 139 14.72 -2.99 0.97
C LYS A 139 15.71 -3.51 2.01
N ASP A 140 15.80 -2.77 3.12
CA ASP A 140 16.72 -3.08 4.24
C ASP A 140 16.23 -4.32 5.03
N ASP A 141 14.89 -4.42 5.13
CA ASP A 141 14.20 -5.35 6.04
C ASP A 141 12.94 -5.91 5.34
N ALA A 142 12.97 -7.19 4.96
CA ALA A 142 11.79 -7.92 4.48
C ALA A 142 10.97 -8.52 5.65
N GLU A 143 11.59 -8.59 6.86
CA GLU A 143 11.03 -9.29 8.04
C GLU A 143 9.88 -8.46 8.67
N LYS A 144 10.23 -7.33 9.30
CA LYS A 144 9.25 -6.43 9.96
C LYS A 144 8.34 -5.72 8.94
N TYR A 145 8.78 -5.64 7.68
CA TYR A 145 7.95 -5.10 6.58
C TYR A 145 6.79 -6.07 6.24
N GLN A 146 7.00 -7.38 6.44
CA GLN A 146 5.93 -8.37 6.31
C GLN A 146 4.96 -8.29 7.50
N THR A 147 5.50 -8.04 8.70
CA THR A 147 4.68 -7.79 9.91
C THR A 147 3.83 -6.51 9.70
N PHE A 148 4.43 -5.52 9.01
CA PHE A 148 3.80 -4.26 8.62
C PHE A 148 2.58 -4.53 7.73
N TRP A 149 2.84 -5.20 6.59
CA TRP A 149 1.83 -5.37 5.53
C TRP A 149 0.64 -6.25 5.98
N GLN A 150 0.95 -7.30 6.74
CA GLN A 150 -0.07 -8.22 7.28
C GLN A 150 -0.94 -7.57 8.39
N GLN A 151 -0.58 -6.34 8.82
CA GLN A 151 -1.34 -5.55 9.82
C GLN A 151 -2.01 -4.31 9.16
N PHE A 152 -1.31 -3.71 8.17
CA PHE A 152 -1.65 -2.37 7.62
C PHE A 152 -1.87 -2.45 6.09
N GLY A 153 -2.16 -3.66 5.57
CA GLY A 153 -2.34 -3.89 4.13
C GLY A 153 -3.51 -3.12 3.53
N LEU A 154 -4.65 -3.16 4.21
CA LEU A 154 -5.92 -2.50 3.78
C LEU A 154 -5.79 -0.96 3.79
N VAL A 155 -4.92 -0.47 4.70
CA VAL A 155 -4.71 0.97 4.97
C VAL A 155 -4.14 1.70 3.72
N LEU A 156 -3.06 1.12 3.12
CA LEU A 156 -2.38 1.72 1.95
C LEU A 156 -3.17 1.52 0.63
N LYS A 157 -4.20 0.64 0.65
CA LYS A 157 -5.07 0.38 -0.52
C LYS A 157 -6.17 1.46 -0.65
N GLU A 158 -6.34 2.25 0.43
CA GLU A 158 -7.13 3.52 0.41
C GLU A 158 -6.25 4.67 -0.15
N GLY A 159 -4.93 4.40 -0.26
CA GLY A 159 -3.93 5.34 -0.78
C GLY A 159 -4.27 5.98 -2.12
N PRO A 160 -4.46 5.18 -3.22
CA PRO A 160 -4.83 5.71 -4.55
C PRO A 160 -6.11 6.59 -4.52
N ALA A 161 -7.01 6.30 -3.56
CA ALA A 161 -8.29 7.02 -3.39
C ALA A 161 -8.09 8.43 -2.83
N GLU A 162 -7.15 8.57 -1.89
CA GLU A 162 -6.88 9.86 -1.21
C GLU A 162 -5.78 10.62 -1.94
N ASP A 163 -4.58 10.05 -1.95
CA ASP A 163 -3.40 10.68 -2.55
C ASP A 163 -3.43 10.51 -4.08
N PHE A 164 -3.68 11.63 -4.78
CA PHE A 164 -3.75 11.67 -6.24
C PHE A 164 -2.33 11.66 -6.85
N ALA A 165 -1.40 12.36 -6.18
CA ALA A 165 -0.06 12.63 -6.71
C ALA A 165 0.84 11.39 -6.68
N ASN A 166 0.87 10.70 -5.52
CA ASN A 166 1.78 9.56 -5.27
C ASN A 166 1.16 8.22 -5.71
N GLN A 167 0.27 8.26 -6.72
CA GLN A 167 -0.41 7.06 -7.30
C GLN A 167 0.58 5.90 -7.58
N GLU A 168 1.66 6.21 -8.34
CA GLU A 168 2.71 5.24 -8.72
C GLU A 168 3.50 4.76 -7.47
N ALA A 169 3.83 5.72 -6.59
CA ALA A 169 4.65 5.46 -5.38
C ALA A 169 3.95 4.44 -4.44
N ILE A 170 2.65 4.66 -4.21
CA ILE A 170 1.79 3.81 -3.36
C ILE A 170 1.61 2.42 -4.00
N ALA A 171 1.36 2.41 -5.33
CA ALA A 171 1.19 1.15 -6.11
C ALA A 171 2.46 0.27 -6.07
N LYS A 172 3.61 0.95 -6.03
CA LYS A 172 4.95 0.34 -5.89
C LYS A 172 5.17 -0.23 -4.46
N LEU A 173 4.50 0.39 -3.46
CA LEU A 173 4.56 -0.04 -2.06
C LEU A 173 3.48 -1.11 -1.76
N LEU A 174 2.47 -1.22 -2.63
CA LEU A 174 1.40 -2.23 -2.50
C LEU A 174 1.96 -3.64 -2.76
N ARG A 175 1.72 -4.53 -1.79
CA ARG A 175 2.16 -5.93 -1.84
C ARG A 175 0.94 -6.85 -1.97
N PHE A 176 1.05 -7.82 -2.87
CA PHE A 176 0.04 -8.85 -3.09
C PHE A 176 0.74 -10.19 -3.28
N ALA A 177 -0.04 -11.22 -3.57
CA ALA A 177 0.48 -12.53 -4.00
C ALA A 177 0.38 -12.57 -5.53
N SER A 178 0.98 -13.57 -6.15
CA SER A 178 0.95 -13.73 -7.61
C SER A 178 1.27 -15.19 -7.98
N THR A 179 1.41 -15.48 -9.27
CA THR A 179 1.83 -16.80 -9.72
C THR A 179 3.36 -16.97 -9.58
N HIS A 180 4.06 -15.86 -9.23
CA HIS A 180 5.47 -15.88 -8.77
C HIS A 180 5.58 -16.68 -7.46
N THR A 181 4.69 -16.37 -6.51
CA THR A 181 4.64 -17.05 -5.21
C THR A 181 3.19 -17.45 -4.90
N ASP A 182 2.94 -18.77 -4.77
CA ASP A 182 1.59 -19.31 -4.53
C ASP A 182 1.36 -19.57 -3.03
N SER A 183 2.08 -18.81 -2.20
CA SER A 183 1.87 -18.74 -0.74
C SER A 183 1.02 -17.49 -0.41
N SER A 184 0.41 -17.47 0.78
CA SER A 184 -0.42 -16.33 1.27
C SER A 184 0.48 -15.15 1.71
N ALA A 185 1.79 -15.41 1.88
CA ALA A 185 2.80 -14.36 2.15
C ALA A 185 2.89 -13.40 0.95
N GLN A 186 2.37 -12.17 1.14
CA GLN A 186 2.27 -11.16 0.06
C GLN A 186 3.59 -10.37 -0.05
N THR A 187 4.61 -11.03 -0.61
CA THR A 187 5.97 -10.47 -0.77
C THR A 187 6.12 -9.75 -2.12
N VAL A 188 5.30 -10.16 -3.11
CA VAL A 188 5.28 -9.60 -4.46
C VAL A 188 4.72 -8.17 -4.45
N SER A 189 5.40 -7.26 -5.14
CA SER A 189 4.91 -5.91 -5.44
C SER A 189 4.37 -5.85 -6.89
N LEU A 190 3.74 -4.73 -7.26
CA LEU A 190 3.35 -4.48 -8.67
C LEU A 190 4.59 -4.26 -9.54
N GLU A 191 5.66 -3.75 -8.92
CA GLU A 191 6.96 -3.58 -9.56
C GLU A 191 7.67 -4.95 -9.74
N ASP A 192 7.42 -5.89 -8.80
CA ASP A 192 7.91 -7.30 -8.88
C ASP A 192 7.23 -8.02 -10.05
N TYR A 193 5.92 -7.75 -10.20
CA TYR A 193 5.09 -8.24 -11.30
C TYR A 193 5.70 -7.81 -12.66
N VAL A 194 5.94 -6.50 -12.78
CA VAL A 194 6.52 -5.86 -13.98
C VAL A 194 7.97 -6.33 -14.24
N SER A 195 8.68 -6.72 -13.17
CA SER A 195 10.04 -7.29 -13.27
C SER A 195 10.03 -8.67 -13.96
N ARG A 196 8.88 -9.39 -13.87
CA ARG A 196 8.69 -10.72 -14.48
C ARG A 196 7.76 -10.65 -15.71
N MET A 197 7.57 -9.43 -16.23
CA MET A 197 6.76 -9.16 -17.44
C MET A 197 7.41 -9.80 -18.68
N LYS A 198 6.63 -10.61 -19.41
CA LYS A 198 7.10 -11.32 -20.63
C LYS A 198 6.30 -10.86 -21.86
N GLU A 199 6.54 -11.55 -23.00
CA GLU A 199 5.87 -11.27 -24.29
C GLU A 199 4.33 -11.25 -24.16
N GLY A 200 3.69 -10.24 -24.77
CA GLY A 200 2.23 -10.13 -24.81
C GLY A 200 1.57 -9.76 -23.48
N GLN A 201 2.35 -9.77 -22.39
CA GLN A 201 1.90 -9.34 -21.07
C GLN A 201 2.13 -7.82 -20.98
N GLU A 202 1.39 -7.10 -21.83
CA GLU A 202 1.41 -5.62 -21.86
C GLU A 202 0.30 -5.08 -20.95
N LYS A 203 -0.43 -6.03 -20.33
CA LYS A 203 -1.50 -5.78 -19.40
C LYS A 203 -1.18 -6.48 -18.09
N ILE A 204 -1.38 -5.78 -16.97
CA ILE A 204 -1.20 -6.35 -15.64
C ILE A 204 -2.44 -7.22 -15.34
N TYR A 205 -2.28 -8.53 -15.51
CA TYR A 205 -3.35 -9.52 -15.25
C TYR A 205 -3.54 -9.67 -13.73
N TYR A 206 -4.81 -9.73 -13.35
CA TYR A 206 -5.28 -9.64 -11.96
C TYR A 206 -6.37 -10.70 -11.76
N ILE A 207 -6.65 -11.11 -10.52
CA ILE A 207 -7.84 -11.91 -10.19
C ILE A 207 -8.46 -11.39 -8.89
N THR A 208 -9.63 -10.78 -9.02
CA THR A 208 -10.37 -10.18 -7.90
C THR A 208 -11.26 -11.24 -7.24
N ALA A 209 -10.94 -11.57 -5.98
CA ALA A 209 -11.65 -12.58 -5.19
C ALA A 209 -11.68 -12.17 -3.71
N ASP A 210 -12.72 -12.62 -3.02
CA ASP A 210 -12.95 -12.33 -1.58
C ASP A 210 -11.96 -13.07 -0.68
N SER A 211 -11.42 -14.19 -1.19
CA SER A 211 -10.50 -15.07 -0.44
C SER A 211 -9.39 -15.59 -1.35
N TYR A 212 -8.28 -16.03 -0.72
CA TYR A 212 -7.06 -16.47 -1.42
C TYR A 212 -7.29 -17.81 -2.13
N ALA A 213 -7.74 -18.82 -1.37
CA ALA A 213 -8.01 -20.18 -1.89
C ALA A 213 -9.13 -20.18 -2.96
N ALA A 214 -10.06 -19.20 -2.84
CA ALA A 214 -11.13 -18.98 -3.84
C ALA A 214 -10.55 -18.53 -5.19
N ALA A 215 -9.53 -17.64 -5.12
CA ALA A 215 -8.76 -17.21 -6.31
C ALA A 215 -7.93 -18.38 -6.88
N LYS A 216 -7.34 -19.18 -5.97
CA LYS A 216 -6.44 -20.30 -6.33
C LYS A 216 -7.19 -21.49 -6.92
N SER A 217 -8.49 -21.60 -6.64
CA SER A 217 -9.35 -22.67 -7.17
C SER A 217 -9.84 -22.33 -8.60
N SER A 218 -9.58 -21.09 -9.05
CA SER A 218 -9.95 -20.64 -10.40
C SER A 218 -9.00 -21.24 -11.46
N PRO A 219 -9.54 -21.79 -12.61
CA PRO A 219 -8.71 -22.30 -13.73
C PRO A 219 -7.97 -21.19 -14.52
N HIS A 220 -8.40 -19.92 -14.31
CA HIS A 220 -7.84 -18.74 -14.99
C HIS A 220 -6.33 -18.57 -14.72
N LEU A 221 -5.91 -18.94 -13.49
CA LEU A 221 -4.52 -18.78 -13.03
C LEU A 221 -3.57 -19.67 -13.83
N GLU A 222 -3.82 -21.00 -13.76
CA GLU A 222 -2.95 -22.01 -14.38
C GLU A 222 -2.99 -21.94 -15.92
N LEU A 223 -4.11 -21.43 -16.47
CA LEU A 223 -4.30 -21.17 -17.91
C LEU A 223 -3.18 -20.27 -18.46
N LEU A 224 -2.80 -19.27 -17.65
CA LEU A 224 -1.76 -18.29 -17.98
C LEU A 224 -0.40 -18.67 -17.34
N ARG A 225 -0.44 -19.26 -16.12
CA ARG A 225 0.78 -19.54 -15.31
C ARG A 225 1.66 -20.61 -15.96
N LYS A 226 1.01 -21.74 -16.31
CA LYS A 226 1.66 -22.87 -16.99
C LYS A 226 2.04 -22.49 -18.42
N LYS A 227 1.43 -21.41 -18.94
CA LYS A 227 1.72 -20.85 -20.28
C LYS A 227 2.99 -19.95 -20.23
N GLY A 228 3.37 -19.53 -19.01
CA GLY A 228 4.58 -18.71 -18.76
C GLY A 228 4.27 -17.24 -18.48
N ILE A 229 3.01 -16.94 -18.13
CA ILE A 229 2.52 -15.57 -17.86
C ILE A 229 2.34 -15.37 -16.35
N GLU A 230 2.59 -14.14 -15.89
CA GLU A 230 2.44 -13.72 -14.49
C GLU A 230 0.96 -13.27 -14.27
N VAL A 231 0.36 -13.67 -13.13
CA VAL A 231 -1.03 -13.27 -12.75
C VAL A 231 -1.03 -12.86 -11.27
N LEU A 232 -1.62 -11.71 -10.98
CA LEU A 232 -1.64 -11.11 -9.63
C LEU A 232 -2.89 -11.62 -8.87
N LEU A 233 -2.68 -12.06 -7.61
CA LEU A 233 -3.74 -12.66 -6.75
C LEU A 233 -4.26 -11.62 -5.74
N LEU A 234 -5.60 -11.41 -5.75
CA LEU A 234 -6.29 -10.50 -4.82
C LEU A 234 -7.21 -11.31 -3.92
N SER A 235 -7.05 -11.16 -2.61
CA SER A 235 -7.77 -11.94 -1.61
C SER A 235 -8.38 -11.02 -0.55
N ASP A 236 -8.78 -9.81 -1.01
CA ASP A 236 -9.23 -8.73 -0.11
C ASP A 236 -10.73 -8.45 -0.25
N ARG A 237 -11.23 -7.69 0.73
CA ARG A 237 -12.57 -7.09 0.72
C ARG A 237 -12.55 -5.76 -0.06
N ILE A 238 -11.39 -5.06 -0.03
CA ILE A 238 -11.22 -3.72 -0.63
C ILE A 238 -10.61 -3.81 -2.05
N ASP A 239 -10.30 -5.06 -2.47
CA ASP A 239 -9.60 -5.36 -3.74
C ASP A 239 -10.28 -4.72 -4.97
N GLU A 240 -11.63 -4.69 -4.95
CA GLU A 240 -12.44 -4.07 -6.01
C GLU A 240 -12.23 -2.54 -6.04
N TRP A 241 -12.42 -1.90 -4.87
CA TRP A 241 -12.34 -0.43 -4.70
C TRP A 241 -10.97 0.10 -5.13
N MET A 242 -9.92 -0.54 -4.62
CA MET A 242 -8.51 -0.24 -4.94
C MET A 242 -8.26 -0.18 -6.47
N MET A 243 -8.90 -1.13 -7.19
CA MET A 243 -8.71 -1.29 -8.64
C MET A 243 -9.69 -0.45 -9.47
N ASN A 244 -10.64 0.22 -8.80
CA ASN A 244 -11.55 1.17 -9.47
C ASN A 244 -10.82 2.49 -9.78
N TYR A 245 -9.72 2.76 -9.05
CA TYR A 245 -8.84 3.91 -9.33
C TYR A 245 -7.67 3.44 -10.21
N LEU A 246 -7.04 2.32 -9.81
CA LEU A 246 -5.87 1.76 -10.51
C LEU A 246 -6.31 1.07 -11.81
N THR A 247 -6.46 1.87 -12.87
CA THR A 247 -6.82 1.39 -14.22
C THR A 247 -5.59 1.11 -15.09
N GLU A 248 -4.45 1.76 -14.75
CA GLU A 248 -3.17 1.62 -15.49
C GLU A 248 -1.98 1.92 -14.55
N PHE A 249 -0.94 1.06 -14.62
CA PHE A 249 0.31 1.19 -13.85
C PHE A 249 1.51 1.09 -14.79
N ASP A 250 2.39 2.11 -14.76
CA ASP A 250 3.68 2.14 -15.49
C ASP A 250 3.46 2.17 -17.04
N GLY A 251 2.23 2.53 -17.45
CA GLY A 251 1.84 2.56 -18.86
C GLY A 251 1.16 1.28 -19.31
N LYS A 252 1.23 0.22 -18.48
CA LYS A 252 0.61 -1.08 -18.75
C LYS A 252 -0.72 -1.20 -17.97
N PRO A 253 -1.89 -1.32 -18.68
CA PRO A 253 -3.22 -1.31 -18.05
C PRO A 253 -3.56 -2.63 -17.33
N PHE A 254 -4.37 -2.54 -16.28
CA PHE A 254 -4.82 -3.71 -15.53
C PHE A 254 -5.95 -4.45 -16.27
N GLN A 255 -6.11 -5.73 -15.93
CA GLN A 255 -7.17 -6.59 -16.49
C GLN A 255 -7.49 -7.70 -15.49
N SER A 256 -8.78 -7.89 -15.17
CA SER A 256 -9.24 -9.03 -14.40
C SER A 256 -9.37 -10.23 -15.36
N VAL A 257 -8.71 -11.34 -15.01
CA VAL A 257 -8.80 -12.62 -15.74
C VAL A 257 -10.18 -13.28 -15.53
N SER A 258 -10.90 -12.77 -14.50
CA SER A 258 -12.32 -13.09 -14.25
C SER A 258 -13.24 -12.50 -15.34
N LYS A 259 -12.64 -11.68 -16.24
CA LYS A 259 -13.30 -11.17 -17.45
C LYS A 259 -12.57 -11.80 -18.66
N VAL A 260 -13.31 -12.00 -19.76
CA VAL A 260 -12.74 -12.50 -21.02
C VAL A 260 -12.95 -11.41 -22.09
N ASP A 261 -11.88 -11.03 -22.77
CA ASP A 261 -11.88 -9.99 -23.79
C ASP A 261 -11.00 -10.45 -24.96
N GLU A 262 -10.69 -9.51 -25.87
CA GLU A 262 -9.79 -9.74 -27.02
C GLU A 262 -8.37 -10.21 -26.58
N SER A 263 -8.03 -9.95 -25.29
CA SER A 263 -6.77 -10.40 -24.69
C SER A 263 -6.77 -11.93 -24.51
N LEU A 264 -7.86 -12.46 -23.92
CA LEU A 264 -8.00 -13.91 -23.66
C LEU A 264 -8.59 -14.63 -24.89
N GLU A 265 -9.01 -13.85 -25.90
CA GLU A 265 -9.45 -14.36 -27.21
C GLU A 265 -8.23 -14.97 -27.95
N LYS A 266 -7.11 -14.20 -27.95
CA LYS A 266 -5.87 -14.59 -28.62
C LYS A 266 -5.07 -15.61 -27.76
N LEU A 267 -5.36 -15.65 -26.45
CA LEU A 267 -4.76 -16.63 -25.54
C LEU A 267 -5.56 -17.95 -25.51
N ALA A 268 -6.82 -17.91 -25.97
CA ALA A 268 -7.66 -19.12 -26.14
C ALA A 268 -7.52 -19.69 -27.57
N LYS B 5 8.15 -15.82 20.69
CA LYS B 5 8.32 -14.60 19.91
C LYS B 5 8.59 -13.39 20.85
N LYS B 6 8.38 -13.59 22.16
CA LYS B 6 8.61 -12.57 23.19
C LYS B 6 10.13 -12.47 23.47
N ILE B 7 10.83 -11.76 22.57
CA ILE B 7 12.27 -11.49 22.67
C ILE B 7 12.53 -9.98 22.52
N GLU B 8 13.75 -9.57 22.90
CA GLU B 8 14.22 -8.17 22.83
C GLU B 8 14.62 -7.82 21.39
N VAL B 9 14.81 -8.89 20.55
CA VAL B 9 15.22 -8.82 19.13
C VAL B 9 16.76 -8.62 18.98
N GLU B 10 17.30 -7.69 19.80
CA GLU B 10 18.74 -7.29 19.83
C GLU B 10 19.04 -6.34 18.66
N PHE B 11 18.93 -6.85 17.43
CA PHE B 11 19.03 -6.05 16.19
C PHE B 11 17.80 -5.12 16.05
N ASP B 12 17.81 -4.23 15.01
CA ASP B 12 16.68 -3.34 14.67
C ASP B 12 16.57 -2.16 15.69
N LYS B 13 17.51 -2.12 16.66
CA LYS B 13 17.44 -1.20 17.80
C LYS B 13 17.53 0.29 17.36
N GLY B 14 18.13 0.53 16.19
CA GLY B 14 18.31 1.88 15.64
C GLY B 14 17.50 2.10 14.37
N GLN B 15 18.22 2.28 13.25
CA GLN B 15 17.68 2.80 11.96
C GLN B 15 17.34 4.30 12.07
N ARG B 16 17.05 4.87 10.90
CA ARG B 16 16.64 6.27 10.69
C ARG B 16 15.89 6.34 9.35
N THR B 17 15.40 7.52 8.97
CA THR B 17 14.70 7.71 7.69
C THR B 17 14.91 9.14 7.18
N ASP B 18 14.46 10.12 8.00
CA ASP B 18 14.59 11.56 7.69
C ASP B 18 13.78 11.95 6.43
N LYS B 19 14.19 13.05 5.74
CA LYS B 19 13.66 13.46 4.41
C LYS B 19 12.22 14.02 4.54
N TYR B 20 12.02 15.29 4.14
CA TYR B 20 10.72 15.97 4.17
C TYR B 20 10.67 17.06 3.10
N GLY B 21 9.54 17.79 3.03
CA GLY B 21 9.40 18.98 2.18
C GLY B 21 8.53 18.74 0.96
N ARG B 22 8.08 19.86 0.34
CA ARG B 22 7.15 19.89 -0.81
C ARG B 22 5.69 19.55 -0.39
N GLY B 23 4.73 20.21 -1.07
CA GLY B 23 3.31 20.08 -0.81
C GLY B 23 2.68 18.86 -1.48
N LEU B 24 1.38 18.66 -1.25
CA LEU B 24 0.66 17.47 -1.75
C LEU B 24 -0.83 17.77 -1.96
N ALA B 25 -1.47 17.04 -2.90
CA ALA B 25 -2.88 17.23 -3.26
C ALA B 25 -3.69 15.97 -2.88
N TYR B 26 -4.67 16.14 -1.97
CA TYR B 26 -5.58 15.06 -1.51
C TYR B 26 -6.93 15.17 -2.23
N ILE B 27 -7.57 14.02 -2.46
CA ILE B 27 -8.90 13.94 -3.07
C ILE B 27 -9.95 14.00 -1.95
N TYR B 28 -10.07 12.88 -1.20
CA TYR B 28 -11.09 12.67 -0.12
C TYR B 28 -11.08 11.18 0.33
N ALA B 29 -10.65 10.29 -0.59
CA ALA B 29 -10.66 8.82 -0.44
C ALA B 29 -12.06 8.23 -0.64
N ASP B 30 -12.68 8.53 -1.81
CA ASP B 30 -14.02 8.04 -2.17
C ASP B 30 -14.31 8.18 -3.69
N GLY B 31 -14.51 9.43 -4.13
CA GLY B 31 -15.13 9.74 -5.43
C GLY B 31 -14.35 9.29 -6.65
N LYS B 32 -13.15 9.86 -6.87
CA LYS B 32 -12.31 9.61 -8.07
C LYS B 32 -11.98 8.10 -8.20
N MET B 33 -11.84 7.42 -7.04
CA MET B 33 -11.63 5.97 -7.01
C MET B 33 -12.88 5.23 -7.54
N VAL B 34 -14.00 5.33 -6.81
CA VAL B 34 -15.25 4.63 -7.15
C VAL B 34 -15.91 5.35 -8.37
N ASN B 35 -15.42 5.01 -9.57
CA ASN B 35 -15.82 5.66 -10.82
C ASN B 35 -15.47 4.76 -12.01
N GLU B 36 -14.18 4.44 -12.14
CA GLU B 36 -13.66 3.61 -13.26
C GLU B 36 -13.63 2.12 -12.87
N ALA B 37 -13.23 1.28 -13.84
CA ALA B 37 -13.10 -0.18 -13.66
C ALA B 37 -11.85 -0.69 -14.41
N LEU B 38 -11.60 -2.02 -14.36
CA LEU B 38 -10.46 -2.66 -15.06
C LEU B 38 -10.73 -2.81 -16.56
N VAL B 39 -10.78 -1.66 -17.25
CA VAL B 39 -11.02 -1.53 -18.70
C VAL B 39 -10.10 -0.42 -19.23
N ARG B 40 -9.54 -0.62 -20.44
CA ARG B 40 -8.58 0.31 -21.04
C ARG B 40 -8.31 -0.10 -22.50
N GLN B 41 -7.57 -1.22 -22.68
CA GLN B 41 -7.11 -1.68 -24.00
C GLN B 41 -6.55 -3.11 -23.87
N GLY B 42 -6.81 -3.95 -24.89
CA GLY B 42 -6.34 -5.32 -24.92
C GLY B 42 -5.05 -5.50 -25.71
N LEU B 43 -4.31 -6.57 -25.39
CA LEU B 43 -3.08 -6.97 -26.10
C LEU B 43 -2.67 -8.36 -25.60
N ALA B 44 -2.23 -9.23 -26.53
CA ALA B 44 -1.75 -10.58 -26.25
C ALA B 44 -0.75 -11.00 -27.33
N LYS B 45 0.20 -11.88 -26.94
CA LYS B 45 1.23 -12.46 -27.82
C LYS B 45 2.07 -13.44 -27.00
N VAL B 46 1.87 -14.75 -27.19
CA VAL B 46 2.68 -15.80 -26.51
C VAL B 46 3.11 -16.87 -27.52
N ALA B 47 4.29 -17.46 -27.25
CA ALA B 47 4.74 -18.67 -27.95
C ALA B 47 3.76 -19.80 -27.63
N TYR B 48 3.06 -20.31 -28.66
CA TYR B 48 2.01 -21.34 -28.52
C TYR B 48 2.65 -22.72 -28.29
N VAL B 49 3.16 -22.90 -27.07
CA VAL B 49 3.78 -24.15 -26.62
C VAL B 49 2.83 -24.83 -25.62
N TYR B 50 2.44 -26.08 -25.93
CA TYR B 50 1.45 -26.84 -25.14
C TYR B 50 2.17 -27.89 -24.26
N LYS B 51 3.46 -27.64 -24.00
CA LYS B 51 4.26 -28.41 -23.04
C LYS B 51 5.46 -27.54 -22.56
N PRO B 52 5.19 -26.39 -21.85
CA PRO B 52 6.26 -25.55 -21.25
C PRO B 52 6.95 -26.26 -20.06
N ASN B 53 6.13 -26.97 -19.27
CA ASN B 53 6.61 -27.78 -18.15
C ASN B 53 5.55 -28.88 -17.85
N ASN B 54 5.97 -30.16 -18.00
CA ASN B 54 5.13 -31.36 -17.78
C ASN B 54 3.89 -31.40 -18.69
N THR B 55 2.85 -30.63 -18.28
CA THR B 55 1.52 -30.61 -18.92
C THR B 55 0.89 -32.01 -18.78
N HIS B 56 0.57 -32.32 -17.49
CA HIS B 56 0.07 -33.63 -17.02
C HIS B 56 1.14 -34.73 -17.25
N GLU B 57 2.42 -34.32 -17.11
CA GLU B 57 3.61 -35.15 -17.33
C GLU B 57 3.72 -35.59 -18.81
N GLN B 58 2.91 -36.60 -19.19
CA GLN B 58 2.78 -37.03 -20.58
C GLN B 58 1.30 -36.88 -21.00
N HIS B 59 0.48 -37.91 -20.70
CA HIS B 59 -0.96 -37.94 -21.05
C HIS B 59 -1.72 -38.77 -19.99
N LEU B 60 -2.02 -40.06 -20.27
CA LEU B 60 -2.67 -40.98 -19.31
C LEU B 60 -2.10 -42.39 -19.51
N ARG B 61 -2.65 -43.09 -20.53
CA ARG B 61 -2.33 -44.50 -20.85
C ARG B 61 -2.60 -45.44 -19.65
N LYS B 62 -1.96 -46.63 -19.67
CA LYS B 62 -1.95 -47.60 -18.53
C LYS B 62 -3.29 -48.38 -18.46
N SER B 63 -3.20 -49.68 -18.13
CA SER B 63 -4.35 -50.59 -18.06
C SER B 63 -5.32 -50.24 -16.93
N GLU B 64 -6.54 -49.83 -17.31
CA GLU B 64 -7.61 -49.38 -16.38
C GLU B 64 -8.50 -50.55 -15.89
N ALA B 65 -7.96 -51.80 -15.92
CA ALA B 65 -8.69 -53.04 -15.55
C ALA B 65 -9.27 -52.98 -14.12
N GLN B 66 -8.49 -52.43 -13.19
CA GLN B 66 -8.94 -52.15 -11.80
C GLN B 66 -8.53 -50.73 -11.38
N ALA B 67 -7.88 -49.98 -12.30
CA ALA B 67 -7.36 -48.63 -12.01
C ALA B 67 -8.50 -47.62 -11.94
N LYS B 68 -9.09 -47.28 -13.09
CA LYS B 68 -10.16 -46.27 -13.18
C LYS B 68 -11.36 -46.81 -13.95
N LYS B 69 -11.19 -46.98 -15.29
CA LYS B 69 -12.26 -47.33 -16.26
C LYS B 69 -13.54 -46.48 -16.06
N GLU B 70 -14.65 -46.95 -16.63
CA GLU B 70 -15.98 -46.42 -16.34
C GLU B 70 -16.83 -47.61 -15.82
N LYS B 71 -17.19 -47.54 -14.51
CA LYS B 71 -17.92 -48.61 -13.79
C LYS B 71 -17.01 -49.85 -13.59
N LEU B 72 -16.46 -50.00 -12.38
CA LEU B 72 -15.52 -51.09 -12.04
C LEU B 72 -16.20 -52.48 -12.05
N ASN B 73 -15.37 -53.53 -11.99
CA ASN B 73 -15.79 -54.93 -12.11
C ASN B 73 -16.55 -55.38 -10.84
N ILE B 74 -17.52 -56.29 -11.03
CA ILE B 74 -18.33 -56.85 -9.93
C ILE B 74 -17.55 -58.01 -9.27
N TRP B 75 -17.42 -59.12 -10.00
CA TRP B 75 -16.73 -60.33 -9.55
C TRP B 75 -16.49 -61.22 -10.79
N ALA A 4 17.17 12.77 30.66
CA ALA A 4 15.69 12.65 30.69
C ALA A 4 15.05 14.01 30.40
N GLN A 5 15.06 14.40 29.12
CA GLN A 5 14.46 15.64 28.60
C GLN A 5 13.47 15.28 27.49
N ALA A 6 12.53 16.21 27.20
CA ALA A 6 11.59 16.11 26.08
C ALA A 6 12.34 15.82 24.75
N LEU A 7 12.28 14.54 24.30
CA LEU A 7 13.11 14.02 23.18
C LEU A 7 12.94 14.86 21.91
N TRP A 8 11.71 15.29 21.62
CA TRP A 8 11.39 15.99 20.37
C TRP A 8 12.18 17.32 20.27
N THR A 9 12.17 18.14 21.34
CA THR A 9 12.89 19.44 21.34
C THR A 9 14.40 19.22 21.59
N ARG A 10 14.73 18.07 22.19
CA ARG A 10 16.12 17.65 22.45
C ARG A 10 16.86 17.41 21.12
N ASN A 11 18.11 17.88 21.04
CA ASN A 11 18.95 17.79 19.83
C ASN A 11 19.33 16.32 19.56
N LYS A 12 19.19 15.91 18.27
CA LYS A 12 19.37 14.51 17.82
C LYS A 12 20.78 13.97 18.11
N SER A 13 21.76 14.90 18.18
CA SER A 13 23.17 14.61 18.48
C SER A 13 23.34 13.88 19.83
N GLU A 14 22.49 14.25 20.81
CA GLU A 14 22.57 13.70 22.18
C GLU A 14 21.65 12.46 22.36
N ILE A 15 20.80 12.19 21.35
CA ILE A 15 19.78 11.12 21.41
C ILE A 15 20.28 9.83 20.73
N THR A 16 20.23 8.71 21.47
CA THR A 16 20.60 7.38 20.91
C THR A 16 19.35 6.69 20.29
N ASP A 17 19.60 5.60 19.53
CA ASP A 17 18.55 4.78 18.86
C ASP A 17 17.57 4.20 19.90
N GLU A 18 18.16 3.72 21.01
CA GLU A 18 17.45 3.10 22.13
C GLU A 18 16.48 4.09 22.80
N GLU A 19 16.88 5.37 22.78
CA GLU A 19 16.12 6.48 23.40
C GLU A 19 14.79 6.67 22.66
N TYR A 20 14.85 6.60 21.31
CA TYR A 20 13.65 6.66 20.45
C TYR A 20 12.71 5.46 20.73
N LYS A 21 13.31 4.26 20.79
CA LYS A 21 12.57 2.99 20.98
C LYS A 21 11.89 2.92 22.36
N GLU A 22 12.40 3.68 23.34
CA GLU A 22 11.75 3.79 24.67
C GLU A 22 10.61 4.83 24.61
N PHE A 23 10.90 5.94 23.93
CA PHE A 23 10.01 7.12 23.86
C PHE A 23 8.71 6.82 23.11
N TYR A 24 8.82 5.92 22.10
CA TYR A 24 7.66 5.44 21.34
C TYR A 24 6.58 4.85 22.27
N LYS A 25 7.04 4.12 23.31
CA LYS A 25 6.16 3.43 24.26
C LYS A 25 5.28 4.45 25.00
N HIS A 26 5.90 5.54 25.46
CA HIS A 26 5.23 6.61 26.23
C HIS A 26 4.16 7.31 25.37
N ILE A 27 4.55 7.71 24.16
CA ILE A 27 3.74 8.57 23.29
C ILE A 27 2.62 7.82 22.56
N ALA A 28 2.84 6.52 22.29
CA ALA A 28 1.87 5.68 21.59
C ALA A 28 0.95 4.94 22.56
N HIS A 29 1.32 4.97 23.87
CA HIS A 29 0.59 4.25 24.96
C HIS A 29 0.63 2.72 24.73
N ASP A 30 1.71 2.26 24.08
CA ASP A 30 1.82 0.87 23.59
C ASP A 30 3.24 0.34 23.90
N PHE A 31 3.51 -0.96 23.67
CA PHE A 31 4.83 -1.57 23.96
C PHE A 31 5.37 -2.39 22.79
N ASN A 32 4.87 -2.15 21.56
CA ASN A 32 5.46 -2.77 20.35
C ASN A 32 6.72 -1.98 19.96
N ASP A 33 7.76 -2.69 19.51
CA ASP A 33 9.02 -2.06 19.08
C ASP A 33 8.83 -1.40 17.70
N PRO A 34 9.18 -0.07 17.53
CA PRO A 34 9.08 0.60 16.22
C PRO A 34 10.15 0.09 15.23
N LEU A 35 9.72 -0.12 13.97
CA LEU A 35 10.56 -0.66 12.88
C LEU A 35 11.60 0.37 12.43
N THR A 36 11.12 1.58 12.18
CA THR A 36 11.94 2.74 11.82
C THR A 36 11.14 4.03 12.11
N TRP A 37 11.82 5.17 12.02
CA TRP A 37 11.24 6.47 12.39
C TRP A 37 12.00 7.61 11.70
N SER A 38 11.54 8.85 11.92
CA SER A 38 12.22 10.05 11.44
C SER A 38 11.94 11.23 12.39
N HIS A 39 13.01 11.73 13.01
CA HIS A 39 12.98 12.92 13.89
C HIS A 39 13.50 14.12 13.09
N ASN A 40 12.61 15.06 12.72
CA ASN A 40 13.02 16.24 11.93
C ASN A 40 12.75 17.51 12.72
N ARG A 41 13.74 18.40 12.79
CA ARG A 41 13.60 19.72 13.42
C ARG A 41 13.56 20.79 12.33
N VAL A 42 12.52 21.64 12.40
CA VAL A 42 12.32 22.78 11.50
C VAL A 42 12.24 24.05 12.36
N GLU A 43 12.95 25.09 11.95
CA GLU A 43 13.11 26.32 12.73
C GLU A 43 12.89 27.54 11.81
N GLY A 44 12.46 28.66 12.41
CA GLY A 44 12.15 29.89 11.66
C GLY A 44 10.74 30.35 11.97
N LYS A 45 9.96 30.75 10.94
CA LYS A 45 8.55 31.17 11.10
C LYS A 45 7.72 29.96 11.58
N GLN A 46 7.55 28.96 10.68
CA GLN A 46 6.83 27.71 11.02
C GLN A 46 7.83 26.79 11.70
N GLU A 47 8.05 27.06 12.99
CA GLU A 47 8.96 26.29 13.82
C GLU A 47 8.18 25.13 14.42
N TYR A 48 8.64 23.91 14.12
CA TYR A 48 8.06 22.69 14.65
C TYR A 48 9.10 21.59 14.63
N THR A 49 8.99 20.64 15.56
CA THR A 49 9.80 19.44 15.55
C THR A 49 8.90 18.21 15.53
N SER A 50 9.06 17.39 14.49
CA SER A 50 8.28 16.18 14.27
C SER A 50 9.09 14.94 14.63
N LEU A 51 8.37 13.86 14.96
CA LEU A 51 8.96 12.55 15.26
C LEU A 51 7.89 11.47 15.02
N LEU A 52 8.03 10.79 13.89
CA LEU A 52 7.03 9.84 13.36
C LEU A 52 7.61 8.43 13.36
N TYR A 53 6.95 7.48 14.05
CA TYR A 53 7.38 6.07 14.09
C TYR A 53 6.44 5.19 13.24
N ILE A 54 7.01 4.12 12.69
CA ILE A 54 6.26 3.04 12.04
C ILE A 54 6.17 1.86 13.04
N PRO A 55 4.95 1.51 13.55
CA PRO A 55 4.76 0.35 14.47
C PRO A 55 4.99 -1.00 13.77
N SER A 56 5.51 -1.98 14.53
CA SER A 56 5.67 -3.37 14.08
C SER A 56 4.33 -4.09 14.03
N GLN A 57 3.41 -3.70 14.94
CA GLN A 57 2.11 -4.37 15.13
C GLN A 57 0.98 -3.36 15.12
N ALA A 58 -0.17 -3.82 14.59
CA ALA A 58 -1.41 -3.05 14.60
C ALA A 58 -2.07 -3.15 15.99
N PRO A 59 -2.38 -2.00 16.66
CA PRO A 59 -3.22 -2.00 17.88
C PRO A 59 -4.64 -2.55 17.57
N TRP A 60 -5.40 -2.90 18.61
CA TRP A 60 -6.75 -3.48 18.43
C TRP A 60 -7.70 -2.44 17.80
N ASP A 61 -7.62 -1.18 18.30
CA ASP A 61 -8.48 -0.07 17.85
C ASP A 61 -8.01 0.51 16.50
N MET A 62 -7.02 -0.12 15.87
CA MET A 62 -6.56 0.25 14.52
C MET A 62 -7.67 0.00 13.47
N TRP A 63 -8.52 -1.02 13.74
CA TRP A 63 -9.57 -1.47 12.81
C TRP A 63 -10.96 -1.38 13.47
N ASN A 64 -11.03 -0.63 14.59
CA ASN A 64 -12.28 -0.39 15.34
C ASN A 64 -12.91 0.95 14.90
N ARG A 65 -14.14 1.21 15.37
CA ARG A 65 -14.87 2.46 15.11
C ARG A 65 -14.28 3.63 15.94
N ASP A 66 -13.50 3.28 16.97
CA ASP A 66 -12.76 4.24 17.80
C ASP A 66 -11.29 4.27 17.34
N HIS A 67 -10.74 5.49 17.20
CA HIS A 67 -9.38 5.70 16.71
C HIS A 67 -8.34 5.64 17.85
N LYS A 68 -7.19 5.05 17.54
CA LYS A 68 -5.96 5.15 18.35
C LYS A 68 -4.80 5.64 17.48
N HIS A 69 -5.01 5.62 16.15
CA HIS A 69 -4.03 6.11 15.17
C HIS A 69 -3.93 7.65 15.22
N GLY A 70 -2.72 8.18 15.03
CA GLY A 70 -2.48 9.63 15.09
C GLY A 70 -1.23 9.99 15.87
N LEU A 71 -1.09 11.29 16.19
CA LEU A 71 0.09 11.83 16.89
C LEU A 71 -0.34 12.50 18.20
N LYS A 72 0.65 12.94 18.99
CA LYS A 72 0.41 13.84 20.13
C LYS A 72 0.66 15.28 19.69
N LEU A 73 -0.37 16.13 19.76
CA LEU A 73 -0.24 17.56 19.49
C LEU A 73 0.36 18.28 20.71
N TYR A 74 1.47 18.98 20.49
CA TYR A 74 2.05 19.96 21.41
C TYR A 74 2.11 21.32 20.69
N VAL A 75 1.95 22.40 21.46
CA VAL A 75 2.15 23.77 20.99
C VAL A 75 3.07 24.47 21.98
N GLN A 76 4.34 24.66 21.58
CA GLN A 76 5.40 25.27 22.41
C GLN A 76 5.68 24.41 23.66
N ARG A 77 5.61 23.07 23.46
CA ARG A 77 5.84 22.05 24.50
C ARG A 77 4.68 22.03 25.52
N VAL A 78 3.52 22.58 25.13
CA VAL A 78 2.26 22.45 25.87
C VAL A 78 1.41 21.37 25.20
N PHE A 79 1.22 20.23 25.86
CA PHE A 79 0.37 19.15 25.37
C PHE A 79 -1.09 19.64 25.25
N ILE A 80 -1.71 19.39 24.08
CA ILE A 80 -3.07 19.83 23.78
C ILE A 80 -4.02 18.62 23.68
N MET A 81 -3.70 17.67 22.78
CA MET A 81 -4.59 16.54 22.46
C MET A 81 -3.80 15.32 21.92
N ASP A 82 -4.16 14.12 22.41
CA ASP A 82 -3.61 12.83 21.92
C ASP A 82 -4.48 12.29 20.76
N ASP A 83 -4.00 11.25 20.06
CA ASP A 83 -4.71 10.57 18.93
C ASP A 83 -5.03 11.56 17.78
N ALA A 84 -4.21 12.63 17.68
CA ALA A 84 -4.39 13.71 16.70
C ALA A 84 -3.96 13.21 15.31
N GLU A 85 -4.94 12.60 14.61
CA GLU A 85 -4.77 12.05 13.25
C GLU A 85 -4.91 13.16 12.18
N GLN A 86 -5.06 14.40 12.64
CA GLN A 86 -5.21 15.57 11.77
C GLN A 86 -3.87 16.00 11.14
N PHE A 87 -2.76 15.37 11.58
CA PHE A 87 -1.42 15.59 11.02
C PHE A 87 -1.02 14.45 10.07
N MET A 88 -1.89 13.43 9.91
CA MET A 88 -1.63 12.25 9.07
C MET A 88 -2.86 11.95 8.17
N PRO A 89 -2.63 11.55 6.88
CA PRO A 89 -3.74 11.06 6.01
C PRO A 89 -4.17 9.63 6.39
N ASN A 90 -5.28 9.17 5.81
CA ASN A 90 -5.81 7.82 6.05
C ASN A 90 -4.95 6.75 5.37
N TYR A 91 -4.24 7.14 4.30
CA TYR A 91 -3.36 6.21 3.59
C TYR A 91 -2.00 6.05 4.29
N LEU A 92 -1.70 6.94 5.25
CA LEU A 92 -0.52 6.83 6.14
C LEU A 92 -1.00 6.93 7.60
N ARG A 93 -2.20 6.39 7.87
CA ARG A 93 -2.85 6.50 9.20
C ARG A 93 -2.12 5.67 10.28
N PHE A 94 -1.28 4.71 9.84
CA PHE A 94 -0.57 3.77 10.74
C PHE A 94 0.43 4.47 11.68
N VAL A 95 0.90 5.67 11.25
CA VAL A 95 1.94 6.42 11.93
C VAL A 95 1.51 6.81 13.36
N ARG A 96 2.35 6.46 14.33
CA ARG A 96 2.17 6.82 15.73
C ARG A 96 3.43 7.52 16.22
N GLY A 97 3.24 8.66 16.88
CA GLY A 97 4.34 9.48 17.34
C GLY A 97 3.82 10.79 17.91
N LEU A 98 4.41 11.91 17.49
CA LEU A 98 4.05 13.24 17.99
C LEU A 98 4.62 14.33 17.10
N ILE A 99 4.18 15.56 17.38
CA ILE A 99 4.68 16.78 16.75
C ILE A 99 4.42 17.96 17.71
N ASP A 100 5.43 18.82 17.87
CA ASP A 100 5.31 20.09 18.60
C ASP A 100 5.45 21.23 17.61
N SER A 101 4.57 22.23 17.69
CA SER A 101 4.60 23.40 16.81
C SER A 101 4.59 24.70 17.63
N SER A 102 5.64 25.50 17.46
CA SER A 102 5.72 26.87 17.99
C SER A 102 4.96 27.86 17.07
N ASP A 103 4.50 27.35 15.91
CA ASP A 103 3.76 28.13 14.89
C ASP A 103 2.26 28.16 15.23
N LEU A 104 1.69 26.97 15.52
CA LEU A 104 0.24 26.80 15.80
C LEU A 104 -0.20 27.56 17.08
N PRO A 105 -1.47 28.08 17.14
CA PRO A 105 -1.99 28.82 18.30
C PRO A 105 -2.26 27.91 19.53
N LEU A 106 -2.42 28.53 20.71
CA LEU A 106 -2.93 27.84 21.92
C LEU A 106 -4.47 27.72 21.86
N ASN A 107 -5.08 28.42 20.88
CA ASN A 107 -6.53 28.29 20.56
C ASN A 107 -6.76 27.11 19.59
N VAL A 108 -5.71 26.29 19.36
CA VAL A 108 -5.76 25.13 18.47
C VAL A 108 -6.77 24.08 19.00
N SER A 109 -7.61 23.61 18.09
CA SER A 109 -8.61 22.56 18.33
C SER A 109 -8.65 21.67 17.09
N ARG A 110 -9.40 20.56 17.14
CA ARG A 110 -9.58 19.64 15.98
C ARG A 110 -10.17 20.39 14.76
N GLU A 111 -10.95 21.45 15.05
CA GLU A 111 -11.53 22.36 14.03
C GLU A 111 -10.40 23.11 13.30
N ILE A 112 -9.47 23.67 14.09
CA ILE A 112 -8.26 24.36 13.57
C ILE A 112 -7.33 23.35 12.85
N LEU A 113 -7.32 22.11 13.35
CA LEU A 113 -6.47 21.05 12.83
C LEU A 113 -7.00 20.48 11.49
N GLN A 114 -8.32 20.61 11.27
CA GLN A 114 -8.98 20.08 10.07
C GLN A 114 -8.96 21.10 8.92
N ASP A 115 -9.47 22.29 9.19
CA ASP A 115 -9.76 23.31 8.17
C ASP A 115 -8.58 24.26 7.94
N SER A 116 -8.01 24.80 9.03
CA SER A 116 -7.02 25.91 8.95
C SER A 116 -5.79 25.47 8.14
N THR A 117 -5.29 26.40 7.30
CA THR A 117 -4.24 26.13 6.31
C THR A 117 -2.90 25.85 6.99
N VAL A 118 -2.67 26.49 8.17
CA VAL A 118 -1.41 26.33 8.92
C VAL A 118 -1.15 24.84 9.23
N THR A 119 -2.17 24.14 9.79
CA THR A 119 -2.05 22.73 10.17
C THR A 119 -1.90 21.82 8.94
N ARG A 120 -2.54 22.22 7.83
CA ARG A 120 -2.46 21.49 6.55
C ARG A 120 -1.04 21.50 5.98
N ASN A 121 -0.24 22.52 6.32
CA ASN A 121 1.21 22.56 5.95
C ASN A 121 1.99 21.51 6.75
N LEU A 122 1.62 21.34 8.04
CA LEU A 122 2.25 20.33 8.92
C LEU A 122 1.95 18.92 8.38
N ARG A 123 0.65 18.62 8.25
CA ARG A 123 0.15 17.33 7.73
C ARG A 123 0.82 16.94 6.40
N ASN A 124 0.81 17.91 5.47
CA ASN A 124 1.27 17.74 4.07
C ASN A 124 2.78 17.43 4.04
N ALA A 125 3.53 18.09 4.94
CA ALA A 125 4.97 17.90 5.09
C ALA A 125 5.28 16.49 5.65
N LEU A 126 4.56 16.14 6.74
CA LEU A 126 4.76 14.87 7.48
C LEU A 126 4.43 13.64 6.60
N THR A 127 3.43 13.82 5.72
CA THR A 127 3.00 12.81 4.74
C THR A 127 4.19 12.38 3.85
N LYS A 128 4.91 13.39 3.35
CA LYS A 128 6.02 13.21 2.41
C LYS A 128 7.24 12.55 3.08
N ARG A 129 7.39 12.72 4.40
CA ARG A 129 8.44 12.02 5.20
C ARG A 129 8.19 10.50 5.15
N VAL A 130 6.97 10.12 5.56
CA VAL A 130 6.60 8.71 5.79
C VAL A 130 6.60 7.92 4.47
N LEU A 131 6.01 8.51 3.42
CA LEU A 131 5.82 7.84 2.11
C LEU A 131 7.18 7.46 1.49
N GLN A 132 8.14 8.40 1.55
CA GLN A 132 9.52 8.19 1.06
C GLN A 132 10.28 7.17 1.94
N MET A 133 9.97 7.21 3.26
CA MET A 133 10.57 6.30 4.27
C MET A 133 10.05 4.86 4.10
N LEU A 134 8.84 4.69 3.52
CA LEU A 134 8.23 3.37 3.24
C LEU A 134 8.93 2.68 2.07
N GLU A 135 9.21 3.46 0.99
CA GLU A 135 9.96 2.96 -0.17
C GLU A 135 11.35 2.49 0.28
N LYS A 136 11.98 3.31 1.14
CA LYS A 136 13.34 3.07 1.67
C LYS A 136 13.35 1.96 2.74
N LEU A 137 12.21 1.77 3.45
CA LEU A 137 12.06 0.66 4.42
C LEU A 137 11.97 -0.66 3.64
N ALA A 138 11.26 -0.63 2.49
CA ALA A 138 11.14 -1.77 1.57
C ALA A 138 12.53 -2.17 0.99
N LYS A 139 13.42 -1.16 0.86
CA LYS A 139 14.80 -1.36 0.38
C LYS A 139 15.67 -2.02 1.47
N ASP A 140 15.73 -1.36 2.63
CA ASP A 140 16.71 -1.66 3.69
C ASP A 140 16.25 -2.83 4.57
N ASP A 141 15.01 -2.77 5.07
CA ASP A 141 14.43 -3.82 5.94
C ASP A 141 13.09 -4.31 5.36
N ALA A 142 13.17 -5.24 4.39
CA ALA A 142 11.99 -5.85 3.75
C ALA A 142 11.25 -6.78 4.73
N GLU A 143 12.00 -7.33 5.71
CA GLU A 143 11.47 -8.16 6.81
C GLU A 143 10.50 -7.32 7.67
N LYS A 144 11.01 -6.16 8.13
CA LYS A 144 10.22 -5.18 8.92
C LYS A 144 9.01 -4.70 8.13
N TYR A 145 9.24 -4.38 6.84
CA TYR A 145 8.22 -3.83 5.95
C TYR A 145 7.08 -4.83 5.67
N GLN A 146 7.41 -6.13 5.71
CA GLN A 146 6.43 -7.20 5.43
C GLN A 146 5.58 -7.50 6.67
N THR A 147 6.22 -7.48 7.86
CA THR A 147 5.49 -7.58 9.15
C THR A 147 4.50 -6.41 9.27
N PHE A 148 5.01 -5.21 8.90
CA PHE A 148 4.23 -3.97 8.76
C PHE A 148 3.01 -4.17 7.84
N TRP A 149 3.22 -4.85 6.69
CA TRP A 149 2.15 -5.06 5.69
C TRP A 149 1.04 -5.98 6.23
N GLN A 150 1.42 -7.04 6.96
CA GLN A 150 0.44 -7.98 7.55
C GLN A 150 -0.37 -7.34 8.70
N GLN A 151 0.07 -6.17 9.17
CA GLN A 151 -0.61 -5.42 10.24
C GLN A 151 -1.36 -4.19 9.66
N PHE A 152 -0.81 -3.58 8.59
CA PHE A 152 -1.23 -2.25 8.09
C PHE A 152 -1.40 -2.23 6.55
N GLY A 153 -1.64 -3.41 5.93
CA GLY A 153 -1.74 -3.52 4.47
C GLY A 153 -2.87 -2.69 3.86
N LEU A 154 -4.04 -2.77 4.51
CA LEU A 154 -5.27 -2.06 4.10
C LEU A 154 -5.09 -0.52 4.18
N VAL A 155 -4.18 -0.05 5.06
CA VAL A 155 -3.85 1.38 5.21
C VAL A 155 -3.26 1.94 3.90
N LEU A 156 -2.30 1.21 3.29
CA LEU A 156 -1.66 1.62 2.03
C LEU A 156 -2.54 1.31 0.80
N LYS A 157 -3.60 0.49 0.99
CA LYS A 157 -4.64 0.25 -0.05
C LYS A 157 -5.49 1.53 -0.25
N GLU A 158 -5.63 2.31 0.84
CA GLU A 158 -6.23 3.67 0.80
C GLU A 158 -5.35 4.65 0.00
N GLY A 159 -4.09 4.23 -0.27
CA GLY A 159 -3.09 5.03 -0.98
C GLY A 159 -3.54 5.58 -2.32
N PRO A 160 -3.76 4.72 -3.36
CA PRO A 160 -4.27 5.16 -4.67
C PRO A 160 -5.66 5.83 -4.58
N ALA A 161 -6.43 5.48 -3.52
CA ALA A 161 -7.80 5.99 -3.28
C ALA A 161 -7.78 7.48 -2.98
N GLU A 162 -6.84 7.88 -2.10
CA GLU A 162 -6.66 9.28 -1.70
C GLU A 162 -5.82 10.02 -2.73
N ASP A 163 -4.61 9.51 -2.97
CA ASP A 163 -3.59 10.21 -3.74
C ASP A 163 -3.35 9.50 -5.09
N PHE A 164 -3.94 10.06 -6.17
CA PHE A 164 -3.73 9.57 -7.54
C PHE A 164 -2.44 10.18 -8.16
N ALA A 165 -2.02 11.35 -7.67
CA ALA A 165 -0.82 12.06 -8.19
C ALA A 165 0.47 11.38 -7.71
N ASN A 166 0.38 10.67 -6.58
CA ASN A 166 1.49 9.91 -5.96
C ASN A 166 1.22 8.39 -6.07
N GLN A 167 0.17 8.02 -6.86
CA GLN A 167 -0.35 6.63 -7.01
C GLN A 167 0.75 5.65 -7.38
N GLU A 168 1.56 6.02 -8.39
CA GLU A 168 2.62 5.15 -8.97
C GLU A 168 3.66 4.78 -7.89
N ALA A 169 3.93 5.74 -6.99
CA ALA A 169 4.89 5.55 -5.87
C ALA A 169 4.29 4.64 -4.78
N ILE A 170 2.98 4.74 -4.58
CA ILE A 170 2.24 3.92 -3.60
C ILE A 170 2.01 2.50 -4.16
N ALA A 171 2.00 2.37 -5.49
CA ALA A 171 1.92 1.06 -6.18
C ALA A 171 3.20 0.24 -5.94
N LYS A 172 4.31 0.97 -5.74
CA LYS A 172 5.61 0.40 -5.34
C LYS A 172 5.59 -0.10 -3.89
N LEU A 173 4.66 0.45 -3.08
CA LEU A 173 4.50 0.11 -1.66
C LEU A 173 3.54 -1.10 -1.48
N LEU A 174 2.68 -1.32 -2.49
CA LEU A 174 1.63 -2.37 -2.44
C LEU A 174 2.23 -3.79 -2.58
N ARG A 175 1.83 -4.69 -1.65
CA ARG A 175 2.14 -6.13 -1.70
C ARG A 175 0.81 -6.91 -1.88
N PHE A 176 0.84 -8.01 -2.63
CA PHE A 176 -0.36 -8.79 -3.00
C PHE A 176 -0.05 -10.30 -3.01
N ALA A 177 -1.09 -11.12 -3.17
CA ALA A 177 -0.96 -12.58 -3.33
C ALA A 177 -1.15 -12.94 -4.82
N SER A 178 -0.57 -14.08 -5.25
CA SER A 178 -0.64 -14.54 -6.64
C SER A 178 -0.43 -16.06 -6.72
N THR A 179 -0.47 -16.64 -7.95
CA THR A 179 -0.19 -18.06 -8.20
C THR A 179 1.31 -18.41 -7.97
N HIS A 180 2.11 -17.36 -7.71
CA HIS A 180 3.53 -17.42 -7.27
C HIS A 180 3.74 -18.48 -6.18
N THR A 181 2.82 -18.48 -5.23
CA THR A 181 2.77 -19.42 -4.11
C THR A 181 1.30 -19.71 -3.79
N ASP A 182 1.01 -20.89 -3.21
CA ASP A 182 -0.36 -21.25 -2.78
C ASP A 182 -0.70 -20.60 -1.42
N SER A 183 0.24 -19.80 -0.90
CA SER A 183 0.06 -18.99 0.31
C SER A 183 -0.84 -17.78 0.04
N SER A 184 -1.74 -17.50 0.99
CA SER A 184 -2.66 -16.35 0.94
C SER A 184 -2.01 -15.05 1.48
N ALA A 185 -0.73 -15.14 1.92
CA ALA A 185 0.04 -13.99 2.42
C ALA A 185 0.31 -12.99 1.28
N GLN A 186 -0.16 -11.74 1.46
CA GLN A 186 0.06 -10.65 0.48
C GLN A 186 1.53 -10.18 0.52
N THR A 187 2.40 -10.85 -0.27
CA THR A 187 3.85 -10.57 -0.32
C THR A 187 4.28 -10.01 -1.70
N VAL A 188 3.80 -10.66 -2.78
CA VAL A 188 4.21 -10.37 -4.17
C VAL A 188 3.77 -8.97 -4.62
N SER A 189 4.73 -8.12 -4.94
CA SER A 189 4.47 -6.77 -5.45
C SER A 189 4.42 -6.79 -6.99
N LEU A 190 4.19 -5.60 -7.58
CA LEU A 190 4.24 -5.39 -9.03
C LEU A 190 5.65 -5.66 -9.60
N GLU A 191 6.67 -5.47 -8.75
CA GLU A 191 8.09 -5.76 -9.05
C GLU A 191 8.33 -7.26 -9.30
N ASP A 192 7.81 -8.09 -8.37
CA ASP A 192 7.94 -9.56 -8.44
C ASP A 192 7.14 -10.12 -9.63
N TYR A 193 6.05 -9.40 -10.00
CA TYR A 193 5.26 -9.73 -11.19
C TYR A 193 6.10 -9.50 -12.48
N VAL A 194 6.72 -8.29 -12.57
CA VAL A 194 7.56 -7.91 -13.74
C VAL A 194 8.78 -8.83 -13.87
N SER A 195 9.29 -9.31 -12.72
CA SER A 195 10.41 -10.27 -12.66
C SER A 195 10.07 -11.58 -13.39
N ARG A 196 8.78 -11.98 -13.40
CA ARG A 196 8.30 -13.22 -14.05
C ARG A 196 7.50 -12.93 -15.34
N MET A 197 7.60 -11.70 -15.88
CA MET A 197 7.02 -11.36 -17.19
C MET A 197 7.87 -11.95 -18.32
N LYS A 198 7.19 -12.62 -19.25
CA LYS A 198 7.82 -13.22 -20.45
C LYS A 198 7.53 -12.35 -21.69
N GLU A 199 8.04 -12.82 -22.84
CA GLU A 199 7.85 -12.15 -24.14
C GLU A 199 6.36 -12.15 -24.52
N GLY A 200 5.76 -10.94 -24.58
CA GLY A 200 4.34 -10.80 -24.88
C GLY A 200 3.46 -10.73 -23.64
N GLN A 201 4.06 -10.53 -22.44
CA GLN A 201 3.32 -10.30 -21.18
C GLN A 201 3.51 -8.83 -20.74
N GLU A 202 2.90 -7.88 -21.48
CA GLU A 202 2.96 -6.43 -21.15
C GLU A 202 1.80 -6.03 -20.23
N LYS A 203 0.73 -6.83 -20.24
CA LYS A 203 -0.52 -6.51 -19.53
C LYS A 203 -0.52 -7.30 -18.23
N ILE A 204 -0.64 -6.59 -17.10
CA ILE A 204 -0.58 -7.19 -15.75
C ILE A 204 -1.93 -7.85 -15.42
N TYR A 205 -1.94 -9.18 -15.44
CA TYR A 205 -3.17 -9.98 -15.27
C TYR A 205 -3.49 -10.19 -13.77
N TYR A 206 -4.70 -9.80 -13.42
CA TYR A 206 -5.26 -9.84 -12.05
C TYR A 206 -6.54 -10.71 -12.06
N ILE A 207 -7.06 -11.06 -10.86
CA ILE A 207 -8.42 -11.65 -10.71
C ILE A 207 -9.03 -11.21 -9.37
N THR A 208 -10.22 -10.64 -9.44
CA THR A 208 -10.93 -10.08 -8.29
C THR A 208 -11.74 -11.16 -7.55
N ALA A 209 -11.54 -11.26 -6.23
CA ALA A 209 -12.38 -12.08 -5.34
C ALA A 209 -12.34 -11.50 -3.91
N ASP A 210 -13.32 -11.89 -3.10
CA ASP A 210 -13.42 -11.46 -1.69
C ASP A 210 -12.44 -12.25 -0.81
N SER A 211 -12.04 -13.43 -1.31
CA SER A 211 -11.15 -14.36 -0.61
C SER A 211 -10.12 -14.95 -1.60
N TYR A 212 -8.95 -15.36 -1.05
CA TYR A 212 -7.86 -15.96 -1.84
C TYR A 212 -8.29 -17.30 -2.44
N ALA A 213 -8.94 -18.12 -1.61
CA ALA A 213 -9.45 -19.44 -2.00
C ALA A 213 -10.44 -19.33 -3.17
N ALA A 214 -11.26 -18.27 -3.15
CA ALA A 214 -12.25 -17.98 -4.20
C ALA A 214 -11.56 -17.63 -5.53
N ALA A 215 -10.50 -16.79 -5.44
CA ALA A 215 -9.70 -16.35 -6.61
C ALA A 215 -8.94 -17.53 -7.25
N LYS A 216 -8.41 -18.41 -6.38
CA LYS A 216 -7.56 -19.53 -6.80
C LYS A 216 -8.40 -20.74 -7.24
N SER A 217 -9.66 -20.82 -6.76
CA SER A 217 -10.62 -21.88 -7.14
C SER A 217 -11.17 -21.67 -8.56
N SER A 218 -10.99 -20.45 -9.09
CA SER A 218 -11.47 -20.08 -10.44
C SER A 218 -10.72 -20.90 -11.52
N PRO A 219 -11.48 -21.62 -12.42
CA PRO A 219 -10.85 -22.36 -13.55
C PRO A 219 -10.24 -21.43 -14.60
N HIS A 220 -10.65 -20.14 -14.61
CA HIS A 220 -10.21 -19.16 -15.61
C HIS A 220 -8.68 -18.89 -15.54
N LEU A 221 -8.05 -19.27 -14.40
CA LEU A 221 -6.60 -19.12 -14.19
C LEU A 221 -5.79 -20.00 -15.17
N GLU A 222 -6.40 -21.12 -15.64
CA GLU A 222 -5.76 -22.07 -16.58
C GLU A 222 -5.37 -21.39 -17.90
N LEU A 223 -6.16 -20.36 -18.28
CA LEU A 223 -6.03 -19.63 -19.55
C LEU A 223 -4.66 -18.93 -19.64
N LEU A 224 -4.11 -18.56 -18.48
CA LEU A 224 -2.78 -17.96 -18.36
C LEU A 224 -1.73 -18.98 -17.89
N ARG A 225 -2.14 -19.86 -16.96
CA ARG A 225 -1.21 -20.72 -16.19
C ARG A 225 -0.60 -21.82 -17.08
N LYS A 226 -1.40 -22.31 -18.06
CA LYS A 226 -0.92 -23.26 -19.10
C LYS A 226 0.12 -22.59 -20.02
N LYS A 227 -0.03 -21.26 -20.17
CA LYS A 227 0.83 -20.42 -21.01
C LYS A 227 2.05 -19.93 -20.20
N GLY A 228 2.12 -20.34 -18.91
CA GLY A 228 3.27 -20.03 -18.03
C GLY A 228 3.25 -18.61 -17.51
N ILE A 229 2.06 -18.00 -17.49
CA ILE A 229 1.84 -16.64 -16.97
C ILE A 229 1.31 -16.75 -15.53
N GLU A 230 1.77 -15.84 -14.66
CA GLU A 230 1.36 -15.75 -13.26
C GLU A 230 0.12 -14.84 -13.15
N VAL A 231 -0.91 -15.29 -12.41
CA VAL A 231 -2.13 -14.51 -12.19
C VAL A 231 -2.09 -13.95 -10.76
N LEU A 232 -2.26 -12.63 -10.61
CA LEU A 232 -2.29 -12.01 -9.29
C LEU A 232 -3.70 -12.21 -8.68
N LEU A 233 -3.75 -12.89 -7.52
CA LEU A 233 -4.99 -13.30 -6.86
C LEU A 233 -5.41 -12.23 -5.82
N LEU A 234 -6.44 -11.43 -6.16
CA LEU A 234 -6.96 -10.35 -5.31
C LEU A 234 -7.88 -10.97 -4.27
N SER A 235 -7.58 -10.72 -2.99
CA SER A 235 -8.20 -11.43 -1.88
C SER A 235 -8.64 -10.48 -0.75
N ASP A 236 -8.30 -9.19 -0.87
CA ASP A 236 -8.68 -8.15 0.10
C ASP A 236 -9.94 -7.44 -0.39
N ARG A 237 -10.73 -6.91 0.57
CA ARG A 237 -12.09 -6.42 0.32
C ARG A 237 -12.12 -5.12 -0.52
N ILE A 238 -10.97 -4.41 -0.58
CA ILE A 238 -10.87 -3.15 -1.35
C ILE A 238 -10.26 -3.38 -2.76
N ASP A 239 -9.65 -4.55 -2.97
CA ASP A 239 -8.75 -4.83 -4.13
C ASP A 239 -9.39 -4.53 -5.51
N GLU A 240 -10.66 -4.89 -5.71
CA GLU A 240 -11.37 -4.66 -7.00
C GLU A 240 -11.64 -3.16 -7.20
N TRP A 241 -11.93 -2.45 -6.09
CA TRP A 241 -12.13 -1.00 -6.10
C TRP A 241 -10.79 -0.28 -6.29
N MET A 242 -9.72 -0.91 -5.75
CA MET A 242 -8.35 -0.35 -5.74
C MET A 242 -7.80 -0.20 -7.17
N MET A 243 -8.30 -1.06 -8.07
CA MET A 243 -7.93 -1.06 -9.50
C MET A 243 -8.47 0.17 -10.26
N ASN A 244 -9.41 0.91 -9.65
CA ASN A 244 -10.11 2.03 -10.31
C ASN A 244 -9.20 3.26 -10.43
N TYR A 245 -8.20 3.37 -9.53
CA TYR A 245 -7.13 4.40 -9.64
C TYR A 245 -5.82 3.77 -10.13
N LEU A 246 -5.58 2.48 -9.81
CA LEU A 246 -4.40 1.74 -10.31
C LEU A 246 -4.74 1.14 -11.69
N THR A 247 -4.99 2.04 -12.66
CA THR A 247 -5.39 1.69 -14.02
C THR A 247 -4.20 1.28 -14.90
N GLU A 248 -3.01 1.81 -14.56
CA GLU A 248 -1.75 1.47 -15.26
C GLU A 248 -0.54 1.64 -14.32
N PHE A 249 0.48 0.78 -14.53
CA PHE A 249 1.77 0.83 -13.82
C PHE A 249 2.92 0.70 -14.83
N ASP A 250 3.69 1.80 -15.01
CA ASP A 250 4.95 1.80 -15.77
C ASP A 250 4.74 1.33 -17.25
N GLY A 251 3.69 1.89 -17.89
CA GLY A 251 3.34 1.59 -19.28
C GLY A 251 2.56 0.29 -19.47
N LYS A 252 2.33 -0.43 -18.37
CA LYS A 252 1.69 -1.76 -18.38
C LYS A 252 0.21 -1.64 -17.95
N PRO A 253 -0.77 -1.82 -18.89
CA PRO A 253 -2.22 -1.84 -18.56
C PRO A 253 -2.60 -3.12 -17.78
N PHE A 254 -3.70 -3.10 -17.04
CA PHE A 254 -4.17 -4.26 -16.26
C PHE A 254 -5.40 -4.92 -16.91
N GLN A 255 -5.61 -6.21 -16.59
CA GLN A 255 -6.75 -6.99 -17.08
C GLN A 255 -7.22 -7.95 -15.98
N SER A 256 -8.50 -7.85 -15.57
CA SER A 256 -9.10 -8.81 -14.63
C SER A 256 -9.66 -10.03 -15.41
N VAL A 257 -9.15 -11.23 -15.10
CA VAL A 257 -9.52 -12.49 -15.81
C VAL A 257 -10.88 -13.04 -15.32
N SER A 258 -11.61 -12.24 -14.53
CA SER A 258 -13.02 -12.50 -14.21
C SER A 258 -13.86 -12.67 -15.49
N LYS A 259 -13.44 -11.97 -16.58
CA LYS A 259 -14.08 -12.04 -17.90
C LYS A 259 -13.03 -12.18 -19.02
N VAL A 260 -13.52 -12.29 -20.27
CA VAL A 260 -12.70 -12.36 -21.50
C VAL A 260 -12.93 -11.10 -22.32
N ASP A 261 -11.84 -10.51 -22.83
CA ASP A 261 -11.88 -9.33 -23.71
C ASP A 261 -10.83 -9.52 -24.83
N GLU A 262 -10.41 -8.40 -25.45
CA GLU A 262 -9.39 -8.39 -26.52
C GLU A 262 -8.00 -8.83 -26.01
N SER A 263 -7.79 -8.73 -24.69
CA SER A 263 -6.56 -9.16 -24.03
C SER A 263 -6.46 -10.69 -23.97
N LEU A 264 -7.63 -11.36 -23.97
CA LEU A 264 -7.70 -12.83 -23.94
C LEU A 264 -8.25 -13.37 -25.27
N GLU A 265 -8.09 -12.58 -26.35
CA GLU A 265 -8.57 -12.95 -27.70
C GLU A 265 -7.59 -13.95 -28.37
N LYS A 266 -6.35 -13.50 -28.66
CA LYS A 266 -5.26 -14.38 -29.14
C LYS A 266 -4.79 -15.30 -28.00
N LEU A 267 -5.01 -14.84 -26.76
CA LEU A 267 -4.61 -15.55 -25.52
C LEU A 267 -5.63 -16.67 -25.16
N ALA A 268 -6.60 -16.94 -26.06
CA ALA A 268 -7.54 -18.07 -25.92
C ALA A 268 -6.89 -19.38 -26.40
N LYS B 5 -1.42 -11.77 13.52
CA LYS B 5 -0.33 -12.25 14.37
C LYS B 5 0.95 -12.46 13.53
N LYS B 6 1.99 -11.63 13.83
CA LYS B 6 3.34 -11.72 13.21
C LYS B 6 3.25 -11.50 11.67
N ILE B 7 3.23 -12.61 10.91
CA ILE B 7 3.05 -12.63 9.45
C ILE B 7 2.23 -13.88 9.16
N GLU B 8 2.88 -15.06 9.35
CA GLU B 8 2.29 -16.40 9.12
C GLU B 8 1.95 -16.61 7.61
N VAL B 9 1.76 -17.89 7.21
CA VAL B 9 1.38 -18.29 5.83
C VAL B 9 2.44 -17.81 4.80
N GLU B 10 3.67 -17.61 5.30
CA GLU B 10 4.82 -17.15 4.50
C GLU B 10 5.54 -18.37 3.90
N PHE B 11 6.17 -18.19 2.74
CA PHE B 11 6.85 -19.27 2.02
C PHE B 11 7.92 -18.73 1.08
N ASP B 12 7.51 -17.85 0.17
CA ASP B 12 8.37 -17.41 -0.94
C ASP B 12 8.86 -15.97 -0.72
N LYS B 13 10.01 -15.65 -1.36
CA LYS B 13 10.63 -14.31 -1.31
C LYS B 13 10.21 -13.46 -2.53
N GLY B 14 9.03 -13.79 -3.10
CA GLY B 14 8.30 -12.85 -3.94
C GLY B 14 7.74 -11.75 -3.05
N GLN B 15 8.54 -10.71 -2.82
CA GLN B 15 8.32 -9.76 -1.69
C GLN B 15 9.11 -8.44 -1.89
N ARG B 16 9.88 -8.34 -2.98
CA ARG B 16 10.94 -7.31 -3.14
C ARG B 16 10.52 -6.13 -4.02
N THR B 17 11.17 -4.98 -3.78
CA THR B 17 11.09 -3.76 -4.61
C THR B 17 12.47 -3.09 -4.57
N ASP B 18 13.22 -3.17 -5.68
CA ASP B 18 14.60 -2.62 -5.77
C ASP B 18 14.65 -1.31 -6.55
N LYS B 19 13.62 -0.99 -7.34
CA LYS B 19 13.58 0.29 -8.09
C LYS B 19 13.23 1.45 -7.14
N TYR B 20 13.80 2.62 -7.42
CA TYR B 20 13.41 3.91 -6.80
C TYR B 20 12.09 4.44 -7.44
N GLY B 21 11.67 5.64 -7.03
CA GLY B 21 10.50 6.29 -7.61
C GLY B 21 10.50 7.79 -7.34
N ARG B 22 10.09 8.57 -8.36
CA ARG B 22 9.98 10.05 -8.26
C ARG B 22 8.50 10.49 -8.22
N GLY B 23 7.61 9.53 -7.90
CA GLY B 23 6.21 9.81 -7.65
C GLY B 23 6.05 10.49 -6.31
N LEU B 24 5.62 11.76 -6.29
CA LEU B 24 5.55 12.55 -5.05
C LEU B 24 4.55 13.70 -5.23
N ALA B 25 3.58 13.78 -4.28
CA ALA B 25 2.49 14.77 -4.29
C ALA B 25 1.69 14.64 -2.97
N TYR B 26 0.49 15.26 -2.93
CA TYR B 26 -0.48 15.04 -1.85
C TYR B 26 -1.89 15.39 -2.34
N ILE B 27 -2.76 14.37 -2.46
CA ILE B 27 -4.16 14.51 -2.91
C ILE B 27 -5.10 13.80 -1.89
N TYR B 28 -6.35 14.30 -1.72
CA TYR B 28 -7.37 13.68 -0.83
C TYR B 28 -8.35 12.82 -1.65
N ALA B 29 -9.09 11.92 -0.96
CA ALA B 29 -9.97 10.93 -1.60
C ALA B 29 -11.34 11.51 -1.96
N ASP B 30 -12.15 11.81 -0.91
CA ASP B 30 -13.55 12.29 -1.01
C ASP B 30 -14.49 11.14 -1.44
N GLY B 31 -14.32 10.64 -2.68
CA GLY B 31 -15.17 9.57 -3.23
C GLY B 31 -14.73 8.15 -2.81
N LYS B 32 -13.41 7.96 -2.66
CA LYS B 32 -12.74 6.66 -2.40
C LYS B 32 -13.16 5.56 -3.41
N MET B 33 -12.52 5.55 -4.61
CA MET B 33 -12.62 4.40 -5.57
C MET B 33 -14.07 4.18 -6.10
N VAL B 34 -14.33 2.97 -6.68
CA VAL B 34 -15.67 2.53 -7.16
C VAL B 34 -16.16 3.39 -8.34
N ASN B 35 -16.03 2.83 -9.56
CA ASN B 35 -16.40 3.51 -10.81
C ASN B 35 -16.50 2.49 -11.95
N GLU B 36 -15.38 1.79 -12.23
CA GLU B 36 -15.25 0.87 -13.39
C GLU B 36 -14.16 -0.19 -13.14
N ALA B 37 -14.37 -1.42 -13.65
CA ALA B 37 -13.35 -2.49 -13.66
C ALA B 37 -12.58 -2.45 -14.99
N LEU B 38 -11.25 -2.53 -14.92
CA LEU B 38 -10.35 -2.44 -16.09
C LEU B 38 -10.31 -3.76 -16.89
N VAL B 39 -11.33 -3.95 -17.73
CA VAL B 39 -11.44 -5.06 -18.69
C VAL B 39 -11.19 -4.53 -20.12
N ARG B 40 -10.62 -3.32 -20.21
CA ARG B 40 -10.36 -2.60 -21.48
C ARG B 40 -8.86 -2.73 -21.87
N GLN B 41 -8.51 -2.26 -23.10
CA GLN B 41 -7.17 -2.40 -23.73
C GLN B 41 -6.98 -3.85 -24.25
N GLY B 42 -6.21 -3.98 -25.34
CA GLY B 42 -5.87 -5.27 -25.92
C GLY B 42 -4.39 -5.57 -25.75
N LEU B 43 -4.02 -6.86 -25.89
CA LEU B 43 -2.62 -7.32 -25.78
C LEU B 43 -2.53 -8.69 -26.44
N ALA B 44 -2.93 -9.75 -25.68
CA ALA B 44 -3.07 -11.15 -26.16
C ALA B 44 -1.91 -11.63 -27.07
N LYS B 45 -0.89 -12.30 -26.48
CA LYS B 45 0.29 -12.78 -27.23
C LYS B 45 0.53 -14.26 -26.93
N VAL B 46 0.92 -14.55 -25.68
CA VAL B 46 1.37 -15.89 -25.25
C VAL B 46 0.19 -16.87 -25.22
N ALA B 47 0.12 -17.79 -26.20
CA ALA B 47 -0.90 -18.85 -26.26
C ALA B 47 -0.55 -19.87 -27.33
N TYR B 48 -0.49 -21.15 -26.96
CA TYR B 48 -0.43 -22.25 -27.93
C TYR B 48 -1.80 -22.31 -28.65
N VAL B 49 -1.81 -21.95 -29.94
CA VAL B 49 -3.04 -21.90 -30.74
C VAL B 49 -3.38 -23.32 -31.24
N TYR B 50 -4.07 -24.06 -30.35
CA TYR B 50 -4.54 -25.42 -30.62
C TYR B 50 -5.68 -25.74 -29.64
N LYS B 51 -6.88 -25.21 -29.95
CA LYS B 51 -8.13 -25.57 -29.26
C LYS B 51 -9.21 -25.72 -30.34
N PRO B 52 -9.52 -27.00 -30.78
CA PRO B 52 -10.57 -27.27 -31.80
C PRO B 52 -11.97 -26.78 -31.36
N ASN B 53 -12.16 -26.70 -30.03
CA ASN B 53 -13.36 -26.13 -29.41
C ASN B 53 -12.97 -25.53 -28.05
N ASN B 54 -13.68 -24.47 -27.61
CA ASN B 54 -13.38 -23.75 -26.34
C ASN B 54 -14.70 -23.45 -25.58
N THR B 55 -15.72 -24.32 -25.77
CA THR B 55 -17.02 -24.21 -25.08
C THR B 55 -17.02 -24.96 -23.73
N HIS B 56 -15.81 -25.24 -23.20
CA HIS B 56 -15.60 -25.91 -21.90
C HIS B 56 -16.15 -27.36 -21.90
N GLU B 57 -16.04 -28.01 -23.08
CA GLU B 57 -16.27 -29.47 -23.26
C GLU B 57 -17.70 -29.88 -22.84
N GLN B 58 -18.67 -29.03 -23.20
CA GLN B 58 -20.10 -29.22 -22.86
C GLN B 58 -20.77 -30.36 -23.67
N HIS B 59 -20.25 -30.60 -24.91
CA HIS B 59 -20.78 -31.60 -25.86
C HIS B 59 -22.27 -31.39 -26.16
N LEU B 60 -22.56 -30.71 -27.29
CA LEU B 60 -23.93 -30.32 -27.72
C LEU B 60 -24.53 -29.30 -26.73
N ARG B 61 -25.70 -28.76 -27.08
CA ARG B 61 -26.48 -27.86 -26.20
C ARG B 61 -27.97 -28.02 -26.51
N LYS B 62 -28.71 -28.48 -25.49
CA LYS B 62 -30.19 -28.55 -25.49
C LYS B 62 -30.70 -29.33 -26.73
N SER B 63 -30.04 -30.46 -27.00
CA SER B 63 -30.29 -31.30 -28.19
C SER B 63 -31.72 -31.89 -28.19
N GLU B 64 -32.30 -32.06 -26.98
CA GLU B 64 -33.69 -32.50 -26.79
C GLU B 64 -34.69 -31.47 -27.33
N ALA B 65 -34.32 -30.18 -27.26
CA ALA B 65 -35.11 -29.08 -27.85
C ALA B 65 -34.84 -29.01 -29.36
N GLN B 66 -35.68 -29.71 -30.14
CA GLN B 66 -35.52 -29.82 -31.60
C GLN B 66 -36.16 -28.60 -32.31
N ALA B 67 -35.56 -27.43 -32.03
CA ALA B 67 -35.99 -26.12 -32.54
C ALA B 67 -35.04 -25.05 -32.00
N LYS B 68 -34.96 -24.98 -30.65
CA LYS B 68 -34.20 -23.94 -29.94
C LYS B 68 -32.70 -24.28 -29.97
N LYS B 69 -32.36 -25.58 -29.68
CA LYS B 69 -30.98 -26.09 -29.44
C LYS B 69 -30.16 -25.14 -28.52
N GLU B 70 -30.89 -24.52 -27.57
CA GLU B 70 -30.41 -23.42 -26.71
C GLU B 70 -30.13 -22.17 -27.56
N LYS B 71 -28.94 -22.15 -28.21
CA LYS B 71 -28.43 -21.02 -29.01
C LYS B 71 -28.21 -19.77 -28.12
N LEU B 72 -29.30 -19.04 -27.84
CA LEU B 72 -29.27 -17.85 -26.96
C LEU B 72 -30.63 -17.72 -26.22
N ASN B 73 -31.59 -18.63 -26.55
CA ASN B 73 -32.89 -18.71 -25.88
C ASN B 73 -32.69 -19.10 -24.40
N ILE B 74 -32.53 -18.07 -23.56
CA ILE B 74 -32.33 -18.21 -22.10
C ILE B 74 -33.67 -18.53 -21.41
N TRP B 75 -34.75 -17.94 -21.93
CA TRP B 75 -36.14 -18.24 -21.55
C TRP B 75 -37.00 -18.23 -22.83
N ALA A 4 16.96 16.45 31.57
CA ALA A 4 15.50 16.64 31.49
C ALA A 4 15.17 17.64 30.35
N GLN A 5 15.15 17.14 29.10
CA GLN A 5 14.81 17.95 27.91
C GLN A 5 13.81 17.16 27.04
N ALA A 6 13.06 17.90 26.23
CA ALA A 6 12.11 17.36 25.25
C ALA A 6 12.82 16.47 24.22
N LEU A 7 12.53 15.14 24.24
CA LEU A 7 13.25 14.13 23.45
C LEU A 7 13.14 14.39 21.95
N TRP A 8 11.91 14.70 21.50
CA TRP A 8 11.63 15.04 20.11
C TRP A 8 12.44 16.28 19.68
N THR A 9 12.58 17.25 20.59
CA THR A 9 13.28 18.52 20.33
C THR A 9 14.82 18.36 20.39
N ARG A 10 15.32 17.29 21.06
CA ARG A 10 16.78 17.05 21.20
C ARG A 10 17.44 16.82 19.81
N ASN A 11 18.77 17.02 19.78
CA ASN A 11 19.60 16.70 18.61
C ASN A 11 19.55 15.18 18.37
N LYS A 12 19.30 14.79 17.12
CA LYS A 12 19.18 13.38 16.68
C LYS A 12 20.43 12.56 17.07
N SER A 13 21.61 13.19 16.97
CA SER A 13 22.92 12.58 17.29
C SER A 13 23.06 12.24 18.79
N GLU A 14 22.26 12.91 19.64
CA GLU A 14 22.34 12.76 21.10
C GLU A 14 21.24 11.85 21.67
N ILE A 15 20.39 11.27 20.78
CA ILE A 15 19.30 10.36 21.17
C ILE A 15 19.64 8.92 20.75
N THR A 16 19.85 8.02 21.74
CA THR A 16 20.21 6.61 21.47
C THR A 16 18.96 5.77 21.08
N ASP A 17 19.22 4.54 20.60
CA ASP A 17 18.20 3.54 20.21
C ASP A 17 17.17 3.30 21.33
N GLU A 18 17.69 3.18 22.57
CA GLU A 18 16.88 2.94 23.78
C GLU A 18 15.87 4.07 24.00
N GLU A 19 16.34 5.33 23.83
CA GLU A 19 15.54 6.54 24.06
C GLU A 19 14.25 6.55 23.21
N TYR A 20 14.40 6.30 21.90
CA TYR A 20 13.26 6.32 20.93
C TYR A 20 12.17 5.29 21.29
N LYS A 21 12.59 4.05 21.56
CA LYS A 21 11.68 2.92 21.83
C LYS A 21 10.96 3.06 23.17
N GLU A 22 11.70 3.56 24.18
CA GLU A 22 11.16 3.85 25.52
C GLU A 22 10.08 4.96 25.39
N PHE A 23 10.43 5.98 24.61
CA PHE A 23 9.61 7.18 24.36
C PHE A 23 8.34 6.85 23.57
N TYR A 24 8.44 5.84 22.68
CA TYR A 24 7.31 5.34 21.88
C TYR A 24 6.20 4.81 22.82
N LYS A 25 6.62 4.07 23.84
CA LYS A 25 5.70 3.43 24.80
C LYS A 25 4.90 4.47 25.62
N HIS A 26 5.47 5.68 25.73
CA HIS A 26 4.80 6.83 26.36
C HIS A 26 3.78 7.45 25.38
N ILE A 27 4.25 7.82 24.17
CA ILE A 27 3.44 8.59 23.18
C ILE A 27 2.27 7.75 22.61
N ALA A 28 2.46 6.42 22.54
CA ALA A 28 1.46 5.46 22.04
C ALA A 28 0.60 4.92 23.18
N HIS A 29 1.12 5.07 24.43
CA HIS A 29 0.46 4.60 25.68
C HIS A 29 0.39 3.05 25.73
N ASP A 30 1.30 2.42 24.98
CA ASP A 30 1.42 0.96 24.84
C ASP A 30 2.71 0.51 25.56
N PHE A 31 3.09 -0.78 25.47
CA PHE A 31 4.31 -1.30 26.14
C PHE A 31 5.19 -2.11 25.19
N ASN A 32 4.84 -2.11 23.89
CA ASN A 32 5.65 -2.71 22.81
C ASN A 32 6.63 -1.68 22.27
N ASP A 33 7.77 -2.15 21.74
CA ASP A 33 8.75 -1.30 21.05
C ASP A 33 8.36 -1.16 19.56
N PRO A 34 8.73 -0.03 18.88
CA PRO A 34 8.42 0.18 17.46
C PRO A 34 9.39 -0.60 16.54
N LEU A 35 8.92 -0.94 15.34
CA LEU A 35 9.74 -1.58 14.30
C LEU A 35 10.80 -0.58 13.79
N THR A 36 10.31 0.55 13.29
CA THR A 36 11.12 1.59 12.66
C THR A 36 10.47 2.94 12.93
N TRP A 37 11.28 4.01 12.88
CA TRP A 37 10.81 5.38 13.10
C TRP A 37 11.54 6.32 12.13
N SER A 38 11.08 7.58 12.08
CA SER A 38 11.70 8.65 11.30
C SER A 38 11.64 9.94 12.12
N HIS A 39 12.81 10.50 12.43
CA HIS A 39 12.94 11.74 13.18
C HIS A 39 13.48 12.81 12.24
N ASN A 40 12.65 13.81 11.94
CA ASN A 40 13.02 14.93 11.06
C ASN A 40 12.75 16.23 11.80
N ARG A 41 13.70 17.17 11.76
CA ARG A 41 13.47 18.55 12.18
C ARG A 41 13.45 19.42 10.92
N VAL A 42 12.36 20.18 10.74
CA VAL A 42 12.13 21.04 9.59
C VAL A 42 11.95 22.48 10.10
N GLU A 43 12.49 23.45 9.35
CA GLU A 43 12.43 24.87 9.68
C GLU A 43 12.25 25.70 8.39
N GLY A 44 12.04 27.02 8.56
CA GLY A 44 11.72 27.93 7.47
C GLY A 44 10.42 28.65 7.79
N LYS A 45 9.48 28.72 6.82
CA LYS A 45 8.12 29.23 7.08
C LYS A 45 7.38 28.30 8.04
N GLN A 46 7.38 27.00 7.70
CA GLN A 46 6.77 25.94 8.51
C GLN A 46 7.86 25.23 9.32
N GLU A 47 7.97 25.62 10.61
CA GLU A 47 8.99 25.11 11.53
C GLU A 47 8.33 24.14 12.52
N TYR A 48 8.67 22.85 12.36
CA TYR A 48 8.09 21.76 13.14
C TYR A 48 9.11 20.61 13.28
N THR A 49 9.05 19.91 14.43
CA THR A 49 9.81 18.67 14.65
C THR A 49 8.86 17.47 14.52
N SER A 50 9.08 16.61 13.54
CA SER A 50 8.28 15.41 13.34
C SER A 50 9.03 14.17 13.86
N LEU A 51 8.38 13.38 14.72
CA LEU A 51 8.92 12.13 15.24
C LEU A 51 7.81 11.07 15.15
N LEU A 52 7.84 10.31 14.04
CA LEU A 52 6.82 9.30 13.70
C LEU A 52 7.40 7.92 14.00
N TYR A 53 6.55 6.99 14.46
CA TYR A 53 6.94 5.59 14.76
C TYR A 53 6.01 4.62 14.03
N ILE A 54 6.52 3.40 13.76
CA ILE A 54 5.76 2.28 13.16
C ILE A 54 5.55 1.21 14.25
N PRO A 55 4.27 0.90 14.65
CA PRO A 55 3.95 -0.14 15.66
C PRO A 55 4.34 -1.57 15.19
N SER A 56 4.76 -2.40 16.16
CA SER A 56 5.09 -3.81 15.93
C SER A 56 3.80 -4.64 15.70
N GLN A 57 2.72 -4.20 16.36
CA GLN A 57 1.41 -4.87 16.32
C GLN A 57 0.30 -3.89 15.97
N ALA A 58 -0.83 -4.43 15.51
CA ALA A 58 -2.05 -3.66 15.23
C ALA A 58 -2.76 -3.30 16.56
N PRO A 59 -3.13 -1.99 16.79
CA PRO A 59 -3.94 -1.57 17.97
C PRO A 59 -5.35 -2.24 18.00
N TRP A 60 -5.97 -2.28 19.19
CA TRP A 60 -7.31 -2.89 19.39
C TRP A 60 -8.38 -2.09 18.62
N ASP A 61 -8.36 -0.76 18.80
CA ASP A 61 -9.35 0.18 18.21
C ASP A 61 -8.79 0.87 16.96
N MET A 62 -7.99 0.08 16.22
CA MET A 62 -7.43 0.48 14.91
C MET A 62 -8.54 0.62 13.83
N TRP A 63 -9.60 -0.20 13.98
CA TRP A 63 -10.72 -0.28 12.99
C TRP A 63 -12.06 0.03 13.69
N ASN A 64 -11.97 0.66 14.87
CA ASN A 64 -13.13 1.01 15.72
C ASN A 64 -13.41 2.52 15.58
N ARG A 65 -14.53 3.00 16.18
CA ARG A 65 -14.94 4.43 16.13
C ARG A 65 -14.07 5.27 17.09
N ASP A 66 -13.37 4.59 18.02
CA ASP A 66 -12.46 5.21 18.98
C ASP A 66 -11.08 5.44 18.35
N HIS A 67 -10.40 6.51 18.79
CA HIS A 67 -9.07 6.89 18.31
C HIS A 67 -7.98 6.29 19.21
N LYS A 68 -6.90 5.85 18.58
CA LYS A 68 -5.65 5.42 19.24
C LYS A 68 -4.48 5.93 18.42
N HIS A 69 -4.66 5.83 17.10
CA HIS A 69 -3.76 6.41 16.10
C HIS A 69 -3.75 7.94 16.16
N GLY A 70 -2.67 8.53 15.60
CA GLY A 70 -2.50 9.97 15.55
C GLY A 70 -1.21 10.43 16.18
N LEU A 71 -1.01 11.75 16.17
CA LEU A 71 0.20 12.40 16.70
C LEU A 71 -0.17 13.25 17.92
N LYS A 72 0.76 13.36 18.87
CA LYS A 72 0.63 14.31 19.98
C LYS A 72 1.02 15.70 19.47
N LEU A 73 0.06 16.62 19.41
CA LEU A 73 0.30 18.00 19.01
C LEU A 73 1.00 18.75 20.16
N TYR A 74 2.21 19.22 19.87
CA TYR A 74 2.97 20.15 20.71
C TYR A 74 3.13 21.46 19.92
N VAL A 75 2.81 22.59 20.56
CA VAL A 75 3.10 23.92 20.02
C VAL A 75 4.16 24.57 20.92
N GLN A 76 5.39 24.74 20.38
CA GLN A 76 6.52 25.40 21.06
C GLN A 76 6.94 24.60 22.32
N ARG A 77 6.99 23.26 22.17
CA ARG A 77 7.36 22.28 23.22
C ARG A 77 6.24 22.09 24.27
N VAL A 78 5.10 22.81 24.09
CA VAL A 78 3.96 22.76 25.02
C VAL A 78 2.93 21.76 24.48
N PHE A 79 2.56 20.75 25.28
CA PHE A 79 1.57 19.74 24.88
C PHE A 79 0.17 20.37 24.77
N ILE A 80 -0.54 20.03 23.68
CA ILE A 80 -1.86 20.59 23.36
C ILE A 80 -2.91 19.47 23.41
N MET A 81 -2.79 18.47 22.51
CA MET A 81 -3.79 17.38 22.39
C MET A 81 -3.14 16.09 21.89
N ASP A 82 -3.78 14.96 22.19
CA ASP A 82 -3.31 13.60 21.82
C ASP A 82 -4.25 12.98 20.76
N ASP A 83 -3.77 11.93 20.06
CA ASP A 83 -4.55 11.17 19.04
C ASP A 83 -4.96 12.06 17.85
N ALA A 84 -4.13 13.08 17.57
CA ALA A 84 -4.41 14.06 16.51
C ALA A 84 -3.82 13.56 15.18
N GLU A 85 -4.63 12.79 14.43
CA GLU A 85 -4.29 12.32 13.06
C GLU A 85 -4.70 13.39 12.01
N GLN A 86 -4.76 14.65 12.46
CA GLN A 86 -5.05 15.82 11.60
C GLN A 86 -3.84 16.21 10.72
N PHE A 87 -2.67 15.71 11.11
CA PHE A 87 -1.41 15.87 10.36
C PHE A 87 -1.19 14.69 9.40
N MET A 88 -2.12 13.72 9.40
CA MET A 88 -2.05 12.50 8.57
C MET A 88 -3.37 12.33 7.79
N PRO A 89 -3.33 11.71 6.56
CA PRO A 89 -4.54 11.14 5.92
C PRO A 89 -4.91 9.81 6.62
N ASN A 90 -6.11 9.28 6.33
CA ASN A 90 -6.66 8.13 7.06
C ASN A 90 -5.87 6.84 6.79
N TYR A 91 -5.27 6.71 5.59
CA TYR A 91 -4.47 5.51 5.25
C TYR A 91 -3.13 5.45 6.01
N LEU A 92 -2.76 6.57 6.67
CA LEU A 92 -1.59 6.65 7.54
C LEU A 92 -2.02 6.63 9.02
N ARG A 93 -3.12 5.91 9.31
CA ARG A 93 -3.55 5.67 10.71
C ARG A 93 -2.71 4.58 11.39
N PHE A 94 -1.70 4.04 10.68
CA PHE A 94 -0.67 3.20 11.31
C PHE A 94 0.41 4.06 11.99
N VAL A 95 0.59 5.30 11.48
CA VAL A 95 1.57 6.25 12.03
C VAL A 95 1.12 6.69 13.44
N ARG A 96 1.97 6.43 14.43
CA ARG A 96 1.77 6.89 15.81
C ARG A 96 3.06 7.60 16.26
N GLY A 97 2.91 8.78 16.85
CA GLY A 97 4.05 9.57 17.27
C GLY A 97 3.61 10.93 17.78
N LEU A 98 4.32 11.98 17.34
CA LEU A 98 4.10 13.35 17.81
C LEU A 98 4.74 14.35 16.84
N ILE A 99 4.43 15.63 17.06
CA ILE A 99 4.94 16.74 16.26
C ILE A 99 4.96 18.04 17.09
N ASP A 100 6.11 18.73 17.08
CA ASP A 100 6.30 20.04 17.72
C ASP A 100 6.25 21.14 16.65
N SER A 101 5.04 21.68 16.41
CA SER A 101 4.83 22.80 15.48
C SER A 101 5.01 24.13 16.20
N SER A 102 5.41 25.17 15.46
CA SER A 102 5.40 26.57 15.93
C SER A 102 4.57 27.43 14.97
N ASP A 103 3.71 26.76 14.18
CA ASP A 103 2.87 27.39 13.15
C ASP A 103 1.45 27.57 13.71
N LEU A 104 0.93 26.48 14.27
CA LEU A 104 -0.41 26.44 14.90
C LEU A 104 -0.37 27.23 16.22
N PRO A 105 -1.44 28.03 16.56
CA PRO A 105 -1.55 28.71 17.88
C PRO A 105 -1.46 27.71 19.06
N LEU A 106 -1.08 28.21 20.25
CA LEU A 106 -0.98 27.35 21.45
C LEU A 106 -2.39 26.93 21.91
N ASN A 107 -3.37 27.82 21.67
CA ASN A 107 -4.78 27.61 22.06
C ASN A 107 -5.58 26.88 20.95
N VAL A 108 -4.89 26.36 19.91
CA VAL A 108 -5.53 25.77 18.69
C VAL A 108 -6.40 24.53 19.04
N SER A 109 -7.55 24.40 18.36
CA SER A 109 -8.51 23.31 18.58
C SER A 109 -8.46 22.36 17.37
N ARG A 110 -8.81 21.07 17.60
CA ARG A 110 -8.69 19.97 16.61
C ARG A 110 -9.35 20.32 15.26
N GLU A 111 -10.50 20.98 15.33
CA GLU A 111 -11.29 21.35 14.15
C GLU A 111 -10.54 22.37 13.26
N ILE A 112 -9.83 23.34 13.91
CA ILE A 112 -9.01 24.35 13.21
C ILE A 112 -7.95 23.65 12.32
N LEU A 113 -7.33 22.59 12.88
CA LEU A 113 -6.27 21.81 12.19
C LEU A 113 -6.71 21.33 10.79
N GLN A 114 -7.86 20.65 10.72
CA GLN A 114 -8.39 20.08 9.46
C GLN A 114 -8.79 21.19 8.47
N ASP A 115 -9.36 22.28 9.02
CA ASP A 115 -9.88 23.41 8.21
C ASP A 115 -8.78 24.41 7.79
N SER A 116 -7.62 24.38 8.47
CA SER A 116 -6.50 25.28 8.16
C SER A 116 -5.63 24.69 7.03
N THR A 117 -5.22 25.57 6.13
CA THR A 117 -4.44 25.21 4.94
C THR A 117 -2.95 24.99 5.31
N VAL A 118 -2.50 25.65 6.41
CA VAL A 118 -1.12 25.52 6.93
C VAL A 118 -0.87 24.11 7.53
N THR A 119 -1.86 23.59 8.27
CA THR A 119 -1.82 22.26 8.88
C THR A 119 -2.09 21.16 7.83
N ARG A 120 -2.87 21.51 6.79
CA ARG A 120 -3.08 20.63 5.63
C ARG A 120 -1.79 20.50 4.81
N ASN A 121 -1.05 21.61 4.67
CA ASN A 121 0.26 21.63 3.97
C ASN A 121 1.31 20.89 4.82
N LEU A 122 1.11 20.94 6.16
CA LEU A 122 1.90 20.15 7.13
C LEU A 122 1.64 18.64 6.90
N ARG A 123 0.38 18.31 6.55
CA ARG A 123 -0.03 16.92 6.25
C ARG A 123 0.68 16.42 4.96
N ASN A 124 0.70 17.28 3.92
CA ASN A 124 1.45 17.03 2.65
C ASN A 124 2.94 16.78 2.93
N ALA A 125 3.46 17.53 3.91
CA ALA A 125 4.86 17.45 4.32
C ALA A 125 5.18 16.07 4.92
N LEU A 126 4.43 15.69 5.98
CA LEU A 126 4.70 14.47 6.78
C LEU A 126 4.46 13.19 5.97
N THR A 127 3.33 13.16 5.24
CA THR A 127 2.93 12.00 4.41
C THR A 127 4.01 11.64 3.38
N LYS A 128 4.64 12.69 2.83
CA LYS A 128 5.73 12.54 1.85
C LYS A 128 6.91 11.75 2.45
N ARG A 129 7.27 12.11 3.71
CA ARG A 129 8.36 11.44 4.47
C ARG A 129 8.00 9.96 4.76
N VAL A 130 6.71 9.69 5.04
CA VAL A 130 6.23 8.33 5.33
C VAL A 130 6.43 7.43 4.09
N LEU A 131 6.06 7.95 2.91
CA LEU A 131 6.24 7.24 1.61
C LEU A 131 7.74 6.92 1.35
N GLN A 132 8.63 7.88 1.69
CA GLN A 132 10.09 7.71 1.54
C GLN A 132 10.63 6.66 2.53
N MET A 133 10.04 6.64 3.74
CA MET A 133 10.46 5.77 4.86
C MET A 133 10.14 4.30 4.56
N LEU A 134 8.91 4.06 4.08
CA LEU A 134 8.39 2.72 3.76
C LEU A 134 9.09 2.13 2.53
N GLU A 135 9.45 3.00 1.58
CA GLU A 135 10.18 2.63 0.37
C GLU A 135 11.55 2.02 0.75
N LYS A 136 12.27 2.73 1.65
CA LYS A 136 13.58 2.28 2.15
C LYS A 136 13.41 1.03 3.04
N LEU A 137 12.33 1.01 3.85
CA LEU A 137 12.06 -0.06 4.84
C LEU A 137 11.91 -1.43 4.15
N ALA A 138 11.29 -1.43 2.95
CA ALA A 138 11.11 -2.65 2.13
C ALA A 138 12.46 -3.30 1.74
N LYS A 139 13.51 -2.47 1.69
CA LYS A 139 14.88 -2.86 1.28
C LYS A 139 15.82 -2.98 2.52
N ASP A 140 15.53 -2.20 3.57
CA ASP A 140 16.41 -2.09 4.77
C ASP A 140 16.09 -3.20 5.78
N ASP A 141 14.82 -3.29 6.18
CA ASP A 141 14.30 -4.32 7.09
C ASP A 141 13.03 -4.93 6.49
N ALA A 142 13.24 -5.96 5.64
CA ALA A 142 12.15 -6.70 4.96
C ALA A 142 11.29 -7.46 5.99
N GLU A 143 11.92 -7.86 7.12
CA GLU A 143 11.25 -8.55 8.22
C GLU A 143 10.21 -7.64 8.89
N LYS A 144 10.66 -6.42 9.25
CA LYS A 144 9.81 -5.40 9.91
C LYS A 144 8.72 -4.90 8.96
N TYR A 145 9.06 -4.78 7.68
CA TYR A 145 8.14 -4.30 6.63
C TYR A 145 7.05 -5.35 6.35
N GLN A 146 7.42 -6.64 6.43
CA GLN A 146 6.46 -7.76 6.28
C GLN A 146 5.46 -7.76 7.45
N THR A 147 5.99 -7.61 8.69
CA THR A 147 5.19 -7.51 9.92
C THR A 147 4.23 -6.31 9.85
N PHE A 148 4.79 -5.19 9.37
CA PHE A 148 4.08 -3.92 9.13
C PHE A 148 2.89 -4.12 8.18
N TRP A 149 3.16 -4.70 7.00
CA TRP A 149 2.14 -4.90 5.96
C TRP A 149 1.17 -6.06 6.35
N GLN A 150 1.59 -6.93 7.27
CA GLN A 150 0.75 -8.04 7.76
C GLN A 150 -0.33 -7.51 8.73
N GLN A 151 0.03 -6.43 9.47
CA GLN A 151 -0.87 -5.78 10.44
C GLN A 151 -1.65 -4.61 9.78
N PHE A 152 -0.99 -3.91 8.83
CA PHE A 152 -1.46 -2.58 8.31
C PHE A 152 -1.57 -2.59 6.76
N GLY A 153 -1.65 -3.78 6.15
CA GLY A 153 -1.71 -3.92 4.69
C GLY A 153 -3.02 -3.42 4.08
N LEU A 154 -4.10 -3.61 4.83
CA LEU A 154 -5.45 -3.14 4.45
C LEU A 154 -5.55 -1.60 4.59
N VAL A 155 -4.71 -1.06 5.48
CA VAL A 155 -4.70 0.37 5.87
C VAL A 155 -4.01 1.22 4.79
N LEU A 156 -2.79 0.82 4.41
CA LEU A 156 -1.98 1.52 3.40
C LEU A 156 -2.67 1.44 2.01
N LYS A 157 -3.50 0.39 1.82
CA LYS A 157 -4.22 0.12 0.56
C LYS A 157 -5.36 1.15 0.29
N GLU A 158 -5.72 1.91 1.36
CA GLU A 158 -6.68 3.03 1.26
C GLU A 158 -6.02 4.26 0.56
N GLY A 159 -4.68 4.18 0.38
CA GLY A 159 -3.84 5.26 -0.17
C GLY A 159 -4.29 5.87 -1.50
N PRO A 160 -4.35 5.07 -2.62
CA PRO A 160 -4.79 5.59 -3.95
C PRO A 160 -6.25 6.12 -3.96
N ALA A 161 -7.03 5.76 -2.92
CA ALA A 161 -8.43 6.21 -2.77
C ALA A 161 -8.54 7.64 -2.19
N GLU A 162 -7.46 8.09 -1.52
CA GLU A 162 -7.37 9.45 -0.92
C GLU A 162 -6.37 10.31 -1.71
N ASP A 163 -5.10 9.87 -1.71
CA ASP A 163 -4.00 10.59 -2.39
C ASP A 163 -3.96 10.17 -3.87
N PHE A 164 -4.53 11.05 -4.72
CA PHE A 164 -4.69 10.83 -6.17
C PHE A 164 -3.39 11.13 -6.94
N ALA A 165 -2.54 12.02 -6.39
CA ALA A 165 -1.30 12.47 -7.07
C ALA A 165 -0.15 11.46 -6.84
N ASN A 166 0.01 11.03 -5.57
CA ASN A 166 0.99 9.97 -5.19
C ASN A 166 0.38 8.57 -5.36
N GLN A 167 -0.74 8.45 -6.10
CA GLN A 167 -1.37 7.15 -6.43
C GLN A 167 -0.33 6.10 -6.94
N GLU A 168 0.57 6.58 -7.81
CA GLU A 168 1.68 5.78 -8.39
C GLU A 168 2.65 5.33 -7.28
N ALA A 169 3.03 6.28 -6.41
CA ALA A 169 4.00 6.06 -5.32
C ALA A 169 3.52 5.00 -4.32
N ILE A 170 2.24 5.11 -3.96
CA ILE A 170 1.57 4.22 -2.99
C ILE A 170 1.34 2.85 -3.62
N ALA A 171 1.05 2.82 -4.94
CA ALA A 171 0.93 1.58 -5.73
C ALA A 171 2.25 0.79 -5.71
N LYS A 172 3.35 1.54 -5.74
CA LYS A 172 4.73 1.00 -5.69
C LYS A 172 5.06 0.46 -4.27
N LEU A 173 4.32 0.93 -3.25
CA LEU A 173 4.43 0.45 -1.85
C LEU A 173 3.45 -0.72 -1.56
N LEU A 174 2.50 -0.97 -2.47
CA LEU A 174 1.51 -2.05 -2.30
C LEU A 174 2.16 -3.44 -2.53
N ARG A 175 1.86 -4.37 -1.60
CA ARG A 175 2.34 -5.77 -1.63
C ARG A 175 1.11 -6.71 -1.70
N PHE A 176 1.16 -7.70 -2.59
CA PHE A 176 0.05 -8.65 -2.82
C PHE A 176 0.57 -10.09 -2.88
N ALA A 177 -0.31 -11.02 -3.29
CA ALA A 177 0.06 -12.40 -3.65
C ALA A 177 -0.19 -12.58 -5.16
N SER A 178 0.41 -13.62 -5.77
CA SER A 178 0.22 -13.95 -7.19
C SER A 178 0.43 -15.45 -7.42
N THR A 179 0.28 -15.89 -8.68
CA THR A 179 0.52 -17.29 -9.06
C THR A 179 2.03 -17.62 -9.04
N HIS A 180 2.87 -16.58 -8.88
CA HIS A 180 4.32 -16.71 -8.62
C HIS A 180 4.56 -17.49 -7.31
N THR A 181 3.87 -17.09 -6.25
CA THR A 181 4.00 -17.71 -4.92
C THR A 181 2.61 -18.20 -4.48
N ASP A 182 2.47 -19.53 -4.24
CA ASP A 182 1.17 -20.13 -3.85
C ASP A 182 0.87 -19.95 -2.35
N SER A 183 1.68 -19.10 -1.68
CA SER A 183 1.45 -18.69 -0.29
C SER A 183 0.46 -17.51 -0.23
N SER A 184 -0.27 -17.40 0.91
CA SER A 184 -1.20 -16.30 1.18
C SER A 184 -0.46 -15.03 1.67
N ALA A 185 0.85 -15.18 2.02
CA ALA A 185 1.70 -14.06 2.46
C ALA A 185 1.95 -13.08 1.31
N GLN A 186 1.94 -11.78 1.65
CA GLN A 186 2.10 -10.69 0.66
C GLN A 186 3.60 -10.41 0.43
N THR A 187 4.31 -11.45 -0.05
CA THR A 187 5.75 -11.37 -0.37
C THR A 187 5.93 -10.73 -1.76
N VAL A 188 4.98 -11.04 -2.67
CA VAL A 188 4.90 -10.44 -4.00
C VAL A 188 4.49 -8.95 -3.90
N SER A 189 4.98 -8.15 -4.84
CA SER A 189 4.64 -6.73 -4.99
C SER A 189 4.23 -6.47 -6.45
N LEU A 190 3.83 -5.21 -6.75
CA LEU A 190 3.71 -4.73 -8.14
C LEU A 190 5.11 -4.66 -8.79
N GLU A 191 6.12 -4.40 -7.94
CA GLU A 191 7.55 -4.46 -8.30
C GLU A 191 7.95 -5.86 -8.81
N ASP A 192 7.44 -6.90 -8.11
CA ASP A 192 7.65 -8.30 -8.48
C ASP A 192 6.92 -8.60 -9.80
N TYR A 193 5.65 -8.16 -9.88
CA TYR A 193 4.76 -8.50 -11.01
C TYR A 193 5.33 -8.02 -12.36
N VAL A 194 5.90 -6.80 -12.37
CA VAL A 194 6.52 -6.23 -13.59
C VAL A 194 7.81 -6.99 -13.97
N SER A 195 8.46 -7.63 -12.98
CA SER A 195 9.59 -8.55 -13.22
C SER A 195 9.12 -9.91 -13.80
N ARG A 196 7.81 -10.22 -13.60
CA ARG A 196 7.19 -11.49 -14.06
C ARG A 196 6.59 -11.35 -15.48
N MET A 197 6.73 -10.15 -16.11
CA MET A 197 6.23 -9.88 -17.48
C MET A 197 6.89 -10.81 -18.51
N LYS A 198 6.06 -11.44 -19.36
CA LYS A 198 6.52 -12.29 -20.46
C LYS A 198 6.62 -11.50 -21.79
N GLU A 199 6.85 -12.22 -22.89
CA GLU A 199 7.15 -11.65 -24.22
C GLU A 199 5.97 -10.80 -24.74
N GLY A 200 6.21 -9.48 -24.84
CA GLY A 200 5.22 -8.51 -25.32
C GLY A 200 3.98 -8.38 -24.44
N GLN A 201 4.11 -8.78 -23.16
CA GLN A 201 3.00 -8.74 -22.19
C GLN A 201 2.70 -7.26 -21.82
N GLU A 202 1.84 -6.63 -22.64
CA GLU A 202 1.62 -5.18 -22.65
C GLU A 202 0.68 -4.72 -21.51
N LYS A 203 -0.11 -5.68 -20.96
CA LYS A 203 -1.16 -5.39 -19.94
C LYS A 203 -1.02 -6.35 -18.75
N ILE A 204 -1.37 -5.85 -17.57
CA ILE A 204 -1.32 -6.57 -16.28
C ILE A 204 -2.55 -7.49 -16.15
N TYR A 205 -2.38 -8.69 -15.55
CA TYR A 205 -3.48 -9.64 -15.32
C TYR A 205 -3.76 -9.76 -13.81
N TYR A 206 -5.05 -9.60 -13.47
CA TYR A 206 -5.55 -9.50 -12.08
C TYR A 206 -6.80 -10.40 -11.92
N ILE A 207 -7.00 -10.91 -10.69
CA ILE A 207 -8.20 -11.69 -10.33
C ILE A 207 -8.58 -11.40 -8.87
N THR A 208 -9.73 -10.74 -8.67
CA THR A 208 -10.27 -10.46 -7.33
C THR A 208 -11.26 -11.55 -6.93
N ALA A 209 -11.08 -12.11 -5.73
CA ALA A 209 -11.92 -13.17 -5.20
C ALA A 209 -12.12 -12.96 -3.69
N ASP A 210 -13.20 -13.55 -3.15
CA ASP A 210 -13.55 -13.49 -1.72
C ASP A 210 -12.45 -14.12 -0.84
N SER A 211 -11.79 -15.16 -1.38
CA SER A 211 -10.72 -15.87 -0.66
C SER A 211 -9.54 -16.17 -1.61
N TYR A 212 -8.35 -16.41 -1.04
CA TYR A 212 -7.14 -16.77 -1.80
C TYR A 212 -7.36 -18.09 -2.56
N ALA A 213 -8.00 -19.04 -1.86
CA ALA A 213 -8.32 -20.36 -2.40
C ALA A 213 -9.29 -20.27 -3.59
N ALA A 214 -10.26 -19.33 -3.51
CA ALA A 214 -11.24 -19.08 -4.59
C ALA A 214 -10.56 -18.54 -5.86
N ALA A 215 -9.55 -17.66 -5.64
CA ALA A 215 -8.74 -17.08 -6.71
C ALA A 215 -7.89 -18.15 -7.39
N LYS A 216 -7.19 -18.95 -6.57
CA LYS A 216 -6.19 -19.93 -7.01
C LYS A 216 -6.84 -21.16 -7.71
N SER A 217 -8.04 -21.56 -7.24
CA SER A 217 -8.80 -22.72 -7.78
C SER A 217 -9.57 -22.37 -9.06
N SER A 218 -9.53 -21.07 -9.46
CA SER A 218 -10.31 -20.56 -10.58
C SER A 218 -9.79 -21.10 -11.93
N PRO A 219 -10.70 -21.67 -12.80
CA PRO A 219 -10.36 -22.09 -14.18
C PRO A 219 -10.03 -20.89 -15.10
N HIS A 220 -10.24 -19.65 -14.59
CA HIS A 220 -9.81 -18.42 -15.26
C HIS A 220 -8.28 -18.39 -15.42
N LEU A 221 -7.57 -18.82 -14.36
CA LEU A 221 -6.10 -18.83 -14.30
C LEU A 221 -5.50 -19.93 -15.18
N GLU A 222 -6.30 -20.99 -15.44
CA GLU A 222 -5.85 -22.23 -16.11
C GLU A 222 -5.14 -21.91 -17.45
N LEU A 223 -5.75 -21.00 -18.22
CA LEU A 223 -5.20 -20.52 -19.51
C LEU A 223 -3.79 -19.93 -19.34
N LEU A 224 -3.68 -18.97 -18.40
CA LEU A 224 -2.47 -18.17 -18.19
C LEU A 224 -1.31 -19.05 -17.68
N ARG A 225 -1.60 -19.83 -16.63
CA ARG A 225 -0.59 -20.64 -15.92
C ARG A 225 -0.09 -21.80 -16.81
N LYS A 226 -0.96 -22.28 -17.72
CA LYS A 226 -0.60 -23.32 -18.71
C LYS A 226 0.13 -22.69 -19.93
N LYS A 227 0.00 -21.36 -20.09
CA LYS A 227 0.80 -20.57 -21.06
C LYS A 227 2.11 -20.08 -20.40
N GLY A 228 2.26 -20.27 -19.07
CA GLY A 228 3.43 -19.81 -18.32
C GLY A 228 3.40 -18.30 -18.09
N ILE A 229 2.22 -17.80 -17.71
CA ILE A 229 1.95 -16.36 -17.48
C ILE A 229 1.55 -16.17 -16.01
N GLU A 230 1.99 -15.04 -15.43
CA GLU A 230 1.68 -14.69 -14.05
C GLU A 230 0.35 -13.95 -13.97
N VAL A 231 -0.44 -14.22 -12.93
CA VAL A 231 -1.67 -13.48 -12.60
C VAL A 231 -1.61 -13.11 -11.12
N LEU A 232 -1.98 -11.88 -10.81
CA LEU A 232 -1.97 -11.34 -9.45
C LEU A 232 -3.24 -11.84 -8.73
N LEU A 233 -3.06 -12.52 -7.58
CA LEU A 233 -4.17 -13.10 -6.79
C LEU A 233 -4.56 -12.13 -5.67
N LEU A 234 -5.74 -11.49 -5.81
CA LEU A 234 -6.28 -10.57 -4.80
C LEU A 234 -7.31 -11.34 -3.96
N SER A 235 -6.95 -11.62 -2.70
CA SER A 235 -7.77 -12.41 -1.76
C SER A 235 -8.63 -11.51 -0.86
N ASP A 236 -8.42 -10.18 -0.97
CA ASP A 236 -9.10 -9.16 -0.14
C ASP A 236 -10.09 -8.36 -1.00
N ARG A 237 -11.13 -7.81 -0.32
CA ARG A 237 -12.25 -7.14 -0.96
C ARG A 237 -11.95 -5.67 -1.31
N ILE A 238 -11.21 -4.93 -0.45
CA ILE A 238 -10.95 -3.48 -0.71
C ILE A 238 -9.91 -3.31 -1.86
N ASP A 239 -9.33 -4.46 -2.28
CA ASP A 239 -8.53 -4.58 -3.51
C ASP A 239 -9.31 -4.12 -4.78
N GLU A 240 -10.54 -4.63 -4.96
CA GLU A 240 -11.33 -4.34 -6.18
C GLU A 240 -11.95 -2.93 -6.13
N TRP A 241 -12.20 -2.43 -4.90
CA TRP A 241 -12.56 -1.01 -4.66
C TRP A 241 -11.41 -0.13 -5.18
N MET A 242 -10.18 -0.47 -4.74
CA MET A 242 -8.95 0.22 -5.12
C MET A 242 -8.77 0.24 -6.65
N MET A 243 -9.06 -0.91 -7.30
CA MET A 243 -8.88 -1.09 -8.76
C MET A 243 -9.83 -0.19 -9.60
N ASN A 244 -10.92 0.29 -9.00
CA ASN A 244 -11.88 1.21 -9.67
C ASN A 244 -11.21 2.54 -10.06
N TYR A 245 -10.26 3.01 -9.26
CA TYR A 245 -9.52 4.26 -9.54
C TYR A 245 -8.06 3.96 -9.94
N LEU A 246 -7.44 2.96 -9.29
CA LEU A 246 -6.09 2.48 -9.65
C LEU A 246 -6.25 1.58 -10.90
N THR A 247 -6.45 2.24 -12.04
CA THR A 247 -6.79 1.60 -13.32
C THR A 247 -5.54 1.29 -14.17
N GLU A 248 -4.41 1.98 -13.86
CA GLU A 248 -3.15 1.82 -14.60
C GLU A 248 -1.93 1.91 -13.66
N PHE A 249 -0.89 1.11 -13.96
CA PHE A 249 0.43 1.15 -13.27
C PHE A 249 1.53 0.81 -14.29
N ASP A 250 2.60 1.63 -14.30
CA ASP A 250 3.81 1.44 -15.16
C ASP A 250 3.49 1.64 -16.67
N GLY A 251 2.33 2.27 -16.95
CA GLY A 251 1.85 2.42 -18.33
C GLY A 251 0.99 1.23 -18.75
N LYS A 252 1.08 0.13 -17.98
CA LYS A 252 0.36 -1.13 -18.25
C LYS A 252 -1.04 -1.06 -17.57
N PRO A 253 -2.16 -1.13 -18.36
CA PRO A 253 -3.53 -1.18 -17.81
C PRO A 253 -3.82 -2.54 -17.14
N PHE A 254 -4.58 -2.53 -16.03
CA PHE A 254 -4.99 -3.77 -15.35
C PHE A 254 -6.13 -4.45 -16.13
N GLN A 255 -6.05 -5.77 -16.26
CA GLN A 255 -7.04 -6.59 -16.97
C GLN A 255 -7.61 -7.64 -16.03
N SER A 256 -8.92 -7.78 -16.03
CA SER A 256 -9.63 -8.79 -15.27
C SER A 256 -9.69 -10.09 -16.11
N VAL A 257 -9.29 -11.22 -15.51
CA VAL A 257 -9.47 -12.54 -16.12
C VAL A 257 -10.97 -12.93 -16.16
N SER A 258 -11.83 -12.12 -15.51
CA SER A 258 -13.28 -12.25 -15.54
C SER A 258 -13.91 -11.45 -16.72
N LYS A 259 -13.06 -10.99 -17.68
CA LYS A 259 -13.52 -10.42 -18.97
C LYS A 259 -12.46 -10.63 -20.07
N VAL A 260 -12.83 -10.28 -21.32
CA VAL A 260 -11.95 -10.38 -22.52
C VAL A 260 -11.60 -8.96 -22.97
N ASP A 261 -10.38 -8.79 -23.50
CA ASP A 261 -9.87 -7.49 -23.93
C ASP A 261 -8.84 -7.71 -25.07
N GLU A 262 -8.16 -6.62 -25.48
CA GLU A 262 -6.99 -6.65 -26.39
C GLU A 262 -5.82 -7.50 -25.80
N SER A 263 -5.91 -7.76 -24.48
CA SER A 263 -4.93 -8.55 -23.73
C SER A 263 -4.79 -9.99 -24.27
N LEU A 264 -5.93 -10.59 -24.68
CA LEU A 264 -5.98 -12.01 -25.10
C LEU A 264 -5.60 -12.20 -26.58
N GLU A 265 -5.51 -11.08 -27.32
CA GLU A 265 -4.98 -11.06 -28.70
C GLU A 265 -3.53 -11.56 -28.69
N LYS A 266 -2.72 -10.88 -27.86
CA LYS A 266 -1.27 -11.10 -27.77
C LYS A 266 -0.94 -12.53 -27.28
N LEU A 267 -1.79 -13.06 -26.40
CA LEU A 267 -1.59 -14.38 -25.76
C LEU A 267 -1.89 -15.53 -26.74
N ALA A 268 -2.83 -15.27 -27.68
CA ALA A 268 -3.19 -16.23 -28.73
C ALA A 268 -2.26 -16.07 -29.94
N LYS B 5 7.90 -19.56 -2.16
CA LYS B 5 7.70 -20.06 -0.80
C LYS B 5 8.05 -18.98 0.24
N LYS B 6 7.62 -19.21 1.49
CA LYS B 6 7.90 -18.34 2.64
C LYS B 6 9.19 -18.82 3.35
N ILE B 7 9.08 -20.01 4.00
CA ILE B 7 10.09 -20.58 4.92
C ILE B 7 10.30 -19.64 6.14
N GLU B 8 11.00 -18.52 5.90
CA GLU B 8 11.23 -17.46 6.90
C GLU B 8 10.88 -16.09 6.27
N VAL B 9 9.85 -16.10 5.40
CA VAL B 9 9.39 -14.96 4.56
C VAL B 9 10.44 -14.61 3.48
N GLU B 10 11.63 -14.16 3.92
CA GLU B 10 12.75 -13.81 3.04
C GLU B 10 13.22 -15.06 2.29
N PHE B 11 12.66 -15.27 1.09
CA PHE B 11 13.00 -16.39 0.20
C PHE B 11 12.58 -16.04 -1.24
N ASP B 12 11.27 -16.21 -1.56
CA ASP B 12 10.75 -16.05 -2.94
C ASP B 12 9.84 -14.81 -3.02
N LYS B 13 10.46 -13.68 -3.40
CA LYS B 13 9.80 -12.38 -3.54
C LYS B 13 10.61 -11.45 -4.47
N GLY B 14 9.93 -10.55 -5.19
CA GLY B 14 10.60 -9.60 -6.08
C GLY B 14 11.04 -8.34 -5.36
N GLN B 15 12.34 -8.01 -5.49
CA GLN B 15 12.96 -6.84 -4.84
C GLN B 15 13.43 -5.85 -5.91
N ARG B 16 12.79 -4.66 -5.97
CA ARG B 16 13.16 -3.58 -6.92
C ARG B 16 13.54 -2.30 -6.18
N THR B 17 14.38 -1.49 -6.85
CA THR B 17 14.88 -0.21 -6.35
C THR B 17 13.88 0.94 -6.70
N ASP B 18 14.37 2.20 -6.74
CA ASP B 18 13.63 3.40 -7.17
C ASP B 18 12.64 3.88 -6.07
N LYS B 19 12.20 5.15 -6.18
CA LYS B 19 11.30 5.78 -5.19
C LYS B 19 10.43 6.85 -5.88
N TYR B 20 9.21 7.03 -5.34
CA TYR B 20 8.29 8.11 -5.75
C TYR B 20 7.67 8.77 -4.50
N GLY B 21 6.92 9.86 -4.70
CA GLY B 21 6.27 10.60 -3.62
C GLY B 21 6.79 12.03 -3.52
N ARG B 22 6.10 12.98 -4.18
CA ARG B 22 6.51 14.40 -4.21
C ARG B 22 5.27 15.30 -4.24
N GLY B 23 4.38 15.07 -5.22
CA GLY B 23 3.12 15.80 -5.32
C GLY B 23 1.99 15.03 -4.69
N LEU B 24 1.33 15.62 -3.67
CA LEU B 24 0.23 14.96 -2.95
C LEU B 24 -1.10 15.63 -3.26
N ALA B 25 -2.18 14.85 -3.09
CA ALA B 25 -3.57 15.27 -3.26
C ALA B 25 -4.38 14.74 -2.09
N TYR B 26 -5.37 15.50 -1.61
CA TYR B 26 -6.24 15.09 -0.50
C TYR B 26 -7.71 15.27 -0.87
N ILE B 27 -8.28 14.18 -1.39
CA ILE B 27 -9.71 14.04 -1.65
C ILE B 27 -10.13 12.61 -1.28
N TYR B 28 -10.95 12.49 -0.23
CA TYR B 28 -11.38 11.19 0.34
C TYR B 28 -12.34 10.48 -0.64
N ALA B 29 -12.57 9.17 -0.39
CA ALA B 29 -13.42 8.30 -1.22
C ALA B 29 -14.92 8.74 -1.26
N ASP B 30 -15.29 9.79 -0.48
CA ASP B 30 -16.64 10.41 -0.53
C ASP B 30 -16.97 10.90 -1.97
N GLY B 31 -18.26 10.77 -2.35
CA GLY B 31 -18.71 11.12 -3.70
C GLY B 31 -18.38 10.02 -4.69
N LYS B 32 -17.66 10.38 -5.78
CA LYS B 32 -17.29 9.44 -6.85
C LYS B 32 -15.88 8.89 -6.58
N MET B 33 -15.78 7.56 -6.49
CA MET B 33 -14.50 6.83 -6.40
C MET B 33 -14.71 5.39 -6.88
N VAL B 34 -15.66 4.69 -6.24
CA VAL B 34 -15.97 3.27 -6.54
C VAL B 34 -17.14 3.18 -7.55
N ASN B 35 -16.89 2.56 -8.71
CA ASN B 35 -17.90 2.38 -9.76
C ASN B 35 -18.59 1.02 -9.58
N GLU B 36 -17.90 -0.07 -9.95
CA GLU B 36 -18.47 -1.44 -9.93
C GLU B 36 -17.33 -2.48 -9.76
N ALA B 37 -17.70 -3.73 -9.42
CA ALA B 37 -16.77 -4.87 -9.35
C ALA B 37 -16.23 -5.20 -10.75
N LEU B 38 -14.90 -5.45 -10.86
CA LEU B 38 -14.25 -5.74 -12.15
C LEU B 38 -14.67 -7.13 -12.70
N VAL B 39 -15.26 -7.95 -11.82
CA VAL B 39 -15.78 -9.28 -12.19
C VAL B 39 -17.10 -9.14 -12.96
N ARG B 40 -17.23 -9.90 -14.07
CA ARG B 40 -18.42 -9.89 -14.94
C ARG B 40 -18.78 -11.33 -15.34
N GLN B 41 -17.98 -11.95 -16.23
CA GLN B 41 -18.22 -13.32 -16.74
C GLN B 41 -16.90 -14.14 -16.67
N GLY B 42 -16.04 -13.98 -17.71
CA GLY B 42 -14.81 -14.73 -17.81
C GLY B 42 -14.07 -14.50 -19.11
N LEU B 43 -12.77 -14.78 -19.13
CA LEU B 43 -11.92 -14.64 -20.33
C LEU B 43 -12.00 -15.90 -21.23
N ALA B 44 -12.78 -16.93 -20.77
CA ALA B 44 -12.90 -18.24 -21.42
C ALA B 44 -13.55 -18.13 -22.82
N LYS B 45 -12.70 -17.82 -23.81
CA LYS B 45 -13.10 -17.61 -25.21
C LYS B 45 -11.82 -17.35 -26.01
N VAL B 46 -11.12 -16.26 -25.59
CA VAL B 46 -9.88 -15.76 -26.21
C VAL B 46 -10.08 -15.52 -27.73
N ALA B 47 -10.79 -14.42 -28.03
CA ALA B 47 -10.97 -13.96 -29.41
C ALA B 47 -9.65 -13.36 -29.92
N TYR B 48 -9.06 -13.98 -30.95
CA TYR B 48 -7.82 -13.47 -31.57
C TYR B 48 -8.16 -12.43 -32.65
N VAL B 49 -7.23 -11.50 -32.86
CA VAL B 49 -7.31 -10.43 -33.86
C VAL B 49 -5.86 -9.90 -34.04
N TYR B 50 -5.64 -8.69 -34.57
CA TYR B 50 -4.29 -8.09 -34.67
C TYR B 50 -4.28 -6.72 -34.01
N LYS B 51 -3.55 -6.62 -32.88
CA LYS B 51 -3.33 -5.36 -32.14
C LYS B 51 -1.86 -4.94 -32.29
N PRO B 52 -1.55 -3.60 -32.32
CA PRO B 52 -0.17 -3.09 -32.33
C PRO B 52 0.58 -3.53 -31.06
N ASN B 53 1.55 -4.44 -31.23
CA ASN B 53 2.38 -4.98 -30.12
C ASN B 53 3.34 -3.88 -29.59
N ASN B 54 4.28 -4.25 -28.69
CA ASN B 54 5.13 -3.27 -27.98
C ASN B 54 5.93 -2.37 -28.96
N THR B 55 6.97 -2.93 -29.60
CA THR B 55 7.80 -2.20 -30.61
C THR B 55 8.45 -3.23 -31.55
N HIS B 56 7.77 -3.57 -32.67
CA HIS B 56 8.20 -4.66 -33.60
C HIS B 56 8.32 -6.00 -32.83
N GLU B 57 7.42 -6.20 -31.83
CA GLU B 57 7.57 -7.20 -30.76
C GLU B 57 8.83 -6.85 -29.93
N GLN B 58 10.03 -7.27 -30.45
CA GLN B 58 11.36 -6.99 -29.86
C GLN B 58 11.53 -7.63 -28.45
N HIS B 59 12.79 -7.70 -28.01
CA HIS B 59 13.22 -8.11 -26.64
C HIS B 59 13.18 -9.64 -26.46
N LEU B 60 12.00 -10.24 -26.75
CA LEU B 60 11.66 -11.68 -26.57
C LEU B 60 12.07 -12.24 -25.19
N ARG B 61 12.24 -11.32 -24.21
CA ARG B 61 12.73 -11.61 -22.85
C ARG B 61 14.12 -12.28 -22.89
N LYS B 62 14.14 -13.60 -23.15
CA LYS B 62 15.34 -14.44 -23.36
C LYS B 62 14.88 -15.91 -23.46
N SER B 63 13.65 -16.10 -24.01
CA SER B 63 12.84 -17.34 -23.90
C SER B 63 13.67 -18.65 -24.08
N GLU B 64 14.18 -19.15 -22.93
CA GLU B 64 14.96 -20.42 -22.80
C GLU B 64 16.30 -20.42 -23.61
N ALA B 65 16.71 -19.24 -24.12
CA ALA B 65 17.97 -19.07 -24.88
C ALA B 65 19.18 -19.38 -23.98
N GLN B 66 19.13 -18.88 -22.73
CA GLN B 66 20.07 -19.28 -21.66
C GLN B 66 19.23 -19.83 -20.50
N ALA B 67 19.51 -21.08 -20.11
CA ALA B 67 18.85 -21.78 -18.97
C ALA B 67 19.52 -23.17 -18.78
N LYS B 68 20.79 -23.27 -19.20
CA LYS B 68 21.46 -24.56 -19.42
C LYS B 68 22.99 -24.39 -19.31
N LYS B 69 23.68 -25.54 -19.11
CA LYS B 69 25.15 -25.70 -19.19
C LYS B 69 25.87 -25.24 -17.89
N GLU B 70 25.72 -23.95 -17.56
CA GLU B 70 26.31 -23.34 -16.35
C GLU B 70 25.73 -23.96 -15.07
N LYS B 71 24.46 -24.40 -15.16
CA LYS B 71 23.77 -25.09 -14.07
C LYS B 71 23.96 -26.61 -14.23
N LEU B 72 25.09 -27.13 -13.71
CA LEU B 72 25.41 -28.57 -13.72
C LEU B 72 26.44 -28.84 -12.61
N ASN B 73 27.72 -28.55 -12.92
CA ASN B 73 28.83 -28.72 -11.98
C ASN B 73 28.86 -27.56 -10.96
N ILE B 74 28.61 -26.32 -11.48
CA ILE B 74 28.67 -25.03 -10.74
C ILE B 74 29.82 -25.00 -9.70
N TRP B 75 30.99 -24.51 -10.13
CA TRP B 75 32.17 -24.35 -9.28
C TRP B 75 32.09 -22.96 -8.57
N ALA A 4 17.01 10.76 30.13
CA ALA A 4 15.56 10.96 29.95
C ALA A 4 15.25 12.44 29.69
N GLN A 5 15.43 12.88 28.44
CA GLN A 5 15.24 14.27 27.97
C GLN A 5 14.19 14.28 26.85
N ALA A 6 13.46 15.42 26.70
CA ALA A 6 12.43 15.60 25.66
C ALA A 6 13.00 15.30 24.26
N LEU A 7 12.73 14.05 23.80
CA LEU A 7 13.44 13.41 22.68
C LEU A 7 13.25 14.17 21.37
N TRP A 8 12.04 14.70 21.14
CA TRP A 8 11.70 15.38 19.89
C TRP A 8 12.52 16.69 19.71
N THR A 9 12.53 17.56 20.75
CA THR A 9 13.24 18.86 20.68
C THR A 9 14.77 18.67 20.84
N ARG A 10 15.17 17.46 21.23
CA ARG A 10 16.57 17.04 21.35
C ARG A 10 17.10 16.61 19.95
N ASN A 11 18.38 16.88 19.66
CA ASN A 11 18.99 16.58 18.35
C ASN A 11 19.35 15.08 18.25
N LYS A 12 19.28 14.50 17.03
CA LYS A 12 19.51 13.05 16.79
C LYS A 12 20.92 12.59 17.19
N SER A 13 21.89 13.52 17.13
CA SER A 13 23.31 13.25 17.47
C SER A 13 23.46 12.78 18.93
N GLU A 14 22.52 13.23 19.78
CA GLU A 14 22.51 12.93 21.23
C GLU A 14 21.77 11.61 21.52
N ILE A 15 20.88 11.20 20.61
CA ILE A 15 19.90 10.13 20.88
C ILE A 15 20.33 8.80 20.22
N THR A 16 20.34 7.72 21.02
CA THR A 16 20.57 6.35 20.52
C THR A 16 19.25 5.76 19.99
N ASP A 17 19.38 4.73 19.14
CA ASP A 17 18.24 4.01 18.51
C ASP A 17 17.29 3.43 19.59
N GLU A 18 17.91 3.02 20.71
CA GLU A 18 17.23 2.41 21.86
C GLU A 18 16.22 3.37 22.51
N GLU A 19 16.59 4.65 22.64
CA GLU A 19 15.73 5.70 23.23
C GLU A 19 14.49 5.94 22.36
N TYR A 20 14.64 5.84 21.03
CA TYR A 20 13.49 5.93 20.09
C TYR A 20 12.50 4.78 20.33
N LYS A 21 13.06 3.59 20.57
CA LYS A 21 12.27 2.37 20.80
C LYS A 21 11.47 2.44 22.10
N GLU A 22 12.14 2.95 23.15
CA GLU A 22 11.54 3.16 24.48
C GLU A 22 10.44 4.23 24.38
N PHE A 23 10.75 5.34 23.69
CA PHE A 23 9.88 6.51 23.57
C PHE A 23 8.63 6.18 22.73
N TYR A 24 8.81 5.28 21.74
CA TYR A 24 7.71 4.70 20.96
C TYR A 24 6.70 4.00 21.88
N LYS A 25 7.24 3.14 22.77
CA LYS A 25 6.45 2.38 23.76
C LYS A 25 5.75 3.32 24.77
N HIS A 26 6.30 4.53 24.92
CA HIS A 26 5.82 5.54 25.87
C HIS A 26 4.62 6.31 25.30
N ILE A 27 4.77 6.84 24.07
CA ILE A 27 3.74 7.70 23.43
C ILE A 27 2.64 6.88 22.75
N ALA A 28 2.97 5.67 22.28
CA ALA A 28 2.00 4.76 21.62
C ALA A 28 1.35 3.80 22.65
N HIS A 29 2.01 3.66 23.82
CA HIS A 29 1.58 2.75 24.93
C HIS A 29 1.60 1.28 24.47
N ASP A 30 2.59 0.99 23.61
CA ASP A 30 2.75 -0.31 22.94
C ASP A 30 3.99 -1.03 23.52
N PHE A 31 4.24 -2.29 23.12
CA PHE A 31 5.32 -3.12 23.71
C PHE A 31 6.23 -3.73 22.65
N ASN A 32 5.84 -3.63 21.38
CA ASN A 32 6.59 -4.17 20.24
C ASN A 32 7.83 -3.31 19.96
N ASP A 33 8.88 -3.93 19.43
CA ASP A 33 10.08 -3.23 18.92
C ASP A 33 9.73 -2.55 17.59
N PRO A 34 9.78 -1.17 17.49
CA PRO A 34 9.31 -0.44 16.29
C PRO A 34 10.12 -0.80 15.03
N LEU A 35 9.43 -0.75 13.88
CA LEU A 35 10.00 -1.14 12.58
C LEU A 35 11.00 -0.08 12.08
N THR A 36 10.61 1.20 12.19
CA THR A 36 11.49 2.34 11.91
C THR A 36 10.84 3.63 12.45
N TRP A 37 11.56 4.75 12.31
CA TRP A 37 11.13 6.07 12.80
C TRP A 37 11.73 7.18 11.94
N SER A 38 11.09 8.35 11.97
CA SER A 38 11.54 9.57 11.28
C SER A 38 11.62 10.70 12.31
N HIS A 39 12.80 11.32 12.44
CA HIS A 39 13.00 12.45 13.36
C HIS A 39 13.63 13.63 12.59
N ASN A 40 12.77 14.58 12.20
CA ASN A 40 13.16 15.79 11.46
C ASN A 40 12.67 17.02 12.21
N ARG A 41 13.53 18.02 12.40
CA ARG A 41 13.15 19.32 13.01
C ARG A 41 13.29 20.42 11.95
N VAL A 42 12.23 21.21 11.78
CA VAL A 42 12.15 22.26 10.75
C VAL A 42 12.07 23.63 11.45
N GLU A 43 12.86 24.58 10.95
CA GLU A 43 13.00 25.92 11.51
C GLU A 43 12.90 26.91 10.34
N GLY A 44 12.20 28.04 10.54
CA GLY A 44 12.00 29.05 9.49
C GLY A 44 10.62 29.66 9.55
N LYS A 45 9.88 29.62 8.43
CA LYS A 45 8.52 30.19 8.36
C LYS A 45 7.55 29.35 9.20
N GLN A 46 7.64 28.03 9.02
CA GLN A 46 6.93 27.05 9.86
C GLN A 46 7.96 26.27 10.69
N GLU A 47 8.05 26.63 11.97
CA GLU A 47 8.93 25.98 12.94
C GLU A 47 8.16 24.86 13.68
N TYR A 48 8.48 23.60 13.33
CA TYR A 48 7.86 22.41 13.93
C TYR A 48 8.86 21.25 13.95
N THR A 49 8.91 20.52 15.08
CA THR A 49 9.66 19.27 15.19
C THR A 49 8.71 18.07 15.02
N SER A 50 8.94 17.28 13.97
CA SER A 50 8.15 16.08 13.67
C SER A 50 8.94 14.82 14.07
N LEU A 51 8.31 13.98 14.90
CA LEU A 51 8.89 12.72 15.38
C LEU A 51 7.86 11.58 15.19
N LEU A 52 7.99 10.88 14.07
CA LEU A 52 7.08 9.80 13.65
C LEU A 52 7.70 8.43 13.97
N TYR A 53 6.83 7.41 14.07
CA TYR A 53 7.20 6.01 14.36
C TYR A 53 6.25 5.09 13.55
N ILE A 54 6.79 3.98 13.04
CA ILE A 54 6.01 2.93 12.38
C ILE A 54 5.82 1.75 13.37
N PRO A 55 4.53 1.45 13.80
CA PRO A 55 4.23 0.33 14.72
C PRO A 55 4.42 -1.05 14.06
N SER A 56 4.67 -2.05 14.91
CA SER A 56 4.92 -3.45 14.47
C SER A 56 3.68 -4.34 14.66
N GLN A 57 2.60 -3.76 15.19
CA GLN A 57 1.33 -4.45 15.44
C GLN A 57 0.17 -3.50 15.11
N ALA A 58 -0.85 -4.03 14.41
CA ALA A 58 -2.09 -3.31 14.13
C ALA A 58 -2.90 -3.17 15.45
N PRO A 59 -3.14 -1.92 15.95
CA PRO A 59 -3.95 -1.71 17.16
C PRO A 59 -5.46 -1.91 16.87
N TRP A 60 -6.25 -2.12 17.93
CA TRP A 60 -7.70 -2.36 17.81
C TRP A 60 -8.40 -1.12 17.22
N ASP A 61 -7.88 0.07 17.56
CA ASP A 61 -8.47 1.36 17.16
C ASP A 61 -8.23 1.70 15.66
N MET A 62 -7.55 0.79 14.94
CA MET A 62 -7.25 0.99 13.53
C MET A 62 -8.55 0.97 12.68
N TRP A 63 -9.55 0.19 13.15
CA TRP A 63 -10.82 -0.02 12.39
C TRP A 63 -12.04 0.23 13.29
N ASN A 64 -11.87 1.11 14.29
CA ASN A 64 -12.93 1.46 15.26
C ASN A 64 -13.89 2.53 14.66
N ARG A 65 -15.03 2.75 15.34
CA ARG A 65 -16.03 3.77 14.95
C ARG A 65 -15.74 5.13 15.63
N ASP A 66 -14.91 5.12 16.68
CA ASP A 66 -14.37 6.35 17.32
C ASP A 66 -13.10 6.80 16.59
N HIS A 67 -12.56 7.96 16.95
CA HIS A 67 -11.22 8.37 16.45
C HIS A 67 -10.18 8.07 17.56
N LYS A 68 -9.02 7.49 17.18
CA LYS A 68 -7.92 7.21 18.13
C LYS A 68 -6.60 7.11 17.35
N HIS A 69 -6.67 6.54 16.14
CA HIS A 69 -5.52 6.51 15.20
C HIS A 69 -5.04 7.94 14.87
N GLY A 70 -3.72 8.15 14.80
CA GLY A 70 -3.14 9.49 14.55
C GLY A 70 -2.01 9.86 15.51
N LEU A 71 -1.62 11.15 15.50
CA LEU A 71 -0.48 11.68 16.29
C LEU A 71 -0.98 12.45 17.52
N LYS A 72 -0.10 12.64 18.52
CA LYS A 72 -0.36 13.57 19.63
C LYS A 72 0.30 14.92 19.34
N LEU A 73 -0.53 15.97 19.25
CA LEU A 73 -0.09 17.34 18.97
C LEU A 73 0.45 18.00 20.25
N TYR A 74 1.60 18.66 20.10
CA TYR A 74 2.23 19.53 21.10
C TYR A 74 2.42 20.90 20.48
N VAL A 75 2.22 21.96 21.27
CA VAL A 75 2.55 23.34 20.89
C VAL A 75 3.39 23.95 22.01
N GLN A 76 4.63 24.37 21.67
CA GLN A 76 5.57 25.04 22.60
C GLN A 76 5.98 24.07 23.74
N ARG A 77 6.12 22.78 23.35
CA ARG A 77 6.51 21.64 24.23
C ARG A 77 5.38 21.29 25.24
N VAL A 78 4.19 21.91 25.07
CA VAL A 78 2.99 21.66 25.90
C VAL A 78 2.08 20.68 25.16
N PHE A 79 1.64 19.61 25.84
CA PHE A 79 0.68 18.65 25.30
C PHE A 79 -0.67 19.35 25.05
N ILE A 80 -1.17 19.23 23.81
CA ILE A 80 -2.45 19.83 23.38
C ILE A 80 -3.54 18.75 23.38
N MET A 81 -3.30 17.71 22.58
CA MET A 81 -4.25 16.60 22.39
C MET A 81 -3.52 15.38 21.82
N ASP A 82 -4.16 14.22 21.98
CA ASP A 82 -3.74 12.95 21.37
C ASP A 82 -4.78 12.56 20.31
N ASP A 83 -4.45 11.54 19.49
CA ASP A 83 -5.36 10.88 18.54
C ASP A 83 -5.77 11.83 17.39
N ALA A 84 -4.91 12.82 17.10
CA ALA A 84 -5.13 13.82 16.06
C ALA A 84 -4.62 13.28 14.71
N GLU A 85 -5.55 12.64 13.97
CA GLU A 85 -5.32 12.20 12.56
C GLU A 85 -5.62 13.36 11.58
N GLN A 86 -5.67 14.59 12.10
CA GLN A 86 -5.82 15.81 11.28
C GLN A 86 -4.52 16.13 10.51
N PHE A 87 -3.43 15.41 10.86
CA PHE A 87 -2.10 15.55 10.21
C PHE A 87 -1.85 14.42 9.21
N MET A 88 -2.65 13.33 9.30
CA MET A 88 -2.44 12.09 8.55
C MET A 88 -3.77 11.63 7.91
N PRO A 89 -3.82 11.32 6.57
CA PRO A 89 -5.04 10.75 5.93
C PRO A 89 -5.43 9.37 6.56
N ASN A 90 -6.58 8.82 6.14
CA ASN A 90 -7.04 7.48 6.60
C ASN A 90 -6.11 6.38 6.08
N TYR A 91 -5.52 6.66 4.90
CA TYR A 91 -4.42 5.90 4.30
C TYR A 91 -3.20 5.81 5.25
N LEU A 92 -2.93 6.87 6.03
CA LEU A 92 -1.76 6.94 6.95
C LEU A 92 -2.24 7.03 8.41
N ARG A 93 -3.37 6.36 8.70
CA ARG A 93 -3.94 6.32 10.07
C ARG A 93 -3.00 5.57 11.05
N PHE A 94 -2.15 4.69 10.48
CA PHE A 94 -1.25 3.80 11.26
C PHE A 94 -0.09 4.54 11.94
N VAL A 95 0.21 5.75 11.43
CA VAL A 95 1.37 6.53 11.89
C VAL A 95 1.18 6.94 13.36
N ARG A 96 2.13 6.54 14.20
CA ARG A 96 2.14 6.84 15.63
C ARG A 96 3.35 7.69 15.94
N GLY A 97 3.17 8.65 16.84
CA GLY A 97 4.22 9.60 17.18
C GLY A 97 3.63 10.88 17.67
N LEU A 98 4.34 11.98 17.42
CA LEU A 98 4.00 13.30 17.93
C LEU A 98 4.64 14.37 17.07
N ILE A 99 4.22 15.62 17.32
CA ILE A 99 4.79 16.78 16.66
C ILE A 99 4.62 18.02 17.55
N ASP A 100 5.72 18.73 17.79
CA ASP A 100 5.73 20.01 18.49
C ASP A 100 5.79 21.14 17.45
N SER A 101 4.87 22.10 17.57
CA SER A 101 4.80 23.28 16.68
C SER A 101 4.74 24.57 17.51
N SER A 102 5.08 25.71 16.91
CA SER A 102 4.95 27.03 17.57
C SER A 102 4.01 27.95 16.79
N ASP A 103 3.73 27.61 15.52
CA ASP A 103 2.89 28.42 14.61
C ASP A 103 1.41 28.11 14.82
N LEU A 104 1.13 26.84 15.18
CA LEU A 104 -0.20 26.41 15.63
C LEU A 104 -0.44 27.02 17.03
N PRO A 105 -1.65 27.62 17.31
CA PRO A 105 -1.98 28.21 18.63
C PRO A 105 -1.86 27.21 19.81
N LEU A 106 -1.79 27.73 21.04
CA LEU A 106 -1.80 26.87 22.25
C LEU A 106 -3.24 26.39 22.57
N ASN A 107 -4.23 27.09 21.95
CA ASN A 107 -5.67 26.76 22.04
C ASN A 107 -6.14 25.98 20.80
N VAL A 108 -5.18 25.47 19.98
CA VAL A 108 -5.49 24.81 18.70
C VAL A 108 -6.31 23.50 18.92
N SER A 109 -7.36 23.32 18.12
CA SER A 109 -8.28 22.16 18.22
C SER A 109 -8.44 21.50 16.84
N ARG A 110 -9.09 20.32 16.84
CA ARG A 110 -9.35 19.49 15.64
C ARG A 110 -10.00 20.31 14.50
N GLU A 111 -10.90 21.22 14.88
CA GLU A 111 -11.65 22.06 13.94
C GLU A 111 -10.72 23.07 13.25
N ILE A 112 -9.82 23.67 14.05
CA ILE A 112 -8.83 24.64 13.56
C ILE A 112 -7.85 23.93 12.60
N LEU A 113 -7.51 22.67 12.91
CA LEU A 113 -6.53 21.87 12.15
C LEU A 113 -7.01 21.56 10.71
N GLN A 114 -8.33 21.28 10.55
CA GLN A 114 -8.90 20.95 9.21
C GLN A 114 -9.18 22.23 8.38
N ASP A 115 -9.35 23.38 9.07
CA ASP A 115 -9.58 24.69 8.40
C ASP A 115 -8.25 25.40 8.06
N SER A 116 -7.20 25.16 8.86
CA SER A 116 -5.94 25.92 8.78
C SER A 116 -5.13 25.58 7.52
N THR A 117 -4.56 26.62 6.91
CA THR A 117 -3.73 26.51 5.70
C THR A 117 -2.29 26.12 6.07
N VAL A 118 -1.80 26.59 7.24
CA VAL A 118 -0.45 26.23 7.75
C VAL A 118 -0.42 24.76 8.21
N THR A 119 -1.57 24.28 8.75
CA THR A 119 -1.74 22.85 9.13
C THR A 119 -1.99 21.97 7.88
N ARG A 120 -2.49 22.60 6.79
CA ARG A 120 -2.61 21.94 5.47
C ARG A 120 -1.20 21.71 4.89
N ASN A 121 -0.34 22.76 4.95
CA ASN A 121 1.08 22.69 4.50
C ASN A 121 1.84 21.66 5.32
N LEU A 122 1.50 21.62 6.62
CA LEU A 122 2.08 20.73 7.61
C LEU A 122 1.76 19.27 7.26
N ARG A 123 0.45 18.98 7.10
CA ARG A 123 -0.09 17.65 6.73
C ARG A 123 0.46 17.18 5.38
N ASN A 124 0.62 18.13 4.44
CA ASN A 124 1.17 17.90 3.09
C ASN A 124 2.62 17.35 3.20
N ALA A 125 3.43 17.99 4.06
CA ALA A 125 4.85 17.63 4.27
C ALA A 125 5.00 16.33 5.09
N LEU A 126 4.11 16.16 6.09
CA LEU A 126 4.13 14.99 6.99
C LEU A 126 3.76 13.70 6.22
N THR A 127 2.80 13.82 5.29
CA THR A 127 2.36 12.70 4.43
C THR A 127 3.53 12.19 3.57
N LYS A 128 4.32 13.14 3.03
CA LYS A 128 5.51 12.85 2.23
C LYS A 128 6.62 12.20 3.08
N ARG A 129 6.77 12.68 4.33
CA ARG A 129 7.78 12.16 5.29
C ARG A 129 7.48 10.69 5.65
N VAL A 130 6.18 10.35 5.78
CA VAL A 130 5.74 8.98 6.05
C VAL A 130 6.00 8.08 4.83
N LEU A 131 5.53 8.52 3.65
CA LEU A 131 5.64 7.75 2.39
C LEU A 131 7.10 7.45 2.03
N GLN A 132 7.98 8.43 2.30
CA GLN A 132 9.43 8.30 2.08
C GLN A 132 10.01 7.27 3.08
N MET A 133 9.48 7.29 4.33
CA MET A 133 9.88 6.38 5.43
C MET A 133 9.33 4.94 5.20
N LEU A 134 8.19 4.82 4.50
CA LEU A 134 7.57 3.51 4.15
C LEU A 134 8.45 2.81 3.12
N GLU A 135 8.81 3.55 2.06
CA GLU A 135 9.68 3.07 0.99
C GLU A 135 11.08 2.78 1.54
N LYS A 136 11.56 3.67 2.42
CA LYS A 136 12.87 3.54 3.09
C LYS A 136 12.95 2.24 3.88
N LEU A 137 11.84 1.90 4.57
CA LEU A 137 11.74 0.65 5.36
C LEU A 137 11.78 -0.58 4.44
N ALA A 138 11.15 -0.46 3.25
CA ALA A 138 11.13 -1.52 2.22
C ALA A 138 12.53 -1.73 1.60
N LYS A 139 13.35 -0.65 1.58
CA LYS A 139 14.74 -0.69 1.06
C LYS A 139 15.72 -1.15 2.15
N ASP A 140 15.45 -0.75 3.40
CA ASP A 140 16.36 -0.95 4.55
C ASP A 140 16.25 -2.38 5.05
N ASP A 141 15.04 -2.76 5.49
CA ASP A 141 14.75 -4.11 5.99
C ASP A 141 13.32 -4.50 5.60
N ALA A 142 13.22 -5.27 4.51
CA ALA A 142 11.95 -5.70 3.91
C ALA A 142 11.18 -6.68 4.82
N GLU A 143 11.86 -7.24 5.85
CA GLU A 143 11.26 -8.15 6.84
C GLU A 143 10.41 -7.34 7.84
N LYS A 144 10.98 -6.22 8.32
CA LYS A 144 10.27 -5.25 9.16
C LYS A 144 9.12 -4.61 8.35
N TYR A 145 9.35 -4.40 7.04
CA TYR A 145 8.31 -3.90 6.13
C TYR A 145 7.24 -4.98 5.85
N GLN A 146 7.63 -6.26 5.96
CA GLN A 146 6.69 -7.39 5.74
C GLN A 146 5.81 -7.60 6.98
N THR A 147 6.36 -7.31 8.18
CA THR A 147 5.59 -7.22 9.43
C THR A 147 4.57 -6.08 9.32
N PHE A 148 5.07 -4.92 8.82
CA PHE A 148 4.27 -3.72 8.55
C PHE A 148 3.09 -4.04 7.62
N TRP A 149 3.37 -4.75 6.53
CA TRP A 149 2.36 -5.06 5.51
C TRP A 149 1.32 -6.05 6.05
N GLN A 150 1.78 -7.01 6.87
CA GLN A 150 0.92 -8.06 7.42
C GLN A 150 -0.10 -7.47 8.43
N GLN A 151 0.28 -6.33 9.06
CA GLN A 151 -0.55 -5.63 10.05
C GLN A 151 -1.39 -4.49 9.41
N PHE A 152 -0.78 -3.75 8.46
CA PHE A 152 -1.33 -2.46 7.96
C PHE A 152 -1.51 -2.47 6.43
N GLY A 153 -1.51 -3.66 5.81
CA GLY A 153 -1.67 -3.80 4.36
C GLY A 153 -3.00 -3.25 3.87
N LEU A 154 -4.07 -3.59 4.62
CA LEU A 154 -5.45 -3.13 4.36
C LEU A 154 -5.54 -1.58 4.31
N VAL A 155 -4.71 -0.92 5.14
CA VAL A 155 -4.68 0.55 5.28
C VAL A 155 -3.91 1.20 4.11
N LEU A 156 -2.80 0.56 3.69
CA LEU A 156 -1.93 1.12 2.63
C LEU A 156 -2.59 0.94 1.24
N LYS A 157 -3.45 -0.08 1.11
CA LYS A 157 -4.19 -0.34 -0.15
C LYS A 157 -5.39 0.62 -0.34
N GLU A 158 -5.58 1.54 0.62
CA GLU A 158 -6.49 2.68 0.48
C GLU A 158 -5.85 3.76 -0.40
N GLY A 159 -4.50 3.79 -0.41
CA GLY A 159 -3.69 4.81 -1.08
C GLY A 159 -4.07 5.16 -2.53
N PRO A 160 -4.18 4.18 -3.48
CA PRO A 160 -4.58 4.47 -4.90
C PRO A 160 -6.00 5.11 -5.05
N ALA A 161 -6.83 4.99 -3.98
CA ALA A 161 -8.18 5.59 -3.94
C ALA A 161 -8.15 6.97 -3.25
N GLU A 162 -7.26 7.10 -2.24
CA GLU A 162 -7.09 8.33 -1.44
C GLU A 162 -6.35 9.42 -2.25
N ASP A 163 -5.10 9.08 -2.61
CA ASP A 163 -4.12 10.00 -3.16
C ASP A 163 -3.68 9.56 -4.58
N PHE A 164 -4.08 10.35 -5.59
CA PHE A 164 -3.66 10.14 -7.00
C PHE A 164 -2.21 10.62 -7.22
N ALA A 165 -1.80 11.67 -6.46
CA ALA A 165 -0.54 12.40 -6.71
C ALA A 165 0.70 11.51 -6.62
N ASN A 166 0.64 10.51 -5.72
CA ASN A 166 1.76 9.58 -5.46
C ASN A 166 1.32 8.13 -5.70
N GLN A 167 0.24 7.93 -6.49
CA GLN A 167 -0.37 6.59 -6.76
C GLN A 167 0.68 5.53 -7.17
N GLU A 168 1.67 5.94 -7.99
CA GLU A 168 2.74 5.04 -8.48
C GLU A 168 3.71 4.69 -7.34
N ALA A 169 4.04 5.69 -6.49
CA ALA A 169 4.92 5.49 -5.32
C ALA A 169 4.26 4.54 -4.30
N ILE A 170 2.93 4.67 -4.17
CA ILE A 170 2.08 3.80 -3.35
C ILE A 170 2.03 2.39 -3.96
N ALA A 171 2.05 2.32 -5.30
CA ALA A 171 2.03 1.05 -6.06
C ALA A 171 3.36 0.29 -5.92
N LYS A 172 4.46 1.04 -5.67
CA LYS A 172 5.76 0.45 -5.33
C LYS A 172 5.69 -0.19 -3.93
N LEU A 173 4.88 0.43 -3.05
CA LEU A 173 4.66 -0.03 -1.66
C LEU A 173 3.68 -1.22 -1.60
N LEU A 174 2.76 -1.30 -2.59
CA LEU A 174 1.73 -2.36 -2.62
C LEU A 174 2.35 -3.75 -2.80
N ARG A 175 2.01 -4.66 -1.88
CA ARG A 175 2.37 -6.10 -1.94
C ARG A 175 1.08 -6.92 -2.17
N PHE A 176 1.26 -8.02 -2.89
CA PHE A 176 0.21 -8.99 -3.23
C PHE A 176 0.83 -10.39 -3.22
N ALA A 177 0.01 -11.41 -3.43
CA ALA A 177 0.49 -12.77 -3.74
C ALA A 177 0.36 -12.99 -5.26
N SER A 178 1.13 -13.93 -5.83
CA SER A 178 1.03 -14.29 -7.25
C SER A 178 1.41 -15.76 -7.44
N THR A 179 1.09 -16.32 -8.62
CA THR A 179 1.17 -17.77 -8.90
C THR A 179 2.62 -18.35 -8.86
N HIS A 180 3.65 -17.48 -8.68
CA HIS A 180 5.04 -17.97 -8.47
C HIS A 180 5.22 -18.52 -7.03
N THR A 181 4.38 -18.00 -6.11
CA THR A 181 4.30 -18.46 -4.71
C THR A 181 2.82 -18.75 -4.36
N ASP A 182 2.53 -20.00 -3.95
CA ASP A 182 1.14 -20.46 -3.69
C ASP A 182 0.70 -20.16 -2.23
N SER A 183 1.33 -19.15 -1.59
CA SER A 183 1.02 -18.73 -0.21
C SER A 183 0.17 -17.43 -0.22
N SER A 184 -0.71 -17.29 0.80
CA SER A 184 -1.55 -16.08 0.99
C SER A 184 -0.72 -14.84 1.38
N ALA A 185 0.52 -15.10 1.84
CA ALA A 185 1.49 -14.06 2.21
C ALA A 185 1.73 -13.07 1.05
N GLN A 186 1.22 -11.83 1.22
CA GLN A 186 1.35 -10.76 0.24
C GLN A 186 2.79 -10.21 0.26
N THR A 187 3.66 -10.81 -0.57
CA THR A 187 5.11 -10.56 -0.57
C THR A 187 5.60 -9.87 -1.87
N VAL A 188 5.00 -10.22 -3.03
CA VAL A 188 5.41 -9.65 -4.33
C VAL A 188 4.78 -8.26 -4.55
N SER A 189 5.63 -7.24 -4.78
CA SER A 189 5.15 -5.88 -5.09
C SER A 189 4.82 -5.77 -6.59
N LEU A 190 4.10 -4.71 -6.98
CA LEU A 190 3.80 -4.41 -8.39
C LEU A 190 5.11 -4.17 -9.18
N GLU A 191 6.09 -3.55 -8.48
CA GLU A 191 7.44 -3.30 -9.03
C GLU A 191 8.14 -4.66 -9.31
N ASP A 192 8.12 -5.56 -8.30
CA ASP A 192 8.77 -6.88 -8.37
C ASP A 192 8.08 -7.78 -9.41
N TYR A 193 6.76 -7.55 -9.61
CA TYR A 193 5.94 -8.25 -10.60
C TYR A 193 6.43 -7.94 -12.03
N VAL A 194 6.78 -6.65 -12.27
CA VAL A 194 7.34 -6.21 -13.57
C VAL A 194 8.72 -6.88 -13.82
N SER A 195 9.46 -7.13 -12.74
CA SER A 195 10.77 -7.82 -12.79
C SER A 195 10.62 -9.32 -13.12
N ARG A 196 9.39 -9.86 -12.94
CA ARG A 196 9.08 -11.28 -13.22
C ARG A 196 8.22 -11.43 -14.50
N MET A 197 8.08 -10.33 -15.28
CA MET A 197 7.33 -10.35 -16.55
C MET A 197 8.14 -11.04 -17.66
N LYS A 198 7.45 -11.91 -18.44
CA LYS A 198 8.03 -12.59 -19.62
C LYS A 198 7.24 -12.17 -20.89
N GLU A 199 7.53 -12.85 -22.02
CA GLU A 199 6.77 -12.69 -23.28
C GLU A 199 5.28 -13.05 -23.06
N GLY A 200 4.39 -12.16 -23.52
CA GLY A 200 2.94 -12.33 -23.33
C GLY A 200 2.44 -11.80 -21.99
N GLN A 201 3.38 -11.62 -21.03
CA GLN A 201 3.08 -11.04 -19.73
C GLN A 201 3.65 -9.62 -19.68
N GLU A 202 2.99 -8.70 -20.39
CA GLU A 202 3.36 -7.24 -20.39
C GLU A 202 2.18 -6.43 -19.82
N LYS A 203 1.27 -7.16 -19.17
CA LYS A 203 0.03 -6.64 -18.61
C LYS A 203 -0.13 -7.29 -17.22
N ILE A 204 -0.42 -6.49 -16.18
CA ILE A 204 -0.61 -7.03 -14.83
C ILE A 204 -1.92 -7.83 -14.79
N TYR A 205 -1.79 -9.16 -14.80
CA TYR A 205 -2.93 -10.08 -14.70
C TYR A 205 -3.18 -10.36 -13.22
N TYR A 206 -4.46 -10.30 -12.82
CA TYR A 206 -4.85 -10.49 -11.42
C TYR A 206 -6.33 -10.90 -11.33
N ILE A 207 -6.70 -11.45 -10.16
CA ILE A 207 -8.08 -11.82 -9.85
C ILE A 207 -8.53 -11.14 -8.54
N THR A 208 -9.61 -10.35 -8.62
CA THR A 208 -10.24 -9.71 -7.46
C THR A 208 -11.34 -10.65 -6.91
N ALA A 209 -11.25 -10.98 -5.62
CA ALA A 209 -12.22 -11.85 -4.96
C ALA A 209 -12.28 -11.55 -3.45
N ASP A 210 -13.26 -12.15 -2.78
CA ASP A 210 -13.50 -11.97 -1.35
C ASP A 210 -12.56 -12.87 -0.52
N SER A 211 -12.17 -14.03 -1.08
CA SER A 211 -11.37 -15.06 -0.37
C SER A 211 -10.28 -15.62 -1.29
N TYR A 212 -9.15 -16.00 -0.67
CA TYR A 212 -7.92 -16.42 -1.37
C TYR A 212 -8.10 -17.76 -2.09
N ALA A 213 -8.68 -18.74 -1.37
CA ALA A 213 -8.90 -20.09 -1.92
C ALA A 213 -9.92 -20.05 -3.07
N ALA A 214 -10.98 -19.23 -2.90
CA ALA A 214 -12.02 -18.99 -3.93
C ALA A 214 -11.41 -18.40 -5.20
N ALA A 215 -10.50 -17.42 -5.00
CA ALA A 215 -9.78 -16.75 -6.09
C ALA A 215 -8.86 -17.75 -6.83
N LYS A 216 -8.07 -18.47 -6.05
CA LYS A 216 -6.95 -19.30 -6.54
C LYS A 216 -7.44 -20.59 -7.23
N SER A 217 -8.64 -21.06 -6.85
CA SER A 217 -9.26 -22.28 -7.43
C SER A 217 -10.13 -21.95 -8.66
N SER A 218 -10.18 -20.65 -9.04
CA SER A 218 -10.92 -20.19 -10.21
C SER A 218 -10.19 -20.59 -11.51
N PRO A 219 -10.93 -21.10 -12.55
CA PRO A 219 -10.35 -21.43 -13.87
C PRO A 219 -9.93 -20.17 -14.69
N HIS A 220 -10.28 -18.97 -14.20
CA HIS A 220 -9.91 -17.69 -14.83
C HIS A 220 -8.39 -17.52 -14.93
N LEU A 221 -7.71 -17.66 -13.78
CA LEU A 221 -6.24 -17.54 -13.69
C LEU A 221 -5.53 -18.80 -14.21
N GLU A 222 -6.27 -19.93 -14.19
CA GLU A 222 -5.74 -21.24 -14.62
C GLU A 222 -5.32 -21.16 -16.10
N LEU A 223 -6.13 -20.43 -16.91
CA LEU A 223 -5.85 -20.20 -18.35
C LEU A 223 -4.46 -19.57 -18.56
N LEU A 224 -4.18 -18.49 -17.82
CA LEU A 224 -2.93 -17.72 -17.94
C LEU A 224 -1.74 -18.51 -17.40
N ARG A 225 -1.92 -19.09 -16.21
CA ARG A 225 -0.89 -19.89 -15.52
C ARG A 225 -0.55 -21.17 -16.33
N LYS A 226 -1.51 -21.59 -17.18
CA LYS A 226 -1.34 -22.72 -18.11
C LYS A 226 -0.35 -22.35 -19.23
N LYS A 227 -0.36 -21.05 -19.64
CA LYS A 227 0.66 -20.48 -20.57
C LYS A 227 2.01 -20.29 -19.85
N GLY A 228 2.01 -20.38 -18.51
CA GLY A 228 3.19 -20.13 -17.69
C GLY A 228 3.30 -18.67 -17.28
N ILE A 229 2.14 -17.97 -17.25
CA ILE A 229 2.05 -16.55 -16.92
C ILE A 229 1.74 -16.40 -15.42
N GLU A 230 2.35 -15.38 -14.80
CA GLU A 230 2.17 -15.07 -13.38
C GLU A 230 0.92 -14.21 -13.19
N VAL A 231 0.08 -14.57 -12.21
CA VAL A 231 -1.21 -13.89 -11.93
C VAL A 231 -1.28 -13.54 -10.44
N LEU A 232 -1.55 -12.27 -10.10
CA LEU A 232 -1.76 -11.83 -8.71
C LEU A 232 -3.09 -12.39 -8.15
N LEU A 233 -3.09 -12.73 -6.84
CA LEU A 233 -4.21 -13.39 -6.16
C LEU A 233 -4.73 -12.44 -5.05
N LEU A 234 -5.78 -11.65 -5.37
CA LEU A 234 -6.33 -10.58 -4.50
C LEU A 234 -7.57 -11.07 -3.76
N SER A 235 -7.51 -10.98 -2.42
CA SER A 235 -8.58 -11.44 -1.52
C SER A 235 -8.79 -10.41 -0.38
N ASP A 236 -8.65 -9.14 -0.72
CA ASP A 236 -8.58 -8.04 0.25
C ASP A 236 -9.97 -7.39 0.43
N ARG A 237 -10.08 -6.46 1.38
CA ARG A 237 -11.29 -5.66 1.59
C ARG A 237 -11.52 -4.67 0.44
N ILE A 238 -10.53 -3.80 0.22
CA ILE A 238 -10.69 -2.60 -0.63
C ILE A 238 -10.21 -2.82 -2.07
N ASP A 239 -9.53 -3.97 -2.33
CA ASP A 239 -8.87 -4.23 -3.64
C ASP A 239 -9.88 -4.13 -4.81
N GLU A 240 -11.09 -4.67 -4.59
CA GLU A 240 -12.18 -4.69 -5.60
C GLU A 240 -12.47 -3.28 -6.16
N TRP A 241 -12.37 -2.26 -5.30
CA TRP A 241 -12.55 -0.84 -5.68
C TRP A 241 -11.22 -0.25 -6.18
N MET A 242 -10.12 -0.62 -5.49
CA MET A 242 -8.77 -0.05 -5.68
C MET A 242 -8.22 -0.29 -7.11
N MET A 243 -8.55 -1.47 -7.69
CA MET A 243 -8.00 -1.90 -8.98
C MET A 243 -8.71 -1.23 -10.18
N ASN A 244 -9.80 -0.47 -9.90
CA ASN A 244 -10.46 0.40 -10.91
C ASN A 244 -9.68 1.72 -11.03
N TYR A 245 -8.86 2.02 -10.01
CA TYR A 245 -7.98 3.19 -9.99
C TYR A 245 -6.59 2.77 -10.50
N LEU A 246 -6.20 1.53 -10.17
CA LEU A 246 -5.00 0.89 -10.73
C LEU A 246 -5.33 0.32 -12.12
N THR A 247 -5.43 1.23 -13.10
CA THR A 247 -5.65 0.88 -14.51
C THR A 247 -4.30 0.69 -15.24
N GLU A 248 -3.24 1.31 -14.69
CA GLU A 248 -1.88 1.22 -15.25
C GLU A 248 -0.81 1.60 -14.21
N PHE A 249 0.32 0.87 -14.26
CA PHE A 249 1.51 1.09 -13.41
C PHE A 249 2.78 1.02 -14.29
N ASP A 250 3.55 2.12 -14.31
CA ASP A 250 4.89 2.21 -14.94
C ASP A 250 4.81 2.08 -16.50
N GLY A 251 3.59 2.23 -17.05
CA GLY A 251 3.35 2.04 -18.48
C GLY A 251 2.80 0.67 -18.82
N LYS A 252 2.92 -0.29 -17.87
CA LYS A 252 2.33 -1.63 -18.01
C LYS A 252 0.89 -1.60 -17.46
N PRO A 253 -0.15 -1.85 -18.33
CA PRO A 253 -1.56 -1.74 -17.92
C PRO A 253 -2.05 -2.97 -17.13
N PHE A 254 -3.21 -2.82 -16.47
CA PHE A 254 -3.82 -3.90 -15.64
C PHE A 254 -4.93 -4.63 -16.42
N GLN A 255 -5.23 -5.87 -15.98
CA GLN A 255 -6.27 -6.72 -16.56
C GLN A 255 -6.88 -7.61 -15.46
N SER A 256 -8.14 -7.34 -15.12
CA SER A 256 -8.91 -8.19 -14.22
C SER A 256 -9.45 -9.40 -15.00
N VAL A 257 -9.07 -10.62 -14.58
CA VAL A 257 -9.45 -11.88 -15.26
C VAL A 257 -10.93 -12.25 -15.01
N SER A 258 -11.57 -11.47 -14.12
CA SER A 258 -13.02 -11.52 -13.87
C SER A 258 -13.82 -11.18 -15.14
N LYS A 259 -13.24 -10.32 -16.00
CA LYS A 259 -13.84 -9.97 -17.30
C LYS A 259 -12.90 -10.36 -18.45
N VAL A 260 -13.45 -10.38 -19.67
CA VAL A 260 -12.73 -10.70 -20.90
C VAL A 260 -12.67 -9.46 -21.80
N ASP A 261 -11.47 -9.12 -22.27
CA ASP A 261 -11.25 -7.96 -23.17
C ASP A 261 -10.31 -8.38 -24.30
N GLU A 262 -9.69 -7.39 -24.99
CA GLU A 262 -8.76 -7.66 -26.12
C GLU A 262 -7.54 -8.51 -25.66
N SER A 263 -7.25 -8.49 -24.34
CA SER A 263 -6.19 -9.31 -23.74
C SER A 263 -6.43 -10.80 -24.00
N LEU A 264 -7.60 -11.28 -23.55
CA LEU A 264 -7.98 -12.71 -23.63
C LEU A 264 -8.62 -13.04 -24.99
N GLU A 265 -8.99 -11.99 -25.74
CA GLU A 265 -9.55 -12.11 -27.11
C GLU A 265 -8.42 -12.49 -28.09
N LYS A 266 -7.26 -11.83 -27.93
CA LYS A 266 -6.09 -12.09 -28.77
C LYS A 266 -5.35 -13.36 -28.31
N LEU A 267 -5.32 -13.57 -26.97
CA LEU A 267 -4.63 -14.72 -26.34
C LEU A 267 -5.30 -16.07 -26.74
N ALA A 268 -6.63 -16.06 -26.87
CA ALA A 268 -7.42 -17.28 -27.18
C ALA A 268 -7.20 -17.73 -28.63
N LYS B 5 20.66 13.07 -8.26
CA LYS B 5 19.92 14.14 -7.57
C LYS B 5 18.60 14.42 -8.31
N LYS B 6 18.04 13.37 -8.96
CA LYS B 6 16.86 13.44 -9.83
C LYS B 6 15.68 14.18 -9.16
N ILE B 7 15.08 15.15 -9.88
CA ILE B 7 14.07 16.11 -9.35
C ILE B 7 14.75 17.05 -8.33
N GLU B 8 15.07 16.49 -7.15
CA GLU B 8 15.90 17.11 -6.12
C GLU B 8 16.32 16.00 -5.15
N VAL B 9 15.32 15.27 -4.63
CA VAL B 9 15.50 14.08 -3.78
C VAL B 9 14.48 13.00 -4.26
N GLU B 10 14.19 13.05 -5.58
CA GLU B 10 13.21 12.21 -6.30
C GLU B 10 11.79 12.46 -5.76
N PHE B 11 11.53 11.87 -4.58
CA PHE B 11 10.26 11.99 -3.88
C PHE B 11 10.19 13.34 -3.11
N ASP B 12 9.02 13.63 -2.49
CA ASP B 12 8.80 14.77 -1.55
C ASP B 12 8.67 16.11 -2.30
N LYS B 13 9.80 16.63 -2.82
CA LYS B 13 9.85 17.96 -3.47
C LYS B 13 8.97 17.94 -4.73
N GLY B 14 7.86 18.73 -4.71
CA GLY B 14 6.94 18.83 -5.83
C GLY B 14 5.59 19.42 -5.41
N GLN B 15 4.52 18.60 -5.52
CA GLN B 15 3.13 19.04 -5.36
C GLN B 15 2.79 19.44 -3.90
N ARG B 16 2.46 20.72 -3.73
CA ARG B 16 1.95 21.31 -2.50
C ARG B 16 0.92 22.38 -2.92
N THR B 17 -0.32 21.93 -3.13
CA THR B 17 -1.41 22.72 -3.73
C THR B 17 -2.76 22.27 -3.14
N ASP B 18 -3.75 23.21 -3.13
CA ASP B 18 -5.19 22.94 -2.88
C ASP B 18 -5.50 22.76 -1.37
N LYS B 19 -6.68 23.26 -0.96
CA LYS B 19 -7.06 23.43 0.46
C LYS B 19 -8.10 22.38 0.89
N TYR B 20 -7.63 21.18 1.25
CA TYR B 20 -8.48 20.12 1.85
C TYR B 20 -7.65 19.34 2.89
N GLY B 21 -8.23 18.24 3.42
CA GLY B 21 -7.57 17.40 4.42
C GLY B 21 -7.67 15.92 4.12
N ARG B 22 -7.10 15.51 2.96
CA ARG B 22 -7.07 14.10 2.54
C ARG B 22 -5.81 13.85 1.68
N GLY B 23 -4.71 13.45 2.35
CA GLY B 23 -3.41 13.21 1.69
C GLY B 23 -2.71 14.50 1.31
N LEU B 24 -2.34 14.63 0.03
CA LEU B 24 -1.79 15.88 -0.54
C LEU B 24 -2.34 16.12 -1.95
N ALA B 25 -2.97 15.08 -2.56
CA ALA B 25 -3.65 15.18 -3.85
C ALA B 25 -4.95 15.96 -3.71
N TYR B 26 -5.68 15.68 -2.59
CA TYR B 26 -6.93 16.38 -2.21
C TYR B 26 -8.03 16.24 -3.30
N ILE B 27 -7.93 15.16 -4.09
CA ILE B 27 -8.84 14.89 -5.23
C ILE B 27 -10.18 14.29 -4.76
N TYR B 28 -10.11 13.43 -3.71
CA TYR B 28 -11.26 12.67 -3.14
C TYR B 28 -11.85 11.65 -4.15
N ALA B 29 -12.88 10.92 -3.68
CA ALA B 29 -13.63 9.94 -4.50
C ALA B 29 -15.08 10.41 -4.68
N ASP B 30 -15.28 11.74 -4.62
CA ASP B 30 -16.59 12.38 -4.94
C ASP B 30 -16.82 12.41 -6.46
N GLY B 31 -15.73 12.24 -7.21
CA GLY B 31 -15.76 12.19 -8.66
C GLY B 31 -14.35 12.34 -9.22
N LYS B 32 -14.26 12.67 -10.53
CA LYS B 32 -12.99 13.00 -11.24
C LYS B 32 -12.02 11.79 -11.28
N MET B 33 -11.38 11.49 -10.13
CA MET B 33 -10.50 10.32 -9.94
C MET B 33 -11.27 9.00 -10.14
N VAL B 34 -12.58 9.03 -9.80
CA VAL B 34 -13.46 7.86 -9.90
C VAL B 34 -13.65 7.45 -11.37
N ASN B 35 -12.75 6.57 -11.82
CA ASN B 35 -12.73 6.05 -13.19
C ASN B 35 -12.76 4.53 -13.14
N GLU B 36 -13.30 3.92 -14.20
CA GLU B 36 -13.22 2.48 -14.44
C GLU B 36 -12.30 2.27 -15.66
N ALA B 37 -12.87 1.97 -16.87
CA ALA B 37 -12.12 1.71 -18.13
C ALA B 37 -10.85 0.84 -17.88
N LEU B 38 -11.05 -0.21 -17.05
CA LEU B 38 -9.98 -1.12 -16.59
C LEU B 38 -9.40 -1.92 -17.77
N VAL B 39 -10.28 -2.21 -18.74
CA VAL B 39 -9.88 -2.83 -20.02
C VAL B 39 -8.97 -1.86 -20.79
N ARG B 40 -7.74 -2.29 -21.06
CA ARG B 40 -6.67 -1.43 -21.59
C ARG B 40 -6.19 -1.93 -22.97
N GLN B 41 -5.20 -2.84 -22.97
CA GLN B 41 -4.54 -3.31 -24.21
C GLN B 41 -4.87 -4.78 -24.48
N GLY B 42 -4.49 -5.22 -25.68
CA GLY B 42 -4.43 -6.63 -26.04
C GLY B 42 -3.03 -7.01 -26.45
N LEU B 43 -2.55 -8.14 -25.93
CA LEU B 43 -1.21 -8.68 -26.22
C LEU B 43 -1.18 -10.16 -25.84
N ALA B 44 -0.18 -10.88 -26.38
CA ALA B 44 -0.05 -12.35 -26.29
C ALA B 44 -1.04 -13.07 -27.22
N LYS B 45 -0.65 -14.28 -27.67
CA LYS B 45 -1.43 -15.07 -28.63
C LYS B 45 -0.93 -16.53 -28.60
N VAL B 46 -1.79 -17.43 -28.10
CA VAL B 46 -1.57 -18.90 -28.15
C VAL B 46 -2.74 -19.55 -28.89
N ALA B 47 -3.29 -18.80 -29.88
CA ALA B 47 -4.42 -19.22 -30.71
C ALA B 47 -4.14 -20.54 -31.46
N TYR B 48 -5.13 -21.44 -31.45
CA TYR B 48 -5.06 -22.72 -32.17
C TYR B 48 -5.63 -22.53 -33.61
N VAL B 49 -5.26 -23.44 -34.53
CA VAL B 49 -5.81 -23.45 -35.90
C VAL B 49 -7.31 -23.83 -35.87
N TYR B 50 -8.11 -23.17 -36.71
CA TYR B 50 -9.56 -23.33 -36.76
C TYR B 50 -10.00 -23.79 -38.15
N LYS B 51 -11.13 -24.47 -38.21
CA LYS B 51 -11.79 -24.84 -39.47
C LYS B 51 -12.82 -23.77 -39.83
N PRO B 52 -13.00 -23.41 -41.14
CA PRO B 52 -13.98 -22.38 -41.57
C PRO B 52 -15.44 -22.79 -41.26
N ASN B 53 -16.37 -21.83 -41.44
CA ASN B 53 -17.80 -22.04 -41.18
C ASN B 53 -18.35 -23.19 -42.05
N ASN B 54 -18.76 -24.29 -41.38
CA ASN B 54 -19.39 -25.47 -42.01
C ASN B 54 -20.71 -25.06 -42.68
N THR B 55 -21.42 -24.10 -42.02
CA THR B 55 -22.74 -23.59 -42.41
C THR B 55 -23.82 -24.67 -42.22
N HIS B 56 -23.77 -25.72 -43.07
CA HIS B 56 -24.66 -26.90 -43.00
C HIS B 56 -26.12 -26.44 -43.13
N GLU B 57 -26.43 -25.81 -44.27
CA GLU B 57 -27.75 -25.20 -44.53
C GLU B 57 -28.80 -26.21 -45.01
N GLN B 58 -28.42 -27.49 -45.14
CA GLN B 58 -29.36 -28.58 -45.54
C GLN B 58 -30.29 -28.95 -44.35
N HIS B 59 -31.20 -28.01 -44.05
CA HIS B 59 -32.22 -28.11 -43.00
C HIS B 59 -33.25 -26.97 -43.19
N LEU B 60 -33.24 -26.37 -44.40
CA LEU B 60 -34.14 -25.29 -44.85
C LEU B 60 -34.36 -24.20 -43.77
N ARG B 61 -35.42 -24.37 -42.93
CA ARG B 61 -35.88 -23.37 -41.96
C ARG B 61 -37.16 -23.87 -41.25
N LYS B 62 -37.29 -23.56 -39.94
CA LYS B 62 -38.52 -23.74 -39.13
C LYS B 62 -38.84 -25.23 -38.84
N SER B 63 -39.30 -25.95 -39.88
CA SER B 63 -39.70 -27.35 -39.77
C SER B 63 -38.50 -28.24 -39.41
N GLU B 64 -37.48 -28.23 -40.29
CA GLU B 64 -36.25 -29.03 -40.12
C GLU B 64 -35.30 -28.35 -39.10
N ALA B 65 -34.43 -29.18 -38.45
CA ALA B 65 -33.46 -28.77 -37.41
C ALA B 65 -34.10 -27.85 -36.34
N GLN B 66 -34.93 -28.45 -35.47
CA GLN B 66 -35.69 -27.73 -34.45
C GLN B 66 -34.74 -27.10 -33.40
N ALA B 67 -34.66 -25.75 -33.40
CA ALA B 67 -33.77 -24.95 -32.51
C ALA B 67 -32.29 -25.33 -32.73
N LYS B 68 -31.84 -26.41 -32.06
CA LYS B 68 -30.53 -27.03 -32.26
C LYS B 68 -30.73 -28.55 -32.15
N LYS B 69 -30.64 -29.23 -33.29
CA LYS B 69 -31.02 -30.64 -33.44
C LYS B 69 -30.22 -31.26 -34.59
N GLU B 70 -30.01 -30.42 -35.64
CA GLU B 70 -29.40 -30.82 -36.92
C GLU B 70 -30.24 -31.92 -37.60
N LYS B 71 -29.76 -32.42 -38.76
CA LYS B 71 -30.41 -33.53 -39.50
C LYS B 71 -31.85 -33.17 -39.90
N LEU B 72 -32.06 -32.83 -41.18
CA LEU B 72 -33.36 -32.33 -41.68
C LEU B 72 -34.55 -33.26 -41.32
N ASN B 73 -34.28 -34.58 -41.27
CA ASN B 73 -35.24 -35.59 -40.80
C ASN B 73 -35.26 -35.63 -39.26
N ILE B 74 -36.30 -35.04 -38.65
CA ILE B 74 -36.51 -35.05 -37.18
C ILE B 74 -37.58 -36.09 -36.79
N TRP B 75 -38.32 -36.60 -37.82
CA TRP B 75 -39.52 -37.44 -37.66
C TRP B 75 -40.66 -36.59 -37.03
N ALA A 4 18.00 15.53 31.20
CA ALA A 4 16.65 14.95 31.01
C ALA A 4 15.72 15.96 30.31
N GLN A 5 15.83 16.05 28.97
CA GLN A 5 15.00 16.93 28.13
C GLN A 5 14.29 16.09 27.03
N ALA A 6 13.16 16.63 26.53
CA ALA A 6 12.32 16.04 25.48
C ALA A 6 13.14 15.55 24.25
N LEU A 7 12.79 14.33 23.77
CA LEU A 7 13.49 13.64 22.67
C LEU A 7 13.48 14.51 21.40
N TRP A 8 12.28 14.90 20.95
CA TRP A 8 12.09 15.51 19.63
C TRP A 8 12.90 16.82 19.43
N THR A 9 12.96 17.65 20.48
CA THR A 9 13.62 18.97 20.42
C THR A 9 15.17 18.82 20.39
N ARG A 10 15.66 17.63 20.76
CA ARG A 10 17.09 17.27 20.71
C ARG A 10 17.46 16.69 19.33
N ASN A 11 18.77 16.37 19.15
CA ASN A 11 19.31 15.87 17.86
C ASN A 11 19.52 14.33 17.91
N LYS A 12 19.42 13.68 16.73
CA LYS A 12 19.57 12.21 16.58
C LYS A 12 20.93 11.68 17.10
N SER A 13 21.97 12.53 17.01
CA SER A 13 23.36 12.17 17.34
C SER A 13 23.54 11.69 18.79
N GLU A 14 22.76 12.29 19.71
CA GLU A 14 22.80 11.93 21.14
C GLU A 14 21.75 10.84 21.48
N ILE A 15 20.73 10.74 20.64
CA ILE A 15 19.53 9.93 20.91
C ILE A 15 19.67 8.53 20.28
N THR A 16 19.88 7.53 21.15
CA THR A 16 20.01 6.12 20.74
C THR A 16 18.63 5.44 20.62
N ASP A 17 18.65 4.17 20.15
CA ASP A 17 17.43 3.35 19.89
C ASP A 17 16.53 3.22 21.13
N GLU A 18 17.18 2.97 22.29
CA GLU A 18 16.48 2.76 23.59
C GLU A 18 15.62 3.98 23.98
N GLU A 19 16.15 5.18 23.68
CA GLU A 19 15.46 6.46 23.92
C GLU A 19 14.16 6.51 23.07
N TYR A 20 14.29 6.15 21.77
CA TYR A 20 13.16 6.16 20.80
C TYR A 20 12.04 5.16 21.20
N LYS A 21 12.43 3.91 21.46
CA LYS A 21 11.49 2.79 21.67
C LYS A 21 10.65 2.97 22.94
N GLU A 22 11.33 3.36 24.03
CA GLU A 22 10.69 3.60 25.34
C GLU A 22 9.74 4.82 25.23
N PHE A 23 10.18 5.83 24.46
CA PHE A 23 9.42 7.07 24.23
C PHE A 23 8.16 6.77 23.40
N TYR A 24 8.26 5.80 22.47
CA TYR A 24 7.13 5.38 21.64
C TYR A 24 5.99 4.81 22.51
N LYS A 25 6.38 4.01 23.52
CA LYS A 25 5.43 3.41 24.49
C LYS A 25 4.63 4.51 25.22
N HIS A 26 5.35 5.60 25.59
CA HIS A 26 4.76 6.77 26.27
C HIS A 26 3.75 7.46 25.34
N ILE A 27 4.23 7.83 24.14
CA ILE A 27 3.50 8.73 23.23
C ILE A 27 2.30 8.05 22.57
N ALA A 28 2.34 6.72 22.45
CA ALA A 28 1.26 5.93 21.83
C ALA A 28 0.21 5.49 22.86
N HIS A 29 0.57 5.63 24.17
CA HIS A 29 -0.26 5.16 25.32
C HIS A 29 -0.30 3.62 25.36
N ASP A 30 0.70 2.98 24.74
CA ASP A 30 0.81 1.51 24.63
C ASP A 30 2.14 1.06 25.23
N PHE A 31 2.54 -0.19 24.95
CA PHE A 31 3.90 -0.72 25.24
C PHE A 31 4.42 -1.50 24.02
N ASN A 32 3.79 -1.22 22.85
CA ASN A 32 4.22 -1.73 21.53
C ASN A 32 5.57 -1.11 21.17
N ASP A 33 6.46 -1.92 20.59
CA ASP A 33 7.77 -1.44 20.08
C ASP A 33 7.64 -0.97 18.61
N PRO A 34 8.45 0.07 18.18
CA PRO A 34 8.53 0.48 16.77
C PRO A 34 9.54 -0.39 15.97
N LEU A 35 9.13 -0.76 14.74
CA LEU A 35 9.98 -1.44 13.74
C LEU A 35 11.08 -0.51 13.24
N THR A 36 10.71 0.78 13.10
CA THR A 36 11.64 1.87 12.77
C THR A 36 10.95 3.23 13.04
N TRP A 37 11.67 4.33 12.79
CA TRP A 37 11.21 5.69 13.12
C TRP A 37 11.83 6.73 12.17
N SER A 38 11.33 7.97 12.25
CA SER A 38 11.84 9.11 11.48
C SER A 38 11.85 10.35 12.38
N HIS A 39 13.05 10.82 12.76
CA HIS A 39 13.23 11.98 13.66
C HIS A 39 14.00 13.08 12.93
N ASN A 40 13.28 14.09 12.44
CA ASN A 40 13.88 15.25 11.75
C ASN A 40 13.10 16.51 12.11
N ARG A 41 13.81 17.64 12.23
CA ARG A 41 13.22 18.95 12.48
C ARG A 41 13.27 19.75 11.19
N VAL A 42 12.18 20.46 10.91
CA VAL A 42 12.03 21.33 9.74
C VAL A 42 11.88 22.76 10.27
N GLU A 43 12.67 23.68 9.71
CA GLU A 43 12.85 25.03 10.24
C GLU A 43 12.61 26.07 9.13
N GLY A 44 12.35 27.32 9.54
CA GLY A 44 12.03 28.39 8.61
C GLY A 44 10.72 29.06 8.97
N LYS A 45 9.77 29.11 8.01
CA LYS A 45 8.43 29.70 8.24
C LYS A 45 7.53 28.66 8.95
N GLN A 46 7.18 27.57 8.23
CA GLN A 46 6.41 26.45 8.77
C GLN A 46 7.38 25.51 9.49
N GLU A 47 7.71 25.87 10.74
CA GLU A 47 8.62 25.09 11.58
C GLU A 47 7.86 24.02 12.36
N TYR A 48 8.23 22.76 12.13
CA TYR A 48 7.69 21.62 12.86
C TYR A 48 8.79 20.58 13.07
N THR A 49 8.89 20.05 14.29
CA THR A 49 9.79 18.95 14.61
C THR A 49 8.98 17.64 14.58
N SER A 50 9.24 16.78 13.60
CA SER A 50 8.47 15.55 13.38
C SER A 50 9.25 14.34 13.91
N LEU A 51 8.55 13.53 14.70
CA LEU A 51 9.07 12.29 15.28
C LEU A 51 8.00 11.20 15.10
N LEU A 52 8.13 10.46 14.00
CA LEU A 52 7.19 9.43 13.57
C LEU A 52 7.71 8.05 13.98
N TYR A 53 6.82 7.09 14.20
CA TYR A 53 7.17 5.70 14.50
C TYR A 53 6.27 4.75 13.70
N ILE A 54 6.80 3.59 13.34
CA ILE A 54 6.04 2.48 12.74
C ILE A 54 5.85 1.38 13.79
N PRO A 55 4.62 1.18 14.36
CA PRO A 55 4.34 0.06 15.30
C PRO A 55 4.57 -1.34 14.67
N SER A 56 4.89 -2.32 15.52
CA SER A 56 4.97 -3.73 15.12
C SER A 56 3.59 -4.41 15.18
N GLN A 57 2.70 -3.83 16.01
CA GLN A 57 1.37 -4.38 16.30
C GLN A 57 0.28 -3.35 16.02
N ALA A 58 -0.84 -3.85 15.46
CA ALA A 58 -2.01 -3.03 15.12
C ALA A 58 -3.09 -3.16 16.21
N PRO A 59 -3.45 -2.05 16.94
CA PRO A 59 -4.59 -2.08 17.89
C PRO A 59 -5.94 -2.23 17.15
N TRP A 60 -6.94 -2.85 17.82
CA TRP A 60 -8.32 -2.95 17.30
C TRP A 60 -8.94 -1.54 17.15
N ASP A 61 -8.48 -0.63 18.03
CA ASP A 61 -8.98 0.76 18.10
C ASP A 61 -8.64 1.59 16.84
N MET A 62 -7.87 0.99 15.92
CA MET A 62 -7.59 1.53 14.59
C MET A 62 -8.88 1.78 13.78
N TRP A 63 -9.80 0.80 13.83
CA TRP A 63 -11.09 0.83 13.09
C TRP A 63 -12.26 1.27 14.01
N ASN A 64 -11.92 1.71 15.23
CA ASN A 64 -12.90 2.13 16.27
C ASN A 64 -13.39 3.57 16.01
N ARG A 65 -14.62 3.89 16.45
CA ARG A 65 -15.16 5.28 16.40
C ARG A 65 -14.52 6.16 17.49
N ASP A 66 -13.92 5.50 18.49
CA ASP A 66 -13.08 6.14 19.52
C ASP A 66 -11.70 6.44 18.91
N HIS A 67 -11.04 7.48 19.45
CA HIS A 67 -9.74 7.93 18.93
C HIS A 67 -8.61 6.97 19.34
N LYS A 68 -7.69 6.72 18.41
CA LYS A 68 -6.44 5.98 18.63
C LYS A 68 -5.42 6.43 17.58
N HIS A 69 -5.93 6.51 16.35
CA HIS A 69 -5.17 6.88 15.16
C HIS A 69 -4.71 8.36 15.19
N GLY A 70 -3.50 8.62 14.68
CA GLY A 70 -2.98 9.99 14.55
C GLY A 70 -1.75 10.29 15.40
N LEU A 71 -1.28 11.56 15.33
CA LEU A 71 -0.05 12.02 16.00
C LEU A 71 -0.40 12.88 17.23
N LYS A 72 0.64 13.24 18.00
CA LYS A 72 0.50 14.17 19.14
C LYS A 72 0.89 15.58 18.69
N LEU A 73 -0.05 16.51 18.82
CA LEU A 73 0.20 17.93 18.57
C LEU A 73 0.88 18.57 19.81
N TYR A 74 2.05 19.14 19.57
CA TYR A 74 2.79 20.01 20.48
C TYR A 74 2.95 21.37 19.80
N VAL A 75 2.90 22.43 20.59
CA VAL A 75 3.23 23.78 20.16
C VAL A 75 4.12 24.41 21.23
N GLN A 76 5.30 24.90 20.80
CA GLN A 76 6.31 25.53 21.69
C GLN A 76 6.86 24.51 22.70
N ARG A 77 6.85 23.22 22.28
CA ARG A 77 7.28 22.04 23.07
C ARG A 77 6.29 21.71 24.22
N VAL A 78 5.12 22.39 24.20
CA VAL A 78 4.01 22.19 25.14
C VAL A 78 2.98 21.26 24.50
N PHE A 79 2.59 20.18 25.22
CA PHE A 79 1.56 19.24 24.74
C PHE A 79 0.19 19.92 24.67
N ILE A 80 -0.49 19.77 23.52
CA ILE A 80 -1.81 20.36 23.28
C ILE A 80 -2.89 19.26 23.29
N MET A 81 -2.79 18.33 22.32
CA MET A 81 -3.83 17.32 22.04
C MET A 81 -3.25 16.22 21.14
N ASP A 82 -3.45 14.93 21.52
CA ASP A 82 -2.99 13.78 20.70
C ASP A 82 -4.17 13.00 20.14
N ASP A 83 -3.85 11.90 19.40
CA ASP A 83 -4.82 11.13 18.58
C ASP A 83 -5.36 12.00 17.43
N ALA A 84 -4.55 12.99 17.01
CA ALA A 84 -4.90 13.96 15.98
C ALA A 84 -4.52 13.40 14.60
N GLU A 85 -5.49 12.70 13.98
CA GLU A 85 -5.36 12.10 12.63
C GLU A 85 -5.41 13.18 11.53
N GLN A 86 -5.67 14.44 11.93
CA GLN A 86 -5.65 15.62 11.03
C GLN A 86 -4.22 15.97 10.54
N PHE A 87 -3.20 15.32 11.11
CA PHE A 87 -1.79 15.45 10.64
C PHE A 87 -1.44 14.35 9.62
N MET A 88 -2.35 13.39 9.45
CA MET A 88 -2.20 12.26 8.52
C MET A 88 -3.42 12.16 7.59
N PRO A 89 -3.30 11.47 6.43
CA PRO A 89 -4.47 10.93 5.71
C PRO A 89 -4.99 9.65 6.42
N ASN A 90 -6.21 9.20 6.07
CA ASN A 90 -6.91 8.10 6.77
C ASN A 90 -6.26 6.72 6.46
N TYR A 91 -5.50 6.64 5.34
CA TYR A 91 -4.75 5.41 5.00
C TYR A 91 -3.42 5.33 5.79
N LEU A 92 -2.97 6.48 6.32
CA LEU A 92 -1.82 6.56 7.23
C LEU A 92 -2.31 6.81 8.66
N ARG A 93 -3.53 6.30 8.98
CA ARG A 93 -4.11 6.43 10.33
C ARG A 93 -3.28 5.67 11.38
N PHE A 94 -2.61 4.58 10.92
CA PHE A 94 -1.82 3.67 11.77
C PHE A 94 -0.54 4.35 12.32
N VAL A 95 -0.09 5.43 11.65
CA VAL A 95 1.12 6.14 12.02
C VAL A 95 0.94 6.79 13.39
N ARG A 96 1.77 6.38 14.34
CA ARG A 96 1.75 6.89 15.70
C ARG A 96 3.09 7.56 15.99
N GLY A 97 3.03 8.75 16.58
CA GLY A 97 4.18 9.59 16.78
C GLY A 97 3.74 10.93 17.31
N LEU A 98 4.52 11.97 17.03
CA LEU A 98 4.26 13.32 17.53
C LEU A 98 4.95 14.35 16.64
N ILE A 99 4.61 15.63 16.89
CA ILE A 99 5.05 16.75 16.08
C ILE A 99 4.92 18.06 16.89
N ASP A 100 6.01 18.85 16.93
CA ASP A 100 6.05 20.14 17.62
C ASP A 100 6.09 21.29 16.61
N SER A 101 4.93 21.92 16.40
CA SER A 101 4.78 23.05 15.48
C SER A 101 4.95 24.35 16.28
N SER A 102 5.99 25.13 15.97
CA SER A 102 6.26 26.41 16.63
C SER A 102 5.36 27.53 16.02
N ASP A 103 4.84 27.26 14.82
CA ASP A 103 4.09 28.21 14.00
C ASP A 103 2.61 28.27 14.43
N LEU A 104 2.00 27.10 14.63
CA LEU A 104 0.59 26.98 15.10
C LEU A 104 0.44 27.63 16.50
N PRO A 105 -0.75 28.24 16.85
CA PRO A 105 -0.99 28.86 18.21
C PRO A 105 -0.85 27.83 19.36
N LEU A 106 -0.55 28.28 20.58
CA LEU A 106 -0.49 27.37 21.76
C LEU A 106 -1.93 26.95 22.16
N ASN A 107 -2.90 27.83 21.90
CA ASN A 107 -4.34 27.55 22.13
C ASN A 107 -4.99 26.90 20.89
N VAL A 108 -4.18 26.31 20.00
CA VAL A 108 -4.65 25.61 18.77
C VAL A 108 -5.65 24.47 19.13
N SER A 109 -6.76 24.42 18.38
CA SER A 109 -7.81 23.40 18.53
C SER A 109 -7.89 22.54 17.27
N ARG A 110 -8.72 21.49 17.35
CA ARG A 110 -9.06 20.60 16.21
C ARG A 110 -9.65 21.41 15.02
N GLU A 111 -10.35 22.50 15.37
CA GLU A 111 -10.91 23.45 14.39
C GLU A 111 -9.79 24.10 13.57
N ILE A 112 -8.72 24.54 14.26
CA ILE A 112 -7.57 25.22 13.63
C ILE A 112 -6.77 24.23 12.75
N LEU A 113 -6.75 22.96 13.16
CA LEU A 113 -6.04 21.89 12.43
C LEU A 113 -6.74 21.56 11.10
N GLN A 114 -8.07 21.60 11.12
CA GLN A 114 -8.91 21.34 9.93
C GLN A 114 -9.00 22.60 9.04
N ASP A 115 -8.85 23.78 9.66
CA ASP A 115 -9.01 25.08 8.97
C ASP A 115 -7.74 25.48 8.24
N SER A 116 -6.64 25.64 9.00
CA SER A 116 -5.45 26.37 8.57
C SER A 116 -4.75 25.72 7.37
N THR A 117 -4.25 26.60 6.49
CA THR A 117 -3.53 26.22 5.26
C THR A 117 -2.14 25.65 5.61
N VAL A 118 -1.51 26.20 6.66
CA VAL A 118 -0.17 25.75 7.09
C VAL A 118 -0.24 24.31 7.62
N THR A 119 -1.36 23.96 8.28
CA THR A 119 -1.62 22.61 8.79
C THR A 119 -2.06 21.65 7.65
N ARG A 120 -2.67 22.22 6.59
CA ARG A 120 -3.04 21.47 5.36
C ARG A 120 -1.77 20.95 4.66
N ASN A 121 -0.84 21.90 4.40
CA ASN A 121 0.47 21.59 3.78
C ASN A 121 1.35 20.81 4.74
N LEU A 122 1.11 20.96 6.06
CA LEU A 122 1.82 20.21 7.10
C LEU A 122 1.51 18.71 6.96
N ARG A 123 0.22 18.41 6.69
CA ARG A 123 -0.25 17.02 6.48
C ARG A 123 0.47 16.40 5.26
N ASN A 124 0.60 17.17 4.16
CA ASN A 124 1.31 16.75 2.93
C ASN A 124 2.79 16.47 3.20
N ALA A 125 3.40 17.35 4.00
CA ALA A 125 4.81 17.25 4.42
C ALA A 125 5.06 15.97 5.23
N LEU A 126 4.09 15.64 6.09
CA LEU A 126 4.12 14.45 6.93
C LEU A 126 3.78 13.17 6.14
N THR A 127 2.86 13.28 5.15
CA THR A 127 2.39 12.12 4.35
C THR A 127 3.56 11.53 3.55
N LYS A 128 4.24 12.40 2.77
CA LYS A 128 5.43 12.04 1.98
C LYS A 128 6.55 11.53 2.88
N ARG A 129 6.68 12.16 4.06
CA ARG A 129 7.71 11.85 5.08
C ARG A 129 7.53 10.43 5.66
N VAL A 130 6.25 10.01 5.82
CA VAL A 130 5.91 8.64 6.23
C VAL A 130 6.15 7.66 5.09
N LEU A 131 5.72 8.03 3.87
CA LEU A 131 5.84 7.17 2.67
C LEU A 131 7.33 6.89 2.32
N GLN A 132 8.20 7.86 2.65
CA GLN A 132 9.67 7.71 2.52
C GLN A 132 10.19 6.72 3.58
N MET A 133 9.60 6.77 4.80
CA MET A 133 9.96 5.89 5.94
C MET A 133 9.42 4.44 5.74
N LEU A 134 8.28 4.32 5.02
CA LEU A 134 7.66 3.02 4.70
C LEU A 134 8.45 2.33 3.59
N GLU A 135 8.86 3.13 2.59
CA GLU A 135 9.71 2.66 1.48
C GLU A 135 11.14 2.38 1.98
N LYS A 136 11.58 3.14 3.00
CA LYS A 136 12.90 2.94 3.64
C LYS A 136 12.91 1.59 4.37
N LEU A 137 11.80 1.29 5.08
CA LEU A 137 11.60 0.01 5.78
C LEU A 137 11.48 -1.14 4.75
N ALA A 138 10.86 -0.83 3.60
CA ALA A 138 10.66 -1.80 2.49
C ALA A 138 11.98 -2.28 1.89
N LYS A 139 13.03 -1.44 2.00
CA LYS A 139 14.39 -1.77 1.51
C LYS A 139 15.27 -2.35 2.65
N ASP A 140 15.22 -1.68 3.81
CA ASP A 140 16.20 -1.87 4.91
C ASP A 140 15.89 -3.13 5.71
N ASP A 141 14.60 -3.31 6.05
CA ASP A 141 14.13 -4.44 6.87
C ASP A 141 12.90 -5.10 6.23
N ALA A 142 13.15 -6.17 5.44
CA ALA A 142 12.10 -6.93 4.74
C ALA A 142 11.21 -7.72 5.72
N GLU A 143 11.84 -8.27 6.77
CA GLU A 143 11.17 -9.04 7.83
C GLU A 143 10.17 -8.15 8.59
N LYS A 144 10.64 -6.96 9.01
CA LYS A 144 9.82 -5.98 9.75
C LYS A 144 8.70 -5.43 8.86
N TYR A 145 9.02 -5.19 7.58
CA TYR A 145 8.05 -4.63 6.62
C TYR A 145 6.97 -5.66 6.25
N GLN A 146 7.32 -6.96 6.30
CA GLN A 146 6.36 -8.04 6.07
C GLN A 146 5.41 -8.16 7.28
N THR A 147 5.99 -8.00 8.49
CA THR A 147 5.25 -7.93 9.77
C THR A 147 4.29 -6.71 9.77
N PHE A 148 4.79 -5.61 9.18
CA PHE A 148 4.04 -4.36 8.98
C PHE A 148 2.80 -4.61 8.10
N TRP A 149 3.01 -5.24 6.93
CA TRP A 149 1.92 -5.47 5.96
C TRP A 149 0.83 -6.38 6.53
N GLN A 150 1.22 -7.40 7.30
CA GLN A 150 0.28 -8.37 7.89
C GLN A 150 -0.56 -7.73 9.02
N GLN A 151 -0.17 -6.53 9.48
CA GLN A 151 -0.89 -5.78 10.55
C GLN A 151 -1.67 -4.57 10.00
N PHE A 152 -1.09 -3.86 9.01
CA PHE A 152 -1.58 -2.52 8.57
C PHE A 152 -1.94 -2.53 7.07
N GLY A 153 -2.01 -3.75 6.47
CA GLY A 153 -2.24 -3.92 5.04
C GLY A 153 -3.59 -3.45 4.56
N LEU A 154 -4.62 -3.71 5.37
CA LEU A 154 -6.02 -3.36 5.06
C LEU A 154 -6.23 -1.83 5.00
N VAL A 155 -5.46 -1.12 5.85
CA VAL A 155 -5.52 0.35 5.97
C VAL A 155 -4.83 1.02 4.76
N LEU A 156 -3.72 0.42 4.32
CA LEU A 156 -2.87 0.96 3.23
C LEU A 156 -3.62 0.89 1.87
N LYS A 157 -4.61 -0.03 1.77
CA LYS A 157 -5.43 -0.21 0.54
C LYS A 157 -6.45 0.92 0.34
N GLU A 158 -6.66 1.75 1.39
CA GLU A 158 -7.45 2.99 1.30
C GLU A 158 -6.68 4.07 0.50
N GLY A 159 -5.36 3.86 0.39
CA GLY A 159 -4.42 4.83 -0.18
C GLY A 159 -4.69 5.27 -1.62
N PRO A 160 -4.78 4.32 -2.63
CA PRO A 160 -5.12 4.69 -4.03
C PRO A 160 -6.45 5.46 -4.13
N ALA A 161 -7.37 5.15 -3.18
CA ALA A 161 -8.72 5.71 -3.15
C ALA A 161 -8.76 7.15 -2.61
N GLU A 162 -7.85 7.46 -1.68
CA GLU A 162 -7.78 8.78 -1.01
C GLU A 162 -6.84 9.73 -1.75
N ASP A 163 -5.67 9.21 -2.12
CA ASP A 163 -4.63 9.93 -2.85
C ASP A 163 -4.38 9.24 -4.21
N PHE A 164 -4.98 9.81 -5.27
CA PHE A 164 -4.81 9.33 -6.65
C PHE A 164 -3.54 9.94 -7.30
N ALA A 165 -2.98 11.02 -6.71
CA ALA A 165 -1.83 11.74 -7.28
C ALA A 165 -0.52 10.98 -7.04
N ASN A 166 -0.30 10.56 -5.78
CA ASN A 166 0.88 9.75 -5.39
C ASN A 166 0.46 8.27 -5.20
N GLN A 167 -0.68 7.90 -5.85
CA GLN A 167 -1.23 6.52 -5.93
C GLN A 167 -0.17 5.49 -6.34
N GLU A 168 0.82 5.92 -7.16
CA GLU A 168 1.96 5.08 -7.57
C GLU A 168 2.77 4.59 -6.37
N ALA A 169 3.22 5.55 -5.53
CA ALA A 169 4.09 5.26 -4.37
C ALA A 169 3.35 4.41 -3.31
N ILE A 170 2.03 4.61 -3.22
CA ILE A 170 1.14 3.87 -2.31
C ILE A 170 0.90 2.43 -2.84
N ALA A 171 0.71 2.32 -4.16
CA ALA A 171 0.51 1.04 -4.86
C ALA A 171 1.78 0.19 -4.80
N LYS A 172 2.91 0.88 -4.67
CA LYS A 172 4.24 0.29 -4.52
C LYS A 172 4.41 -0.34 -3.13
N LEU A 173 3.70 0.23 -2.14
CA LEU A 173 3.68 -0.27 -0.77
C LEU A 173 2.67 -1.44 -0.63
N LEU A 174 1.67 -1.50 -1.55
CA LEU A 174 0.69 -2.59 -1.58
C LEU A 174 1.38 -3.92 -1.96
N ARG A 175 1.23 -4.94 -1.09
CA ARG A 175 1.83 -6.27 -1.28
C ARG A 175 0.73 -7.31 -1.46
N PHE A 176 0.90 -8.15 -2.47
CA PHE A 176 -0.03 -9.25 -2.78
C PHE A 176 0.77 -10.54 -3.04
N ALA A 177 0.06 -11.62 -3.34
CA ALA A 177 0.68 -12.91 -3.67
C ALA A 177 0.37 -13.21 -5.14
N SER A 178 1.36 -13.72 -5.88
CA SER A 178 1.19 -14.05 -7.32
C SER A 178 1.62 -15.49 -7.57
N THR A 179 1.45 -15.94 -8.83
CA THR A 179 1.83 -17.31 -9.25
C THR A 179 3.36 -17.50 -9.25
N HIS A 180 4.10 -16.39 -9.04
CA HIS A 180 5.53 -16.37 -8.65
C HIS A 180 5.78 -17.40 -7.51
N THR A 181 4.97 -17.27 -6.46
CA THR A 181 5.07 -18.10 -5.25
C THR A 181 3.76 -18.85 -5.03
N ASP A 182 3.89 -20.14 -4.70
CA ASP A 182 2.77 -20.98 -4.24
C ASP A 182 2.38 -20.61 -2.79
N SER A 183 3.18 -19.69 -2.19
CA SER A 183 2.91 -19.07 -0.89
C SER A 183 1.70 -18.13 -0.96
N SER A 184 0.87 -18.19 0.09
CA SER A 184 -0.27 -17.29 0.29
C SER A 184 0.17 -15.96 0.95
N ALA A 185 1.46 -15.89 1.38
CA ALA A 185 2.04 -14.70 2.01
C ALA A 185 2.22 -13.57 0.98
N GLN A 186 1.79 -12.35 1.35
CA GLN A 186 1.78 -11.19 0.45
C GLN A 186 3.18 -10.52 0.46
N THR A 187 4.09 -11.05 -0.37
CA THR A 187 5.50 -10.59 -0.44
C THR A 187 5.81 -9.94 -1.79
N VAL A 188 5.12 -10.41 -2.84
CA VAL A 188 5.22 -9.88 -4.20
C VAL A 188 4.64 -8.46 -4.28
N SER A 189 5.35 -7.60 -5.01
CA SER A 189 4.93 -6.23 -5.28
C SER A 189 4.50 -6.11 -6.76
N LEU A 190 3.81 -5.00 -7.08
CA LEU A 190 3.51 -4.62 -8.47
C LEU A 190 4.83 -4.36 -9.23
N GLU A 191 5.85 -3.87 -8.49
CA GLU A 191 7.24 -3.67 -8.98
C GLU A 191 7.84 -5.00 -9.48
N ASP A 192 7.61 -6.09 -8.71
CA ASP A 192 8.06 -7.45 -9.07
C ASP A 192 7.37 -7.90 -10.36
N TYR A 193 6.05 -7.65 -10.44
CA TYR A 193 5.23 -8.02 -11.61
C TYR A 193 5.77 -7.38 -12.90
N VAL A 194 6.24 -6.12 -12.83
CA VAL A 194 6.77 -5.41 -14.01
C VAL A 194 8.10 -6.06 -14.49
N SER A 195 8.89 -6.59 -13.54
CA SER A 195 10.08 -7.39 -13.85
C SER A 195 9.68 -8.77 -14.41
N ARG A 196 8.53 -9.29 -13.95
CA ARG A 196 7.97 -10.58 -14.36
C ARG A 196 6.90 -10.42 -15.45
N MET A 197 6.91 -9.26 -16.12
CA MET A 197 6.00 -8.99 -17.24
C MET A 197 6.41 -9.89 -18.41
N LYS A 198 5.49 -10.76 -18.84
CA LYS A 198 5.79 -11.83 -19.83
C LYS A 198 5.73 -11.29 -21.27
N GLU A 199 5.95 -12.21 -22.24
CA GLU A 199 5.83 -11.92 -23.67
C GLU A 199 4.37 -11.57 -24.02
N GLY A 200 4.18 -10.52 -24.84
CA GLY A 200 2.86 -10.08 -25.26
C GLY A 200 2.06 -9.31 -24.20
N GLN A 201 2.60 -9.22 -22.96
CA GLN A 201 1.93 -8.55 -21.85
C GLN A 201 2.21 -7.03 -21.89
N GLU A 202 1.22 -6.29 -22.40
CA GLU A 202 1.11 -4.83 -22.19
C GLU A 202 0.27 -4.55 -20.93
N LYS A 203 -0.62 -5.50 -20.61
CA LYS A 203 -1.64 -5.33 -19.56
C LYS A 203 -1.39 -6.31 -18.40
N ILE A 204 -1.28 -5.75 -17.18
CA ILE A 204 -0.96 -6.49 -15.95
C ILE A 204 -2.20 -7.29 -15.47
N TYR A 205 -2.11 -8.63 -15.61
CA TYR A 205 -3.21 -9.57 -15.31
C TYR A 205 -3.41 -9.77 -13.80
N TYR A 206 -4.65 -9.52 -13.34
CA TYR A 206 -5.06 -9.63 -11.93
C TYR A 206 -6.27 -10.57 -11.77
N ILE A 207 -6.31 -11.36 -10.69
CA ILE A 207 -7.48 -12.19 -10.34
C ILE A 207 -7.92 -11.89 -8.89
N THR A 208 -9.14 -11.36 -8.76
CA THR A 208 -9.81 -11.17 -7.46
C THR A 208 -10.62 -12.43 -7.10
N ALA A 209 -10.80 -12.67 -5.79
CA ALA A 209 -11.58 -13.81 -5.27
C ALA A 209 -11.88 -13.65 -3.78
N ASP A 210 -12.58 -14.67 -3.23
CA ASP A 210 -12.90 -14.73 -1.79
C ASP A 210 -11.64 -15.00 -0.93
N SER A 211 -10.67 -15.72 -1.52
CA SER A 211 -9.43 -16.12 -0.83
C SER A 211 -8.32 -16.47 -1.86
N TYR A 212 -7.10 -16.76 -1.38
CA TYR A 212 -5.96 -17.15 -2.23
C TYR A 212 -6.24 -18.49 -2.92
N ALA A 213 -6.71 -19.47 -2.13
CA ALA A 213 -7.04 -20.81 -2.64
C ALA A 213 -8.24 -20.76 -3.61
N ALA A 214 -9.17 -19.81 -3.35
CA ALA A 214 -10.34 -19.57 -4.23
C ALA A 214 -9.90 -19.04 -5.60
N ALA A 215 -8.92 -18.12 -5.59
CA ALA A 215 -8.34 -17.55 -6.82
C ALA A 215 -7.51 -18.59 -7.56
N LYS A 216 -6.70 -19.34 -6.80
CA LYS A 216 -5.72 -20.31 -7.33
C LYS A 216 -6.41 -21.54 -7.94
N SER A 217 -7.63 -21.85 -7.45
CA SER A 217 -8.45 -22.96 -7.96
C SER A 217 -9.25 -22.54 -9.22
N SER A 218 -9.37 -21.21 -9.45
CA SER A 218 -10.22 -20.66 -10.51
C SER A 218 -9.64 -20.89 -11.93
N PRO A 219 -10.50 -21.34 -12.91
CA PRO A 219 -10.07 -21.57 -14.33
C PRO A 219 -9.52 -20.33 -15.04
N HIS A 220 -9.76 -19.14 -14.45
CA HIS A 220 -9.23 -17.87 -14.97
C HIS A 220 -7.69 -17.92 -15.13
N LEU A 221 -6.98 -18.20 -14.01
CA LEU A 221 -5.52 -18.15 -13.99
C LEU A 221 -4.87 -19.44 -14.50
N GLU A 222 -5.62 -20.57 -14.47
CA GLU A 222 -5.08 -21.88 -14.90
C GLU A 222 -4.69 -21.84 -16.38
N LEU A 223 -5.59 -21.25 -17.18
CA LEU A 223 -5.41 -21.08 -18.62
C LEU A 223 -4.18 -20.20 -18.92
N LEU A 224 -4.08 -19.08 -18.20
CA LEU A 224 -3.03 -18.08 -18.43
C LEU A 224 -1.65 -18.59 -17.98
N ARG A 225 -1.59 -19.19 -16.80
CA ARG A 225 -0.34 -19.64 -16.18
C ARG A 225 0.28 -20.78 -17.01
N LYS A 226 -0.60 -21.68 -17.51
CA LYS A 226 -0.22 -22.80 -18.37
C LYS A 226 0.22 -22.30 -19.77
N LYS A 227 -0.39 -21.19 -20.21
CA LYS A 227 -0.01 -20.45 -21.45
C LYS A 227 1.38 -19.77 -21.27
N GLY A 228 1.76 -19.48 -20.00
CA GLY A 228 3.07 -18.91 -19.67
C GLY A 228 2.97 -17.45 -19.22
N ILE A 229 1.93 -17.16 -18.44
CA ILE A 229 1.59 -15.80 -17.98
C ILE A 229 1.73 -15.70 -16.45
N GLU A 230 2.17 -14.51 -15.99
CA GLU A 230 2.23 -14.15 -14.57
C GLU A 230 0.84 -13.66 -14.14
N VAL A 231 0.30 -14.20 -13.03
CA VAL A 231 -1.03 -13.77 -12.52
C VAL A 231 -0.88 -13.31 -11.07
N LEU A 232 -1.30 -12.07 -10.78
CA LEU A 232 -1.27 -11.51 -9.43
C LEU A 232 -2.63 -11.81 -8.74
N LEU A 233 -2.59 -12.57 -7.63
CA LEU A 233 -3.80 -13.01 -6.90
C LEU A 233 -4.15 -12.01 -5.79
N LEU A 234 -5.27 -11.29 -5.99
CA LEU A 234 -5.87 -10.43 -4.97
C LEU A 234 -6.83 -11.30 -4.14
N SER A 235 -6.37 -11.70 -2.96
CA SER A 235 -7.03 -12.71 -2.11
C SER A 235 -7.93 -12.07 -1.06
N ASP A 236 -8.05 -10.73 -1.08
CA ASP A 236 -8.78 -9.96 -0.06
C ASP A 236 -9.98 -9.23 -0.69
N ARG A 237 -10.99 -8.97 0.15
CA ARG A 237 -12.35 -8.55 -0.25
C ARG A 237 -12.38 -7.10 -0.79
N ILE A 238 -11.69 -6.17 -0.10
CA ILE A 238 -11.71 -4.71 -0.42
C ILE A 238 -10.98 -4.40 -1.77
N ASP A 239 -10.17 -5.36 -2.24
CA ASP A 239 -9.29 -5.20 -3.41
C ASP A 239 -10.04 -4.83 -4.71
N GLU A 240 -11.29 -5.31 -4.86
CA GLU A 240 -12.09 -5.07 -6.09
C GLU A 240 -12.44 -3.57 -6.26
N TRP A 241 -12.58 -2.86 -5.13
CA TRP A 241 -12.88 -1.42 -5.10
C TRP A 241 -11.59 -0.58 -5.26
N MET A 242 -10.46 -1.17 -4.82
CA MET A 242 -9.12 -0.57 -4.96
C MET A 242 -8.66 -0.60 -6.44
N MET A 243 -9.17 -1.57 -7.21
CA MET A 243 -8.92 -1.71 -8.67
C MET A 243 -9.52 -0.54 -9.48
N ASN A 244 -10.49 0.18 -8.89
CA ASN A 244 -11.15 1.35 -9.51
C ASN A 244 -10.15 2.51 -9.74
N TYR A 245 -9.12 2.58 -8.88
CA TYR A 245 -8.07 3.63 -8.94
C TYR A 245 -6.78 3.11 -9.55
N LEU A 246 -6.44 1.84 -9.28
CA LEU A 246 -5.30 1.18 -9.89
C LEU A 246 -5.63 0.86 -11.38
N THR A 247 -5.45 1.88 -12.22
CA THR A 247 -5.70 1.80 -13.67
C THR A 247 -4.43 1.45 -14.47
N GLU A 248 -3.27 2.01 -14.06
CA GLU A 248 -1.98 1.81 -14.80
C GLU A 248 -0.78 2.04 -13.85
N PHE A 249 0.35 1.35 -14.16
CA PHE A 249 1.64 1.47 -13.43
C PHE A 249 2.80 1.14 -14.38
N ASP A 250 3.79 2.06 -14.47
CA ASP A 250 5.02 1.90 -15.29
C ASP A 250 4.74 1.89 -16.81
N GLY A 251 3.57 2.43 -17.21
CA GLY A 251 3.15 2.47 -18.62
C GLY A 251 2.36 1.24 -19.03
N LYS A 252 2.26 0.25 -18.11
CA LYS A 252 1.48 -0.99 -18.33
C LYS A 252 0.07 -0.80 -17.73
N PRO A 253 -1.00 -0.67 -18.58
CA PRO A 253 -2.41 -0.64 -18.08
C PRO A 253 -2.76 -1.95 -17.38
N PHE A 254 -3.74 -1.91 -16.49
CA PHE A 254 -4.15 -3.08 -15.69
C PHE A 254 -5.35 -3.79 -16.35
N GLN A 255 -5.31 -5.13 -16.36
CA GLN A 255 -6.39 -5.97 -16.91
C GLN A 255 -6.87 -6.96 -15.86
N SER A 256 -8.19 -7.04 -15.71
CA SER A 256 -8.83 -8.04 -14.87
C SER A 256 -9.06 -9.32 -15.69
N VAL A 257 -8.61 -10.46 -15.17
CA VAL A 257 -8.80 -11.77 -15.84
C VAL A 257 -10.27 -12.23 -15.73
N SER A 258 -11.02 -11.56 -14.83
CA SER A 258 -12.47 -11.71 -14.69
C SER A 258 -13.23 -10.90 -15.77
N LYS A 259 -12.48 -10.38 -16.77
CA LYS A 259 -13.01 -9.72 -17.97
C LYS A 259 -12.38 -10.40 -19.20
N VAL A 260 -13.04 -10.29 -20.37
CA VAL A 260 -12.44 -10.66 -21.66
C VAL A 260 -12.25 -9.39 -22.48
N ASP A 261 -11.04 -9.24 -23.01
CA ASP A 261 -10.58 -8.02 -23.69
C ASP A 261 -9.72 -8.42 -24.90
N GLU A 262 -9.08 -7.44 -25.56
CA GLU A 262 -8.02 -7.66 -26.54
C GLU A 262 -6.85 -8.45 -25.91
N SER A 263 -6.74 -8.38 -24.57
CA SER A 263 -5.72 -9.07 -23.79
C SER A 263 -5.68 -10.57 -24.12
N LEU A 264 -6.88 -11.19 -24.10
CA LEU A 264 -7.05 -12.65 -24.26
C LEU A 264 -7.20 -13.02 -25.75
N GLU A 265 -7.43 -11.99 -26.60
CA GLU A 265 -7.52 -12.15 -28.06
C GLU A 265 -6.11 -12.45 -28.59
N LYS A 266 -5.13 -11.64 -28.13
CA LYS A 266 -3.70 -11.76 -28.53
C LYS A 266 -3.08 -13.08 -28.07
N LEU A 267 -3.62 -13.64 -26.98
CA LEU A 267 -3.18 -14.93 -26.43
C LEU A 267 -3.77 -16.09 -27.24
N ALA A 268 -5.02 -15.90 -27.71
CA ALA A 268 -5.77 -16.93 -28.47
C ALA A 268 -5.56 -16.77 -29.97
N LYS B 5 0.94 -23.58 6.48
CA LYS B 5 1.88 -24.60 6.89
C LYS B 5 3.30 -24.22 6.43
N LYS B 6 4.32 -24.95 6.93
CA LYS B 6 5.77 -24.68 6.68
C LYS B 6 6.16 -23.26 7.18
N ILE B 7 5.37 -22.79 8.18
CA ILE B 7 5.48 -21.48 8.82
C ILE B 7 5.46 -20.35 7.77
N GLU B 8 4.23 -20.00 7.31
CA GLU B 8 3.96 -18.98 6.25
C GLU B 8 4.41 -19.47 4.85
N VAL B 9 4.43 -20.81 4.69
CA VAL B 9 4.72 -21.53 3.43
C VAL B 9 6.19 -21.32 2.96
N GLU B 10 6.48 -20.11 2.47
CA GLU B 10 7.84 -19.71 2.05
C GLU B 10 8.80 -19.62 3.25
N PHE B 11 8.23 -19.16 4.40
CA PHE B 11 8.99 -18.85 5.63
C PHE B 11 10.06 -17.77 5.38
N ASP B 12 9.65 -16.49 5.52
CA ASP B 12 10.55 -15.32 5.54
C ASP B 12 11.34 -15.12 4.22
N LYS B 13 10.81 -14.24 3.34
CA LYS B 13 11.56 -13.65 2.23
C LYS B 13 11.24 -12.14 2.19
N GLY B 14 10.02 -11.78 1.75
CA GLY B 14 9.59 -10.38 1.62
C GLY B 14 10.44 -9.59 0.63
N GLN B 15 9.98 -9.50 -0.63
CA GLN B 15 10.73 -8.83 -1.71
C GLN B 15 10.85 -7.33 -1.44
N ARG B 16 12.12 -6.89 -1.23
CA ARG B 16 12.46 -5.47 -1.07
C ARG B 16 12.23 -4.72 -2.38
N THR B 17 11.75 -3.48 -2.28
CA THR B 17 11.38 -2.66 -3.44
C THR B 17 12.19 -1.34 -3.47
N ASP B 18 12.66 -0.96 -4.67
CA ASP B 18 13.58 0.18 -4.85
C ASP B 18 13.15 1.03 -6.07
N LYS B 19 12.66 2.25 -5.76
CA LYS B 19 12.21 3.29 -6.74
C LYS B 19 11.49 4.42 -5.93
N TYR B 20 11.34 5.62 -6.53
CA TYR B 20 10.71 6.78 -5.87
C TYR B 20 9.68 7.46 -6.79
N GLY B 21 8.60 7.99 -6.16
CA GLY B 21 7.54 8.72 -6.87
C GLY B 21 7.43 10.16 -6.40
N ARG B 22 6.35 10.85 -6.83
CA ARG B 22 6.07 12.24 -6.43
C ARG B 22 4.56 12.55 -6.52
N GLY B 23 4.16 13.76 -6.07
CA GLY B 23 2.75 14.16 -6.03
C GLY B 23 2.11 13.94 -4.66
N LEU B 24 0.85 14.38 -4.50
CA LEU B 24 0.04 14.20 -3.26
C LEU B 24 -1.34 14.88 -3.48
N ALA B 25 -2.40 14.24 -2.97
CA ALA B 25 -3.79 14.74 -3.06
C ALA B 25 -4.63 14.13 -1.94
N TYR B 26 -5.79 14.76 -1.67
CA TYR B 26 -6.78 14.26 -0.69
C TYR B 26 -8.18 14.34 -1.29
N ILE B 27 -8.88 13.22 -1.31
CA ILE B 27 -10.32 13.13 -1.67
C ILE B 27 -11.05 12.20 -0.67
N TYR B 28 -10.23 11.48 0.15
CA TYR B 28 -10.67 10.55 1.22
C TYR B 28 -11.27 9.25 0.66
N ALA B 29 -10.88 8.11 1.26
CA ALA B 29 -11.27 6.77 0.82
C ALA B 29 -12.75 6.47 1.08
N ASP B 30 -13.24 5.38 0.44
CA ASP B 30 -14.64 4.90 0.48
C ASP B 30 -15.59 5.75 -0.39
N GLY B 31 -15.43 7.11 -0.35
CA GLY B 31 -16.29 8.07 -1.05
C GLY B 31 -16.64 7.69 -2.49
N LYS B 32 -15.61 7.50 -3.33
CA LYS B 32 -15.78 7.04 -4.74
C LYS B 32 -15.06 5.69 -4.96
N MET B 33 -14.62 5.05 -3.85
CA MET B 33 -13.84 3.81 -3.90
C MET B 33 -14.73 2.63 -4.28
N VAL B 34 -15.79 2.45 -3.48
CA VAL B 34 -16.76 1.38 -3.69
C VAL B 34 -17.48 1.59 -5.03
N ASN B 35 -17.16 0.71 -6.00
CA ASN B 35 -17.83 0.67 -7.31
C ASN B 35 -18.73 -0.57 -7.34
N GLU B 36 -18.19 -1.74 -7.77
CA GLU B 36 -18.90 -3.03 -7.84
C GLU B 36 -17.89 -4.19 -7.67
N ALA B 37 -18.41 -5.43 -7.71
CA ALA B 37 -17.58 -6.65 -7.71
C ALA B 37 -16.87 -6.79 -9.06
N LEU B 38 -15.57 -7.10 -9.02
CA LEU B 38 -14.73 -7.23 -10.22
C LEU B 38 -14.96 -8.58 -10.91
N VAL B 39 -15.15 -9.64 -10.08
CA VAL B 39 -15.47 -10.99 -10.57
C VAL B 39 -16.83 -11.00 -11.31
N ARG B 40 -16.76 -11.16 -12.64
CA ARG B 40 -17.94 -11.06 -13.54
C ARG B 40 -17.91 -12.17 -14.60
N GLN B 41 -17.03 -12.00 -15.60
CA GLN B 41 -17.00 -12.82 -16.82
C GLN B 41 -15.95 -13.96 -16.69
N GLY B 42 -16.14 -15.02 -17.50
CA GLY B 42 -15.20 -16.14 -17.56
C GLY B 42 -13.94 -15.83 -18.37
N LEU B 43 -13.20 -16.89 -18.75
CA LEU B 43 -11.90 -16.73 -19.44
C LEU B 43 -11.55 -18.02 -20.19
N ALA B 44 -11.68 -19.16 -19.49
CA ALA B 44 -11.12 -20.47 -19.92
C ALA B 44 -11.57 -20.93 -21.34
N LYS B 45 -10.83 -20.41 -22.36
CA LYS B 45 -10.88 -20.82 -23.78
C LYS B 45 -9.87 -19.97 -24.58
N VAL B 46 -8.57 -20.32 -24.47
CA VAL B 46 -7.48 -19.76 -25.29
C VAL B 46 -6.67 -20.94 -25.84
N ALA B 47 -6.29 -20.85 -27.13
CA ALA B 47 -5.59 -21.92 -27.85
C ALA B 47 -4.17 -22.17 -27.28
N TYR B 48 -4.00 -23.33 -26.61
CA TYR B 48 -2.67 -23.87 -26.26
C TYR B 48 -1.99 -24.47 -27.51
N VAL B 49 -0.82 -25.07 -27.30
CA VAL B 49 -0.16 -25.94 -28.30
C VAL B 49 -0.97 -27.24 -28.49
N TYR B 50 -0.54 -28.10 -29.44
CA TYR B 50 -1.22 -29.38 -29.73
C TYR B 50 -1.21 -30.32 -28.52
N LYS B 51 -2.41 -30.54 -27.96
CA LYS B 51 -2.65 -31.47 -26.86
C LYS B 51 -3.22 -32.77 -27.43
N PRO B 52 -2.51 -33.93 -27.25
CA PRO B 52 -3.03 -35.26 -27.67
C PRO B 52 -4.00 -35.84 -26.64
N ASN B 53 -4.46 -37.09 -26.85
CA ASN B 53 -5.19 -37.82 -25.82
C ASN B 53 -4.22 -38.12 -24.65
N ASN B 54 -4.38 -37.34 -23.55
CA ASN B 54 -3.50 -37.37 -22.36
C ASN B 54 -3.30 -38.81 -21.82
N THR B 55 -2.17 -39.43 -22.22
CA THR B 55 -1.78 -40.80 -21.81
C THR B 55 -2.85 -41.85 -22.18
N HIS B 56 -2.62 -42.61 -23.26
CA HIS B 56 -3.60 -43.57 -23.78
C HIS B 56 -3.89 -44.68 -22.75
N GLU B 57 -3.06 -45.73 -22.71
CA GLU B 57 -3.20 -46.85 -21.74
C GLU B 57 -4.67 -47.37 -21.68
N GLN B 58 -5.04 -48.15 -22.72
CA GLN B 58 -6.42 -48.66 -22.97
C GLN B 58 -7.39 -47.52 -23.40
N HIS B 59 -6.82 -46.37 -23.88
CA HIS B 59 -7.62 -45.22 -24.40
C HIS B 59 -6.92 -44.69 -25.68
N LEU B 60 -6.98 -45.48 -26.74
CA LEU B 60 -6.20 -45.28 -28.00
C LEU B 60 -6.41 -43.86 -28.59
N ARG B 61 -7.67 -43.55 -28.93
CA ARG B 61 -8.06 -42.24 -29.52
C ARG B 61 -9.57 -41.99 -29.36
N LYS B 62 -10.20 -42.77 -28.47
CA LYS B 62 -11.66 -42.70 -28.17
C LYS B 62 -11.83 -42.41 -26.66
N SER B 63 -10.94 -41.52 -26.14
CA SER B 63 -10.80 -41.22 -24.70
C SER B 63 -12.12 -40.74 -24.05
N GLU B 64 -12.79 -39.77 -24.68
CA GLU B 64 -14.00 -39.13 -24.12
C GLU B 64 -15.29 -39.83 -24.61
N ALA B 65 -15.35 -41.16 -24.37
CA ALA B 65 -16.56 -42.01 -24.55
C ALA B 65 -17.19 -41.92 -25.96
N GLN B 66 -16.36 -41.58 -26.96
CA GLN B 66 -16.82 -41.39 -28.34
C GLN B 66 -16.97 -42.76 -29.04
N ALA B 67 -18.15 -43.36 -28.90
CA ALA B 67 -18.53 -44.60 -29.61
C ALA B 67 -18.76 -44.30 -31.10
N LYS B 68 -19.60 -43.29 -31.38
CA LYS B 68 -19.86 -42.81 -32.74
C LYS B 68 -18.73 -41.83 -33.17
N LYS B 69 -17.55 -42.41 -33.50
CA LYS B 69 -16.36 -41.63 -33.93
C LYS B 69 -16.66 -41.03 -35.31
N GLU B 70 -17.29 -41.85 -36.16
CA GLU B 70 -17.66 -41.48 -37.55
C GLU B 70 -18.97 -40.67 -37.60
N LYS B 71 -19.40 -40.15 -36.42
CA LYS B 71 -20.61 -39.34 -36.24
C LYS B 71 -21.86 -40.22 -36.44
N LEU B 72 -22.19 -40.51 -37.72
CA LEU B 72 -23.30 -41.38 -38.12
C LEU B 72 -24.67 -40.84 -37.61
N ASN B 73 -25.01 -41.15 -36.34
CA ASN B 73 -26.27 -40.74 -35.68
C ASN B 73 -27.50 -41.32 -36.43
N ILE B 74 -27.45 -42.65 -36.68
CA ILE B 74 -28.55 -43.39 -37.31
C ILE B 74 -29.68 -43.66 -36.29
N TRP B 75 -30.95 -43.59 -36.75
CA TRP B 75 -32.13 -43.78 -35.89
C TRP B 75 -32.29 -45.27 -35.47
N ALA A 4 17.52 16.03 30.95
CA ALA A 4 16.37 16.85 31.36
C ALA A 4 15.94 17.79 30.22
N GLN A 5 16.03 17.29 28.96
CA GLN A 5 15.57 18.01 27.76
C GLN A 5 14.58 17.09 27.02
N ALA A 6 13.51 17.71 26.48
CA ALA A 6 12.51 17.01 25.66
C ALA A 6 13.17 16.28 24.47
N LEU A 7 12.97 14.96 24.42
CA LEU A 7 13.59 14.05 23.43
C LEU A 7 13.27 14.49 22.00
N TRP A 8 11.99 14.84 21.77
CA TRP A 8 11.52 15.27 20.45
C TRP A 8 12.21 16.58 20.03
N THR A 9 12.35 17.54 20.97
CA THR A 9 12.95 18.87 20.72
C THR A 9 14.49 18.76 20.51
N ARG A 10 15.12 17.81 21.23
CA ARG A 10 16.58 17.61 21.20
C ARG A 10 17.00 17.12 19.79
N ASN A 11 18.18 17.57 19.34
CA ASN A 11 18.67 17.29 17.97
C ASN A 11 18.96 15.79 17.79
N LYS A 12 18.66 15.32 16.56
CA LYS A 12 18.80 13.91 16.11
C LYS A 12 20.19 13.31 16.41
N SER A 13 21.22 14.17 16.36
CA SER A 13 22.63 13.77 16.48
C SER A 13 23.00 13.31 17.90
N GLU A 14 22.36 13.90 18.93
CA GLU A 14 22.61 13.52 20.35
C GLU A 14 21.74 12.34 20.79
N ILE A 15 20.81 11.90 19.93
CA ILE A 15 19.84 10.84 20.26
C ILE A 15 20.13 9.58 19.45
N THR A 16 20.43 8.45 20.14
CA THR A 16 20.66 7.16 19.49
C THR A 16 19.33 6.37 19.42
N ASP A 17 19.40 5.21 18.76
CA ASP A 17 18.26 4.30 18.50
C ASP A 17 17.52 3.89 19.78
N GLU A 18 18.27 3.75 20.89
CA GLU A 18 17.75 3.31 22.19
C GLU A 18 16.65 4.23 22.72
N GLU A 19 16.88 5.55 22.67
CA GLU A 19 15.91 6.55 23.15
C GLU A 19 14.61 6.50 22.32
N TYR A 20 14.73 6.21 21.02
CA TYR A 20 13.57 6.13 20.11
C TYR A 20 12.68 4.90 20.41
N LYS A 21 13.32 3.77 20.76
CA LYS A 21 12.62 2.52 21.14
C LYS A 21 11.81 2.72 22.42
N GLU A 22 12.48 3.33 23.41
CA GLU A 22 11.93 3.68 24.72
C GLU A 22 10.76 4.67 24.57
N PHE A 23 10.98 5.70 23.75
CA PHE A 23 10.04 6.83 23.61
C PHE A 23 8.79 6.42 22.84
N TYR A 24 8.97 5.51 21.84
CA TYR A 24 7.87 4.90 21.08
C TYR A 24 6.86 4.26 22.03
N LYS A 25 7.38 3.46 22.97
CA LYS A 25 6.56 2.66 23.89
C LYS A 25 5.75 3.54 24.87
N HIS A 26 6.22 4.77 25.07
CA HIS A 26 5.53 5.77 25.90
C HIS A 26 4.48 6.56 25.06
N ILE A 27 4.83 6.90 23.80
CA ILE A 27 3.99 7.81 22.96
C ILE A 27 2.86 7.06 22.24
N ALA A 28 3.07 5.74 22.00
CA ALA A 28 2.13 4.91 21.21
C ALA A 28 1.08 4.23 22.09
N HIS A 29 1.33 4.24 23.43
CA HIS A 29 0.52 3.52 24.45
C HIS A 29 0.60 1.99 24.20
N ASP A 30 1.79 1.56 23.77
CA ASP A 30 2.04 0.21 23.28
C ASP A 30 3.49 -0.17 23.62
N PHE A 31 3.76 -1.45 23.88
CA PHE A 31 5.07 -1.91 24.39
C PHE A 31 5.63 -3.02 23.49
N ASN A 32 5.33 -2.92 22.19
CA ASN A 32 6.07 -3.61 21.13
C ASN A 32 7.26 -2.72 20.72
N ASP A 33 8.23 -3.29 19.98
CA ASP A 33 9.37 -2.51 19.43
C ASP A 33 8.97 -1.92 18.06
N PRO A 34 9.44 -0.68 17.70
CA PRO A 34 9.19 -0.10 16.36
C PRO A 34 10.10 -0.73 15.29
N LEU A 35 9.57 -0.84 14.06
CA LEU A 35 10.32 -1.41 12.92
C LEU A 35 11.37 -0.39 12.42
N THR A 36 10.91 0.86 12.27
CA THR A 36 11.78 2.01 11.95
C THR A 36 11.08 3.30 12.41
N TRP A 37 11.76 4.45 12.23
CA TRP A 37 11.26 5.77 12.62
C TRP A 37 11.87 6.84 11.71
N SER A 38 11.45 8.10 11.91
CA SER A 38 11.98 9.23 11.15
C SER A 38 11.84 10.51 12.01
N HIS A 39 12.96 10.91 12.66
CA HIS A 39 13.03 12.16 13.41
C HIS A 39 13.53 13.25 12.47
N ASN A 40 12.74 14.33 12.33
CA ASN A 40 13.08 15.49 11.50
C ASN A 40 12.73 16.76 12.29
N ARG A 41 13.40 17.87 11.96
CA ARG A 41 13.04 19.18 12.53
C ARG A 41 13.03 20.23 11.42
N VAL A 42 11.91 20.94 11.30
CA VAL A 42 11.70 21.99 10.32
C VAL A 42 11.47 23.31 11.08
N GLU A 43 12.09 24.39 10.61
CA GLU A 43 12.12 25.67 11.33
C GLU A 43 12.19 26.85 10.33
N GLY A 44 12.21 28.08 10.86
CA GLY A 44 12.16 29.29 10.04
C GLY A 44 10.76 29.90 10.09
N LYS A 45 9.96 29.72 9.01
CA LYS A 45 8.56 30.21 8.97
C LYS A 45 7.69 29.26 9.83
N GLN A 46 7.51 28.02 9.34
CA GLN A 46 6.79 26.96 10.06
C GLN A 46 7.79 26.20 10.94
N GLU A 47 7.86 26.56 12.24
CA GLU A 47 8.74 25.87 13.19
C GLU A 47 7.97 24.75 13.90
N TYR A 48 8.30 23.51 13.53
CA TYR A 48 7.76 22.28 14.13
C TYR A 48 8.81 21.16 14.04
N THR A 49 9.03 20.47 15.17
CA THR A 49 9.90 19.29 15.20
C THR A 49 9.01 18.03 15.19
N SER A 50 9.20 17.20 14.15
CA SER A 50 8.38 16.00 13.92
C SER A 50 9.18 14.74 14.29
N LEU A 51 8.53 13.79 14.96
CA LEU A 51 9.15 12.53 15.37
C LEU A 51 8.11 11.40 15.22
N LEU A 52 8.23 10.67 14.10
CA LEU A 52 7.26 9.63 13.71
C LEU A 52 7.89 8.23 13.88
N TYR A 53 7.04 7.20 13.96
CA TYR A 53 7.42 5.80 14.21
C TYR A 53 6.50 4.86 13.41
N ILE A 54 7.03 3.68 13.04
CA ILE A 54 6.25 2.58 12.42
C ILE A 54 6.03 1.45 13.45
N PRO A 55 4.75 1.17 13.87
CA PRO A 55 4.40 0.03 14.74
C PRO A 55 4.61 -1.35 14.05
N SER A 56 4.96 -2.36 14.86
CA SER A 56 5.26 -3.73 14.36
C SER A 56 3.99 -4.59 14.23
N GLN A 57 3.01 -4.36 15.13
CA GLN A 57 1.75 -5.13 15.18
C GLN A 57 0.54 -4.20 15.31
N ALA A 58 -0.57 -4.62 14.68
CA ALA A 58 -1.82 -3.87 14.70
C ALA A 58 -2.63 -4.21 15.95
N PRO A 59 -2.98 -3.18 16.80
CA PRO A 59 -3.94 -3.38 17.92
C PRO A 59 -5.38 -3.51 17.37
N TRP A 60 -6.28 -4.09 18.19
CA TRP A 60 -7.68 -4.34 17.79
C TRP A 60 -8.38 -3.01 17.40
N ASP A 61 -8.13 -1.97 18.21
CA ASP A 61 -8.81 -0.68 18.09
C ASP A 61 -8.29 0.19 16.93
N MET A 62 -7.41 -0.38 16.09
CA MET A 62 -7.00 0.22 14.80
C MET A 62 -8.22 0.29 13.84
N TRP A 63 -9.15 -0.68 14.01
CA TRP A 63 -10.35 -0.84 13.16
C TRP A 63 -11.64 -0.57 13.97
N ASN A 64 -11.49 0.13 15.10
CA ASN A 64 -12.61 0.48 16.00
C ASN A 64 -13.28 1.79 15.53
N ARG A 65 -14.49 2.06 16.04
CA ARG A 65 -15.27 3.28 15.69
C ARG A 65 -14.75 4.48 16.48
N ASP A 66 -14.02 4.18 17.56
CA ASP A 66 -13.27 5.17 18.34
C ASP A 66 -11.95 5.43 17.61
N HIS A 67 -11.53 6.70 17.56
CA HIS A 67 -10.33 7.10 16.77
C HIS A 67 -9.06 6.61 17.47
N LYS A 68 -8.10 6.14 16.67
CA LYS A 68 -6.80 5.63 17.13
C LYS A 68 -5.68 6.26 16.28
N HIS A 69 -6.01 6.52 15.01
CA HIS A 69 -5.12 7.24 14.07
C HIS A 69 -4.76 8.66 14.59
N GLY A 70 -3.49 9.06 14.38
CA GLY A 70 -3.04 10.42 14.67
C GLY A 70 -1.73 10.49 15.43
N LEU A 71 -1.35 11.74 15.77
CA LEU A 71 -0.06 12.07 16.42
C LEU A 71 -0.30 12.80 17.74
N LYS A 72 0.73 12.87 18.59
CA LYS A 72 0.69 13.66 19.82
C LYS A 72 1.01 15.12 19.50
N LEU A 73 -0.01 15.98 19.52
CA LEU A 73 0.17 17.41 19.29
C LEU A 73 0.75 18.07 20.55
N TYR A 74 1.97 18.61 20.39
CA TYR A 74 2.60 19.54 21.32
C TYR A 74 2.70 20.89 20.62
N VAL A 75 2.51 21.96 21.38
CA VAL A 75 2.77 23.32 20.92
C VAL A 75 3.62 24.03 21.97
N GLN A 76 4.81 24.52 21.53
CA GLN A 76 5.79 25.26 22.36
C GLN A 76 6.31 24.35 23.49
N ARG A 77 6.45 23.05 23.16
CA ARG A 77 7.01 22.00 24.02
C ARG A 77 6.04 21.66 25.20
N VAL A 78 4.80 22.13 25.06
CA VAL A 78 3.69 21.89 26.01
C VAL A 78 2.67 20.97 25.33
N PHE A 79 2.27 19.88 26.01
CA PHE A 79 1.33 18.89 25.47
C PHE A 79 -0.09 19.51 25.31
N ILE A 80 -0.73 19.22 24.16
CA ILE A 80 -2.06 19.74 23.83
C ILE A 80 -3.08 18.59 23.84
N MET A 81 -2.91 17.62 22.91
CA MET A 81 -3.82 16.47 22.76
C MET A 81 -3.21 15.48 21.75
N ASP A 82 -3.17 14.19 22.12
CA ASP A 82 -2.69 13.10 21.24
C ASP A 82 -3.83 12.53 20.40
N ASP A 83 -3.46 11.58 19.50
CA ASP A 83 -4.41 10.93 18.54
C ASP A 83 -5.03 11.97 17.58
N ALA A 84 -4.28 13.07 17.32
CA ALA A 84 -4.69 14.14 16.40
C ALA A 84 -4.39 13.72 14.93
N GLU A 85 -5.40 13.11 14.31
CA GLU A 85 -5.37 12.62 12.90
C GLU A 85 -5.41 13.76 11.87
N GLN A 86 -5.46 15.01 12.35
CA GLN A 86 -5.50 16.20 11.49
C GLN A 86 -4.13 16.48 10.82
N PHE A 87 -3.09 15.76 11.29
CA PHE A 87 -1.72 15.83 10.75
C PHE A 87 -1.42 14.68 9.77
N MET A 88 -2.28 13.64 9.79
CA MET A 88 -2.10 12.42 8.97
C MET A 88 -3.37 12.13 8.15
N PRO A 89 -3.28 11.99 6.78
CA PRO A 89 -4.39 11.45 5.97
C PRO A 89 -4.73 10.00 6.41
N ASN A 90 -5.94 9.50 6.05
CA ASN A 90 -6.51 8.27 6.65
C ASN A 90 -5.73 7.00 6.22
N TYR A 91 -5.06 7.03 5.05
CA TYR A 91 -4.24 5.89 4.60
C TYR A 91 -2.92 5.79 5.40
N LEU A 92 -2.69 6.80 6.25
CA LEU A 92 -1.59 6.84 7.22
C LEU A 92 -2.18 6.73 8.65
N ARG A 93 -3.22 5.88 8.80
CA ARG A 93 -3.90 5.59 10.10
C ARG A 93 -2.96 4.89 11.11
N PHE A 94 -2.01 4.11 10.59
CA PHE A 94 -1.06 3.31 11.39
C PHE A 94 -0.05 4.19 12.16
N VAL A 95 0.23 5.39 11.61
CA VAL A 95 1.35 6.24 12.06
C VAL A 95 1.19 6.66 13.53
N ARG A 96 2.21 6.35 14.33
CA ARG A 96 2.33 6.78 15.72
C ARG A 96 3.57 7.65 15.85
N GLY A 97 3.44 8.71 16.63
CA GLY A 97 4.50 9.68 16.82
C GLY A 97 3.98 10.94 17.44
N LEU A 98 4.64 12.06 17.15
CA LEU A 98 4.32 13.36 17.74
C LEU A 98 4.89 14.48 16.87
N ILE A 99 4.36 15.69 17.10
CA ILE A 99 4.79 16.91 16.42
C ILE A 99 4.67 18.11 17.36
N ASP A 100 5.79 18.81 17.59
CA ASP A 100 5.85 20.01 18.43
C ASP A 100 5.96 21.25 17.54
N SER A 101 4.84 21.95 17.33
CA SER A 101 4.82 23.20 16.58
C SER A 101 4.93 24.39 17.55
N SER A 102 6.03 25.15 17.43
CA SER A 102 6.18 26.44 18.12
C SER A 102 5.63 27.59 17.25
N ASP A 103 5.03 27.21 16.08
CA ASP A 103 4.45 28.14 15.10
C ASP A 103 2.93 28.34 15.37
N LEU A 104 2.22 27.20 15.51
CA LEU A 104 0.76 27.17 15.78
C LEU A 104 0.46 27.65 17.24
N PRO A 105 -0.80 28.15 17.55
CA PRO A 105 -1.20 28.57 18.92
C PRO A 105 -1.29 27.38 19.91
N LEU A 106 -1.10 27.66 21.22
CA LEU A 106 -1.19 26.63 22.30
C LEU A 106 -2.66 26.19 22.50
N ASN A 107 -3.60 27.10 22.23
CA ASN A 107 -5.05 26.87 22.43
C ASN A 107 -5.70 26.17 21.21
N VAL A 108 -4.87 25.56 20.35
CA VAL A 108 -5.30 24.92 19.10
C VAL A 108 -6.10 23.60 19.38
N SER A 109 -7.15 23.35 18.57
CA SER A 109 -8.00 22.15 18.66
C SER A 109 -8.07 21.46 17.29
N ARG A 110 -8.70 20.25 17.25
CA ARG A 110 -8.95 19.49 16.00
C ARG A 110 -9.66 20.34 14.93
N GLU A 111 -10.59 21.19 15.39
CA GLU A 111 -11.43 22.04 14.55
C GLU A 111 -10.60 23.15 13.88
N ILE A 112 -9.68 23.73 14.66
CA ILE A 112 -8.72 24.72 14.15
C ILE A 112 -7.79 24.05 13.12
N LEU A 113 -7.29 22.85 13.48
CA LEU A 113 -6.40 22.04 12.61
C LEU A 113 -7.08 21.62 11.29
N GLN A 114 -8.42 21.47 11.33
CA GLN A 114 -9.25 21.06 10.19
C GLN A 114 -9.36 22.18 9.14
N ASP A 115 -9.75 23.37 9.60
CA ASP A 115 -10.11 24.50 8.73
C ASP A 115 -8.91 25.42 8.42
N SER A 116 -7.81 25.32 9.21
CA SER A 116 -6.62 26.18 9.02
C SER A 116 -5.85 25.81 7.73
N THR A 117 -5.33 26.85 7.07
CA THR A 117 -4.53 26.73 5.84
C THR A 117 -3.10 26.25 6.17
N VAL A 118 -2.50 26.83 7.23
CA VAL A 118 -1.12 26.48 7.65
C VAL A 118 -1.03 25.00 8.05
N THR A 119 -2.07 24.50 8.76
CA THR A 119 -2.10 23.11 9.24
C THR A 119 -2.25 22.11 8.06
N ARG A 120 -2.80 22.58 6.93
CA ARG A 120 -2.84 21.79 5.69
C ARG A 120 -1.39 21.51 5.24
N ASN A 121 -0.57 22.57 5.26
CA ASN A 121 0.88 22.51 4.94
C ASN A 121 1.64 21.63 5.95
N LEU A 122 1.24 21.70 7.23
CA LEU A 122 1.78 20.84 8.32
C LEU A 122 1.59 19.35 7.95
N ARG A 123 0.34 19.02 7.56
CA ARG A 123 -0.06 17.66 7.14
C ARG A 123 0.76 17.22 5.91
N ASN A 124 0.92 18.14 4.94
CA ASN A 124 1.56 17.84 3.63
C ASN A 124 3.01 17.35 3.78
N ALA A 125 3.79 18.03 4.64
CA ALA A 125 5.19 17.65 4.89
C ALA A 125 5.27 16.27 5.55
N LEU A 126 4.40 16.07 6.56
CA LEU A 126 4.34 14.85 7.37
C LEU A 126 3.94 13.62 6.53
N THR A 127 3.03 13.82 5.55
CA THR A 127 2.55 12.76 4.66
C THR A 127 3.71 12.09 3.92
N LYS A 128 4.63 12.93 3.41
CA LYS A 128 5.79 12.49 2.63
C LYS A 128 6.88 11.91 3.53
N ARG A 129 6.97 12.37 4.80
CA ARG A 129 7.92 11.82 5.78
C ARG A 129 7.62 10.32 6.04
N VAL A 130 6.32 9.97 6.02
CA VAL A 130 5.85 8.59 6.18
C VAL A 130 6.06 7.78 4.89
N LEU A 131 5.73 8.38 3.72
CA LEU A 131 5.87 7.72 2.41
C LEU A 131 7.33 7.29 2.13
N GLN A 132 8.27 8.17 2.49
CA GLN A 132 9.73 7.92 2.36
C GLN A 132 10.21 6.92 3.44
N MET A 133 9.50 6.87 4.58
CA MET A 133 9.81 5.94 5.70
C MET A 133 9.38 4.50 5.35
N LEU A 134 8.27 4.39 4.60
CA LEU A 134 7.75 3.11 4.08
C LEU A 134 8.63 2.63 2.92
N GLU A 135 9.01 3.60 2.06
CA GLU A 135 9.90 3.38 0.91
C GLU A 135 11.29 2.91 1.42
N LYS A 136 11.72 3.48 2.57
CA LYS A 136 12.92 3.05 3.29
C LYS A 136 12.77 1.61 3.77
N LEU A 137 11.73 1.37 4.60
CA LEU A 137 11.54 0.10 5.35
C LEU A 137 11.41 -1.11 4.41
N ALA A 138 10.80 -0.90 3.22
CA ALA A 138 10.62 -1.96 2.19
C ALA A 138 11.96 -2.53 1.68
N LYS A 139 13.01 -1.71 1.79
CA LYS A 139 14.37 -1.99 1.25
C LYS A 139 15.41 -2.09 2.39
N ASP A 140 15.05 -1.52 3.55
CA ASP A 140 15.92 -1.45 4.74
C ASP A 140 15.83 -2.77 5.49
N ASP A 141 14.58 -3.23 5.68
CA ASP A 141 14.25 -4.59 6.14
C ASP A 141 12.88 -4.97 5.55
N ALA A 142 12.92 -5.59 4.35
CA ALA A 142 11.73 -6.04 3.62
C ALA A 142 10.89 -7.05 4.45
N GLU A 143 11.59 -7.81 5.32
CA GLU A 143 10.96 -8.79 6.24
C GLU A 143 10.14 -8.06 7.33
N LYS A 144 10.67 -6.92 7.85
CA LYS A 144 9.91 -6.06 8.78
C LYS A 144 8.68 -5.46 8.08
N TYR A 145 8.87 -5.08 6.80
CA TYR A 145 7.80 -4.46 5.99
C TYR A 145 6.71 -5.51 5.64
N GLN A 146 7.10 -6.80 5.62
CA GLN A 146 6.14 -7.91 5.45
C GLN A 146 5.27 -8.08 6.71
N THR A 147 5.91 -8.01 7.90
CA THR A 147 5.20 -8.04 9.19
C THR A 147 4.23 -6.84 9.29
N PHE A 148 4.75 -5.67 8.89
CA PHE A 148 4.02 -4.40 8.84
C PHE A 148 2.76 -4.54 7.96
N TRP A 149 2.95 -5.10 6.76
CA TRP A 149 1.89 -5.22 5.76
C TRP A 149 0.82 -6.25 6.19
N GLN A 150 1.25 -7.30 6.90
CA GLN A 150 0.35 -8.34 7.43
C GLN A 150 -0.36 -7.86 8.73
N GLN A 151 -0.19 -6.57 9.08
CA GLN A 151 -0.91 -5.92 10.20
C GLN A 151 -1.71 -4.69 9.70
N PHE A 152 -1.10 -3.91 8.78
CA PHE A 152 -1.58 -2.58 8.37
C PHE A 152 -1.75 -2.48 6.84
N GLY A 153 -1.88 -3.63 6.17
CA GLY A 153 -1.99 -3.70 4.72
C GLY A 153 -3.16 -2.92 4.14
N LEU A 154 -4.36 -3.19 4.69
CA LEU A 154 -5.64 -2.59 4.21
C LEU A 154 -5.61 -1.05 4.29
N VAL A 155 -4.86 -0.52 5.28
CA VAL A 155 -4.71 0.93 5.51
C VAL A 155 -4.11 1.62 4.26
N LEU A 156 -3.03 1.01 3.72
CA LEU A 156 -2.31 1.53 2.53
C LEU A 156 -3.02 1.14 1.20
N LYS A 157 -3.87 0.09 1.23
CA LYS A 157 -4.65 -0.37 0.03
C LYS A 157 -5.78 0.62 -0.32
N GLU A 158 -6.14 1.46 0.66
CA GLU A 158 -7.06 2.60 0.47
C GLU A 158 -6.30 3.84 -0.03
N GLY A 159 -4.94 3.76 0.04
CA GLY A 159 -4.01 4.85 -0.30
C GLY A 159 -4.11 5.42 -1.72
N PRO A 160 -4.03 4.57 -2.82
CA PRO A 160 -4.07 5.08 -4.22
C PRO A 160 -5.41 5.75 -4.56
N ALA A 161 -6.45 5.41 -3.76
CA ALA A 161 -7.81 5.94 -3.94
C ALA A 161 -8.02 7.26 -3.18
N GLU A 162 -7.07 7.63 -2.29
CA GLU A 162 -7.14 8.87 -1.47
C GLU A 162 -6.14 9.93 -2.01
N ASP A 163 -4.82 9.65 -1.89
CA ASP A 163 -3.77 10.54 -2.46
C ASP A 163 -3.52 10.10 -3.91
N PHE A 164 -4.22 10.76 -4.83
CA PHE A 164 -4.18 10.47 -6.28
C PHE A 164 -2.83 10.82 -6.91
N ALA A 165 -2.19 11.88 -6.41
CA ALA A 165 -0.95 12.41 -6.98
C ALA A 165 0.24 11.44 -6.79
N ASN A 166 0.13 10.54 -5.80
CA ASN A 166 1.14 9.50 -5.50
C ASN A 166 0.62 8.12 -5.88
N GLN A 167 -0.22 8.04 -6.94
CA GLN A 167 -0.82 6.79 -7.44
C GLN A 167 0.22 5.66 -7.56
N GLU A 168 1.30 5.94 -8.32
CA GLU A 168 2.36 4.97 -8.62
C GLU A 168 3.15 4.62 -7.36
N ALA A 169 3.47 5.66 -6.54
CA ALA A 169 4.29 5.49 -5.31
C ALA A 169 3.64 4.53 -4.31
N ILE A 170 2.35 4.77 -4.04
CA ILE A 170 1.56 3.98 -3.09
C ILE A 170 1.26 2.58 -3.69
N ALA A 171 1.03 2.54 -5.02
CA ALA A 171 0.81 1.26 -5.77
C ALA A 171 2.07 0.38 -5.79
N LYS A 172 3.22 1.04 -5.68
CA LYS A 172 4.54 0.40 -5.57
C LYS A 172 4.75 -0.15 -4.14
N LEU A 173 4.25 0.62 -3.15
CA LEU A 173 4.26 0.21 -1.74
C LEU A 173 3.21 -0.89 -1.46
N LEU A 174 2.21 -1.03 -2.37
CA LEU A 174 1.20 -2.10 -2.29
C LEU A 174 1.87 -3.47 -2.51
N ARG A 175 1.67 -4.38 -1.56
CA ARG A 175 2.15 -5.77 -1.62
C ARG A 175 0.90 -6.68 -1.69
N PHE A 176 0.92 -7.68 -2.56
CA PHE A 176 -0.25 -8.55 -2.83
C PHE A 176 0.18 -10.01 -3.00
N ALA A 177 -0.83 -10.89 -3.10
CA ALA A 177 -0.61 -12.33 -3.34
C ALA A 177 -0.57 -12.59 -4.85
N SER A 178 0.07 -13.69 -5.24
CA SER A 178 0.20 -14.09 -6.66
C SER A 178 0.17 -15.62 -6.77
N THR A 179 0.07 -16.15 -8.01
CA THR A 179 0.17 -17.59 -8.28
C THR A 179 1.62 -18.10 -8.10
N HIS A 180 2.54 -17.14 -7.84
CA HIS A 180 3.92 -17.40 -7.40
C HIS A 180 3.94 -18.22 -6.10
N THR A 181 3.02 -17.87 -5.19
CA THR A 181 2.92 -18.48 -3.87
C THR A 181 1.46 -18.81 -3.56
N ASP A 182 1.19 -20.08 -3.18
CA ASP A 182 -0.16 -20.57 -2.86
C ASP A 182 -0.66 -20.10 -1.47
N SER A 183 0.18 -19.34 -0.74
CA SER A 183 -0.21 -18.70 0.54
C SER A 183 -0.90 -17.35 0.29
N SER A 184 -1.61 -16.86 1.33
CA SER A 184 -2.32 -15.57 1.30
C SER A 184 -1.43 -14.41 1.80
N ALA A 185 -0.12 -14.70 2.01
CA ALA A 185 0.87 -13.68 2.39
C ALA A 185 1.06 -12.66 1.26
N GLN A 186 0.58 -11.43 1.48
CA GLN A 186 0.61 -10.34 0.49
C GLN A 186 2.04 -9.75 0.39
N THR A 187 2.81 -10.26 -0.58
CA THR A 187 4.26 -9.95 -0.70
C THR A 187 4.64 -9.19 -2.00
N VAL A 188 4.06 -9.61 -3.15
CA VAL A 188 4.44 -9.10 -4.50
C VAL A 188 3.90 -7.67 -4.77
N SER A 189 4.82 -6.74 -5.05
CA SER A 189 4.47 -5.36 -5.47
C SER A 189 4.31 -5.30 -7.01
N LEU A 190 3.95 -4.11 -7.53
CA LEU A 190 3.86 -3.86 -8.98
C LEU A 190 5.26 -3.83 -9.64
N GLU A 191 6.28 -3.47 -8.85
CA GLU A 191 7.68 -3.48 -9.31
C GLU A 191 8.26 -4.91 -9.22
N ASP A 192 7.81 -5.69 -8.22
CA ASP A 192 8.14 -7.13 -8.12
C ASP A 192 7.45 -7.87 -9.29
N TYR A 193 6.28 -7.35 -9.70
CA TYR A 193 5.52 -7.89 -10.85
C TYR A 193 6.33 -7.73 -12.16
N VAL A 194 7.20 -6.70 -12.22
CA VAL A 194 8.13 -6.51 -13.36
C VAL A 194 9.20 -7.64 -13.38
N SER A 195 9.58 -8.13 -12.18
CA SER A 195 10.46 -9.31 -12.02
C SER A 195 9.68 -10.62 -12.32
N ARG A 196 8.35 -10.59 -12.10
CA ARG A 196 7.45 -11.72 -12.38
C ARG A 196 7.10 -11.77 -13.89
N MET A 197 7.32 -10.63 -14.57
CA MET A 197 7.00 -10.41 -15.99
C MET A 197 7.98 -11.16 -16.93
N LYS A 198 7.45 -11.63 -18.07
CA LYS A 198 8.22 -12.29 -19.15
C LYS A 198 8.12 -11.46 -20.44
N GLU A 199 8.85 -11.89 -21.49
CA GLU A 199 8.73 -11.33 -22.84
C GLU A 199 7.32 -11.63 -23.39
N GLY A 200 6.56 -10.58 -23.73
CA GLY A 200 5.17 -10.73 -24.20
C GLY A 200 4.14 -10.58 -23.09
N GLN A 201 4.61 -10.54 -21.82
CA GLN A 201 3.73 -10.27 -20.65
C GLN A 201 3.76 -8.74 -20.38
N GLU A 202 3.25 -7.99 -21.36
CA GLU A 202 3.33 -6.51 -21.38
C GLU A 202 2.03 -5.89 -20.78
N LYS A 203 1.26 -6.74 -20.07
CA LYS A 203 0.04 -6.36 -19.35
C LYS A 203 0.13 -6.84 -17.89
N ILE A 204 -0.62 -6.19 -16.99
CA ILE A 204 -0.66 -6.52 -15.56
C ILE A 204 -1.95 -7.33 -15.28
N TYR A 205 -1.80 -8.65 -15.14
CA TYR A 205 -2.95 -9.58 -14.99
C TYR A 205 -3.35 -9.68 -13.51
N TYR A 206 -4.57 -9.27 -13.24
CA TYR A 206 -5.19 -9.23 -11.90
C TYR A 206 -6.47 -10.10 -11.91
N ILE A 207 -6.91 -10.54 -10.73
CA ILE A 207 -8.23 -11.18 -10.52
C ILE A 207 -8.76 -10.81 -9.12
N THR A 208 -9.84 -10.01 -9.09
CA THR A 208 -10.40 -9.48 -7.83
C THR A 208 -11.45 -10.46 -7.26
N ALA A 209 -11.18 -10.92 -6.05
CA ALA A 209 -12.07 -11.83 -5.31
C ALA A 209 -12.22 -11.36 -3.87
N ASP A 210 -13.33 -11.78 -3.25
CA ASP A 210 -13.61 -11.50 -1.83
C ASP A 210 -12.69 -12.33 -0.91
N SER A 211 -12.25 -13.50 -1.41
CA SER A 211 -11.40 -14.44 -0.67
C SER A 211 -10.31 -14.99 -1.60
N TYR A 212 -9.22 -15.45 -0.98
CA TYR A 212 -8.07 -16.05 -1.68
C TYR A 212 -8.48 -17.38 -2.33
N ALA A 213 -9.34 -18.12 -1.61
CA ALA A 213 -9.90 -19.41 -2.06
C ALA A 213 -10.67 -19.25 -3.38
N ALA A 214 -11.46 -18.17 -3.49
CA ALA A 214 -12.27 -17.85 -4.68
C ALA A 214 -11.38 -17.54 -5.89
N ALA A 215 -10.34 -16.71 -5.65
CA ALA A 215 -9.35 -16.32 -6.69
C ALA A 215 -8.54 -17.53 -7.19
N LYS A 216 -8.20 -18.43 -6.24
CA LYS A 216 -7.29 -19.58 -6.48
C LYS A 216 -8.02 -20.75 -7.20
N SER A 217 -9.32 -20.90 -6.91
CA SER A 217 -10.15 -21.99 -7.49
C SER A 217 -10.73 -21.59 -8.87
N SER A 218 -10.35 -20.40 -9.37
CA SER A 218 -10.78 -19.90 -10.67
C SER A 218 -10.07 -20.66 -11.82
N PRO A 219 -10.84 -21.25 -12.82
CA PRO A 219 -10.25 -21.91 -14.01
C PRO A 219 -9.59 -20.91 -14.98
N HIS A 220 -9.82 -19.59 -14.74
CA HIS A 220 -9.14 -18.51 -15.48
C HIS A 220 -7.63 -18.58 -15.28
N LEU A 221 -7.21 -18.98 -14.04
CA LEU A 221 -5.79 -19.11 -13.67
C LEU A 221 -5.08 -20.15 -14.55
N GLU A 222 -5.82 -21.20 -14.97
CA GLU A 222 -5.25 -22.32 -15.73
C GLU A 222 -4.79 -21.88 -17.12
N LEU A 223 -5.64 -21.12 -17.84
CA LEU A 223 -5.32 -20.59 -19.19
C LEU A 223 -4.00 -19.77 -19.14
N LEU A 224 -3.83 -19.07 -18.01
CA LEU A 224 -2.68 -18.21 -17.73
C LEU A 224 -1.41 -19.03 -17.40
N ARG A 225 -1.51 -19.92 -16.39
CA ARG A 225 -0.36 -20.66 -15.84
C ARG A 225 0.14 -21.75 -16.82
N LYS A 226 -0.78 -22.34 -17.60
CA LYS A 226 -0.44 -23.27 -18.70
C LYS A 226 0.39 -22.56 -19.78
N LYS A 227 0.14 -21.24 -19.96
CA LYS A 227 0.91 -20.40 -20.89
C LYS A 227 2.22 -19.93 -20.23
N GLY A 228 2.21 -19.85 -18.89
CA GLY A 228 3.33 -19.32 -18.12
C GLY A 228 3.19 -17.83 -17.85
N ILE A 229 2.02 -17.46 -17.31
CA ILE A 229 1.71 -16.08 -16.89
C ILE A 229 1.75 -16.02 -15.36
N GLU A 230 2.25 -14.91 -14.80
CA GLU A 230 2.14 -14.64 -13.36
C GLU A 230 0.84 -13.88 -13.13
N VAL A 231 -0.02 -14.38 -12.24
CA VAL A 231 -1.35 -13.77 -11.96
C VAL A 231 -1.33 -13.17 -10.56
N LEU A 232 -1.85 -11.95 -10.43
CA LEU A 232 -1.95 -11.26 -9.15
C LEU A 232 -3.32 -11.65 -8.53
N LEU A 233 -3.27 -12.37 -7.39
CA LEU A 233 -4.48 -12.85 -6.68
C LEU A 233 -4.89 -11.83 -5.60
N LEU A 234 -6.07 -11.19 -5.78
CA LEU A 234 -6.60 -10.20 -4.82
C LEU A 234 -7.68 -10.87 -3.94
N SER A 235 -7.48 -10.82 -2.62
CA SER A 235 -8.34 -11.53 -1.63
C SER A 235 -9.06 -10.55 -0.68
N ASP A 236 -9.01 -9.25 -1.01
CA ASP A 236 -9.54 -8.16 -0.17
C ASP A 236 -10.75 -7.48 -0.85
N ARG A 237 -11.58 -6.78 -0.03
CA ARG A 237 -12.84 -6.19 -0.46
C ARG A 237 -12.64 -4.89 -1.28
N ILE A 238 -11.78 -3.96 -0.80
CA ILE A 238 -11.62 -2.64 -1.47
C ILE A 238 -10.77 -2.79 -2.75
N ASP A 239 -10.04 -3.93 -2.87
CA ASP A 239 -9.20 -4.27 -4.04
C ASP A 239 -9.94 -4.12 -5.39
N GLU A 240 -11.21 -4.57 -5.41
CA GLU A 240 -12.08 -4.51 -6.60
C GLU A 240 -12.28 -3.07 -7.06
N TRP A 241 -12.59 -2.19 -6.09
CA TRP A 241 -12.92 -0.78 -6.35
C TRP A 241 -11.63 0.04 -6.56
N MET A 242 -10.50 -0.48 -6.03
CA MET A 242 -9.18 0.15 -6.12
C MET A 242 -8.61 0.08 -7.56
N MET A 243 -8.93 -1.05 -8.26
CA MET A 243 -8.53 -1.26 -9.67
C MET A 243 -9.20 -0.26 -10.62
N ASN A 244 -10.29 0.38 -10.17
CA ASN A 244 -10.99 1.42 -10.94
C ASN A 244 -10.08 2.63 -11.20
N TYR A 245 -9.08 2.85 -10.32
CA TYR A 245 -8.09 3.91 -10.50
C TYR A 245 -6.76 3.34 -11.00
N LEU A 246 -6.33 2.18 -10.46
CA LEU A 246 -5.13 1.48 -10.97
C LEU A 246 -5.45 0.83 -12.31
N THR A 247 -5.51 1.69 -13.34
CA THR A 247 -5.87 1.33 -14.72
C THR A 247 -4.61 1.01 -15.55
N GLU A 248 -3.48 1.64 -15.20
CA GLU A 248 -2.20 1.47 -15.91
C GLU A 248 -1.01 1.82 -14.98
N PHE A 249 0.03 0.97 -15.02
CA PHE A 249 1.29 1.15 -14.27
C PHE A 249 2.47 1.14 -15.25
N ASP A 250 3.12 2.32 -15.41
CA ASP A 250 4.39 2.47 -16.16
C ASP A 250 4.26 2.01 -17.64
N GLY A 251 3.06 2.23 -18.22
CA GLY A 251 2.79 1.92 -19.63
C GLY A 251 2.14 0.55 -19.84
N LYS A 252 2.23 -0.33 -18.82
CA LYS A 252 1.57 -1.65 -18.84
C LYS A 252 0.17 -1.53 -18.19
N PRO A 253 -0.95 -1.70 -18.95
CA PRO A 253 -2.31 -1.58 -18.40
C PRO A 253 -2.73 -2.81 -17.58
N PHE A 254 -3.66 -2.63 -16.65
CA PHE A 254 -4.24 -3.71 -15.83
C PHE A 254 -5.33 -4.46 -16.61
N GLN A 255 -5.64 -5.68 -16.19
CA GLN A 255 -6.72 -6.47 -16.79
C GLN A 255 -7.25 -7.47 -15.77
N SER A 256 -8.56 -7.41 -15.46
CA SER A 256 -9.22 -8.49 -14.74
C SER A 256 -9.40 -9.69 -15.71
N VAL A 257 -8.83 -10.84 -15.33
CA VAL A 257 -8.87 -12.07 -16.15
C VAL A 257 -10.18 -12.84 -15.91
N SER A 258 -11.06 -12.26 -15.07
CA SER A 258 -12.42 -12.76 -14.81
C SER A 258 -13.26 -12.85 -16.10
N LYS A 259 -12.95 -11.97 -17.09
CA LYS A 259 -13.52 -12.03 -18.44
C LYS A 259 -12.40 -12.27 -19.47
N VAL A 260 -12.81 -12.46 -20.74
CA VAL A 260 -11.88 -12.70 -21.86
C VAL A 260 -11.90 -11.48 -22.81
N ASP A 261 -10.70 -11.09 -23.25
CA ASP A 261 -10.48 -10.03 -24.25
C ASP A 261 -9.36 -10.56 -25.18
N GLU A 262 -8.66 -9.69 -25.96
CA GLU A 262 -7.43 -10.11 -26.67
C GLU A 262 -6.32 -10.49 -25.64
N SER A 263 -6.49 -9.99 -24.40
CA SER A 263 -5.66 -10.35 -23.24
C SER A 263 -5.60 -11.88 -23.01
N LEU A 264 -6.68 -12.59 -23.39
CA LEU A 264 -6.73 -14.08 -23.24
C LEU A 264 -6.93 -14.78 -24.61
N GLU A 265 -7.31 -14.02 -25.65
CA GLU A 265 -7.52 -14.58 -27.02
C GLU A 265 -6.16 -14.79 -27.71
N LYS A 266 -5.35 -13.71 -27.70
CA LYS A 266 -3.97 -13.74 -28.24
C LYS A 266 -3.07 -14.62 -27.33
N LEU A 267 -3.44 -14.69 -26.04
CA LEU A 267 -2.77 -15.54 -25.04
C LEU A 267 -3.01 -17.04 -25.35
N ALA A 268 -4.15 -17.34 -26.00
CA ALA A 268 -4.43 -18.67 -26.54
C ALA A 268 -3.70 -18.85 -27.89
N LYS B 5 -6.09 -21.89 8.10
CA LYS B 5 -6.44 -21.84 6.68
C LYS B 5 -5.20 -21.58 5.81
N LYS B 6 -4.01 -21.49 6.46
CA LYS B 6 -2.72 -21.11 5.83
C LYS B 6 -2.83 -19.71 5.19
N ILE B 7 -3.47 -18.81 5.96
CA ILE B 7 -3.75 -17.43 5.57
C ILE B 7 -2.45 -16.58 5.72
N GLU B 8 -2.55 -15.24 5.60
CA GLU B 8 -1.42 -14.32 5.86
C GLU B 8 -0.88 -14.50 7.30
N VAL B 9 0.28 -15.17 7.40
CA VAL B 9 0.97 -15.44 8.68
C VAL B 9 2.43 -15.84 8.40
N GLU B 10 2.63 -16.63 7.33
CA GLU B 10 3.97 -17.09 6.91
C GLU B 10 3.94 -17.52 5.44
N PHE B 11 5.09 -18.07 4.97
CA PHE B 11 5.24 -18.67 3.63
C PHE B 11 5.03 -17.60 2.54
N ASP B 12 5.80 -16.50 2.70
CA ASP B 12 5.76 -15.34 1.79
C ASP B 12 6.23 -15.77 0.40
N LYS B 13 7.49 -16.27 0.35
CA LYS B 13 8.14 -16.84 -0.84
C LYS B 13 8.52 -15.79 -1.91
N GLY B 14 7.67 -14.76 -2.10
CA GLY B 14 7.98 -13.64 -2.97
C GLY B 14 8.55 -12.46 -2.21
N GLN B 15 8.95 -12.67 -0.93
CA GLN B 15 9.63 -11.64 -0.13
C GLN B 15 10.99 -11.37 -0.75
N ARG B 16 11.06 -10.30 -1.55
CA ARG B 16 12.27 -9.90 -2.28
C ARG B 16 12.63 -8.46 -1.96
N THR B 17 13.78 -8.01 -2.49
CA THR B 17 14.24 -6.62 -2.36
C THR B 17 13.45 -5.70 -3.30
N ASP B 18 13.22 -4.46 -2.86
CA ASP B 18 12.55 -3.42 -3.67
C ASP B 18 13.59 -2.34 -4.03
N LYS B 19 13.38 -1.62 -5.13
CA LYS B 19 14.37 -0.64 -5.69
C LYS B 19 13.65 0.70 -5.98
N TYR B 20 14.38 1.66 -6.62
CA TYR B 20 13.80 2.92 -7.19
C TYR B 20 12.97 3.74 -6.16
N GLY B 21 11.95 4.50 -6.64
CA GLY B 21 11.08 5.31 -5.78
C GLY B 21 10.67 6.59 -6.50
N ARG B 22 9.37 6.76 -6.79
CA ARG B 22 8.87 7.90 -7.59
C ARG B 22 7.40 8.21 -7.24
N GLY B 23 7.17 9.38 -6.59
CA GLY B 23 5.83 9.83 -6.26
C GLY B 23 5.83 10.83 -5.11
N LEU B 24 6.12 12.09 -5.44
CA LEU B 24 6.20 13.20 -4.46
C LEU B 24 5.28 14.37 -4.90
N ALA B 25 3.97 14.25 -4.56
CA ALA B 25 2.95 15.30 -4.78
C ALA B 25 1.66 14.95 -3.98
N TYR B 26 0.69 15.87 -3.84
CA TYR B 26 -0.49 15.66 -2.96
C TYR B 26 -1.78 16.18 -3.61
N ILE B 27 -2.74 15.28 -3.90
CA ILE B 27 -4.07 15.63 -4.46
C ILE B 27 -5.15 14.72 -3.82
N TYR B 28 -6.23 15.35 -3.30
CA TYR B 28 -7.44 14.63 -2.80
C TYR B 28 -8.26 14.06 -3.97
N ALA B 29 -9.16 13.14 -3.63
CA ALA B 29 -9.92 12.37 -4.62
C ALA B 29 -11.42 12.26 -4.24
N ASP B 30 -11.82 11.09 -3.70
CA ASP B 30 -13.22 10.73 -3.41
C ASP B 30 -14.09 10.80 -4.68
N GLY B 31 -14.54 12.01 -5.04
CA GLY B 31 -15.35 12.23 -6.24
C GLY B 31 -14.49 12.55 -7.48
N LYS B 32 -13.67 11.56 -7.86
CA LYS B 32 -12.80 11.63 -9.07
C LYS B 32 -12.50 10.18 -9.55
N MET B 33 -13.33 9.24 -9.09
CA MET B 33 -13.09 7.80 -9.26
C MET B 33 -14.42 7.03 -9.06
N VAL B 34 -14.66 6.54 -7.81
CA VAL B 34 -15.81 5.72 -7.41
C VAL B 34 -16.00 4.47 -8.33
N ASN B 35 -16.57 4.67 -9.53
CA ASN B 35 -16.85 3.59 -10.52
C ASN B 35 -15.90 3.69 -11.73
N GLU B 36 -15.51 2.51 -12.27
CA GLU B 36 -14.82 2.35 -13.57
C GLU B 36 -14.90 0.85 -13.99
N ALA B 37 -14.21 0.49 -15.07
CA ALA B 37 -14.08 -0.92 -15.52
C ALA B 37 -12.68 -1.45 -15.16
N LEU B 38 -12.62 -2.66 -14.59
CA LEU B 38 -11.36 -3.32 -14.19
C LEU B 38 -10.62 -3.87 -15.43
N VAL B 39 -11.39 -4.15 -16.50
CA VAL B 39 -10.83 -4.48 -17.83
C VAL B 39 -10.35 -3.19 -18.51
N ARG B 40 -9.23 -3.29 -19.26
CA ARG B 40 -8.69 -2.15 -20.05
C ARG B 40 -8.65 -2.55 -21.55
N GLN B 41 -7.51 -3.12 -21.98
CA GLN B 41 -7.22 -3.40 -23.40
C GLN B 41 -6.88 -4.89 -23.58
N GLY B 42 -6.32 -5.26 -24.75
CA GLY B 42 -5.95 -6.64 -25.03
C GLY B 42 -4.59 -6.74 -25.69
N LEU B 43 -3.73 -7.65 -25.15
CA LEU B 43 -2.36 -7.92 -25.65
C LEU B 43 -1.73 -8.95 -24.67
N ALA B 44 -1.29 -10.12 -25.19
CA ALA B 44 -0.66 -11.17 -24.36
C ALA B 44 -0.13 -12.31 -25.23
N LYS B 45 1.15 -12.70 -25.00
CA LYS B 45 1.73 -13.93 -25.56
C LYS B 45 3.20 -14.07 -25.08
N VAL B 46 3.40 -14.80 -23.96
CA VAL B 46 4.74 -14.99 -23.37
C VAL B 46 5.59 -15.99 -24.19
N ALA B 47 6.74 -15.48 -24.71
CA ALA B 47 7.77 -16.27 -25.43
C ALA B 47 7.21 -17.04 -26.65
N TYR B 48 5.98 -16.64 -27.10
CA TYR B 48 5.24 -17.30 -28.19
C TYR B 48 5.02 -18.82 -27.94
N VAL B 49 5.13 -19.23 -26.66
CA VAL B 49 5.13 -20.65 -26.25
C VAL B 49 3.75 -21.31 -26.51
N TYR B 50 3.75 -22.63 -26.70
CA TYR B 50 2.52 -23.42 -27.00
C TYR B 50 1.56 -23.44 -25.79
N LYS B 51 0.34 -23.97 -26.00
CA LYS B 51 -0.69 -24.07 -24.95
C LYS B 51 -1.57 -25.34 -25.16
N PRO B 52 -1.86 -26.12 -24.07
CA PRO B 52 -2.83 -27.23 -24.13
C PRO B 52 -4.28 -26.73 -23.96
N ASN B 53 -5.09 -26.86 -25.05
CA ASN B 53 -6.49 -26.39 -25.07
C ASN B 53 -7.38 -27.24 -24.13
N ASN B 54 -7.51 -26.78 -22.89
CA ASN B 54 -8.57 -27.22 -21.97
C ASN B 54 -9.79 -26.34 -22.21
N THR B 55 -11.00 -26.92 -22.06
CA THR B 55 -12.30 -26.28 -22.35
C THR B 55 -12.50 -26.13 -23.88
N HIS B 56 -13.47 -26.91 -24.42
CA HIS B 56 -13.70 -27.03 -25.88
C HIS B 56 -15.17 -26.68 -26.20
N GLU B 57 -16.11 -27.62 -25.90
CA GLU B 57 -17.58 -27.48 -26.08
C GLU B 57 -17.94 -26.78 -27.42
N GLN B 58 -17.75 -27.52 -28.53
CA GLN B 58 -17.90 -26.98 -29.90
C GLN B 58 -18.96 -27.77 -30.70
N HIS B 59 -18.62 -29.00 -31.11
CA HIS B 59 -19.43 -29.81 -32.05
C HIS B 59 -20.78 -30.20 -31.41
N LEU B 60 -20.72 -30.94 -30.28
CA LEU B 60 -21.90 -31.50 -29.57
C LEU B 60 -22.64 -32.52 -30.47
N ARG B 61 -23.45 -32.00 -31.40
CA ARG B 61 -24.26 -32.80 -32.34
C ARG B 61 -24.23 -32.16 -33.74
N LYS B 62 -23.85 -30.85 -33.79
CA LYS B 62 -24.03 -29.95 -34.95
C LYS B 62 -25.53 -29.67 -35.17
N SER B 63 -26.18 -30.50 -36.04
CA SER B 63 -27.59 -30.33 -36.46
C SER B 63 -27.83 -28.92 -37.07
N GLU B 64 -26.76 -28.32 -37.61
CA GLU B 64 -26.75 -26.93 -38.14
C GLU B 64 -27.03 -26.96 -39.67
N ALA B 65 -27.89 -27.89 -40.07
CA ALA B 65 -28.27 -28.16 -41.46
C ALA B 65 -29.58 -28.96 -41.47
N GLN B 66 -29.87 -29.66 -42.58
CA GLN B 66 -30.98 -30.63 -42.66
C GLN B 66 -30.82 -31.72 -41.58
N ALA B 67 -31.40 -31.46 -40.40
CA ALA B 67 -31.34 -32.36 -39.25
C ALA B 67 -32.57 -33.28 -39.24
N LYS B 68 -32.60 -34.21 -40.23
CA LYS B 68 -33.69 -35.20 -40.44
C LYS B 68 -35.04 -34.47 -40.68
N LYS B 69 -35.35 -34.20 -41.97
CA LYS B 69 -36.55 -33.45 -42.43
C LYS B 69 -36.39 -31.92 -42.20
N GLU B 70 -36.18 -31.54 -40.92
CA GLU B 70 -35.91 -30.15 -40.50
C GLU B 70 -37.17 -29.29 -40.75
N LYS B 71 -37.23 -28.62 -41.94
CA LYS B 71 -38.41 -27.86 -42.46
C LYS B 71 -38.85 -26.66 -41.56
N LEU B 72 -38.04 -26.31 -40.54
CA LEU B 72 -38.31 -25.16 -39.65
C LEU B 72 -37.54 -23.91 -40.11
N ASN B 73 -37.08 -23.92 -41.40
CA ASN B 73 -36.40 -22.79 -42.08
C ASN B 73 -34.97 -22.55 -41.52
N ILE B 74 -34.43 -23.61 -40.85
CA ILE B 74 -33.14 -23.58 -40.12
C ILE B 74 -33.12 -22.42 -39.10
N TRP B 75 -33.56 -22.67 -37.86
CA TRP B 75 -33.59 -21.64 -36.80
C TRP B 75 -32.80 -22.16 -35.58
N ALA A 4 16.17 15.53 32.58
CA ALA A 4 14.74 15.40 32.23
C ALA A 4 14.28 16.59 31.37
N GLN A 5 14.57 16.52 30.06
CA GLN A 5 14.15 17.51 29.05
C GLN A 5 13.37 16.76 27.94
N ALA A 6 12.61 17.52 27.14
CA ALA A 6 11.82 16.97 26.02
C ALA A 6 12.70 16.13 25.06
N LEU A 7 12.34 14.83 24.90
CA LEU A 7 13.12 13.85 24.11
C LEU A 7 13.22 14.29 22.64
N TRP A 8 12.04 14.58 22.06
CA TRP A 8 11.89 14.97 20.65
C TRP A 8 12.74 16.24 20.33
N THR A 9 12.80 17.15 21.30
CA THR A 9 13.55 18.42 21.22
C THR A 9 15.06 18.19 21.04
N ARG A 10 15.58 17.08 21.59
CA ARG A 10 17.00 16.72 21.48
C ARG A 10 17.35 16.30 20.03
N ASN A 11 18.67 16.29 19.73
CA ASN A 11 19.19 15.97 18.39
C ASN A 11 18.91 14.48 18.03
N LYS A 12 18.59 14.27 16.73
CA LYS A 12 18.33 12.92 16.13
C LYS A 12 19.45 11.92 16.47
N SER A 13 20.70 12.39 16.34
CA SER A 13 21.91 11.58 16.50
C SER A 13 22.15 11.20 17.98
N GLU A 14 21.71 12.09 18.89
CA GLU A 14 22.00 11.99 20.34
C GLU A 14 21.11 10.94 21.03
N ILE A 15 19.94 10.68 20.44
CA ILE A 15 18.96 9.72 20.98
C ILE A 15 19.25 8.33 20.40
N THR A 16 19.49 7.33 21.28
CA THR A 16 19.80 5.96 20.85
C THR A 16 18.51 5.18 20.47
N ASP A 17 18.72 4.05 19.76
CA ASP A 17 17.67 3.14 19.24
C ASP A 17 16.64 2.74 20.32
N GLU A 18 17.17 2.44 21.51
CA GLU A 18 16.39 1.94 22.66
C GLU A 18 15.33 2.96 23.12
N GLU A 19 15.74 4.24 23.14
CA GLU A 19 14.91 5.37 23.65
C GLU A 19 13.69 5.60 22.75
N TYR A 20 13.89 5.48 21.43
CA TYR A 20 12.81 5.67 20.45
C TYR A 20 11.70 4.63 20.65
N LYS A 21 12.11 3.35 20.68
CA LYS A 21 11.19 2.20 20.78
C LYS A 21 10.41 2.21 22.11
N GLU A 22 11.10 2.60 23.19
CA GLU A 22 10.51 2.64 24.54
C GLU A 22 9.54 3.83 24.70
N PHE A 23 9.91 4.99 24.12
CA PHE A 23 9.09 6.21 24.13
C PHE A 23 7.79 5.99 23.33
N TYR A 24 7.89 5.21 22.23
CA TYR A 24 6.73 4.83 21.40
C TYR A 24 5.66 4.13 22.26
N LYS A 25 6.10 3.19 23.10
CA LYS A 25 5.19 2.39 23.95
C LYS A 25 4.42 3.30 24.94
N HIS A 26 5.13 4.31 25.49
CA HIS A 26 4.55 5.25 26.47
C HIS A 26 3.51 6.18 25.83
N ILE A 27 3.84 6.71 24.63
CA ILE A 27 3.01 7.70 23.92
C ILE A 27 1.79 7.03 23.23
N ALA A 28 1.96 5.74 22.89
CA ALA A 28 0.92 4.93 22.23
C ALA A 28 0.05 4.19 23.27
N HIS A 29 0.47 4.29 24.56
CA HIS A 29 -0.24 3.67 25.72
C HIS A 29 -0.31 2.13 25.57
N ASP A 30 0.72 1.56 24.94
CA ASP A 30 0.79 0.13 24.57
C ASP A 30 2.21 -0.40 24.89
N PHE A 31 2.57 -1.60 24.40
CA PHE A 31 3.89 -2.21 24.68
C PHE A 31 4.58 -2.70 23.37
N ASN A 32 3.87 -2.63 22.23
CA ASN A 32 4.41 -3.06 20.92
C ASN A 32 5.57 -2.16 20.47
N ASP A 33 6.55 -2.78 19.78
CA ASP A 33 7.69 -2.07 19.19
C ASP A 33 7.29 -1.38 17.89
N PRO A 34 8.01 -0.30 17.47
CA PRO A 34 7.97 0.19 16.09
C PRO A 34 8.98 -0.55 15.18
N LEU A 35 8.54 -0.87 13.95
CA LEU A 35 9.40 -1.47 12.92
C LEU A 35 10.47 -0.46 12.47
N THR A 36 9.98 0.75 12.18
CA THR A 36 10.80 1.87 11.70
C THR A 36 10.18 3.18 12.19
N TRP A 37 10.99 4.24 12.17
CA TRP A 37 10.58 5.57 12.65
C TRP A 37 11.32 6.66 11.87
N SER A 38 10.88 7.91 12.09
CA SER A 38 11.46 9.09 11.43
C SER A 38 11.45 10.27 12.39
N HIS A 39 12.58 10.48 13.09
CA HIS A 39 12.77 11.68 13.93
C HIS A 39 13.45 12.74 13.09
N ASN A 40 12.76 13.87 12.89
CA ASN A 40 13.27 15.05 12.22
C ASN A 40 12.74 16.29 12.93
N ARG A 41 13.64 17.19 13.30
CA ARG A 41 13.29 18.48 13.92
C ARG A 41 13.57 19.60 12.90
N VAL A 42 12.59 20.48 12.71
CA VAL A 42 12.64 21.56 11.70
C VAL A 42 12.62 22.91 12.43
N GLU A 43 13.49 23.84 12.01
CA GLU A 43 13.60 25.18 12.61
C GLU A 43 13.85 26.23 11.51
N GLY A 44 13.49 27.49 11.80
CA GLY A 44 13.71 28.62 10.90
C GLY A 44 12.42 29.35 10.64
N LYS A 45 11.97 29.36 9.37
CA LYS A 45 10.66 29.92 8.99
C LYS A 45 9.53 29.04 9.56
N GLN A 46 9.73 27.72 9.52
CA GLN A 46 8.83 26.73 10.12
C GLN A 46 9.58 25.98 11.23
N GLU A 47 9.04 26.02 12.44
CA GLU A 47 9.58 25.32 13.61
C GLU A 47 8.56 24.26 14.08
N TYR A 48 8.84 22.98 13.77
CA TYR A 48 8.04 21.83 14.24
C TYR A 48 8.93 20.59 14.33
N THR A 49 8.85 19.87 15.46
CA THR A 49 9.61 18.65 15.68
C THR A 49 8.70 17.44 15.46
N SER A 50 8.93 16.69 14.38
CA SER A 50 8.14 15.51 14.03
C SER A 50 8.92 14.24 14.39
N LEU A 51 8.34 13.43 15.27
CA LEU A 51 8.90 12.13 15.69
C LEU A 51 7.82 11.07 15.43
N LEU A 52 7.94 10.43 14.26
CA LEU A 52 6.95 9.47 13.74
C LEU A 52 7.41 8.04 14.04
N TYR A 53 6.45 7.10 14.17
CA TYR A 53 6.73 5.66 14.36
C TYR A 53 5.74 4.84 13.51
N ILE A 54 6.13 3.61 13.17
CA ILE A 54 5.28 2.65 12.45
C ILE A 54 5.06 1.41 13.33
N PRO A 55 3.79 1.11 13.74
CA PRO A 55 3.48 -0.07 14.60
C PRO A 55 3.83 -1.40 13.88
N SER A 56 4.33 -2.38 14.65
CA SER A 56 4.64 -3.72 14.13
C SER A 56 3.40 -4.62 14.09
N GLN A 57 2.26 -4.10 14.56
CA GLN A 57 1.00 -4.84 14.63
C GLN A 57 -0.18 -3.86 14.54
N ALA A 58 -1.25 -4.27 13.84
CA ALA A 58 -2.49 -3.52 13.76
C ALA A 58 -3.30 -3.72 15.05
N PRO A 59 -3.62 -2.63 15.81
CA PRO A 59 -4.53 -2.72 16.96
C PRO A 59 -5.99 -2.86 16.49
N TRP A 60 -6.87 -3.40 17.37
CA TRP A 60 -8.32 -3.46 17.11
C TRP A 60 -8.88 -2.04 16.91
N ASP A 61 -8.29 -1.10 17.67
CA ASP A 61 -8.67 0.32 17.70
C ASP A 61 -8.27 1.10 16.42
N MET A 62 -7.66 0.41 15.44
CA MET A 62 -7.42 0.99 14.10
C MET A 62 -8.76 1.22 13.36
N TRP A 63 -9.77 0.38 13.71
CA TRP A 63 -11.09 0.39 13.04
C TRP A 63 -12.21 0.74 14.04
N ASN A 64 -11.81 1.34 15.18
CA ASN A 64 -12.73 1.81 16.24
C ASN A 64 -13.15 3.26 15.96
N ARG A 65 -14.35 3.66 16.47
CA ARG A 65 -14.84 5.05 16.31
C ARG A 65 -14.09 6.01 17.26
N ASP A 66 -13.40 5.44 18.26
CA ASP A 66 -12.54 6.19 19.17
C ASP A 66 -11.18 6.40 18.48
N HIS A 67 -10.62 7.63 18.58
CA HIS A 67 -9.35 7.95 17.91
C HIS A 67 -8.20 7.22 18.64
N LYS A 68 -7.32 6.60 17.86
CA LYS A 68 -6.16 5.82 18.34
C LYS A 68 -5.08 5.85 17.27
N HIS A 69 -5.52 5.91 16.02
CA HIS A 69 -4.67 6.35 14.90
C HIS A 69 -4.47 7.88 14.95
N GLY A 70 -3.21 8.37 14.75
CA GLY A 70 -2.91 9.82 14.73
C GLY A 70 -1.64 10.24 15.49
N LEU A 71 -1.34 11.57 15.47
CA LEU A 71 -0.12 12.18 16.09
C LEU A 71 -0.48 13.09 17.28
N LYS A 72 0.43 13.20 18.25
CA LYS A 72 0.21 13.97 19.49
C LYS A 72 0.74 15.42 19.32
N LEU A 73 -0.15 16.41 19.37
CA LEU A 73 0.21 17.82 19.15
C LEU A 73 0.69 18.49 20.46
N TYR A 74 1.86 19.12 20.37
CA TYR A 74 2.45 19.98 21.39
C TYR A 74 2.75 21.33 20.74
N VAL A 75 2.64 22.42 21.50
CA VAL A 75 3.04 23.77 21.07
C VAL A 75 4.07 24.30 22.06
N GLN A 76 5.36 24.36 21.63
CA GLN A 76 6.48 24.89 22.42
C GLN A 76 6.66 24.08 23.73
N ARG A 77 6.56 22.74 23.58
CA ARG A 77 6.70 21.72 24.66
C ARG A 77 5.58 21.83 25.71
N VAL A 78 4.51 22.56 25.37
CA VAL A 78 3.28 22.63 26.18
C VAL A 78 2.24 21.76 25.50
N PHE A 79 1.80 20.69 26.18
CA PHE A 79 0.81 19.76 25.66
C PHE A 79 -0.53 20.46 25.40
N ILE A 80 -1.16 20.16 24.24
CA ILE A 80 -2.47 20.73 23.87
C ILE A 80 -3.52 19.60 23.72
N MET A 81 -3.33 18.75 22.68
CA MET A 81 -4.26 17.65 22.33
C MET A 81 -3.47 16.54 21.66
N ASP A 82 -3.65 15.28 22.09
CA ASP A 82 -2.87 14.14 21.55
C ASP A 82 -3.74 13.24 20.68
N ASP A 83 -3.06 12.55 19.74
CA ASP A 83 -3.63 11.49 18.91
C ASP A 83 -4.73 12.05 17.97
N ALA A 84 -4.28 12.90 17.05
CA ALA A 84 -5.12 13.50 16.00
C ALA A 84 -4.66 12.99 14.64
N GLU A 85 -5.57 12.35 13.90
CA GLU A 85 -5.29 11.81 12.54
C GLU A 85 -5.14 12.98 11.52
N GLN A 86 -5.50 14.20 11.97
CA GLN A 86 -5.54 15.41 11.13
C GLN A 86 -4.16 15.87 10.60
N PHE A 87 -3.07 15.41 11.22
CA PHE A 87 -1.69 15.67 10.74
C PHE A 87 -1.22 14.65 9.69
N MET A 88 -2.03 13.60 9.48
CA MET A 88 -1.79 12.55 8.47
C MET A 88 -3.04 12.39 7.58
N PRO A 89 -2.89 11.81 6.36
CA PRO A 89 -4.04 11.31 5.57
C PRO A 89 -4.64 10.03 6.19
N ASN A 90 -5.83 9.62 5.70
CA ASN A 90 -6.54 8.42 6.18
C ASN A 90 -5.70 7.16 5.90
N TYR A 91 -4.99 7.14 4.76
CA TYR A 91 -4.19 5.97 4.34
C TYR A 91 -2.85 5.89 5.09
N LEU A 92 -2.50 6.96 5.83
CA LEU A 92 -1.29 6.98 6.70
C LEU A 92 -1.71 7.17 8.16
N ARG A 93 -2.93 6.72 8.51
CA ARG A 93 -3.47 6.84 9.88
C ARG A 93 -2.65 5.98 10.88
N PHE A 94 -2.00 4.92 10.35
CA PHE A 94 -1.16 4.01 11.16
C PHE A 94 0.04 4.72 11.80
N VAL A 95 0.50 5.83 11.18
CA VAL A 95 1.63 6.61 11.70
C VAL A 95 1.25 7.20 13.07
N ARG A 96 1.99 6.78 14.10
CA ARG A 96 1.78 7.22 15.48
C ARG A 96 3.08 7.80 16.02
N GLY A 97 2.95 8.91 16.71
CA GLY A 97 4.08 9.67 17.20
C GLY A 97 3.60 11.00 17.72
N LEU A 98 4.37 12.05 17.47
CA LEU A 98 4.07 13.39 17.98
C LEU A 98 4.72 14.46 17.10
N ILE A 99 4.19 15.68 17.23
CA ILE A 99 4.69 16.86 16.53
C ILE A 99 4.60 18.09 17.45
N ASP A 100 5.74 18.75 17.70
CA ASP A 100 5.84 19.93 18.56
C ASP A 100 6.11 21.19 17.72
N SER A 101 5.05 21.93 17.43
CA SER A 101 5.12 23.14 16.59
C SER A 101 5.28 24.41 17.45
N SER A 102 5.77 25.49 16.81
CA SER A 102 5.82 26.84 17.39
C SER A 102 4.99 27.82 16.55
N ASP A 103 4.58 27.36 15.33
CA ASP A 103 3.78 28.15 14.37
C ASP A 103 2.29 28.09 14.72
N LEU A 104 1.85 26.91 15.17
CA LEU A 104 0.48 26.67 15.60
C LEU A 104 0.23 27.43 16.93
N PRO A 105 -0.95 28.13 17.09
CA PRO A 105 -1.30 28.88 18.34
C PRO A 105 -1.33 27.98 19.60
N LEU A 106 -1.29 28.62 20.79
CA LEU A 106 -1.40 27.90 22.08
C LEU A 106 -2.84 27.35 22.25
N ASN A 107 -3.84 28.07 21.71
CA ASN A 107 -5.26 27.70 21.81
C ASN A 107 -5.72 26.80 20.62
N VAL A 108 -4.75 26.25 19.86
CA VAL A 108 -5.03 25.42 18.67
C VAL A 108 -5.88 24.18 19.05
N SER A 109 -6.98 23.97 18.32
CA SER A 109 -8.00 22.94 18.63
C SER A 109 -8.12 21.96 17.47
N ARG A 110 -8.89 20.87 17.70
CA ARG A 110 -9.11 19.80 16.71
C ARG A 110 -9.76 20.36 15.43
N GLU A 111 -10.75 21.26 15.63
CA GLU A 111 -11.44 21.94 14.52
C GLU A 111 -10.45 22.79 13.70
N ILE A 112 -9.54 23.47 14.42
CA ILE A 112 -8.53 24.38 13.85
C ILE A 112 -7.51 23.61 12.97
N LEU A 113 -7.27 22.34 13.28
CA LEU A 113 -6.31 21.49 12.55
C LEU A 113 -6.78 21.18 11.11
N GLN A 114 -8.08 20.95 10.93
CA GLN A 114 -8.68 20.77 9.58
C GLN A 114 -9.13 22.11 8.96
N ASP A 115 -9.44 23.12 9.81
CA ASP A 115 -9.93 24.43 9.33
C ASP A 115 -8.80 25.24 8.68
N SER A 116 -7.68 25.37 9.40
CA SER A 116 -6.57 26.22 9.03
C SER A 116 -5.82 25.66 7.80
N THR A 117 -5.43 26.58 6.91
CA THR A 117 -4.76 26.24 5.65
C THR A 117 -3.32 25.75 5.93
N VAL A 118 -2.62 26.45 6.85
CA VAL A 118 -1.20 26.16 7.18
C VAL A 118 -1.01 24.70 7.68
N THR A 119 -1.99 24.19 8.45
CA THR A 119 -1.93 22.84 9.03
C THR A 119 -2.18 21.76 7.95
N ARG A 120 -2.98 22.12 6.94
CA ARG A 120 -3.28 21.24 5.79
C ARG A 120 -2.03 21.09 4.91
N ASN A 121 -1.32 22.21 4.65
CA ASN A 121 -0.05 22.23 3.89
C ASN A 121 1.08 21.55 4.70
N LEU A 122 1.00 21.68 6.03
CA LEU A 122 1.96 21.06 6.98
C LEU A 122 1.81 19.52 6.91
N ARG A 123 0.56 19.07 6.72
CA ARG A 123 0.23 17.64 6.54
C ARG A 123 0.87 17.09 5.26
N ASN A 124 0.89 17.90 4.17
CA ASN A 124 1.54 17.51 2.88
C ASN A 124 3.03 17.19 3.11
N ALA A 125 3.68 18.01 3.97
CA ALA A 125 5.09 17.84 4.35
C ALA A 125 5.30 16.51 5.08
N LEU A 126 4.51 16.32 6.17
CA LEU A 126 4.57 15.10 7.02
C LEU A 126 4.37 13.80 6.21
N THR A 127 3.44 13.86 5.24
CA THR A 127 3.10 12.74 4.34
C THR A 127 4.32 12.27 3.53
N LYS A 128 5.12 13.24 3.05
CA LYS A 128 6.35 12.96 2.25
C LYS A 128 7.40 12.20 3.08
N ARG A 129 7.54 12.56 4.37
CA ARG A 129 8.51 11.91 5.29
C ARG A 129 8.09 10.47 5.59
N VAL A 130 6.76 10.19 5.54
CA VAL A 130 6.24 8.84 5.73
C VAL A 130 6.50 7.98 4.48
N LEU A 131 6.05 8.47 3.30
CA LEU A 131 6.06 7.70 2.03
C LEU A 131 7.47 7.23 1.63
N GLN A 132 8.46 8.14 1.78
CA GLN A 132 9.88 7.88 1.45
C GLN A 132 10.51 6.88 2.44
N MET A 133 10.07 6.96 3.71
CA MET A 133 10.58 6.11 4.83
C MET A 133 9.96 4.70 4.78
N LEU A 134 8.70 4.61 4.31
CA LEU A 134 8.02 3.32 4.06
C LEU A 134 8.71 2.59 2.92
N GLU A 135 8.95 3.31 1.82
CA GLU A 135 9.54 2.74 0.59
C GLU A 135 11.04 2.45 0.79
N LYS A 136 11.65 3.16 1.75
CA LYS A 136 12.99 2.86 2.26
C LYS A 136 12.98 1.46 2.88
N LEU A 137 11.99 1.23 3.77
CA LEU A 137 11.79 -0.06 4.45
C LEU A 137 11.43 -1.16 3.42
N ALA A 138 10.77 -0.76 2.32
CA ALA A 138 10.31 -1.68 1.26
C ALA A 138 11.47 -2.37 0.52
N LYS A 139 12.56 -1.61 0.30
CA LYS A 139 13.77 -2.12 -0.38
C LYS A 139 14.74 -2.71 0.65
N ASP A 140 14.98 -1.94 1.72
CA ASP A 140 16.07 -2.18 2.69
C ASP A 140 15.75 -3.33 3.64
N ASP A 141 14.48 -3.45 4.04
CA ASP A 141 14.04 -4.43 5.05
C ASP A 141 12.66 -4.99 4.66
N ALA A 142 12.66 -5.92 3.69
CA ALA A 142 11.42 -6.53 3.14
C ALA A 142 10.64 -7.33 4.22
N GLU A 143 11.37 -7.81 5.24
CA GLU A 143 10.81 -8.55 6.40
C GLU A 143 9.81 -7.66 7.16
N LYS A 144 10.31 -6.53 7.69
CA LYS A 144 9.51 -5.59 8.47
C LYS A 144 8.39 -4.98 7.62
N TYR A 145 8.68 -4.71 6.35
CA TYR A 145 7.69 -4.09 5.44
C TYR A 145 6.54 -5.07 5.12
N GLN A 146 6.84 -6.39 5.14
CA GLN A 146 5.83 -7.44 4.92
C GLN A 146 4.87 -7.49 6.13
N THR A 147 5.45 -7.48 7.35
CA THR A 147 4.69 -7.43 8.61
C THR A 147 3.75 -6.21 8.64
N PHE A 148 4.34 -5.04 8.38
CA PHE A 148 3.62 -3.74 8.23
C PHE A 148 2.44 -3.86 7.27
N TRP A 149 2.73 -4.41 6.09
CA TRP A 149 1.76 -4.49 4.99
C TRP A 149 0.56 -5.41 5.34
N GLN A 150 0.82 -6.52 6.05
CA GLN A 150 -0.24 -7.48 6.41
C GLN A 150 -1.17 -6.93 7.49
N GLN A 151 -0.67 -5.95 8.25
CA GLN A 151 -1.43 -5.29 9.33
C GLN A 151 -2.22 -4.07 8.77
N PHE A 152 -1.60 -3.32 7.84
CA PHE A 152 -2.12 -2.00 7.39
C PHE A 152 -2.37 -1.95 5.87
N GLY A 153 -2.54 -3.14 5.25
CA GLY A 153 -2.80 -3.26 3.80
C GLY A 153 -4.10 -2.62 3.36
N LEU A 154 -5.17 -2.87 4.13
CA LEU A 154 -6.53 -2.31 3.90
C LEU A 154 -6.50 -0.76 3.93
N VAL A 155 -5.67 -0.24 4.85
CA VAL A 155 -5.51 1.21 5.09
C VAL A 155 -4.81 1.88 3.89
N LEU A 156 -3.70 1.26 3.45
CA LEU A 156 -2.82 1.81 2.39
C LEU A 156 -3.51 1.73 0.99
N LYS A 157 -4.48 0.79 0.83
CA LYS A 157 -5.24 0.61 -0.42
C LYS A 157 -6.35 1.66 -0.62
N GLU A 158 -6.62 2.46 0.43
CA GLU A 158 -7.44 3.69 0.33
C GLU A 158 -6.58 4.85 -0.25
N GLY A 159 -5.25 4.63 -0.25
CA GLY A 159 -4.25 5.60 -0.69
C GLY A 159 -4.38 6.12 -2.10
N PRO A 160 -4.43 5.24 -3.17
CA PRO A 160 -4.52 5.71 -4.58
C PRO A 160 -5.77 6.59 -4.82
N ALA A 161 -6.84 6.27 -4.08
CA ALA A 161 -8.12 7.00 -4.17
C ALA A 161 -8.05 8.36 -3.45
N GLU A 162 -7.26 8.44 -2.36
CA GLU A 162 -7.18 9.66 -1.53
C GLU A 162 -6.17 10.67 -2.11
N ASP A 163 -5.02 10.19 -2.63
CA ASP A 163 -4.00 11.07 -3.23
C ASP A 163 -3.78 10.71 -4.71
N PHE A 164 -4.18 11.64 -5.59
CA PHE A 164 -4.09 11.50 -7.04
C PHE A 164 -2.63 11.35 -7.53
N ALA A 165 -1.77 12.30 -7.14
CA ALA A 165 -0.43 12.47 -7.74
C ALA A 165 0.58 11.41 -7.24
N ASN A 166 0.27 10.76 -6.11
CA ASN A 166 1.04 9.61 -5.61
C ASN A 166 0.41 8.28 -6.06
N GLN A 167 -0.29 8.29 -7.20
CA GLN A 167 -0.81 7.05 -7.84
C GLN A 167 0.29 5.97 -7.96
N GLU A 168 1.41 6.38 -8.59
CA GLU A 168 2.59 5.52 -8.79
C GLU A 168 3.24 5.14 -7.44
N ALA A 169 3.48 6.17 -6.60
CA ALA A 169 4.20 6.02 -5.31
C ALA A 169 3.54 4.96 -4.40
N ILE A 170 2.25 5.18 -4.15
CA ILE A 170 1.40 4.32 -3.31
C ILE A 170 1.23 2.93 -3.95
N ALA A 171 1.15 2.88 -5.29
CA ALA A 171 1.02 1.61 -6.04
C ALA A 171 2.22 0.67 -5.78
N LYS A 172 3.44 1.25 -5.75
CA LYS A 172 4.67 0.51 -5.43
C LYS A 172 4.73 0.16 -3.93
N LEU A 173 4.08 0.98 -3.09
CA LEU A 173 3.95 0.69 -1.64
C LEU A 173 3.01 -0.52 -1.43
N LEU A 174 2.02 -0.66 -2.33
CA LEU A 174 1.09 -1.80 -2.28
C LEU A 174 1.83 -3.06 -2.78
N ARG A 175 1.85 -4.10 -1.94
CA ARG A 175 2.55 -5.36 -2.22
C ARG A 175 1.52 -6.47 -2.35
N PHE A 176 1.71 -7.40 -3.28
CA PHE A 176 0.73 -8.44 -3.58
C PHE A 176 1.39 -9.81 -3.59
N ALA A 177 0.62 -10.84 -3.24
CA ALA A 177 1.03 -12.24 -3.36
C ALA A 177 0.77 -12.69 -4.80
N SER A 178 1.41 -13.79 -5.20
CA SER A 178 1.29 -14.34 -6.56
C SER A 178 1.63 -15.83 -6.55
N THR A 179 1.54 -16.48 -7.75
CA THR A 179 1.96 -17.88 -7.94
C THR A 179 3.47 -18.06 -7.69
N HIS A 180 4.17 -16.91 -7.58
CA HIS A 180 5.55 -16.76 -7.08
C HIS A 180 5.79 -17.61 -5.81
N THR A 181 4.82 -17.58 -4.89
CA THR A 181 4.85 -18.35 -3.63
C THR A 181 3.41 -18.72 -3.23
N ASP A 182 3.19 -19.99 -2.85
CA ASP A 182 1.85 -20.51 -2.42
C ASP A 182 1.37 -19.89 -1.09
N SER A 183 2.22 -19.07 -0.46
CA SER A 183 1.88 -18.34 0.76
C SER A 183 1.10 -17.05 0.41
N SER A 184 0.35 -16.54 1.41
CA SER A 184 -0.34 -15.24 1.31
C SER A 184 0.61 -14.08 1.70
N ALA A 185 1.93 -14.39 1.86
CA ALA A 185 2.97 -13.41 2.20
C ALA A 185 3.27 -12.49 0.99
N GLN A 186 2.86 -11.21 1.12
CA GLN A 186 2.83 -10.22 0.04
C GLN A 186 4.09 -9.31 0.07
N THR A 187 5.17 -9.73 -0.64
CA THR A 187 6.41 -8.94 -0.82
C THR A 187 6.49 -8.34 -2.24
N VAL A 188 5.88 -9.05 -3.23
CA VAL A 188 6.05 -8.73 -4.65
C VAL A 188 5.54 -7.32 -4.98
N SER A 189 6.47 -6.49 -5.48
CA SER A 189 6.19 -5.15 -5.96
C SER A 189 5.68 -5.22 -7.40
N LEU A 190 5.11 -4.11 -7.88
CA LEU A 190 4.70 -3.97 -9.28
C LEU A 190 5.94 -4.04 -10.20
N GLU A 191 7.07 -3.49 -9.70
CA GLU A 191 8.36 -3.48 -10.40
C GLU A 191 8.91 -4.92 -10.50
N ASP A 192 8.65 -5.76 -9.46
CA ASP A 192 9.11 -7.17 -9.41
C ASP A 192 8.46 -8.00 -10.52
N TYR A 193 7.21 -7.64 -10.86
CA TYR A 193 6.47 -8.25 -11.98
C TYR A 193 7.07 -7.85 -13.34
N VAL A 194 7.33 -6.53 -13.51
CA VAL A 194 7.82 -5.95 -14.78
C VAL A 194 9.23 -6.48 -15.12
N SER A 195 10.00 -6.83 -14.07
CA SER A 195 11.32 -7.46 -14.21
C SER A 195 11.20 -8.93 -14.72
N ARG A 196 10.02 -9.54 -14.53
CA ARG A 196 9.72 -10.95 -14.94
C ARG A 196 8.68 -10.97 -16.09
N MET A 197 8.50 -9.81 -16.75
CA MET A 197 7.49 -9.61 -17.82
C MET A 197 7.68 -10.60 -19.00
N LYS A 198 6.57 -11.29 -19.38
CA LYS A 198 6.56 -12.37 -20.38
C LYS A 198 6.56 -11.85 -21.84
N GLU A 199 6.57 -12.81 -22.78
CA GLU A 199 6.55 -12.57 -24.25
C GLU A 199 5.20 -11.96 -24.69
N GLY A 200 5.28 -10.82 -25.42
CA GLY A 200 4.09 -10.12 -25.91
C GLY A 200 3.23 -9.54 -24.80
N GLN A 201 3.78 -9.44 -23.58
CA GLN A 201 3.03 -9.05 -22.37
C GLN A 201 3.27 -7.56 -22.05
N GLU A 202 2.26 -6.73 -22.29
CA GLU A 202 2.16 -5.37 -21.72
C GLU A 202 1.08 -5.31 -20.64
N LYS A 203 0.31 -6.40 -20.49
CA LYS A 203 -0.82 -6.49 -19.54
C LYS A 203 -0.41 -7.23 -18.26
N ILE A 204 -0.75 -6.65 -17.12
CA ILE A 204 -0.41 -7.15 -15.79
C ILE A 204 -1.57 -8.03 -15.29
N TYR A 205 -1.37 -9.35 -15.30
CA TYR A 205 -2.45 -10.34 -15.05
C TYR A 205 -2.72 -10.52 -13.54
N TYR A 206 -3.92 -10.10 -13.13
CA TYR A 206 -4.39 -10.13 -11.73
C TYR A 206 -5.66 -10.98 -11.65
N ILE A 207 -5.79 -11.80 -10.59
CA ILE A 207 -7.07 -12.44 -10.26
C ILE A 207 -7.56 -11.83 -8.92
N THR A 208 -8.67 -11.07 -9.00
CA THR A 208 -9.23 -10.36 -7.84
C THR A 208 -10.40 -11.18 -7.30
N ALA A 209 -10.33 -11.57 -6.01
CA ALA A 209 -11.35 -12.42 -5.38
C ALA A 209 -11.42 -12.14 -3.87
N ASP A 210 -12.41 -12.76 -3.21
CA ASP A 210 -12.64 -12.61 -1.76
C ASP A 210 -11.60 -13.43 -0.94
N SER A 211 -11.20 -14.58 -1.46
CA SER A 211 -10.39 -15.56 -0.72
C SER A 211 -9.24 -16.09 -1.60
N TYR A 212 -8.10 -16.37 -0.94
CA TYR A 212 -6.85 -16.79 -1.59
C TYR A 212 -7.01 -18.20 -2.17
N ALA A 213 -7.66 -19.08 -1.39
CA ALA A 213 -7.88 -20.50 -1.74
C ALA A 213 -8.83 -20.63 -2.94
N ALA A 214 -9.95 -19.88 -2.89
CA ALA A 214 -10.96 -19.87 -3.97
C ALA A 214 -10.38 -19.30 -5.27
N ALA A 215 -9.56 -18.25 -5.14
CA ALA A 215 -8.84 -17.64 -6.26
C ALA A 215 -7.80 -18.63 -6.83
N LYS A 216 -7.14 -19.38 -5.92
CA LYS A 216 -6.04 -20.30 -6.28
C LYS A 216 -6.56 -21.52 -7.07
N SER A 217 -7.78 -21.95 -6.75
CA SER A 217 -8.44 -23.11 -7.38
C SER A 217 -9.25 -22.69 -8.65
N SER A 218 -9.24 -21.38 -8.98
CA SER A 218 -10.00 -20.84 -10.14
C SER A 218 -9.32 -21.20 -11.48
N PRO A 219 -10.08 -21.80 -12.47
CA PRO A 219 -9.53 -22.14 -13.81
C PRO A 219 -9.10 -20.90 -14.63
N HIS A 220 -9.56 -19.69 -14.23
CA HIS A 220 -9.11 -18.40 -14.81
C HIS A 220 -7.64 -18.13 -14.49
N LEU A 221 -7.26 -18.45 -13.26
CA LEU A 221 -5.86 -18.37 -12.79
C LEU A 221 -5.05 -19.45 -13.54
N GLU A 222 -5.54 -20.70 -13.44
CA GLU A 222 -4.84 -21.88 -13.93
C GLU A 222 -4.61 -21.82 -15.46
N LEU A 223 -5.47 -21.06 -16.17
CA LEU A 223 -5.32 -20.80 -17.62
C LEU A 223 -4.03 -20.00 -17.90
N LEU A 224 -3.78 -18.97 -17.08
CA LEU A 224 -2.62 -18.06 -17.23
C LEU A 224 -1.33 -18.77 -16.77
N ARG A 225 -1.45 -19.54 -15.68
CA ARG A 225 -0.31 -20.27 -15.08
C ARG A 225 0.15 -21.37 -16.06
N LYS A 226 -0.83 -21.96 -16.76
CA LYS A 226 -0.62 -22.97 -17.82
C LYS A 226 -0.08 -22.31 -19.10
N LYS A 227 -0.40 -21.01 -19.27
CA LYS A 227 0.10 -20.17 -20.38
C LYS A 227 1.59 -19.80 -20.14
N GLY A 228 2.05 -19.95 -18.87
CA GLY A 228 3.45 -19.74 -18.49
C GLY A 228 3.70 -18.40 -17.82
N ILE A 229 2.62 -17.80 -17.29
CA ILE A 229 2.63 -16.44 -16.71
C ILE A 229 2.43 -16.51 -15.19
N GLU A 230 3.12 -15.61 -14.44
CA GLU A 230 2.95 -15.46 -12.98
C GLU A 230 1.74 -14.56 -12.73
N VAL A 231 0.79 -15.05 -11.92
CA VAL A 231 -0.49 -14.36 -11.67
C VAL A 231 -0.51 -13.84 -10.24
N LEU A 232 -0.90 -12.57 -10.04
CA LEU A 232 -1.06 -11.97 -8.70
C LEU A 232 -2.36 -12.49 -8.08
N LEU A 233 -2.27 -13.06 -6.87
CA LEU A 233 -3.41 -13.68 -6.16
C LEU A 233 -3.91 -12.70 -5.07
N LEU A 234 -4.98 -11.94 -5.40
CA LEU A 234 -5.53 -10.89 -4.51
C LEU A 234 -6.82 -11.41 -3.84
N SER A 235 -6.81 -11.37 -2.50
CA SER A 235 -7.88 -11.92 -1.64
C SER A 235 -8.38 -10.86 -0.65
N ASP A 236 -8.40 -9.61 -1.12
CA ASP A 236 -8.69 -8.41 -0.28
C ASP A 236 -10.13 -7.89 -0.58
N ARG A 237 -10.73 -7.19 0.40
CA ARG A 237 -12.14 -6.74 0.33
C ARG A 237 -12.32 -5.44 -0.48
N ILE A 238 -11.43 -4.47 -0.26
CA ILE A 238 -11.47 -3.14 -0.92
C ILE A 238 -10.72 -3.18 -2.29
N ASP A 239 -10.17 -4.36 -2.59
CA ASP A 239 -9.18 -4.58 -3.67
C ASP A 239 -9.61 -4.06 -5.05
N GLU A 240 -10.80 -4.44 -5.51
CA GLU A 240 -11.29 -4.08 -6.88
C GLU A 240 -11.52 -2.55 -7.01
N TRP A 241 -11.82 -1.90 -5.89
CA TRP A 241 -12.05 -0.45 -5.83
C TRP A 241 -10.69 0.30 -5.84
N MET A 242 -9.65 -0.38 -5.35
CA MET A 242 -8.25 0.11 -5.38
C MET A 242 -7.67 -0.08 -6.80
N MET A 243 -7.99 -1.24 -7.40
CA MET A 243 -7.57 -1.60 -8.78
C MET A 243 -8.34 -0.78 -9.83
N ASN A 244 -9.45 -0.18 -9.39
CA ASN A 244 -10.22 0.81 -10.18
C ASN A 244 -9.36 2.02 -10.54
N TYR A 245 -8.52 2.42 -9.60
CA TYR A 245 -7.65 3.59 -9.77
C TYR A 245 -6.28 3.14 -10.31
N LEU A 246 -5.84 1.93 -9.89
CA LEU A 246 -4.64 1.29 -10.42
C LEU A 246 -5.04 0.38 -11.58
N THR A 247 -5.50 1.01 -12.67
CA THR A 247 -5.86 0.35 -13.93
C THR A 247 -4.66 0.22 -14.88
N GLU A 248 -3.61 1.03 -14.64
CA GLU A 248 -2.38 1.01 -15.45
C GLU A 248 -1.16 1.49 -14.63
N PHE A 249 -0.01 0.86 -14.89
CA PHE A 249 1.27 1.15 -14.21
C PHE A 249 2.38 1.29 -15.26
N ASP A 250 2.89 2.52 -15.41
CA ASP A 250 4.06 2.83 -16.28
C ASP A 250 3.73 2.57 -17.78
N GLY A 251 2.43 2.66 -18.13
CA GLY A 251 1.94 2.42 -19.49
C GLY A 251 1.54 0.97 -19.74
N LYS A 252 1.68 0.12 -18.70
CA LYS A 252 1.33 -1.31 -18.75
C LYS A 252 -0.02 -1.53 -18.03
N PRO A 253 -1.15 -1.77 -18.77
CA PRO A 253 -2.49 -1.90 -18.17
C PRO A 253 -2.67 -3.20 -17.35
N PHE A 254 -3.26 -3.06 -16.16
CA PHE A 254 -3.69 -4.21 -15.34
C PHE A 254 -4.97 -4.84 -15.94
N GLN A 255 -5.23 -6.08 -15.57
CA GLN A 255 -6.45 -6.80 -15.96
C GLN A 255 -6.90 -7.72 -14.83
N SER A 256 -8.20 -7.71 -14.52
CA SER A 256 -8.82 -8.77 -13.73
C SER A 256 -9.27 -9.87 -14.69
N VAL A 257 -8.73 -11.07 -14.48
CA VAL A 257 -9.03 -12.25 -15.30
C VAL A 257 -10.22 -13.02 -14.71
N SER A 258 -10.74 -12.53 -13.58
CA SER A 258 -11.99 -12.98 -12.97
C SER A 258 -13.18 -12.77 -13.96
N LYS A 259 -12.99 -11.82 -14.90
CA LYS A 259 -13.88 -11.57 -16.04
C LYS A 259 -13.13 -11.84 -17.35
N VAL A 260 -13.89 -12.10 -18.42
CA VAL A 260 -13.36 -12.36 -19.78
C VAL A 260 -13.79 -11.22 -20.70
N ASP A 261 -12.84 -10.68 -21.48
CA ASP A 261 -13.10 -9.64 -22.49
C ASP A 261 -12.03 -9.77 -23.58
N GLU A 262 -11.68 -8.66 -24.26
CA GLU A 262 -10.69 -8.63 -25.37
C GLU A 262 -9.31 -9.15 -24.93
N SER A 263 -9.05 -9.06 -23.62
CA SER A 263 -7.84 -9.57 -22.98
C SER A 263 -7.76 -11.11 -23.07
N LEU A 264 -8.80 -11.77 -22.55
CA LEU A 264 -8.84 -13.25 -22.50
C LEU A 264 -9.46 -13.83 -23.78
N GLU A 265 -9.69 -12.99 -24.80
CA GLU A 265 -10.16 -13.44 -26.12
C GLU A 265 -9.04 -14.16 -26.87
N LYS A 266 -7.91 -13.45 -27.03
CA LYS A 266 -6.69 -13.96 -27.69
C LYS A 266 -5.99 -15.02 -26.81
N LEU A 267 -6.18 -14.92 -25.47
CA LEU A 267 -5.51 -15.81 -24.49
C LEU A 267 -6.24 -17.18 -24.38
N ALA A 268 -7.56 -17.19 -24.62
CA ALA A 268 -8.37 -18.43 -24.61
C ALA A 268 -8.14 -19.23 -25.90
N LYS B 5 3.16 -22.34 7.70
CA LYS B 5 2.08 -21.38 7.49
C LYS B 5 2.61 -19.96 7.78
N LYS B 6 3.34 -19.40 6.78
CA LYS B 6 4.05 -18.11 6.90
C LYS B 6 3.10 -16.95 7.26
N ILE B 7 2.09 -16.72 6.40
CA ILE B 7 1.14 -15.57 6.50
C ILE B 7 1.90 -14.24 6.26
N GLU B 8 2.72 -13.85 7.25
CA GLU B 8 3.58 -12.66 7.21
C GLU B 8 5.05 -13.08 6.99
N VAL B 9 5.85 -12.14 6.45
CA VAL B 9 7.30 -12.32 6.18
C VAL B 9 7.56 -13.46 5.16
N GLU B 10 7.66 -13.08 3.87
CA GLU B 10 8.18 -13.96 2.81
C GLU B 10 9.72 -13.94 2.88
N PHE B 11 10.36 -14.94 2.25
CA PHE B 11 11.79 -15.24 2.38
C PHE B 11 12.70 -14.04 1.99
N ASP B 12 12.53 -13.53 0.76
CA ASP B 12 13.48 -12.55 0.14
C ASP B 12 12.93 -12.05 -1.23
N LYS B 13 12.32 -12.98 -1.97
CA LYS B 13 12.02 -12.80 -3.39
C LYS B 13 10.70 -12.02 -3.58
N GLY B 14 10.79 -10.68 -3.72
CA GLY B 14 9.62 -9.83 -3.92
C GLY B 14 9.93 -8.34 -3.89
N GLN B 15 10.88 -7.93 -3.03
CA GLN B 15 11.31 -6.52 -2.93
C GLN B 15 12.03 -6.08 -4.22
N ARG B 16 11.95 -4.78 -4.59
CA ARG B 16 12.48 -4.29 -5.88
C ARG B 16 12.85 -2.80 -5.82
N THR B 17 13.48 -2.32 -6.91
CA THR B 17 13.94 -0.94 -7.06
C THR B 17 12.79 -0.01 -7.53
N ASP B 18 11.98 0.41 -6.55
CA ASP B 18 10.83 1.33 -6.77
C ASP B 18 11.32 2.75 -7.16
N LYS B 19 10.57 3.40 -8.06
CA LYS B 19 10.91 4.74 -8.64
C LYS B 19 10.40 5.94 -7.79
N TYR B 20 10.21 5.74 -6.46
CA TYR B 20 9.82 6.80 -5.49
C TYR B 20 8.38 7.31 -5.73
N GLY B 21 8.23 8.22 -6.69
CA GLY B 21 6.95 8.88 -6.97
C GLY B 21 7.18 10.25 -7.57
N ARG B 22 6.10 11.03 -7.72
CA ARG B 22 6.17 12.39 -8.32
C ARG B 22 5.86 13.46 -7.24
N GLY B 23 4.60 13.57 -6.80
CA GLY B 23 4.21 14.61 -5.83
C GLY B 23 2.88 14.36 -5.17
N LEU B 24 2.39 15.35 -4.38
CA LEU B 24 1.15 15.23 -3.56
C LEU B 24 -0.02 15.97 -4.24
N ALA B 25 -1.24 15.40 -4.11
CA ALA B 25 -2.49 16.01 -4.58
C ALA B 25 -3.69 15.29 -3.95
N TYR B 26 -4.13 15.75 -2.76
CA TYR B 26 -5.31 15.18 -2.08
C TYR B 26 -6.59 15.41 -2.91
N ILE B 27 -7.18 14.31 -3.40
CA ILE B 27 -8.50 14.31 -4.05
C ILE B 27 -9.56 13.73 -3.08
N TYR B 28 -9.07 12.92 -2.11
CA TYR B 28 -9.88 12.13 -1.13
C TYR B 28 -10.67 11.00 -1.81
N ALA B 29 -10.90 9.90 -1.04
CA ALA B 29 -11.57 8.68 -1.54
C ALA B 29 -13.05 8.94 -1.91
N ASP B 30 -13.59 10.07 -1.43
CA ASP B 30 -14.91 10.59 -1.81
C ASP B 30 -14.85 11.14 -3.25
N GLY B 31 -15.14 10.27 -4.24
CA GLY B 31 -15.10 10.66 -5.65
C GLY B 31 -15.70 9.59 -6.55
N LYS B 32 -14.93 8.51 -6.76
CA LYS B 32 -15.26 7.46 -7.74
C LYS B 32 -14.50 6.16 -7.42
N MET B 33 -14.29 5.91 -6.11
CA MET B 33 -13.52 4.75 -5.60
C MET B 33 -14.14 3.40 -6.04
N VAL B 34 -15.48 3.27 -5.90
CA VAL B 34 -16.19 2.03 -6.25
C VAL B 34 -16.51 2.00 -7.76
N ASN B 35 -15.71 1.23 -8.49
CA ASN B 35 -15.93 0.86 -9.91
C ASN B 35 -15.04 -0.37 -10.16
N GLU B 36 -15.49 -1.29 -11.01
CA GLU B 36 -14.85 -2.62 -11.15
C GLU B 36 -14.40 -2.88 -12.59
N ALA B 37 -14.17 -1.80 -13.38
CA ALA B 37 -13.80 -1.88 -14.82
C ALA B 37 -12.53 -2.73 -15.05
N LEU B 38 -11.33 -2.10 -14.94
CA LEU B 38 -10.00 -2.79 -15.02
C LEU B 38 -9.85 -3.62 -16.35
N VAL B 39 -10.49 -3.11 -17.42
CA VAL B 39 -10.55 -3.76 -18.76
C VAL B 39 -10.15 -2.74 -19.87
N ARG B 40 -10.61 -3.00 -21.12
CA ARG B 40 -10.54 -2.07 -22.28
C ARG B 40 -9.19 -2.16 -23.02
N GLN B 41 -8.08 -1.75 -22.37
CA GLN B 41 -6.74 -1.79 -22.99
C GLN B 41 -6.30 -3.27 -23.11
N GLY B 42 -6.67 -3.88 -24.26
CA GLY B 42 -6.53 -5.31 -24.47
C GLY B 42 -5.14 -5.76 -24.83
N LEU B 43 -4.80 -6.97 -24.37
CA LEU B 43 -3.48 -7.59 -24.59
C LEU B 43 -3.58 -9.06 -24.15
N ALA B 44 -2.86 -9.92 -24.88
CA ALA B 44 -2.72 -11.35 -24.55
C ALA B 44 -1.52 -11.95 -25.31
N LYS B 45 -1.40 -13.28 -25.23
CA LYS B 45 -0.42 -14.06 -26.00
C LYS B 45 -0.98 -15.47 -26.21
N VAL B 46 -0.97 -15.96 -27.47
CA VAL B 46 -1.47 -17.31 -27.81
C VAL B 46 -0.41 -18.38 -27.49
N ALA B 47 -0.90 -19.60 -27.20
CA ALA B 47 -0.09 -20.80 -26.87
C ALA B 47 -1.01 -22.02 -26.79
N TYR B 48 -0.43 -23.22 -26.93
CA TYR B 48 -1.18 -24.49 -26.90
C TYR B 48 -1.77 -24.77 -25.50
N VAL B 49 -2.98 -25.35 -25.48
CA VAL B 49 -3.70 -25.66 -24.23
C VAL B 49 -4.54 -26.95 -24.42
N TYR B 50 -4.16 -28.01 -23.66
CA TYR B 50 -4.84 -29.32 -23.69
C TYR B 50 -5.25 -29.73 -22.27
N LYS B 51 -6.35 -30.48 -22.15
CA LYS B 51 -6.86 -30.96 -20.85
C LYS B 51 -6.85 -32.51 -20.83
N PRO B 52 -5.71 -33.15 -20.40
CA PRO B 52 -5.60 -34.62 -20.29
C PRO B 52 -5.99 -35.15 -18.89
N ASN B 53 -5.60 -36.41 -18.59
CA ASN B 53 -5.71 -36.99 -17.24
C ASN B 53 -4.61 -38.06 -17.04
N ASN B 54 -4.34 -38.43 -15.79
CA ASN B 54 -3.19 -39.32 -15.43
C ASN B 54 -3.46 -40.77 -15.89
N THR B 55 -2.95 -41.11 -17.09
CA THR B 55 -2.93 -42.48 -17.66
C THR B 55 -4.32 -42.96 -18.16
N HIS B 56 -5.41 -42.21 -17.83
CA HIS B 56 -6.83 -42.62 -18.04
C HIS B 56 -7.21 -43.79 -17.09
N GLU B 57 -6.61 -44.98 -17.36
CA GLU B 57 -6.93 -46.26 -16.71
C GLU B 57 -8.37 -46.71 -17.09
N GLN B 58 -9.37 -46.09 -16.43
CA GLN B 58 -10.81 -46.29 -16.68
C GLN B 58 -11.23 -47.78 -16.86
N HIS B 59 -11.17 -48.27 -18.13
CA HIS B 59 -11.56 -49.64 -18.56
C HIS B 59 -13.09 -49.92 -18.52
N LEU B 60 -13.83 -49.20 -17.63
CA LEU B 60 -15.27 -49.43 -17.33
C LEU B 60 -15.45 -50.67 -16.44
N ARG B 61 -14.97 -51.85 -16.91
CA ARG B 61 -14.94 -53.13 -16.17
C ARG B 61 -16.35 -53.75 -16.05
N LYS B 62 -17.22 -53.05 -15.30
CA LYS B 62 -18.67 -53.31 -15.21
C LYS B 62 -19.00 -54.66 -14.57
N SER B 63 -18.95 -55.75 -15.36
CA SER B 63 -19.26 -57.10 -14.89
C SER B 63 -18.01 -57.79 -14.28
N GLU B 64 -16.85 -57.60 -14.95
CA GLU B 64 -15.56 -58.23 -14.59
C GLU B 64 -15.68 -59.78 -14.60
N ALA B 65 -16.05 -60.34 -13.43
CA ALA B 65 -16.21 -61.77 -13.14
C ALA B 65 -16.26 -61.95 -11.60
N GLN B 66 -15.08 -62.21 -11.00
CA GLN B 66 -14.86 -62.48 -9.58
C GLN B 66 -13.45 -63.06 -9.46
N ALA B 67 -13.19 -64.11 -10.28
CA ALA B 67 -11.83 -64.69 -10.50
C ALA B 67 -11.19 -65.29 -9.23
N LYS B 68 -11.99 -65.46 -8.18
CA LYS B 68 -11.53 -65.92 -6.85
C LYS B 68 -12.70 -66.58 -6.14
N LYS B 69 -12.47 -67.82 -5.62
CA LYS B 69 -13.54 -68.67 -5.00
C LYS B 69 -14.59 -68.98 -6.11
N GLU B 70 -14.11 -69.01 -7.36
CA GLU B 70 -14.93 -69.06 -8.57
C GLU B 70 -15.43 -70.50 -8.81
N LYS B 71 -16.55 -70.82 -8.12
CA LYS B 71 -17.17 -72.16 -8.07
C LYS B 71 -16.15 -73.22 -7.60
N LEU B 72 -15.43 -73.86 -8.52
CA LEU B 72 -14.39 -74.86 -8.19
C LEU B 72 -13.06 -74.40 -8.81
N ASN B 73 -12.94 -74.51 -10.14
CA ASN B 73 -11.71 -74.18 -10.91
C ASN B 73 -12.12 -73.53 -12.24
N ILE B 74 -12.11 -72.17 -12.27
CA ILE B 74 -12.64 -71.32 -13.38
C ILE B 74 -14.19 -71.33 -13.37
N TRP B 75 -14.77 -72.54 -13.32
CA TRP B 75 -16.17 -72.76 -13.00
C TRP B 75 -16.31 -74.25 -12.61
N ALA A 4 18.57 17.03 30.48
CA ALA A 4 17.09 16.98 30.61
C ALA A 4 16.45 17.89 29.55
N GLN A 5 16.32 17.35 28.34
CA GLN A 5 15.73 18.02 27.18
C GLN A 5 14.77 17.04 26.48
N ALA A 6 13.68 17.58 25.90
CA ALA A 6 12.66 16.79 25.20
C ALA A 6 13.28 15.99 24.03
N LEU A 7 12.95 14.69 23.97
CA LEU A 7 13.57 13.71 23.00
C LEU A 7 13.46 14.21 21.55
N TRP A 8 12.24 14.63 21.19
CA TRP A 8 11.93 15.12 19.83
C TRP A 8 12.67 16.43 19.53
N THR A 9 12.76 17.32 20.52
CA THR A 9 13.41 18.64 20.38
C THR A 9 14.96 18.53 20.41
N ARG A 10 15.46 17.36 20.88
CA ARG A 10 16.90 17.01 20.80
C ARG A 10 17.30 16.73 19.35
N ASN A 11 18.58 16.99 19.04
CA ASN A 11 19.16 16.70 17.72
C ASN A 11 19.47 15.20 17.60
N LYS A 12 19.30 14.67 16.38
CA LYS A 12 19.41 13.23 16.05
C LYS A 12 20.78 12.61 16.44
N SER A 13 21.82 13.48 16.54
CA SER A 13 23.22 13.11 16.80
C SER A 13 23.39 12.17 18.02
N GLU A 14 22.82 12.58 19.17
CA GLU A 14 22.98 11.88 20.45
C GLU A 14 21.95 10.74 20.61
N ILE A 15 20.81 10.85 19.90
CA ILE A 15 19.67 9.96 20.13
C ILE A 15 19.91 8.59 19.47
N THR A 16 20.02 7.54 20.30
CA THR A 16 20.15 6.15 19.84
C THR A 16 18.76 5.57 19.57
N ASP A 17 18.73 4.44 18.83
CA ASP A 17 17.48 3.81 18.35
C ASP A 17 16.57 3.34 19.51
N GLU A 18 17.17 2.89 20.63
CA GLU A 18 16.39 2.40 21.80
C GLU A 18 15.47 3.50 22.37
N GLU A 19 15.98 4.75 22.39
CA GLU A 19 15.27 5.92 22.94
C GLU A 19 13.98 6.20 22.16
N TYR A 20 14.04 6.04 20.82
CA TYR A 20 12.87 6.15 19.93
C TYR A 20 11.82 5.06 20.24
N LYS A 21 12.31 3.81 20.38
CA LYS A 21 11.46 2.62 20.51
C LYS A 21 10.64 2.62 21.81
N GLU A 22 11.32 2.90 22.93
CA GLU A 22 10.69 2.89 24.28
C GLU A 22 9.81 4.14 24.50
N PHE A 23 10.15 5.23 23.77
CA PHE A 23 9.34 6.47 23.75
C PHE A 23 7.98 6.21 23.10
N TYR A 24 8.01 5.48 21.96
CA TYR A 24 6.80 5.12 21.19
C TYR A 24 5.80 4.35 22.09
N LYS A 25 6.34 3.37 22.83
CA LYS A 25 5.54 2.53 23.75
C LYS A 25 4.82 3.38 24.82
N HIS A 26 5.49 4.44 25.28
CA HIS A 26 4.97 5.33 26.33
C HIS A 26 3.87 6.26 25.78
N ILE A 27 4.13 6.88 24.60
CA ILE A 27 3.24 7.92 24.04
C ILE A 27 2.01 7.34 23.33
N ALA A 28 2.17 6.15 22.75
CA ALA A 28 1.09 5.44 22.05
C ALA A 28 0.39 4.44 22.98
N HIS A 29 0.91 4.34 24.23
CA HIS A 29 0.37 3.47 25.29
C HIS A 29 0.41 1.99 24.87
N ASP A 30 1.45 1.67 24.10
CA ASP A 30 1.74 0.32 23.61
C ASP A 30 2.92 -0.27 24.38
N PHE A 31 3.30 -1.48 23.99
CA PHE A 31 4.53 -2.15 24.46
C PHE A 31 5.23 -2.82 23.25
N ASN A 32 4.67 -2.60 22.04
CA ASN A 32 5.28 -3.05 20.78
C ASN A 32 6.27 -1.97 20.31
N ASP A 33 7.42 -2.41 19.83
CA ASP A 33 8.49 -1.54 19.32
C ASP A 33 8.22 -1.19 17.84
N PRO A 34 8.44 0.10 17.42
CA PRO A 34 8.15 0.55 16.04
C PRO A 34 9.17 -0.01 15.01
N LEU A 35 8.64 -0.42 13.84
CA LEU A 35 9.44 -1.00 12.74
C LEU A 35 10.47 -0.01 12.21
N THR A 36 10.00 1.23 12.02
CA THR A 36 10.81 2.37 11.58
C THR A 36 10.14 3.68 12.04
N TRP A 37 10.90 4.77 12.00
CA TRP A 37 10.48 6.10 12.47
C TRP A 37 11.06 7.20 11.56
N SER A 38 10.46 8.39 11.62
CA SER A 38 10.93 9.57 10.87
C SER A 38 11.09 10.74 11.84
N HIS A 39 12.32 10.90 12.37
CA HIS A 39 12.67 12.08 13.18
C HIS A 39 13.29 13.13 12.28
N ASN A 40 12.55 14.22 12.06
CA ASN A 40 13.01 15.40 11.32
C ASN A 40 12.58 16.65 12.09
N ARG A 41 13.53 17.54 12.39
CA ARG A 41 13.23 18.84 13.02
C ARG A 41 13.49 19.92 11.97
N VAL A 42 12.49 20.79 11.77
CA VAL A 42 12.54 21.88 10.77
C VAL A 42 12.41 23.21 11.51
N GLU A 43 13.40 24.09 11.32
CA GLU A 43 13.57 25.35 12.06
C GLU A 43 13.55 26.56 11.09
N GLY A 44 13.38 27.77 11.66
CA GLY A 44 13.46 29.03 10.91
C GLY A 44 12.09 29.59 10.57
N LYS A 45 11.72 29.51 9.28
CA LYS A 45 10.44 30.05 8.76
C LYS A 45 9.25 29.20 9.23
N GLN A 46 9.35 27.87 9.03
CA GLN A 46 8.33 26.89 9.46
C GLN A 46 8.90 26.02 10.59
N GLU A 47 8.69 26.49 11.83
CA GLU A 47 9.17 25.82 13.04
C GLU A 47 8.20 24.70 13.45
N TYR A 48 8.58 23.45 13.16
CA TYR A 48 7.87 22.25 13.64
C TYR A 48 8.87 21.10 13.79
N THR A 49 8.61 20.22 14.76
CA THR A 49 9.43 19.04 15.03
C THR A 49 8.56 17.79 14.85
N SER A 50 8.85 17.01 13.80
CA SER A 50 8.07 15.83 13.46
C SER A 50 8.84 14.57 13.90
N LEU A 51 8.20 13.77 14.76
CA LEU A 51 8.72 12.47 15.20
C LEU A 51 7.59 11.45 15.02
N LEU A 52 7.63 10.77 13.86
CA LEU A 52 6.61 9.80 13.42
C LEU A 52 7.12 8.38 13.73
N TYR A 53 6.19 7.44 13.92
CA TYR A 53 6.49 6.03 14.21
C TYR A 53 5.51 5.13 13.43
N ILE A 54 5.97 3.93 13.07
CA ILE A 54 5.17 2.90 12.41
C ILE A 54 5.07 1.66 13.35
N PRO A 55 3.83 1.24 13.79
CA PRO A 55 3.64 0.11 14.74
C PRO A 55 4.02 -1.25 14.12
N SER A 56 4.46 -2.19 14.98
CA SER A 56 4.83 -3.56 14.55
C SER A 56 3.57 -4.42 14.33
N GLN A 57 2.53 -4.16 15.13
CA GLN A 57 1.21 -4.81 15.03
C GLN A 57 0.13 -3.75 14.97
N ALA A 58 -1.01 -4.13 14.36
CA ALA A 58 -2.21 -3.28 14.29
C ALA A 58 -2.89 -3.22 15.65
N PRO A 59 -3.04 -1.99 16.27
CA PRO A 59 -3.87 -1.82 17.48
C PRO A 59 -5.35 -2.10 17.12
N TRP A 60 -6.11 -2.67 18.08
CA TRP A 60 -7.53 -2.99 17.89
C TRP A 60 -8.34 -1.71 17.60
N ASP A 61 -7.88 -0.59 18.20
CA ASP A 61 -8.50 0.74 18.08
C ASP A 61 -8.37 1.35 16.66
N MET A 62 -7.68 0.64 15.75
CA MET A 62 -7.47 1.08 14.35
C MET A 62 -8.82 1.22 13.61
N TRP A 63 -9.79 0.36 13.99
CA TRP A 63 -11.13 0.31 13.36
C TRP A 63 -12.23 0.67 14.37
N ASN A 64 -11.84 1.27 15.50
CA ASN A 64 -12.76 1.62 16.61
C ASN A 64 -13.21 3.09 16.49
N ARG A 65 -14.42 3.38 17.01
CA ARG A 65 -15.01 4.75 16.99
C ARG A 65 -14.42 5.63 18.11
N ASP A 66 -13.56 5.06 18.96
CA ASP A 66 -12.77 5.82 19.95
C ASP A 66 -11.49 6.34 19.27
N HIS A 67 -11.09 7.59 19.59
CA HIS A 67 -9.86 8.18 19.01
C HIS A 67 -8.64 7.49 19.64
N LYS A 68 -7.67 7.11 18.80
CA LYS A 68 -6.42 6.48 19.22
C LYS A 68 -5.36 6.74 18.14
N HIS A 69 -5.83 6.68 16.89
CA HIS A 69 -5.01 6.99 15.71
C HIS A 69 -4.73 8.51 15.63
N GLY A 70 -3.49 8.87 15.26
CA GLY A 70 -3.07 10.28 15.15
C GLY A 70 -1.84 10.61 15.98
N LEU A 71 -1.45 11.89 15.99
CA LEU A 71 -0.22 12.38 16.66
C LEU A 71 -0.59 13.18 17.93
N LYS A 72 0.35 13.21 18.90
CA LYS A 72 0.24 14.08 20.07
C LYS A 72 0.70 15.50 19.67
N LEU A 73 -0.24 16.44 19.60
CA LEU A 73 0.06 17.83 19.24
C LEU A 73 0.72 18.56 20.42
N TYR A 74 1.93 19.09 20.17
CA TYR A 74 2.67 19.97 21.08
C TYR A 74 2.93 21.31 20.37
N VAL A 75 2.99 22.38 21.17
CA VAL A 75 3.39 23.72 20.71
C VAL A 75 4.40 24.26 21.73
N GLN A 76 5.71 24.23 21.36
CA GLN A 76 6.82 24.76 22.19
C GLN A 76 6.95 23.98 23.52
N ARG A 77 6.80 22.64 23.41
CA ARG A 77 6.86 21.65 24.54
C ARG A 77 5.58 21.66 25.40
N VAL A 78 4.58 22.46 25.02
CA VAL A 78 3.29 22.53 25.73
C VAL A 78 2.30 21.60 25.03
N PHE A 79 1.99 20.47 25.67
CA PHE A 79 1.00 19.50 25.18
C PHE A 79 -0.38 20.17 25.08
N ILE A 80 -0.99 20.06 23.90
CA ILE A 80 -2.30 20.66 23.61
C ILE A 80 -3.39 19.57 23.65
N MET A 81 -3.27 18.59 22.73
CA MET A 81 -4.28 17.54 22.51
C MET A 81 -3.65 16.40 21.69
N ASP A 82 -3.93 15.14 22.05
CA ASP A 82 -3.39 13.96 21.33
C ASP A 82 -4.43 13.38 20.36
N ASP A 83 -3.95 12.44 19.52
CA ASP A 83 -4.72 11.74 18.46
C ASP A 83 -5.22 12.72 17.38
N ALA A 84 -4.40 13.75 17.17
CA ALA A 84 -4.57 14.71 16.07
C ALA A 84 -4.16 14.04 14.74
N GLU A 85 -5.16 13.42 14.09
CA GLU A 85 -4.96 12.60 12.87
C GLU A 85 -4.91 13.43 11.58
N GLN A 86 -5.12 14.76 11.69
CA GLN A 86 -5.24 15.67 10.51
C GLN A 86 -3.87 15.97 9.89
N PHE A 87 -2.80 15.63 10.64
CA PHE A 87 -1.41 15.70 10.16
C PHE A 87 -1.11 14.53 9.18
N MET A 88 -2.04 13.57 9.12
CA MET A 88 -1.99 12.40 8.22
C MET A 88 -3.34 12.29 7.44
N PRO A 89 -3.33 11.68 6.23
CA PRO A 89 -4.57 11.09 5.65
C PRO A 89 -4.97 9.82 6.43
N ASN A 90 -6.24 9.41 6.31
CA ASN A 90 -6.86 8.40 7.20
C ASN A 90 -6.29 6.97 6.96
N TYR A 91 -5.60 6.75 5.82
CA TYR A 91 -4.94 5.45 5.56
C TYR A 91 -3.60 5.35 6.32
N LEU A 92 -3.04 6.52 6.67
CA LEU A 92 -1.85 6.63 7.53
C LEU A 92 -2.29 6.87 8.99
N ARG A 93 -3.48 6.36 9.35
CA ARG A 93 -4.02 6.43 10.73
C ARG A 93 -3.12 5.63 11.70
N PHE A 94 -2.35 4.66 11.16
CA PHE A 94 -1.43 3.83 11.96
C PHE A 94 -0.26 4.65 12.52
N VAL A 95 0.11 5.72 11.80
CA VAL A 95 1.24 6.58 12.18
C VAL A 95 0.89 7.29 13.50
N ARG A 96 1.67 6.98 14.55
CA ARG A 96 1.57 7.63 15.85
C ARG A 96 2.94 8.20 16.22
N GLY A 97 2.94 8.98 17.29
CA GLY A 97 4.09 9.79 17.65
C GLY A 97 3.60 11.14 18.11
N LEU A 98 4.21 12.20 17.58
CA LEU A 98 3.92 13.57 17.98
C LEU A 98 4.54 14.57 17.00
N ILE A 99 4.09 15.82 17.09
CA ILE A 99 4.61 16.93 16.30
C ILE A 99 4.56 18.23 17.13
N ASP A 100 5.74 18.81 17.39
CA ASP A 100 5.89 20.03 18.19
C ASP A 100 5.99 21.23 17.24
N SER A 101 4.85 21.85 16.93
CA SER A 101 4.78 22.98 16.00
C SER A 101 4.76 24.29 16.79
N SER A 102 5.82 25.10 16.61
CA SER A 102 5.97 26.41 17.29
C SER A 102 5.21 27.52 16.53
N ASP A 103 4.72 27.15 15.32
CA ASP A 103 3.99 28.05 14.42
C ASP A 103 2.51 28.12 14.82
N LEU A 104 1.96 26.96 15.20
CA LEU A 104 0.56 26.82 15.67
C LEU A 104 0.35 27.59 17.00
N PRO A 105 -0.87 28.16 17.24
CA PRO A 105 -1.21 28.83 18.53
C PRO A 105 -1.24 27.84 19.72
N LEU A 106 -1.23 28.40 20.94
CA LEU A 106 -1.32 27.59 22.20
C LEU A 106 -2.77 27.16 22.47
N ASN A 107 -3.74 27.92 21.94
CA ASN A 107 -5.18 27.62 22.07
C ASN A 107 -5.72 26.93 20.80
N VAL A 108 -4.81 26.27 20.04
CA VAL A 108 -5.16 25.47 18.85
C VAL A 108 -6.06 24.26 19.24
N SER A 109 -7.15 24.10 18.50
CA SER A 109 -8.15 23.03 18.72
C SER A 109 -8.07 22.02 17.58
N ARG A 110 -8.82 20.91 17.73
CA ARG A 110 -8.90 19.83 16.74
C ARG A 110 -9.44 20.36 15.39
N GLU A 111 -10.34 21.36 15.48
CA GLU A 111 -10.96 22.01 14.32
C GLU A 111 -9.95 22.89 13.57
N ILE A 112 -9.05 23.56 14.31
CA ILE A 112 -8.04 24.46 13.70
C ILE A 112 -7.07 23.64 12.81
N LEU A 113 -6.87 22.38 13.20
CA LEU A 113 -5.95 21.48 12.50
C LEU A 113 -6.49 21.05 11.11
N GLN A 114 -7.80 20.74 11.02
CA GLN A 114 -8.40 20.29 9.74
C GLN A 114 -8.87 21.47 8.86
N ASP A 115 -9.48 22.49 9.49
CA ASP A 115 -10.06 23.65 8.75
C ASP A 115 -8.99 24.53 8.12
N SER A 116 -7.96 24.88 8.91
CA SER A 116 -6.90 25.81 8.47
C SER A 116 -6.01 25.16 7.39
N THR A 117 -5.66 25.96 6.38
CA THR A 117 -4.84 25.52 5.24
C THR A 117 -3.38 25.30 5.67
N VAL A 118 -2.94 26.09 6.66
CA VAL A 118 -1.55 26.07 7.18
C VAL A 118 -1.14 24.66 7.65
N THR A 119 -2.04 24.01 8.41
CA THR A 119 -1.80 22.69 9.03
C THR A 119 -1.85 21.56 7.96
N ARG A 120 -2.57 21.83 6.86
CA ARG A 120 -2.68 20.89 5.72
C ARG A 120 -1.33 20.79 4.97
N ASN A 121 -0.54 21.91 4.97
CA ASN A 121 0.82 21.94 4.39
C ASN A 121 1.76 21.02 5.18
N LEU A 122 1.54 20.94 6.52
CA LEU A 122 2.24 19.99 7.40
C LEU A 122 1.94 18.55 6.98
N ARG A 123 0.65 18.29 6.67
CA ARG A 123 0.19 16.95 6.24
C ARG A 123 0.87 16.50 4.92
N ASN A 124 0.98 17.43 3.94
CA ASN A 124 1.67 17.16 2.64
C ASN A 124 3.14 16.78 2.88
N ALA A 125 3.79 17.49 3.82
CA ALA A 125 5.20 17.30 4.16
C ALA A 125 5.44 15.93 4.82
N LEU A 126 4.56 15.57 5.78
CA LEU A 126 4.69 14.36 6.62
C LEU A 126 4.44 13.07 5.80
N THR A 127 3.35 13.09 5.00
CA THR A 127 2.90 11.92 4.20
C THR A 127 4.00 11.38 3.28
N LYS A 128 4.82 12.31 2.72
CA LYS A 128 5.99 11.95 1.91
C LYS A 128 6.97 11.08 2.71
N ARG A 129 7.38 11.58 3.90
CA ARG A 129 8.36 10.87 4.77
C ARG A 129 7.82 9.52 5.29
N VAL A 130 6.48 9.35 5.36
CA VAL A 130 5.86 8.07 5.76
C VAL A 130 5.99 7.03 4.63
N LEU A 131 5.68 7.46 3.39
CA LEU A 131 5.82 6.63 2.18
C LEU A 131 7.29 6.24 1.94
N GLN A 132 8.20 7.14 2.37
CA GLN A 132 9.67 6.94 2.33
C GLN A 132 10.13 6.00 3.45
N MET A 133 9.44 6.01 4.60
CA MET A 133 9.69 5.05 5.71
C MET A 133 9.34 3.62 5.25
N LEU A 134 8.22 3.51 4.49
CA LEU A 134 7.73 2.23 3.94
C LEU A 134 8.69 1.70 2.86
N GLU A 135 9.13 2.62 1.98
CA GLU A 135 10.08 2.34 0.90
C GLU A 135 11.40 1.78 1.44
N LYS A 136 11.90 2.41 2.53
CA LYS A 136 13.14 2.01 3.18
C LYS A 136 12.94 0.74 4.02
N LEU A 137 11.74 0.55 4.60
CA LEU A 137 11.44 -0.56 5.54
C LEU A 137 11.50 -1.92 4.82
N ALA A 138 11.08 -1.92 3.54
CA ALA A 138 11.14 -3.11 2.66
C ALA A 138 12.60 -3.57 2.42
N LYS A 139 13.53 -2.59 2.42
CA LYS A 139 14.97 -2.79 2.12
C LYS A 139 15.80 -2.85 3.41
N ASP A 140 15.22 -2.34 4.51
CA ASP A 140 15.82 -2.34 5.85
C ASP A 140 15.71 -3.74 6.43
N ASP A 141 14.49 -4.25 6.42
CA ASP A 141 14.16 -5.58 6.89
C ASP A 141 12.81 -5.96 6.27
N ALA A 142 12.87 -6.83 5.26
CA ALA A 142 11.70 -7.28 4.48
C ALA A 142 10.65 -8.00 5.35
N GLU A 143 11.10 -8.62 6.48
CA GLU A 143 10.21 -9.31 7.43
C GLU A 143 9.34 -8.31 8.21
N LYS A 144 9.95 -7.18 8.63
CA LYS A 144 9.23 -6.08 9.33
C LYS A 144 8.09 -5.54 8.45
N TYR A 145 8.44 -5.30 7.18
CA TYR A 145 7.51 -4.72 6.19
C TYR A 145 6.42 -5.74 5.78
N GLN A 146 6.78 -7.02 5.79
CA GLN A 146 5.87 -8.14 5.45
C GLN A 146 4.80 -8.32 6.55
N THR A 147 5.24 -8.23 7.83
CA THR A 147 4.36 -8.24 9.01
C THR A 147 3.44 -7.01 9.01
N PHE A 148 4.07 -5.84 8.72
CA PHE A 148 3.38 -4.54 8.58
C PHE A 148 2.18 -4.63 7.64
N TRP A 149 2.44 -5.20 6.45
CA TRP A 149 1.47 -5.27 5.36
C TRP A 149 0.24 -6.13 5.77
N GLN A 150 0.48 -7.19 6.52
CA GLN A 150 -0.59 -8.12 6.95
C GLN A 150 -1.30 -7.60 8.22
N GLN A 151 -0.84 -6.46 8.76
CA GLN A 151 -1.49 -5.75 9.88
C GLN A 151 -2.29 -4.52 9.39
N PHE A 152 -1.75 -3.80 8.38
CA PHE A 152 -2.25 -2.47 7.97
C PHE A 152 -2.62 -2.40 6.48
N GLY A 153 -2.56 -3.56 5.79
CA GLY A 153 -2.77 -3.64 4.33
C GLY A 153 -4.12 -3.12 3.88
N LEU A 154 -5.19 -3.55 4.59
CA LEU A 154 -6.59 -3.16 4.30
C LEU A 154 -6.75 -1.63 4.29
N VAL A 155 -6.12 -1.00 5.29
CA VAL A 155 -6.13 0.46 5.49
C VAL A 155 -5.34 1.16 4.36
N LEU A 156 -4.19 0.56 3.97
CA LEU A 156 -3.24 1.16 2.99
C LEU A 156 -3.79 1.07 1.52
N LYS A 157 -4.74 0.14 1.24
CA LYS A 157 -5.43 0.08 -0.09
C LYS A 157 -6.38 1.28 -0.28
N GLU A 158 -6.75 1.92 0.84
CA GLU A 158 -7.54 3.17 0.84
C GLU A 158 -6.63 4.39 0.50
N GLY A 159 -5.29 4.13 0.47
CA GLY A 159 -4.26 5.11 0.12
C GLY A 159 -4.46 5.84 -1.20
N PRO A 160 -4.42 5.12 -2.39
CA PRO A 160 -4.66 5.74 -3.73
C PRO A 160 -6.00 6.51 -3.79
N ALA A 161 -6.99 5.98 -3.04
CA ALA A 161 -8.36 6.51 -2.98
C ALA A 161 -8.40 7.93 -2.37
N GLU A 162 -7.53 8.18 -1.37
CA GLU A 162 -7.43 9.48 -0.69
C GLU A 162 -6.44 10.42 -1.40
N ASP A 163 -5.31 9.88 -1.87
CA ASP A 163 -4.27 10.68 -2.56
C ASP A 163 -4.04 10.17 -3.99
N PHE A 164 -4.46 11.01 -4.95
CA PHE A 164 -4.33 10.72 -6.39
C PHE A 164 -2.92 11.10 -6.93
N ALA A 165 -2.21 12.00 -6.19
CA ALA A 165 -0.91 12.57 -6.65
C ALA A 165 0.21 11.53 -6.62
N ASN A 166 0.41 10.91 -5.44
CA ASN A 166 1.45 9.89 -5.23
C ASN A 166 0.85 8.47 -5.42
N GLN A 167 -0.35 8.39 -6.07
CA GLN A 167 -1.06 7.11 -6.38
C GLN A 167 -0.11 6.02 -6.97
N GLU A 168 0.74 6.47 -7.92
CA GLU A 168 1.73 5.64 -8.63
C GLU A 168 2.82 5.11 -7.65
N ALA A 169 3.25 6.00 -6.73
CA ALA A 169 4.27 5.69 -5.72
C ALA A 169 3.73 4.73 -4.63
N ILE A 170 2.42 4.88 -4.31
CA ILE A 170 1.72 4.02 -3.32
C ILE A 170 1.55 2.61 -3.92
N ALA A 171 1.27 2.54 -5.24
CA ALA A 171 1.15 1.28 -6.01
C ALA A 171 2.43 0.43 -5.91
N LYS A 172 3.57 1.12 -5.98
CA LYS A 172 4.91 0.53 -5.84
C LYS A 172 5.14 -0.06 -4.43
N LEU A 173 4.46 0.52 -3.42
CA LEU A 173 4.54 0.07 -2.01
C LEU A 173 3.55 -1.07 -1.73
N LEU A 174 2.40 -1.08 -2.44
CA LEU A 174 1.34 -2.10 -2.26
C LEU A 174 1.88 -3.49 -2.63
N ARG A 175 1.72 -4.46 -1.70
CA ARG A 175 2.19 -5.84 -1.87
C ARG A 175 0.97 -6.74 -2.00
N PHE A 176 1.09 -7.77 -2.82
CA PHE A 176 -0.02 -8.69 -3.12
C PHE A 176 0.57 -10.09 -3.30
N ALA A 177 -0.32 -11.05 -3.47
CA ALA A 177 0.05 -12.43 -3.71
C ALA A 177 0.06 -12.66 -5.23
N SER A 178 0.56 -13.82 -5.66
CA SER A 178 0.58 -14.20 -7.07
C SER A 178 0.94 -15.68 -7.20
N THR A 179 0.99 -16.18 -8.45
CA THR A 179 1.44 -17.55 -8.77
C THR A 179 2.99 -17.69 -8.58
N HIS A 180 3.64 -16.60 -8.10
CA HIS A 180 5.07 -16.58 -7.71
C HIS A 180 5.34 -17.62 -6.59
N THR A 181 4.37 -17.74 -5.69
CA THR A 181 4.40 -18.67 -4.56
C THR A 181 3.02 -19.34 -4.43
N ASP A 182 3.02 -20.55 -3.84
CA ASP A 182 1.79 -21.32 -3.57
C ASP A 182 1.19 -20.92 -2.19
N SER A 183 1.81 -19.94 -1.53
CA SER A 183 1.43 -19.45 -0.20
C SER A 183 0.63 -18.13 -0.32
N SER A 184 -0.22 -17.88 0.69
CA SER A 184 -1.10 -16.68 0.79
C SER A 184 -0.35 -15.42 1.26
N ALA A 185 0.98 -15.53 1.41
CA ALA A 185 1.86 -14.42 1.79
C ALA A 185 1.88 -13.34 0.69
N GLN A 186 1.25 -12.19 0.99
CA GLN A 186 1.22 -11.02 0.08
C GLN A 186 2.61 -10.33 0.07
N THR A 187 3.47 -10.79 -0.86
CA THR A 187 4.90 -10.42 -0.94
C THR A 187 5.19 -9.58 -2.20
N VAL A 188 4.62 -10.01 -3.34
CA VAL A 188 4.91 -9.46 -4.67
C VAL A 188 4.31 -8.06 -4.86
N SER A 189 5.20 -7.09 -5.12
CA SER A 189 4.79 -5.74 -5.52
C SER A 189 4.49 -5.74 -7.03
N LEU A 190 3.83 -4.66 -7.49
CA LEU A 190 3.53 -4.47 -8.92
C LEU A 190 4.85 -4.30 -9.72
N GLU A 191 5.86 -3.78 -9.01
CA GLU A 191 7.24 -3.64 -9.50
C GLU A 191 7.93 -5.01 -9.66
N ASP A 192 7.64 -5.94 -8.71
CA ASP A 192 8.18 -7.32 -8.74
C ASP A 192 7.53 -8.16 -9.86
N TYR A 193 6.27 -7.80 -10.20
CA TYR A 193 5.53 -8.39 -11.33
C TYR A 193 6.26 -8.15 -12.67
N VAL A 194 6.68 -6.89 -12.89
CA VAL A 194 7.33 -6.44 -14.14
C VAL A 194 8.72 -7.12 -14.33
N SER A 195 9.31 -7.58 -13.23
CA SER A 195 10.56 -8.35 -13.24
C SER A 195 10.39 -9.76 -13.88
N ARG A 196 9.12 -10.21 -14.05
CA ARG A 196 8.76 -11.49 -14.74
C ARG A 196 7.87 -11.23 -15.98
N MET A 197 7.87 -9.99 -16.47
CA MET A 197 7.10 -9.59 -17.67
C MET A 197 7.69 -10.24 -18.93
N LYS A 198 6.83 -10.96 -19.67
CA LYS A 198 7.23 -11.76 -20.87
C LYS A 198 6.96 -10.99 -22.17
N GLU A 199 7.31 -11.65 -23.30
CA GLU A 199 7.19 -11.07 -24.64
C GLU A 199 5.71 -10.97 -25.05
N GLY A 200 5.23 -9.72 -25.24
CA GLY A 200 3.84 -9.44 -25.55
C GLY A 200 2.96 -9.22 -24.33
N GLN A 201 3.55 -9.39 -23.12
CA GLN A 201 2.85 -9.16 -21.84
C GLN A 201 2.91 -7.66 -21.47
N GLU A 202 2.08 -6.87 -22.15
CA GLU A 202 1.94 -5.41 -21.90
C GLU A 202 0.82 -5.15 -20.86
N LYS A 203 -0.03 -6.18 -20.65
CA LYS A 203 -1.12 -6.14 -19.67
C LYS A 203 -0.64 -6.77 -18.36
N ILE A 204 -1.05 -6.17 -17.24
CA ILE A 204 -0.69 -6.64 -15.90
C ILE A 204 -1.86 -7.52 -15.41
N TYR A 205 -1.65 -8.83 -15.51
CA TYR A 205 -2.70 -9.84 -15.26
C TYR A 205 -2.98 -10.00 -13.76
N TYR A 206 -4.26 -9.83 -13.41
CA TYR A 206 -4.79 -9.77 -12.03
C TYR A 206 -5.96 -10.76 -11.88
N ILE A 207 -6.43 -10.97 -10.64
CA ILE A 207 -7.75 -11.56 -10.36
C ILE A 207 -8.31 -10.95 -9.05
N THR A 208 -9.42 -10.22 -9.19
CA THR A 208 -10.13 -9.60 -8.05
C THR A 208 -11.08 -10.63 -7.41
N ALA A 209 -10.81 -11.02 -6.15
CA ALA A 209 -11.60 -12.04 -5.43
C ALA A 209 -11.83 -11.64 -3.97
N ASP A 210 -12.80 -12.33 -3.35
CA ASP A 210 -13.23 -12.09 -1.95
C ASP A 210 -12.21 -12.68 -0.95
N SER A 211 -11.44 -13.67 -1.42
CA SER A 211 -10.41 -14.36 -0.62
C SER A 211 -9.32 -14.92 -1.54
N TYR A 212 -8.14 -15.23 -0.95
CA TYR A 212 -7.02 -15.87 -1.67
C TYR A 212 -7.43 -17.27 -2.13
N ALA A 213 -8.28 -17.94 -1.34
CA ALA A 213 -8.83 -19.27 -1.64
C ALA A 213 -9.58 -19.27 -2.99
N ALA A 214 -10.42 -18.24 -3.18
CA ALA A 214 -11.22 -18.07 -4.41
C ALA A 214 -10.33 -17.68 -5.60
N ALA A 215 -9.36 -16.78 -5.32
CA ALA A 215 -8.43 -16.24 -6.34
C ALA A 215 -7.56 -17.34 -6.96
N LYS A 216 -6.96 -18.17 -6.10
CA LYS A 216 -5.94 -19.15 -6.51
C LYS A 216 -6.59 -20.41 -7.13
N SER A 217 -7.81 -20.75 -6.68
CA SER A 217 -8.53 -21.96 -7.13
C SER A 217 -9.06 -21.82 -8.58
N SER A 218 -9.02 -20.59 -9.14
CA SER A 218 -9.53 -20.30 -10.49
C SER A 218 -8.64 -20.91 -11.60
N PRO A 219 -9.24 -21.63 -12.61
CA PRO A 219 -8.49 -22.21 -13.76
C PRO A 219 -7.95 -21.15 -14.75
N HIS A 220 -8.41 -19.88 -14.59
CA HIS A 220 -7.88 -18.70 -15.33
C HIS A 220 -6.37 -18.55 -15.11
N LEU A 221 -5.93 -18.86 -13.88
CA LEU A 221 -4.52 -18.77 -13.46
C LEU A 221 -3.67 -19.79 -14.20
N GLU A 222 -4.21 -21.00 -14.38
CA GLU A 222 -3.52 -22.09 -15.05
C GLU A 222 -3.39 -21.82 -16.56
N LEU A 223 -4.36 -21.08 -17.13
CA LEU A 223 -4.30 -20.66 -18.54
C LEU A 223 -3.06 -19.79 -18.80
N LEU A 224 -2.80 -18.85 -17.87
CA LEU A 224 -1.68 -17.90 -17.98
C LEU A 224 -0.35 -18.55 -17.54
N ARG A 225 -0.40 -19.36 -16.47
CA ARG A 225 0.81 -19.95 -15.83
C ARG A 225 1.46 -20.97 -16.77
N LYS A 226 0.64 -21.70 -17.54
CA LYS A 226 1.11 -22.63 -18.57
C LYS A 226 1.64 -21.88 -19.80
N LYS A 227 1.13 -20.65 -20.02
CA LYS A 227 1.61 -19.73 -21.08
C LYS A 227 3.00 -19.16 -20.69
N GLY A 228 3.27 -19.09 -19.37
CA GLY A 228 4.54 -18.57 -18.82
C GLY A 228 4.40 -17.18 -18.20
N ILE A 229 3.15 -16.78 -17.93
CA ILE A 229 2.81 -15.47 -17.34
C ILE A 229 2.40 -15.66 -15.85
N GLU A 230 2.79 -14.69 -15.01
CA GLU A 230 2.44 -14.68 -13.57
C GLU A 230 1.08 -13.96 -13.39
N VAL A 231 0.25 -14.47 -12.45
CA VAL A 231 -1.10 -13.93 -12.19
C VAL A 231 -1.12 -13.32 -10.79
N LEU A 232 -1.37 -12.00 -10.71
CA LEU A 232 -1.37 -11.24 -9.46
C LEU A 232 -2.74 -11.45 -8.76
N LEU A 233 -2.71 -11.98 -7.53
CA LEU A 233 -3.93 -12.37 -6.77
C LEU A 233 -4.30 -11.27 -5.76
N LEU A 234 -5.52 -10.71 -5.93
CA LEU A 234 -6.10 -9.71 -5.02
C LEU A 234 -7.09 -10.43 -4.10
N SER A 235 -6.69 -10.61 -2.85
CA SER A 235 -7.40 -11.47 -1.90
C SER A 235 -8.30 -10.66 -0.93
N ASP A 236 -8.18 -9.32 -0.97
CA ASP A 236 -8.92 -8.44 -0.05
C ASP A 236 -10.10 -7.77 -0.76
N ARG A 237 -11.16 -7.48 0.00
CA ARG A 237 -12.42 -6.90 -0.51
C ARG A 237 -12.22 -5.41 -0.84
N ILE A 238 -11.32 -4.75 -0.10
CA ILE A 238 -10.97 -3.32 -0.31
C ILE A 238 -10.20 -3.11 -1.64
N ASP A 239 -9.65 -4.22 -2.20
CA ASP A 239 -8.89 -4.19 -3.46
C ASP A 239 -9.73 -3.66 -4.64
N GLU A 240 -10.92 -4.24 -4.86
CA GLU A 240 -11.77 -3.93 -6.04
C GLU A 240 -12.22 -2.44 -6.07
N TRP A 241 -12.28 -1.81 -4.89
CA TRP A 241 -12.48 -0.35 -4.75
C TRP A 241 -11.17 0.39 -5.16
N MET A 242 -10.04 -0.06 -4.59
CA MET A 242 -8.68 0.50 -4.87
C MET A 242 -8.35 0.46 -6.39
N MET A 243 -8.93 -0.55 -7.09
CA MET A 243 -8.74 -0.77 -8.52
C MET A 243 -9.31 0.36 -9.39
N ASN A 244 -10.23 1.15 -8.83
CA ASN A 244 -10.93 2.22 -9.58
C ASN A 244 -10.00 3.42 -9.85
N TYR A 245 -8.92 3.55 -9.06
CA TYR A 245 -7.83 4.51 -9.33
C TYR A 245 -6.62 3.79 -9.94
N LEU A 246 -6.21 2.67 -9.31
CA LEU A 246 -5.16 1.81 -9.86
C LEU A 246 -5.75 0.86 -10.89
N THR A 247 -6.06 1.43 -12.06
CA THR A 247 -6.43 0.72 -13.29
C THR A 247 -5.18 0.46 -14.14
N GLU A 248 -4.10 1.20 -13.83
CA GLU A 248 -2.85 1.21 -14.60
C GLU A 248 -1.64 1.51 -13.68
N PHE A 249 -0.48 0.89 -13.97
CA PHE A 249 0.80 1.11 -13.23
C PHE A 249 1.95 1.23 -14.24
N ASP A 250 2.67 2.37 -14.19
CA ASP A 250 3.85 2.66 -15.05
C ASP A 250 3.47 2.59 -16.55
N GLY A 251 2.26 3.11 -16.86
CA GLY A 251 1.74 3.20 -18.24
C GLY A 251 1.21 1.87 -18.80
N LYS A 252 1.24 0.81 -17.97
CA LYS A 252 0.84 -0.55 -18.35
C LYS A 252 -0.56 -0.85 -17.80
N PRO A 253 -1.59 -1.08 -18.68
CA PRO A 253 -2.99 -1.32 -18.23
C PRO A 253 -3.16 -2.70 -17.55
N PHE A 254 -3.93 -2.70 -16.45
CA PHE A 254 -4.28 -3.93 -15.73
C PHE A 254 -5.36 -4.72 -16.49
N GLN A 255 -5.43 -6.02 -16.22
CA GLN A 255 -6.36 -6.95 -16.87
C GLN A 255 -6.85 -7.97 -15.82
N SER A 256 -8.12 -7.90 -15.40
CA SER A 256 -8.68 -8.92 -14.49
C SER A 256 -9.09 -10.13 -15.33
N VAL A 257 -8.51 -11.29 -15.00
CA VAL A 257 -8.72 -12.56 -15.72
C VAL A 257 -10.10 -13.16 -15.39
N SER A 258 -10.71 -12.65 -14.32
CA SER A 258 -12.10 -12.96 -13.92
C SER A 258 -13.09 -12.60 -15.07
N LYS A 259 -12.65 -11.72 -15.99
CA LYS A 259 -13.33 -11.45 -17.27
C LYS A 259 -12.33 -11.64 -18.42
N VAL A 260 -12.86 -11.81 -19.63
CA VAL A 260 -12.06 -11.99 -20.86
C VAL A 260 -12.38 -10.85 -21.84
N ASP A 261 -11.32 -10.26 -22.42
CA ASP A 261 -11.40 -9.29 -23.53
C ASP A 261 -10.57 -9.88 -24.70
N GLU A 262 -9.87 -9.04 -25.49
CA GLU A 262 -8.95 -9.53 -26.55
C GLU A 262 -7.80 -10.36 -25.92
N SER A 263 -7.48 -10.04 -24.66
CA SER A 263 -6.31 -10.56 -23.92
C SER A 263 -6.22 -12.10 -23.94
N LEU A 264 -7.23 -12.79 -23.37
CA LEU A 264 -7.22 -14.26 -23.23
C LEU A 264 -7.79 -14.96 -24.48
N GLU A 265 -8.11 -14.18 -25.55
CA GLU A 265 -8.59 -14.73 -26.84
C GLU A 265 -7.41 -15.35 -27.61
N LYS A 266 -6.37 -14.53 -27.89
CA LYS A 266 -5.15 -14.99 -28.59
C LYS A 266 -4.19 -15.72 -27.61
N LEU A 267 -4.37 -15.50 -26.30
CA LEU A 267 -3.52 -16.12 -25.26
C LEU A 267 -3.88 -17.61 -25.06
N ALA A 268 -5.18 -17.95 -25.21
CA ALA A 268 -5.68 -19.34 -25.03
C ALA A 268 -5.53 -20.15 -26.32
N LYS B 5 30.60 6.24 10.81
CA LYS B 5 30.73 4.93 11.45
C LYS B 5 30.81 5.09 12.97
N LYS B 6 31.79 5.90 13.38
CA LYS B 6 32.14 6.11 14.79
C LYS B 6 32.84 7.49 14.90
N ILE B 7 32.09 8.55 14.46
CA ILE B 7 32.57 9.98 14.37
C ILE B 7 34.02 10.07 13.80
N GLU B 8 34.92 10.87 14.43
CA GLU B 8 36.36 10.92 14.12
C GLU B 8 36.64 11.57 12.74
N VAL B 9 36.51 10.76 11.67
CA VAL B 9 36.79 11.19 10.28
C VAL B 9 35.46 11.23 9.47
N GLU B 10 34.53 10.32 9.83
CA GLU B 10 33.20 10.26 9.21
C GLU B 10 32.25 11.21 9.97
N PHE B 11 31.71 12.21 9.24
CA PHE B 11 30.75 13.19 9.79
C PHE B 11 29.51 12.48 10.34
N ASP B 12 29.12 12.83 11.59
CA ASP B 12 27.88 12.33 12.20
C ASP B 12 26.67 12.83 11.38
N LYS B 13 26.06 11.90 10.62
CA LYS B 13 24.81 12.15 9.84
C LYS B 13 24.97 13.41 8.96
N GLY B 14 25.67 13.22 7.82
CA GLY B 14 26.14 14.32 6.96
C GLY B 14 25.07 15.33 6.58
N GLN B 15 25.08 16.48 7.28
CA GLN B 15 24.20 17.65 7.03
C GLN B 15 22.71 17.29 7.30
N ARG B 16 22.49 16.38 8.27
CA ARG B 16 21.15 15.84 8.65
C ARG B 16 20.49 15.09 7.48
N THR B 17 19.23 14.66 7.68
CA THR B 17 18.38 14.14 6.60
C THR B 17 17.61 15.32 5.97
N ASP B 18 17.64 15.38 4.63
CA ASP B 18 16.96 16.46 3.87
C ASP B 18 15.45 16.17 3.74
N LYS B 19 14.67 17.23 3.53
CA LYS B 19 13.22 17.15 3.34
C LYS B 19 12.88 17.72 1.95
N TYR B 20 12.70 16.84 0.97
CA TYR B 20 12.19 17.23 -0.36
C TYR B 20 10.66 17.13 -0.34
N GLY B 21 9.98 18.28 -0.46
CA GLY B 21 8.51 18.33 -0.51
C GLY B 21 8.00 18.47 -1.94
N ARG B 22 6.68 18.71 -2.09
CA ARG B 22 6.05 18.96 -3.40
C ARG B 22 4.64 19.56 -3.21
N GLY B 23 3.69 18.72 -2.75
CA GLY B 23 2.28 19.09 -2.66
C GLY B 23 1.42 17.97 -3.25
N LEU B 24 0.74 17.21 -2.38
CA LEU B 24 -0.08 16.05 -2.76
C LEU B 24 -1.51 16.50 -3.14
N ALA B 25 -2.31 15.55 -3.63
CA ALA B 25 -3.68 15.80 -4.11
C ALA B 25 -4.66 14.96 -3.28
N TYR B 26 -4.98 15.46 -2.09
CA TYR B 26 -5.96 14.82 -1.19
C TYR B 26 -7.37 15.10 -1.70
N ILE B 27 -8.18 14.05 -1.79
CA ILE B 27 -9.57 14.11 -2.24
C ILE B 27 -10.49 13.60 -1.10
N TYR B 28 -10.88 12.29 -1.12
CA TYR B 28 -11.75 11.65 -0.12
C TYR B 28 -12.11 10.26 -0.66
N ALA B 29 -11.81 9.21 0.12
CA ALA B 29 -12.06 7.81 -0.27
C ALA B 29 -13.56 7.49 -0.17
N ASP B 30 -14.34 7.82 -1.24
CA ASP B 30 -15.80 7.60 -1.26
C ASP B 30 -16.36 7.56 -2.71
N GLY B 31 -17.00 8.65 -3.18
CA GLY B 31 -17.81 8.64 -4.40
C GLY B 31 -17.37 9.65 -5.42
N LYS B 32 -16.11 9.53 -5.83
CA LYS B 32 -15.52 10.33 -6.91
C LYS B 32 -14.33 9.52 -7.48
N MET B 33 -14.53 8.19 -7.49
CA MET B 33 -13.47 7.20 -7.75
C MET B 33 -14.04 6.00 -8.50
N VAL B 34 -15.12 5.42 -7.93
CA VAL B 34 -15.74 4.18 -8.42
C VAL B 34 -16.52 4.47 -9.71
N ASN B 35 -15.81 4.39 -10.84
CA ASN B 35 -16.33 4.68 -12.19
C ASN B 35 -15.74 3.68 -13.19
N GLU B 36 -14.40 3.65 -13.26
CA GLU B 36 -13.65 2.77 -14.18
C GLU B 36 -13.15 1.52 -13.43
N ALA B 37 -13.20 0.37 -14.11
CA ALA B 37 -12.65 -0.92 -13.63
C ALA B 37 -11.36 -1.23 -14.44
N LEU B 38 -10.87 -2.48 -14.39
CA LEU B 38 -9.66 -2.91 -15.15
C LEU B 38 -9.94 -2.96 -16.68
N VAL B 39 -8.97 -3.49 -17.44
CA VAL B 39 -8.99 -3.64 -18.92
C VAL B 39 -9.25 -2.29 -19.65
N ARG B 40 -8.18 -1.45 -19.73
CA ARG B 40 -8.21 -0.17 -20.45
C ARG B 40 -8.02 -0.42 -21.97
N GLN B 41 -6.75 -0.56 -22.40
CA GLN B 41 -6.40 -0.84 -23.81
C GLN B 41 -6.28 -2.35 -24.04
N GLY B 42 -6.84 -2.82 -25.17
CA GLY B 42 -6.77 -4.23 -25.56
C GLY B 42 -5.39 -4.60 -26.10
N LEU B 43 -5.01 -5.86 -25.91
CA LEU B 43 -3.66 -6.37 -26.19
C LEU B 43 -3.67 -7.88 -25.95
N ALA B 44 -3.26 -8.65 -26.97
CA ALA B 44 -3.15 -10.12 -26.87
C ALA B 44 -2.00 -10.64 -27.73
N LYS B 45 -1.22 -9.74 -28.35
CA LYS B 45 -0.09 -10.11 -29.20
C LYS B 45 1.05 -10.66 -28.33
N VAL B 46 0.91 -11.94 -27.94
CA VAL B 46 1.83 -12.67 -27.05
C VAL B 46 2.47 -13.83 -27.85
N ALA B 47 2.89 -14.91 -27.15
CA ALA B 47 3.35 -16.16 -27.80
C ALA B 47 2.18 -16.86 -28.52
N TYR B 48 2.53 -17.78 -29.43
CA TYR B 48 1.57 -18.59 -30.23
C TYR B 48 0.74 -19.53 -29.33
N VAL B 49 -0.41 -19.99 -29.84
CA VAL B 49 -1.28 -20.96 -29.15
C VAL B 49 -0.81 -22.40 -29.45
N TYR B 50 -1.08 -23.32 -28.51
CA TYR B 50 -0.84 -24.75 -28.72
C TYR B 50 -1.95 -25.30 -29.64
N LYS B 51 -3.20 -25.03 -29.20
CA LYS B 51 -4.44 -25.39 -29.93
C LYS B 51 -5.53 -24.34 -29.63
N PRO B 52 -6.61 -24.26 -30.50
CA PRO B 52 -7.89 -23.64 -30.12
C PRO B 52 -8.68 -24.54 -29.12
N ASN B 53 -9.88 -24.10 -28.72
CA ASN B 53 -10.74 -24.88 -27.79
C ASN B 53 -11.46 -26.02 -28.55
N ASN B 54 -11.78 -25.75 -29.83
CA ASN B 54 -12.36 -26.75 -30.79
C ASN B 54 -13.68 -27.37 -30.27
N THR B 55 -14.51 -26.54 -29.60
CA THR B 55 -15.78 -26.98 -28.98
C THR B 55 -16.75 -27.59 -30.01
N HIS B 56 -16.74 -27.01 -31.24
CA HIS B 56 -17.66 -27.33 -32.34
C HIS B 56 -19.06 -26.78 -32.01
N GLU B 57 -19.64 -26.00 -32.92
CA GLU B 57 -20.91 -25.26 -32.67
C GLU B 57 -22.14 -26.20 -32.51
N GLN B 58 -22.84 -26.56 -33.61
CA GLN B 58 -24.17 -27.22 -33.53
C GLN B 58 -24.05 -28.77 -33.34
N HIS B 59 -22.89 -29.26 -32.84
CA HIS B 59 -22.63 -30.69 -32.56
C HIS B 59 -22.61 -31.54 -33.86
N LEU B 60 -23.81 -31.84 -34.39
CA LEU B 60 -24.00 -32.57 -35.66
C LEU B 60 -24.89 -31.73 -36.60
N ARG B 61 -25.08 -32.24 -37.83
CA ARG B 61 -25.97 -31.68 -38.86
C ARG B 61 -25.43 -30.35 -39.44
N LYS B 62 -25.53 -29.27 -38.63
CA LYS B 62 -25.14 -27.88 -38.98
C LYS B 62 -26.06 -27.32 -40.08
N SER B 63 -25.89 -27.81 -41.31
CA SER B 63 -26.78 -27.52 -42.45
C SER B 63 -27.46 -28.83 -42.90
N GLU B 64 -26.66 -29.85 -43.29
CA GLU B 64 -27.15 -31.17 -43.75
C GLU B 64 -26.15 -32.30 -43.34
N ALA B 65 -25.07 -32.43 -44.14
CA ALA B 65 -24.16 -33.59 -44.12
C ALA B 65 -23.21 -33.55 -42.90
N GLN B 66 -23.66 -34.14 -41.79
CA GLN B 66 -22.88 -34.37 -40.55
C GLN B 66 -23.73 -35.22 -39.60
N ALA B 67 -23.25 -36.43 -39.26
CA ALA B 67 -24.01 -37.42 -38.47
C ALA B 67 -23.09 -38.20 -37.52
N LYS B 68 -23.68 -39.12 -36.75
CA LYS B 68 -22.94 -39.98 -35.80
C LYS B 68 -23.66 -41.36 -35.75
N LYS B 69 -23.36 -42.17 -34.72
CA LYS B 69 -24.00 -43.48 -34.51
C LYS B 69 -25.47 -43.29 -34.03
N GLU B 70 -26.41 -43.25 -35.00
CA GLU B 70 -27.85 -42.98 -34.77
C GLU B 70 -28.48 -44.09 -33.91
N LYS B 71 -29.53 -43.72 -33.13
CA LYS B 71 -30.17 -44.58 -32.12
C LYS B 71 -29.18 -44.93 -30.99
N LEU B 72 -28.29 -45.93 -31.25
CA LEU B 72 -27.24 -46.39 -30.30
C LEU B 72 -27.84 -46.91 -28.96
N ASN B 73 -29.16 -47.14 -28.97
CA ASN B 73 -29.94 -47.49 -27.76
C ASN B 73 -29.98 -49.01 -27.55
N ILE B 74 -30.57 -49.43 -26.44
CA ILE B 74 -30.89 -50.83 -26.18
C ILE B 74 -32.42 -50.98 -26.15
N TRP B 75 -32.93 -52.08 -26.74
CA TRP B 75 -34.37 -52.34 -26.93
C TRP B 75 -35.00 -51.23 -27.81
N ALA A 4 16.07 18.63 32.40
CA ALA A 4 14.62 18.89 32.33
C ALA A 4 14.27 19.65 31.05
N GLN A 5 14.17 18.90 29.93
CA GLN A 5 13.74 19.43 28.62
C GLN A 5 12.98 18.34 27.86
N ALA A 6 12.04 18.79 27.02
CA ALA A 6 11.24 17.94 26.12
C ALA A 6 12.15 17.14 25.17
N LEU A 7 12.06 15.80 25.27
CA LEU A 7 12.85 14.85 24.46
C LEU A 7 12.57 15.07 22.97
N TRP A 8 11.27 15.19 22.62
CA TRP A 8 10.83 15.36 21.23
C TRP A 8 11.38 16.68 20.63
N THR A 9 11.35 17.78 21.43
CA THR A 9 11.79 19.12 20.99
C THR A 9 13.33 19.21 20.90
N ARG A 10 14.02 18.41 21.74
CA ARG A 10 15.48 18.44 21.90
C ARG A 10 16.19 17.87 20.64
N ASN A 11 17.45 18.31 20.42
CA ASN A 11 18.23 17.96 19.23
C ASN A 11 18.51 16.44 19.15
N LYS A 12 18.50 15.92 17.92
CA LYS A 12 18.65 14.50 17.60
C LYS A 12 20.00 13.93 18.09
N SER A 13 21.06 14.78 18.05
CA SER A 13 22.44 14.40 18.41
C SER A 13 22.59 14.06 19.91
N GLU A 14 21.68 14.61 20.74
CA GLU A 14 21.65 14.34 22.19
C GLU A 14 20.90 13.02 22.49
N ILE A 15 20.06 12.58 21.54
CA ILE A 15 19.09 11.49 21.73
C ILE A 15 19.58 10.20 21.05
N THR A 16 19.73 9.12 21.84
CA THR A 16 20.12 7.79 21.32
C THR A 16 18.87 6.98 20.91
N ASP A 17 19.12 5.87 20.19
CA ASP A 17 18.08 4.92 19.69
C ASP A 17 17.23 4.39 20.84
N GLU A 18 17.88 4.21 22.00
CA GLU A 18 17.26 3.68 23.23
C GLU A 18 16.11 4.59 23.69
N GLU A 19 16.37 5.91 23.63
CA GLU A 19 15.39 6.95 23.99
C GLU A 19 14.14 6.85 23.09
N TYR A 20 14.38 6.66 21.79
CA TYR A 20 13.31 6.53 20.78
C TYR A 20 12.42 5.29 21.02
N LYS A 21 13.04 4.16 21.43
CA LYS A 21 12.31 2.88 21.71
C LYS A 21 11.35 3.07 22.90
N GLU A 22 11.89 3.67 23.98
CA GLU A 22 11.15 3.92 25.23
C GLU A 22 10.04 4.97 25.01
N PHE A 23 10.40 6.01 24.25
CA PHE A 23 9.51 7.15 23.96
C PHE A 23 8.39 6.73 23.02
N TYR A 24 8.69 5.74 22.13
CA TYR A 24 7.70 5.07 21.28
C TYR A 24 6.58 4.47 22.15
N LYS A 25 7.00 3.71 23.18
CA LYS A 25 6.07 3.02 24.10
C LYS A 25 5.15 4.04 24.81
N HIS A 26 5.69 5.24 25.09
CA HIS A 26 4.91 6.34 25.71
C HIS A 26 3.81 6.83 24.74
N ILE A 27 4.23 7.24 23.53
CA ILE A 27 3.33 7.90 22.55
C ILE A 27 2.38 6.91 21.84
N ALA A 28 2.78 5.62 21.78
CA ALA A 28 2.02 4.57 21.05
C ALA A 28 1.04 3.88 22.00
N HIS A 29 1.40 3.88 23.31
CA HIS A 29 0.65 3.22 24.42
C HIS A 29 0.83 1.69 24.39
N ASP A 30 1.80 1.22 23.57
CA ASP A 30 2.17 -0.21 23.44
C ASP A 30 3.53 -0.46 24.11
N PHE A 31 4.04 -1.69 24.02
CA PHE A 31 5.35 -2.08 24.60
C PHE A 31 6.24 -2.78 23.54
N ASN A 32 5.77 -2.70 22.28
CA ASN A 32 6.42 -3.33 21.11
C ASN A 32 7.75 -2.61 20.76
N ASP A 33 8.48 -3.19 19.81
CA ASP A 33 9.60 -2.50 19.15
C ASP A 33 9.05 -1.58 18.04
N PRO A 34 9.74 -0.43 17.73
CA PRO A 34 9.47 0.32 16.49
C PRO A 34 10.18 -0.36 15.30
N LEU A 35 9.50 -0.41 14.14
CA LEU A 35 10.10 -0.90 12.88
C LEU A 35 11.18 0.10 12.42
N THR A 36 10.77 1.37 12.40
CA THR A 36 11.64 2.52 12.10
C THR A 36 10.91 3.80 12.56
N TRP A 37 11.64 4.93 12.57
CA TRP A 37 11.11 6.23 12.99
C TRP A 37 11.76 7.36 12.17
N SER A 38 11.25 8.57 12.35
CA SER A 38 11.73 9.78 11.68
C SER A 38 11.62 10.96 12.65
N HIS A 39 12.76 11.41 13.19
CA HIS A 39 12.82 12.61 14.03
C HIS A 39 13.41 13.71 13.16
N ASN A 40 12.68 14.81 13.01
CA ASN A 40 13.12 15.93 12.19
C ASN A 40 12.38 17.20 12.61
N ARG A 41 13.12 18.28 12.85
CA ARG A 41 12.54 19.60 13.14
C ARG A 41 12.71 20.48 11.90
N VAL A 42 11.65 21.21 11.58
CA VAL A 42 11.57 22.16 10.47
C VAL A 42 11.38 23.55 11.08
N GLU A 43 12.02 24.56 10.49
CA GLU A 43 11.96 25.96 10.97
C GLU A 43 11.96 26.92 9.77
N GLY A 44 11.55 28.16 10.03
CA GLY A 44 11.41 29.20 9.01
C GLY A 44 10.11 29.94 9.21
N LYS A 45 9.16 29.80 8.24
CA LYS A 45 7.79 30.32 8.39
C LYS A 45 7.05 29.49 9.46
N GLN A 46 7.01 28.16 9.23
CA GLN A 46 6.38 27.20 10.16
C GLN A 46 7.47 26.39 10.87
N GLU A 47 7.70 26.72 12.16
CA GLU A 47 8.59 25.94 13.02
C GLU A 47 7.78 24.89 13.78
N TYR A 48 8.20 23.63 13.65
CA TYR A 48 7.60 22.48 14.33
C TYR A 48 8.62 21.34 14.42
N THR A 49 8.68 20.67 15.57
CA THR A 49 9.51 19.47 15.75
C THR A 49 8.63 18.23 15.59
N SER A 50 8.87 17.46 14.53
CA SER A 50 8.11 16.24 14.24
C SER A 50 8.92 14.99 14.65
N LEU A 51 8.23 13.97 15.15
CA LEU A 51 8.82 12.71 15.59
C LEU A 51 7.76 11.60 15.42
N LEU A 52 7.85 10.92 14.26
CA LEU A 52 6.92 9.86 13.85
C LEU A 52 7.54 8.49 14.17
N TYR A 53 6.69 7.50 14.50
CA TYR A 53 7.11 6.11 14.74
C TYR A 53 6.17 5.18 13.96
N ILE A 54 6.73 4.08 13.44
CA ILE A 54 5.97 3.00 12.81
C ILE A 54 5.93 1.79 13.77
N PRO A 55 4.72 1.38 14.29
CA PRO A 55 4.58 0.20 15.18
C PRO A 55 4.76 -1.14 14.42
N SER A 56 5.23 -2.17 15.15
CA SER A 56 5.43 -3.52 14.58
C SER A 56 4.09 -4.23 14.34
N GLN A 57 3.10 -3.95 15.20
CA GLN A 57 1.77 -4.57 15.15
C GLN A 57 0.68 -3.51 15.15
N ALA A 58 -0.46 -3.86 14.54
CA ALA A 58 -1.65 -3.01 14.48
C ALA A 58 -2.41 -3.11 15.81
N PRO A 59 -2.60 -1.98 16.57
CA PRO A 59 -3.52 -1.96 17.73
C PRO A 59 -4.94 -2.40 17.30
N TRP A 60 -5.69 -3.00 18.24
CA TRP A 60 -7.03 -3.57 17.94
C TRP A 60 -7.99 -2.47 17.43
N ASP A 61 -7.81 -1.25 17.97
CA ASP A 61 -8.65 -0.09 17.63
C ASP A 61 -8.04 0.75 16.49
N MET A 62 -7.30 0.06 15.60
CA MET A 62 -6.82 0.65 14.32
C MET A 62 -7.95 0.64 13.27
N TRP A 63 -8.89 -0.31 13.43
CA TRP A 63 -9.99 -0.54 12.45
C TRP A 63 -11.37 -0.47 13.13
N ASN A 64 -11.39 -0.04 14.40
CA ASN A 64 -12.60 -0.02 15.24
C ASN A 64 -13.24 1.39 15.24
N ARG A 65 -14.45 1.52 15.85
CA ARG A 65 -15.08 2.84 16.08
C ARG A 65 -14.38 3.56 17.25
N ASP A 66 -13.65 2.79 18.09
CA ASP A 66 -12.68 3.33 19.05
C ASP A 66 -11.35 3.54 18.32
N HIS A 67 -10.58 4.54 18.77
CA HIS A 67 -9.36 4.99 18.10
C HIS A 67 -8.11 4.77 18.99
N LYS A 68 -7.00 4.38 18.33
CA LYS A 68 -5.64 4.33 18.96
C LYS A 68 -4.59 5.03 18.08
N HIS A 69 -4.95 5.26 16.80
CA HIS A 69 -4.05 5.81 15.75
C HIS A 69 -3.74 7.32 15.95
N GLY A 70 -2.89 7.90 15.08
CA GLY A 70 -2.76 9.38 15.00
C GLY A 70 -1.50 9.92 15.69
N LEU A 71 -1.37 11.27 15.72
CA LEU A 71 -0.23 11.97 16.34
C LEU A 71 -0.68 12.76 17.58
N LYS A 72 0.26 13.04 18.48
CA LYS A 72 0.01 13.89 19.65
C LYS A 72 0.42 15.33 19.31
N LEU A 73 -0.57 16.22 19.20
CA LEU A 73 -0.34 17.65 18.97
C LEU A 73 0.15 18.32 20.28
N TYR A 74 1.33 18.95 20.18
CA TYR A 74 1.88 19.86 21.19
C TYR A 74 2.04 21.24 20.53
N VAL A 75 1.87 22.31 21.31
CA VAL A 75 2.20 23.68 20.89
C VAL A 75 3.06 24.32 21.98
N GLN A 76 4.37 24.45 21.70
CA GLN A 76 5.36 25.12 22.58
C GLN A 76 5.51 24.34 23.91
N ARG A 77 5.64 23.00 23.75
CA ARG A 77 5.78 22.00 24.84
C ARG A 77 4.51 21.89 25.71
N VAL A 78 3.38 22.41 25.21
CA VAL A 78 2.06 22.27 25.86
C VAL A 78 1.24 21.23 25.10
N PHE A 79 0.99 20.08 25.73
CA PHE A 79 0.20 18.98 25.14
C PHE A 79 -1.26 19.43 24.96
N ILE A 80 -1.72 19.45 23.71
CA ILE A 80 -3.06 19.91 23.32
C ILE A 80 -4.00 18.72 23.09
N MET A 81 -3.57 17.77 22.22
CA MET A 81 -4.44 16.70 21.72
C MET A 81 -3.65 15.41 21.45
N ASP A 82 -4.22 14.26 21.82
CA ASP A 82 -3.73 12.92 21.43
C ASP A 82 -4.62 12.41 20.28
N ASP A 83 -4.09 11.49 19.47
CA ASP A 83 -4.84 10.74 18.43
C ASP A 83 -5.31 11.71 17.30
N ALA A 84 -4.57 12.82 17.14
CA ALA A 84 -4.82 13.80 16.08
C ALA A 84 -4.30 13.24 14.75
N GLU A 85 -5.18 12.52 14.05
CA GLU A 85 -4.95 12.01 12.68
C GLU A 85 -5.16 13.13 11.63
N GLN A 86 -5.37 14.37 12.13
CA GLN A 86 -5.48 15.59 11.31
C GLN A 86 -4.14 15.95 10.60
N PHE A 87 -3.02 15.31 11.01
CA PHE A 87 -1.69 15.52 10.42
C PHE A 87 -1.29 14.39 9.45
N MET A 88 -2.14 13.35 9.37
CA MET A 88 -1.89 12.15 8.55
C MET A 88 -3.15 11.86 7.70
N PRO A 89 -3.00 11.27 6.47
CA PRO A 89 -4.15 10.69 5.74
C PRO A 89 -4.56 9.33 6.35
N ASN A 90 -5.61 8.73 5.79
CA ASN A 90 -6.18 7.45 6.28
C ASN A 90 -5.22 6.28 5.93
N TYR A 91 -4.40 6.45 4.87
CA TYR A 91 -3.39 5.45 4.48
C TYR A 91 -2.11 5.54 5.32
N LEU A 92 -2.03 6.53 6.23
CA LEU A 92 -0.97 6.64 7.23
C LEU A 92 -1.58 6.68 8.63
N ARG A 93 -2.69 5.93 8.82
CA ARG A 93 -3.34 5.82 10.15
C ARG A 93 -2.41 5.08 11.15
N PHE A 94 -1.52 4.20 10.62
CA PHE A 94 -0.61 3.38 11.44
C PHE A 94 0.36 4.23 12.27
N VAL A 95 0.71 5.42 11.74
CA VAL A 95 1.71 6.31 12.33
C VAL A 95 1.25 6.79 13.74
N ARG A 96 2.06 6.45 14.75
CA ARG A 96 1.93 6.99 16.10
C ARG A 96 3.18 7.81 16.37
N GLY A 97 2.99 8.96 16.99
CA GLY A 97 4.07 9.88 17.27
C GLY A 97 3.53 11.17 17.80
N LEU A 98 4.17 12.28 17.41
CA LEU A 98 3.83 13.61 17.91
C LEU A 98 4.51 14.69 17.07
N ILE A 99 4.01 15.92 17.24
CA ILE A 99 4.49 17.10 16.52
C ILE A 99 4.29 18.33 17.43
N ASP A 100 5.40 18.99 17.79
CA ASP A 100 5.39 20.21 18.61
C ASP A 100 5.51 21.44 17.72
N SER A 101 4.40 22.13 17.46
CA SER A 101 4.40 23.34 16.67
C SER A 101 4.64 24.58 17.56
N SER A 102 5.34 25.56 17.01
CA SER A 102 5.46 26.92 17.57
C SER A 102 4.86 27.94 16.58
N ASP A 103 4.31 27.43 15.46
CA ASP A 103 3.66 28.24 14.40
C ASP A 103 2.15 28.29 14.64
N LEU A 104 1.55 27.10 14.86
CA LEU A 104 0.10 26.96 15.14
C LEU A 104 -0.24 27.63 16.49
N PRO A 105 -1.36 28.43 16.57
CA PRO A 105 -1.80 29.08 17.84
C PRO A 105 -2.13 28.05 18.94
N LEU A 106 -2.14 28.49 20.21
CA LEU A 106 -2.35 27.59 21.37
C LEU A 106 -3.84 27.11 21.46
N ASN A 107 -4.75 27.85 20.79
CA ASN A 107 -6.21 27.53 20.78
C ASN A 107 -6.55 26.49 19.70
N VAL A 108 -5.52 25.92 19.06
CA VAL A 108 -5.64 24.94 17.97
C VAL A 108 -6.49 23.69 18.39
N SER A 109 -7.55 23.43 17.63
CA SER A 109 -8.48 22.30 17.87
C SER A 109 -8.82 21.64 16.51
N ARG A 110 -9.78 20.68 16.50
CA ARG A 110 -10.16 19.87 15.31
C ARG A 110 -10.45 20.74 14.06
N GLU A 111 -11.15 21.86 14.28
CA GLU A 111 -11.60 22.76 13.19
C GLU A 111 -10.41 23.48 12.56
N ILE A 112 -9.48 23.97 13.41
CA ILE A 112 -8.21 24.58 12.96
C ILE A 112 -7.35 23.54 12.22
N LEU A 113 -7.36 22.32 12.73
CA LEU A 113 -6.58 21.20 12.18
C LEU A 113 -7.18 20.69 10.84
N GLN A 114 -8.48 20.93 10.64
CA GLN A 114 -9.19 20.56 9.41
C GLN A 114 -9.06 21.68 8.35
N ASP A 115 -9.11 22.94 8.82
CA ASP A 115 -9.28 24.13 7.96
C ASP A 115 -7.94 24.75 7.54
N SER A 116 -7.06 25.01 8.53
CA SER A 116 -5.85 25.83 8.36
C SER A 116 -4.92 25.30 7.25
N THR A 117 -4.36 26.26 6.50
CA THR A 117 -3.47 26.01 5.37
C THR A 117 -2.08 25.56 5.86
N VAL A 118 -1.72 25.98 7.09
CA VAL A 118 -0.47 25.56 7.76
C VAL A 118 -0.52 24.07 8.14
N THR A 119 -1.73 23.57 8.53
CA THR A 119 -1.94 22.16 8.89
C THR A 119 -2.01 21.28 7.61
N ARG A 120 -2.46 21.91 6.50
CA ARG A 120 -2.47 21.31 5.15
C ARG A 120 -1.00 21.03 4.70
N ASN A 121 -0.15 22.07 4.86
CA ASN A 121 1.29 22.02 4.51
C ASN A 121 2.05 21.06 5.47
N LEU A 122 1.64 21.09 6.75
CA LEU A 122 2.20 20.25 7.82
C LEU A 122 1.93 18.76 7.53
N ARG A 123 0.69 18.45 7.09
CA ARG A 123 0.30 17.08 6.69
C ARG A 123 1.13 16.65 5.47
N ASN A 124 1.28 17.58 4.50
CA ASN A 124 2.02 17.33 3.23
C ASN A 124 3.48 16.90 3.50
N ALA A 125 4.19 17.67 4.33
CA ALA A 125 5.62 17.46 4.61
C ALA A 125 5.86 16.15 5.38
N LEU A 126 4.90 15.77 6.24
CA LEU A 126 4.99 14.54 7.07
C LEU A 126 4.59 13.29 6.26
N THR A 127 3.52 13.41 5.46
CA THR A 127 2.95 12.29 4.70
C THR A 127 3.95 11.76 3.66
N LYS A 128 4.50 12.70 2.89
CA LYS A 128 5.46 12.42 1.82
C LYS A 128 6.74 11.81 2.42
N ARG A 129 7.10 12.30 3.63
CA ARG A 129 8.26 11.82 4.43
C ARG A 129 8.12 10.30 4.70
N VAL A 130 6.88 9.89 5.06
CA VAL A 130 6.57 8.50 5.44
C VAL A 130 6.64 7.56 4.21
N LEU A 131 6.27 8.05 3.00
CA LEU A 131 6.38 7.26 1.74
C LEU A 131 7.83 6.76 1.53
N GLN A 132 8.79 7.68 1.73
CA GLN A 132 10.22 7.34 1.70
C GLN A 132 10.60 6.39 2.85
N MET A 133 10.09 6.69 4.07
CA MET A 133 10.40 5.91 5.31
C MET A 133 9.94 4.43 5.18
N LEU A 134 8.84 4.22 4.44
CA LEU A 134 8.28 2.89 4.15
C LEU A 134 9.16 2.14 3.16
N GLU A 135 9.61 2.86 2.09
CA GLU A 135 10.43 2.27 1.03
C GLU A 135 11.83 1.93 1.57
N LYS A 136 12.34 2.76 2.49
CA LYS A 136 13.65 2.56 3.17
C LYS A 136 13.62 1.27 4.00
N LEU A 137 12.45 1.03 4.65
CA LEU A 137 12.19 -0.19 5.41
C LEU A 137 12.05 -1.39 4.44
N ALA A 138 11.49 -1.15 3.24
CA ALA A 138 11.30 -2.19 2.20
C ALA A 138 12.64 -2.62 1.57
N LYS A 139 13.60 -1.66 1.52
CA LYS A 139 14.95 -1.90 0.98
C LYS A 139 15.80 -2.70 1.99
N ASP A 140 15.96 -2.09 3.17
CA ASP A 140 16.91 -2.54 4.21
C ASP A 140 16.38 -3.72 5.02
N ASP A 141 15.18 -3.58 5.60
CA ASP A 141 14.64 -4.57 6.56
C ASP A 141 13.25 -5.03 6.09
N ALA A 142 13.26 -5.81 4.99
CA ALA A 142 12.05 -6.40 4.39
C ALA A 142 11.39 -7.45 5.32
N GLU A 143 12.14 -7.89 6.37
CA GLU A 143 11.61 -8.76 7.43
C GLU A 143 10.57 -7.97 8.24
N LYS A 144 10.98 -6.77 8.71
CA LYS A 144 10.10 -5.85 9.45
C LYS A 144 9.01 -5.24 8.56
N TYR A 145 9.32 -5.08 7.26
CA TYR A 145 8.35 -4.56 6.28
C TYR A 145 7.27 -5.61 5.93
N GLN A 146 7.62 -6.90 6.11
CA GLN A 146 6.68 -8.02 5.91
C GLN A 146 5.72 -8.09 7.11
N THR A 147 6.27 -7.87 8.34
CA THR A 147 5.46 -7.76 9.58
C THR A 147 4.49 -6.56 9.46
N PHE A 148 5.03 -5.45 8.91
CA PHE A 148 4.28 -4.22 8.61
C PHE A 148 3.06 -4.54 7.73
N TRP A 149 3.32 -5.22 6.59
CA TRP A 149 2.29 -5.47 5.58
C TRP A 149 1.20 -6.45 6.08
N GLN A 150 1.56 -7.38 6.96
CA GLN A 150 0.61 -8.36 7.55
C GLN A 150 -0.34 -7.69 8.56
N GLN A 151 0.06 -6.52 9.08
CA GLN A 151 -0.73 -5.74 10.05
C GLN A 151 -1.40 -4.51 9.39
N PHE A 152 -0.76 -3.99 8.32
CA PHE A 152 -1.10 -2.67 7.72
C PHE A 152 -1.26 -2.76 6.19
N GLY A 153 -1.55 -3.98 5.69
CA GLY A 153 -1.76 -4.24 4.26
C GLY A 153 -2.93 -3.47 3.68
N LEU A 154 -4.01 -3.42 4.46
CA LEU A 154 -5.27 -2.74 4.08
C LEU A 154 -5.11 -1.20 4.15
N VAL A 155 -4.18 -0.73 5.01
CA VAL A 155 -3.94 0.69 5.26
C VAL A 155 -3.42 1.39 3.97
N LEU A 156 -2.37 0.80 3.35
CA LEU A 156 -1.73 1.36 2.13
C LEU A 156 -2.60 1.22 0.86
N LYS A 157 -3.67 0.41 0.93
CA LYS A 157 -4.65 0.26 -0.18
C LYS A 157 -5.63 1.47 -0.23
N GLU A 158 -5.65 2.26 0.86
CA GLU A 158 -6.28 3.61 0.89
C GLU A 158 -5.36 4.64 0.19
N GLY A 159 -4.10 4.22 -0.06
CA GLY A 159 -3.03 5.04 -0.64
C GLY A 159 -3.42 5.80 -1.91
N PRO A 160 -3.65 5.09 -3.06
CA PRO A 160 -4.00 5.77 -4.36
C PRO A 160 -5.40 6.41 -4.32
N ALA A 161 -6.23 5.97 -3.35
CA ALA A 161 -7.60 6.49 -3.15
C ALA A 161 -7.57 7.97 -2.76
N GLU A 162 -6.59 8.32 -1.89
CA GLU A 162 -6.37 9.70 -1.43
C GLU A 162 -5.36 10.42 -2.34
N ASP A 163 -4.21 9.79 -2.63
CA ASP A 163 -3.17 10.41 -3.48
C ASP A 163 -2.96 9.59 -4.78
N PHE A 164 -3.70 10.02 -5.83
CA PHE A 164 -3.60 9.47 -7.20
C PHE A 164 -2.30 9.94 -7.88
N ALA A 165 -1.80 11.13 -7.50
CA ALA A 165 -0.51 11.66 -8.00
C ALA A 165 0.64 10.73 -7.63
N ASN A 166 0.55 10.17 -6.41
CA ASN A 166 1.56 9.27 -5.83
C ASN A 166 1.23 7.78 -6.17
N GLN A 167 0.46 7.57 -7.27
CA GLN A 167 0.03 6.25 -7.78
C GLN A 167 1.18 5.21 -7.78
N GLU A 168 2.25 5.52 -8.53
CA GLU A 168 3.36 4.60 -8.79
C GLU A 168 4.20 4.34 -7.51
N ALA A 169 4.38 5.41 -6.70
CA ALA A 169 5.17 5.34 -5.44
C ALA A 169 4.53 4.37 -4.44
N ILE A 170 3.21 4.51 -4.26
CA ILE A 170 2.41 3.69 -3.33
C ILE A 170 2.22 2.27 -3.90
N ALA A 171 2.10 2.16 -5.24
CA ALA A 171 1.98 0.87 -5.96
C ALA A 171 3.23 -0.01 -5.75
N LYS A 172 4.40 0.65 -5.72
CA LYS A 172 5.71 0.00 -5.49
C LYS A 172 5.83 -0.53 -4.05
N LEU A 173 5.08 0.09 -3.11
CA LEU A 173 5.07 -0.28 -1.68
C LEU A 173 4.19 -1.53 -1.42
N LEU A 174 3.20 -1.77 -2.31
CA LEU A 174 2.21 -2.85 -2.12
C LEU A 174 2.81 -4.25 -2.37
N ARG A 175 2.44 -5.23 -1.52
CA ARG A 175 2.84 -6.65 -1.65
C ARG A 175 1.56 -7.51 -1.82
N PHE A 176 1.60 -8.48 -2.75
CA PHE A 176 0.47 -9.39 -3.01
C PHE A 176 0.99 -10.82 -3.16
N ALA A 177 0.09 -11.74 -3.51
CA ALA A 177 0.44 -13.11 -3.92
C ALA A 177 0.33 -13.20 -5.47
N SER A 178 0.76 -14.34 -6.05
CA SER A 178 0.64 -14.62 -7.50
C SER A 178 0.92 -16.10 -7.78
N THR A 179 0.41 -16.58 -8.94
CA THR A 179 0.35 -18.03 -9.28
C THR A 179 1.73 -18.72 -9.40
N HIS A 180 2.84 -17.95 -9.31
CA HIS A 180 4.22 -18.53 -9.29
C HIS A 180 4.40 -19.41 -8.02
N THR A 181 3.60 -19.12 -6.98
CA THR A 181 3.50 -19.92 -5.76
C THR A 181 2.02 -19.90 -5.29
N ASP A 182 1.51 -21.07 -4.88
CA ASP A 182 0.10 -21.26 -4.44
C ASP A 182 -0.07 -20.94 -2.93
N SER A 183 0.81 -20.09 -2.39
CA SER A 183 0.75 -19.62 -1.00
C SER A 183 0.11 -18.22 -0.92
N SER A 184 -0.59 -17.94 0.20
CA SER A 184 -1.29 -16.65 0.44
C SER A 184 -0.31 -15.56 0.93
N ALA A 185 0.95 -15.97 1.21
CA ALA A 185 2.03 -15.09 1.67
C ALA A 185 2.26 -13.94 0.67
N GLN A 186 1.90 -12.72 1.09
CA GLN A 186 2.02 -11.51 0.27
C GLN A 186 3.50 -11.07 0.19
N THR A 187 4.25 -11.70 -0.72
CA THR A 187 5.71 -11.57 -0.84
C THR A 187 6.11 -10.85 -2.15
N VAL A 188 5.37 -11.12 -3.25
CA VAL A 188 5.67 -10.54 -4.57
C VAL A 188 5.18 -9.08 -4.60
N SER A 189 5.90 -8.23 -5.33
CA SER A 189 5.45 -6.87 -5.61
C SER A 189 5.09 -6.77 -7.10
N LEU A 190 4.53 -5.63 -7.49
CA LEU A 190 4.27 -5.31 -8.90
C LEU A 190 5.60 -5.26 -9.69
N GLU A 191 6.70 -4.91 -8.99
CA GLU A 191 8.05 -4.79 -9.56
C GLU A 191 8.61 -6.17 -9.99
N ASP A 192 8.47 -7.18 -9.10
CA ASP A 192 8.91 -8.58 -9.38
C ASP A 192 8.13 -9.16 -10.56
N TYR A 193 6.83 -8.82 -10.61
CA TYR A 193 5.94 -9.25 -11.69
C TYR A 193 6.45 -8.77 -13.05
N VAL A 194 6.74 -7.45 -13.14
CA VAL A 194 7.19 -6.78 -14.37
C VAL A 194 8.59 -7.27 -14.82
N SER A 195 9.49 -7.54 -13.85
CA SER A 195 10.86 -8.00 -14.15
C SER A 195 10.89 -9.49 -14.56
N ARG A 196 9.85 -10.25 -14.19
CA ARG A 196 9.71 -11.68 -14.55
C ARG A 196 8.67 -11.87 -15.69
N MET A 197 8.11 -10.75 -16.15
CA MET A 197 6.96 -10.72 -17.10
C MET A 197 7.36 -11.27 -18.48
N LYS A 198 6.42 -11.95 -19.16
CA LYS A 198 6.69 -12.64 -20.45
C LYS A 198 6.54 -11.69 -21.66
N GLU A 199 7.13 -12.11 -22.80
CA GLU A 199 6.99 -11.41 -24.09
C GLU A 199 5.50 -11.39 -24.50
N GLY A 200 5.00 -10.21 -24.93
CA GLY A 200 3.58 -10.01 -25.28
C GLY A 200 2.70 -9.73 -24.05
N GLN A 201 3.19 -10.09 -22.85
CA GLN A 201 2.53 -9.79 -21.59
C GLN A 201 2.97 -8.37 -21.15
N GLU A 202 2.35 -7.37 -21.80
CA GLU A 202 2.64 -5.92 -21.61
C GLU A 202 1.49 -5.26 -20.78
N LYS A 203 0.67 -6.12 -20.16
CA LYS A 203 -0.51 -5.71 -19.39
C LYS A 203 -0.59 -6.56 -18.12
N ILE A 204 -0.73 -5.90 -16.96
CA ILE A 204 -0.68 -6.55 -15.65
C ILE A 204 -1.97 -7.37 -15.38
N TYR A 205 -1.86 -8.70 -15.54
CA TYR A 205 -2.98 -9.63 -15.36
C TYR A 205 -3.07 -10.06 -13.89
N TYR A 206 -4.22 -9.76 -13.27
CA TYR A 206 -4.49 -10.09 -11.86
C TYR A 206 -5.94 -10.59 -11.73
N ILE A 207 -6.22 -11.33 -10.65
CA ILE A 207 -7.57 -11.77 -10.30
C ILE A 207 -7.99 -11.11 -8.98
N THR A 208 -9.27 -10.73 -8.88
CA THR A 208 -9.86 -10.22 -7.64
C THR A 208 -11.05 -11.09 -7.22
N ALA A 209 -11.16 -11.31 -5.90
CA ALA A 209 -12.27 -12.05 -5.28
C ALA A 209 -12.47 -11.58 -3.83
N ASP A 210 -13.44 -12.21 -3.15
CA ASP A 210 -13.77 -11.92 -1.75
C ASP A 210 -12.67 -12.45 -0.81
N SER A 211 -12.16 -13.64 -1.14
CA SER A 211 -11.12 -14.34 -0.35
C SER A 211 -10.11 -15.06 -1.26
N TYR A 212 -8.99 -15.53 -0.66
CA TYR A 212 -7.88 -16.15 -1.40
C TYR A 212 -8.29 -17.47 -2.06
N ALA A 213 -8.82 -18.39 -1.23
CA ALA A 213 -9.24 -19.74 -1.70
C ALA A 213 -10.38 -19.64 -2.74
N ALA A 214 -11.16 -18.54 -2.67
CA ALA A 214 -12.20 -18.22 -3.67
C ALA A 214 -11.56 -17.87 -5.03
N ALA A 215 -10.52 -17.01 -4.99
CA ALA A 215 -9.77 -16.58 -6.19
C ALA A 215 -8.92 -17.72 -6.77
N LYS A 216 -8.43 -18.58 -5.87
CA LYS A 216 -7.49 -19.66 -6.18
C LYS A 216 -8.20 -20.82 -6.90
N SER A 217 -9.43 -21.11 -6.42
CA SER A 217 -10.28 -22.17 -6.99
C SER A 217 -10.92 -21.73 -8.32
N SER A 218 -10.98 -20.40 -8.56
CA SER A 218 -11.59 -19.82 -9.76
C SER A 218 -10.82 -20.26 -11.03
N PRO A 219 -11.51 -20.94 -12.01
CA PRO A 219 -10.86 -21.39 -13.28
C PRO A 219 -10.49 -20.22 -14.23
N HIS A 220 -10.78 -18.96 -13.83
CA HIS A 220 -10.26 -17.74 -14.51
C HIS A 220 -8.72 -17.69 -14.45
N LEU A 221 -8.14 -18.26 -13.37
CA LEU A 221 -6.68 -18.50 -13.26
C LEU A 221 -6.23 -19.50 -14.34
N GLU A 222 -6.95 -20.64 -14.39
CA GLU A 222 -6.63 -21.77 -15.29
C GLU A 222 -6.78 -21.40 -16.78
N LEU A 223 -7.45 -20.27 -17.06
CA LEU A 223 -7.55 -19.73 -18.42
C LEU A 223 -6.16 -19.24 -18.90
N LEU A 224 -5.45 -18.46 -18.06
CA LEU A 224 -4.14 -17.84 -18.42
C LEU A 224 -2.97 -18.75 -18.04
N ARG A 225 -3.14 -19.49 -16.94
CA ARG A 225 -2.10 -20.35 -16.35
C ARG A 225 -1.86 -21.60 -17.23
N LYS A 226 -2.89 -21.95 -18.04
CA LYS A 226 -2.81 -23.02 -19.06
C LYS A 226 -1.83 -22.63 -20.19
N LYS A 227 -1.77 -21.31 -20.48
CA LYS A 227 -0.78 -20.74 -21.44
C LYS A 227 0.62 -20.67 -20.78
N GLY A 228 0.64 -20.54 -19.43
CA GLY A 228 1.87 -20.34 -18.68
C GLY A 228 2.13 -18.87 -18.41
N ILE A 229 1.05 -18.15 -18.07
CA ILE A 229 1.11 -16.72 -17.66
C ILE A 229 0.92 -16.65 -16.14
N GLU A 230 1.66 -15.73 -15.48
CA GLU A 230 1.56 -15.49 -14.04
C GLU A 230 0.43 -14.49 -13.81
N VAL A 231 -0.48 -14.82 -12.88
CA VAL A 231 -1.63 -13.96 -12.52
C VAL A 231 -1.48 -13.54 -11.05
N LEU A 232 -1.41 -12.22 -10.81
CA LEU A 232 -1.33 -11.66 -9.44
C LEU A 232 -2.63 -11.94 -8.67
N LEU A 233 -2.52 -12.65 -7.55
CA LEU A 233 -3.66 -13.01 -6.70
C LEU A 233 -3.98 -11.84 -5.74
N LEU A 234 -4.79 -10.88 -6.25
CA LEU A 234 -5.32 -9.75 -5.44
C LEU A 234 -6.71 -10.18 -4.92
N SER A 235 -6.71 -11.01 -3.90
CA SER A 235 -7.88 -11.77 -3.47
C SER A 235 -8.54 -11.17 -2.23
N ASP A 236 -8.39 -9.86 -2.05
CA ASP A 236 -8.99 -9.09 -0.96
C ASP A 236 -10.05 -8.13 -1.53
N ARG A 237 -11.04 -7.77 -0.68
CA ARG A 237 -12.26 -7.05 -1.10
C ARG A 237 -11.98 -5.66 -1.70
N ILE A 238 -11.06 -4.90 -1.06
CA ILE A 238 -10.76 -3.51 -1.49
C ILE A 238 -9.76 -3.47 -2.67
N ASP A 239 -9.12 -4.62 -2.99
CA ASP A 239 -8.07 -4.68 -4.04
C ASP A 239 -8.51 -4.10 -5.39
N GLU A 240 -9.68 -4.51 -5.90
CA GLU A 240 -10.19 -4.03 -7.21
C GLU A 240 -10.52 -2.52 -7.16
N TRP A 241 -11.06 -2.07 -6.02
CA TRP A 241 -11.43 -0.64 -5.81
C TRP A 241 -10.17 0.25 -5.76
N MET A 242 -9.09 -0.33 -5.19
CA MET A 242 -7.77 0.31 -5.10
C MET A 242 -7.11 0.37 -6.51
N MET A 243 -7.39 -0.67 -7.32
CA MET A 243 -6.93 -0.75 -8.73
C MET A 243 -7.59 0.36 -9.59
N ASN A 244 -8.81 0.79 -9.21
CA ASN A 244 -9.56 1.87 -9.94
C ASN A 244 -8.76 3.20 -9.99
N TYR A 245 -7.85 3.40 -9.01
CA TYR A 245 -6.88 4.52 -9.03
C TYR A 245 -5.49 4.06 -9.53
N LEU A 246 -5.09 2.82 -9.21
CA LEU A 246 -3.86 2.21 -9.78
C LEU A 246 -4.17 1.69 -11.19
N THR A 247 -4.27 2.63 -12.13
CA THR A 247 -4.64 2.34 -13.52
C THR A 247 -3.44 1.84 -14.33
N GLU A 248 -2.22 2.17 -13.83
CA GLU A 248 -0.96 1.87 -14.53
C GLU A 248 0.22 1.77 -13.54
N PHE A 249 1.14 0.83 -13.83
CA PHE A 249 2.45 0.70 -13.17
C PHE A 249 3.48 0.30 -14.25
N ASP A 250 4.58 1.09 -14.34
CA ASP A 250 5.71 0.87 -15.29
C ASP A 250 5.32 1.20 -16.78
N GLY A 251 4.11 1.73 -16.99
CA GLY A 251 3.56 1.92 -18.35
C GLY A 251 2.61 0.80 -18.76
N LYS A 252 2.44 -0.18 -17.87
CA LYS A 252 1.58 -1.36 -18.09
C LYS A 252 0.22 -1.18 -17.37
N PRO A 253 -0.94 -1.20 -18.11
CA PRO A 253 -2.29 -1.08 -17.50
C PRO A 253 -2.73 -2.37 -16.78
N PHE A 254 -3.60 -2.22 -15.77
CA PHE A 254 -4.11 -3.35 -14.95
C PHE A 254 -5.39 -3.95 -15.55
N GLN A 255 -5.42 -5.31 -15.66
CA GLN A 255 -6.51 -6.08 -16.28
C GLN A 255 -7.03 -7.13 -15.27
N SER A 256 -8.24 -6.90 -14.74
CA SER A 256 -8.94 -7.89 -13.92
C SER A 256 -9.50 -9.01 -14.82
N VAL A 257 -9.13 -10.27 -14.51
CA VAL A 257 -9.59 -11.45 -15.29
C VAL A 257 -11.05 -11.83 -14.92
N SER A 258 -11.63 -11.09 -13.94
CA SER A 258 -13.04 -11.21 -13.54
C SER A 258 -13.97 -10.50 -14.56
N LYS A 259 -13.37 -9.65 -15.42
CA LYS A 259 -14.05 -8.97 -16.55
C LYS A 259 -13.31 -9.28 -17.85
N VAL A 260 -14.03 -9.26 -18.99
CA VAL A 260 -13.52 -9.72 -20.29
C VAL A 260 -13.37 -8.52 -21.25
N ASP A 261 -12.17 -8.42 -21.85
CA ASP A 261 -11.81 -7.40 -22.83
C ASP A 261 -11.17 -8.14 -24.03
N GLU A 262 -10.64 -7.43 -25.06
CA GLU A 262 -9.87 -8.06 -26.17
C GLU A 262 -8.60 -8.75 -25.64
N SER A 263 -8.21 -8.41 -24.38
CA SER A 263 -7.13 -9.08 -23.67
C SER A 263 -7.50 -10.56 -23.53
N LEU A 264 -8.68 -10.83 -22.95
CA LEU A 264 -9.15 -12.20 -22.66
C LEU A 264 -9.85 -12.84 -23.86
N GLU A 265 -10.16 -12.04 -24.90
CA GLU A 265 -10.70 -12.56 -26.18
C GLU A 265 -9.57 -13.16 -27.03
N LYS A 266 -8.32 -12.73 -26.78
CA LYS A 266 -7.13 -13.35 -27.39
C LYS A 266 -6.58 -14.44 -26.46
N LEU A 267 -6.61 -14.16 -25.14
CA LEU A 267 -6.18 -15.12 -24.08
C LEU A 267 -7.21 -16.25 -23.87
N ALA A 268 -8.31 -16.21 -24.64
CA ALA A 268 -9.31 -17.28 -24.72
C ALA A 268 -8.78 -18.47 -25.54
N LYS B 5 26.03 -9.48 19.37
CA LYS B 5 26.40 -9.48 17.96
C LYS B 5 25.16 -9.55 17.04
N LYS B 6 24.04 -10.07 17.59
CA LYS B 6 22.77 -10.20 16.85
C LYS B 6 21.97 -8.89 16.99
N ILE B 7 22.51 -7.84 16.35
CA ILE B 7 21.98 -6.46 16.46
C ILE B 7 20.61 -6.38 15.76
N GLU B 8 20.61 -6.68 14.45
CA GLU B 8 19.42 -7.02 13.65
C GLU B 8 18.31 -5.92 13.64
N VAL B 9 17.52 -5.85 14.71
CA VAL B 9 16.27 -5.06 14.78
C VAL B 9 16.48 -3.54 14.98
N GLU B 10 17.74 -3.08 15.04
CA GLU B 10 18.08 -1.67 15.38
C GLU B 10 19.42 -1.24 14.76
N PHE B 11 19.40 -0.20 13.89
CA PHE B 11 20.61 0.47 13.32
C PHE B 11 21.47 -0.46 12.38
N ASP B 12 21.11 -1.74 12.31
CA ASP B 12 21.95 -2.82 11.75
C ASP B 12 22.22 -2.60 10.25
N LYS B 13 21.14 -2.53 9.46
CA LYS B 13 21.21 -2.36 8.01
C LYS B 13 21.63 -0.91 7.69
N GLY B 14 20.78 0.05 8.12
CA GLY B 14 21.05 1.49 7.96
C GLY B 14 19.81 2.27 7.55
N GLN B 15 19.88 3.60 7.70
CA GLN B 15 18.78 4.50 7.34
C GLN B 15 19.31 5.64 6.45
N ARG B 16 18.55 5.96 5.40
CA ARG B 16 18.80 7.14 4.54
C ARG B 16 17.83 8.26 4.96
N THR B 17 18.11 9.49 4.51
CA THR B 17 17.28 10.67 4.83
C THR B 17 16.69 11.27 3.54
N ASP B 18 15.60 12.04 3.70
CA ASP B 18 14.97 12.80 2.61
C ASP B 18 14.56 14.19 3.13
N LYS B 19 14.42 15.13 2.21
CA LYS B 19 14.23 16.56 2.52
C LYS B 19 13.39 17.23 1.42
N TYR B 20 13.04 18.51 1.66
CA TYR B 20 12.09 19.28 0.83
C TYR B 20 10.69 18.64 0.87
N GLY B 21 10.31 17.85 -0.16
CA GLY B 21 8.97 17.28 -0.23
C GLY B 21 7.97 18.21 -0.92
N ARG B 22 7.86 19.46 -0.38
CA ARG B 22 6.90 20.50 -0.82
C ARG B 22 5.46 20.08 -0.44
N GLY B 23 4.89 19.13 -1.20
CA GLY B 23 3.54 18.64 -0.95
C GLY B 23 3.10 17.55 -1.91
N LEU B 24 1.89 17.03 -1.65
CA LEU B 24 1.25 15.98 -2.49
C LEU B 24 0.06 16.64 -3.24
N ALA B 25 -0.98 15.86 -3.60
CA ALA B 25 -2.15 16.37 -4.34
C ALA B 25 -3.44 16.25 -3.50
N TYR B 26 -3.76 14.99 -3.09
CA TYR B 26 -4.99 14.60 -2.36
C TYR B 26 -6.26 14.80 -3.23
N ILE B 27 -7.10 13.74 -3.31
CA ILE B 27 -8.25 13.68 -4.23
C ILE B 27 -9.42 12.95 -3.52
N TYR B 28 -10.64 13.18 -4.03
CA TYR B 28 -11.89 12.64 -3.45
C TYR B 28 -12.19 11.27 -4.08
N ALA B 29 -11.88 10.20 -3.32
CA ALA B 29 -12.16 8.79 -3.70
C ALA B 29 -13.67 8.53 -3.89
N ASP B 30 -14.49 9.35 -3.19
CA ASP B 30 -15.95 9.35 -3.32
C ASP B 30 -16.34 10.00 -4.67
N GLY B 31 -16.55 9.14 -5.69
CA GLY B 31 -16.72 9.57 -7.09
C GLY B 31 -15.44 9.35 -7.90
N LYS B 32 -15.55 9.34 -9.26
CA LYS B 32 -14.44 9.06 -10.22
C LYS B 32 -14.00 7.56 -10.16
N MET B 33 -13.42 7.20 -9.01
CA MET B 33 -12.96 5.85 -8.61
C MET B 33 -13.86 4.71 -9.15
N VAL B 34 -15.11 4.66 -8.66
CA VAL B 34 -16.03 3.51 -8.87
C VAL B 34 -16.83 3.68 -10.20
N ASN B 35 -16.19 4.27 -11.23
CA ASN B 35 -16.76 4.48 -12.57
C ASN B 35 -15.65 4.51 -13.65
N GLU B 36 -14.40 4.81 -13.21
CA GLU B 36 -13.23 4.91 -14.10
C GLU B 36 -12.78 3.52 -14.61
N ALA B 37 -12.31 3.47 -15.88
CA ALA B 37 -11.82 2.24 -16.52
C ALA B 37 -10.33 2.03 -16.22
N LEU B 38 -9.84 0.81 -16.49
CA LEU B 38 -8.43 0.41 -16.25
C LEU B 38 -7.74 0.06 -17.57
N VAL B 39 -8.48 -0.65 -18.43
CA VAL B 39 -8.02 -1.06 -19.76
C VAL B 39 -8.95 -0.50 -20.84
N ARG B 40 -8.33 -0.13 -21.96
CA ARG B 40 -9.00 0.09 -23.26
C ARG B 40 -7.98 -0.35 -24.34
N GLN B 41 -7.29 -1.44 -24.01
CA GLN B 41 -6.22 -2.05 -24.78
C GLN B 41 -6.22 -3.55 -24.48
N GLY B 42 -5.61 -4.36 -25.35
CA GLY B 42 -5.45 -5.80 -25.12
C GLY B 42 -4.05 -6.25 -25.45
N LEU B 43 -3.80 -6.40 -26.76
CA LEU B 43 -2.54 -6.89 -27.40
C LEU B 43 -2.22 -8.37 -27.00
N ALA B 44 -2.11 -8.66 -25.68
CA ALA B 44 -2.08 -10.03 -25.08
C ALA B 44 -0.95 -10.93 -25.63
N LYS B 45 -0.99 -12.24 -25.30
CA LYS B 45 0.02 -13.22 -25.78
C LYS B 45 -0.49 -14.66 -25.62
N VAL B 46 -0.68 -15.36 -26.75
CA VAL B 46 -1.06 -16.80 -26.80
C VAL B 46 -0.42 -17.47 -28.03
N ALA B 47 -0.53 -18.80 -28.06
CA ALA B 47 -0.39 -19.59 -29.29
C ALA B 47 -1.75 -19.58 -30.02
N TYR B 48 -1.78 -20.02 -31.29
CA TYR B 48 -3.03 -20.06 -32.08
C TYR B 48 -3.95 -21.18 -31.55
N VAL B 49 -4.74 -20.85 -30.51
CA VAL B 49 -5.69 -21.78 -29.87
C VAL B 49 -6.97 -21.90 -30.72
N TYR B 50 -7.57 -23.10 -30.73
CA TYR B 50 -8.81 -23.36 -31.49
C TYR B 50 -10.01 -23.41 -30.53
N LYS B 51 -9.74 -23.84 -29.28
CA LYS B 51 -10.69 -23.76 -28.15
C LYS B 51 -10.60 -22.33 -27.56
N PRO B 52 -11.62 -21.44 -27.79
CA PRO B 52 -11.58 -20.04 -27.34
C PRO B 52 -12.22 -19.83 -25.95
N ASN B 53 -13.55 -19.57 -25.90
CA ASN B 53 -14.24 -19.13 -24.67
C ASN B 53 -14.19 -20.20 -23.57
N ASN B 54 -13.63 -19.82 -22.42
CA ASN B 54 -13.70 -20.58 -21.16
C ASN B 54 -14.30 -19.66 -20.08
N THR B 55 -14.87 -20.27 -19.02
CA THR B 55 -15.50 -19.56 -17.86
C THR B 55 -16.58 -18.55 -18.30
N HIS B 56 -17.37 -18.93 -19.34
CA HIS B 56 -18.36 -18.04 -19.99
C HIS B 56 -19.66 -17.91 -19.14
N GLU B 57 -19.79 -18.77 -18.11
CA GLU B 57 -20.96 -18.77 -17.21
C GLU B 57 -20.91 -17.55 -16.25
N GLN B 58 -22.12 -17.05 -15.88
CA GLN B 58 -22.35 -15.87 -15.00
C GLN B 58 -22.03 -14.54 -15.73
N HIS B 59 -20.76 -14.40 -16.18
CA HIS B 59 -20.27 -13.24 -16.99
C HIS B 59 -19.99 -12.00 -16.09
N LEU B 60 -21.02 -11.59 -15.31
CA LEU B 60 -20.95 -10.51 -14.29
C LEU B 60 -20.47 -9.18 -14.91
N ARG B 61 -21.29 -8.70 -15.87
CA ARG B 61 -21.04 -7.47 -16.62
C ARG B 61 -21.10 -6.21 -15.72
N LYS B 62 -21.96 -6.28 -14.66
CA LYS B 62 -22.27 -5.14 -13.76
C LYS B 62 -23.05 -4.05 -14.53
N SER B 63 -24.38 -4.11 -14.47
CA SER B 63 -25.28 -3.10 -15.05
C SER B 63 -25.72 -2.08 -13.97
N GLU B 64 -25.94 -2.60 -12.76
CA GLU B 64 -26.46 -1.82 -11.61
C GLU B 64 -25.96 -2.42 -10.28
N ALA B 65 -26.03 -1.61 -9.21
CA ALA B 65 -25.61 -2.01 -7.84
C ALA B 65 -26.31 -1.13 -6.78
N GLN B 66 -27.27 -0.29 -7.21
CA GLN B 66 -28.03 0.60 -6.30
C GLN B 66 -29.52 0.23 -6.38
N ALA B 67 -29.94 -0.66 -5.47
CA ALA B 67 -31.33 -1.18 -5.37
C ALA B 67 -31.76 -1.89 -6.69
N LYS B 68 -33.07 -2.15 -6.82
CA LYS B 68 -33.67 -2.59 -8.10
C LYS B 68 -34.37 -1.39 -8.76
N LYS B 69 -34.77 -1.54 -10.03
CA LYS B 69 -35.55 -0.53 -10.75
C LYS B 69 -36.99 -0.51 -10.19
N GLU B 70 -37.74 -1.60 -10.46
CA GLU B 70 -39.12 -1.80 -9.99
C GLU B 70 -39.57 -3.23 -10.31
N LYS B 71 -40.47 -3.79 -9.49
CA LYS B 71 -41.15 -5.07 -9.76
C LYS B 71 -42.57 -4.99 -9.19
N LEU B 72 -43.54 -5.57 -9.91
CA LEU B 72 -44.95 -5.50 -9.55
C LEU B 72 -45.26 -6.36 -8.30
N ASN B 73 -45.51 -5.66 -7.18
CA ASN B 73 -45.97 -6.23 -5.90
C ASN B 73 -47.45 -5.86 -5.73
N ILE B 74 -48.30 -6.87 -5.48
CA ILE B 74 -49.74 -6.65 -5.25
C ILE B 74 -49.98 -5.88 -3.93
N TRP B 75 -49.16 -6.20 -2.91
CA TRP B 75 -49.11 -5.46 -1.63
C TRP B 75 -47.62 -5.31 -1.21
#